data_6LRR
#
_entry.id   6LRR
#
_cell.length_a   1.00
_cell.length_b   1.00
_cell.length_c   1.00
_cell.angle_alpha   90.00
_cell.angle_beta   90.00
_cell.angle_gamma   90.00
#
_symmetry.space_group_name_H-M   'P 1'
#
loop_
_entity.id
_entity.type
_entity.pdbx_description
1 polymer 'All5250 protein'
2 polymer 'Ribulose bisphosphate carboxylase small chain'
3 polymer 'Ribulose bisphosphate carboxylase large chain'
#
loop_
_entity_poly.entity_id
_entity_poly.type
_entity_poly.pdbx_seq_one_letter_code
_entity_poly.pdbx_strand_id
1 'polypeptide(L)'
;QRPAPIPPFFRFDTEDELPRIVPVVGQLPLKAEELKAVPLVEEIEPFRLVKFSGEQAWVALPGWQVLLAAEDPVTILATS
DRFPKQNQTEPGPVLVVVDRSQREWNDFSYFVVDHDGELDFQWFETKPEFPILGKVIILVRPRRILDENVTKDSWQIDE
;
O,P,M,N,K,L,I,J
2 'polypeptide(L)'
;MQTLPKERRYETLSYLPPLTDVQIEKQVQYILSQGYIPAVEFNEVSEPTELYWTLWKLPLFGAKTSREVLAEVQSCRSQY
PGHYIRVVGFDNIKQCQILSFIVHKPSRY
;
T,W,U,V,X,Y,R,Q
3 'polypeptide(L)'
;MSYAQTKTQTKSGYKAGVQDYRLTYYTPDYTPKDTDILAAFRVTPQPGVPFEEAAAAVAAESSTGTWTTVWTDLLTDLDR
YKGRCYDIEPVPGEDNQFIAYIAYPLDLFEEGSITNVLTSIVGNVFGFKALRALRLEDIRFPVAYIKTFQGPPHGIQVER
DKLNKYGRPLLGCTIKPKLGLSAKNYGRAVYECLRGGLDFTKDDENINSAPFQRWRDRFLFVADAITKAQAETGEIKGHY
LNVTAPTCEEMLKRAEYAKELKQPIIMHDYLTAGFTANTTLARWCRDNGVLLHIHRAMHAVIDRQKNHGIHFRVLAKALR
LSGGDHIHTGTVVGKLEGERGITMGFVDLLRENYVEQDKSRGIYFTQDWASLPGVMAVASGGIHVWHMPALVEIFGDDSV
LQFGGGTLGHPWGNAPGATANRVALEACVQARNEGRNLAREGNDVIREAAKWSPELAVACELWKEIKFEFEAMDTV
;
G,H,E,F,C,D,A,B
#
# COMPACT_ATOMS: atom_id res chain seq x y z
N ALA A 4 -17.64 35.85 -62.88
CA ALA A 4 -16.84 34.87 -62.16
C ALA A 4 -15.34 35.13 -62.31
N PRO A 5 -14.77 35.88 -61.36
CA PRO A 5 -13.30 36.02 -61.31
C PRO A 5 -12.66 34.80 -60.65
N ILE A 6 -11.66 34.22 -61.32
CA ILE A 6 -11.02 33.00 -60.84
C ILE A 6 -9.55 32.96 -61.26
N PRO A 7 -8.62 33.29 -60.36
CA PRO A 7 -7.20 33.23 -60.69
C PRO A 7 -6.57 31.93 -60.24
N PRO A 8 -5.42 31.56 -60.80
CA PRO A 8 -4.56 30.53 -60.19
C PRO A 8 -3.51 31.13 -59.27
N PHE A 9 -3.27 30.45 -58.14
CA PHE A 9 -2.20 30.85 -57.21
C PHE A 9 -1.49 29.59 -56.71
N PHE A 10 -0.46 29.16 -57.42
CA PHE A 10 0.44 28.13 -56.93
C PHE A 10 1.78 28.78 -56.66
N ARG A 11 2.04 29.00 -55.38
CA ARG A 11 3.17 29.77 -54.90
C ARG A 11 4.30 28.81 -54.58
N PHE A 12 5.53 29.31 -54.55
CA PHE A 12 6.65 28.45 -54.19
C PHE A 12 6.67 28.29 -52.67
N ASP A 13 6.49 27.04 -52.23
CA ASP A 13 6.01 26.78 -50.87
C ASP A 13 6.75 25.66 -50.14
N THR A 14 7.81 25.09 -50.70
CA THR A 14 8.65 24.13 -49.99
C THR A 14 10.11 24.56 -50.07
N GLU A 15 11.00 23.65 -49.67
CA GLU A 15 12.41 23.99 -49.48
C GLU A 15 13.14 24.22 -50.80
N ASP A 16 12.97 23.30 -51.76
CA ASP A 16 13.72 23.34 -53.02
C ASP A 16 12.98 24.17 -54.06
N GLU A 17 12.63 25.39 -53.67
CA GLU A 17 11.78 26.27 -54.46
C GLU A 17 12.44 27.61 -54.74
N LEU A 18 13.75 27.71 -54.55
CA LEU A 18 14.51 28.91 -54.88
C LEU A 18 15.54 28.54 -55.94
N PRO A 19 15.12 28.47 -57.20
CA PRO A 19 16.06 28.03 -58.24
C PRO A 19 17.06 29.10 -58.64
N ARG A 20 18.19 29.16 -57.95
CA ARG A 20 19.18 30.21 -58.17
C ARG A 20 19.77 30.14 -59.56
N ILE A 21 19.68 31.27 -60.29
CA ILE A 21 20.44 31.46 -61.51
C ILE A 21 21.92 31.44 -61.16
N VAL A 22 22.65 30.49 -61.74
CA VAL A 22 24.08 30.36 -61.50
C VAL A 22 24.79 30.40 -62.85
N PRO A 23 25.84 31.21 -62.99
CA PRO A 23 26.50 31.33 -64.30
C PRO A 23 27.19 30.06 -64.75
N VAL A 24 27.28 29.91 -66.05
CA VAL A 24 27.95 28.77 -66.65
C VAL A 24 29.03 29.31 -67.57
N VAL A 25 30.09 28.53 -67.75
CA VAL A 25 31.15 28.90 -68.67
C VAL A 25 31.18 27.84 -69.76
N GLY A 26 32.11 27.98 -70.70
CA GLY A 26 32.24 27.02 -71.77
C GLY A 26 32.79 25.69 -71.29
N GLN A 27 32.73 24.71 -72.19
CA GLN A 27 33.18 23.36 -71.87
C GLN A 27 34.69 23.31 -71.76
N LEU A 28 35.18 22.56 -70.78
CA LEU A 28 36.60 22.53 -70.46
C LEU A 28 37.39 21.79 -71.54
N PRO A 29 38.70 22.12 -71.72
CA PRO A 29 39.59 23.06 -71.03
C PRO A 29 39.35 24.52 -71.36
N LEU A 30 39.84 25.39 -70.48
CA LEU A 30 39.68 26.82 -70.58
C LEU A 30 40.95 27.45 -69.99
N LYS A 31 40.86 28.74 -69.67
CA LYS A 31 41.95 29.45 -69.03
C LYS A 31 41.50 29.92 -67.65
N ALA A 32 42.41 30.57 -66.94
CA ALA A 32 42.10 31.16 -65.64
C ALA A 32 41.35 32.48 -65.77
N GLU A 33 41.17 32.98 -66.99
CA GLU A 33 40.44 34.22 -67.19
C GLU A 33 38.95 34.03 -66.96
N GLU A 34 38.34 33.05 -67.63
CA GLU A 34 36.89 32.98 -67.75
C GLU A 34 36.18 32.47 -66.50
N LEU A 35 36.84 32.40 -65.35
CA LEU A 35 36.07 32.31 -64.12
C LEU A 35 35.97 33.67 -63.44
N LYS A 36 37.06 34.44 -63.48
CA LYS A 36 37.02 35.81 -62.99
C LYS A 36 36.42 36.75 -64.05
N ALA A 37 36.47 36.35 -65.33
CA ALA A 37 35.88 37.17 -66.38
C ALA A 37 34.35 37.17 -66.35
N VAL A 38 33.74 36.13 -65.80
CA VAL A 38 32.28 36.10 -65.69
C VAL A 38 31.85 37.02 -64.56
N PRO A 39 30.98 38.00 -64.81
CA PRO A 39 30.59 38.94 -63.77
C PRO A 39 29.70 38.29 -62.71
N LEU A 40 29.64 38.94 -61.56
CA LEU A 40 28.90 38.44 -60.42
C LEU A 40 27.41 38.62 -60.64
N VAL A 41 26.61 37.83 -59.93
CA VAL A 41 25.16 37.88 -60.03
C VAL A 41 24.61 38.81 -58.96
N GLU A 42 23.82 39.80 -59.39
CA GLU A 42 23.20 40.76 -58.49
C GLU A 42 21.69 40.58 -58.60
N GLU A 43 21.13 39.71 -57.75
CA GLU A 43 19.72 39.40 -57.79
C GLU A 43 18.92 40.56 -57.22
N ILE A 44 17.96 41.07 -57.99
CA ILE A 44 17.01 42.04 -57.46
C ILE A 44 16.02 41.23 -56.61
N GLU A 45 16.21 41.27 -55.29
CA GLU A 45 15.67 40.30 -54.34
C GLU A 45 14.16 40.06 -54.22
N PRO A 46 13.21 40.97 -54.63
CA PRO A 46 11.80 40.53 -54.57
C PRO A 46 11.44 39.42 -55.55
N PHE A 47 12.15 39.26 -56.67
CA PHE A 47 11.81 38.20 -57.61
C PHE A 47 13.03 37.51 -58.21
N ARG A 48 14.22 37.74 -57.65
CA ARG A 48 15.51 37.22 -58.16
C ARG A 48 15.71 37.59 -59.64
N LEU A 49 15.57 38.88 -59.92
CA LEU A 49 15.80 39.37 -61.28
C LEU A 49 17.30 39.41 -61.56
N VAL A 50 17.75 38.64 -62.55
CA VAL A 50 19.15 38.55 -62.92
C VAL A 50 19.30 38.92 -64.39
N LYS A 51 20.11 39.93 -64.69
CA LYS A 51 20.21 40.46 -66.03
C LYS A 51 21.64 40.86 -66.37
N PHE A 52 21.98 40.74 -67.65
CA PHE A 52 23.21 41.29 -68.21
C PHE A 52 22.91 41.75 -69.63
N SER A 53 23.82 42.58 -70.16
CA SER A 53 23.67 43.09 -71.52
C SER A 53 24.62 42.47 -72.52
N GLY A 54 25.72 41.90 -72.07
CA GLY A 54 26.67 41.26 -72.96
C GLY A 54 26.23 39.86 -73.34
N GLU A 55 27.16 39.13 -73.94
CA GLU A 55 26.93 37.73 -74.28
C GLU A 55 26.91 36.92 -72.99
N GLN A 56 25.72 36.55 -72.54
CA GLN A 56 25.51 35.96 -71.23
C GLN A 56 25.20 34.47 -71.36
N ALA A 57 25.48 33.74 -70.28
CA ALA A 57 25.28 32.29 -70.24
C ALA A 57 25.16 31.87 -68.80
N TRP A 58 24.06 31.21 -68.44
CA TRP A 58 23.92 30.63 -67.12
C TRP A 58 23.08 29.35 -67.23
N VAL A 59 22.68 28.83 -66.07
CA VAL A 59 22.01 27.54 -66.00
C VAL A 59 21.11 27.56 -64.78
N ALA A 60 20.09 26.70 -64.78
CA ALA A 60 19.15 26.60 -63.67
C ALA A 60 19.47 25.37 -62.84
N LEU A 61 19.55 25.56 -61.54
CA LEU A 61 19.58 24.45 -60.62
C LEU A 61 18.36 24.56 -59.73
N PRO A 62 17.90 23.45 -59.12
CA PRO A 62 16.72 23.55 -58.25
C PRO A 62 16.94 24.39 -57.00
N GLY A 63 18.17 24.55 -56.56
CA GLY A 63 18.43 25.40 -55.42
C GLY A 63 18.32 24.61 -54.15
N TRP A 64 19.45 24.39 -53.48
CA TRP A 64 19.46 23.61 -52.26
C TRP A 64 20.20 24.41 -51.20
N GLN A 65 20.39 23.78 -50.05
CA GLN A 65 20.95 24.47 -48.89
C GLN A 65 22.42 24.79 -49.05
N VAL A 66 23.09 24.21 -50.04
CA VAL A 66 24.49 24.52 -50.28
C VAL A 66 24.63 25.50 -51.44
N LEU A 67 23.74 25.39 -52.44
CA LEU A 67 23.76 26.33 -53.54
C LEU A 67 23.31 27.72 -53.10
N LEU A 68 22.16 27.80 -52.42
CA LEU A 68 21.63 29.06 -51.94
C LEU A 68 22.50 29.71 -50.90
N ALA A 69 23.22 28.93 -50.10
CA ALA A 69 24.13 29.50 -49.11
C ALA A 69 25.39 30.06 -49.74
N ALA A 70 25.76 29.58 -50.92
CA ALA A 70 26.95 30.08 -51.60
C ALA A 70 26.77 31.52 -52.03
N GLU A 71 27.80 32.33 -51.80
CA GLU A 71 27.71 33.75 -52.12
C GLU A 71 27.87 33.98 -53.62
N ASP A 72 28.88 33.38 -54.24
CA ASP A 72 29.12 33.50 -55.68
C ASP A 72 29.35 32.13 -56.28
N PRO A 73 28.29 31.39 -56.60
CA PRO A 73 28.47 30.12 -57.31
C PRO A 73 28.44 30.30 -58.82
N VAL A 74 29.30 29.55 -59.51
CA VAL A 74 29.38 29.54 -60.97
C VAL A 74 29.56 28.11 -61.44
N THR A 75 28.63 27.62 -62.25
CA THR A 75 28.73 26.26 -62.77
C THR A 75 29.73 26.19 -63.92
N ILE A 76 30.32 25.00 -64.08
CA ILE A 76 31.31 24.74 -65.12
C ILE A 76 30.99 23.39 -65.73
N LEU A 77 30.84 23.35 -67.06
CA LEU A 77 30.66 22.07 -67.73
C LEU A 77 31.96 21.30 -67.78
N ALA A 78 31.90 20.03 -67.39
CA ALA A 78 33.05 19.14 -67.42
C ALA A 78 32.54 17.72 -67.56
N THR A 79 33.47 16.78 -67.52
CA THR A 79 33.15 15.37 -67.50
C THR A 79 33.70 14.75 -66.22
N SER A 80 33.21 13.55 -65.90
CA SER A 80 33.51 12.92 -64.63
C SER A 80 34.91 12.32 -64.56
N ASP A 81 35.68 12.38 -65.64
CA ASP A 81 37.02 11.82 -65.68
C ASP A 81 37.98 12.55 -64.75
N ARG A 82 37.65 13.79 -64.37
CA ARG A 82 38.56 14.61 -63.58
C ARG A 82 38.63 14.14 -62.13
N PHE A 83 37.61 13.44 -61.66
CA PHE A 83 37.52 13.11 -60.24
C PHE A 83 37.65 11.60 -60.02
N PRO A 84 38.35 11.19 -58.96
CA PRO A 84 38.56 9.75 -58.74
C PRO A 84 37.31 9.03 -58.25
N LYS A 85 36.40 8.71 -59.16
CA LYS A 85 35.19 8.00 -58.80
C LYS A 85 35.44 6.50 -58.86
N GLN A 86 34.90 5.77 -57.91
CA GLN A 86 35.06 4.32 -57.85
C GLN A 86 33.81 3.56 -58.27
N ASN A 87 32.70 4.27 -58.53
CA ASN A 87 31.50 3.59 -58.99
C ASN A 87 31.67 3.13 -60.43
N GLN A 88 30.89 2.12 -60.80
CA GLN A 88 30.93 1.54 -62.14
C GLN A 88 30.03 2.28 -63.12
N THR A 89 29.55 3.47 -62.75
CA THR A 89 28.73 4.27 -63.65
C THR A 89 29.58 4.85 -64.77
N GLU A 90 28.92 5.16 -65.87
CA GLU A 90 29.60 5.59 -67.07
C GLU A 90 30.06 7.05 -66.95
N PRO A 91 31.16 7.40 -67.61
CA PRO A 91 31.58 8.81 -67.65
C PRO A 91 30.63 9.64 -68.50
N GLY A 92 30.00 10.62 -67.88
CA GLY A 92 29.10 11.51 -68.59
C GLY A 92 29.41 12.96 -68.30
N PRO A 93 28.53 13.86 -68.74
CA PRO A 93 28.74 15.29 -68.47
C PRO A 93 28.47 15.61 -67.01
N VAL A 94 29.33 16.47 -66.46
CA VAL A 94 29.26 16.89 -65.06
C VAL A 94 29.27 18.41 -65.03
N LEU A 95 28.26 19.01 -64.42
CA LEU A 95 28.14 20.45 -64.31
C LEU A 95 28.72 20.88 -62.96
N VAL A 96 29.95 21.39 -62.98
CA VAL A 96 30.75 21.60 -61.78
C VAL A 96 30.36 22.93 -61.14
N VAL A 97 29.54 22.88 -60.09
CA VAL A 97 29.04 24.08 -59.44
C VAL A 97 30.17 24.62 -58.57
N VAL A 98 30.85 25.62 -59.06
CA VAL A 98 32.00 26.19 -58.38
C VAL A 98 31.59 27.42 -57.59
N ASP A 99 31.77 27.37 -56.29
CA ASP A 99 31.65 28.55 -55.45
C ASP A 99 33.01 29.23 -55.46
N ARG A 100 33.09 30.41 -56.08
CA ARG A 100 34.34 31.17 -56.04
C ARG A 100 34.42 32.05 -54.81
N SER A 101 33.41 32.05 -53.94
CA SER A 101 33.45 32.90 -52.77
C SER A 101 34.40 32.37 -51.72
N GLN A 102 34.17 31.14 -51.28
CA GLN A 102 35.03 30.53 -50.25
C GLN A 102 36.26 29.94 -50.91
N ARG A 103 37.24 30.81 -51.14
CA ARG A 103 38.54 30.46 -51.71
C ARG A 103 39.49 29.85 -50.68
N GLU A 104 39.07 29.72 -49.42
CA GLU A 104 39.94 29.28 -48.36
C GLU A 104 40.16 27.78 -48.45
N TRP A 105 41.42 27.36 -48.32
CA TRP A 105 41.79 25.97 -48.50
C TRP A 105 41.36 25.10 -47.33
N ASN A 106 40.86 23.92 -47.64
CA ASN A 106 40.51 22.88 -46.69
C ASN A 106 41.08 21.56 -47.21
N ASP A 107 41.48 20.69 -46.29
CA ASP A 107 42.06 19.43 -46.71
C ASP A 107 41.03 18.37 -47.05
N PHE A 108 39.74 18.68 -46.92
CA PHE A 108 38.68 17.69 -47.06
C PHE A 108 37.68 18.01 -48.16
N SER A 109 37.91 19.06 -48.95
CA SER A 109 36.99 19.43 -50.00
C SER A 109 37.74 19.68 -51.29
N TYR A 110 37.02 19.62 -52.41
CA TYR A 110 37.62 19.81 -53.72
C TYR A 110 37.61 21.28 -54.12
N PHE A 111 38.69 21.70 -54.78
CA PHE A 111 38.88 23.11 -55.11
C PHE A 111 39.13 23.26 -56.59
N VAL A 112 39.19 24.52 -57.01
CA VAL A 112 39.38 24.92 -58.39
C VAL A 112 40.70 25.66 -58.43
N VAL A 113 41.75 24.96 -58.84
CA VAL A 113 43.09 25.51 -58.87
C VAL A 113 43.49 25.62 -60.32
N ASP A 114 43.75 26.86 -60.77
CA ASP A 114 44.18 27.10 -62.14
C ASP A 114 45.60 26.58 -62.33
N HIS A 115 45.73 25.47 -63.04
CA HIS A 115 47.02 24.83 -63.28
C HIS A 115 47.72 25.63 -64.37
N ASP A 116 48.70 26.43 -63.93
CA ASP A 116 49.57 27.37 -64.69
C ASP A 116 48.87 28.05 -65.87
N GLY A 117 47.67 28.54 -65.59
CA GLY A 117 46.84 29.16 -66.60
C GLY A 117 45.75 28.28 -67.18
N GLU A 118 45.54 27.08 -66.63
CA GLU A 118 44.45 26.21 -67.05
C GLU A 118 43.64 25.85 -65.82
N LEU A 119 42.36 26.22 -65.84
CA LEU A 119 41.45 25.95 -64.74
C LEU A 119 41.24 24.44 -64.61
N ASP A 120 41.43 23.91 -63.41
CA ASP A 120 41.51 22.47 -63.20
C ASP A 120 41.04 22.13 -61.79
N PHE A 121 40.59 20.88 -61.62
CA PHE A 121 39.88 20.43 -60.43
C PHE A 121 40.67 19.30 -59.79
N GLN A 122 41.37 19.56 -58.70
CA GLN A 122 42.19 18.54 -58.06
C GLN A 122 42.09 18.65 -56.54
N TRP A 123 42.36 17.53 -55.88
CA TRP A 123 42.42 17.45 -54.42
C TRP A 123 43.83 17.76 -53.93
N PHE A 124 43.91 18.44 -52.80
CA PHE A 124 45.22 18.82 -52.25
C PHE A 124 45.24 18.53 -50.76
N GLU A 125 46.09 17.57 -50.37
CA GLU A 125 46.23 17.20 -48.97
C GLU A 125 46.95 18.26 -48.15
N THR A 126 47.78 19.06 -48.80
CA THR A 126 48.43 20.19 -48.18
C THR A 126 48.19 21.40 -49.07
N LYS A 127 48.26 22.58 -48.48
CA LYS A 127 47.96 23.80 -49.21
C LYS A 127 49.10 24.09 -50.19
N PRO A 128 48.84 24.08 -51.50
CA PRO A 128 49.92 24.22 -52.47
C PRO A 128 50.36 25.68 -52.57
N GLU A 129 51.37 25.91 -53.40
CA GLU A 129 51.68 27.29 -53.75
C GLU A 129 50.67 27.84 -54.76
N PHE A 130 50.10 26.96 -55.58
CA PHE A 130 49.19 27.37 -56.64
C PHE A 130 47.89 27.90 -56.04
N PRO A 131 47.48 29.12 -56.38
CA PRO A 131 46.36 29.75 -55.67
C PRO A 131 45.01 29.18 -56.06
N ILE A 132 44.16 29.01 -55.07
CA ILE A 132 42.82 28.43 -55.26
C ILE A 132 41.90 29.51 -55.82
N LEU A 133 41.28 29.22 -56.96
CA LEU A 133 40.39 30.15 -57.63
C LEU A 133 38.95 30.02 -57.16
N GLY A 134 38.57 28.87 -56.63
CA GLY A 134 37.21 28.67 -56.17
C GLY A 134 37.07 27.29 -55.54
N LYS A 135 35.88 27.05 -54.99
CA LYS A 135 35.58 25.83 -54.26
C LYS A 135 34.44 25.11 -54.96
N VAL A 136 34.56 23.80 -55.14
CA VAL A 136 33.52 23.01 -55.76
C VAL A 136 32.53 22.59 -54.70
N ILE A 137 31.34 23.18 -54.71
CA ILE A 137 30.31 22.82 -53.75
C ILE A 137 29.48 21.63 -54.24
N ILE A 138 29.04 21.65 -55.50
CA ILE A 138 28.19 20.58 -56.02
C ILE A 138 28.83 20.07 -57.30
N LEU A 139 28.53 18.82 -57.65
CA LEU A 139 28.87 18.23 -58.95
C LEU A 139 27.65 17.48 -59.44
N VAL A 140 26.75 18.15 -60.15
CA VAL A 140 25.50 17.50 -60.51
C VAL A 140 25.69 16.62 -61.75
N ARG A 141 24.75 15.70 -61.95
CA ARG A 141 24.65 14.75 -63.04
C ARG A 141 23.21 14.73 -63.53
N PRO A 142 22.99 14.47 -64.82
CA PRO A 142 21.63 14.56 -65.36
C PRO A 142 20.79 13.33 -65.01
N ARG A 143 19.52 13.43 -65.35
CA ARG A 143 18.57 12.34 -65.14
C ARG A 143 18.90 11.18 -66.07
N ARG A 144 18.68 9.97 -65.57
CA ARG A 144 19.06 8.74 -66.26
C ARG A 144 18.40 8.54 -67.62
N PRO B 3 43.29 9.34 -47.24
CA PRO B 3 42.11 9.00 -48.04
C PRO B 3 41.57 10.18 -48.84
N ALA B 4 41.21 9.94 -50.08
CA ALA B 4 40.65 11.01 -50.90
C ALA B 4 39.20 11.25 -50.51
N PRO B 5 38.74 12.50 -50.46
CA PRO B 5 37.34 12.76 -50.14
C PRO B 5 36.43 12.47 -51.32
N ILE B 6 35.22 12.02 -51.01
CA ILE B 6 34.26 11.70 -52.06
C ILE B 6 33.77 12.98 -52.71
N PRO B 7 33.82 13.09 -54.04
CA PRO B 7 33.26 14.27 -54.71
C PRO B 7 31.76 14.35 -54.54
N PRO B 8 31.18 15.55 -54.56
CA PRO B 8 29.73 15.66 -54.39
C PRO B 8 28.94 15.33 -55.66
N PHE B 9 29.09 14.10 -56.13
CA PHE B 9 28.42 13.64 -57.34
C PHE B 9 26.95 13.41 -57.07
N PHE B 10 26.17 14.48 -57.21
CA PHE B 10 24.73 14.38 -57.15
C PHE B 10 24.18 14.04 -58.52
N ARG B 11 23.16 13.19 -58.56
CA ARG B 11 22.51 12.83 -59.82
C ARG B 11 21.02 13.09 -59.70
N PHE B 12 20.45 13.72 -60.73
CA PHE B 12 19.04 14.09 -60.74
C PHE B 12 18.13 12.87 -60.70
N ASP B 13 17.20 12.86 -59.74
CA ASP B 13 16.25 11.77 -59.62
C ASP B 13 15.01 12.03 -60.46
N THR B 14 14.34 10.96 -60.86
CA THR B 14 13.18 11.01 -61.72
C THR B 14 11.89 11.37 -60.99
N GLU B 15 11.91 11.36 -59.66
CA GLU B 15 10.76 11.79 -58.87
C GLU B 15 10.71 13.32 -58.75
N ASP B 16 11.88 13.94 -58.66
CA ASP B 16 12.00 15.37 -58.39
C ASP B 16 12.21 16.13 -59.69
N GLU B 17 11.36 17.12 -59.94
CA GLU B 17 11.45 17.88 -61.17
C GLU B 17 12.33 19.11 -60.99
N LEU B 18 13.10 19.41 -62.03
CA LEU B 18 14.12 20.43 -62.14
C LEU B 18 13.55 21.67 -62.83
N PRO B 19 13.99 22.89 -62.45
CA PRO B 19 13.27 24.09 -62.87
C PRO B 19 13.56 24.49 -64.30
N ARG B 20 13.00 25.62 -64.73
CA ARG B 20 13.26 26.14 -66.06
C ARG B 20 13.31 27.65 -65.97
N ILE B 21 14.32 28.24 -66.62
CA ILE B 21 14.51 29.68 -66.61
C ILE B 21 13.45 30.31 -67.49
N VAL B 22 12.73 31.29 -66.94
CA VAL B 22 11.67 31.99 -67.66
C VAL B 22 12.12 33.43 -67.88
N PRO B 23 12.21 33.91 -69.11
CA PRO B 23 12.61 35.30 -69.37
C PRO B 23 11.54 36.28 -68.92
N VAL B 24 11.98 37.42 -68.37
CA VAL B 24 11.03 38.38 -67.82
C VAL B 24 11.09 39.66 -68.63
N VAL B 25 10.00 40.41 -68.57
CA VAL B 25 9.95 41.78 -69.10
C VAL B 25 9.53 42.65 -67.91
N GLY B 26 9.74 43.96 -68.04
CA GLY B 26 9.62 44.92 -66.95
C GLY B 26 8.28 45.10 -66.27
N GLN B 27 8.21 46.08 -65.37
CA GLN B 27 6.99 46.31 -64.59
C GLN B 27 5.92 46.99 -65.43
N LEU B 28 4.67 46.67 -65.09
CA LEU B 28 3.53 47.19 -65.83
C LEU B 28 3.35 48.68 -65.52
N PRO B 29 3.08 49.52 -66.54
CA PRO B 29 2.79 49.22 -67.94
C PRO B 29 4.01 48.95 -68.82
N LEU B 30 3.77 48.18 -69.89
CA LEU B 30 4.78 47.87 -70.91
C LEU B 30 4.20 48.17 -72.28
N LYS B 31 4.90 47.73 -73.33
CA LYS B 31 4.41 47.88 -74.70
C LYS B 31 4.05 46.52 -75.27
N ALA B 32 3.21 46.55 -76.31
CA ALA B 32 2.90 45.34 -77.05
C ALA B 32 4.06 44.87 -77.91
N GLU B 33 4.90 45.79 -78.38
CA GLU B 33 6.09 45.40 -79.11
C GLU B 33 7.13 44.79 -78.20
N GLU B 34 7.10 45.13 -76.90
CA GLU B 34 8.08 44.59 -75.97
C GLU B 34 7.85 43.13 -75.67
N LEU B 35 6.59 42.67 -75.72
CA LEU B 35 6.34 41.24 -75.55
C LEU B 35 6.70 40.48 -76.83
N LYS B 36 6.63 41.16 -77.98
CA LYS B 36 6.88 40.50 -79.25
C LYS B 36 8.36 40.32 -79.53
N ALA B 37 9.22 41.16 -78.93
CA ALA B 37 10.65 41.10 -79.18
C ALA B 37 11.33 39.99 -78.39
N VAL B 38 10.62 39.28 -77.52
CA VAL B 38 11.19 38.22 -76.69
C VAL B 38 11.35 36.98 -77.57
N PRO B 39 12.54 36.40 -77.65
CA PRO B 39 12.75 35.24 -78.51
C PRO B 39 12.28 33.94 -77.86
N LEU B 40 12.21 32.90 -78.68
CA LEU B 40 11.97 31.57 -78.15
C LEU B 40 13.25 31.05 -77.52
N VAL B 41 13.09 30.29 -76.43
CA VAL B 41 14.20 29.80 -75.63
C VAL B 41 14.27 28.30 -75.81
N GLU B 42 15.38 27.83 -76.39
CA GLU B 42 15.61 26.41 -76.56
C GLU B 42 16.42 25.86 -75.39
N GLU B 43 16.37 24.55 -75.23
CA GLU B 43 17.15 23.88 -74.20
C GLU B 43 18.57 23.59 -74.70
N ILE B 44 19.52 23.66 -73.78
CA ILE B 44 20.90 23.25 -74.06
C ILE B 44 21.18 22.06 -73.15
N GLU B 45 21.11 20.86 -73.71
CA GLU B 45 21.12 19.65 -72.94
C GLU B 45 22.51 19.35 -72.39
N PRO B 46 22.60 18.64 -71.24
CA PRO B 46 21.53 18.10 -70.40
C PRO B 46 21.17 18.90 -69.15
N PHE B 47 21.30 20.22 -69.16
CA PHE B 47 21.09 20.98 -67.94
C PHE B 47 20.21 22.22 -68.10
N ARG B 48 19.54 22.40 -69.25
CA ARG B 48 18.83 23.63 -69.64
C ARG B 48 19.76 24.84 -69.55
N LEU B 49 20.86 24.76 -70.29
CA LEU B 49 22.02 25.62 -70.08
C LEU B 49 21.96 26.79 -71.06
N VAL B 50 20.99 27.64 -70.85
CA VAL B 50 20.55 28.58 -71.87
C VAL B 50 21.46 29.79 -71.93
N LYS B 51 21.51 30.42 -73.11
CA LYS B 51 22.43 31.50 -73.40
C LYS B 51 21.69 32.65 -74.07
N PHE B 52 22.29 33.84 -74.03
CA PHE B 52 21.74 34.99 -74.73
C PHE B 52 22.87 35.99 -74.98
N SER B 53 22.64 36.88 -75.95
CA SER B 53 23.66 37.83 -76.37
C SER B 53 23.34 39.27 -76.03
N GLY B 54 22.07 39.65 -76.01
CA GLY B 54 21.65 41.01 -75.78
C GLY B 54 21.36 41.28 -74.32
N GLU B 55 20.35 42.12 -74.08
CA GLU B 55 19.98 42.60 -72.75
C GLU B 55 18.63 42.03 -72.37
N GLN B 56 18.62 40.97 -71.55
CA GLN B 56 17.38 40.42 -71.03
C GLN B 56 17.56 39.99 -69.57
N ALA B 57 16.47 40.10 -68.83
CA ALA B 57 16.42 39.75 -67.41
C ALA B 57 15.66 38.43 -67.29
N TRP B 58 16.29 37.45 -66.64
CA TRP B 58 15.76 36.11 -66.60
C TRP B 58 15.60 35.65 -65.15
N VAL B 59 14.49 34.97 -64.88
CA VAL B 59 14.20 34.43 -63.55
C VAL B 59 13.88 32.96 -63.70
N ALA B 60 14.62 32.11 -63.00
CA ALA B 60 14.26 30.71 -62.93
C ALA B 60 13.11 30.53 -61.95
N LEU B 61 12.14 29.70 -62.31
CA LEU B 61 10.96 29.50 -61.51
C LEU B 61 10.82 27.98 -61.46
N PRO B 62 10.44 27.41 -60.30
CA PRO B 62 10.61 25.97 -60.09
C PRO B 62 9.75 25.10 -61.00
N GLY B 63 10.15 23.84 -61.09
CA GLY B 63 9.51 22.90 -61.98
C GLY B 63 8.16 22.42 -61.51
N TRP B 64 7.11 22.89 -62.17
CA TRP B 64 5.74 22.50 -61.89
C TRP B 64 5.19 21.73 -63.08
N GLN B 65 3.98 21.19 -62.90
CA GLN B 65 3.41 20.33 -63.94
C GLN B 65 3.01 21.14 -65.16
N VAL B 66 2.33 22.27 -64.94
CA VAL B 66 1.95 23.12 -66.06
C VAL B 66 3.17 23.85 -66.61
N LEU B 67 4.09 24.25 -65.72
CA LEU B 67 5.18 25.13 -66.10
C LEU B 67 6.21 24.43 -66.98
N LEU B 68 6.64 23.23 -66.59
CA LEU B 68 7.61 22.51 -67.42
C LEU B 68 7.01 22.02 -68.72
N ALA B 69 5.70 21.81 -68.77
CA ALA B 69 5.01 21.47 -70.02
C ALA B 69 4.45 22.74 -70.66
N ALA B 70 5.37 23.64 -70.99
CA ALA B 70 5.02 24.89 -71.65
C ALA B 70 6.14 25.26 -72.62
N GLU B 71 5.80 26.03 -73.65
CA GLU B 71 6.68 26.22 -74.80
C GLU B 71 7.40 27.56 -74.79
N ASP B 72 6.69 28.67 -74.64
CA ASP B 72 7.29 30.01 -74.69
C ASP B 72 7.01 30.81 -73.43
N PRO B 73 7.56 30.40 -72.28
CA PRO B 73 7.20 31.08 -71.02
C PRO B 73 7.81 32.46 -70.92
N VAL B 74 6.97 33.47 -70.72
CA VAL B 74 7.40 34.85 -70.55
C VAL B 74 6.80 35.32 -69.23
N THR B 75 7.51 36.22 -68.57
CA THR B 75 7.12 36.76 -67.27
C THR B 75 6.97 38.28 -67.35
N ILE B 76 5.90 38.81 -66.77
CA ILE B 76 5.64 40.25 -66.75
C ILE B 76 5.41 40.68 -65.31
N LEU B 77 6.23 41.61 -64.84
CA LEU B 77 6.09 42.10 -63.47
C LEU B 77 4.87 43.00 -63.34
N ALA B 78 4.04 42.72 -62.33
CA ALA B 78 2.88 43.54 -62.04
C ALA B 78 2.59 43.45 -60.55
N THR B 79 1.45 43.96 -60.14
CA THR B 79 1.03 43.99 -58.75
C THR B 79 -0.14 43.04 -58.54
N SER B 80 -0.64 43.00 -57.30
CA SER B 80 -1.71 42.06 -56.96
C SER B 80 -3.07 42.51 -57.49
N ASP B 81 -3.29 43.83 -57.59
CA ASP B 81 -4.58 44.35 -57.99
C ASP B 81 -4.86 44.14 -59.47
N ARG B 82 -3.83 43.89 -60.29
CA ARG B 82 -4.00 43.66 -61.71
C ARG B 82 -4.71 42.34 -62.00
N PHE B 83 -4.81 41.47 -61.00
CA PHE B 83 -5.66 40.31 -60.91
C PHE B 83 -6.72 40.55 -59.85
N PRO B 84 -7.87 39.86 -59.89
CA PRO B 84 -8.97 40.19 -58.98
C PRO B 84 -8.64 39.94 -57.51
N LYS B 85 -9.53 40.43 -56.65
CA LYS B 85 -9.39 40.23 -55.22
C LYS B 85 -9.72 38.77 -54.88
N GLN B 86 -8.93 38.20 -53.97
CA GLN B 86 -9.13 36.81 -53.56
C GLN B 86 -9.13 36.59 -52.05
N ASN B 87 -8.68 37.55 -51.25
CA ASN B 87 -8.57 37.38 -49.81
C ASN B 87 -8.55 38.76 -49.15
N GLN B 88 -8.17 38.80 -47.87
CA GLN B 88 -8.13 40.06 -47.12
C GLN B 88 -6.82 40.79 -47.26
N THR B 89 -5.84 40.23 -47.97
CA THR B 89 -4.50 40.80 -48.00
C THR B 89 -4.44 42.01 -48.93
N GLU B 90 -3.45 42.85 -48.68
CA GLU B 90 -3.24 44.09 -49.40
C GLU B 90 -2.72 43.81 -50.81
N PRO B 91 -2.83 44.79 -51.71
CA PRO B 91 -2.14 44.66 -53.01
C PRO B 91 -0.63 44.74 -52.85
N GLY B 92 0.05 43.67 -53.28
CA GLY B 92 1.49 43.62 -53.26
C GLY B 92 2.06 43.14 -54.59
N PRO B 93 3.36 42.85 -54.63
CA PRO B 93 4.00 42.49 -55.90
C PRO B 93 3.74 41.04 -56.29
N VAL B 94 3.42 40.82 -57.57
CA VAL B 94 3.08 39.50 -58.10
C VAL B 94 3.84 39.27 -59.40
N LEU B 95 4.59 38.18 -59.47
CA LEU B 95 5.20 37.72 -60.71
C LEU B 95 4.13 36.99 -61.52
N VAL B 96 3.98 37.32 -62.79
CA VAL B 96 3.07 36.56 -63.61
C VAL B 96 3.91 35.69 -64.53
N VAL B 97 3.33 34.58 -64.99
CA VAL B 97 3.94 33.77 -66.04
C VAL B 97 2.87 33.47 -67.07
N VAL B 98 3.12 33.91 -68.30
CA VAL B 98 2.20 33.69 -69.41
C VAL B 98 3.01 33.20 -70.61
N ASP B 99 2.65 32.03 -71.13
CA ASP B 99 3.36 31.61 -72.33
C ASP B 99 2.75 32.25 -73.56
N ARG B 100 3.55 32.32 -74.62
CA ARG B 100 3.15 33.08 -75.80
C ARG B 100 2.30 32.27 -76.75
N SER B 101 2.35 30.94 -76.67
CA SER B 101 1.68 30.08 -77.63
C SER B 101 0.53 29.28 -77.02
N GLN B 102 -0.29 29.90 -76.16
CA GLN B 102 -1.58 29.33 -75.76
C GLN B 102 -2.73 30.27 -76.06
N ARG B 103 -2.76 30.82 -77.26
CA ARG B 103 -3.83 31.71 -77.73
C ARG B 103 -5.11 30.92 -77.87
N GLU B 104 -6.10 31.20 -77.02
CA GLU B 104 -7.27 30.32 -76.90
C GLU B 104 -8.39 31.13 -76.25
N TRP B 105 -9.60 30.59 -76.29
CA TRP B 105 -10.74 31.17 -75.59
C TRP B 105 -11.12 30.26 -74.43
N ASN B 106 -10.94 30.76 -73.21
CA ASN B 106 -11.41 30.08 -72.01
C ASN B 106 -12.09 31.08 -71.11
N ASP B 107 -13.12 30.64 -70.41
CA ASP B 107 -13.86 31.51 -69.50
C ASP B 107 -13.27 31.55 -68.10
N PHE B 108 -12.65 30.45 -67.64
CA PHE B 108 -12.05 30.39 -66.33
C PHE B 108 -10.58 30.81 -66.32
N SER B 109 -9.88 30.69 -67.45
CA SER B 109 -8.48 31.04 -67.55
C SER B 109 -8.32 32.50 -67.93
N TYR B 110 -7.13 33.02 -67.66
CA TYR B 110 -6.81 34.41 -67.96
C TYR B 110 -5.97 34.50 -69.22
N PHE B 111 -6.02 35.66 -69.87
CA PHE B 111 -5.38 35.82 -71.17
C PHE B 111 -4.82 37.23 -71.29
N VAL B 112 -3.53 37.33 -71.59
CA VAL B 112 -2.95 38.63 -71.89
C VAL B 112 -3.27 38.98 -73.33
N VAL B 113 -3.48 40.27 -73.61
CA VAL B 113 -3.83 40.75 -74.93
C VAL B 113 -2.98 41.97 -75.26
N ASP B 114 -3.24 42.54 -76.42
CA ASP B 114 -2.78 43.88 -76.76
C ASP B 114 -3.84 44.88 -76.30
N HIS B 115 -3.42 45.89 -75.55
CA HIS B 115 -4.32 46.95 -75.09
C HIS B 115 -3.74 48.29 -75.59
N ASP B 116 -3.99 48.56 -76.87
CA ASP B 116 -3.53 49.75 -77.59
C ASP B 116 -2.02 49.96 -77.42
N GLY B 117 -1.27 48.92 -77.78
CA GLY B 117 0.17 48.98 -77.60
C GLY B 117 0.63 48.92 -76.16
N GLU B 118 -0.17 48.38 -75.26
CA GLU B 118 0.19 48.15 -73.88
C GLU B 118 -0.21 46.73 -73.49
N LEU B 119 -0.17 46.43 -72.20
CA LEU B 119 -0.22 45.06 -71.73
C LEU B 119 -1.02 45.01 -70.43
N ASP B 120 -1.97 44.07 -70.33
CA ASP B 120 -2.90 44.03 -69.19
C ASP B 120 -3.30 42.59 -68.89
N PHE B 121 -4.38 42.43 -68.13
CA PHE B 121 -4.95 41.11 -67.81
C PHE B 121 -6.46 41.25 -67.73
N GLN B 122 -7.19 40.35 -68.40
CA GLN B 122 -8.65 40.38 -68.36
C GLN B 122 -9.18 39.02 -68.79
N TRP B 123 -10.10 38.47 -68.01
CA TRP B 123 -10.72 37.20 -68.35
C TRP B 123 -11.81 37.42 -69.38
N PHE B 124 -12.12 36.37 -70.14
CA PHE B 124 -12.94 36.46 -71.34
C PHE B 124 -14.16 35.56 -71.25
N GLU B 125 -15.34 36.17 -71.26
CA GLU B 125 -16.61 35.46 -71.33
C GLU B 125 -17.06 35.26 -72.77
N THR B 126 -16.68 36.16 -73.67
CA THR B 126 -16.94 36.03 -75.10
C THR B 126 -15.63 36.13 -75.87
N LYS B 127 -15.59 35.50 -77.05
CA LYS B 127 -14.39 35.52 -77.89
C LYS B 127 -14.17 36.91 -78.48
N PRO B 128 -13.06 37.57 -78.21
CA PRO B 128 -12.86 38.94 -78.69
C PRO B 128 -12.20 38.98 -80.06
N GLU B 129 -12.20 40.17 -80.64
CA GLU B 129 -11.41 40.49 -81.82
C GLU B 129 -10.00 40.93 -81.45
N PHE B 130 -9.70 41.00 -80.16
CA PHE B 130 -8.40 41.44 -79.70
C PHE B 130 -7.38 40.32 -79.88
N PRO B 131 -6.12 40.66 -80.20
CA PRO B 131 -5.07 39.63 -80.26
C PRO B 131 -4.68 39.17 -78.86
N ILE B 132 -5.14 37.97 -78.49
CA ILE B 132 -4.70 37.35 -77.24
C ILE B 132 -3.24 36.94 -77.40
N LEU B 133 -2.38 37.44 -76.52
CA LEU B 133 -0.96 37.11 -76.56
C LEU B 133 -0.60 35.99 -75.61
N GLY B 134 -1.56 35.18 -75.19
CA GLY B 134 -1.27 33.96 -74.47
C GLY B 134 -2.07 33.80 -73.19
N LYS B 135 -2.22 32.55 -72.77
CA LYS B 135 -2.84 32.19 -71.50
C LYS B 135 -1.78 32.22 -70.41
N VAL B 136 -2.16 32.73 -69.24
CA VAL B 136 -1.23 32.76 -68.13
C VAL B 136 -0.95 31.33 -67.65
N ILE B 137 0.26 31.10 -67.17
CA ILE B 137 0.60 29.79 -66.63
C ILE B 137 0.42 29.83 -65.12
N ILE B 138 1.20 30.66 -64.44
CA ILE B 138 1.20 30.61 -62.98
C ILE B 138 1.38 32.03 -62.46
N LEU B 139 0.81 32.29 -61.29
CA LEU B 139 0.84 33.59 -60.65
C LEU B 139 1.46 33.43 -59.29
N VAL B 140 2.65 34.00 -59.10
CA VAL B 140 3.39 33.80 -57.87
C VAL B 140 3.83 35.15 -57.33
N ARG B 141 3.83 35.26 -56.01
CA ARG B 141 4.29 36.41 -55.25
C ARG B 141 5.56 35.99 -54.51
N PRO B 142 6.37 36.96 -54.00
CA PRO B 142 7.61 36.56 -53.33
C PRO B 142 7.47 35.77 -52.03
N ARG B 143 8.61 35.43 -51.47
CA ARG B 143 8.69 34.71 -50.22
C ARG B 143 8.54 35.66 -49.04
N ARG B 144 8.11 35.11 -47.90
CA ARG B 144 8.13 35.80 -46.61
C ARG B 144 8.73 34.82 -45.61
N ILE B 145 10.05 34.83 -45.51
CA ILE B 145 10.80 33.87 -44.71
C ILE B 145 11.70 34.64 -43.74
N LEU B 146 12.52 33.92 -42.98
CA LEU B 146 13.62 34.51 -42.22
C LEU B 146 14.94 33.99 -42.80
N ASP B 147 15.64 34.88 -43.52
CA ASP B 147 16.50 34.51 -44.64
C ASP B 147 17.72 33.67 -44.24
N GLU B 148 18.31 33.95 -43.07
CA GLU B 148 19.65 33.48 -42.76
C GLU B 148 19.69 31.98 -42.42
N ASN B 149 18.53 31.36 -42.17
CA ASN B 149 18.47 29.94 -41.86
C ASN B 149 17.73 29.12 -42.91
N VAL B 150 16.88 29.74 -43.71
CA VAL B 150 16.16 29.03 -44.75
C VAL B 150 17.10 28.59 -45.84
N THR B 151 17.86 29.54 -46.37
CA THR B 151 18.70 29.33 -47.54
C THR B 151 20.17 29.28 -47.23
N LYS B 152 20.57 29.54 -45.99
CA LYS B 152 21.98 29.71 -45.69
C LYS B 152 22.50 28.77 -44.62
N ASP B 153 21.71 27.80 -44.16
CA ASP B 153 22.18 26.85 -43.16
C ASP B 153 21.51 25.50 -43.38
N SER B 154 22.33 24.46 -43.51
CA SER B 154 21.88 23.11 -43.79
C SER B 154 21.83 22.23 -42.55
N TRP B 155 22.42 22.64 -41.44
CA TRP B 155 22.61 21.74 -40.31
C TRP B 155 21.43 21.79 -39.35
N GLN B 156 20.33 22.40 -39.74
CA GLN B 156 19.15 22.47 -38.90
C GLN B 156 18.41 21.16 -38.92
N ILE B 157 17.63 20.93 -37.88
CA ILE B 157 16.74 19.78 -37.79
C ILE B 157 15.32 20.34 -37.92
N ASP B 158 14.34 19.45 -38.09
CA ASP B 158 12.94 19.85 -37.95
C ASP B 158 12.67 20.42 -36.57
N GLU B 159 12.91 19.63 -35.53
CA GLU B 159 12.84 20.16 -34.18
C GLU B 159 14.18 20.73 -33.75
N MET C 1 32.41 41.55 -20.48
CA MET C 1 32.36 40.19 -19.96
C MET C 1 32.00 40.22 -18.48
N GLN C 2 30.81 39.71 -18.13
CA GLN C 2 30.19 39.96 -16.84
C GLN C 2 29.06 38.94 -16.63
N THR C 3 28.67 38.72 -15.37
CA THR C 3 27.50 37.91 -15.07
C THR C 3 26.32 38.80 -14.69
N LEU C 4 25.15 38.17 -14.49
CA LEU C 4 23.91 38.76 -13.99
C LEU C 4 23.86 38.69 -12.48
N PRO C 5 23.64 39.80 -11.77
CA PRO C 5 23.52 39.74 -10.31
C PRO C 5 22.23 39.09 -9.82
N LYS C 6 22.10 38.92 -8.50
CA LYS C 6 20.99 38.18 -7.91
C LYS C 6 19.92 39.15 -7.40
N GLU C 7 18.94 39.43 -8.25
CA GLU C 7 17.77 40.22 -7.89
C GLU C 7 16.52 39.34 -7.93
N ARG C 8 15.40 39.91 -7.50
CA ARG C 8 14.15 39.16 -7.54
C ARG C 8 13.59 39.12 -8.96
N ARG C 9 13.36 40.30 -9.55
CA ARG C 9 12.97 40.47 -10.96
C ARG C 9 11.66 39.73 -11.25
N TYR C 10 10.58 40.34 -10.74
CA TYR C 10 9.41 39.66 -10.18
C TYR C 10 8.71 38.62 -11.04
N GLU C 11 7.98 39.00 -12.10
CA GLU C 11 7.22 38.00 -12.83
C GLU C 11 7.47 37.99 -14.33
N THR C 12 7.21 39.13 -14.96
CA THR C 12 6.99 39.35 -16.37
C THR C 12 6.98 40.86 -16.54
N LEU C 13 7.59 41.34 -17.63
CA LEU C 13 7.92 42.76 -17.83
C LEU C 13 8.83 43.26 -16.72
N SER C 14 9.71 42.38 -16.24
CA SER C 14 10.54 42.66 -15.07
C SER C 14 12.03 42.50 -15.31
N TYR C 15 12.46 42.09 -16.51
CA TYR C 15 13.89 42.08 -16.78
C TYR C 15 14.31 43.32 -17.57
N LEU C 16 13.40 43.91 -18.27
CA LEU C 16 13.46 45.23 -18.88
C LEU C 16 13.45 46.31 -17.79
N PRO C 17 13.92 47.53 -18.07
CA PRO C 17 13.92 48.57 -17.06
C PRO C 17 12.50 48.94 -16.68
N PRO C 18 12.28 49.37 -15.42
CA PRO C 18 10.91 49.46 -14.88
C PRO C 18 10.06 50.50 -15.61
N LEU C 19 8.87 50.06 -15.99
CA LEU C 19 8.05 50.82 -16.93
C LEU C 19 7.49 52.10 -16.34
N THR C 20 7.69 53.19 -17.05
CA THR C 20 7.38 54.52 -16.54
C THR C 20 5.92 54.83 -16.85
N ASP C 21 5.53 56.08 -16.59
CA ASP C 21 4.12 56.44 -16.63
C ASP C 21 3.57 56.44 -18.05
N VAL C 22 4.43 56.64 -19.05
CA VAL C 22 3.98 56.52 -20.43
C VAL C 22 3.74 55.06 -20.78
N GLN C 23 4.63 54.19 -20.35
CA GLN C 23 4.52 52.77 -20.64
C GLN C 23 3.48 52.08 -19.77
N ILE C 24 3.09 52.68 -18.64
CA ILE C 24 1.94 52.18 -17.90
C ILE C 24 0.66 52.42 -18.69
N GLU C 25 0.45 53.66 -19.12
CA GLU C 25 -0.80 53.99 -19.79
C GLU C 25 -0.87 53.42 -21.20
N LYS C 26 0.27 53.23 -21.87
CA LYS C 26 0.21 52.62 -23.19
C LYS C 26 -0.17 51.15 -23.09
N GLN C 27 0.24 50.46 -22.03
CA GLN C 27 -0.22 49.10 -21.85
C GLN C 27 -1.66 49.06 -21.34
N VAL C 28 -2.07 50.06 -20.55
CA VAL C 28 -3.47 50.17 -20.17
C VAL C 28 -4.33 50.48 -21.39
N GLN C 29 -3.82 51.32 -22.29
CA GLN C 29 -4.55 51.59 -23.53
C GLN C 29 -4.56 50.36 -24.43
N TYR C 30 -3.58 49.48 -24.29
CA TYR C 30 -3.64 48.21 -24.98
C TYR C 30 -4.70 47.29 -24.38
N ILE C 31 -5.04 47.46 -23.10
CA ILE C 31 -6.04 46.58 -22.50
C ILE C 31 -7.43 46.93 -23.00
N LEU C 32 -7.77 48.22 -22.99
CA LEU C 32 -9.14 48.59 -23.35
C LEU C 32 -9.33 48.60 -24.87
N SER C 33 -8.34 49.02 -25.64
CA SER C 33 -8.51 49.09 -27.09
C SER C 33 -8.39 47.74 -27.75
N GLN C 34 -8.03 46.70 -27.01
CA GLN C 34 -8.14 45.33 -27.51
C GLN C 34 -9.29 44.58 -26.85
N GLY C 35 -10.13 45.26 -26.08
CA GLY C 35 -11.30 44.65 -25.51
C GLY C 35 -11.06 43.76 -24.32
N TYR C 36 -9.98 43.96 -23.59
CA TYR C 36 -9.76 43.22 -22.36
C TYR C 36 -10.23 44.06 -21.19
N ILE C 37 -10.35 43.42 -20.04
CA ILE C 37 -10.97 44.05 -18.86
C ILE C 37 -9.85 44.44 -17.91
N PRO C 38 -9.55 45.73 -17.74
CA PRO C 38 -8.39 46.13 -16.91
C PRO C 38 -8.70 46.04 -15.43
N ALA C 39 -8.19 44.99 -14.79
CA ALA C 39 -8.34 44.84 -13.36
C ALA C 39 -7.07 45.26 -12.65
N VAL C 40 -7.23 45.81 -11.46
CA VAL C 40 -6.10 46.24 -10.64
C VAL C 40 -5.95 45.25 -9.49
N GLU C 41 -4.74 44.77 -9.27
CA GLU C 41 -4.47 43.83 -8.20
C GLU C 41 -3.34 44.36 -7.35
N PHE C 42 -3.30 43.96 -6.10
CA PHE C 42 -2.22 44.31 -5.20
C PHE C 42 -1.88 43.12 -4.33
N ASN C 43 -0.67 43.12 -3.79
CA ASN C 43 -0.25 42.06 -2.89
C ASN C 43 0.88 42.59 -2.02
N GLU C 44 1.11 41.92 -0.89
CA GLU C 44 2.18 42.32 0.01
C GLU C 44 3.54 42.04 -0.60
N VAL C 45 3.79 40.80 -0.98
CA VAL C 45 5.07 40.40 -1.56
C VAL C 45 4.79 39.93 -2.98
N SER C 46 5.73 40.16 -3.87
CA SER C 46 5.56 39.85 -5.28
C SER C 46 6.32 38.64 -5.76
N GLU C 47 6.40 37.60 -4.96
CA GLU C 47 6.95 36.43 -5.61
C GLU C 47 5.85 35.75 -6.40
N PRO C 48 6.19 35.09 -7.52
CA PRO C 48 5.19 34.25 -8.19
C PRO C 48 5.08 32.85 -7.64
N THR C 49 5.16 32.68 -6.32
CA THR C 49 4.68 31.46 -5.70
C THR C 49 3.55 31.76 -4.73
N GLU C 50 3.30 33.02 -4.43
CA GLU C 50 2.04 33.44 -3.83
C GLU C 50 1.11 33.73 -5.00
N LEU C 51 0.08 32.90 -5.14
CA LEU C 51 -0.53 32.71 -6.44
C LEU C 51 -1.64 33.70 -6.71
N TYR C 52 -2.30 34.21 -5.67
CA TYR C 52 -3.39 35.14 -5.84
C TYR C 52 -2.98 36.53 -5.41
N TRP C 53 -3.21 37.51 -6.27
CA TRP C 53 -3.07 38.88 -5.84
C TRP C 53 -4.43 39.43 -5.54
N THR C 54 -4.49 40.22 -4.47
CA THR C 54 -5.74 40.68 -3.94
C THR C 54 -6.30 41.76 -4.85
N LEU C 55 -7.55 41.59 -5.25
CA LEU C 55 -8.12 42.47 -6.24
C LEU C 55 -8.49 43.79 -5.59
N TRP C 56 -8.02 44.88 -6.17
CA TRP C 56 -8.51 46.21 -5.85
C TRP C 56 -9.94 46.37 -6.38
N LYS C 57 -10.59 47.46 -5.97
CA LYS C 57 -12.03 47.67 -5.81
C LYS C 57 -12.95 46.90 -6.75
N LEU C 58 -12.70 47.03 -8.04
CA LEU C 58 -13.40 46.26 -9.05
C LEU C 58 -12.41 45.84 -10.13
N PRO C 59 -12.78 44.92 -11.02
CA PRO C 59 -11.99 44.72 -12.24
C PRO C 59 -12.31 45.66 -13.39
N LEU C 60 -13.12 46.70 -13.18
CA LEU C 60 -13.36 47.80 -14.12
C LEU C 60 -13.92 47.30 -15.45
N PHE C 61 -15.15 46.78 -15.39
CA PHE C 61 -15.76 46.18 -16.56
C PHE C 61 -16.05 47.21 -17.64
N GLY C 62 -16.47 48.41 -17.26
CA GLY C 62 -16.83 49.42 -18.24
C GLY C 62 -15.79 50.51 -18.34
N ALA C 63 -14.52 50.14 -18.18
CA ALA C 63 -13.43 51.11 -18.25
C ALA C 63 -13.09 51.38 -19.70
N LYS C 64 -13.11 52.66 -20.09
CA LYS C 64 -12.96 53.05 -21.48
C LYS C 64 -11.76 53.96 -21.73
N THR C 65 -11.24 54.64 -20.72
CA THR C 65 -10.06 55.47 -20.93
C THR C 65 -8.95 55.05 -19.98
N SER C 66 -7.71 55.32 -20.40
CA SER C 66 -6.57 55.09 -19.52
C SER C 66 -6.45 56.15 -18.46
N ARG C 67 -7.09 57.30 -18.65
CA ARG C 67 -7.06 58.38 -17.68
C ARG C 67 -7.89 58.09 -16.44
N GLU C 68 -8.70 57.02 -16.45
CA GLU C 68 -9.50 56.61 -15.31
C GLU C 68 -9.12 55.25 -14.76
N VAL C 69 -8.51 54.38 -15.56
CA VAL C 69 -7.92 53.15 -15.03
C VAL C 69 -6.72 53.49 -14.18
N LEU C 70 -5.89 54.41 -14.67
CA LEU C 70 -4.77 54.89 -13.87
C LEU C 70 -5.27 55.72 -12.69
N ALA C 71 -6.40 56.40 -12.85
CA ALA C 71 -6.94 57.21 -11.76
C ALA C 71 -7.57 56.36 -10.68
N GLU C 72 -7.85 55.09 -10.97
CA GLU C 72 -8.19 54.17 -9.89
C GLU C 72 -6.94 53.69 -9.17
N VAL C 73 -5.82 53.58 -9.89
CA VAL C 73 -4.55 53.32 -9.22
C VAL C 73 -4.06 54.59 -8.51
N GLN C 74 -4.48 55.77 -8.97
CA GLN C 74 -4.20 56.99 -8.21
C GLN C 74 -4.92 56.98 -6.87
N SER C 75 -6.08 56.33 -6.81
CA SER C 75 -6.74 56.05 -5.53
C SER C 75 -6.08 54.91 -4.77
N CYS C 76 -5.15 54.20 -5.41
CA CYS C 76 -4.47 53.07 -4.81
C CYS C 76 -2.99 53.35 -4.54
N ARG C 77 -2.48 54.50 -4.99
CA ARG C 77 -1.15 54.94 -4.57
C ARG C 77 -1.12 55.18 -3.07
N SER C 78 -1.93 56.15 -2.60
CA SER C 78 -1.92 56.57 -1.21
C SER C 78 -2.50 55.54 -0.27
N GLN C 79 -3.34 54.65 -0.79
CA GLN C 79 -3.93 53.61 0.05
C GLN C 79 -2.87 52.60 0.46
N TYR C 80 -2.05 52.15 -0.48
CA TYR C 80 -1.10 51.06 -0.29
C TYR C 80 0.26 51.50 -0.79
N PRO C 81 1.06 52.17 0.05
CA PRO C 81 2.43 52.49 -0.35
C PRO C 81 3.36 51.29 -0.34
N GLY C 82 2.98 50.22 0.34
CA GLY C 82 3.87 49.11 0.56
C GLY C 82 3.48 47.84 -0.18
N HIS C 83 2.42 47.91 -0.98
CA HIS C 83 1.96 46.77 -1.73
C HIS C 83 2.33 46.91 -3.19
N TYR C 84 2.71 45.80 -3.80
CA TYR C 84 3.01 45.75 -5.23
C TYR C 84 1.70 45.89 -5.97
N ILE C 85 1.36 47.10 -6.38
CA ILE C 85 0.13 47.32 -7.14
C ILE C 85 0.37 46.81 -8.56
N ARG C 86 -0.69 46.41 -9.26
CA ARG C 86 -0.57 45.77 -10.55
C ARG C 86 -1.86 45.90 -11.33
N VAL C 87 -1.77 46.32 -12.58
CA VAL C 87 -2.92 46.30 -13.48
C VAL C 87 -2.84 45.03 -14.33
N VAL C 88 -3.74 44.09 -14.09
CA VAL C 88 -3.82 42.90 -14.91
C VAL C 88 -4.87 43.12 -15.99
N GLY C 89 -4.85 42.27 -16.99
CA GLY C 89 -5.84 42.37 -18.04
C GLY C 89 -6.49 41.02 -18.27
N PHE C 90 -7.77 40.94 -17.97
CA PHE C 90 -8.49 39.70 -18.18
C PHE C 90 -9.14 39.69 -19.55
N ASP C 91 -9.22 38.50 -20.12
CA ASP C 91 -9.91 38.34 -21.37
C ASP C 91 -11.40 38.52 -21.13
N ASN C 92 -12.08 39.15 -22.09
CA ASN C 92 -13.48 39.50 -21.91
C ASN C 92 -14.35 38.24 -21.90
N ILE C 93 -13.95 37.24 -22.67
CA ILE C 93 -14.76 36.06 -22.92
C ILE C 93 -14.03 34.79 -22.50
N LYS C 94 -12.93 34.50 -23.17
CA LYS C 94 -12.48 33.13 -23.37
C LYS C 94 -11.67 32.55 -22.20
N GLN C 95 -11.80 33.12 -20.99
CA GLN C 95 -11.18 32.63 -19.76
C GLN C 95 -9.65 32.54 -19.84
N CYS C 96 -9.02 33.70 -20.00
CA CYS C 96 -7.58 33.80 -19.82
C CYS C 96 -7.21 35.20 -19.33
N GLN C 97 -5.95 35.35 -18.96
CA GLN C 97 -5.40 36.58 -18.43
C GLN C 97 -4.14 36.93 -19.23
N ILE C 98 -3.99 38.19 -19.60
CA ILE C 98 -2.90 38.52 -20.51
C ILE C 98 -1.90 39.51 -19.91
N LEU C 99 -2.32 40.73 -19.63
CA LEU C 99 -1.36 41.73 -19.23
C LEU C 99 -1.10 41.60 -17.75
N SER C 100 0.13 41.93 -17.34
CA SER C 100 0.54 41.85 -15.94
C SER C 100 1.76 42.74 -15.79
N PHE C 101 1.61 43.84 -15.05
CA PHE C 101 2.72 44.77 -14.89
C PHE C 101 2.56 45.56 -13.60
N ILE C 102 3.62 45.60 -12.80
CA ILE C 102 3.57 46.32 -11.53
C ILE C 102 3.67 47.81 -11.79
N VAL C 103 2.71 48.57 -11.26
CA VAL C 103 2.69 50.01 -11.46
C VAL C 103 3.27 50.72 -10.25
N HIS C 104 3.28 50.07 -9.09
CA HIS C 104 3.79 50.67 -7.87
C HIS C 104 4.41 49.61 -6.99
N LYS C 105 5.53 49.97 -6.37
CA LYS C 105 6.34 49.06 -5.58
C LYS C 105 6.61 49.74 -4.24
N PRO C 106 6.67 48.98 -3.14
CA PRO C 106 7.06 49.54 -1.85
C PRO C 106 8.43 50.23 -1.82
N GLN D 2 -20.29 -31.36 -47.55
CA GLN D 2 -19.50 -32.30 -46.77
C GLN D 2 -18.85 -31.53 -45.62
N THR D 3 -18.59 -32.22 -44.50
CA THR D 3 -18.11 -31.59 -43.28
C THR D 3 -16.78 -32.21 -42.83
N LEU D 4 -16.33 -31.81 -41.62
CA LEU D 4 -15.16 -32.33 -40.93
C LEU D 4 -15.60 -33.13 -39.71
N PRO D 5 -15.21 -34.40 -39.58
CA PRO D 5 -15.68 -35.20 -38.44
C PRO D 5 -14.99 -34.81 -37.15
N LYS D 6 -15.67 -35.03 -36.02
CA LYS D 6 -15.00 -34.91 -34.73
C LYS D 6 -14.06 -36.08 -34.55
N GLU D 7 -12.79 -35.86 -34.91
CA GLU D 7 -11.75 -36.86 -34.82
C GLU D 7 -10.63 -36.32 -33.95
N ARG D 8 -10.28 -37.07 -32.91
CA ARG D 8 -9.16 -36.69 -32.06
C ARG D 8 -7.86 -36.95 -32.78
N ARG D 9 -7.01 -35.94 -32.86
CA ARG D 9 -5.71 -36.08 -33.48
C ARG D 9 -4.63 -35.74 -32.48
N TYR D 10 -3.42 -36.18 -32.78
CA TYR D 10 -2.46 -36.49 -31.73
C TYR D 10 -1.23 -35.59 -31.74
N GLU D 11 -0.44 -35.61 -32.81
CA GLU D 11 0.86 -34.94 -32.81
C GLU D 11 1.19 -34.49 -34.23
N THR D 12 2.48 -34.25 -34.47
CA THR D 12 2.97 -33.47 -35.59
C THR D 12 2.98 -34.20 -36.91
N LEU D 13 2.55 -35.46 -36.96
CA LEU D 13 2.27 -36.13 -38.22
C LEU D 13 0.94 -36.86 -38.20
N SER D 14 0.01 -36.43 -37.35
CA SER D 14 -1.25 -37.15 -37.18
C SER D 14 -2.21 -36.92 -38.32
N TYR D 15 -2.11 -35.78 -39.03
CA TYR D 15 -3.02 -35.45 -40.12
C TYR D 15 -2.51 -36.03 -41.43
N LEU D 16 -2.40 -37.35 -41.43
CA LEU D 16 -1.82 -38.12 -42.54
C LEU D 16 -2.50 -39.47 -42.54
N PRO D 17 -2.23 -40.32 -43.55
CA PRO D 17 -2.53 -41.73 -43.40
C PRO D 17 -1.66 -42.35 -42.30
N PRO D 18 -2.08 -43.50 -41.75
CA PRO D 18 -1.26 -44.15 -40.71
C PRO D 18 0.07 -44.61 -41.25
N LEU D 19 1.15 -44.15 -40.61
CA LEU D 19 2.48 -44.24 -41.18
C LEU D 19 2.98 -45.67 -41.17
N THR D 20 3.24 -46.21 -42.35
CA THR D 20 3.76 -47.56 -42.46
C THR D 20 5.25 -47.59 -42.12
N ASP D 21 5.84 -48.77 -42.25
CA ASP D 21 7.17 -49.02 -41.74
C ASP D 21 8.24 -48.45 -42.65
N VAL D 22 8.02 -48.52 -43.97
CA VAL D 22 8.96 -47.96 -44.95
C VAL D 22 9.09 -46.46 -44.77
N GLN D 23 7.98 -45.79 -44.48
CA GLN D 23 7.98 -44.35 -44.29
C GLN D 23 8.74 -43.94 -43.03
N ILE D 24 8.57 -44.71 -41.95
CA ILE D 24 9.26 -44.42 -40.69
C ILE D 24 10.75 -44.73 -40.80
N GLU D 25 11.11 -45.78 -41.57
CA GLU D 25 12.51 -46.00 -41.93
C GLU D 25 13.09 -44.83 -42.70
N LYS D 26 12.28 -44.24 -43.58
CA LYS D 26 12.68 -43.07 -44.36
C LYS D 26 12.52 -41.78 -43.57
N GLN D 27 11.79 -41.83 -42.45
CA GLN D 27 11.59 -40.68 -41.58
C GLN D 27 12.75 -40.48 -40.63
N VAL D 28 13.16 -41.55 -39.94
CA VAL D 28 14.29 -41.49 -39.02
C VAL D 28 15.60 -41.27 -39.77
N GLN D 29 15.65 -41.66 -41.04
CA GLN D 29 16.80 -41.38 -41.88
C GLN D 29 16.93 -39.88 -42.21
N TYR D 30 15.91 -39.07 -41.90
CA TYR D 30 16.14 -37.63 -41.78
C TYR D 30 16.72 -37.26 -40.43
N ILE D 31 16.29 -37.94 -39.36
CA ILE D 31 16.67 -37.54 -38.02
C ILE D 31 18.16 -37.79 -37.80
N LEU D 32 18.60 -39.03 -37.95
CA LEU D 32 20.00 -39.36 -37.69
C LEU D 32 20.96 -38.84 -38.76
N SER D 33 20.49 -38.38 -39.92
CA SER D 33 21.40 -37.87 -40.93
C SER D 33 21.81 -36.44 -40.67
N GLN D 34 21.05 -35.70 -39.87
CA GLN D 34 21.42 -34.35 -39.45
C GLN D 34 22.34 -34.35 -38.24
N GLY D 35 22.89 -35.50 -37.87
CA GLY D 35 23.71 -35.61 -36.68
C GLY D 35 22.92 -35.71 -35.40
N TYR D 36 21.63 -35.95 -35.48
CA TYR D 36 20.76 -35.93 -34.32
C TYR D 36 20.61 -37.32 -33.74
N ILE D 37 20.39 -37.39 -32.44
CA ILE D 37 20.16 -38.66 -31.76
C ILE D 37 18.65 -38.88 -31.62
N PRO D 38 18.10 -39.94 -32.21
CA PRO D 38 16.66 -40.20 -32.08
C PRO D 38 16.35 -41.15 -30.95
N ALA D 39 15.05 -41.26 -30.65
CA ALA D 39 14.59 -42.01 -29.48
C ALA D 39 13.20 -42.57 -29.71
N VAL D 40 12.72 -43.31 -28.72
CA VAL D 40 11.36 -43.88 -28.71
C VAL D 40 10.73 -43.52 -27.37
N GLU D 41 9.51 -42.98 -27.41
CA GLU D 41 8.83 -42.57 -26.19
C GLU D 41 7.42 -43.11 -26.17
N PHE D 42 7.06 -43.80 -25.08
CA PHE D 42 5.77 -44.46 -24.96
C PHE D 42 4.95 -43.81 -23.87
N ASN D 43 3.62 -43.89 -24.01
CA ASN D 43 2.73 -43.29 -23.03
C ASN D 43 1.36 -43.95 -23.13
N GLU D 44 0.60 -43.86 -22.03
CA GLU D 44 -0.73 -44.45 -21.97
C GLU D 44 -1.74 -43.61 -22.75
N VAL D 45 -1.78 -42.30 -22.50
CA VAL D 45 -2.69 -41.39 -23.19
C VAL D 45 -1.91 -40.21 -23.74
N SER D 46 -2.48 -39.58 -24.78
CA SER D 46 -1.92 -38.40 -25.43
C SER D 46 -2.78 -37.22 -25.03
N GLU D 47 -2.47 -36.64 -23.91
CA GLU D 47 -3.22 -35.58 -23.28
C GLU D 47 -2.54 -34.25 -23.56
N PRO D 48 -3.27 -33.15 -23.69
CA PRO D 48 -2.58 -31.85 -23.82
C PRO D 48 -1.92 -31.40 -22.55
N THR D 49 -2.52 -31.69 -21.39
CA THR D 49 -1.90 -31.46 -20.11
C THR D 49 -0.61 -32.25 -19.96
N GLU D 50 -0.68 -33.55 -20.22
CA GLU D 50 0.44 -34.46 -20.05
C GLU D 50 1.47 -34.19 -21.13
N LEU D 51 2.63 -33.70 -20.72
CA LEU D 51 3.59 -33.16 -21.66
C LEU D 51 4.91 -33.90 -21.64
N TYR D 52 5.02 -34.96 -20.83
CA TYR D 52 6.14 -35.88 -20.87
C TYR D 52 5.64 -37.24 -21.32
N TRP D 53 6.43 -37.93 -22.15
CA TRP D 53 6.18 -39.32 -22.46
C TRP D 53 7.44 -40.11 -22.11
N THR D 54 7.23 -41.36 -21.70
CA THR D 54 8.30 -42.10 -21.05
C THR D 54 9.23 -42.71 -22.09
N LEU D 55 10.52 -42.52 -21.88
CA LEU D 55 11.55 -42.88 -22.85
C LEU D 55 11.75 -44.39 -22.89
N TRP D 56 11.85 -44.95 -24.09
CA TRP D 56 12.02 -46.40 -24.25
C TRP D 56 13.49 -46.76 -24.39
N LYS D 57 14.07 -47.24 -23.30
CA LYS D 57 15.39 -47.84 -23.05
C LYS D 57 16.49 -46.78 -23.10
N LEU D 58 16.43 -45.79 -23.99
CA LEU D 58 17.51 -44.88 -24.36
C LEU D 58 17.09 -43.95 -25.49
N PRO D 59 17.82 -42.87 -25.74
CA PRO D 59 17.93 -42.34 -27.10
C PRO D 59 18.97 -43.11 -27.91
N LEU D 60 18.55 -44.23 -28.52
CA LEU D 60 19.48 -45.24 -29.02
C LEU D 60 20.23 -44.76 -30.25
N PHE D 61 21.52 -45.13 -30.32
CA PHE D 61 22.45 -44.66 -31.33
C PHE D 61 23.63 -45.63 -31.43
N GLY D 62 23.95 -46.09 -32.64
CA GLY D 62 25.09 -46.99 -32.79
C GLY D 62 26.14 -46.56 -33.79
N ALA D 63 25.75 -45.74 -34.76
CA ALA D 63 26.63 -45.29 -35.83
C ALA D 63 26.04 -44.02 -36.43
N LYS D 64 26.78 -43.41 -37.36
CA LYS D 64 26.37 -42.18 -38.03
C LYS D 64 25.03 -42.30 -38.75
N THR D 65 24.82 -43.38 -39.48
CA THR D 65 23.52 -43.65 -40.10
C THR D 65 23.27 -45.16 -40.27
N SER D 66 22.27 -45.69 -39.56
CA SER D 66 21.90 -47.10 -39.64
C SER D 66 20.52 -47.29 -39.01
N ARG D 67 20.01 -48.51 -39.13
CA ARG D 67 18.73 -48.86 -38.50
C ARG D 67 18.93 -49.07 -37.00
N GLU D 68 18.45 -48.11 -36.22
CA GLU D 68 18.70 -48.06 -34.79
C GLU D 68 17.37 -48.11 -34.07
N VAL D 69 16.49 -47.20 -34.48
CA VAL D 69 15.20 -46.95 -33.86
C VAL D 69 14.19 -47.96 -34.37
N LEU D 70 14.31 -48.30 -35.64
CA LEU D 70 13.29 -48.99 -36.42
C LEU D 70 13.07 -50.41 -35.91
N ALA D 71 14.16 -51.08 -35.54
CA ALA D 71 14.04 -52.39 -34.90
C ALA D 71 13.50 -52.25 -33.49
N GLU D 72 13.81 -51.13 -32.82
CA GLU D 72 13.45 -50.98 -31.42
C GLU D 72 11.96 -50.65 -31.26
N VAL D 73 11.35 -50.02 -32.27
CA VAL D 73 9.93 -49.73 -32.23
C VAL D 73 9.11 -51.02 -32.32
N GLN D 74 9.50 -51.93 -33.22
CA GLN D 74 8.78 -53.19 -33.36
C GLN D 74 8.96 -54.08 -32.13
N SER D 75 10.08 -53.93 -31.42
CA SER D 75 10.24 -54.62 -30.15
C SER D 75 9.36 -54.01 -29.08
N CYS D 76 9.03 -52.72 -29.23
CA CYS D 76 8.14 -52.06 -28.30
C CYS D 76 6.67 -52.27 -28.68
N ARG D 77 6.39 -52.50 -29.97
CA ARG D 77 5.05 -52.93 -30.36
C ARG D 77 4.73 -54.32 -29.84
N SER D 78 5.73 -55.19 -29.73
CA SER D 78 5.52 -56.49 -29.13
C SER D 78 5.53 -56.42 -27.61
N GLN D 79 6.18 -55.41 -27.04
CA GLN D 79 6.17 -55.24 -25.59
C GLN D 79 4.94 -54.50 -25.11
N TYR D 80 4.65 -53.35 -25.69
CA TYR D 80 3.50 -52.51 -25.34
C TYR D 80 2.59 -52.38 -26.56
N PRO D 81 1.68 -53.31 -26.78
CA PRO D 81 0.67 -53.13 -27.83
C PRO D 81 -0.54 -52.29 -27.43
N GLY D 82 -0.47 -51.59 -26.29
CA GLY D 82 -1.55 -50.73 -25.87
C GLY D 82 -1.11 -49.36 -25.39
N HIS D 83 0.07 -48.91 -25.85
CA HIS D 83 0.58 -47.59 -25.51
C HIS D 83 0.84 -46.78 -26.77
N TYR D 84 0.65 -45.47 -26.64
CA TYR D 84 0.99 -44.53 -27.71
C TYR D 84 2.50 -44.47 -27.83
N ILE D 85 3.04 -45.08 -28.89
CA ILE D 85 4.48 -45.12 -29.08
C ILE D 85 4.90 -43.93 -29.94
N ARG D 86 5.98 -43.27 -29.57
CA ARG D 86 6.54 -42.21 -30.41
C ARG D 86 7.89 -42.60 -31.00
N VAL D 87 8.33 -41.74 -31.90
CA VAL D 87 9.72 -41.61 -32.31
C VAL D 87 10.04 -40.13 -32.25
N VAL D 88 10.99 -39.76 -31.39
CA VAL D 88 11.37 -38.38 -31.22
C VAL D 88 12.85 -38.21 -31.60
N GLY D 89 13.17 -37.04 -32.11
CA GLY D 89 14.56 -36.69 -32.32
C GLY D 89 15.10 -35.86 -31.19
N PHE D 90 16.41 -35.69 -31.15
CA PHE D 90 17.02 -34.78 -30.19
C PHE D 90 18.17 -34.05 -30.86
N ASP D 91 18.18 -32.74 -30.67
CA ASP D 91 19.33 -31.92 -30.95
C ASP D 91 20.00 -31.56 -29.63
N ASN D 92 21.31 -31.45 -29.64
CA ASN D 92 22.03 -30.98 -28.47
C ASN D 92 22.61 -29.58 -28.64
N ILE D 93 22.82 -29.11 -29.87
CA ILE D 93 23.22 -27.71 -30.05
C ILE D 93 22.05 -26.79 -29.78
N LYS D 94 20.96 -26.92 -30.56
CA LYS D 94 19.78 -26.08 -30.33
C LYS D 94 19.05 -26.47 -29.06
N GLN D 95 19.18 -27.74 -28.64
CA GLN D 95 18.62 -28.31 -27.41
C GLN D 95 17.09 -28.18 -27.40
N CYS D 96 16.50 -28.87 -28.35
CA CYS D 96 15.08 -29.23 -28.35
C CYS D 96 14.95 -30.46 -29.23
N GLN D 97 13.75 -31.03 -29.27
CA GLN D 97 13.49 -32.16 -30.14
C GLN D 97 13.30 -31.68 -31.57
N ILE D 98 13.78 -32.48 -32.52
CA ILE D 98 13.67 -32.13 -33.94
C ILE D 98 12.46 -32.81 -34.54
N LEU D 99 11.98 -33.87 -33.91
CA LEU D 99 10.68 -34.43 -34.25
C LEU D 99 10.01 -34.97 -33.00
N SER D 100 8.69 -35.14 -33.12
CA SER D 100 7.88 -35.82 -32.11
C SER D 100 6.62 -36.27 -32.84
N PHE D 101 6.52 -37.57 -33.12
CA PHE D 101 5.38 -38.07 -33.88
C PHE D 101 5.11 -39.50 -33.44
N ILE D 102 3.84 -39.90 -33.54
CA ILE D 102 3.38 -41.19 -33.06
C ILE D 102 3.49 -42.21 -34.18
N VAL D 103 4.18 -43.32 -33.91
CA VAL D 103 4.23 -44.44 -34.83
C VAL D 103 3.18 -45.49 -34.55
N HIS D 104 2.60 -45.51 -33.35
CA HIS D 104 1.72 -46.59 -32.93
C HIS D 104 0.73 -46.09 -31.89
N LYS D 105 -0.53 -46.43 -32.08
CA LYS D 105 -1.64 -46.05 -31.24
C LYS D 105 -2.35 -47.29 -30.71
N PRO D 106 -2.99 -47.21 -29.52
CA PRO D 106 -3.73 -48.38 -29.05
C PRO D 106 -5.14 -48.46 -29.66
N ARG E 22 -13.79 -6.03 -55.70
CA ARG E 22 -13.96 -5.05 -54.64
C ARG E 22 -14.82 -3.88 -55.19
N LEU E 23 -14.31 -2.64 -55.10
CA LEU E 23 -15.00 -1.39 -55.51
C LEU E 23 -16.39 -1.25 -54.87
N THR E 24 -16.53 -1.77 -53.67
CA THR E 24 -17.64 -1.45 -52.78
C THR E 24 -17.17 -0.63 -51.60
N TYR E 25 -15.86 -0.38 -51.52
CA TYR E 25 -15.24 0.44 -50.49
C TYR E 25 -14.99 1.87 -50.97
N TYR E 26 -15.36 2.18 -52.19
CA TYR E 26 -15.32 3.54 -52.70
C TYR E 26 -16.75 3.97 -52.95
N THR E 27 -17.33 4.67 -52.00
CA THR E 27 -18.70 5.17 -52.08
C THR E 27 -18.66 6.67 -52.17
N PRO E 28 -18.63 7.25 -53.37
CA PRO E 28 -18.36 8.70 -53.49
C PRO E 28 -19.54 9.58 -53.12
N ASP E 29 -20.73 9.01 -52.93
CA ASP E 29 -21.88 9.78 -52.50
C ASP E 29 -22.11 9.71 -51.00
N TYR E 30 -21.19 9.09 -50.28
CA TYR E 30 -21.29 8.96 -48.83
C TYR E 30 -20.91 10.28 -48.21
N THR E 31 -21.91 11.11 -47.89
CA THR E 31 -21.62 12.29 -47.09
C THR E 31 -21.34 11.79 -45.68
N PRO E 32 -20.17 12.06 -45.12
CA PRO E 32 -19.73 11.32 -43.94
C PRO E 32 -20.42 11.84 -42.70
N LYS E 33 -20.70 10.93 -41.79
CA LYS E 33 -21.46 11.29 -40.62
C LYS E 33 -20.60 12.10 -39.67
N ASP E 34 -21.26 12.82 -38.77
CA ASP E 34 -20.56 13.63 -37.79
C ASP E 34 -19.94 12.79 -36.68
N THR E 35 -20.15 11.48 -36.70
CA THR E 35 -19.57 10.57 -35.76
C THR E 35 -18.52 9.67 -36.38
N ASP E 36 -18.29 9.76 -37.68
CA ASP E 36 -17.24 8.99 -38.31
C ASP E 36 -15.87 9.51 -37.93
N ILE E 37 -14.85 8.70 -38.21
CA ILE E 37 -13.48 9.12 -37.99
C ILE E 37 -12.78 9.20 -39.31
N LEU E 38 -12.78 10.39 -39.89
CA LEU E 38 -12.31 10.58 -41.24
C LEU E 38 -10.80 10.54 -41.25
N ALA E 39 -10.24 10.10 -42.38
CA ALA E 39 -8.80 10.06 -42.54
C ALA E 39 -8.50 10.43 -43.97
N ALA E 40 -7.58 11.37 -44.17
CA ALA E 40 -7.24 11.86 -45.50
C ALA E 40 -5.85 11.37 -45.83
N PHE E 41 -5.77 10.26 -46.54
CA PHE E 41 -4.48 9.75 -46.95
C PHE E 41 -3.93 10.58 -48.09
N ARG E 42 -2.69 10.34 -48.48
CA ARG E 42 -2.11 10.97 -49.66
C ARG E 42 -1.54 9.84 -50.48
N VAL E 43 -2.38 9.21 -51.29
CA VAL E 43 -1.98 7.99 -51.97
C VAL E 43 -1.14 8.35 -53.17
N THR E 44 -0.04 7.63 -53.38
CA THR E 44 0.74 7.70 -54.61
C THR E 44 0.73 6.28 -55.18
N PRO E 45 -0.23 5.94 -56.03
CA PRO E 45 -0.38 4.55 -56.43
C PRO E 45 0.67 4.14 -57.44
N GLN E 46 0.83 2.83 -57.58
CA GLN E 46 1.72 2.25 -58.57
C GLN E 46 1.28 2.66 -59.98
N PRO E 47 2.18 2.67 -60.95
CA PRO E 47 1.76 3.00 -62.32
C PRO E 47 0.81 1.95 -62.88
N GLY E 48 -0.27 2.42 -63.47
CA GLY E 48 -1.31 1.56 -63.96
C GLY E 48 -2.47 1.37 -63.02
N VAL E 49 -2.29 1.64 -61.73
CA VAL E 49 -3.38 1.54 -60.76
C VAL E 49 -4.26 2.78 -60.90
N PRO E 50 -5.55 2.62 -61.19
CA PRO E 50 -6.42 3.79 -61.28
C PRO E 50 -6.74 4.35 -59.91
N PHE E 51 -7.19 5.60 -59.90
CA PHE E 51 -7.36 6.29 -58.63
C PHE E 51 -8.58 5.82 -57.86
N GLU E 52 -9.61 5.34 -58.53
CA GLU E 52 -10.74 4.81 -57.78
C GLU E 52 -10.39 3.48 -57.12
N GLU E 53 -9.50 2.71 -57.72
CA GLU E 53 -9.23 1.37 -57.21
C GLU E 53 -8.26 1.40 -56.04
N ALA E 54 -7.29 2.31 -56.05
CA ALA E 54 -6.40 2.42 -54.89
C ALA E 54 -7.07 3.11 -53.73
N ALA E 55 -7.98 4.04 -53.99
CA ALA E 55 -8.72 4.69 -52.90
C ALA E 55 -9.72 3.74 -52.28
N ALA E 56 -10.24 2.80 -53.06
CA ALA E 56 -11.02 1.72 -52.47
C ALA E 56 -10.11 0.72 -51.79
N ALA E 57 -8.80 0.76 -52.07
CA ALA E 57 -7.87 -0.18 -51.47
C ALA E 57 -7.19 0.39 -50.25
N VAL E 58 -7.02 1.72 -50.16
CA VAL E 58 -6.56 2.29 -48.89
C VAL E 58 -7.67 2.31 -47.87
N ALA E 59 -8.92 2.20 -48.32
CA ALA E 59 -10.03 1.94 -47.43
C ALA E 59 -10.27 0.47 -47.23
N ALA E 60 -9.65 -0.39 -48.03
CA ALA E 60 -9.87 -1.82 -47.90
C ALA E 60 -9.06 -2.38 -46.75
N GLU E 61 -7.73 -2.37 -46.87
CA GLU E 61 -6.92 -3.07 -45.89
C GLU E 61 -6.73 -2.30 -44.60
N SER E 62 -7.31 -1.12 -44.47
CA SER E 62 -7.51 -0.52 -43.16
C SER E 62 -8.87 -0.89 -42.57
N SER E 63 -9.51 -1.94 -43.10
CA SER E 63 -10.65 -2.60 -42.49
C SER E 63 -10.62 -4.04 -42.99
N THR E 64 -11.62 -4.84 -42.61
CA THR E 64 -12.38 -5.77 -43.48
C THR E 64 -11.66 -6.10 -44.80
N GLY E 65 -10.47 -6.68 -44.71
CA GLY E 65 -9.65 -6.92 -45.88
C GLY E 65 -10.18 -7.94 -46.88
N ASP E 77 -21.99 -8.60 -41.81
CA ASP E 77 -21.49 -7.59 -40.88
C ASP E 77 -20.42 -6.71 -41.53
N LEU E 78 -20.65 -6.31 -42.76
CA LEU E 78 -19.64 -5.52 -43.45
C LEU E 78 -20.20 -4.20 -43.97
N ASP E 79 -21.51 -4.00 -43.97
CA ASP E 79 -22.08 -2.77 -44.48
C ASP E 79 -22.07 -1.65 -43.45
N ARG E 80 -21.93 -1.98 -42.17
CA ARG E 80 -21.90 -0.95 -41.16
C ARG E 80 -20.49 -0.70 -40.65
N TYR E 81 -19.67 -1.75 -40.57
CA TYR E 81 -18.28 -1.63 -40.15
C TYR E 81 -17.36 -1.71 -41.36
N LYS E 82 -17.33 -0.68 -42.18
CA LYS E 82 -16.39 -0.67 -43.29
C LYS E 82 -15.73 0.69 -43.35
N GLY E 83 -14.41 0.71 -43.50
CA GLY E 83 -13.74 1.93 -43.86
C GLY E 83 -14.00 2.16 -45.32
N ARG E 84 -14.65 3.27 -45.63
CA ARG E 84 -15.07 3.52 -47.00
C ARG E 84 -14.53 4.86 -47.47
N CYS E 85 -14.16 4.93 -48.74
CA CYS E 85 -13.67 6.17 -49.32
C CYS E 85 -14.83 6.95 -49.90
N TYR E 86 -14.79 8.26 -49.76
CA TYR E 86 -15.90 9.05 -50.25
C TYR E 86 -15.49 10.26 -51.08
N ASP E 87 -14.20 10.49 -51.30
CA ASP E 87 -13.79 11.58 -52.17
C ASP E 87 -12.38 11.27 -52.65
N ILE E 88 -12.04 11.78 -53.83
CA ILE E 88 -10.73 11.54 -54.44
C ILE E 88 -9.81 12.74 -54.27
N GLU E 89 -10.18 13.89 -54.83
CA GLU E 89 -9.45 15.16 -54.80
C GLU E 89 -7.99 15.02 -55.20
N PRO E 90 -7.66 14.95 -56.48
CA PRO E 90 -6.27 14.82 -56.90
C PRO E 90 -5.45 16.03 -56.46
N VAL E 91 -4.18 15.76 -56.14
CA VAL E 91 -3.26 16.79 -55.66
C VAL E 91 -3.01 17.79 -56.78
N PRO E 92 -3.31 19.06 -56.57
CA PRO E 92 -3.09 20.05 -57.62
C PRO E 92 -1.62 20.30 -57.82
N GLY E 93 -1.21 20.38 -59.07
CA GLY E 93 0.18 20.57 -59.42
C GLY E 93 0.98 19.29 -59.54
N GLU E 94 0.33 18.13 -59.51
CA GLU E 94 1.06 16.87 -59.53
C GLU E 94 0.15 15.75 -59.99
N ASP E 95 0.64 14.94 -60.91
CA ASP E 95 -0.07 13.75 -61.36
C ASP E 95 0.33 12.57 -60.48
N ASN E 96 -0.41 11.47 -60.64
CA ASN E 96 -0.11 10.17 -60.01
C ASN E 96 -0.12 10.27 -58.49
N GLN E 97 -0.99 11.14 -57.95
CA GLN E 97 -1.08 11.31 -56.51
C GLN E 97 -2.39 11.99 -56.19
N PHE E 98 -3.06 11.53 -55.13
CA PHE E 98 -4.37 12.06 -54.77
C PHE E 98 -4.55 11.93 -53.26
N ILE E 99 -5.67 12.43 -52.76
CA ILE E 99 -5.89 12.58 -51.33
C ILE E 99 -7.18 11.83 -50.99
N ALA E 100 -7.06 10.55 -50.66
CA ALA E 100 -8.21 9.67 -50.52
C ALA E 100 -8.84 9.85 -49.15
N TYR E 101 -10.02 10.46 -49.09
CA TYR E 101 -10.69 10.70 -47.82
C TYR E 101 -11.42 9.44 -47.40
N ILE E 102 -10.96 8.79 -46.35
CA ILE E 102 -11.56 7.55 -45.88
C ILE E 102 -12.44 7.89 -44.69
N ALA E 103 -13.55 7.18 -44.53
CA ALA E 103 -14.54 7.51 -43.52
C ALA E 103 -14.78 6.29 -42.64
N TYR E 104 -13.99 6.13 -41.66
CA TYR E 104 -14.14 4.98 -40.78
C TYR E 104 -15.28 5.22 -39.80
N PRO E 105 -16.06 4.20 -39.46
CA PRO E 105 -17.14 4.39 -38.50
C PRO E 105 -16.59 4.55 -37.11
N LEU E 106 -17.45 5.01 -36.20
CA LEU E 106 -17.00 5.25 -34.85
C LEU E 106 -16.82 3.94 -34.11
N ASP E 107 -17.78 3.05 -34.20
CA ASP E 107 -17.79 1.85 -33.40
C ASP E 107 -16.85 0.79 -33.86
N LEU E 108 -15.93 1.10 -34.76
CA LEU E 108 -14.83 0.23 -35.08
C LEU E 108 -13.70 0.36 -34.08
N PHE E 109 -13.63 1.50 -33.39
CA PHE E 109 -12.46 1.93 -32.66
C PHE E 109 -12.72 1.91 -31.16
N GLU E 110 -11.65 1.79 -30.39
CA GLU E 110 -11.73 1.65 -28.94
C GLU E 110 -11.91 3.00 -28.27
N GLU E 111 -12.84 3.06 -27.32
CA GLU E 111 -13.08 4.27 -26.55
C GLU E 111 -11.85 4.59 -25.72
N GLY E 112 -11.12 5.62 -26.10
CA GLY E 112 -10.03 6.08 -25.29
C GLY E 112 -8.67 5.58 -25.69
N SER E 113 -8.54 4.97 -26.87
CA SER E 113 -7.30 4.35 -27.30
C SER E 113 -6.86 4.94 -28.62
N ILE E 114 -5.71 5.63 -28.59
CA ILE E 114 -5.10 6.14 -29.81
C ILE E 114 -4.09 5.16 -30.37
N THR E 115 -3.74 4.13 -29.60
CA THR E 115 -3.03 3.02 -30.19
C THR E 115 -3.94 2.04 -30.92
N ASN E 116 -5.27 2.24 -30.86
CA ASN E 116 -6.17 1.47 -31.70
C ASN E 116 -6.58 2.25 -32.93
N VAL E 117 -6.44 3.57 -32.92
CA VAL E 117 -6.64 4.31 -34.16
C VAL E 117 -5.49 4.05 -35.10
N LEU E 118 -4.27 4.07 -34.59
CA LEU E 118 -3.12 3.81 -35.43
C LEU E 118 -2.93 2.33 -35.73
N THR E 119 -3.55 1.43 -34.96
CA THR E 119 -3.50 0.04 -35.36
C THR E 119 -4.52 -0.22 -36.45
N SER E 120 -5.66 0.47 -36.39
CA SER E 120 -6.72 0.20 -37.33
C SER E 120 -6.49 0.92 -38.64
N ILE E 121 -6.20 2.22 -38.56
CA ILE E 121 -6.09 3.02 -39.77
C ILE E 121 -4.78 2.76 -40.48
N VAL E 122 -3.66 3.05 -39.83
CA VAL E 122 -2.37 2.94 -40.48
C VAL E 122 -1.67 1.64 -40.11
N GLY E 123 -2.42 0.62 -39.69
CA GLY E 123 -1.79 -0.64 -39.42
C GLY E 123 -1.30 -1.39 -40.64
N ASN E 124 -2.22 -1.87 -41.46
CA ASN E 124 -1.86 -2.75 -42.57
C ASN E 124 -2.23 -2.12 -43.90
N VAL E 125 -2.14 -0.80 -44.01
CA VAL E 125 -2.51 -0.11 -45.23
C VAL E 125 -1.32 0.51 -45.94
N PHE E 126 -0.21 0.79 -45.25
CA PHE E 126 0.89 1.43 -45.94
C PHE E 126 1.71 0.43 -46.70
N GLY E 127 1.62 -0.83 -46.33
CA GLY E 127 2.34 -1.91 -46.97
C GLY E 127 1.59 -2.56 -48.09
N PHE E 128 0.46 -2.00 -48.49
CA PHE E 128 -0.31 -2.57 -49.58
C PHE E 128 0.43 -2.35 -50.89
N LYS E 129 0.46 -3.38 -51.72
CA LYS E 129 1.45 -3.46 -52.78
C LYS E 129 1.10 -2.65 -54.01
N ALA E 130 -0.14 -2.22 -54.17
CA ALA E 130 -0.55 -1.43 -55.32
C ALA E 130 -0.43 0.06 -55.06
N LEU E 131 0.47 0.44 -54.17
CA LEU E 131 0.64 1.80 -53.69
C LEU E 131 2.12 2.06 -53.57
N ARG E 132 2.62 3.05 -54.30
CA ARG E 132 4.05 3.31 -54.25
C ARG E 132 4.42 4.04 -52.98
N ALA E 133 3.57 4.93 -52.51
CA ALA E 133 3.80 5.63 -51.26
C ALA E 133 2.48 6.13 -50.74
N LEU E 134 2.16 5.80 -49.50
CA LEU E 134 0.91 6.21 -48.88
C LEU E 134 1.22 7.03 -47.65
N ARG E 135 0.67 8.24 -47.57
CA ARG E 135 0.94 9.16 -46.48
C ARG E 135 -0.36 9.59 -45.83
N LEU E 136 -0.47 9.40 -44.53
CA LEU E 136 -1.65 9.88 -43.82
C LEU E 136 -1.47 11.35 -43.53
N GLU E 137 -2.19 12.20 -44.27
CA GLU E 137 -2.02 13.62 -44.09
C GLU E 137 -2.74 14.11 -42.85
N ASP E 138 -4.05 13.95 -42.78
CA ASP E 138 -4.82 14.48 -41.68
C ASP E 138 -5.88 13.45 -41.29
N ILE E 139 -6.50 13.68 -40.15
CA ILE E 139 -7.47 12.75 -39.58
C ILE E 139 -8.46 13.58 -38.78
N ARG E 140 -9.72 13.18 -38.75
CA ARG E 140 -10.72 13.94 -38.01
C ARG E 140 -11.30 13.06 -36.92
N PHE E 141 -10.80 13.21 -35.73
CA PHE E 141 -11.46 12.64 -34.59
C PHE E 141 -12.70 13.47 -34.32
N PRO E 142 -13.88 12.88 -34.25
CA PRO E 142 -15.09 13.66 -34.07
C PRO E 142 -15.24 14.09 -32.62
N VAL E 143 -16.29 14.86 -32.36
CA VAL E 143 -16.67 15.21 -31.01
C VAL E 143 -17.07 13.96 -30.23
N ALA E 144 -17.58 12.94 -30.93
CA ALA E 144 -18.01 11.71 -30.30
C ALA E 144 -16.87 10.89 -29.76
N TYR E 145 -15.68 11.02 -30.32
CA TYR E 145 -14.55 10.18 -29.96
C TYR E 145 -13.48 10.94 -29.22
N ILE E 146 -13.47 12.26 -29.31
CA ILE E 146 -12.59 13.07 -28.48
C ILE E 146 -13.03 13.01 -27.02
N LYS E 147 -14.32 12.87 -26.77
CA LYS E 147 -14.79 12.81 -25.39
C LYS E 147 -14.40 11.53 -24.67
N THR E 148 -14.09 10.47 -25.40
CA THR E 148 -13.61 9.26 -24.74
C THR E 148 -12.19 9.42 -24.21
N PHE E 149 -11.39 10.29 -24.81
CA PHE E 149 -10.01 10.50 -24.41
C PHE E 149 -9.92 11.42 -23.23
N GLN E 150 -8.71 11.60 -22.73
CA GLN E 150 -8.47 12.50 -21.64
C GLN E 150 -8.15 13.89 -22.11
N GLY E 151 -7.49 14.01 -23.23
CA GLY E 151 -6.94 15.27 -23.64
C GLY E 151 -5.62 15.42 -22.96
N PRO E 152 -5.08 16.63 -22.94
CA PRO E 152 -3.93 16.91 -22.15
C PRO E 152 -4.26 16.83 -20.68
N PRO E 153 -3.27 16.56 -19.82
CA PRO E 153 -3.48 16.74 -18.39
C PRO E 153 -3.92 18.13 -18.04
N HIS E 154 -3.22 19.14 -18.55
CA HIS E 154 -3.51 20.52 -18.27
C HIS E 154 -3.39 21.24 -19.60
N GLY E 155 -4.28 22.15 -19.86
CA GLY E 155 -4.29 22.80 -21.16
C GLY E 155 -3.23 23.84 -21.37
N ILE E 156 -3.62 24.89 -22.09
CA ILE E 156 -2.88 26.13 -22.04
C ILE E 156 -3.29 26.91 -20.82
N GLN E 157 -4.58 27.00 -20.57
CA GLN E 157 -5.07 27.83 -19.50
C GLN E 157 -4.75 27.24 -18.14
N VAL E 158 -4.80 25.91 -18.03
CA VAL E 158 -4.59 25.32 -16.72
C VAL E 158 -3.12 25.28 -16.40
N GLU E 159 -2.29 25.04 -17.40
CA GLU E 159 -0.84 25.06 -17.21
C GLU E 159 -0.36 26.43 -16.80
N ARG E 160 -0.77 27.48 -17.50
CA ARG E 160 -0.36 28.84 -17.13
C ARG E 160 -0.88 29.26 -15.78
N ASP E 161 -2.02 28.73 -15.36
CA ASP E 161 -2.47 29.03 -14.01
C ASP E 161 -1.58 28.37 -12.97
N LYS E 162 -1.11 27.17 -13.23
CA LYS E 162 -0.24 26.46 -12.30
C LYS E 162 1.13 27.10 -12.22
N LEU E 163 1.62 27.62 -13.33
CA LEU E 163 2.94 28.22 -13.39
C LEU E 163 2.94 29.70 -13.06
N ASN E 164 1.76 30.33 -13.10
CA ASN E 164 1.59 31.77 -12.89
C ASN E 164 2.43 32.57 -13.87
N LYS E 165 2.48 32.12 -15.12
CA LYS E 165 3.24 32.76 -16.18
C LYS E 165 2.29 33.21 -17.28
N TYR E 166 1.98 34.50 -17.33
CA TYR E 166 0.90 34.98 -18.18
C TYR E 166 1.37 35.97 -19.22
N GLY E 167 0.77 35.90 -20.39
CA GLY E 167 0.90 36.95 -21.38
C GLY E 167 2.20 37.01 -22.12
N ARG E 168 2.96 35.92 -22.12
CA ARG E 168 4.21 35.88 -22.84
C ARG E 168 4.50 34.44 -23.18
N PRO E 169 5.21 34.19 -24.28
CA PRO E 169 5.63 32.82 -24.56
C PRO E 169 6.80 32.45 -23.66
N LEU E 170 6.75 31.25 -23.11
CA LEU E 170 7.69 30.77 -22.12
C LEU E 170 9.05 30.51 -22.76
N LEU E 171 10.01 30.03 -21.96
CA LEU E 171 11.36 29.88 -22.46
C LEU E 171 11.91 28.49 -22.21
N GLY E 172 13.09 28.25 -22.76
CA GLY E 172 13.79 27.01 -22.51
C GLY E 172 15.22 26.98 -23.00
N CYS E 173 16.14 26.50 -22.17
CA CYS E 173 17.41 25.99 -22.65
C CYS E 173 17.22 24.54 -23.01
N THR E 174 18.17 24.03 -23.76
CA THR E 174 18.45 22.62 -23.84
C THR E 174 19.91 22.48 -23.43
N ILE E 175 20.19 21.66 -22.42
CA ILE E 175 21.48 21.67 -21.76
C ILE E 175 22.53 21.10 -22.70
N LYS E 176 23.35 21.98 -23.29
CA LYS E 176 24.44 21.48 -24.08
C LYS E 176 25.74 21.50 -23.27
N PRO E 177 26.56 20.44 -23.32
CA PRO E 177 26.52 19.24 -24.15
C PRO E 177 25.46 18.27 -23.72
N LYS E 178 24.99 17.44 -24.63
CA LYS E 178 24.00 16.44 -24.26
C LYS E 178 24.58 15.45 -23.27
N LEU E 179 25.54 14.67 -23.72
CA LEU E 179 26.03 13.52 -23.01
C LEU E 179 27.17 13.92 -22.11
N GLY E 180 27.48 13.03 -21.17
CA GLY E 180 28.69 13.13 -20.42
C GLY E 180 28.56 13.86 -19.11
N LEU E 181 27.70 14.86 -19.04
CA LEU E 181 27.56 15.67 -17.83
C LEU E 181 27.03 14.84 -16.69
N SER E 182 27.81 14.74 -15.64
CA SER E 182 27.41 14.09 -14.41
C SER E 182 26.22 14.81 -13.83
N ALA E 183 25.51 14.11 -12.95
CA ALA E 183 24.19 14.52 -12.51
C ALA E 183 24.19 15.86 -11.81
N LYS E 184 25.29 16.23 -11.16
CA LYS E 184 25.38 17.54 -10.53
C LYS E 184 25.86 18.59 -11.49
N ASN E 185 26.85 18.27 -12.33
CA ASN E 185 27.31 19.24 -13.32
C ASN E 185 26.24 19.48 -14.37
N TYR E 186 25.36 18.51 -14.58
CA TYR E 186 24.16 18.74 -15.34
C TYR E 186 23.21 19.64 -14.59
N GLY E 187 23.08 19.43 -13.28
CA GLY E 187 22.23 20.30 -12.48
C GLY E 187 22.78 21.69 -12.33
N ARG E 188 24.10 21.84 -12.38
CA ARG E 188 24.68 23.17 -12.29
C ARG E 188 24.46 23.95 -13.57
N ALA E 189 24.41 23.27 -14.71
CA ALA E 189 24.05 23.93 -15.95
C ALA E 189 22.55 24.21 -16.03
N VAL E 190 21.75 23.49 -15.25
CA VAL E 190 20.32 23.79 -15.17
C VAL E 190 20.11 25.00 -14.28
N TYR E 191 20.82 25.05 -13.16
CA TYR E 191 20.76 26.21 -12.28
C TYR E 191 21.25 27.46 -12.96
N GLU E 192 22.20 27.33 -13.87
CA GLU E 192 22.76 28.50 -14.50
C GLU E 192 21.83 29.04 -15.57
N CYS E 193 21.18 28.17 -16.35
CA CYS E 193 20.16 28.64 -17.28
C CYS E 193 18.96 29.21 -16.54
N LEU E 194 18.47 28.53 -15.51
CA LEU E 194 17.25 28.98 -14.86
C LEU E 194 17.43 30.20 -13.99
N ARG E 195 18.67 30.59 -13.65
CA ARG E 195 18.86 31.87 -13.00
C ARG E 195 18.53 33.02 -13.92
N GLY E 196 18.89 32.92 -15.18
CA GLY E 196 18.77 34.04 -16.07
C GLY E 196 17.38 34.24 -16.63
N GLY E 197 16.35 34.04 -15.82
CA GLY E 197 15.02 34.32 -16.28
C GLY E 197 14.45 33.33 -17.23
N LEU E 198 15.03 32.16 -17.30
CA LEU E 198 14.53 31.15 -18.19
C LEU E 198 13.47 30.37 -17.46
N ASP E 199 12.36 30.12 -18.13
CA ASP E 199 11.27 29.46 -17.44
C ASP E 199 11.56 27.98 -17.23
N PHE E 200 11.77 27.26 -18.30
CA PHE E 200 11.98 25.82 -18.24
C PHE E 200 13.34 25.48 -18.79
N THR E 201 13.75 24.25 -18.55
CA THR E 201 15.02 23.76 -19.04
C THR E 201 14.86 22.30 -19.40
N LYS E 202 15.13 21.96 -20.64
CA LYS E 202 14.74 20.67 -21.16
C LYS E 202 15.80 19.64 -20.85
N ASP E 203 15.36 18.45 -20.49
CA ASP E 203 16.24 17.30 -20.48
C ASP E 203 16.25 16.71 -21.87
N ASP E 204 17.36 16.09 -22.25
CA ASP E 204 17.51 15.71 -23.65
C ASP E 204 16.64 14.50 -24.00
N GLU E 205 16.67 14.16 -25.28
CA GLU E 205 16.05 12.92 -25.73
C GLU E 205 16.75 11.71 -25.15
N ASN E 206 18.03 11.57 -25.45
CA ASN E 206 18.80 10.40 -25.11
C ASN E 206 19.32 10.41 -23.69
N ILE E 207 18.84 11.30 -22.86
CA ILE E 207 19.14 11.27 -21.44
C ILE E 207 17.91 10.69 -20.76
N ASN E 208 17.92 9.38 -20.53
CA ASN E 208 16.95 8.76 -19.65
C ASN E 208 17.61 8.29 -18.37
N SER E 209 18.54 7.36 -18.50
CA SER E 209 19.54 7.07 -17.49
C SER E 209 20.63 6.33 -18.22
N ALA E 210 21.87 6.54 -17.79
CA ALA E 210 23.01 6.03 -18.50
C ALA E 210 24.17 6.04 -17.52
N PRO E 211 25.18 5.18 -17.70
CA PRO E 211 26.15 4.97 -16.61
C PRO E 211 26.95 6.19 -16.16
N PHE E 212 26.90 7.29 -16.90
CA PHE E 212 27.46 8.55 -16.43
C PHE E 212 26.45 9.39 -15.65
N GLN E 213 25.17 9.12 -15.78
CA GLN E 213 24.14 9.95 -15.19
C GLN E 213 22.86 9.15 -15.04
N ARG E 214 22.55 8.76 -13.82
CA ARG E 214 21.36 8.00 -13.53
C ARG E 214 20.20 8.96 -13.30
N TRP E 215 18.99 8.47 -13.54
CA TRP E 215 17.84 9.34 -13.44
C TRP E 215 17.56 9.72 -12.01
N ARG E 216 17.86 8.84 -11.06
CA ARG E 216 17.56 9.09 -9.65
C ARG E 216 18.42 10.21 -9.14
N ASP E 217 19.61 10.35 -9.69
CA ASP E 217 20.57 11.38 -9.33
C ASP E 217 20.50 12.55 -10.28
N ARG E 218 20.11 12.35 -11.53
CA ARG E 218 19.78 13.51 -12.35
C ARG E 218 18.58 14.24 -11.79
N PHE E 219 17.56 13.51 -11.34
CA PHE E 219 16.34 14.18 -10.88
C PHE E 219 16.58 14.86 -9.54
N LEU E 220 17.49 14.33 -8.75
CA LEU E 220 17.77 14.91 -7.45
C LEU E 220 18.51 16.22 -7.60
N PHE E 221 19.58 16.22 -8.37
CA PHE E 221 20.42 17.40 -8.50
C PHE E 221 19.85 18.42 -9.46
N VAL E 222 18.75 18.12 -10.13
CA VAL E 222 18.01 19.10 -10.89
C VAL E 222 16.94 19.76 -10.03
N ALA E 223 16.23 18.96 -9.23
CA ALA E 223 15.27 19.53 -8.31
C ALA E 223 15.95 20.29 -7.17
N ASP E 224 17.24 20.07 -6.94
CA ASP E 224 18.00 20.93 -6.05
C ASP E 224 18.56 22.14 -6.75
N ALA E 225 18.51 22.18 -8.08
CA ALA E 225 18.86 23.36 -8.84
C ALA E 225 17.66 24.18 -9.22
N ILE E 226 16.46 23.64 -9.05
CA ILE E 226 15.25 24.40 -9.28
C ILE E 226 14.84 25.14 -8.03
N THR E 227 14.91 24.49 -6.88
CA THR E 227 14.60 25.18 -5.63
C THR E 227 15.63 26.23 -5.26
N LYS E 228 16.79 26.26 -5.91
CA LYS E 228 17.64 27.42 -5.73
C LYS E 228 17.34 28.49 -6.76
N ALA E 229 17.06 28.10 -8.00
CA ALA E 229 16.74 29.07 -9.03
C ALA E 229 15.32 29.61 -8.93
N GLN E 230 14.45 28.96 -8.17
CA GLN E 230 13.14 29.53 -7.87
C GLN E 230 13.18 30.35 -6.60
N ALA E 231 14.11 30.08 -5.70
CA ALA E 231 14.25 30.94 -4.53
C ALA E 231 15.01 32.21 -4.85
N GLU E 232 16.00 32.14 -5.73
CA GLU E 232 16.73 33.31 -6.19
C GLU E 232 15.82 34.27 -6.94
N THR E 233 15.29 33.85 -8.08
CA THR E 233 14.26 34.60 -8.80
C THR E 233 12.94 33.91 -8.53
N GLY E 234 11.99 34.63 -7.95
CA GLY E 234 10.79 34.05 -7.37
C GLY E 234 9.85 33.33 -8.31
N GLU E 235 10.12 33.36 -9.61
CA GLU E 235 9.25 32.78 -10.63
C GLU E 235 9.26 31.26 -10.50
N ILE E 236 8.20 30.61 -10.96
CA ILE E 236 8.09 29.16 -10.84
C ILE E 236 8.99 28.53 -11.91
N LYS E 237 10.16 28.08 -11.51
CA LYS E 237 11.08 27.48 -12.46
C LYS E 237 10.81 26.00 -12.53
N GLY E 238 11.03 25.41 -13.70
CA GLY E 238 10.77 24.02 -13.91
C GLY E 238 11.80 23.42 -14.84
N HIS E 239 11.79 22.10 -14.92
CA HIS E 239 12.72 21.37 -15.75
C HIS E 239 11.97 20.16 -16.26
N TYR E 240 12.11 19.89 -17.54
CA TYR E 240 11.35 18.83 -18.19
C TYR E 240 12.05 17.52 -17.90
N LEU E 241 11.84 16.97 -16.72
CA LEU E 241 12.56 15.77 -16.31
C LEU E 241 12.14 14.57 -17.14
N ASN E 242 13.09 13.98 -17.85
CA ASN E 242 12.81 12.94 -18.83
C ASN E 242 12.47 11.64 -18.12
N VAL E 243 11.22 11.23 -18.21
CA VAL E 243 10.77 10.01 -17.57
C VAL E 243 10.62 8.87 -18.56
N THR E 244 11.13 9.02 -19.78
CA THR E 244 11.06 7.95 -20.75
C THR E 244 11.90 6.78 -20.28
N ALA E 245 11.33 5.60 -20.24
CA ALA E 245 11.96 4.48 -19.55
C ALA E 245 11.75 3.23 -20.37
N PRO E 246 12.50 2.15 -20.08
CA PRO E 246 12.23 0.89 -20.77
C PRO E 246 10.86 0.30 -20.50
N THR E 247 10.39 0.26 -19.27
CA THR E 247 9.10 -0.32 -18.97
C THR E 247 8.15 0.75 -18.43
N CYS E 248 6.85 0.46 -18.46
CA CYS E 248 5.89 1.37 -17.84
C CYS E 248 5.92 1.31 -16.33
N GLU E 249 6.57 0.32 -15.73
CA GLU E 249 6.78 0.35 -14.29
C GLU E 249 7.97 1.22 -13.93
N GLU E 250 8.96 1.25 -14.81
CA GLU E 250 10.14 2.08 -14.61
C GLU E 250 9.89 3.49 -15.10
N MET E 251 8.76 3.73 -15.76
CA MET E 251 8.41 5.08 -16.18
C MET E 251 7.59 5.78 -15.13
N LEU E 252 6.73 5.04 -14.45
CA LEU E 252 5.92 5.67 -13.44
C LEU E 252 6.68 5.80 -12.13
N LYS E 253 7.61 4.89 -11.85
CA LYS E 253 8.48 5.12 -10.70
C LYS E 253 9.54 6.14 -10.96
N ARG E 254 9.69 6.56 -12.21
CA ARG E 254 10.51 7.68 -12.59
C ARG E 254 9.69 8.95 -12.62
N ALA E 255 8.38 8.84 -12.70
CA ALA E 255 7.52 10.00 -12.61
C ALA E 255 6.97 10.19 -11.20
N GLU E 256 6.72 9.11 -10.46
CA GLU E 256 6.38 9.23 -9.05
C GLU E 256 7.53 9.77 -8.23
N TYR E 257 8.75 9.73 -8.74
CA TYR E 257 9.84 10.38 -8.03
C TYR E 257 9.94 11.85 -8.40
N ALA E 258 9.64 12.21 -9.63
CA ALA E 258 9.55 13.62 -9.94
C ALA E 258 8.31 14.26 -9.32
N LYS E 259 7.29 13.48 -9.01
CA LYS E 259 6.20 14.02 -8.21
C LYS E 259 6.66 14.34 -6.80
N GLU E 260 7.43 13.45 -6.18
CA GLU E 260 7.82 13.64 -4.80
C GLU E 260 9.08 14.46 -4.62
N LEU E 261 9.59 15.04 -5.70
CA LEU E 261 10.47 16.20 -5.60
C LEU E 261 9.72 17.49 -5.76
N LYS E 262 8.39 17.41 -5.85
CA LYS E 262 7.47 18.54 -6.01
C LYS E 262 7.78 19.30 -7.31
N GLN E 263 8.08 18.56 -8.36
CA GLN E 263 8.44 19.13 -9.65
C GLN E 263 7.19 19.51 -10.44
N PRO E 264 7.24 20.63 -11.16
CA PRO E 264 6.05 21.07 -11.87
C PRO E 264 5.78 20.30 -13.13
N ILE E 265 6.81 19.76 -13.76
CA ILE E 265 6.70 19.25 -15.13
C ILE E 265 7.65 18.08 -15.30
N ILE E 266 7.24 17.13 -16.14
CA ILE E 266 8.10 16.07 -16.66
C ILE E 266 8.00 16.10 -18.17
N MET E 267 8.72 15.19 -18.82
CA MET E 267 8.65 15.10 -20.26
C MET E 267 8.73 13.65 -20.69
N HIS E 268 8.37 13.39 -21.93
CA HIS E 268 8.21 12.02 -22.38
C HIS E 268 8.35 11.98 -23.89
N ASP E 269 9.26 11.17 -24.39
CA ASP E 269 9.46 10.97 -25.82
C ASP E 269 8.38 10.03 -26.31
N TYR E 270 7.35 10.56 -26.92
CA TYR E 270 6.10 9.82 -27.00
C TYR E 270 6.02 8.90 -28.21
N LEU E 271 6.97 8.96 -29.13
CA LEU E 271 6.93 8.08 -30.28
C LEU E 271 7.94 6.96 -30.22
N THR E 272 8.96 7.08 -29.39
CA THR E 272 9.78 5.91 -29.10
C THR E 272 9.15 5.07 -28.00
N ALA E 273 8.56 5.72 -27.00
CA ALA E 273 7.87 5.04 -25.93
C ALA E 273 6.45 4.66 -26.27
N GLY E 274 5.85 5.29 -27.27
CA GLY E 274 4.58 4.83 -27.79
C GLY E 274 3.39 5.52 -27.19
N PHE E 275 2.23 5.17 -27.71
CA PHE E 275 0.97 5.73 -27.28
C PHE E 275 0.28 4.91 -26.21
N THR E 276 0.85 3.81 -25.79
CA THR E 276 0.32 3.14 -24.62
C THR E 276 1.05 3.62 -23.38
N ALA E 277 2.34 3.93 -23.52
CA ALA E 277 3.06 4.48 -22.38
C ALA E 277 2.77 5.96 -22.21
N ASN E 278 2.51 6.68 -23.29
CA ASN E 278 2.13 8.08 -23.16
C ASN E 278 0.75 8.22 -22.56
N THR E 279 -0.20 7.41 -22.99
CA THR E 279 -1.54 7.48 -22.44
C THR E 279 -1.57 6.98 -21.01
N THR E 280 -0.63 6.13 -20.63
CA THR E 280 -0.46 5.74 -19.24
C THR E 280 0.02 6.92 -18.41
N LEU E 281 0.92 7.70 -18.98
CA LEU E 281 1.52 8.83 -18.30
C LEU E 281 0.66 10.07 -18.37
N ALA E 282 -0.12 10.21 -19.45
CA ALA E 282 -1.19 11.20 -19.50
C ALA E 282 -2.16 11.05 -18.36
N ARG E 283 -2.66 9.83 -18.15
CA ARG E 283 -3.63 9.58 -17.10
C ARG E 283 -3.00 9.74 -15.74
N TRP E 284 -1.69 9.58 -15.65
CA TRP E 284 -0.98 9.78 -14.41
C TRP E 284 -0.78 11.27 -14.14
N CYS E 285 -0.31 12.01 -15.13
CA CYS E 285 0.00 13.43 -14.95
C CYS E 285 -1.24 14.25 -14.69
N ARG E 286 -2.39 13.83 -15.20
CA ARG E 286 -3.63 14.48 -14.80
C ARG E 286 -3.97 14.13 -13.36
N ASP E 287 -3.67 12.90 -12.95
CA ASP E 287 -4.03 12.44 -11.63
C ASP E 287 -2.91 12.63 -10.63
N ASN E 288 -1.87 13.38 -10.97
CA ASN E 288 -0.87 13.80 -10.01
C ASN E 288 -0.40 15.22 -10.22
N GLY E 289 -1.06 16.01 -11.05
CA GLY E 289 -0.79 17.42 -11.14
C GLY E 289 0.54 17.80 -11.76
N VAL E 290 1.19 16.88 -12.42
CA VAL E 290 2.47 17.12 -13.07
C VAL E 290 2.19 17.53 -14.50
N LEU E 291 2.85 18.57 -14.97
CA LEU E 291 2.67 18.92 -16.37
C LEU E 291 3.48 17.96 -17.22
N LEU E 292 3.11 17.79 -18.48
CA LEU E 292 3.77 16.83 -19.34
C LEU E 292 4.27 17.53 -20.59
N HIS E 293 5.57 17.40 -20.86
CA HIS E 293 6.19 18.00 -22.04
C HIS E 293 6.42 16.90 -23.05
N ILE E 294 5.51 16.73 -23.98
CA ILE E 294 5.69 15.67 -24.96
C ILE E 294 6.74 16.06 -25.99
N HIS E 295 7.76 15.25 -26.13
CA HIS E 295 8.82 15.48 -27.09
C HIS E 295 8.57 14.64 -28.31
N ARG E 296 8.81 15.18 -29.49
CA ARG E 296 8.55 14.44 -30.71
C ARG E 296 9.80 13.72 -31.20
N ALA E 297 10.40 12.94 -30.30
CA ALA E 297 11.52 12.10 -30.68
C ALA E 297 11.02 11.02 -31.63
N MET E 298 11.83 10.71 -32.63
CA MET E 298 11.55 9.76 -33.71
C MET E 298 10.31 10.17 -34.49
N HIS E 299 10.01 11.46 -34.57
CA HIS E 299 8.83 11.86 -35.33
C HIS E 299 9.15 11.90 -36.80
N ALA E 300 10.42 12.01 -37.14
CA ALA E 300 10.82 12.28 -38.49
C ALA E 300 11.15 11.03 -39.26
N VAL E 301 11.10 9.87 -38.62
CA VAL E 301 11.06 8.64 -39.37
C VAL E 301 9.76 8.58 -40.13
N ILE E 302 8.69 9.03 -39.51
CA ILE E 302 7.35 8.74 -40.00
C ILE E 302 6.65 9.95 -40.61
N ASP E 303 7.30 11.11 -40.75
CA ASP E 303 6.67 12.17 -41.51
C ASP E 303 7.55 12.94 -42.48
N ARG E 304 8.87 12.85 -42.38
CA ARG E 304 9.74 13.82 -43.03
C ARG E 304 9.77 13.68 -44.54
N GLN E 305 9.33 12.54 -45.07
CA GLN E 305 9.15 12.39 -46.50
C GLN E 305 7.77 12.87 -46.89
N LYS E 306 7.73 13.70 -47.93
CA LYS E 306 6.50 14.37 -48.30
C LYS E 306 5.52 13.48 -49.06
N ASN E 307 5.83 12.20 -49.26
CA ASN E 307 4.92 11.31 -49.96
C ASN E 307 4.56 10.05 -49.21
N HIS E 308 5.28 9.71 -48.13
CA HIS E 308 5.01 8.48 -47.40
C HIS E 308 5.27 8.69 -45.93
N GLY E 309 4.38 8.17 -45.11
CA GLY E 309 4.54 8.30 -43.67
C GLY E 309 3.25 8.71 -43.00
N ILE E 310 3.33 9.34 -41.84
CA ILE E 310 2.18 9.88 -41.15
C ILE E 310 2.52 11.31 -40.81
N HIS E 311 1.85 12.27 -41.46
CA HIS E 311 2.19 13.68 -41.27
C HIS E 311 1.97 14.08 -39.82
N PHE E 312 2.75 15.05 -39.36
CA PHE E 312 2.80 15.33 -37.94
C PHE E 312 1.51 15.94 -37.43
N ARG E 313 0.66 16.49 -38.30
CA ARG E 313 -0.62 16.97 -37.81
C ARG E 313 -1.56 15.84 -37.43
N VAL E 314 -1.28 14.62 -37.86
CA VAL E 314 -1.97 13.46 -37.30
C VAL E 314 -1.36 13.13 -35.95
N LEU E 315 -0.04 13.13 -35.87
CA LEU E 315 0.64 12.82 -34.62
C LEU E 315 0.47 13.93 -33.61
N ALA E 316 0.16 15.15 -34.05
CA ALA E 316 -0.14 16.22 -33.11
C ALA E 316 -1.55 16.07 -32.57
N LYS E 317 -2.49 15.63 -33.41
CA LYS E 317 -3.79 15.25 -32.93
C LYS E 317 -3.73 14.01 -32.07
N ALA E 318 -2.82 13.10 -32.37
CA ALA E 318 -2.75 11.86 -31.62
C ALA E 318 -2.25 12.06 -30.21
N LEU E 319 -1.40 13.06 -29.96
CA LEU E 319 -0.98 13.31 -28.59
C LEU E 319 -1.78 14.41 -27.93
N ARG E 320 -2.61 15.12 -28.67
CA ARG E 320 -3.56 15.92 -27.94
C ARG E 320 -4.64 15.02 -27.38
N LEU E 321 -4.88 13.87 -27.98
CA LEU E 321 -5.88 12.94 -27.48
C LEU E 321 -5.29 11.95 -26.48
N SER E 322 -4.02 11.64 -26.60
CA SER E 322 -3.30 11.21 -25.41
C SER E 322 -2.84 12.49 -24.72
N GLY E 323 -1.91 12.45 -23.81
CA GLY E 323 -1.65 13.65 -23.07
C GLY E 323 -0.50 14.44 -23.63
N GLY E 324 -0.49 15.70 -23.29
CA GLY E 324 0.71 16.48 -23.35
C GLY E 324 0.33 17.91 -23.13
N ASP E 325 1.02 18.61 -22.26
CA ASP E 325 0.77 20.03 -22.13
C ASP E 325 1.68 20.83 -23.02
N HIS E 326 2.68 20.17 -23.58
CA HIS E 326 3.57 20.78 -24.53
C HIS E 326 3.77 19.77 -25.65
N ILE E 327 4.19 20.25 -26.81
CA ILE E 327 4.69 19.39 -27.87
C ILE E 327 5.64 20.24 -28.69
N HIS E 328 6.76 19.66 -29.07
CA HIS E 328 7.61 20.32 -30.03
C HIS E 328 6.90 20.44 -31.36
N THR E 329 6.77 21.67 -31.85
CA THR E 329 6.36 21.89 -33.23
C THR E 329 7.52 22.44 -34.04
N GLY E 330 8.74 22.12 -33.66
CA GLY E 330 9.90 22.43 -34.43
C GLY E 330 10.25 23.89 -34.44
N THR E 331 10.18 24.51 -35.60
CA THR E 331 10.48 25.92 -35.71
C THR E 331 9.77 26.48 -36.93
N VAL E 332 9.69 27.80 -36.97
CA VAL E 332 9.09 28.51 -38.08
C VAL E 332 10.13 29.29 -38.87
N VAL E 333 11.28 29.61 -38.25
CA VAL E 333 12.21 30.56 -38.82
C VAL E 333 12.95 30.04 -40.05
N GLY E 334 13.12 28.74 -40.20
CA GLY E 334 13.88 28.23 -41.31
C GLY E 334 13.00 27.65 -42.39
N LYS E 335 11.80 28.19 -42.54
CA LYS E 335 10.77 27.58 -43.38
C LYS E 335 10.12 28.64 -44.24
N LEU E 336 9.66 28.23 -45.42
CA LEU E 336 9.06 29.15 -46.38
C LEU E 336 7.62 29.40 -45.99
N GLU E 337 6.84 30.01 -46.89
CA GLU E 337 5.47 30.36 -46.55
C GLU E 337 4.58 29.13 -46.46
N GLY E 338 4.79 28.17 -47.36
CA GLY E 338 4.01 26.95 -47.29
C GLY E 338 4.45 26.03 -46.17
N GLU E 339 5.76 25.95 -45.94
CA GLU E 339 6.27 25.09 -44.88
C GLU E 339 6.03 25.65 -43.49
N ARG E 340 5.74 26.95 -43.35
CA ARG E 340 5.28 27.46 -42.07
C ARG E 340 3.79 27.68 -42.05
N GLY E 341 3.12 27.64 -43.20
CA GLY E 341 1.68 27.50 -43.18
C GLY E 341 1.28 26.15 -42.62
N ILE E 342 1.97 25.09 -43.07
CA ILE E 342 1.74 23.76 -42.53
C ILE E 342 2.16 23.68 -41.07
N THR E 343 3.26 24.34 -40.72
CA THR E 343 3.72 24.36 -39.34
C THR E 343 2.76 25.13 -38.44
N MET E 344 2.25 26.27 -38.92
CA MET E 344 1.16 26.90 -38.19
C MET E 344 -0.15 26.19 -38.39
N GLY E 345 -0.22 25.22 -39.29
CA GLY E 345 -1.43 24.46 -39.47
C GLY E 345 -1.66 23.54 -38.30
N PHE E 346 -0.66 22.72 -37.95
CA PHE E 346 -0.89 21.86 -36.81
C PHE E 346 -0.68 22.55 -35.49
N VAL E 347 -0.05 23.71 -35.46
CA VAL E 347 0.00 24.47 -34.22
C VAL E 347 -1.39 24.94 -33.82
N ASP E 348 -2.24 25.29 -34.77
CA ASP E 348 -3.61 25.58 -34.43
C ASP E 348 -4.40 24.32 -34.10
N LEU E 349 -4.01 23.18 -34.67
CA LEU E 349 -4.74 21.94 -34.40
C LEU E 349 -4.50 21.45 -32.99
N LEU E 350 -3.31 21.68 -32.46
CA LEU E 350 -3.01 21.25 -31.10
C LEU E 350 -3.18 22.36 -30.10
N ARG E 351 -3.72 23.49 -30.49
CA ARG E 351 -3.84 24.54 -29.49
C ARG E 351 -5.19 25.25 -29.50
N GLU E 352 -5.88 25.29 -30.62
CA GLU E 352 -7.16 25.98 -30.74
C GLU E 352 -8.29 24.97 -30.68
N ASN E 353 -9.43 25.39 -30.16
CA ASN E 353 -10.57 24.50 -29.98
C ASN E 353 -11.19 24.09 -31.30
N TYR E 354 -11.47 25.05 -32.16
CA TYR E 354 -12.09 24.76 -33.44
C TYR E 354 -11.20 25.28 -34.53
N VAL E 355 -10.90 24.45 -35.51
CA VAL E 355 -10.05 24.81 -36.64
C VAL E 355 -10.76 24.44 -37.93
N GLU E 356 -10.93 25.43 -38.78
CA GLU E 356 -11.68 25.24 -40.01
C GLU E 356 -10.84 24.50 -41.02
N GLN E 357 -11.50 23.75 -41.88
CA GLN E 357 -10.89 23.01 -42.98
C GLN E 357 -10.22 23.96 -43.95
N ASP E 358 -8.90 24.02 -43.92
CA ASP E 358 -8.14 24.99 -44.72
C ASP E 358 -6.97 24.24 -45.35
N LYS E 359 -7.17 23.69 -46.54
CA LYS E 359 -6.23 22.74 -47.11
C LYS E 359 -4.93 23.38 -47.56
N SER E 360 -4.94 24.68 -47.84
CA SER E 360 -3.70 25.36 -48.20
C SER E 360 -2.78 25.49 -47.00
N ARG E 361 -3.36 25.63 -45.81
CA ARG E 361 -2.60 25.64 -44.58
C ARG E 361 -2.32 24.23 -44.09
N GLY E 362 -2.85 23.22 -44.77
CA GLY E 362 -2.54 21.84 -44.48
C GLY E 362 -3.63 21.08 -43.79
N ILE E 363 -4.50 21.77 -43.04
CA ILE E 363 -5.57 21.11 -42.30
C ILE E 363 -6.63 20.61 -43.28
N TYR E 364 -6.77 19.29 -43.40
CA TYR E 364 -7.70 18.73 -44.37
C TYR E 364 -9.13 18.58 -43.86
N PHE E 365 -9.35 18.54 -42.56
CA PHE E 365 -10.69 18.40 -42.01
C PHE E 365 -10.95 19.45 -40.95
N THR E 366 -12.15 19.99 -40.94
CA THR E 366 -12.59 20.86 -39.86
C THR E 366 -12.66 20.08 -38.55
N GLN E 367 -11.81 20.43 -37.62
CA GLN E 367 -11.64 19.67 -36.40
C GLN E 367 -12.26 20.42 -35.25
N ASP E 368 -13.30 19.86 -34.66
CA ASP E 368 -13.89 20.39 -33.46
C ASP E 368 -13.32 19.63 -32.28
N TRP E 369 -12.56 20.30 -31.43
CA TRP E 369 -11.94 19.57 -30.34
C TRP E 369 -12.83 19.40 -29.14
N ALA E 370 -14.03 19.95 -29.14
CA ALA E 370 -15.05 19.72 -28.12
C ALA E 370 -14.59 20.12 -26.72
N SER E 371 -14.07 21.35 -26.62
CA SER E 371 -13.56 21.94 -25.38
C SER E 371 -12.47 21.10 -24.75
N LEU E 372 -11.72 20.39 -25.54
CA LEU E 372 -10.60 19.68 -25.00
C LEU E 372 -9.51 20.70 -24.71
N PRO E 373 -8.71 20.47 -23.68
CA PRO E 373 -7.61 21.38 -23.37
C PRO E 373 -6.61 21.47 -24.50
N GLY E 374 -5.94 22.61 -24.59
CA GLY E 374 -4.95 22.79 -25.63
C GLY E 374 -3.64 22.17 -25.28
N VAL E 375 -2.71 22.20 -26.24
CA VAL E 375 -1.33 21.80 -26.00
C VAL E 375 -0.47 22.99 -26.39
N MET E 376 0.62 23.23 -25.65
CA MET E 376 1.56 24.27 -26.05
C MET E 376 2.24 23.90 -27.35
N ALA E 377 2.76 24.89 -28.02
CA ALA E 377 3.53 24.66 -29.24
C ALA E 377 4.93 25.15 -28.97
N VAL E 378 5.85 24.23 -28.81
CA VAL E 378 7.19 24.53 -28.35
C VAL E 378 8.12 24.72 -29.54
N ALA E 379 8.59 25.94 -29.74
CA ALA E 379 9.51 26.26 -30.83
C ALA E 379 10.93 25.93 -30.41
N SER E 380 11.62 25.10 -31.17
CA SER E 380 12.87 24.57 -30.66
C SER E 380 13.97 24.46 -31.70
N GLY E 381 13.87 25.16 -32.80
CA GLY E 381 14.86 25.03 -33.84
C GLY E 381 16.12 25.81 -33.54
N GLY E 382 16.77 26.24 -34.61
CA GLY E 382 17.86 27.18 -34.47
C GLY E 382 17.30 28.58 -34.37
N ILE E 383 16.68 28.88 -33.23
CA ILE E 383 16.19 30.21 -32.96
C ILE E 383 17.08 30.84 -31.92
N HIS E 384 17.12 32.17 -31.94
CA HIS E 384 18.05 32.92 -31.10
C HIS E 384 17.38 34.24 -30.76
N VAL E 385 18.19 35.22 -30.36
CA VAL E 385 17.71 36.50 -29.82
C VAL E 385 16.85 37.24 -30.85
N TRP E 386 17.32 37.30 -32.09
CA TRP E 386 16.68 38.13 -33.10
C TRP E 386 15.40 37.54 -33.65
N HIS E 387 15.06 36.31 -33.32
CA HIS E 387 13.81 35.71 -33.77
C HIS E 387 12.70 35.90 -32.77
N MET E 388 12.99 36.54 -31.65
CA MET E 388 11.92 36.93 -30.73
C MET E 388 10.85 37.85 -31.31
N PRO E 389 11.12 38.83 -32.19
CA PRO E 389 9.98 39.57 -32.75
C PRO E 389 9.09 38.73 -33.64
N ALA E 390 9.66 37.78 -34.36
CA ALA E 390 8.84 36.92 -35.20
C ALA E 390 8.05 35.94 -34.36
N LEU E 391 8.73 35.24 -33.45
CA LEU E 391 8.11 34.15 -32.72
C LEU E 391 7.27 34.60 -31.54
N VAL E 392 6.97 35.88 -31.41
CA VAL E 392 5.96 36.32 -30.46
C VAL E 392 4.77 36.72 -31.32
N GLU E 393 5.04 37.00 -32.59
CA GLU E 393 3.96 37.33 -33.50
C GLU E 393 3.38 36.06 -34.13
N ILE E 394 4.24 35.13 -34.52
CA ILE E 394 3.82 33.90 -35.18
C ILE E 394 3.22 32.95 -34.17
N PHE E 395 4.05 32.49 -33.24
CA PHE E 395 3.56 31.80 -32.05
C PHE E 395 3.12 32.85 -31.05
N GLY E 396 1.92 32.73 -30.55
CA GLY E 396 1.34 33.78 -29.73
C GLY E 396 1.85 33.78 -28.31
N ASP E 397 0.93 34.05 -27.39
CA ASP E 397 1.25 33.85 -25.98
C ASP E 397 1.43 32.38 -25.68
N ASP E 398 0.62 31.54 -26.30
CA ASP E 398 0.50 30.14 -25.89
C ASP E 398 1.62 29.32 -26.54
N SER E 399 2.83 29.57 -26.08
CA SER E 399 3.98 28.95 -26.71
C SER E 399 5.12 28.86 -25.72
N VAL E 400 6.07 28.00 -26.03
CA VAL E 400 7.32 27.86 -25.30
C VAL E 400 8.42 27.97 -26.33
N LEU E 401 9.51 28.64 -26.01
CA LEU E 401 10.56 28.88 -26.97
C LEU E 401 11.83 28.22 -26.44
N GLN E 402 12.29 27.16 -27.08
CA GLN E 402 13.53 26.52 -26.66
C GLN E 402 14.73 27.18 -27.31
N PHE E 403 15.90 26.97 -26.72
CA PHE E 403 17.11 27.57 -27.25
C PHE E 403 18.28 26.61 -27.11
N GLY E 404 19.35 26.95 -27.82
CA GLY E 404 20.52 26.11 -27.91
C GLY E 404 20.44 25.04 -28.98
N GLY E 405 19.48 25.15 -29.90
CA GLY E 405 19.22 24.05 -30.82
C GLY E 405 20.29 23.89 -31.87
N GLY E 406 20.57 24.95 -32.62
CA GLY E 406 21.62 24.90 -33.61
C GLY E 406 22.67 25.97 -33.40
N THR E 407 22.29 27.01 -32.64
CA THR E 407 23.12 28.18 -32.46
C THR E 407 24.35 27.86 -31.62
N LEU E 408 25.39 28.68 -31.77
CA LEU E 408 26.67 28.42 -31.11
C LEU E 408 26.75 29.02 -29.72
N GLY E 409 25.72 28.76 -28.90
CA GLY E 409 25.71 29.22 -27.53
C GLY E 409 25.67 30.74 -27.42
N HIS E 410 26.18 31.23 -26.30
CA HIS E 410 26.29 32.64 -25.97
C HIS E 410 27.71 32.84 -25.47
N PRO E 411 28.37 33.93 -25.85
CA PRO E 411 29.79 34.07 -25.52
C PRO E 411 30.08 34.29 -24.04
N TRP E 412 29.07 34.60 -23.23
CA TRP E 412 29.27 34.82 -21.81
C TRP E 412 28.75 33.68 -20.96
N GLY E 413 28.23 32.62 -21.57
CA GLY E 413 27.79 31.48 -20.80
C GLY E 413 26.32 31.13 -20.92
N ASN E 414 25.72 30.76 -19.79
CA ASN E 414 24.32 30.35 -19.73
C ASN E 414 23.43 31.39 -19.08
N ALA E 415 23.77 31.82 -17.89
CA ALA E 415 23.03 32.85 -17.17
C ALA E 415 23.07 34.22 -17.83
N PRO E 416 24.10 34.58 -18.62
CA PRO E 416 23.87 35.70 -19.54
C PRO E 416 23.13 35.28 -20.78
N GLY E 417 23.32 34.04 -21.22
CA GLY E 417 22.66 33.59 -22.42
C GLY E 417 21.19 33.36 -22.23
N ALA E 418 20.77 33.16 -20.99
CA ALA E 418 19.34 33.06 -20.73
C ALA E 418 18.74 34.42 -20.45
N THR E 419 19.53 35.35 -19.91
CA THR E 419 19.01 36.69 -19.69
C THR E 419 18.92 37.45 -21.00
N ALA E 420 19.79 37.13 -21.96
CA ALA E 420 19.62 37.64 -23.30
C ALA E 420 18.32 37.16 -23.92
N ASN E 421 17.98 35.90 -23.75
CA ASN E 421 16.78 35.33 -24.35
C ASN E 421 15.54 35.65 -23.55
N ARG E 422 15.68 36.23 -22.37
CA ARG E 422 14.55 36.66 -21.57
C ARG E 422 14.30 38.16 -21.67
N VAL E 423 15.35 38.98 -21.76
CA VAL E 423 15.14 40.38 -22.04
C VAL E 423 14.62 40.54 -23.46
N ALA E 424 15.18 39.82 -24.42
CA ALA E 424 14.70 39.91 -25.80
C ALA E 424 13.33 39.30 -25.96
N LEU E 425 12.95 38.36 -25.09
CA LEU E 425 11.56 37.95 -25.03
C LEU E 425 10.68 39.10 -24.59
N GLU E 426 10.92 39.62 -23.40
CA GLU E 426 10.03 40.59 -22.82
C GLU E 426 10.17 41.98 -23.41
N ALA E 427 11.23 42.25 -24.17
CA ALA E 427 11.24 43.45 -24.99
C ALA E 427 10.25 43.31 -26.13
N CYS E 428 10.07 42.10 -26.64
CA CYS E 428 9.10 41.86 -27.68
C CYS E 428 7.68 41.73 -27.14
N VAL E 429 7.52 41.32 -25.89
CA VAL E 429 6.19 41.29 -25.30
C VAL E 429 5.81 42.69 -24.84
N GLN E 430 6.80 43.51 -24.45
CA GLN E 430 6.51 44.90 -24.11
C GLN E 430 6.07 45.68 -25.32
N ALA E 431 6.72 45.46 -26.46
CA ALA E 431 6.30 46.13 -27.68
C ALA E 431 4.99 45.58 -28.20
N ARG E 432 4.73 44.30 -27.97
CA ARG E 432 3.45 43.74 -28.38
C ARG E 432 2.33 44.24 -27.50
N ASN E 433 2.61 44.50 -26.23
CA ASN E 433 1.63 45.08 -25.33
C ASN E 433 1.55 46.60 -25.43
N GLU E 434 2.11 47.17 -26.50
CA GLU E 434 2.01 48.60 -26.79
C GLU E 434 1.66 48.83 -28.25
N GLY E 435 1.25 47.78 -28.95
CA GLY E 435 0.75 47.90 -30.31
C GLY E 435 1.79 47.96 -31.38
N ARG E 436 3.07 47.82 -31.05
CA ARG E 436 4.13 47.98 -32.03
C ARG E 436 4.17 46.78 -32.97
N ASN E 437 4.15 47.04 -34.27
CA ASN E 437 4.10 45.98 -35.27
C ASN E 437 5.44 45.25 -35.28
N LEU E 438 5.45 44.04 -34.72
CA LEU E 438 6.70 43.30 -34.54
C LEU E 438 7.21 42.65 -35.81
N ALA E 439 6.56 42.86 -36.95
CA ALA E 439 7.15 42.44 -38.22
C ALA E 439 8.13 43.49 -38.73
N ARG E 440 7.89 44.76 -38.41
CA ARG E 440 8.72 45.86 -38.88
C ARG E 440 9.39 46.61 -37.76
N GLU E 441 8.70 46.88 -36.65
CA GLU E 441 9.32 47.49 -35.49
C GLU E 441 9.87 46.46 -34.52
N GLY E 442 10.25 45.29 -35.01
CA GLY E 442 10.71 44.25 -34.14
C GLY E 442 12.20 44.28 -33.92
N ASN E 443 12.97 44.52 -34.98
CA ASN E 443 14.41 44.64 -34.82
C ASN E 443 14.79 45.92 -34.09
N ASP E 444 13.90 46.91 -34.08
CA ASP E 444 14.13 48.12 -33.31
C ASP E 444 14.02 47.86 -31.82
N VAL E 445 13.09 46.99 -31.41
CA VAL E 445 12.86 46.82 -29.99
C VAL E 445 13.87 45.86 -29.37
N ILE E 446 14.58 45.09 -30.19
CA ILE E 446 15.76 44.40 -29.67
C ILE E 446 16.89 45.39 -29.47
N ARG E 447 17.12 46.26 -30.45
CA ARG E 447 18.26 47.17 -30.39
C ARG E 447 18.05 48.26 -29.35
N GLU E 448 16.81 48.62 -29.05
CA GLU E 448 16.59 49.55 -27.95
C GLU E 448 16.40 48.83 -26.63
N ALA E 449 16.57 47.51 -26.61
CA ALA E 449 16.70 46.80 -25.36
C ALA E 449 18.12 46.34 -25.10
N ALA E 450 18.97 46.36 -26.13
CA ALA E 450 20.39 46.11 -25.92
C ALA E 450 21.06 47.26 -25.18
N LYS E 451 20.45 48.44 -25.14
CA LYS E 451 21.01 49.53 -24.38
C LYS E 451 20.79 49.33 -22.88
N TRP E 452 19.56 48.99 -22.50
CA TRP E 452 19.24 48.75 -21.10
C TRP E 452 19.43 47.28 -20.70
N SER E 453 20.28 46.54 -21.40
CA SER E 453 20.67 45.19 -20.97
C SER E 453 22.05 44.85 -21.51
N PRO E 454 23.03 44.59 -20.64
CA PRO E 454 24.36 44.24 -21.15
C PRO E 454 24.49 42.79 -21.58
N GLU E 455 23.72 41.88 -21.00
CA GLU E 455 23.80 40.49 -21.44
C GLU E 455 23.16 40.30 -22.80
N LEU E 456 22.18 41.13 -23.12
CA LEU E 456 21.54 41.09 -24.43
C LEU E 456 22.42 41.69 -25.51
N ALA E 457 23.16 42.75 -25.18
CA ALA E 457 23.90 43.50 -26.19
C ALA E 457 25.11 42.74 -26.71
N VAL E 458 25.54 41.69 -26.01
CA VAL E 458 26.60 40.86 -26.50
C VAL E 458 26.07 39.64 -27.26
N ALA E 459 24.84 39.23 -27.01
CA ALA E 459 24.13 38.30 -27.89
C ALA E 459 23.44 39.01 -29.04
N CYS E 460 23.57 40.34 -29.11
CA CYS E 460 22.92 41.12 -30.14
C CYS E 460 23.51 40.85 -31.51
N GLU E 461 24.77 40.40 -31.57
CA GLU E 461 25.41 40.10 -32.83
C GLU E 461 25.73 38.62 -33.02
N LEU E 462 26.17 37.91 -31.98
CA LEU E 462 26.49 36.50 -32.07
C LEU E 462 26.01 35.77 -30.84
N ARG F 22 32.68 20.56 -39.51
CA ARG F 22 32.66 19.57 -38.44
C ARG F 22 33.80 18.58 -38.66
N LEU F 23 33.49 17.38 -39.15
CA LEU F 23 34.45 16.31 -39.47
C LEU F 23 35.34 15.93 -38.29
N THR F 24 34.86 16.11 -37.07
CA THR F 24 35.45 15.49 -35.90
C THR F 24 34.70 14.22 -35.53
N TYR F 25 33.54 14.00 -36.12
CA TYR F 25 32.72 12.82 -35.92
C TYR F 25 32.88 11.81 -37.02
N TYR F 26 33.68 12.10 -38.02
CA TYR F 26 34.01 11.16 -39.07
C TYR F 26 35.45 10.75 -38.84
N THR F 27 35.63 9.63 -38.16
CA THR F 27 36.92 9.02 -37.90
C THR F 27 37.03 7.77 -38.76
N PRO F 28 37.60 7.85 -39.96
CA PRO F 28 37.54 6.72 -40.87
C PRO F 28 38.50 5.61 -40.54
N ASP F 29 39.46 5.85 -39.66
CA ASP F 29 40.39 4.83 -39.21
C ASP F 29 39.93 4.11 -37.96
N TYR F 30 38.78 4.49 -37.41
CA TYR F 30 38.30 4.00 -36.13
C TYR F 30 37.79 2.59 -36.29
N THR F 31 38.61 1.62 -35.90
CA THR F 31 38.14 0.25 -35.78
C THR F 31 37.18 0.19 -34.60
N PRO F 32 35.92 -0.13 -34.80
CA PRO F 32 34.95 -0.04 -33.71
C PRO F 32 35.14 -1.17 -32.71
N LYS F 33 34.91 -0.87 -31.45
CA LYS F 33 35.13 -1.84 -30.41
C LYS F 33 34.03 -2.89 -30.42
N ASP F 34 34.26 -3.98 -29.71
CA ASP F 34 33.29 -5.05 -29.60
C ASP F 34 32.15 -4.71 -28.65
N THR F 35 32.21 -3.54 -28.02
CA THR F 35 31.16 -3.07 -27.15
C THR F 35 30.49 -1.80 -27.65
N ASP F 36 30.82 -1.32 -28.84
CA ASP F 36 30.08 -0.21 -29.42
C ASP F 36 28.72 -0.68 -29.92
N ILE F 37 27.83 0.28 -30.10
CA ILE F 37 26.52 -0.02 -30.67
C ILE F 37 26.50 0.55 -32.06
N LEU F 38 26.84 -0.28 -33.04
CA LEU F 38 27.00 0.19 -34.39
C LEU F 38 25.65 0.50 -35.00
N ALA F 39 25.65 1.32 -36.04
CA ALA F 39 24.41 1.63 -36.75
C ALA F 39 24.77 1.99 -38.17
N ALA F 40 24.06 1.40 -39.13
CA ALA F 40 24.35 1.58 -40.54
C ALA F 40 23.20 2.34 -41.16
N PHE F 41 23.35 3.64 -41.32
CA PHE F 41 22.29 4.42 -41.93
C PHE F 41 22.34 4.25 -43.44
N ARG F 42 21.34 4.76 -44.15
CA ARG F 42 21.39 4.81 -45.60
C ARG F 42 21.12 6.26 -45.96
N VAL F 43 22.18 7.06 -45.92
CA VAL F 43 22.03 8.50 -45.99
C VAL F 43 21.83 8.90 -47.43
N THR F 44 20.82 9.72 -47.70
CA THR F 44 20.61 10.32 -49.01
C THR F 44 20.73 11.83 -48.83
N PRO F 45 21.93 12.38 -48.92
CA PRO F 45 22.13 13.77 -48.55
C PRO F 45 21.61 14.73 -49.60
N GLN F 46 21.29 15.94 -49.14
CA GLN F 46 20.96 17.03 -50.02
C GLN F 46 22.18 17.38 -50.86
N PRO F 47 21.99 17.89 -52.07
CA PRO F 47 23.13 18.06 -52.98
C PRO F 47 24.04 19.20 -52.57
N GLY F 48 25.33 18.98 -52.73
CA GLY F 48 26.32 19.88 -52.23
C GLY F 48 26.83 19.53 -50.85
N VAL F 49 26.07 18.75 -50.10
CA VAL F 49 26.56 18.19 -48.85
C VAL F 49 27.42 17.01 -49.24
N PRO F 50 28.70 17.01 -48.92
CA PRO F 50 29.54 15.85 -49.23
C PRO F 50 29.20 14.69 -48.33
N PHE F 51 29.75 13.51 -48.69
CA PHE F 51 29.35 12.31 -47.98
C PHE F 51 29.92 12.23 -46.59
N GLU F 52 31.15 12.68 -46.37
CA GLU F 52 31.71 12.61 -45.03
C GLU F 52 31.04 13.58 -44.08
N GLU F 53 30.59 14.72 -44.59
CA GLU F 53 30.09 15.77 -43.71
C GLU F 53 28.64 15.51 -43.34
N ALA F 54 27.91 14.75 -44.13
CA ALA F 54 26.59 14.28 -43.72
C ALA F 54 26.67 13.07 -42.82
N ALA F 55 27.65 12.19 -43.06
CA ALA F 55 27.84 11.05 -42.20
C ALA F 55 28.43 11.44 -40.86
N ALA F 56 29.21 12.52 -40.82
CA ALA F 56 29.58 13.06 -39.53
C ALA F 56 28.40 13.75 -38.86
N ALA F 57 27.44 14.21 -39.65
CA ALA F 57 26.27 14.87 -39.10
C ALA F 57 25.25 13.88 -38.57
N VAL F 58 25.11 12.71 -39.19
CA VAL F 58 24.22 11.72 -38.59
C VAL F 58 24.86 11.06 -37.39
N ALA F 59 26.17 11.16 -37.25
CA ALA F 59 26.84 10.87 -36.01
C ALA F 59 26.82 12.04 -35.06
N ALA F 60 26.50 13.24 -35.55
CA ALA F 60 26.45 14.40 -34.66
C ALA F 60 25.16 14.43 -33.89
N GLU F 61 24.04 14.61 -34.58
CA GLU F 61 22.80 14.89 -33.87
C GLU F 61 22.14 13.65 -33.30
N SER F 62 22.75 12.49 -33.41
CA SER F 62 22.38 11.35 -32.59
C SER F 62 23.27 11.19 -31.38
N SER F 63 24.08 12.21 -31.06
CA SER F 63 24.87 12.30 -29.83
C SER F 63 25.06 13.79 -29.56
N THR F 64 25.92 14.11 -28.59
CA THR F 64 26.96 15.17 -28.65
C THR F 64 26.72 16.20 -29.75
N GLY F 65 25.59 16.90 -29.69
CA GLY F 65 25.17 17.72 -30.81
C GLY F 65 26.08 18.92 -31.04
N THR F 66 25.81 19.61 -32.13
CA THR F 66 26.67 20.71 -32.57
C THR F 66 26.56 21.93 -31.65
N LEU F 74 36.30 22.39 -22.46
CA LEU F 74 35.02 21.77 -22.79
C LEU F 74 34.40 21.15 -21.54
N LEU F 75 33.07 21.19 -21.47
CA LEU F 75 32.34 20.77 -20.30
C LEU F 75 32.45 19.28 -20.00
N THR F 76 32.73 18.45 -21.00
CA THR F 76 32.83 17.00 -20.85
C THR F 76 34.06 16.53 -21.59
N ASP F 77 34.16 15.23 -21.79
CA ASP F 77 35.03 14.67 -22.80
C ASP F 77 34.20 14.29 -24.02
N LEU F 78 34.49 14.93 -25.14
CA LEU F 78 33.76 14.65 -26.37
C LEU F 78 34.12 13.26 -26.89
N ASP F 79 35.39 12.91 -26.84
CA ASP F 79 35.89 11.71 -27.51
C ASP F 79 35.47 10.40 -26.84
N ARG F 80 34.70 10.44 -25.77
CA ARG F 80 34.25 9.24 -25.09
C ARG F 80 32.79 8.94 -25.32
N TYR F 81 31.96 9.96 -25.54
CA TYR F 81 30.54 9.78 -25.73
C TYR F 81 30.08 10.16 -27.12
N LYS F 82 30.97 10.39 -28.06
CA LYS F 82 30.53 10.85 -29.36
C LYS F 82 30.25 9.67 -30.26
N GLY F 83 29.28 9.82 -31.14
CA GLY F 83 29.08 8.86 -32.21
C GLY F 83 30.09 9.15 -33.30
N ARG F 84 30.74 8.10 -33.78
CA ARG F 84 31.77 8.24 -34.79
C ARG F 84 31.37 7.48 -36.03
N CYS F 85 31.21 8.18 -37.13
CA CYS F 85 31.18 7.49 -38.40
C CYS F 85 32.55 6.90 -38.68
N TYR F 86 32.58 5.66 -39.13
CA TYR F 86 33.87 5.03 -39.35
C TYR F 86 34.04 4.40 -40.71
N ASP F 87 33.01 4.41 -41.56
CA ASP F 87 33.12 3.88 -42.91
C ASP F 87 31.98 4.47 -43.71
N ILE F 88 32.18 4.65 -45.01
CA ILE F 88 31.18 5.26 -45.87
C ILE F 88 30.50 4.24 -46.77
N GLU F 89 31.26 3.54 -47.61
CA GLU F 89 30.75 2.47 -48.48
C GLU F 89 29.57 2.89 -49.35
N PRO F 90 29.81 3.60 -50.45
CA PRO F 90 28.72 4.05 -51.31
C PRO F 90 27.93 2.87 -51.87
N VAL F 91 26.60 3.03 -51.88
CA VAL F 91 25.66 2.04 -52.36
C VAL F 91 25.94 1.81 -53.84
N PRO F 92 26.10 0.57 -54.28
CA PRO F 92 26.37 0.34 -55.70
C PRO F 92 25.14 0.60 -56.53
N GLY F 93 25.35 1.23 -57.69
CA GLY F 93 24.29 1.44 -58.62
C GLY F 93 23.42 2.66 -58.38
N GLU F 94 23.68 3.42 -57.32
CA GLU F 94 22.85 4.59 -57.06
C GLU F 94 23.68 5.66 -56.37
N ASP F 95 23.96 6.74 -57.09
CA ASP F 95 24.66 7.89 -56.54
C ASP F 95 23.76 8.64 -55.56
N ASN F 96 24.36 9.62 -54.88
CA ASN F 96 23.74 10.41 -53.81
C ASN F 96 23.19 9.52 -52.70
N GLN F 97 23.86 8.41 -52.42
CA GLN F 97 23.39 7.52 -51.37
C GLN F 97 24.56 6.69 -50.90
N PHE F 98 24.67 6.49 -49.60
CA PHE F 98 25.77 5.72 -49.04
C PHE F 98 25.29 5.11 -47.73
N ILE F 99 26.16 4.35 -47.08
CA ILE F 99 25.80 3.59 -45.90
C ILE F 99 26.74 4.03 -44.79
N ALA F 100 26.36 5.06 -44.08
CA ALA F 100 27.19 5.63 -43.03
C ALA F 100 27.16 4.73 -41.81
N TYR F 101 28.23 3.99 -41.58
CA TYR F 101 28.29 3.14 -40.41
C TYR F 101 28.68 3.99 -39.22
N ILE F 102 27.78 4.16 -38.28
CA ILE F 102 28.03 5.00 -37.11
C ILE F 102 28.33 4.08 -35.95
N ALA F 103 29.26 4.47 -35.08
CA ALA F 103 29.70 3.64 -33.97
C ALA F 103 29.41 4.33 -32.65
N TYR F 104 28.23 4.14 -32.13
CA TYR F 104 27.92 4.74 -30.84
C TYR F 104 28.54 3.93 -29.73
N PRO F 105 29.02 4.55 -28.66
CA PRO F 105 29.63 3.78 -27.59
C PRO F 105 28.57 3.11 -26.75
N LEU F 106 29.02 2.28 -25.81
CA LEU F 106 28.07 1.53 -25.02
C LEU F 106 27.39 2.40 -23.99
N ASP F 107 28.18 3.15 -23.23
CA ASP F 107 27.71 3.86 -22.03
C ASP F 107 27.02 5.15 -22.36
N LEU F 108 26.55 5.30 -23.59
CA LEU F 108 25.67 6.39 -23.94
C LEU F 108 24.21 6.02 -23.67
N PHE F 109 23.89 4.72 -23.72
CA PHE F 109 22.51 4.26 -23.77
C PHE F 109 22.14 3.60 -22.46
N GLU F 110 20.86 3.38 -22.25
CA GLU F 110 20.36 2.81 -21.02
C GLU F 110 20.40 1.30 -21.05
N GLU F 111 20.81 0.70 -19.93
CA GLU F 111 20.68 -0.73 -19.71
C GLU F 111 19.24 -1.18 -19.83
N GLY F 112 18.93 -1.94 -20.86
CA GLY F 112 17.65 -2.58 -20.94
C GLY F 112 16.57 -1.80 -21.64
N SER F 113 16.91 -0.68 -22.26
CA SER F 113 15.93 0.21 -22.84
C SER F 113 16.12 0.27 -24.34
N ILE F 114 15.22 -0.40 -25.06
CA ILE F 114 15.20 -0.36 -26.53
C ILE F 114 14.46 0.85 -27.02
N THR F 115 13.77 1.54 -26.13
CA THR F 115 13.23 2.86 -26.44
C THR F 115 14.24 3.97 -26.14
N ASN F 116 15.45 3.64 -25.70
CA ASN F 116 16.51 4.62 -25.62
C ASN F 116 17.55 4.40 -26.69
N VAL F 117 17.57 3.23 -27.31
CA VAL F 117 18.30 3.06 -28.56
C VAL F 117 17.68 3.93 -29.64
N LEU F 118 16.36 3.85 -29.79
CA LEU F 118 15.70 4.61 -30.83
C LEU F 118 15.64 6.09 -30.51
N THR F 119 15.57 6.47 -29.24
CA THR F 119 15.57 7.87 -28.92
C THR F 119 16.95 8.47 -29.16
N SER F 120 17.99 7.67 -28.98
CA SER F 120 19.34 8.16 -29.27
C SER F 120 19.63 8.14 -30.75
N ILE F 121 19.36 7.02 -31.42
CA ILE F 121 19.87 6.79 -32.77
C ILE F 121 18.95 7.40 -33.82
N VAL F 122 17.67 7.04 -33.82
CA VAL F 122 16.74 7.60 -34.79
C VAL F 122 15.90 8.71 -34.18
N GLY F 123 16.37 9.32 -33.11
CA GLY F 123 15.59 10.36 -32.48
C GLY F 123 15.59 11.66 -33.24
N ASN F 124 16.74 12.32 -33.31
CA ASN F 124 16.79 13.72 -33.71
C ASN F 124 17.48 13.88 -35.05
N VAL F 125 17.56 12.82 -35.84
CA VAL F 125 18.54 12.78 -36.92
C VAL F 125 17.90 12.55 -38.28
N PHE F 126 16.64 12.13 -38.36
CA PHE F 126 16.08 11.94 -39.69
C PHE F 126 15.52 13.23 -40.26
N GLY F 127 15.06 14.13 -39.41
CA GLY F 127 14.52 15.43 -39.76
C GLY F 127 15.59 16.47 -39.98
N PHE F 128 16.83 16.02 -39.94
CA PHE F 128 18.00 16.82 -40.24
C PHE F 128 17.92 17.30 -41.68
N LYS F 129 18.17 18.58 -41.90
CA LYS F 129 17.74 19.21 -43.14
C LYS F 129 18.79 19.18 -44.25
N ALA F 130 20.01 18.71 -43.97
CA ALA F 130 21.01 18.52 -45.00
C ALA F 130 20.88 17.17 -45.66
N LEU F 131 19.79 16.47 -45.40
CA LEU F 131 19.57 15.10 -45.82
C LEU F 131 18.20 15.01 -46.46
N ARG F 132 18.14 14.41 -47.64
CA ARG F 132 16.84 14.29 -48.27
C ARG F 132 16.11 13.07 -47.76
N ALA F 133 16.84 12.04 -47.39
CA ALA F 133 16.25 10.83 -46.81
C ALA F 133 17.34 10.13 -46.02
N LEU F 134 16.95 9.48 -44.94
CA LEU F 134 17.88 8.78 -44.08
C LEU F 134 17.20 7.52 -43.60
N ARG F 135 17.84 6.38 -43.80
CA ARG F 135 17.23 5.09 -43.49
C ARG F 135 18.15 4.28 -42.61
N LEU F 136 17.71 4.01 -41.40
CA LEU F 136 18.49 3.15 -40.50
C LEU F 136 18.36 1.73 -41.01
N GLU F 137 19.36 1.26 -41.73
CA GLU F 137 19.30 -0.08 -42.29
C GLU F 137 19.47 -1.12 -41.21
N ASP F 138 20.60 -1.15 -40.53
CA ASP F 138 20.93 -2.21 -39.59
C ASP F 138 21.57 -1.59 -38.37
N ILE F 139 21.65 -2.36 -37.30
CA ILE F 139 22.17 -1.90 -36.03
C ILE F 139 22.75 -3.10 -35.29
N ARG F 140 23.91 -2.92 -34.67
CA ARG F 140 24.58 -4.03 -34.00
C ARG F 140 24.56 -3.78 -32.51
N PHE F 141 23.64 -4.38 -31.83
CA PHE F 141 23.67 -4.38 -30.40
C PHE F 141 24.76 -5.35 -29.98
N PRO F 142 25.76 -4.92 -29.23
CA PRO F 142 26.84 -5.81 -28.86
C PRO F 142 26.39 -6.84 -27.83
N VAL F 143 27.27 -7.81 -27.58
CA VAL F 143 27.03 -8.78 -26.53
C VAL F 143 26.95 -8.11 -25.18
N ALA F 144 27.66 -7.00 -25.00
CA ALA F 144 27.60 -6.25 -23.76
C ALA F 144 26.25 -5.61 -23.52
N TYR F 145 25.49 -5.32 -24.56
CA TYR F 145 24.26 -4.59 -24.44
C TYR F 145 23.03 -5.46 -24.64
N ILE F 146 23.18 -6.59 -25.32
CA ILE F 146 22.13 -7.58 -25.39
C ILE F 146 21.85 -8.18 -24.02
N LYS F 147 22.87 -8.33 -23.20
CA LYS F 147 22.72 -8.95 -21.89
C LYS F 147 21.95 -8.09 -20.90
N THR F 148 21.83 -6.78 -21.13
CA THR F 148 20.96 -6.00 -20.26
C THR F 148 19.49 -6.21 -20.56
N PHE F 149 19.15 -6.66 -21.75
CA PHE F 149 17.77 -6.90 -22.11
C PHE F 149 17.31 -8.24 -21.59
N GLN F 150 16.09 -8.60 -21.91
CA GLN F 150 15.55 -9.87 -21.47
C GLN F 150 15.52 -10.87 -22.59
N GLY F 151 15.41 -10.40 -23.81
CA GLY F 151 15.16 -11.25 -24.91
C GLY F 151 13.68 -11.48 -25.01
N PRO F 152 13.29 -12.50 -25.75
CA PRO F 152 11.95 -12.98 -25.70
C PRO F 152 11.63 -13.56 -24.34
N PRO F 153 10.36 -13.59 -23.95
CA PRO F 153 9.98 -14.38 -22.79
C PRO F 153 10.36 -15.85 -22.93
N HIS F 154 10.06 -16.43 -24.08
CA HIS F 154 10.33 -17.82 -24.36
C HIS F 154 10.86 -17.87 -25.79
N GLY F 155 11.84 -18.70 -26.04
CA GLY F 155 12.50 -18.69 -27.32
C GLY F 155 11.75 -19.37 -28.43
N ILE F 156 12.51 -19.97 -29.35
CA ILE F 156 11.96 -21.02 -30.18
C ILE F 156 11.80 -22.25 -29.36
N GLN F 157 12.82 -22.59 -28.57
CA GLN F 157 12.88 -23.85 -27.85
C GLN F 157 11.87 -23.89 -26.74
N VAL F 158 11.78 -22.84 -25.94
CA VAL F 158 10.90 -22.90 -24.78
C VAL F 158 9.45 -22.69 -25.20
N GLU F 159 9.23 -22.01 -26.32
CA GLU F 159 7.89 -21.96 -26.87
C GLU F 159 7.44 -23.32 -27.36
N ARG F 160 8.32 -24.05 -28.05
CA ARG F 160 7.95 -25.41 -28.46
C ARG F 160 7.84 -26.35 -27.28
N ASP F 161 8.59 -26.12 -26.21
CA ASP F 161 8.48 -27.00 -25.05
C ASP F 161 7.20 -26.74 -24.28
N LYS F 162 6.71 -25.51 -24.28
CA LYS F 162 5.46 -25.21 -23.61
C LYS F 162 4.27 -25.72 -24.40
N LEU F 163 4.38 -25.75 -25.72
CA LEU F 163 3.27 -26.14 -26.58
C LEU F 163 3.33 -27.59 -27.00
N ASN F 164 4.48 -28.24 -26.82
CA ASN F 164 4.72 -29.64 -27.15
C ASN F 164 4.47 -29.90 -28.64
N LYS F 165 5.03 -29.03 -29.47
CA LYS F 165 4.82 -29.05 -30.92
C LYS F 165 6.18 -28.99 -31.59
N TYR F 166 6.72 -30.14 -31.97
CA TYR F 166 8.10 -30.24 -32.41
C TYR F 166 8.22 -30.60 -33.88
N GLY F 167 9.14 -29.94 -34.56
CA GLY F 167 9.52 -30.35 -35.88
C GLY F 167 8.56 -30.01 -36.98
N ARG F 168 7.81 -28.94 -36.85
CA ARG F 168 6.94 -28.47 -37.90
C ARG F 168 6.74 -26.99 -37.72
N PRO F 169 6.53 -26.23 -38.78
CA PRO F 169 6.11 -24.84 -38.59
C PRO F 169 4.67 -24.83 -38.14
N LEU F 170 4.39 -24.02 -37.14
CA LEU F 170 3.08 -24.02 -36.51
C LEU F 170 2.09 -23.27 -37.40
N LEU F 171 0.83 -23.21 -36.99
CA LEU F 171 -0.18 -22.70 -37.90
C LEU F 171 -0.97 -21.55 -37.29
N GLY F 172 -1.87 -21.01 -38.10
CA GLY F 172 -2.84 -20.04 -37.63
C GLY F 172 -3.84 -19.63 -38.68
N CYS F 173 -5.11 -19.56 -38.33
CA CYS F 173 -6.08 -18.82 -39.11
C CYS F 173 -5.93 -17.34 -38.78
N THR F 174 -6.75 -16.54 -39.43
CA THR F 174 -7.05 -15.20 -38.98
C THR F 174 -8.54 -15.02 -39.17
N ILE F 175 -9.24 -14.63 -38.11
CA ILE F 175 -10.68 -14.79 -38.06
C ILE F 175 -11.34 -13.75 -38.95
N LYS F 176 -11.76 -14.21 -40.10
CA LYS F 176 -12.54 -13.34 -40.96
C LYS F 176 -14.02 -13.62 -40.77
N PRO F 177 -14.88 -12.60 -40.72
CA PRO F 177 -14.60 -11.17 -40.84
C PRO F 177 -13.98 -10.59 -39.60
N LYS F 178 -13.21 -9.52 -39.79
CA LYS F 178 -12.60 -8.85 -38.65
C LYS F 178 -13.66 -8.20 -37.78
N LEU F 179 -14.39 -7.26 -38.33
CA LEU F 179 -15.26 -6.40 -37.57
C LEU F 179 -16.67 -6.94 -37.58
N GLY F 180 -17.38 -6.67 -36.50
CA GLY F 180 -18.78 -6.97 -36.44
C GLY F 180 -19.13 -8.21 -35.68
N LEU F 181 -18.24 -9.19 -35.60
CA LEU F 181 -18.55 -10.43 -34.90
C LEU F 181 -18.60 -10.20 -33.40
N SER F 182 -19.70 -10.62 -32.78
CA SER F 182 -19.78 -10.63 -31.34
C SER F 182 -18.83 -11.67 -30.79
N ALA F 183 -18.56 -11.57 -29.49
CA ALA F 183 -17.47 -12.31 -28.88
C ALA F 183 -17.70 -13.82 -28.88
N LYS F 184 -18.95 -14.27 -28.87
CA LYS F 184 -19.21 -15.70 -28.94
C LYS F 184 -19.16 -16.21 -30.37
N ASN F 185 -19.72 -15.45 -31.31
CA ASN F 185 -19.57 -15.80 -32.72
C ASN F 185 -18.13 -15.75 -33.16
N TYR F 186 -17.35 -14.87 -32.54
CA TYR F 186 -15.93 -14.83 -32.75
C TYR F 186 -15.25 -16.08 -32.21
N GLY F 187 -15.69 -16.55 -31.05
CA GLY F 187 -15.09 -17.75 -30.50
C GLY F 187 -15.57 -19.02 -31.17
N ARG F 188 -16.69 -18.97 -31.87
CA ARG F 188 -17.10 -20.12 -32.65
C ARG F 188 -16.25 -20.27 -33.90
N ALA F 189 -15.87 -19.16 -34.49
CA ALA F 189 -14.94 -19.19 -35.61
C ALA F 189 -13.53 -19.52 -35.16
N VAL F 190 -13.23 -19.33 -33.88
CA VAL F 190 -11.97 -19.78 -33.32
C VAL F 190 -12.00 -21.28 -33.07
N TYR F 191 -13.06 -21.76 -32.42
CA TYR F 191 -13.21 -23.19 -32.17
C TYR F 191 -13.32 -23.98 -33.46
N GLU F 192 -13.85 -23.39 -34.52
CA GLU F 192 -13.96 -24.14 -35.75
C GLU F 192 -12.59 -24.28 -36.42
N CYS F 193 -11.80 -23.20 -36.44
CA CYS F 193 -10.44 -23.31 -36.95
C CYS F 193 -9.57 -24.20 -36.06
N LEU F 194 -9.71 -24.09 -34.74
CA LEU F 194 -8.82 -24.84 -33.85
C LEU F 194 -9.15 -26.33 -33.77
N ARG F 195 -10.30 -26.78 -34.27
CA ARG F 195 -10.50 -28.22 -34.38
C ARG F 195 -9.57 -28.83 -35.40
N GLY F 196 -9.67 -28.39 -36.64
CA GLY F 196 -8.96 -29.02 -37.73
C GLY F 196 -7.48 -28.76 -37.75
N GLY F 197 -6.77 -29.15 -36.70
CA GLY F 197 -5.34 -29.22 -36.76
C GLY F 197 -4.59 -27.92 -36.70
N LEU F 198 -5.28 -26.81 -36.60
CA LEU F 198 -4.61 -25.55 -36.54
C LEU F 198 -4.04 -25.36 -35.15
N ASP F 199 -2.86 -24.77 -35.06
CA ASP F 199 -2.27 -24.61 -33.74
C ASP F 199 -2.79 -23.36 -33.07
N PHE F 200 -2.57 -22.22 -33.69
CA PHE F 200 -2.97 -20.95 -33.12
C PHE F 200 -4.07 -20.34 -33.94
N THR F 201 -4.57 -19.21 -33.49
CA THR F 201 -5.59 -18.45 -34.21
C THR F 201 -5.43 -17.00 -33.81
N LYS F 202 -5.30 -16.13 -34.80
CA LYS F 202 -4.87 -14.76 -34.52
C LYS F 202 -6.06 -13.86 -34.30
N ASP F 203 -5.95 -13.01 -33.29
CA ASP F 203 -6.87 -11.91 -33.12
C ASP F 203 -6.34 -10.72 -33.90
N ASP F 204 -7.25 -9.89 -34.38
CA ASP F 204 -6.91 -9.01 -35.48
C ASP F 204 -6.13 -7.81 -34.98
N GLU F 205 -5.72 -6.96 -35.92
CA GLU F 205 -5.07 -5.71 -35.58
C GLU F 205 -6.07 -4.77 -34.91
N ASN F 206 -7.12 -4.43 -35.64
CA ASN F 206 -8.14 -3.49 -35.26
C ASN F 206 -9.19 -4.07 -34.32
N ILE F 207 -8.89 -5.17 -33.65
CA ILE F 207 -9.70 -5.70 -32.57
C ILE F 207 -8.85 -5.60 -31.32
N ASN F 208 -9.09 -4.57 -30.52
CA ASN F 208 -8.69 -4.61 -29.12
C ASN F 208 -9.90 -4.69 -28.22
N SER F 209 -10.78 -3.71 -28.30
CA SER F 209 -12.14 -3.75 -27.78
C SER F 209 -12.89 -2.65 -28.49
N ALA F 210 -14.16 -2.90 -28.74
CA ALA F 210 -14.99 -2.03 -29.55
C ALA F 210 -16.43 -2.34 -29.19
N PRO F 211 -17.36 -1.40 -29.37
CA PRO F 211 -18.69 -1.55 -28.74
C PRO F 211 -19.49 -2.78 -29.14
N PHE F 212 -19.13 -3.45 -30.22
CA PHE F 212 -19.69 -4.75 -30.53
C PHE F 212 -18.96 -5.89 -29.84
N GLN F 213 -17.73 -5.70 -29.40
CA GLN F 213 -16.92 -6.81 -28.91
C GLN F 213 -15.91 -6.31 -27.91
N ARG F 214 -16.20 -6.49 -26.64
CA ARG F 214 -15.30 -6.05 -25.60
C ARG F 214 -14.27 -7.13 -25.37
N TRP F 215 -13.15 -6.76 -24.77
CA TRP F 215 -12.07 -7.71 -24.63
C TRP F 215 -12.36 -8.72 -23.54
N ARG F 216 -13.07 -8.31 -22.48
CA ARG F 216 -13.33 -9.19 -21.35
C ARG F 216 -14.20 -10.35 -21.77
N ASP F 217 -15.05 -10.10 -22.75
CA ASP F 217 -15.94 -11.09 -23.32
C ASP F 217 -15.32 -11.78 -24.51
N ARG F 218 -14.47 -11.10 -25.28
CA ARG F 218 -13.75 -11.80 -26.33
C ARG F 218 -12.77 -12.78 -25.75
N PHE F 219 -12.12 -12.45 -24.64
CA PHE F 219 -11.15 -13.39 -24.08
C PHE F 219 -11.85 -14.53 -23.39
N LEU F 220 -13.07 -14.28 -22.90
CA LEU F 220 -13.81 -15.31 -22.19
C LEU F 220 -14.36 -16.34 -23.15
N PHE F 221 -14.90 -15.89 -24.28
CA PHE F 221 -15.48 -16.80 -25.24
C PHE F 221 -14.47 -17.36 -26.21
N VAL F 222 -13.18 -17.06 -26.01
CA VAL F 222 -12.10 -17.72 -26.70
C VAL F 222 -11.42 -18.74 -25.79
N ALA F 223 -11.33 -18.45 -24.51
CA ALA F 223 -10.89 -19.47 -23.56
C ALA F 223 -11.88 -20.61 -23.45
N ASP F 224 -13.17 -20.33 -23.63
CA ASP F 224 -14.14 -21.41 -23.65
C ASP F 224 -14.11 -22.17 -24.96
N ALA F 225 -13.45 -21.64 -25.98
CA ALA F 225 -13.32 -22.29 -27.27
C ALA F 225 -11.94 -22.86 -27.51
N ILE F 226 -10.94 -22.48 -26.72
CA ILE F 226 -9.69 -23.23 -26.75
C ILE F 226 -9.82 -24.51 -25.97
N THR F 227 -10.28 -24.42 -24.72
CA THR F 227 -10.42 -25.61 -23.88
C THR F 227 -11.49 -26.56 -24.37
N LYS F 228 -12.29 -26.18 -25.35
CA LYS F 228 -13.11 -27.14 -26.05
C LYS F 228 -12.34 -27.80 -27.18
N ALA F 229 -11.53 -27.04 -27.90
CA ALA F 229 -10.75 -27.60 -29.00
C ALA F 229 -9.45 -28.25 -28.55
N GLN F 230 -8.93 -27.85 -27.40
CA GLN F 230 -7.79 -28.53 -26.80
C GLN F 230 -8.18 -29.83 -26.16
N ALA F 231 -9.36 -29.91 -25.56
CA ALA F 231 -9.81 -31.15 -24.95
C ALA F 231 -10.30 -32.14 -25.97
N GLU F 232 -10.90 -31.67 -27.06
CA GLU F 232 -11.30 -32.51 -28.18
C GLU F 232 -10.12 -33.20 -28.84
N THR F 233 -9.21 -32.42 -29.43
CA THR F 233 -7.99 -32.94 -30.04
C THR F 233 -6.83 -32.55 -29.16
N GLY F 234 -6.06 -33.55 -28.71
CA GLY F 234 -5.21 -33.40 -27.55
C GLY F 234 -3.98 -32.52 -27.69
N GLU F 235 -3.95 -31.58 -28.62
CA GLU F 235 -2.81 -30.70 -28.76
C GLU F 235 -3.05 -29.41 -27.99
N ILE F 236 -1.97 -28.74 -27.60
CA ILE F 236 -2.11 -27.51 -26.82
C ILE F 236 -2.44 -26.38 -27.81
N LYS F 237 -3.73 -26.15 -28.01
CA LYS F 237 -4.14 -25.10 -28.91
C LYS F 237 -4.08 -23.77 -28.18
N GLY F 238 -3.87 -22.71 -28.93
CA GLY F 238 -3.78 -21.38 -28.36
C GLY F 238 -4.44 -20.37 -29.25
N HIS F 239 -4.49 -19.14 -28.76
CA HIS F 239 -5.08 -18.04 -29.51
C HIS F 239 -4.38 -16.77 -29.10
N TYR F 240 -3.99 -15.98 -30.08
CA TYR F 240 -3.22 -14.77 -29.85
C TYR F 240 -4.17 -13.70 -29.35
N LEU F 241 -4.48 -13.72 -28.07
CA LEU F 241 -5.40 -12.73 -27.52
C LEU F 241 -4.77 -11.36 -27.52
N ASN F 242 -5.49 -10.37 -28.03
CA ASN F 242 -4.92 -9.06 -28.28
C ASN F 242 -4.99 -8.24 -27.02
N VAL F 243 -3.83 -8.02 -26.40
CA VAL F 243 -3.76 -7.25 -25.19
C VAL F 243 -3.28 -5.82 -25.44
N THR F 244 -3.25 -5.41 -26.71
CA THR F 244 -2.93 -4.02 -27.03
C THR F 244 -4.05 -3.14 -26.50
N ALA F 245 -3.68 -2.10 -25.77
CA ALA F 245 -4.65 -1.37 -24.97
C ALA F 245 -4.29 0.10 -24.92
N PRO F 246 -5.22 0.97 -24.53
CA PRO F 246 -4.87 2.39 -24.39
C PRO F 246 -3.79 2.70 -23.39
N THR F 247 -3.85 2.17 -22.17
CA THR F 247 -2.85 2.46 -21.17
C THR F 247 -2.10 1.19 -20.80
N CYS F 248 -0.92 1.33 -20.21
CA CYS F 248 -0.19 0.16 -19.69
C CYS F 248 -0.86 -0.48 -18.50
N GLU F 249 -1.76 0.22 -17.81
CA GLU F 249 -2.53 -0.46 -16.78
C GLU F 249 -3.60 -1.33 -17.40
N GLU F 250 -4.32 -0.77 -18.38
CA GLU F 250 -5.33 -1.51 -19.12
C GLU F 250 -4.71 -2.61 -19.97
N MET F 251 -3.43 -2.53 -20.32
CA MET F 251 -2.79 -3.63 -21.03
C MET F 251 -2.49 -4.79 -20.10
N LEU F 252 -2.02 -4.50 -18.90
CA LEU F 252 -1.66 -5.58 -18.01
C LEU F 252 -2.87 -6.19 -17.32
N LYS F 253 -3.97 -5.44 -17.20
CA LYS F 253 -5.16 -6.09 -16.70
C LYS F 253 -5.86 -6.87 -17.79
N ARG F 254 -5.46 -6.65 -19.03
CA ARG F 254 -5.90 -7.42 -20.17
C ARG F 254 -5.01 -8.63 -20.38
N ALA F 255 -3.79 -8.59 -19.89
CA ALA F 255 -2.94 -9.76 -19.99
C ALA F 255 -3.05 -10.63 -18.75
N GLU F 256 -3.21 -10.04 -17.57
CA GLU F 256 -3.44 -10.81 -16.35
C GLU F 256 -4.78 -11.53 -16.36
N TYR F 257 -5.70 -11.11 -17.21
CA TYR F 257 -6.91 -11.89 -17.39
C TYR F 257 -6.67 -13.05 -18.33
N ALA F 258 -5.88 -12.87 -19.38
CA ALA F 258 -5.49 -14.02 -20.18
C ALA F 258 -4.55 -14.94 -19.45
N LYS F 259 -3.86 -14.48 -18.42
CA LYS F 259 -3.17 -15.41 -17.55
C LYS F 259 -4.17 -16.24 -16.74
N GLU F 260 -5.23 -15.62 -16.25
CA GLU F 260 -6.11 -16.33 -15.34
C GLU F 260 -7.16 -17.16 -16.05
N LEU F 261 -7.22 -17.08 -17.38
CA LEU F 261 -7.91 -18.06 -18.18
C LEU F 261 -6.98 -19.18 -18.61
N LYS F 262 -5.76 -19.18 -18.09
CA LYS F 262 -4.72 -20.17 -18.37
C LYS F 262 -4.35 -20.21 -19.84
N GLN F 263 -4.44 -19.07 -20.53
CA GLN F 263 -4.15 -18.99 -21.94
C GLN F 263 -2.65 -19.15 -22.18
N PRO F 264 -2.26 -19.83 -23.23
CA PRO F 264 -0.84 -20.01 -23.48
C PRO F 264 -0.20 -18.76 -24.06
N ILE F 265 -0.96 -17.93 -24.76
CA ILE F 265 -0.35 -16.91 -25.60
C ILE F 265 -1.25 -15.69 -25.68
N ILE F 266 -0.62 -14.52 -25.68
CA ILE F 266 -1.25 -13.25 -25.95
C ILE F 266 -0.56 -12.65 -27.16
N MET F 267 -1.01 -11.49 -27.60
CA MET F 267 -0.34 -10.78 -28.67
C MET F 267 -0.38 -9.29 -28.43
N HIS F 268 0.43 -8.56 -29.17
CA HIS F 268 0.63 -7.15 -28.89
C HIS F 268 1.16 -6.44 -30.11
N ASP F 269 0.51 -5.36 -30.52
CA ASP F 269 0.89 -4.56 -31.69
C ASP F 269 1.98 -3.59 -31.26
N TYR F 270 3.23 -3.97 -31.45
CA TYR F 270 4.32 -3.35 -30.70
C TYR F 270 4.79 -2.01 -31.24
N LEU F 271 4.43 -1.65 -32.47
CA LEU F 271 4.83 -0.35 -32.99
C LEU F 271 3.76 0.71 -32.86
N THR F 272 2.49 0.34 -32.76
CA THR F 272 1.50 1.30 -32.31
C THR F 272 1.58 1.53 -30.81
N ALA F 273 1.69 0.46 -30.04
CA ALA F 273 1.78 0.55 -28.59
C ALA F 273 3.17 0.89 -28.09
N GLY F 274 4.18 0.80 -28.93
CA GLY F 274 5.48 1.31 -28.57
C GLY F 274 6.36 0.28 -27.92
N PHE F 275 7.56 0.71 -27.60
CA PHE F 275 8.54 -0.17 -26.99
C PHE F 275 8.59 -0.04 -25.49
N THR F 276 7.94 0.94 -24.90
CA THR F 276 7.85 0.94 -23.45
C THR F 276 6.73 0.02 -23.01
N ALA F 277 5.65 -0.05 -23.78
CA ALA F 277 4.59 -0.98 -23.44
C ALA F 277 4.93 -2.39 -23.85
N ASN F 278 5.75 -2.55 -24.88
CA ASN F 278 6.20 -3.89 -25.23
C ASN F 278 7.14 -4.44 -24.19
N THR F 279 8.12 -3.65 -23.76
CA THR F 279 9.10 -4.14 -22.81
C THR F 279 8.47 -4.32 -21.44
N THR F 280 7.38 -3.62 -21.15
CA THR F 280 6.59 -3.91 -19.95
C THR F 280 5.95 -5.27 -20.05
N LEU F 281 5.43 -5.62 -21.21
CA LEU F 281 4.76 -6.88 -21.43
C LEU F 281 5.72 -8.02 -21.71
N ALA F 282 6.89 -7.72 -22.24
CA ALA F 282 8.01 -8.65 -22.23
C ALA F 282 8.31 -9.15 -20.85
N ARG F 283 8.55 -8.22 -19.92
CA ARG F 283 8.89 -8.56 -18.56
C ARG F 283 7.72 -9.21 -17.86
N TRP F 284 6.51 -8.94 -18.30
CA TRP F 284 5.35 -9.55 -17.69
C TRP F 284 5.22 -11.00 -18.12
N CYS F 285 5.34 -11.24 -19.43
CA CYS F 285 5.14 -12.58 -19.97
C CYS F 285 6.24 -13.53 -19.54
N ARG F 286 7.45 -13.04 -19.35
CA ARG F 286 8.49 -13.88 -18.77
C ARG F 286 8.15 -14.19 -17.32
N ASP F 287 7.62 -13.22 -16.60
CA ASP F 287 7.27 -13.43 -15.19
C ASP F 287 5.89 -14.04 -15.03
N ASN F 288 5.21 -14.44 -16.10
CA ASN F 288 3.93 -15.10 -15.99
C ASN F 288 3.74 -16.25 -16.97
N GLY F 289 4.77 -16.60 -17.74
CA GLY F 289 4.71 -17.79 -18.55
C GLY F 289 3.74 -17.75 -19.70
N VAL F 290 3.36 -16.58 -20.14
CA VAL F 290 2.49 -16.42 -21.28
C VAL F 290 3.38 -16.19 -22.49
N LEU F 291 3.06 -16.80 -23.61
CA LEU F 291 3.82 -16.52 -24.81
C LEU F 291 3.38 -15.18 -25.35
N LEU F 292 4.29 -14.48 -26.02
CA LEU F 292 3.98 -13.16 -26.56
C LEU F 292 4.12 -13.19 -28.06
N HIS F 293 3.03 -12.90 -28.76
CA HIS F 293 3.03 -12.83 -30.22
C HIS F 293 3.15 -11.37 -30.62
N ILE F 294 4.32 -10.94 -31.04
CA ILE F 294 4.44 -9.55 -31.42
C ILE F 294 3.95 -9.35 -32.84
N HIS F 295 3.00 -8.44 -33.02
CA HIS F 295 2.45 -8.13 -34.32
C HIS F 295 3.02 -6.81 -34.80
N ARG F 296 3.39 -6.75 -36.07
CA ARG F 296 4.08 -5.58 -36.57
C ARG F 296 3.12 -4.58 -37.20
N ALA F 297 2.11 -4.18 -36.43
CA ALA F 297 1.18 -3.18 -36.93
C ALA F 297 1.88 -1.84 -36.97
N MET F 298 1.55 -1.03 -37.97
CA MET F 298 2.17 0.28 -38.25
C MET F 298 3.66 0.13 -38.56
N HIS F 299 4.08 -1.02 -39.08
CA HIS F 299 5.49 -1.16 -39.42
C HIS F 299 5.78 -0.54 -40.77
N ALA F 300 4.80 -0.49 -41.66
CA ALA F 300 5.06 -0.11 -43.02
C ALA F 300 5.13 1.38 -43.20
N VAL F 301 4.86 2.15 -42.14
CA VAL F 301 5.14 3.57 -42.18
C VAL F 301 6.62 3.79 -42.32
N ILE F 302 7.42 2.90 -41.72
CA ILE F 302 8.83 3.16 -41.48
C ILE F 302 9.75 2.13 -42.13
N ASP F 303 9.26 1.00 -42.62
CA ASP F 303 10.17 0.10 -43.31
C ASP F 303 9.85 -0.14 -44.77
N ARG F 304 8.89 0.58 -45.36
CA ARG F 304 8.41 0.20 -46.67
C ARG F 304 9.08 0.96 -47.78
N GLN F 305 9.44 2.22 -47.57
CA GLN F 305 10.18 2.97 -48.56
C GLN F 305 11.64 2.57 -48.52
N LYS F 306 12.26 2.44 -49.69
CA LYS F 306 13.62 1.96 -49.75
C LYS F 306 14.65 3.03 -49.46
N ASN F 307 14.25 4.28 -49.26
CA ASN F 307 15.20 5.36 -49.06
C ASN F 307 15.15 5.98 -47.69
N HIS F 308 14.05 5.84 -46.94
CA HIS F 308 13.86 6.58 -45.71
C HIS F 308 13.02 5.78 -44.76
N GLY F 309 13.36 5.87 -43.48
CA GLY F 309 12.62 5.18 -42.46
C GLY F 309 13.51 4.27 -41.64
N ILE F 310 12.96 3.23 -41.05
CA ILE F 310 13.73 2.29 -40.25
C ILE F 310 13.46 0.92 -40.83
N HIS F 311 14.50 0.29 -41.41
CA HIS F 311 14.34 -1.04 -42.00
C HIS F 311 13.92 -2.01 -40.92
N PHE F 312 13.13 -3.01 -41.31
CA PHE F 312 12.52 -3.88 -40.32
C PHE F 312 13.53 -4.76 -39.60
N ARG F 313 14.71 -4.96 -40.17
CA ARG F 313 15.73 -5.70 -39.43
C ARG F 313 16.28 -4.89 -38.27
N VAL F 314 16.04 -3.60 -38.20
CA VAL F 314 16.25 -2.90 -36.96
C VAL F 314 15.12 -3.19 -36.00
N LEU F 315 13.89 -3.11 -36.50
CA LEU F 315 12.72 -3.34 -35.69
C LEU F 315 12.52 -4.81 -35.39
N ALA F 316 13.22 -5.69 -36.09
CA ALA F 316 13.22 -7.10 -35.71
C ALA F 316 14.19 -7.36 -34.58
N LYS F 317 15.38 -6.77 -34.68
CA LYS F 317 16.33 -6.82 -33.59
C LYS F 317 15.84 -6.06 -32.38
N ALA F 318 15.03 -5.03 -32.58
CA ALA F 318 14.55 -4.24 -31.46
C ALA F 318 13.51 -4.98 -30.65
N LEU F 319 12.75 -5.89 -31.24
CA LEU F 319 11.84 -6.67 -30.41
C LEU F 319 12.39 -8.04 -30.07
N ARG F 320 13.49 -8.46 -30.64
CA ARG F 320 14.11 -9.61 -30.04
C ARG F 320 14.75 -9.22 -28.73
N LEU F 321 15.19 -7.97 -28.61
CA LEU F 321 15.76 -7.50 -27.35
C LEU F 321 14.69 -7.18 -26.33
N SER F 322 13.60 -6.55 -26.74
CA SER F 322 12.40 -6.55 -25.92
C SER F 322 11.65 -7.86 -26.18
N GLY F 323 10.38 -7.92 -25.89
CA GLY F 323 9.72 -9.21 -25.93
C GLY F 323 9.25 -9.62 -27.29
N GLY F 324 9.12 -10.92 -27.43
CA GLY F 324 8.21 -11.48 -28.38
C GLY F 324 8.67 -12.86 -28.73
N ASP F 325 7.77 -13.82 -28.73
CA ASP F 325 8.15 -15.13 -29.16
C ASP F 325 7.86 -15.34 -30.62
N HIS F 326 6.99 -14.53 -31.17
CA HIS F 326 6.68 -14.56 -32.58
C HIS F 326 6.73 -13.13 -33.08
N ILE F 327 7.11 -12.94 -34.31
CA ILE F 327 6.94 -11.66 -34.97
C ILE F 327 6.57 -11.94 -36.41
N HIS F 328 5.61 -11.18 -36.92
CA HIS F 328 5.30 -11.28 -38.34
C HIS F 328 6.49 -10.84 -39.16
N THR F 329 7.01 -11.75 -39.97
CA THR F 329 7.96 -11.35 -40.99
C THR F 329 7.33 -11.37 -42.37
N GLY F 330 6.01 -11.28 -42.43
CA GLY F 330 5.34 -11.07 -43.69
C GLY F 330 5.22 -12.31 -44.52
N THR F 331 5.82 -12.29 -45.71
CA THR F 331 5.76 -13.43 -46.60
C THR F 331 6.94 -13.40 -47.54
N VAL F 332 7.09 -14.47 -48.29
CA VAL F 332 8.15 -14.60 -49.26
C VAL F 332 7.61 -14.75 -50.68
N VAL F 333 6.41 -15.34 -50.84
CA VAL F 333 5.96 -15.87 -52.12
C VAL F 333 5.66 -14.81 -53.16
N GLY F 334 5.50 -13.55 -52.77
CA GLY F 334 5.18 -12.52 -53.74
C GLY F 334 6.36 -11.65 -54.10
N LYS F 335 7.56 -12.10 -53.74
CA LYS F 335 8.75 -11.28 -53.81
C LYS F 335 9.83 -11.94 -54.65
N LEU F 336 10.77 -11.12 -55.13
CA LEU F 336 11.81 -11.53 -56.06
C LEU F 336 12.89 -12.31 -55.32
N GLU F 337 14.02 -12.57 -55.97
CA GLU F 337 15.13 -13.19 -55.25
C GLU F 337 15.77 -12.19 -54.28
N GLY F 338 15.97 -10.96 -54.74
CA GLY F 338 16.63 -9.97 -53.89
C GLY F 338 15.74 -9.48 -52.77
N GLU F 339 14.43 -9.52 -52.96
CA GLU F 339 13.50 -9.05 -51.94
C GLU F 339 13.13 -10.15 -50.96
N ARG F 340 13.55 -11.39 -51.21
CA ARG F 340 13.40 -12.44 -50.20
C ARG F 340 14.71 -12.84 -49.56
N GLY F 341 15.84 -12.53 -50.18
CA GLY F 341 17.09 -12.64 -49.46
C GLY F 341 17.16 -11.63 -48.34
N ILE F 342 16.61 -10.45 -48.55
CA ILE F 342 16.53 -9.45 -47.49
C ILE F 342 15.52 -9.87 -46.44
N THR F 343 14.45 -10.55 -46.86
CA THR F 343 13.46 -11.02 -45.90
C THR F 343 13.96 -12.25 -45.15
N MET F 344 14.71 -13.12 -45.82
CA MET F 344 15.41 -14.18 -45.08
C MET F 344 16.66 -13.67 -44.39
N GLY F 345 17.00 -12.41 -44.56
CA GLY F 345 18.05 -11.83 -43.76
C GLY F 345 17.54 -11.57 -42.37
N PHE F 346 16.44 -10.82 -42.24
CA PHE F 346 16.01 -10.53 -40.89
C PHE F 346 15.21 -11.65 -40.27
N VAL F 347 14.84 -12.69 -41.02
CA VAL F 347 14.33 -13.88 -40.36
C VAL F 347 15.46 -14.55 -39.60
N ASP F 348 16.67 -14.55 -40.13
CA ASP F 348 17.80 -15.12 -39.41
C ASP F 348 18.24 -14.25 -38.25
N LEU F 349 18.05 -12.94 -38.33
CA LEU F 349 18.48 -12.05 -37.25
C LEU F 349 17.66 -12.26 -35.99
N LEU F 350 16.40 -12.62 -36.15
CA LEU F 350 15.53 -12.82 -35.01
C LEU F 350 15.37 -14.27 -34.65
N ARG F 351 16.13 -15.15 -35.23
CA ARG F 351 15.88 -16.55 -34.95
C ARG F 351 17.12 -17.37 -34.72
N GLU F 352 18.29 -16.89 -35.12
CA GLU F 352 19.55 -17.60 -35.06
C GLU F 352 20.47 -16.90 -34.07
N ASN F 353 21.39 -17.65 -33.48
CA ASN F 353 22.25 -17.09 -32.44
C ASN F 353 23.31 -16.17 -33.02
N TYR F 354 24.01 -16.61 -34.04
CA TYR F 354 25.05 -15.82 -34.67
C TYR F 354 24.73 -15.71 -36.14
N VAL F 355 24.76 -14.49 -36.66
CA VAL F 355 24.46 -14.22 -38.06
C VAL F 355 25.58 -13.40 -38.67
N GLU F 356 26.16 -13.93 -39.73
CA GLU F 356 27.33 -13.32 -40.35
C GLU F 356 26.90 -12.11 -41.15
N GLN F 357 27.81 -11.15 -41.27
CA GLN F 357 27.64 -9.99 -42.13
C GLN F 357 27.52 -10.41 -43.59
N ASP F 358 26.32 -10.31 -44.15
CA ASP F 358 26.08 -10.60 -45.56
C ASP F 358 25.15 -9.50 -46.07
N LYS F 359 25.65 -8.61 -46.90
CA LYS F 359 24.87 -7.46 -47.30
C LYS F 359 23.95 -7.73 -48.48
N SER F 360 24.27 -8.72 -49.32
CA SER F 360 23.33 -9.13 -50.35
C SER F 360 22.09 -9.75 -49.74
N ARG F 361 22.25 -10.43 -48.62
CA ARG F 361 21.15 -10.95 -47.81
C ARG F 361 20.68 -9.91 -46.81
N GLY F 362 21.23 -8.69 -46.87
CA GLY F 362 20.66 -7.55 -46.21
C GLY F 362 21.34 -7.15 -44.92
N ILE F 363 21.99 -8.10 -44.25
CA ILE F 363 22.56 -7.85 -42.93
C ILE F 363 23.84 -7.04 -43.07
N TYR F 364 23.94 -5.94 -42.36
CA TYR F 364 25.13 -5.11 -42.46
C TYR F 364 26.16 -5.38 -41.39
N PHE F 365 25.75 -5.83 -40.22
CA PHE F 365 26.69 -6.08 -39.14
C PHE F 365 26.56 -7.52 -38.69
N THR F 366 27.69 -8.16 -38.43
CA THR F 366 27.67 -9.48 -37.80
C THR F 366 27.14 -9.35 -36.38
N GLN F 367 26.19 -10.19 -36.04
CA GLN F 367 25.39 -10.00 -34.85
C GLN F 367 25.45 -11.26 -34.00
N ASP F 368 26.23 -11.23 -32.92
CA ASP F 368 26.18 -12.27 -31.92
C ASP F 368 25.05 -11.94 -30.98
N TRP F 369 24.10 -12.85 -30.82
CA TRP F 369 23.01 -12.60 -29.91
C TRP F 369 23.27 -13.04 -28.49
N ALA F 370 24.42 -13.65 -28.21
CA ALA F 370 24.86 -14.00 -26.86
C ALA F 370 23.89 -14.95 -26.16
N SER F 371 23.48 -15.99 -26.89
CA SER F 371 22.53 -17.01 -26.44
C SER F 371 21.20 -16.41 -26.01
N LEU F 372 20.82 -15.29 -26.62
CA LEU F 372 19.49 -14.75 -26.37
C LEU F 372 18.51 -15.66 -27.09
N PRO F 373 17.35 -15.89 -26.51
CA PRO F 373 16.38 -16.79 -27.12
C PRO F 373 15.87 -16.27 -28.46
N GLY F 374 15.47 -17.18 -29.32
CA GLY F 374 15.04 -16.81 -30.65
C GLY F 374 13.63 -16.28 -30.65
N VAL F 375 13.22 -15.75 -31.79
CA VAL F 375 11.84 -15.36 -32.01
C VAL F 375 11.35 -16.14 -33.20
N MET F 376 10.13 -16.67 -33.14
CA MET F 376 9.53 -17.29 -34.30
C MET F 376 9.36 -16.25 -35.41
N ALA F 377 9.41 -16.70 -36.64
CA ALA F 377 9.18 -15.85 -37.78
C ALA F 377 7.86 -16.32 -38.38
N VAL F 378 6.88 -15.44 -38.36
CA VAL F 378 5.51 -15.77 -38.72
C VAL F 378 5.27 -15.39 -40.17
N ALA F 379 4.72 -16.31 -40.95
CA ALA F 379 4.41 -16.05 -42.36
C ALA F 379 2.94 -15.74 -42.50
N SER F 380 2.61 -14.53 -42.95
CA SER F 380 1.22 -14.11 -42.95
C SER F 380 0.85 -13.35 -44.21
N GLY F 381 1.27 -13.82 -45.36
CA GLY F 381 0.87 -13.18 -46.60
C GLY F 381 -0.51 -13.62 -47.03
N GLY F 382 -0.82 -13.36 -48.29
CA GLY F 382 -2.01 -13.90 -48.89
C GLY F 382 -1.75 -15.31 -49.34
N ILE F 383 -1.73 -16.24 -48.39
CA ILE F 383 -1.20 -17.57 -48.61
C ILE F 383 -2.27 -18.61 -48.29
N HIS F 384 -2.11 -19.78 -48.90
CA HIS F 384 -3.11 -20.83 -48.87
C HIS F 384 -2.41 -22.18 -49.00
N VAL F 385 -3.16 -23.20 -49.42
CA VAL F 385 -2.74 -24.59 -49.55
C VAL F 385 -1.47 -24.76 -50.37
N TRP F 386 -1.42 -24.17 -51.57
CA TRP F 386 -0.33 -24.42 -52.51
C TRP F 386 0.99 -23.78 -52.13
N HIS F 387 1.04 -23.05 -51.02
CA HIS F 387 2.25 -22.41 -50.54
C HIS F 387 2.92 -23.16 -49.42
N MET F 388 2.31 -24.24 -48.94
CA MET F 388 3.00 -25.14 -48.00
C MET F 388 4.29 -25.78 -48.50
N PRO F 389 4.49 -26.08 -49.79
CA PRO F 389 5.88 -26.41 -50.19
C PRO F 389 6.82 -25.24 -50.04
N ALA F 390 6.36 -24.01 -50.31
CA ALA F 390 7.27 -22.87 -50.34
C ALA F 390 7.63 -22.42 -48.94
N LEU F 391 6.66 -22.32 -48.05
CA LEU F 391 6.91 -21.73 -46.74
C LEU F 391 7.39 -22.73 -45.71
N VAL F 392 7.61 -23.98 -46.08
CA VAL F 392 8.27 -24.91 -45.17
C VAL F 392 9.69 -25.04 -45.68
N GLU F 393 9.88 -24.81 -46.97
CA GLU F 393 11.22 -24.80 -47.52
C GLU F 393 11.97 -23.52 -47.15
N ILE F 394 11.33 -22.37 -47.30
CA ILE F 394 11.97 -21.09 -47.02
C ILE F 394 12.05 -20.87 -45.52
N PHE F 395 10.90 -20.75 -44.86
CA PHE F 395 10.87 -20.68 -43.40
C PHE F 395 10.92 -22.10 -42.88
N GLY F 396 11.88 -22.38 -42.03
CA GLY F 396 12.13 -23.75 -41.61
C GLY F 396 11.14 -24.28 -40.61
N ASP F 397 11.65 -25.07 -39.68
CA ASP F 397 10.82 -25.58 -38.61
C ASP F 397 10.41 -24.48 -37.66
N ASP F 398 11.30 -23.51 -37.45
CA ASP F 398 11.14 -22.52 -36.38
C ASP F 398 10.27 -21.38 -36.88
N SER F 399 9.01 -21.68 -37.18
CA SER F 399 8.16 -20.70 -37.81
C SER F 399 6.71 -20.95 -37.47
N VAL F 400 5.88 -19.98 -37.81
CA VAL F 400 4.43 -20.06 -37.70
C VAL F 400 3.88 -19.61 -39.03
N LEU F 401 2.86 -20.28 -39.52
CA LEU F 401 2.30 -19.93 -40.82
C LEU F 401 0.88 -19.45 -40.60
N GLN F 402 0.63 -18.16 -40.75
CA GLN F 402 -0.74 -17.68 -40.66
C GLN F 402 -1.46 -17.97 -41.96
N PHE F 403 -2.77 -17.82 -41.94
CA PHE F 403 -3.59 -17.99 -43.13
C PHE F 403 -4.80 -17.08 -43.05
N GLY F 404 -5.60 -17.09 -44.12
CA GLY F 404 -6.83 -16.36 -44.16
C GLY F 404 -6.70 -14.86 -44.35
N GLY F 405 -5.49 -14.35 -44.54
CA GLY F 405 -5.32 -12.90 -44.65
C GLY F 405 -5.81 -12.36 -45.98
N GLY F 406 -5.35 -12.95 -47.08
CA GLY F 406 -5.78 -12.53 -48.39
C GLY F 406 -6.62 -13.55 -49.13
N THR F 407 -6.31 -14.83 -48.92
CA THR F 407 -7.02 -15.88 -49.63
C THR F 407 -8.43 -16.05 -49.07
N LEU F 408 -9.34 -16.48 -49.94
CA LEU F 408 -10.77 -16.39 -49.66
C LEU F 408 -11.31 -17.64 -48.98
N GLY F 409 -10.66 -18.06 -47.90
CA GLY F 409 -11.23 -19.09 -47.04
C GLY F 409 -11.25 -20.47 -47.67
N HIS F 410 -12.42 -21.10 -47.64
CA HIS F 410 -12.59 -22.49 -48.00
C HIS F 410 -14.07 -22.70 -48.22
N PRO F 411 -14.49 -23.54 -49.18
CA PRO F 411 -15.92 -23.70 -49.44
C PRO F 411 -16.67 -24.48 -48.37
N TRP F 412 -15.99 -25.32 -47.59
CA TRP F 412 -16.67 -26.16 -46.61
C TRP F 412 -16.65 -25.57 -45.21
N GLY F 413 -16.15 -24.36 -45.05
CA GLY F 413 -16.12 -23.74 -43.74
C GLY F 413 -14.72 -23.57 -43.20
N ASN F 414 -14.57 -23.56 -41.88
CA ASN F 414 -13.27 -23.32 -41.26
C ASN F 414 -12.59 -24.59 -40.81
N ALA F 415 -13.32 -25.53 -40.25
CA ALA F 415 -12.72 -26.78 -39.81
C ALA F 415 -12.30 -27.69 -40.95
N PRO F 416 -12.99 -27.75 -42.11
CA PRO F 416 -12.32 -28.37 -43.25
C PRO F 416 -11.32 -27.43 -43.89
N GLY F 417 -11.48 -26.14 -43.65
CA GLY F 417 -10.51 -25.19 -44.16
C GLY F 417 -9.21 -25.23 -43.40
N ALA F 418 -9.26 -25.55 -42.10
CA ALA F 418 -8.05 -25.66 -41.33
C ALA F 418 -7.38 -27.01 -41.49
N THR F 419 -8.17 -28.07 -41.74
CA THR F 419 -7.57 -29.38 -41.98
C THR F 419 -6.88 -29.42 -43.34
N ALA F 420 -7.39 -28.64 -44.29
CA ALA F 420 -6.68 -28.43 -45.54
C ALA F 420 -5.35 -27.73 -45.31
N ASN F 421 -5.30 -26.82 -44.35
CA ASN F 421 -4.08 -26.09 -44.05
C ASN F 421 -3.19 -26.83 -43.09
N ARG F 422 -3.58 -28.00 -42.65
CA ARG F 422 -2.78 -28.82 -41.74
C ARG F 422 -2.31 -30.11 -42.36
N VAL F 423 -3.13 -30.75 -43.19
CA VAL F 423 -2.67 -31.89 -43.97
C VAL F 423 -1.65 -31.44 -44.99
N ALA F 424 -1.81 -30.23 -45.53
CA ALA F 424 -0.81 -29.71 -46.46
C ALA F 424 0.47 -29.32 -45.75
N LEU F 425 0.40 -29.04 -44.45
CA LEU F 425 1.61 -28.83 -43.67
C LEU F 425 2.39 -30.12 -43.52
N GLU F 426 1.75 -31.13 -42.92
CA GLU F 426 2.42 -32.37 -42.58
C GLU F 426 2.68 -33.25 -43.79
N ALA F 427 2.09 -32.96 -44.93
CA ALA F 427 2.60 -33.56 -46.16
C ALA F 427 3.92 -32.93 -46.55
N CYS F 428 4.04 -31.61 -46.42
CA CYS F 428 5.28 -30.92 -46.73
C CYS F 428 6.31 -31.02 -45.62
N VAL F 429 5.89 -31.36 -44.41
CA VAL F 429 6.86 -31.70 -43.37
C VAL F 429 7.38 -33.12 -43.58
N GLN F 430 6.50 -34.06 -43.94
CA GLN F 430 6.94 -35.42 -44.25
C GLN F 430 7.82 -35.46 -45.49
N ALA F 431 7.48 -34.66 -46.51
CA ALA F 431 8.28 -34.64 -47.73
C ALA F 431 9.65 -34.06 -47.51
N ARG F 432 9.75 -33.00 -46.71
CA ARG F 432 11.04 -32.39 -46.43
C ARG F 432 11.91 -33.32 -45.60
N ASN F 433 11.28 -34.16 -44.78
CA ASN F 433 12.00 -35.10 -43.94
C ASN F 433 12.24 -36.43 -44.62
N GLU F 434 12.20 -36.47 -45.94
CA GLU F 434 12.48 -37.70 -46.69
C GLU F 434 13.38 -37.40 -47.89
N GLY F 435 14.02 -36.24 -47.89
CA GLY F 435 14.89 -35.86 -48.97
C GLY F 435 14.19 -35.22 -50.16
N ARG F 436 12.87 -35.19 -50.17
CA ARG F 436 12.15 -34.69 -51.34
C ARG F 436 12.28 -33.18 -51.42
N ASN F 437 12.95 -32.72 -52.48
CA ASN F 437 13.21 -31.30 -52.67
C ASN F 437 11.89 -30.60 -52.97
N LEU F 438 11.33 -29.93 -51.95
CA LEU F 438 10.06 -29.23 -52.05
C LEU F 438 10.11 -28.05 -53.02
N ALA F 439 11.30 -27.57 -53.39
CA ALA F 439 11.39 -26.58 -54.45
C ALA F 439 10.95 -27.16 -55.78
N ARG F 440 11.27 -28.42 -56.04
CA ARG F 440 10.95 -29.09 -57.29
C ARG F 440 9.89 -30.17 -57.15
N GLU F 441 9.93 -30.95 -56.07
CA GLU F 441 8.94 -31.99 -55.81
C GLU F 441 7.88 -31.54 -54.83
N GLY F 442 7.52 -30.25 -54.83
CA GLY F 442 6.61 -29.72 -53.84
C GLY F 442 5.17 -29.80 -54.25
N ASN F 443 4.88 -29.53 -55.52
CA ASN F 443 3.50 -29.62 -55.98
C ASN F 443 3.04 -31.07 -56.13
N ASP F 444 3.97 -32.02 -56.14
CA ASP F 444 3.57 -33.43 -56.11
C ASP F 444 3.02 -33.83 -54.75
N VAL F 445 3.59 -33.31 -53.67
CA VAL F 445 3.18 -33.76 -52.34
C VAL F 445 1.93 -33.03 -51.86
N ILE F 446 1.56 -31.91 -52.48
CA ILE F 446 0.22 -31.37 -52.28
C ILE F 446 -0.81 -32.22 -53.01
N ARG F 447 -0.50 -32.65 -54.23
CA ARG F 447 -1.48 -33.39 -55.00
C ARG F 447 -1.62 -34.82 -54.51
N GLU F 448 -0.55 -35.42 -53.97
CA GLU F 448 -0.69 -36.76 -53.43
C GLU F 448 -1.12 -36.77 -51.98
N ALA F 449 -1.35 -35.61 -51.37
CA ALA F 449 -2.02 -35.55 -50.09
C ALA F 449 -3.47 -35.15 -50.21
N ALA F 450 -3.85 -34.57 -51.35
CA ALA F 450 -5.25 -34.26 -51.60
C ALA F 450 -6.05 -35.52 -51.90
N LYS F 451 -5.40 -36.63 -52.23
CA LYS F 451 -6.10 -37.89 -52.40
C LYS F 451 -6.59 -38.42 -51.07
N TRP F 452 -5.70 -38.52 -50.08
CA TRP F 452 -6.03 -39.08 -48.78
C TRP F 452 -6.74 -38.10 -47.85
N SER F 453 -7.10 -36.93 -48.35
CA SER F 453 -7.83 -35.98 -47.52
C SER F 453 -8.94 -35.34 -48.34
N PRO F 454 -10.21 -35.58 -48.00
CA PRO F 454 -11.29 -34.93 -48.75
C PRO F 454 -11.40 -33.45 -48.46
N GLU F 455 -10.95 -33.02 -47.28
CA GLU F 455 -10.99 -31.60 -46.93
C GLU F 455 -9.95 -30.81 -47.71
N LEU F 456 -8.86 -31.47 -48.10
CA LEU F 456 -7.80 -30.80 -48.86
C LEU F 456 -8.06 -30.86 -50.36
N ALA F 457 -8.78 -31.88 -50.83
CA ALA F 457 -9.03 -32.01 -52.26
C ALA F 457 -9.96 -30.93 -52.78
N VAL F 458 -10.91 -30.48 -51.98
CA VAL F 458 -11.76 -29.38 -52.43
C VAL F 458 -11.04 -28.05 -52.29
N ALA F 459 -10.03 -27.96 -51.42
CA ALA F 459 -9.16 -26.80 -51.37
C ALA F 459 -8.02 -26.88 -52.36
N CYS F 460 -7.92 -27.96 -53.14
CA CYS F 460 -6.79 -28.14 -54.04
C CYS F 460 -6.93 -27.27 -55.29
N GLU F 461 -8.15 -26.84 -55.64
CA GLU F 461 -8.32 -26.03 -56.84
C GLU F 461 -8.28 -24.54 -56.59
N LEU F 462 -8.84 -24.04 -55.50
CA LEU F 462 -8.65 -22.63 -55.14
C LEU F 462 -8.29 -22.50 -53.67
N ALA G 4 -64.46 22.31 29.82
CA ALA G 4 -63.69 21.93 28.65
C ALA G 4 -63.66 23.03 27.60
N PRO G 5 -62.64 23.90 27.64
CA PRO G 5 -62.42 24.86 26.55
C PRO G 5 -61.72 24.19 25.38
N ILE G 6 -62.29 24.36 24.18
CA ILE G 6 -61.75 23.72 22.99
C ILE G 6 -62.01 24.57 21.74
N PRO G 7 -61.02 25.33 21.28
CA PRO G 7 -61.20 26.15 20.07
C PRO G 7 -60.68 25.44 18.84
N PRO G 8 -61.10 25.86 17.64
CA PRO G 8 -60.40 25.50 16.41
C PRO G 8 -59.37 26.55 15.99
N PHE G 9 -58.22 26.09 15.52
CA PHE G 9 -57.18 26.97 14.97
C PHE G 9 -56.60 26.34 13.71
N PHE G 10 -57.20 26.65 12.57
CA PHE G 10 -56.62 26.30 11.28
C PHE G 10 -56.21 27.59 10.61
N ARG G 11 -54.91 27.87 10.64
CA ARG G 11 -54.32 29.12 10.22
C ARG G 11 -53.90 28.99 8.78
N PHE G 12 -53.74 30.12 8.09
CA PHE G 12 -53.25 30.05 6.71
C PHE G 12 -51.75 29.82 6.75
N ASP G 13 -51.32 28.70 6.17
CA ASP G 13 -50.03 28.12 6.53
C ASP G 13 -49.22 27.62 5.34
N THR G 14 -49.66 27.82 4.10
CA THR G 14 -48.86 27.49 2.92
C THR G 14 -48.77 28.71 2.00
N GLU G 15 -48.28 28.47 0.79
CA GLU G 15 -47.94 29.57 -0.13
C GLU G 15 -49.17 30.26 -0.68
N ASP G 16 -50.13 29.50 -1.19
CA ASP G 16 -51.30 30.05 -1.88
C ASP G 16 -52.43 30.34 -0.88
N GLU G 17 -52.07 31.11 0.15
CA GLU G 17 -52.96 31.34 1.29
C GLU G 17 -53.18 32.82 1.54
N LEU G 18 -52.86 33.67 0.58
CA LEU G 18 -53.10 35.11 0.67
C LEU G 18 -54.06 35.49 -0.46
N PRO G 19 -55.35 35.25 -0.29
CA PRO G 19 -56.28 35.50 -1.40
C PRO G 19 -56.60 36.97 -1.59
N ARG G 20 -55.77 37.65 -2.40
CA ARG G 20 -55.90 39.10 -2.58
C ARG G 20 -57.22 39.48 -3.23
N ILE G 21 -57.96 40.36 -2.55
CA ILE G 21 -59.10 41.04 -3.16
C ILE G 21 -58.60 41.89 -4.31
N VAL G 22 -59.08 41.59 -5.51
CA VAL G 22 -58.68 42.32 -6.70
C VAL G 22 -59.94 42.84 -7.38
N PRO G 23 -59.98 44.13 -7.74
CA PRO G 23 -61.21 44.69 -8.30
C PRO G 23 -61.57 44.12 -9.66
N VAL G 24 -62.87 44.09 -9.92
CA VAL G 24 -63.38 43.63 -11.19
C VAL G 24 -64.18 44.77 -11.80
N VAL G 25 -64.24 44.78 -13.13
CA VAL G 25 -65.04 45.76 -13.83
C VAL G 25 -66.12 45.00 -14.58
N GLY G 26 -66.97 45.73 -15.31
CA GLY G 26 -68.02 45.09 -16.09
C GLY G 26 -67.47 44.32 -17.27
N GLN G 27 -68.36 43.54 -17.89
CA GLN G 27 -67.98 42.71 -19.02
C GLN G 27 -67.72 43.57 -20.24
N LEU G 28 -66.69 43.20 -21.00
CA LEU G 28 -66.23 43.99 -22.13
C LEU G 28 -67.24 43.94 -23.28
N PRO G 29 -67.29 44.99 -24.14
CA PRO G 29 -66.50 46.23 -24.24
C PRO G 29 -66.84 47.28 -23.21
N LEU G 30 -65.89 48.20 -23.02
CA LEU G 30 -65.99 49.27 -22.05
C LEU G 30 -65.28 50.48 -22.64
N LYS G 31 -64.94 51.43 -21.79
CA LYS G 31 -64.18 52.61 -22.20
C LYS G 31 -62.85 52.63 -21.45
N ALA G 32 -62.05 53.65 -21.74
CA ALA G 32 -60.81 53.87 -21.00
C ALA G 32 -61.04 54.51 -19.64
N GLU G 33 -62.29 54.86 -19.32
CA GLU G 33 -62.59 55.43 -18.02
C GLU G 33 -62.50 54.38 -16.92
N GLU G 34 -63.24 53.28 -17.07
CA GLU G 34 -63.49 52.37 -15.95
C GLU G 34 -62.32 51.47 -15.59
N LEU G 35 -61.10 51.74 -16.06
CA LEU G 35 -59.96 51.13 -15.39
C LEU G 35 -59.30 52.11 -14.44
N LYS G 36 -59.21 53.38 -14.85
CA LYS G 36 -58.73 54.41 -13.95
C LYS G 36 -59.84 54.89 -13.01
N ALA G 37 -61.11 54.70 -13.40
CA ALA G 37 -62.22 55.08 -12.54
C ALA G 37 -62.38 54.18 -11.32
N VAL G 38 -61.92 52.94 -11.40
CA VAL G 38 -62.00 52.05 -10.24
C VAL G 38 -60.92 52.44 -9.23
N PRO G 39 -61.27 52.72 -7.99
CA PRO G 39 -60.27 53.18 -7.02
C PRO G 39 -59.33 52.06 -6.60
N LEU G 40 -58.19 52.47 -6.04
CA LEU G 40 -57.13 51.56 -5.69
C LEU G 40 -57.49 50.80 -4.41
N VAL G 41 -56.81 49.69 -4.19
CA VAL G 41 -57.04 48.85 -3.02
C VAL G 41 -56.10 49.28 -1.90
N GLU G 42 -56.68 49.63 -0.76
CA GLU G 42 -55.91 50.10 0.40
C GLU G 42 -56.14 49.13 1.55
N GLU G 43 -55.28 48.11 1.62
CA GLU G 43 -55.45 47.04 2.59
C GLU G 43 -54.98 47.47 3.98
N ILE G 44 -55.69 46.99 4.99
CA ILE G 44 -55.29 47.17 6.38
C ILE G 44 -54.35 46.02 6.72
N GLU G 45 -53.18 46.37 7.28
CA GLU G 45 -52.02 45.49 7.36
C GLU G 45 -52.23 44.12 8.03
N PRO G 46 -52.95 43.97 9.19
CA PRO G 46 -53.08 42.61 9.74
C PRO G 46 -53.96 41.65 8.96
N PHE G 47 -55.18 42.05 8.60
CA PHE G 47 -56.15 41.08 8.11
C PHE G 47 -56.63 41.34 6.68
N ARG G 48 -55.93 42.19 5.92
CA ARG G 48 -56.25 42.50 4.51
C ARG G 48 -57.68 43.05 4.38
N LEU G 49 -58.03 44.01 5.23
CA LEU G 49 -59.35 44.61 5.19
C LEU G 49 -59.45 45.56 3.99
N VAL G 50 -60.37 45.28 3.08
CA VAL G 50 -60.57 46.09 1.88
C VAL G 50 -62.02 46.55 1.87
N LYS G 51 -62.24 47.87 1.82
CA LYS G 51 -63.59 48.43 1.95
C LYS G 51 -63.78 49.61 1.01
N PHE G 52 -65.03 49.78 0.57
CA PHE G 52 -65.46 50.99 -0.12
C PHE G 52 -66.90 51.28 0.27
N SER G 53 -67.33 52.51 0.01
CA SER G 53 -68.69 52.93 0.32
C SER G 53 -69.58 53.04 -0.91
N GLY G 54 -69.01 53.21 -2.10
CA GLY G 54 -69.79 53.31 -3.32
C GLY G 54 -70.21 51.95 -3.83
N GLU G 55 -70.70 51.95 -5.07
CA GLU G 55 -71.05 50.71 -5.74
C GLU G 55 -69.77 49.97 -6.11
N GLN G 56 -69.46 48.93 -5.34
CA GLN G 56 -68.18 48.24 -5.41
C GLN G 56 -68.34 46.87 -6.07
N ALA G 57 -67.23 46.38 -6.61
CA ALA G 57 -67.21 45.10 -7.32
C ALA G 57 -65.79 44.59 -7.34
N TRP G 58 -65.58 43.37 -6.83
CA TRP G 58 -64.26 42.74 -6.93
C TRP G 58 -64.47 41.24 -7.05
N VAL G 59 -63.36 40.49 -6.92
CA VAL G 59 -63.37 39.06 -7.16
C VAL G 59 -62.26 38.45 -6.31
N ALA G 60 -62.37 37.16 -6.02
CA ALA G 60 -61.39 36.45 -5.21
C ALA G 60 -60.50 35.61 -6.12
N LEU G 61 -59.21 35.77 -5.96
CA LEU G 61 -58.26 34.85 -6.55
C LEU G 61 -57.52 34.17 -5.43
N PRO G 62 -56.96 32.98 -5.65
CA PRO G 62 -56.22 32.32 -4.57
C PRO G 62 -54.96 33.04 -4.14
N GLY G 63 -54.38 33.85 -5.00
CA GLY G 63 -53.25 34.63 -4.60
C GLY G 63 -51.98 33.86 -4.87
N TRP G 64 -51.20 34.30 -5.85
CA TRP G 64 -49.98 33.61 -6.21
C TRP G 64 -48.84 34.62 -6.23
N GLN G 65 -47.68 34.16 -6.66
CA GLN G 65 -46.47 34.97 -6.59
C GLN G 65 -46.47 36.11 -7.59
N VAL G 66 -47.37 36.09 -8.56
CA VAL G 66 -47.48 37.19 -9.53
C VAL G 66 -48.61 38.12 -9.16
N LEU G 67 -49.69 37.58 -8.60
CA LEU G 67 -50.80 38.42 -8.15
C LEU G 67 -50.42 39.23 -6.93
N LEU G 68 -49.86 38.58 -5.91
CA LEU G 68 -49.45 39.27 -4.69
C LEU G 68 -48.31 40.24 -4.92
N ALA G 69 -47.44 39.98 -5.89
CA ALA G 69 -46.36 40.92 -6.20
C ALA G 69 -46.86 42.15 -6.93
N ALA G 70 -48.00 42.07 -7.60
CA ALA G 70 -48.55 43.20 -8.32
C ALA G 70 -49.00 44.28 -7.35
N GLU G 71 -48.65 45.53 -7.68
CA GLU G 71 -48.98 46.63 -6.80
C GLU G 71 -50.46 47.01 -6.91
N ASP G 72 -50.95 47.16 -8.13
CA ASP G 72 -52.36 47.47 -8.38
C ASP G 72 -52.94 46.54 -9.44
N PRO G 73 -53.37 45.34 -9.05
CA PRO G 73 -54.05 44.47 -10.00
C PRO G 73 -55.55 44.68 -10.00
N VAL G 74 -56.14 44.63 -11.21
CA VAL G 74 -57.58 44.76 -11.39
C VAL G 74 -58.02 43.75 -12.43
N THR G 75 -58.94 42.87 -12.05
CA THR G 75 -59.43 41.86 -12.98
C THR G 75 -60.47 42.46 -13.93
N ILE G 76 -60.57 41.86 -15.11
CA ILE G 76 -61.49 42.30 -16.16
C ILE G 76 -62.13 41.07 -16.76
N LEU G 77 -63.47 41.03 -16.78
CA LEU G 77 -64.15 39.94 -17.45
C LEU G 77 -64.05 40.08 -18.97
N ALA G 78 -63.67 38.99 -19.63
CA ALA G 78 -63.59 38.96 -21.08
C ALA G 78 -63.76 37.52 -21.53
N THR G 79 -63.62 37.31 -22.82
CA THR G 79 -63.62 35.98 -23.40
C THR G 79 -62.30 35.72 -24.09
N SER G 80 -62.04 34.45 -24.38
CA SER G 80 -60.73 34.04 -24.89
C SER G 80 -60.52 34.38 -26.36
N ASP G 81 -61.52 34.95 -27.03
CA ASP G 81 -61.41 35.29 -28.44
C ASP G 81 -60.38 36.38 -28.69
N ARG G 82 -60.04 37.17 -27.67
CA ARG G 82 -59.17 38.31 -27.84
C ARG G 82 -57.72 37.90 -28.05
N PHE G 83 -57.35 36.69 -27.60
CA PHE G 83 -55.96 36.29 -27.60
C PHE G 83 -55.71 35.14 -28.57
N PRO G 84 -54.59 35.15 -29.29
CA PRO G 84 -54.34 34.11 -30.29
C PRO G 84 -53.98 32.76 -29.68
N LYS G 85 -54.99 32.02 -29.22
CA LYS G 85 -54.75 30.71 -28.64
C LYS G 85 -54.78 29.66 -29.75
N GLN G 86 -53.88 28.69 -29.65
CA GLN G 86 -53.81 27.62 -30.63
C GLN G 86 -54.35 26.29 -30.11
N ASN G 87 -54.74 26.21 -28.84
CA ASN G 87 -55.32 24.99 -28.32
C ASN G 87 -56.73 24.81 -28.86
N GLN G 88 -57.19 23.56 -28.86
CA GLN G 88 -58.50 23.20 -29.35
C GLN G 88 -59.58 23.33 -28.28
N THR G 89 -59.27 23.98 -27.16
CA THR G 89 -60.25 24.19 -26.11
C THR G 89 -61.28 25.23 -26.54
N GLU G 90 -62.44 25.15 -25.91
CA GLU G 90 -63.58 25.97 -26.30
C GLU G 90 -63.40 27.41 -25.80
N PRO G 91 -63.93 28.38 -26.52
CA PRO G 91 -63.93 29.77 -26.02
C PRO G 91 -64.89 29.93 -24.85
N GLY G 92 -64.34 30.31 -23.71
CA GLY G 92 -65.15 30.55 -22.53
C GLY G 92 -64.83 31.88 -21.89
N PRO G 93 -65.37 32.12 -20.70
CA PRO G 93 -65.08 33.37 -20.00
C PRO G 93 -63.65 33.39 -19.47
N VAL G 94 -63.02 34.55 -19.59
CA VAL G 94 -61.64 34.76 -19.16
C VAL G 94 -61.60 35.99 -18.28
N LEU G 95 -61.12 35.83 -17.05
CA LEU G 95 -61.02 36.93 -16.09
C LEU G 95 -59.62 37.52 -16.19
N VAL G 96 -59.50 38.66 -16.86
CA VAL G 96 -58.23 39.22 -17.27
C VAL G 96 -57.63 40.02 -16.12
N VAL G 97 -56.68 39.42 -15.41
CA VAL G 97 -56.09 40.05 -14.23
C VAL G 97 -55.09 41.10 -14.75
N VAL G 98 -55.50 42.35 -14.72
CA VAL G 98 -54.70 43.44 -15.25
C VAL G 98 -53.98 44.13 -14.12
N ASP G 99 -52.66 44.13 -14.18
CA ASP G 99 -51.83 44.96 -13.32
C ASP G 99 -51.70 46.31 -14.02
N ARG G 100 -52.32 47.34 -13.43
CA ARG G 100 -52.15 48.68 -13.98
C ARG G 100 -50.93 49.38 -13.42
N SER G 101 -50.17 48.73 -12.53
CA SER G 101 -49.01 49.39 -11.96
C SER G 101 -47.86 49.44 -12.95
N GLN G 102 -47.44 48.28 -13.44
CA GLN G 102 -46.33 48.23 -14.40
C GLN G 102 -46.87 48.53 -15.80
N ARG G 103 -46.97 49.82 -16.09
CA ARG G 103 -47.40 50.34 -17.38
C ARG G 103 -46.28 50.35 -18.41
N GLU G 104 -45.08 49.92 -18.04
CA GLU G 104 -43.93 50.01 -18.92
C GLU G 104 -43.99 48.94 -20.00
N TRP G 105 -43.71 49.34 -21.23
CA TRP G 105 -43.86 48.45 -22.38
C TRP G 105 -42.73 47.42 -22.45
N ASN G 106 -43.11 46.19 -22.77
CA ASN G 106 -42.20 45.09 -23.03
C ASN G 106 -42.64 44.41 -24.31
N ASP G 107 -41.69 43.89 -25.06
CA ASP G 107 -42.04 43.23 -26.32
C ASP G 107 -42.49 41.79 -26.14
N PHE G 108 -42.48 41.27 -24.91
CA PHE G 108 -42.71 39.87 -24.66
C PHE G 108 -43.92 39.60 -23.77
N SER G 109 -44.70 40.62 -23.43
CA SER G 109 -45.85 40.45 -22.55
C SER G 109 -47.06 41.16 -23.13
N TYR G 110 -48.24 40.76 -22.67
CA TYR G 110 -49.48 41.34 -23.15
C TYR G 110 -49.90 42.53 -22.30
N PHE G 111 -50.41 43.57 -22.97
CA PHE G 111 -50.73 44.82 -22.32
C PHE G 111 -52.19 45.19 -22.55
N VAL G 112 -52.59 46.25 -21.88
CA VAL G 112 -53.94 46.77 -21.92
C VAL G 112 -53.83 48.15 -22.55
N VAL G 113 -54.13 48.23 -23.83
CA VAL G 113 -54.00 49.47 -24.58
C VAL G 113 -55.40 49.89 -24.96
N ASP G 114 -55.81 51.06 -24.47
CA ASP G 114 -57.13 51.60 -24.79
C ASP G 114 -57.16 52.04 -26.26
N HIS G 115 -57.83 51.25 -27.08
CA HIS G 115 -57.94 51.53 -28.51
C HIS G 115 -58.96 52.64 -28.68
N ASP G 116 -58.45 53.85 -28.96
CA ASP G 116 -59.11 55.16 -29.16
C ASP G 116 -60.35 55.38 -28.30
N GLY G 117 -60.25 55.05 -27.01
CA GLY G 117 -61.36 55.12 -26.10
C GLY G 117 -62.03 53.81 -25.80
N GLU G 118 -61.49 52.69 -26.28
CA GLU G 118 -62.01 51.37 -25.96
C GLU G 118 -60.86 50.53 -25.40
N LEU G 119 -61.02 50.07 -24.16
CA LEU G 119 -60.03 49.23 -23.50
C LEU G 119 -59.92 47.89 -24.23
N ASP G 120 -58.70 47.50 -24.59
CA ASP G 120 -58.49 46.38 -25.49
C ASP G 120 -57.15 45.74 -25.19
N PHE G 121 -57.02 44.45 -25.56
CA PHE G 121 -55.92 43.59 -25.16
C PHE G 121 -55.20 43.11 -26.42
N GLN G 122 -54.03 43.67 -26.72
CA GLN G 122 -53.30 43.27 -27.91
C GLN G 122 -51.80 43.21 -27.64
N TRP G 123 -51.11 42.44 -28.47
CA TRP G 123 -49.66 42.33 -28.44
C TRP G 123 -49.03 43.38 -29.34
N PHE G 124 -47.89 43.90 -28.90
CA PHE G 124 -47.21 44.94 -29.66
C PHE G 124 -45.72 44.63 -29.73
N GLU G 125 -45.23 44.33 -30.94
CA GLU G 125 -43.83 44.02 -31.15
C GLU G 125 -42.94 45.26 -31.03
N THR G 126 -43.50 46.43 -31.29
CA THR G 126 -42.81 47.70 -31.09
C THR G 126 -43.73 48.58 -30.26
N LYS G 127 -43.13 49.54 -29.56
CA LYS G 127 -43.90 50.39 -28.66
C LYS G 127 -44.75 51.35 -29.48
N PRO G 128 -46.07 51.29 -29.39
CA PRO G 128 -46.92 52.10 -30.25
C PRO G 128 -46.97 53.54 -29.73
N GLU G 129 -47.69 54.38 -30.47
CA GLU G 129 -48.00 55.69 -29.91
C GLU G 129 -49.11 55.60 -28.87
N PHE G 130 -49.98 54.60 -29.00
CA PHE G 130 -51.14 54.46 -28.13
C PHE G 130 -50.69 54.08 -26.72
N PRO G 131 -51.08 54.83 -25.69
CA PRO G 131 -50.49 54.63 -24.37
C PRO G 131 -51.03 53.39 -23.67
N ILE G 132 -50.12 52.68 -23.01
CA ILE G 132 -50.45 51.44 -22.30
C ILE G 132 -51.12 51.78 -20.98
N LEU G 133 -52.32 51.26 -20.76
CA LEU G 133 -53.08 51.53 -19.56
C LEU G 133 -52.78 50.54 -18.44
N GLY G 134 -52.28 49.35 -18.77
CA GLY G 134 -51.98 48.35 -17.76
C GLY G 134 -51.35 47.14 -18.41
N LYS G 135 -50.92 46.22 -17.56
CA LYS G 135 -50.24 45.01 -17.98
C LYS G 135 -51.06 43.80 -17.55
N VAL G 136 -51.22 42.83 -18.45
CA VAL G 136 -51.96 41.63 -18.13
C VAL G 136 -51.00 40.63 -17.50
N ILE G 137 -51.15 40.41 -16.19
CA ILE G 137 -50.31 39.46 -15.50
C ILE G 137 -50.88 38.04 -15.59
N ILE G 138 -52.18 37.86 -15.33
CA ILE G 138 -52.78 36.54 -15.34
C ILE G 138 -53.98 36.60 -16.26
N LEU G 139 -54.36 35.43 -16.80
CA LEU G 139 -55.60 35.24 -17.55
C LEU G 139 -56.22 33.94 -17.05
N VAL G 140 -57.03 33.99 -15.99
CA VAL G 140 -57.52 32.74 -15.41
C VAL G 140 -58.72 32.24 -16.20
N ARG G 141 -59.01 30.95 -16.00
CA ARG G 141 -60.11 30.19 -16.57
C ARG G 141 -60.75 29.34 -15.48
N PRO G 142 -62.05 29.08 -15.58
CA PRO G 142 -62.73 28.38 -14.48
C PRO G 142 -62.45 26.88 -14.51
N ARG G 143 -62.92 26.23 -13.45
CA ARG G 143 -62.82 24.78 -13.32
C ARG G 143 -63.71 24.10 -14.34
N ARG G 144 -63.25 22.96 -14.84
CA ARG G 144 -63.89 22.24 -15.95
C ARG G 144 -65.32 21.78 -15.64
N PRO H 3 -42.28 35.74 -33.36
CA PRO H 3 -43.20 34.84 -32.63
C PRO H 3 -44.06 35.57 -31.61
N ALA H 4 -45.33 35.20 -31.53
CA ALA H 4 -46.21 35.81 -30.55
C ALA H 4 -46.00 35.15 -29.20
N PRO H 5 -46.05 35.91 -28.09
CA PRO H 5 -45.91 35.29 -26.78
C PRO H 5 -47.18 34.58 -26.34
N ILE H 6 -47.00 33.51 -25.61
CA ILE H 6 -48.14 32.72 -25.12
C ILE H 6 -48.85 33.51 -24.01
N PRO H 7 -50.16 33.70 -24.10
CA PRO H 7 -50.89 34.36 -23.01
C PRO H 7 -50.88 33.52 -21.75
N PRO H 8 -50.98 34.14 -20.59
CA PRO H 8 -50.96 33.36 -19.34
C PRO H 8 -52.31 32.72 -19.01
N PHE H 9 -52.76 31.84 -19.90
CA PHE H 9 -54.05 31.16 -19.75
C PHE H 9 -53.93 30.09 -18.68
N PHE H 10 -54.14 30.49 -17.43
CA PHE H 10 -54.24 29.57 -16.33
C PHE H 10 -55.67 29.06 -16.21
N ARG H 11 -55.82 27.78 -15.89
CA ARG H 11 -57.13 27.17 -15.70
C ARG H 11 -57.16 26.48 -14.35
N PHE H 12 -58.25 26.69 -13.60
CA PHE H 12 -58.38 26.16 -12.25
C PHE H 12 -58.43 24.64 -12.24
N ASP H 13 -57.56 24.03 -11.43
CA ASP H 13 -57.53 22.59 -11.29
C ASP H 13 -58.48 22.12 -10.20
N THR H 14 -58.91 20.86 -10.31
CA THR H 14 -59.88 20.28 -9.40
C THR H 14 -59.26 19.76 -8.11
N GLU H 15 -57.94 19.65 -8.05
CA GLU H 15 -57.26 19.30 -6.80
C GLU H 15 -57.21 20.50 -5.86
N ASP H 16 -57.00 21.70 -6.40
CA ASP H 16 -56.75 22.90 -5.63
C ASP H 16 -58.04 23.70 -5.48
N GLU H 17 -58.36 24.07 -4.24
CA GLU H 17 -59.58 24.81 -3.99
C GLU H 17 -59.32 26.31 -3.97
N LEU H 18 -60.30 27.06 -4.45
CA LEU H 18 -60.33 28.49 -4.69
C LEU H 18 -61.07 29.19 -3.53
N PRO H 19 -60.67 30.43 -3.15
CA PRO H 19 -61.14 30.99 -1.88
C PRO H 19 -62.56 31.50 -1.94
N ARG H 20 -63.02 32.08 -0.84
CA ARG H 20 -64.36 32.66 -0.76
C ARG H 20 -64.28 33.94 0.04
N ILE H 21 -64.83 35.01 -0.52
CA ILE H 21 -64.81 36.32 0.12
C ILE H 21 -65.80 36.29 1.28
N VAL H 22 -65.31 36.63 2.46
CA VAL H 22 -66.12 36.62 3.67
C VAL H 22 -66.30 38.06 4.14
N PRO H 23 -67.52 38.58 4.21
CA PRO H 23 -67.75 39.96 4.68
C PRO H 23 -67.43 40.11 6.15
N VAL H 24 -66.81 41.24 6.51
CA VAL H 24 -66.34 41.42 7.88
C VAL H 24 -67.15 42.53 8.52
N VAL H 25 -67.21 42.49 9.86
CA VAL H 25 -67.72 43.58 10.66
C VAL H 25 -66.58 43.98 11.61
N GLY H 26 -66.68 45.17 12.18
CA GLY H 26 -65.58 45.80 12.92
C GLY H 26 -65.08 45.15 14.18
N GLN H 27 -64.22 45.87 14.90
CA GLN H 27 -63.58 45.30 16.09
C GLN H 27 -64.54 45.29 17.28
N LEU H 28 -64.35 44.29 18.14
CA LEU H 28 -65.22 44.10 19.29
C LEU H 28 -64.93 45.18 20.33
N PRO H 29 -65.97 45.76 20.95
CA PRO H 29 -67.41 45.44 20.88
C PRO H 29 -68.15 45.98 19.66
N LEU H 30 -69.23 45.28 19.31
CA LEU H 30 -70.13 45.65 18.23
C LEU H 30 -71.56 45.66 18.72
N LYS H 31 -72.52 45.76 17.80
CA LYS H 31 -73.93 45.69 18.15
C LYS H 31 -74.54 44.42 17.59
N ALA H 32 -75.65 43.99 18.20
CA ALA H 32 -76.40 42.86 17.67
C ALA H 32 -77.13 43.20 16.39
N GLU H 33 -77.53 44.46 16.22
CA GLU H 33 -78.13 44.89 14.96
C GLU H 33 -77.09 44.95 13.85
N GLU H 34 -75.82 45.15 14.21
CA GLU H 34 -74.76 45.24 13.19
C GLU H 34 -74.47 43.90 12.54
N LEU H 35 -74.66 42.79 13.26
CA LEU H 35 -74.51 41.49 12.63
C LEU H 35 -75.72 41.15 11.77
N LYS H 36 -76.87 41.72 12.09
CA LYS H 36 -78.10 41.39 11.38
C LYS H 36 -78.21 42.12 10.05
N ALA H 37 -77.55 43.28 9.92
CA ALA H 37 -77.64 44.07 8.70
C ALA H 37 -76.77 43.53 7.56
N VAL H 38 -75.91 42.55 7.83
CA VAL H 38 -75.01 42.03 6.81
C VAL H 38 -75.80 41.05 5.93
N PRO H 39 -75.90 41.30 4.63
CA PRO H 39 -76.78 40.49 3.78
C PRO H 39 -76.16 39.16 3.40
N LEU H 40 -76.99 38.31 2.80
CA LEU H 40 -76.49 37.09 2.21
C LEU H 40 -75.73 37.40 0.92
N VAL H 41 -74.67 36.65 0.69
CA VAL H 41 -73.77 36.88 -0.43
C VAL H 41 -73.93 35.72 -1.41
N GLU H 42 -74.39 36.04 -2.62
CA GLU H 42 -74.50 35.04 -3.67
C GLU H 42 -73.25 35.04 -4.53
N GLU H 43 -73.06 33.93 -5.23
CA GLU H 43 -71.94 33.80 -6.15
C GLU H 43 -72.29 34.37 -7.51
N ILE H 44 -71.30 34.96 -8.18
CA ILE H 44 -71.44 35.43 -9.55
C ILE H 44 -70.50 34.58 -10.40
N GLU H 45 -71.08 33.59 -11.07
CA GLU H 45 -70.31 32.55 -11.73
C GLU H 45 -69.62 33.08 -12.98
N PRO H 46 -68.46 32.52 -13.36
CA PRO H 46 -67.73 31.41 -12.73
C PRO H 46 -66.53 31.79 -11.87
N PHE H 47 -66.54 32.93 -11.19
CA PHE H 47 -65.35 33.36 -10.48
C PHE H 47 -65.61 33.86 -9.05
N ARG H 48 -66.82 33.66 -8.51
CA ARG H 48 -67.28 34.25 -7.23
C ARG H 48 -67.11 35.77 -7.25
N LEU H 49 -67.71 36.39 -8.26
CA LEU H 49 -67.39 37.75 -8.66
C LEU H 49 -68.37 38.71 -8.01
N VAL H 50 -68.28 38.80 -6.72
CA VAL H 50 -69.34 39.37 -5.89
C VAL H 50 -69.30 40.89 -5.92
N LYS H 51 -70.47 41.50 -5.70
CA LYS H 51 -70.66 42.94 -5.83
C LYS H 51 -71.42 43.46 -4.62
N PHE H 52 -71.32 44.78 -4.39
CA PHE H 52 -72.09 45.42 -3.32
C PHE H 52 -72.23 46.89 -3.66
N SER H 53 -73.22 47.54 -3.05
CA SER H 53 -73.54 48.93 -3.34
C SER H 53 -73.23 49.88 -2.19
N GLY H 54 -73.36 49.44 -0.95
CA GLY H 54 -73.18 50.31 0.21
C GLY H 54 -71.76 50.26 0.74
N GLU H 55 -71.66 50.32 2.07
CA GLU H 55 -70.38 50.42 2.78
C GLU H 55 -70.13 49.14 3.55
N GLN H 56 -69.31 48.25 3.01
CA GLN H 56 -68.91 47.04 3.70
C GLN H 56 -67.44 46.73 3.44
N ALA H 57 -66.82 46.07 4.43
CA ALA H 57 -65.43 45.68 4.39
C ALA H 57 -65.38 44.17 4.23
N TRP H 58 -64.69 43.70 3.20
CA TRP H 58 -64.69 42.30 2.83
C TRP H 58 -63.27 41.78 2.81
N VAL H 59 -63.08 40.56 3.33
CA VAL H 59 -61.80 39.88 3.35
C VAL H 59 -61.96 38.50 2.76
N ALA H 60 -61.20 38.20 1.71
CA ALA H 60 -61.17 36.84 1.20
C ALA H 60 -60.30 35.98 2.11
N LEU H 61 -60.77 34.78 2.39
CA LEU H 61 -60.09 33.87 3.28
C LEU H 61 -60.05 32.57 2.49
N PRO H 62 -58.93 31.82 2.54
CA PRO H 62 -58.71 30.75 1.56
C PRO H 62 -59.69 29.60 1.65
N GLY H 63 -59.75 28.82 0.58
CA GLY H 63 -60.69 27.74 0.47
C GLY H 63 -60.34 26.54 1.32
N TRP H 64 -61.11 26.36 2.38
CA TRP H 64 -60.96 25.23 3.28
C TRP H 64 -62.19 24.33 3.16
N GLN H 65 -62.14 23.19 3.83
CA GLN H 65 -63.21 22.21 3.67
C GLN H 65 -64.49 22.69 4.36
N VAL H 66 -64.37 23.22 5.57
CA VAL H 66 -65.53 23.76 6.25
C VAL H 66 -65.94 25.09 5.64
N LEU H 67 -64.95 25.89 5.23
CA LEU H 67 -65.21 27.28 4.85
C LEU H 67 -65.92 27.37 3.51
N LEU H 68 -65.52 26.56 2.53
CA LEU H 68 -66.23 26.58 1.25
C LEU H 68 -67.61 25.94 1.35
N ALA H 69 -67.80 25.02 2.29
CA ALA H 69 -69.11 24.45 2.57
C ALA H 69 -69.80 25.23 3.69
N ALA H 70 -70.01 26.51 3.42
CA ALA H 70 -70.65 27.41 4.35
C ALA H 70 -71.58 28.34 3.60
N GLU H 71 -72.66 28.76 4.25
CA GLU H 71 -73.72 29.49 3.57
C GLU H 71 -73.65 30.99 3.80
N ASP H 72 -73.58 31.46 5.05
CA ASP H 72 -73.55 32.89 5.35
C ASP H 72 -72.34 33.27 6.18
N PRO H 73 -71.10 33.15 5.64
CA PRO H 73 -69.92 33.40 6.47
C PRO H 73 -69.74 34.90 6.74
N VAL H 74 -69.65 35.24 8.02
CA VAL H 74 -69.44 36.61 8.45
C VAL H 74 -68.21 36.59 9.36
N THR H 75 -67.45 37.69 9.35
CA THR H 75 -66.23 37.83 10.12
C THR H 75 -66.36 38.97 11.13
N ILE H 76 -65.91 38.73 12.36
CA ILE H 76 -65.93 39.74 13.42
C ILE H 76 -64.52 39.87 13.98
N LEU H 77 -63.96 41.07 13.91
CA LEU H 77 -62.62 41.31 14.42
C LEU H 77 -62.61 41.30 15.94
N ALA H 78 -61.70 40.54 16.52
CA ALA H 78 -61.53 40.50 17.97
C ALA H 78 -60.07 40.18 18.28
N THR H 79 -59.80 39.88 19.54
CA THR H 79 -58.45 39.60 20.01
C THR H 79 -58.35 38.13 20.42
N SER H 80 -57.17 37.73 20.90
CA SER H 80 -56.93 36.33 21.23
C SER H 80 -57.61 35.93 22.53
N ASP H 81 -57.73 36.86 23.48
CA ASP H 81 -58.29 36.55 24.79
C ASP H 81 -59.80 36.32 24.76
N ARG H 82 -60.47 36.74 23.69
CA ARG H 82 -61.91 36.52 23.54
C ARG H 82 -62.26 35.06 23.32
N PHE H 83 -61.27 34.23 23.03
CA PHE H 83 -61.27 32.79 23.04
C PHE H 83 -60.31 32.31 24.13
N PRO H 84 -60.46 31.08 24.65
CA PRO H 84 -59.67 30.67 25.80
C PRO H 84 -58.17 30.56 25.52
N LYS H 85 -57.41 30.37 26.59
CA LYS H 85 -55.98 30.19 26.49
C LYS H 85 -55.68 28.80 25.94
N GLN H 86 -54.67 28.71 25.05
CA GLN H 86 -54.29 27.44 24.47
C GLN H 86 -52.79 27.19 24.42
N ASN H 87 -51.96 28.20 24.66
CA ASN H 87 -50.50 28.05 24.57
C ASN H 87 -49.84 29.11 25.44
N GLN H 88 -48.53 29.29 25.27
CA GLN H 88 -47.79 30.27 26.04
C GLN H 88 -47.77 31.66 25.40
N THR H 89 -48.40 31.82 24.25
CA THR H 89 -48.30 33.07 23.50
C THR H 89 -49.20 34.14 24.09
N GLU H 90 -48.84 35.38 23.84
CA GLU H 90 -49.53 36.56 24.35
C GLU H 90 -50.87 36.74 23.63
N PRO H 91 -51.78 37.53 24.19
CA PRO H 91 -52.98 37.91 23.43
C PRO H 91 -52.63 38.84 22.27
N GLY H 92 -53.08 38.46 21.08
CA GLY H 92 -52.92 39.26 19.89
C GLY H 92 -54.19 39.30 19.05
N PRO H 93 -54.10 39.83 17.83
CA PRO H 93 -55.31 39.98 17.01
C PRO H 93 -55.71 38.67 16.32
N VAL H 94 -57.01 38.37 16.33
CA VAL H 94 -57.56 37.14 15.79
C VAL H 94 -58.78 37.47 14.93
N LEU H 95 -58.76 37.02 13.68
CA LEU H 95 -59.93 37.07 12.82
C LEU H 95 -60.84 35.92 13.18
N VAL H 96 -62.11 36.16 13.36
CA VAL H 96 -63.04 35.06 13.57
C VAL H 96 -63.84 34.90 12.29
N VAL H 97 -64.35 33.71 12.05
CA VAL H 97 -65.32 33.47 10.99
C VAL H 97 -66.45 32.66 11.60
N VAL H 98 -67.65 33.24 11.61
CA VAL H 98 -68.84 32.57 12.09
C VAL H 98 -69.95 32.74 11.06
N ASP H 99 -70.50 31.62 10.60
CA ASP H 99 -71.60 31.79 9.66
C ASP H 99 -72.89 32.02 10.43
N ARG H 100 -73.87 32.57 9.72
CA ARG H 100 -75.09 33.03 10.36
C ARG H 100 -76.13 31.93 10.49
N SER H 101 -76.01 30.85 9.71
CA SER H 101 -77.03 29.81 9.67
C SER H 101 -76.51 28.46 10.13
N GLN H 102 -75.77 28.40 11.23
CA GLN H 102 -75.50 27.15 11.95
C GLN H 102 -75.90 27.25 13.41
N ARG H 103 -77.10 27.78 13.63
CA ARG H 103 -77.68 27.93 14.97
C ARG H 103 -77.99 26.55 15.53
N GLU H 104 -77.27 26.14 16.57
CA GLU H 104 -77.30 24.75 17.01
C GLU H 104 -76.78 24.70 18.44
N TRP H 105 -76.94 23.56 19.09
CA TRP H 105 -76.38 23.31 20.40
C TRP H 105 -75.26 22.29 20.28
N ASN H 106 -74.03 22.73 20.55
CA ASN H 106 -72.88 21.83 20.63
C ASN H 106 -72.06 22.19 21.85
N ASP H 107 -71.49 21.17 22.48
CA ASP H 107 -70.66 21.39 23.67
C ASP H 107 -69.20 21.67 23.34
N PHE H 108 -68.70 21.14 22.23
CA PHE H 108 -67.32 21.36 21.82
C PHE H 108 -67.16 22.55 20.88
N SER H 109 -68.20 22.93 20.16
CA SER H 109 -68.14 24.04 19.22
C SER H 109 -68.50 25.34 19.91
N TYR H 110 -68.10 26.45 19.30
CA TYR H 110 -68.36 27.77 19.84
C TYR H 110 -69.52 28.41 19.10
N PHE H 111 -70.17 29.37 19.75
CA PHE H 111 -71.39 29.96 19.23
C PHE H 111 -71.44 31.43 19.58
N VAL H 112 -71.62 32.29 18.58
CA VAL H 112 -71.86 33.70 18.85
C VAL H 112 -73.32 33.87 19.21
N VAL H 113 -73.61 34.81 20.12
CA VAL H 113 -74.97 35.07 20.57
C VAL H 113 -75.19 36.58 20.59
N ASP H 114 -76.38 36.97 21.05
CA ASP H 114 -76.66 38.33 21.43
C ASP H 114 -76.33 38.50 22.90
N HIS H 115 -75.55 39.53 23.23
CA HIS H 115 -75.22 39.85 24.62
C HIS H 115 -75.66 41.29 24.88
N ASP H 116 -76.96 41.44 25.14
CA ASP H 116 -77.65 42.71 25.39
C ASP H 116 -77.32 43.75 24.32
N GLY H 117 -77.60 43.37 23.07
CA GLY H 117 -77.29 44.25 21.96
C GLY H 117 -75.83 44.40 21.66
N GLU H 118 -75.00 43.44 22.09
CA GLU H 118 -73.59 43.38 21.77
C GLU H 118 -73.25 41.96 21.32
N LEU H 119 -71.96 41.67 21.21
CA LEU H 119 -71.50 40.49 20.49
C LEU H 119 -70.28 39.91 21.20
N ASP H 120 -70.28 38.60 21.44
CA ASP H 120 -69.23 37.96 22.24
C ASP H 120 -68.98 36.53 21.75
N PHE H 121 -68.33 35.72 22.59
CA PHE H 121 -68.08 34.31 22.32
C PHE H 121 -68.17 33.54 23.61
N GLN H 122 -68.91 32.42 23.61
CA GLN H 122 -69.02 31.60 24.81
C GLN H 122 -69.48 30.21 24.41
N TRP H 123 -68.77 29.19 24.89
CA TRP H 123 -69.14 27.81 24.61
C TRP H 123 -70.28 27.38 25.51
N PHE H 124 -71.05 26.40 25.04
CA PHE H 124 -72.33 26.05 25.65
C PHE H 124 -72.37 24.59 26.05
N GLU H 125 -72.27 24.35 27.36
CA GLU H 125 -72.51 23.03 27.93
C GLU H 125 -74.01 22.75 28.06
N THR H 126 -74.81 23.79 28.26
CA THR H 126 -76.25 23.69 28.39
C THR H 126 -76.93 24.58 27.35
N LYS H 127 -78.09 24.13 26.87
CA LYS H 127 -78.84 24.88 25.86
C LYS H 127 -79.44 26.15 26.45
N PRO H 128 -79.10 27.33 25.93
CA PRO H 128 -79.60 28.57 26.50
C PRO H 128 -80.89 29.03 25.85
N GLU H 129 -81.53 30.02 26.48
CA GLU H 129 -82.63 30.77 25.90
C GLU H 129 -82.15 31.94 25.06
N PHE H 130 -80.83 32.12 24.94
CA PHE H 130 -80.28 33.23 24.21
C PHE H 130 -80.31 32.95 22.72
N PRO H 131 -80.47 33.99 21.88
CA PRO H 131 -80.39 33.77 20.43
C PRO H 131 -78.95 33.54 19.99
N ILE H 132 -78.63 32.27 19.69
CA ILE H 132 -77.36 31.95 19.07
C ILE H 132 -77.37 32.45 17.64
N LEU H 133 -76.42 33.33 17.31
CA LEU H 133 -76.34 33.87 15.96
C LEU H 133 -75.34 33.12 15.09
N GLY H 134 -75.02 31.89 15.43
CA GLY H 134 -74.27 31.02 14.54
C GLY H 134 -73.07 30.36 15.21
N LYS H 135 -72.65 29.24 14.63
CA LYS H 135 -71.47 28.51 15.03
C LYS H 135 -70.27 29.09 14.30
N VAL H 136 -69.14 29.20 15.00
CA VAL H 136 -67.93 29.71 14.37
C VAL H 136 -67.43 28.70 13.37
N ILE H 137 -66.80 29.19 12.30
CA ILE H 137 -66.22 28.31 11.30
C ILE H 137 -64.74 28.15 11.59
N ILE H 138 -63.99 29.24 11.53
CA ILE H 138 -62.54 29.12 11.63
C ILE H 138 -62.01 30.35 12.36
N LEU H 139 -60.91 30.16 13.07
CA LEU H 139 -60.29 31.19 13.88
C LEU H 139 -58.85 31.35 13.42
N VAL H 140 -58.55 32.49 12.83
CA VAL H 140 -57.23 32.70 12.24
C VAL H 140 -56.67 34.02 12.73
N ARG H 141 -55.36 34.03 12.94
CA ARG H 141 -54.56 35.20 13.30
C ARG H 141 -53.70 35.55 12.10
N PRO H 142 -53.14 36.79 12.02
CA PRO H 142 -52.41 37.16 10.80
C PRO H 142 -51.10 36.42 10.58
N ARG H 143 -50.43 36.79 9.51
CA ARG H 143 -49.17 36.18 9.13
C ARG H 143 -48.01 36.76 9.92
N ARG H 144 -46.92 36.00 10.03
CA ARG H 144 -45.64 36.48 10.54
C ARG H 144 -44.57 35.97 9.58
N ILE H 145 -44.30 36.75 8.54
CA ILE H 145 -43.41 36.36 7.45
C ILE H 145 -42.35 37.43 7.28
N LEU H 146 -41.51 37.29 6.26
CA LEU H 146 -40.61 38.36 5.80
C LEU H 146 -41.05 38.76 4.38
N ASP H 147 -41.67 39.94 4.29
CA ASP H 147 -42.70 40.23 3.26
C ASP H 147 -42.16 40.23 1.84
N GLU H 148 -40.95 40.74 1.62
CA GLU H 148 -40.48 41.11 0.29
C GLU H 148 -40.17 39.90 -0.59
N ASN H 149 -40.02 38.70 -0.01
CA ASN H 149 -39.72 37.50 -0.77
C ASN H 149 -40.84 36.48 -0.76
N VAL H 150 -41.74 36.53 0.23
CA VAL H 150 -42.85 35.59 0.29
C VAL H 150 -43.84 35.85 -0.83
N THR H 151 -44.29 37.09 -0.92
CA THR H 151 -45.37 37.48 -1.80
C THR H 151 -44.91 38.30 -3.00
N LYS H 152 -43.64 38.69 -3.05
CA LYS H 152 -43.20 39.63 -4.06
C LYS H 152 -42.08 39.11 -4.95
N ASP H 153 -41.69 37.84 -4.83
CA ASP H 153 -40.64 37.29 -5.69
C ASP H 153 -40.91 35.83 -5.96
N SER H 154 -40.96 35.48 -7.24
CA SER H 154 -41.27 34.12 -7.70
C SER H 154 -40.04 33.32 -8.08
N TRP H 155 -38.87 33.94 -8.19
CA TRP H 155 -37.73 33.26 -8.77
C TRP H 155 -36.89 32.54 -7.71
N GLN H 156 -37.42 32.40 -6.51
CA GLN H 156 -36.72 31.72 -5.44
C GLN H 156 -36.82 30.22 -5.63
N ILE H 157 -35.87 29.50 -5.05
CA ILE H 157 -35.88 28.07 -5.01
C ILE H 157 -36.13 27.68 -3.55
N ASP H 158 -36.38 26.38 -3.31
CA ASP H 158 -36.37 25.87 -1.94
C ASP H 158 -35.02 26.13 -1.29
N GLU H 159 -33.96 25.55 -1.83
CA GLU H 159 -32.62 25.86 -1.36
C GLU H 159 -32.04 27.08 -2.07
N MET I 1 -17.05 53.87 -3.06
CA MET I 1 -16.52 52.73 -3.79
C MET I 1 -15.08 52.47 -3.36
N GLN I 2 -14.87 51.37 -2.62
CA GLN I 2 -13.63 51.15 -1.89
C GLN I 2 -13.55 49.68 -1.48
N THR I 3 -12.33 49.15 -1.35
CA THR I 3 -12.16 47.79 -0.86
C THR I 3 -11.90 47.80 0.65
N LEU I 4 -11.83 46.59 1.23
CA LEU I 4 -11.48 46.30 2.61
C LEU I 4 -9.98 46.14 2.76
N PRO I 5 -9.33 46.87 3.67
CA PRO I 5 -7.90 46.66 3.89
C PRO I 5 -7.56 45.33 4.56
N LYS I 6 -6.27 45.02 4.67
CA LYS I 6 -5.80 43.72 5.16
C LYS I 6 -5.42 43.83 6.64
N GLU I 7 -6.36 43.51 7.52
CA GLU I 7 -6.10 43.42 8.96
C GLU I 7 -6.28 41.98 9.41
N ARG I 8 -5.96 41.72 10.68
CA ARG I 8 -6.13 40.38 11.22
C ARG I 8 -7.60 40.10 11.51
N ARG I 9 -8.23 40.95 12.34
CA ARG I 9 -9.66 40.93 12.62
C ARG I 9 -10.10 39.58 13.20
N TYR I 10 -9.71 39.40 14.47
CA TYR I 10 -9.29 38.13 15.05
C TYR I 10 -10.22 36.93 14.92
N GLU I 11 -11.36 36.88 15.63
CA GLU I 11 -12.17 35.66 15.58
C GLU I 11 -13.63 35.91 15.23
N THR I 12 -14.27 36.71 16.07
CA THR I 12 -15.71 36.85 16.26
C THR I 12 -15.86 38.07 17.15
N LEU I 13 -16.88 38.89 16.87
CA LEU I 13 -17.05 40.23 17.43
C LEU I 13 -15.84 41.10 17.09
N SER I 14 -15.26 40.88 15.91
CA SER I 14 -14.03 41.52 15.51
C SER I 14 -14.11 42.28 14.21
N TYR I 15 -15.25 42.27 13.51
CA TYR I 15 -15.37 43.11 12.33
C TYR I 15 -16.11 44.40 12.65
N LEU I 16 -16.91 44.39 13.67
CA LEU I 16 -17.51 45.53 14.35
C LEU I 16 -16.43 46.32 15.10
N PRO I 17 -16.67 47.59 15.42
CA PRO I 17 -15.66 48.36 16.14
C PRO I 17 -15.44 47.80 17.53
N PRO I 18 -14.23 47.94 18.08
CA PRO I 18 -13.84 47.17 19.27
C PRO I 18 -14.65 47.55 20.50
N LEU I 19 -15.16 46.53 21.18
CA LEU I 19 -16.19 46.70 22.19
C LEU I 19 -15.65 47.37 23.44
N THR I 20 -16.36 48.39 23.89
CA THR I 20 -15.89 49.25 24.97
C THR I 20 -16.34 48.66 26.30
N ASP I 21 -16.14 49.42 27.38
CA ASP I 21 -16.35 48.90 28.72
C ASP I 21 -17.82 48.65 29.01
N VAL I 22 -18.71 49.38 28.35
CA VAL I 22 -20.14 49.12 28.49
C VAL I 22 -20.50 47.82 27.80
N GLN I 23 -19.95 47.60 26.61
CA GLN I 23 -20.26 46.41 25.83
C GLN I 23 -19.49 45.19 26.33
N ILE I 24 -18.42 45.37 27.10
CA ILE I 24 -17.82 44.24 27.80
C ILE I 24 -18.74 43.74 28.89
N GLU I 25 -19.21 44.64 29.75
CA GLU I 25 -20.01 44.21 30.88
C GLU I 25 -21.42 43.79 30.47
N LYS I 26 -21.96 44.37 29.38
CA LYS I 26 -23.27 43.92 28.93
C LYS I 26 -23.23 42.51 28.38
N GLN I 27 -22.10 42.12 27.78
CA GLN I 27 -21.96 40.74 27.35
C GLN I 27 -21.62 39.84 28.51
N VAL I 28 -20.88 40.33 29.50
CA VAL I 28 -20.65 39.57 30.72
C VAL I 28 -21.95 39.38 31.48
N GLN I 29 -22.81 40.41 31.50
CA GLN I 29 -24.12 40.26 32.12
C GLN I 29 -25.00 39.32 31.31
N TYR I 30 -24.75 39.19 30.01
CA TYR I 30 -25.43 38.16 29.24
C TYR I 30 -24.94 36.77 29.60
N ILE I 31 -23.71 36.64 30.09
CA ILE I 31 -23.21 35.31 30.43
C ILE I 31 -23.86 34.79 31.70
N LEU I 32 -23.90 35.62 32.74
CA LEU I 32 -24.41 35.13 34.01
C LEU I 32 -25.94 35.09 34.02
N SER I 33 -26.61 36.09 33.42
CA SER I 33 -28.06 36.11 33.47
C SER I 33 -28.71 35.14 32.49
N GLN I 34 -27.93 34.47 31.67
CA GLN I 34 -28.40 33.34 30.90
C GLN I 34 -27.86 32.02 31.43
N GLY I 35 -27.19 32.05 32.57
CA GLY I 35 -26.75 30.83 33.21
C GLY I 35 -25.53 30.18 32.60
N TYR I 36 -24.69 30.93 31.92
CA TYR I 36 -23.44 30.39 31.40
C TYR I 36 -22.33 30.72 32.38
N ILE I 37 -21.20 30.06 32.22
CA ILE I 37 -20.11 30.13 33.19
C ILE I 37 -19.03 31.05 32.61
N PRO I 38 -18.85 32.26 33.15
CA PRO I 38 -17.90 33.21 32.53
C PRO I 38 -16.46 32.87 32.85
N ALA I 39 -15.76 32.30 31.89
CA ALA I 39 -14.35 32.00 32.05
C ALA I 39 -13.52 33.04 31.34
N VAL I 40 -12.34 33.32 31.90
CA VAL I 40 -11.42 34.28 31.33
C VAL I 40 -10.26 33.50 30.72
N GLU I 41 -9.91 33.82 29.49
CA GLU I 41 -8.81 33.17 28.81
C GLU I 41 -7.85 34.21 28.30
N PHE I 42 -6.60 33.83 28.14
CA PHE I 42 -5.59 34.70 27.55
C PHE I 42 -4.67 33.89 26.66
N ASN I 43 -4.00 34.57 25.74
CA ASN I 43 -3.06 33.91 24.85
C ASN I 43 -2.08 34.95 24.34
N GLU I 44 -0.92 34.47 23.86
CA GLU I 44 0.08 35.39 23.32
C GLU I 44 -0.39 36.00 22.01
N VAL I 45 -0.73 35.17 21.04
CA VAL I 45 -1.16 35.64 19.73
C VAL I 45 -2.59 35.17 19.55
N SER I 46 -3.40 35.98 18.85
CA SER I 46 -4.81 35.70 18.69
C SER I 46 -5.18 35.22 17.31
N GLU I 47 -4.38 34.39 16.70
CA GLU I 47 -4.95 33.81 15.51
C GLU I 47 -5.87 32.66 15.91
N PRO I 48 -6.93 32.42 15.16
CA PRO I 48 -7.73 31.20 15.39
C PRO I 48 -7.19 29.96 14.71
N THR I 49 -5.88 29.78 14.66
CA THR I 49 -5.33 28.48 14.39
C THR I 49 -4.47 27.99 15.55
N GLU I 50 -4.20 28.84 16.53
CA GLU I 50 -3.73 28.40 17.83
C GLU I 50 -5.00 28.14 18.63
N LEU I 51 -5.24 26.87 18.94
CA LEU I 51 -6.59 26.43 19.21
C LEU I 51 -6.97 26.58 20.67
N TYR I 52 -6.01 26.54 21.59
CA TYR I 52 -6.30 26.67 23.01
C TYR I 52 -5.83 28.01 23.53
N TRP I 53 -6.70 28.70 24.22
CA TRP I 53 -6.28 29.86 24.95
C TRP I 53 -6.13 29.48 26.41
N THR I 54 -5.08 30.02 27.01
CA THR I 54 -4.68 29.62 28.34
C THR I 54 -5.66 30.22 29.34
N LEU I 55 -6.19 29.38 30.20
CA LEU I 55 -7.26 29.80 31.10
C LEU I 55 -6.65 30.61 32.24
N TRP I 56 -7.19 31.79 32.46
CA TRP I 56 -6.93 32.55 33.67
C TRP I 56 -7.59 31.87 34.85
N LYS I 57 -7.26 32.34 36.07
CA LYS I 57 -7.24 31.65 37.35
C LYS I 57 -8.28 30.55 37.55
N LEU I 58 -9.53 30.87 37.32
CA LEU I 58 -10.61 29.89 37.32
C LEU I 58 -11.57 30.21 36.19
N PRO I 59 -12.49 29.30 35.85
CA PRO I 59 -13.61 29.68 35.00
C PRO I 59 -14.81 30.31 35.70
N LEU I 60 -14.68 30.65 36.99
CA LEU I 60 -15.65 31.45 37.75
C LEU I 60 -17.02 30.78 37.77
N PHE I 61 -17.08 29.64 38.45
CA PHE I 61 -18.30 28.83 38.48
C PHE I 61 -19.43 29.54 39.20
N GLY I 62 -19.12 30.26 40.27
CA GLY I 62 -20.17 30.90 41.06
C GLY I 62 -20.18 32.40 40.88
N ALA I 63 -19.85 32.87 39.68
CA ALA I 63 -19.80 34.29 39.41
C ALA I 63 -21.21 34.81 39.15
N LYS I 64 -21.61 35.83 39.90
CA LYS I 64 -22.98 36.32 39.88
C LYS I 64 -23.13 37.76 39.46
N THR I 65 -22.07 38.57 39.53
CA THR I 65 -22.16 39.94 39.05
C THR I 65 -21.08 40.23 38.02
N SER I 66 -21.37 41.20 37.14
CA SER I 66 -20.38 41.63 36.17
C SER I 66 -19.31 42.50 36.80
N ARG I 67 -19.57 43.06 37.97
CA ARG I 67 -18.60 43.89 38.67
C ARG I 67 -17.46 43.09 39.27
N GLU I 68 -17.57 41.76 39.31
CA GLU I 68 -16.52 40.88 39.81
C GLU I 68 -15.90 40.00 38.75
N VAL I 69 -16.64 39.69 37.67
CA VAL I 69 -16.03 39.03 36.52
C VAL I 69 -15.05 39.97 35.84
N LEU I 70 -15.46 41.23 35.69
CA LEU I 70 -14.54 42.23 35.16
C LEU I 70 -13.43 42.52 36.15
N ALA I 71 -13.70 42.41 37.46
CA ALA I 71 -12.69 42.65 38.48
C ALA I 71 -11.67 41.53 38.55
N GLU I 72 -11.99 40.38 37.97
CA GLU I 72 -10.95 39.37 37.80
C GLU I 72 -10.09 39.69 36.58
N VAL I 73 -10.68 40.32 35.57
CA VAL I 73 -9.88 40.82 34.46
C VAL I 73 -9.13 42.09 34.88
N GLN I 74 -9.64 42.81 35.88
CA GLN I 74 -8.86 43.91 36.46
C GLN I 74 -7.60 43.40 37.13
N SER I 75 -7.64 42.17 37.68
CA SER I 75 -6.45 41.51 38.15
C SER I 75 -5.62 40.93 37.00
N CYS I 76 -6.16 40.94 35.78
CA CYS I 76 -5.48 40.40 34.61
C CYS I 76 -5.09 41.49 33.62
N ARG I 77 -5.50 42.73 33.86
CA ARG I 77 -4.95 43.86 33.10
C ARG I 77 -3.45 43.99 33.33
N SER I 78 -3.07 44.27 34.58
CA SER I 78 -1.69 44.54 34.95
C SER I 78 -0.80 43.31 34.89
N GLN I 79 -1.40 42.12 34.99
CA GLN I 79 -0.63 40.89 34.92
C GLN I 79 -0.08 40.67 33.52
N TYR I 80 -0.94 40.81 32.52
CA TYR I 80 -0.63 40.48 31.13
C TYR I 80 -0.98 41.66 30.24
N PRO I 81 -0.08 42.62 30.08
CA PRO I 81 -0.35 43.72 29.14
C PRO I 81 -0.22 43.31 27.70
N GLY I 82 0.44 42.19 27.42
CA GLY I 82 0.75 41.82 26.06
C GLY I 82 -0.01 40.61 25.55
N HIS I 83 -0.91 40.09 26.36
CA HIS I 83 -1.71 38.93 25.99
C HIS I 83 -3.12 39.36 25.65
N TYR I 84 -3.67 38.73 24.62
CA TYR I 84 -5.06 38.95 24.24
C TYR I 84 -5.95 38.34 25.31
N ILE I 85 -6.38 39.13 26.27
CA ILE I 85 -7.28 38.63 27.30
C ILE I 85 -8.65 38.45 26.68
N ARG I 86 -9.45 37.54 27.22
CA ARG I 86 -10.73 37.18 26.63
C ARG I 86 -11.64 36.56 27.68
N VAL I 87 -12.89 37.03 27.73
CA VAL I 87 -13.90 36.39 28.57
C VAL I 87 -14.72 35.46 27.67
N VAL I 88 -14.58 34.16 27.86
CA VAL I 88 -15.40 33.20 27.14
C VAL I 88 -16.58 32.82 28.01
N GLY I 89 -17.58 32.20 27.41
CA GLY I 89 -18.72 31.77 28.16
C GLY I 89 -19.01 30.32 27.87
N PHE I 90 -18.86 29.47 28.87
CA PHE I 90 -19.12 28.07 28.69
C PHE I 90 -20.55 27.75 29.07
N ASP I 91 -21.12 26.77 28.38
CA ASP I 91 -22.45 26.31 28.73
C ASP I 91 -22.36 25.56 30.04
N ASN I 92 -23.40 25.73 30.87
CA ASN I 92 -23.37 25.15 32.21
C ASN I 92 -23.46 23.64 32.16
N ILE I 93 -24.18 23.12 31.16
CA ILE I 93 -24.51 21.70 31.10
C ILE I 93 -24.01 21.09 29.79
N LYS I 94 -24.54 21.56 28.67
CA LYS I 94 -24.69 20.74 27.48
C LYS I 94 -23.44 20.67 26.60
N GLN I 95 -22.26 20.97 27.16
CA GLN I 95 -20.95 20.86 26.49
C GLN I 95 -20.84 21.71 25.22
N CYS I 96 -20.94 23.02 25.40
CA CYS I 96 -20.61 23.94 24.32
C CYS I 96 -20.10 25.26 24.90
N GLN I 97 -19.63 26.11 24.02
CA GLN I 97 -19.05 27.41 24.35
C GLN I 97 -19.70 28.47 23.48
N ILE I 98 -20.07 29.59 24.08
CA ILE I 98 -20.86 30.57 23.32
C ILE I 98 -20.17 31.91 23.16
N LEU I 99 -19.94 32.62 24.24
CA LEU I 99 -19.44 33.98 24.11
C LEU I 99 -17.93 33.94 23.95
N SER I 100 -17.40 34.90 23.21
CA SER I 100 -15.96 34.99 22.95
C SER I 100 -15.68 36.42 22.53
N PHE I 101 -14.97 37.17 23.36
CA PHE I 101 -14.70 38.57 23.05
C PHE I 101 -13.44 39.04 23.76
N ILE I 102 -12.54 39.64 23.01
CA ILE I 102 -11.29 40.13 23.58
C ILE I 102 -11.54 41.39 24.38
N VAL I 103 -11.12 41.41 25.63
CA VAL I 103 -11.32 42.56 26.49
C VAL I 103 -10.07 43.41 26.56
N HIS I 104 -8.90 42.83 26.27
CA HIS I 104 -7.64 43.54 26.35
C HIS I 104 -6.68 42.99 25.30
N LYS I 105 -5.93 43.89 24.70
CA LYS I 105 -5.06 43.60 23.58
C LYS I 105 -3.71 44.24 23.87
N PRO I 106 -2.60 43.61 23.44
CA PRO I 106 -1.27 44.24 23.55
C PRO I 106 -1.13 45.59 22.86
N GLN J 2 -49.32 -34.20 -6.56
CA GLN J 2 -48.43 -34.65 -7.62
C GLN J 2 -47.21 -33.73 -7.63
N THR J 3 -46.07 -34.25 -8.06
CA THR J 3 -44.80 -33.54 -8.00
C THR J 3 -44.24 -33.28 -9.41
N LEU J 4 -42.99 -32.75 -9.44
CA LEU J 4 -42.19 -32.52 -10.64
C LEU J 4 -41.02 -33.51 -10.64
N PRO J 5 -40.84 -34.30 -11.70
CA PRO J 5 -39.76 -35.29 -11.70
C PRO J 5 -38.40 -34.65 -11.91
N LYS J 6 -37.36 -35.30 -11.39
CA LYS J 6 -36.00 -34.88 -11.74
C LYS J 6 -35.70 -35.28 -13.17
N GLU J 7 -35.96 -34.34 -14.08
CA GLU J 7 -35.74 -34.55 -15.51
C GLU J 7 -34.76 -33.50 -16.01
N ARG J 8 -33.68 -33.96 -16.63
CA ARG J 8 -32.72 -33.05 -17.23
C ARG J 8 -33.29 -32.47 -18.51
N ARG J 9 -33.30 -31.14 -18.59
CA ARG J 9 -33.77 -30.46 -19.77
C ARG J 9 -32.65 -29.60 -20.35
N TYR J 10 -32.82 -29.23 -21.61
CA TYR J 10 -31.68 -28.97 -22.46
C TYR J 10 -31.56 -27.52 -22.92
N GLU J 11 -32.54 -27.01 -23.65
CA GLU J 11 -32.39 -25.70 -24.29
C GLU J 11 -33.77 -25.04 -24.42
N THR J 12 -33.86 -24.07 -25.31
CA THR J 12 -34.92 -23.08 -25.35
C THR J 12 -36.24 -23.59 -25.90
N LEU J 13 -36.33 -24.85 -26.32
CA LEU J 13 -37.61 -25.48 -26.62
C LEU J 13 -37.73 -26.85 -25.99
N SER J 14 -36.99 -27.10 -24.91
CA SER J 14 -36.95 -28.43 -24.30
C SER J 14 -38.19 -28.74 -23.48
N TYR J 15 -38.87 -27.72 -22.96
CA TYR J 15 -40.06 -27.93 -22.12
C TYR J 15 -41.32 -28.00 -22.99
N LEU J 16 -41.31 -28.99 -23.86
CA LEU J 16 -42.34 -29.21 -24.87
C LEU J 16 -42.43 -30.71 -25.13
N PRO J 17 -43.41 -31.16 -25.92
CA PRO J 17 -43.29 -32.49 -26.51
C PRO J 17 -42.11 -32.55 -27.45
N PRO J 18 -41.59 -33.75 -27.73
CA PRO J 18 -40.45 -33.88 -28.66
C PRO J 18 -40.84 -33.45 -30.07
N LEU J 19 -40.09 -32.47 -30.58
CA LEU J 19 -40.53 -31.73 -31.75
C LEU J 19 -40.44 -32.58 -33.01
N THR J 20 -41.58 -32.79 -33.65
CA THR J 20 -41.62 -33.58 -34.86
C THR J 20 -41.12 -32.75 -36.05
N ASP J 21 -41.23 -33.36 -37.23
CA ASP J 21 -40.58 -32.84 -38.42
C ASP J 21 -41.35 -31.66 -39.02
N VAL J 22 -42.68 -31.74 -39.03
CA VAL J 22 -43.52 -30.66 -39.54
C VAL J 22 -43.33 -29.38 -38.73
N GLN J 23 -43.15 -29.54 -37.41
CA GLN J 23 -42.97 -28.39 -36.53
C GLN J 23 -41.64 -27.69 -36.78
N ILE J 24 -40.58 -28.46 -37.00
CA ILE J 24 -39.24 -27.90 -37.22
C ILE J 24 -39.15 -27.21 -38.58
N GLU J 25 -39.78 -27.78 -39.62
CA GLU J 25 -39.91 -27.12 -40.91
C GLU J 25 -40.65 -25.80 -40.78
N LYS J 26 -41.68 -25.77 -39.93
CA LYS J 26 -42.45 -24.57 -39.64
C LYS J 26 -41.73 -23.66 -38.64
N GLN J 27 -40.77 -24.22 -37.90
CA GLN J 27 -39.94 -23.44 -36.98
C GLN J 27 -38.88 -22.64 -37.72
N VAL J 28 -38.16 -23.31 -38.63
CA VAL J 28 -37.13 -22.65 -39.45
C VAL J 28 -37.76 -21.66 -40.43
N GLN J 29 -39.01 -21.88 -40.80
CA GLN J 29 -39.74 -20.92 -41.63
C GLN J 29 -40.04 -19.62 -40.88
N TYR J 30 -39.82 -19.56 -39.56
CA TYR J 30 -39.69 -18.27 -38.89
C TYR J 30 -38.29 -17.71 -39.02
N ILE J 31 -37.27 -18.57 -38.99
CA ILE J 31 -35.88 -18.12 -38.96
C ILE J 31 -35.53 -17.43 -40.28
N LEU J 32 -35.59 -18.16 -41.38
CA LEU J 32 -35.19 -17.61 -42.67
C LEU J 32 -36.17 -16.59 -43.25
N SER J 33 -37.39 -16.48 -42.71
CA SER J 33 -38.32 -15.48 -43.25
C SER J 33 -38.04 -14.09 -42.70
N GLN J 34 -37.36 -13.99 -41.56
CA GLN J 34 -36.92 -12.72 -41.01
C GLN J 34 -35.59 -12.27 -41.61
N GLY J 35 -35.14 -12.90 -42.69
CA GLY J 35 -33.86 -12.58 -43.28
C GLY J 35 -32.66 -13.16 -42.57
N TYR J 36 -32.88 -14.09 -41.66
CA TYR J 36 -31.84 -14.60 -40.80
C TYR J 36 -31.15 -15.80 -41.44
N ILE J 37 -30.05 -16.21 -40.84
CA ILE J 37 -29.24 -17.32 -41.36
C ILE J 37 -29.44 -18.52 -40.42
N PRO J 38 -30.09 -19.58 -40.86
CA PRO J 38 -30.20 -20.78 -40.04
C PRO J 38 -29.00 -21.70 -40.21
N ALA J 39 -28.82 -22.59 -39.24
CA ALA J 39 -27.67 -23.49 -39.23
C ALA J 39 -28.00 -24.73 -38.43
N VAL J 40 -27.05 -25.66 -38.39
CA VAL J 40 -27.14 -26.91 -37.63
C VAL J 40 -25.89 -27.03 -36.78
N GLU J 41 -26.05 -27.34 -35.50
CA GLU J 41 -24.90 -27.47 -34.60
C GLU J 41 -25.04 -28.75 -33.79
N PHE J 42 -23.97 -29.54 -33.75
CA PHE J 42 -23.99 -30.86 -33.12
C PHE J 42 -22.99 -30.91 -31.98
N ASN J 43 -23.29 -31.72 -30.97
CA ASN J 43 -22.40 -31.84 -29.83
C ASN J 43 -22.66 -33.17 -29.13
N GLU J 44 -21.64 -33.63 -28.39
CA GLU J 44 -21.73 -34.89 -27.67
C GLU J 44 -22.62 -34.78 -26.44
N VAL J 45 -22.40 -33.75 -25.61
CA VAL J 45 -23.18 -33.52 -24.41
C VAL J 45 -23.69 -32.09 -24.40
N SER J 46 -24.76 -31.86 -23.65
CA SER J 46 -25.37 -30.54 -23.46
C SER J 46 -25.04 -30.10 -22.05
N GLU J 47 -23.90 -29.52 -21.87
CA GLU J 47 -23.34 -29.15 -20.60
C GLU J 47 -23.54 -27.66 -20.38
N PRO J 48 -23.77 -27.19 -19.15
CA PRO J 48 -23.82 -25.74 -18.94
C PRO J 48 -22.46 -25.07 -19.09
N THR J 49 -21.40 -25.75 -18.66
CA THR J 49 -20.04 -25.28 -18.90
C THR J 49 -19.74 -25.18 -20.39
N GLU J 50 -19.97 -26.26 -21.11
CA GLU J 50 -19.66 -26.35 -22.54
C GLU J 50 -20.64 -25.47 -23.31
N LEU J 51 -20.15 -24.34 -23.81
CA LEU J 51 -21.02 -23.29 -24.32
C LEU J 51 -20.88 -23.12 -25.83
N TYR J 52 -20.02 -23.89 -26.47
CA TYR J 52 -19.97 -23.99 -27.92
C TYR J 52 -20.46 -25.35 -28.34
N TRP J 53 -21.21 -25.39 -29.44
CA TRP J 53 -21.51 -26.64 -30.12
C TRP J 53 -21.01 -26.54 -31.55
N THR J 54 -20.63 -27.68 -32.11
CA THR J 54 -19.87 -27.67 -33.36
C THR J 54 -20.80 -27.48 -34.54
N LEU J 55 -20.50 -26.46 -35.35
CA LEU J 55 -21.28 -26.15 -36.53
C LEU J 55 -21.14 -27.25 -37.56
N TRP J 56 -22.28 -27.75 -38.03
CA TRP J 56 -22.33 -28.96 -38.83
C TRP J 56 -21.62 -28.87 -40.19
N LYS J 57 -22.14 -28.11 -41.14
CA LYS J 57 -21.38 -27.89 -42.37
C LYS J 57 -21.14 -26.41 -42.57
N LEU J 58 -22.23 -25.65 -42.59
CA LEU J 58 -22.22 -24.24 -42.92
C LEU J 58 -23.39 -23.58 -42.21
N PRO J 59 -23.33 -22.27 -42.02
CA PRO J 59 -24.54 -21.50 -41.70
C PRO J 59 -25.46 -21.34 -42.91
N LEU J 60 -26.37 -22.31 -43.08
CA LEU J 60 -27.18 -22.51 -44.28
C LEU J 60 -28.04 -21.31 -44.63
N PHE J 61 -28.58 -21.34 -45.85
CA PHE J 61 -29.53 -20.34 -46.33
C PHE J 61 -30.23 -20.88 -47.56
N GLY J 62 -31.56 -20.86 -47.53
CA GLY J 62 -32.38 -21.03 -48.71
C GLY J 62 -32.65 -19.66 -49.32
N ALA J 63 -33.04 -19.67 -50.61
CA ALA J 63 -32.99 -18.55 -51.56
C ALA J 63 -33.43 -17.19 -51.00
N LYS J 64 -34.66 -17.09 -50.55
CA LYS J 64 -35.04 -16.07 -49.58
C LYS J 64 -35.85 -16.79 -48.51
N THR J 65 -36.57 -17.82 -48.94
CA THR J 65 -37.27 -18.76 -48.06
C THR J 65 -37.48 -20.11 -48.74
N SER J 66 -36.74 -21.13 -48.29
CA SER J 66 -36.93 -22.50 -48.76
C SER J 66 -36.37 -23.47 -47.74
N ARG J 67 -36.62 -24.76 -47.95
CA ARG J 67 -36.31 -25.79 -46.96
C ARG J 67 -35.01 -26.51 -47.30
N GLU J 68 -33.93 -26.02 -46.69
CA GLU J 68 -32.64 -26.70 -46.74
C GLU J 68 -32.13 -27.11 -45.36
N VAL J 69 -32.90 -26.87 -44.30
CA VAL J 69 -32.33 -27.07 -42.96
C VAL J 69 -32.66 -28.43 -42.39
N LEU J 70 -33.95 -28.77 -42.22
CA LEU J 70 -34.31 -30.09 -41.70
C LEU J 70 -33.95 -31.22 -42.65
N ALA J 71 -34.01 -30.95 -43.96
CA ALA J 71 -33.56 -31.89 -44.99
C ALA J 71 -32.11 -32.27 -44.81
N GLU J 72 -31.32 -31.34 -44.30
CA GLU J 72 -29.94 -31.62 -43.92
C GLU J 72 -29.84 -32.22 -42.51
N VAL J 73 -30.77 -31.89 -41.61
CA VAL J 73 -30.81 -32.52 -40.29
C VAL J 73 -31.07 -34.01 -40.40
N GLN J 74 -31.97 -34.40 -41.31
CA GLN J 74 -32.22 -35.83 -41.56
C GLN J 74 -30.99 -36.53 -42.14
N SER J 75 -30.12 -35.78 -42.83
CA SER J 75 -28.84 -36.34 -43.26
C SER J 75 -27.86 -36.38 -42.10
N CYS J 76 -28.05 -35.53 -41.09
CA CYS J 76 -27.22 -35.56 -39.91
C CYS J 76 -27.75 -36.53 -38.87
N ARG J 77 -29.06 -36.81 -38.88
CA ARG J 77 -29.58 -37.91 -38.06
C ARG J 77 -29.11 -39.26 -38.58
N SER J 78 -28.85 -39.38 -39.88
CA SER J 78 -28.27 -40.60 -40.41
C SER J 78 -26.75 -40.61 -40.31
N GLN J 79 -26.13 -39.44 -40.19
CA GLN J 79 -24.67 -39.37 -40.02
C GLN J 79 -24.28 -39.52 -38.57
N TYR J 80 -24.85 -38.71 -37.70
CA TYR J 80 -24.60 -38.75 -36.25
C TYR J 80 -25.89 -39.09 -35.52
N PRO J 81 -26.23 -40.36 -35.35
CA PRO J 81 -27.38 -40.73 -34.52
C PRO J 81 -27.09 -40.79 -33.02
N GLY J 82 -25.97 -40.25 -32.57
CA GLY J 82 -25.64 -40.24 -31.16
C GLY J 82 -25.13 -38.91 -30.64
N HIS J 83 -25.49 -37.82 -31.32
CA HIS J 83 -25.11 -36.48 -30.90
C HIS J 83 -26.33 -35.61 -30.72
N TYR J 84 -26.21 -34.66 -29.80
CA TYR J 84 -27.25 -33.63 -29.60
C TYR J 84 -27.20 -32.70 -30.79
N ILE J 85 -28.18 -32.80 -31.67
CA ILE J 85 -28.22 -31.97 -32.88
C ILE J 85 -29.04 -30.73 -32.57
N ARG J 86 -28.59 -29.57 -33.04
CA ARG J 86 -29.39 -28.35 -32.94
C ARG J 86 -29.81 -27.85 -34.30
N VAL J 87 -30.67 -26.85 -34.24
CA VAL J 87 -30.90 -25.90 -35.33
C VAL J 87 -30.83 -24.52 -34.70
N VAL J 88 -29.89 -23.71 -35.16
CA VAL J 88 -29.67 -22.38 -34.62
C VAL J 88 -29.90 -21.34 -35.71
N GLY J 89 -30.36 -20.18 -35.31
CA GLY J 89 -30.43 -19.06 -36.22
C GLY J 89 -29.22 -18.15 -36.07
N PHE J 90 -29.06 -17.25 -37.03
CA PHE J 90 -28.05 -16.21 -36.91
C PHE J 90 -28.61 -14.90 -37.45
N ASP J 91 -28.31 -13.83 -36.74
CA ASP J 91 -28.54 -12.48 -37.23
C ASP J 91 -27.18 -11.86 -37.51
N ASN J 92 -27.12 -11.01 -38.53
CA ASN J 92 -25.91 -10.25 -38.80
C ASN J 92 -25.97 -8.84 -38.26
N ILE J 93 -27.17 -8.24 -38.22
CA ILE J 93 -27.28 -6.87 -37.73
C ILE J 93 -27.14 -6.83 -36.21
N LYS J 94 -28.06 -7.50 -35.49
CA LYS J 94 -27.97 -7.55 -34.03
C LYS J 94 -26.79 -8.36 -33.55
N GLN J 95 -26.34 -9.33 -34.35
CA GLN J 95 -25.17 -10.18 -34.12
C GLN J 95 -25.31 -10.97 -32.82
N CYS J 96 -26.31 -11.83 -32.83
CA CYS J 96 -26.45 -12.96 -31.92
C CYS J 96 -27.32 -13.99 -32.61
N GLN J 97 -27.45 -15.16 -32.00
CA GLN J 97 -28.34 -16.18 -32.52
C GLN J 97 -29.79 -15.82 -32.21
N ILE J 98 -30.68 -16.12 -33.14
CA ILE J 98 -32.10 -15.81 -32.96
C ILE J 98 -32.84 -17.04 -32.46
N LEU J 99 -32.26 -18.23 -32.67
CA LEU J 99 -32.76 -19.42 -32.01
C LEU J 99 -31.59 -20.33 -31.68
N SER J 100 -31.84 -21.21 -30.70
CA SER J 100 -30.92 -22.28 -30.35
C SER J 100 -31.76 -23.35 -29.68
N PHE J 101 -32.10 -24.41 -30.42
CA PHE J 101 -32.96 -25.44 -29.87
C PHE J 101 -32.54 -26.78 -30.46
N ILE J 102 -32.77 -27.84 -29.70
CA ILE J 102 -32.34 -29.18 -30.06
C ILE J 102 -33.44 -29.87 -30.86
N VAL J 103 -33.07 -30.36 -32.04
CA VAL J 103 -33.97 -31.18 -32.84
C VAL J 103 -33.80 -32.67 -32.59
N HIS J 104 -32.67 -33.10 -32.02
CA HIS J 104 -32.35 -34.51 -31.91
C HIS J 104 -31.43 -34.75 -30.73
N LYS J 105 -31.75 -35.77 -29.94
CA LYS J 105 -31.03 -36.18 -28.75
C LYS J 105 -30.58 -37.63 -28.90
N PRO J 106 -29.48 -38.02 -28.23
CA PRO J 106 -29.08 -39.44 -28.26
C PRO J 106 -29.85 -40.28 -27.24
N ARG K 22 -56.79 -9.60 2.53
CA ARG K 22 -55.75 -8.98 3.34
C ARG K 22 -56.41 -8.53 4.68
N LEU K 23 -56.27 -7.24 5.03
CA LEU K 23 -56.76 -6.64 6.27
C LEU K 23 -56.29 -7.37 7.53
N THR K 24 -55.11 -7.97 7.44
CA THR K 24 -54.35 -8.41 8.60
C THR K 24 -53.12 -7.54 8.80
N TYR K 25 -52.95 -6.53 7.96
CA TYR K 25 -51.87 -5.56 8.04
C TYR K 25 -52.31 -4.25 8.65
N TYR K 26 -53.58 -4.10 8.96
CA TYR K 26 -54.09 -2.96 9.70
C TYR K 26 -54.47 -3.47 11.08
N THR K 27 -53.56 -3.32 12.03
CA THR K 27 -53.77 -3.74 13.42
C THR K 27 -53.86 -2.49 14.28
N PRO K 28 -55.05 -1.94 14.50
CA PRO K 28 -55.14 -0.61 15.12
C PRO K 28 -54.90 -0.62 16.62
N ASP K 29 -54.83 -1.78 17.26
CA ASP K 29 -54.52 -1.87 18.67
C ASP K 29 -53.05 -2.16 18.92
N TYR K 30 -52.24 -2.19 17.88
CA TYR K 30 -50.81 -2.45 18.00
C TYR K 30 -50.17 -1.19 18.54
N THR K 31 -49.97 -1.12 19.84
CA THR K 31 -49.16 -0.05 20.39
C THR K 31 -47.72 -0.36 20.01
N PRO K 32 -47.05 0.52 19.28
CA PRO K 32 -45.83 0.11 18.61
C PRO K 32 -44.66 0.05 19.58
N LYS K 33 -43.78 -0.90 19.34
CA LYS K 33 -42.70 -1.13 20.27
C LYS K 33 -41.67 -0.02 20.15
N ASP K 34 -40.86 0.11 21.18
CA ASP K 34 -39.80 1.12 21.17
C ASP K 34 -38.63 0.74 20.29
N THR K 35 -38.67 -0.43 19.69
CA THR K 35 -37.66 -0.88 18.76
C THR K 35 -38.18 -0.96 17.33
N ASP K 36 -39.45 -0.66 17.09
CA ASP K 36 -39.96 -0.64 15.73
C ASP K 36 -39.43 0.57 14.97
N ILE K 37 -39.61 0.54 13.66
CA ILE K 37 -39.23 1.67 12.83
C ILE K 37 -40.49 2.24 12.19
N LEU K 38 -41.05 3.23 12.85
CA LEU K 38 -42.34 3.75 12.46
C LEU K 38 -42.20 4.60 11.22
N ALA K 39 -43.26 4.64 10.43
CA ALA K 39 -43.28 5.47 9.23
C ALA K 39 -44.66 6.03 9.09
N ALA K 40 -44.77 7.33 8.89
CA ALA K 40 -46.05 8.01 8.79
C ALA K 40 -46.23 8.46 7.37
N PHE K 41 -46.92 7.66 6.58
CA PHE K 41 -47.19 8.02 5.20
C PHE K 41 -48.27 9.09 5.16
N ARG K 42 -48.52 9.65 3.98
CA ARG K 42 -49.64 10.57 3.80
C ARG K 42 -50.39 10.05 2.59
N VAL K 43 -51.28 9.09 2.82
CA VAL K 43 -51.90 8.38 1.72
C VAL K 43 -53.02 9.24 1.15
N THR K 44 -53.11 9.31 -0.18
CA THR K 44 -54.25 9.90 -0.87
C THR K 44 -54.81 8.79 -1.75
N PRO K 45 -55.75 8.01 -1.26
CA PRO K 45 -56.17 6.82 -1.98
C PRO K 45 -57.06 7.18 -3.16
N GLN K 46 -57.19 6.22 -4.07
CA GLN K 46 -58.07 6.35 -5.22
C GLN K 46 -59.52 6.50 -4.75
N PRO K 47 -60.39 7.11 -5.56
CA PRO K 47 -61.80 7.20 -5.16
C PRO K 47 -62.44 5.83 -5.09
N GLY K 48 -63.13 5.59 -3.97
CA GLY K 48 -63.72 4.31 -3.69
C GLY K 48 -62.91 3.42 -2.78
N VAL K 49 -61.62 3.66 -2.66
CA VAL K 49 -60.77 2.89 -1.76
C VAL K 49 -61.01 3.37 -0.33
N PRO K 50 -61.43 2.50 0.58
CA PRO K 50 -61.63 2.94 1.96
C PRO K 50 -60.30 3.11 2.68
N PHE K 51 -60.33 3.87 3.77
CA PHE K 51 -59.10 4.25 4.44
C PHE K 51 -58.45 3.09 5.19
N GLU K 52 -59.23 2.14 5.68
CA GLU K 52 -58.60 1.00 6.34
C GLU K 52 -57.90 0.10 5.33
N GLU K 53 -58.41 0.04 4.10
CA GLU K 53 -57.87 -0.91 3.13
C GLU K 53 -56.59 -0.39 2.48
N ALA K 54 -56.50 0.92 2.24
CA ALA K 54 -55.26 1.46 1.69
C ALA K 54 -54.18 1.56 2.75
N ALA K 55 -54.54 1.78 4.01
CA ALA K 55 -53.55 1.81 5.06
C ALA K 55 -53.02 0.42 5.37
N ALA K 56 -53.83 -0.60 5.16
CA ALA K 56 -53.30 -1.96 5.20
C ALA K 56 -52.56 -2.27 3.93
N ALA K 57 -52.69 -1.44 2.89
CA ALA K 57 -52.00 -1.69 1.64
C ALA K 57 -50.71 -0.90 1.54
N VAL K 58 -50.61 0.25 2.20
CA VAL K 58 -49.30 0.91 2.28
C VAL K 58 -48.41 0.20 3.27
N ALA K 59 -48.98 -0.60 4.15
CA ALA K 59 -48.22 -1.51 4.98
C ALA K 59 -48.04 -2.85 4.31
N ALA K 60 -48.75 -3.11 3.21
CA ALA K 60 -48.64 -4.41 2.56
C ALA K 60 -47.41 -4.47 1.68
N GLU K 61 -47.36 -3.66 0.63
CA GLU K 61 -46.28 -3.81 -0.33
C GLU K 61 -44.99 -3.17 0.10
N SER K 62 -44.96 -2.55 1.27
CA SER K 62 -43.69 -2.28 1.93
C SER K 62 -43.28 -3.40 2.89
N SER K 63 -43.86 -4.58 2.72
CA SER K 63 -43.40 -5.82 3.34
C SER K 63 -43.82 -6.94 2.41
N THR K 64 -43.52 -8.19 2.82
CA THR K 64 -44.43 -9.36 2.75
C THR K 64 -45.58 -9.21 1.76
N GLY K 65 -45.25 -8.99 0.49
CA GLY K 65 -46.27 -8.73 -0.52
C GLY K 65 -47.13 -9.93 -0.86
N ASP K 77 -42.74 -16.65 8.64
CA ASP K 77 -43.64 -15.93 9.54
C ASP K 77 -44.21 -14.66 8.94
N LEU K 78 -45.35 -14.27 9.50
CA LEU K 78 -45.95 -12.98 9.21
C LEU K 78 -46.13 -12.16 10.47
N ASP K 79 -46.33 -12.80 11.62
CA ASP K 79 -46.61 -12.06 12.85
C ASP K 79 -45.35 -11.36 13.37
N ARG K 80 -44.19 -11.77 12.87
CA ARG K 80 -42.95 -11.24 13.40
C ARG K 80 -42.30 -10.28 12.43
N TYR K 81 -42.64 -10.38 11.14
CA TYR K 81 -41.93 -9.62 10.12
C TYR K 81 -42.84 -8.85 9.18
N LYS K 82 -44.01 -8.43 9.60
CA LYS K 82 -44.83 -7.63 8.70
C LYS K 82 -44.78 -6.17 9.13
N GLY K 83 -44.74 -5.28 8.14
CA GLY K 83 -45.01 -3.90 8.39
C GLY K 83 -46.49 -3.75 8.57
N ARG K 84 -46.91 -3.24 9.70
CA ARG K 84 -48.32 -3.21 10.04
C ARG K 84 -48.75 -1.79 10.33
N CYS K 85 -49.97 -1.46 9.96
CA CYS K 85 -50.51 -0.14 10.24
C CYS K 85 -51.21 -0.15 11.58
N TYR K 86 -51.07 0.93 12.33
CA TYR K 86 -51.68 0.93 13.64
C TYR K 86 -52.47 2.19 13.96
N ASP K 87 -52.55 3.15 13.05
CA ASP K 87 -53.38 4.32 13.28
C ASP K 87 -53.71 4.93 11.93
N ILE K 88 -54.85 5.61 11.85
CA ILE K 88 -55.32 6.23 10.61
C ILE K 88 -55.05 7.73 10.60
N GLU K 89 -55.65 8.47 11.53
CA GLU K 89 -55.55 9.92 11.70
C GLU K 89 -55.79 10.69 10.41
N PRO K 90 -57.03 10.90 9.99
CA PRO K 90 -57.29 11.65 8.76
C PRO K 90 -56.77 13.07 8.86
N VAL K 91 -56.32 13.59 7.72
CA VAL K 91 -55.75 14.93 7.63
C VAL K 91 -56.84 15.94 7.93
N PRO K 92 -56.67 16.78 8.95
CA PRO K 92 -57.70 17.77 9.26
C PRO K 92 -57.73 18.87 8.21
N GLY K 93 -58.93 19.23 7.80
CA GLY K 93 -59.12 20.23 6.78
C GLY K 93 -59.16 19.69 5.37
N GLU K 94 -59.19 18.37 5.20
CA GLU K 94 -59.14 17.79 3.87
C GLU K 94 -59.68 16.38 3.90
N ASP K 95 -60.54 16.06 2.94
CA ASP K 95 -61.06 14.71 2.77
C ASP K 95 -60.14 13.94 1.83
N ASN K 96 -60.38 12.63 1.75
CA ASN K 96 -59.72 11.72 0.81
C ASN K 96 -58.20 11.71 1.01
N GLN K 97 -57.77 11.86 2.26
CA GLN K 97 -56.33 11.86 2.56
C GLN K 97 -56.16 11.61 4.05
N PHE K 98 -55.18 10.79 4.40
CA PHE K 98 -54.96 10.42 5.79
C PHE K 98 -53.48 10.11 5.99
N ILE K 99 -53.10 9.83 7.23
CA ILE K 99 -51.70 9.73 7.63
C ILE K 99 -51.49 8.35 8.24
N ALA K 100 -51.16 7.37 7.41
CA ALA K 100 -51.14 5.98 7.83
C ALA K 100 -49.85 5.66 8.56
N TYR K 101 -49.91 5.46 9.88
CA TYR K 101 -48.71 5.19 10.65
C TYR K 101 -48.37 3.71 10.54
N ILE K 102 -47.28 3.40 9.88
CA ILE K 102 -46.87 2.02 9.66
C ILE K 102 -45.79 1.70 10.67
N ALA K 103 -45.74 0.48 11.16
CA ALA K 103 -44.84 0.08 12.23
C ALA K 103 -43.99 -1.09 11.80
N TYR K 104 -42.92 -0.82 11.15
CA TYR K 104 -42.06 -1.87 10.66
C TYR K 104 -41.21 -2.42 11.80
N PRO K 105 -40.95 -3.72 11.85
CA PRO K 105 -40.12 -4.27 12.91
C PRO K 105 -38.67 -3.90 12.68
N LEU K 106 -37.86 -4.08 13.72
CA LEU K 106 -36.46 -3.71 13.61
C LEU K 106 -35.70 -4.71 12.76
N ASP K 107 -35.91 -5.99 13.01
CA ASP K 107 -35.12 -7.04 12.39
C ASP K 107 -35.47 -7.30 10.94
N LEU K 108 -36.24 -6.42 10.32
CA LEU K 108 -36.46 -6.47 8.88
C LEU K 108 -35.33 -5.75 8.15
N PHE K 109 -34.65 -4.83 8.83
CA PHE K 109 -33.79 -3.84 8.21
C PHE K 109 -32.33 -4.10 8.54
N GLU K 110 -31.44 -3.61 7.68
CA GLU K 110 -30.02 -3.85 7.79
C GLU K 110 -29.39 -2.91 8.79
N GLU K 111 -28.54 -3.46 9.67
CA GLU K 111 -27.80 -2.66 10.63
C GLU K 111 -26.86 -1.73 9.90
N GLY K 112 -27.15 -0.45 9.93
CA GLY K 112 -26.22 0.52 9.38
C GLY K 112 -26.48 0.92 7.96
N SER K 113 -27.63 0.59 7.41
CA SER K 113 -27.92 0.83 6.00
C SER K 113 -29.19 1.66 5.87
N ILE K 114 -29.04 2.88 5.37
CA ILE K 114 -30.20 3.73 5.07
C ILE K 114 -30.63 3.57 3.63
N THR K 115 -29.84 2.89 2.82
CA THR K 115 -30.35 2.46 1.53
C THR K 115 -31.16 1.18 1.63
N ASN K 116 -31.24 0.55 2.80
CA ASN K 116 -32.17 -0.55 3.00
C ASN K 116 -33.44 -0.10 3.69
N VAL K 117 -33.42 1.05 4.35
CA VAL K 117 -34.67 1.60 4.85
C VAL K 117 -35.49 2.13 3.68
N LEU K 118 -34.84 2.83 2.76
CA LEU K 118 -35.58 3.34 1.61
C LEU K 118 -35.84 2.28 0.55
N THR K 119 -35.14 1.16 0.57
CA THR K 119 -35.52 0.08 -0.33
C THR K 119 -36.72 -0.66 0.24
N SER K 120 -36.78 -0.76 1.56
CA SER K 120 -37.83 -1.56 2.18
C SER K 120 -39.11 -0.77 2.31
N ILE K 121 -39.00 0.44 2.85
CA ILE K 121 -40.19 1.23 3.14
C ILE K 121 -40.76 1.83 1.87
N VAL K 122 -40.00 2.69 1.21
CA VAL K 122 -40.50 3.40 0.05
C VAL K 122 -40.06 2.74 -1.25
N GLY K 123 -39.71 1.46 -1.21
CA GLY K 123 -39.36 0.78 -2.43
C GLY K 123 -40.52 0.56 -3.38
N ASN K 124 -41.44 -0.32 -3.01
CA ASN K 124 -42.50 -0.75 -3.91
C ASN K 124 -43.86 -0.39 -3.36
N VAL K 125 -43.97 0.73 -2.67
CA VAL K 125 -45.23 1.14 -2.07
C VAL K 125 -45.81 2.39 -2.72
N PHE K 126 -45.00 3.22 -3.37
CA PHE K 126 -45.58 4.43 -3.93
C PHE K 126 -46.25 4.15 -5.26
N GLY K 127 -45.88 3.06 -5.90
CA GLY K 127 -46.43 2.67 -7.17
C GLY K 127 -47.63 1.76 -7.05
N PHE K 128 -48.15 1.57 -5.84
CA PHE K 128 -49.31 0.72 -5.67
C PHE K 128 -50.53 1.41 -6.25
N LYS K 129 -51.34 0.65 -6.96
CA LYS K 129 -52.29 1.22 -7.89
C LYS K 129 -53.56 1.75 -7.23
N ALA K 130 -53.86 1.37 -6.00
CA ALA K 130 -55.05 1.84 -5.32
C ALA K 130 -54.79 3.09 -4.50
N LEU K 131 -53.81 3.88 -4.91
CA LEU K 131 -53.32 5.05 -4.20
C LEU K 131 -53.04 6.12 -5.22
N ARG K 132 -53.71 7.26 -5.10
CA ARG K 132 -53.51 8.30 -6.09
C ARG K 132 -52.21 9.03 -5.84
N ALA K 133 -51.84 9.22 -4.59
CA ALA K 133 -50.59 9.86 -4.24
C ALA K 133 -50.20 9.44 -2.84
N LEU K 134 -49.00 8.91 -2.68
CA LEU K 134 -48.52 8.47 -1.39
C LEU K 134 -47.27 9.24 -1.03
N ARG K 135 -47.26 9.88 0.13
CA ARG K 135 -46.15 10.72 0.55
C ARG K 135 -45.64 10.26 1.91
N LEU K 136 -44.36 9.96 2.00
CA LEU K 136 -43.77 9.61 3.29
C LEU K 136 -43.48 10.88 4.04
N GLU K 137 -44.30 11.19 5.05
CA GLU K 137 -44.10 12.42 5.78
C GLU K 137 -42.94 12.32 6.75
N ASP K 138 -43.01 11.41 7.71
CA ASP K 138 -42.00 11.32 8.75
C ASP K 138 -41.74 9.85 9.01
N ILE K 139 -40.66 9.59 9.74
CA ILE K 139 -40.19 8.24 10.02
C ILE K 139 -39.51 8.28 11.39
N ARG K 140 -39.61 7.20 12.15
CA ARG K 140 -38.98 7.18 13.47
C ARG K 140 -37.96 6.07 13.51
N PHE K 141 -36.73 6.42 13.32
CA PHE K 141 -35.66 5.50 13.59
C PHE K 141 -35.52 5.42 15.11
N PRO K 142 -35.57 4.25 15.70
CA PRO K 142 -35.53 4.15 17.16
C PRO K 142 -34.10 4.32 17.65
N VAL K 143 -33.96 4.31 18.98
CA VAL K 143 -32.66 4.28 19.60
C VAL K 143 -31.92 3.00 19.26
N ALA K 144 -32.67 1.92 19.00
CA ALA K 144 -32.08 0.63 18.67
C ALA K 144 -31.42 0.61 17.31
N TYR K 145 -31.85 1.46 16.39
CA TYR K 145 -31.37 1.42 15.02
C TYR K 145 -30.52 2.62 14.68
N ILE K 146 -30.61 3.69 15.45
CA ILE K 146 -29.70 4.81 15.29
C ILE K 146 -28.30 4.42 15.74
N LYS K 147 -28.18 3.53 16.71
CA LYS K 147 -26.86 3.13 17.17
C LYS K 147 -26.10 2.28 16.17
N THR K 148 -26.79 1.65 15.22
CA THR K 148 -26.08 0.92 14.18
C THR K 148 -25.40 1.85 13.18
N PHE K 149 -25.91 3.06 13.01
CA PHE K 149 -25.38 4.02 12.07
C PHE K 149 -24.19 4.75 12.64
N GLN K 150 -23.57 5.56 11.81
CA GLN K 150 -22.46 6.37 12.26
C GLN K 150 -22.89 7.72 12.78
N GLY K 151 -23.95 8.26 12.23
CA GLY K 151 -24.30 9.61 12.50
C GLY K 151 -23.48 10.48 11.59
N PRO K 152 -23.41 11.78 11.88
CA PRO K 152 -22.49 12.63 11.19
C PRO K 152 -21.06 12.28 11.54
N PRO K 153 -20.12 12.60 10.66
CA PRO K 153 -18.72 12.53 11.06
C PRO K 153 -18.42 13.38 12.27
N HIS K 154 -18.85 14.62 12.26
CA HIS K 154 -18.62 15.56 13.34
C HIS K 154 -19.93 16.29 13.55
N GLY K 155 -20.29 16.51 14.78
CA GLY K 155 -21.58 17.10 15.06
C GLY K 155 -21.68 18.58 14.81
N ILE K 156 -22.45 19.24 15.68
CA ILE K 156 -22.32 20.67 15.82
C ILE K 156 -21.15 20.99 16.72
N GLN K 157 -21.04 20.27 17.82
CA GLN K 157 -20.03 20.59 18.81
C GLN K 157 -18.65 20.23 18.32
N VAL K 158 -18.53 19.13 17.57
CA VAL K 158 -17.21 18.70 17.17
C VAL K 158 -16.73 19.51 16.00
N GLU K 159 -17.64 19.86 15.11
CA GLU K 159 -17.30 20.73 13.99
C GLU K 159 -16.84 22.09 14.43
N ARG K 160 -17.58 22.73 15.34
CA ARG K 160 -17.18 24.05 15.84
C ARG K 160 -15.89 24.00 16.63
N ASP K 161 -15.59 22.87 17.27
CA ASP K 161 -14.30 22.77 17.93
C ASP K 161 -13.17 22.71 16.91
N LYS K 162 -13.38 22.02 15.80
CA LYS K 162 -12.35 21.91 14.78
C LYS K 162 -12.14 23.23 14.05
N LEU K 163 -13.19 24.01 13.87
CA LEU K 163 -13.11 25.27 13.17
C LEU K 163 -12.78 26.44 14.07
N ASN K 164 -12.96 26.26 15.38
CA ASN K 164 -12.77 27.30 16.40
C ASN K 164 -13.66 28.50 16.12
N LYS K 165 -14.89 28.25 15.70
CA LYS K 165 -15.88 29.28 15.36
C LYS K 165 -17.06 29.13 16.30
N TYR K 166 -17.15 29.99 17.30
CA TYR K 166 -18.12 29.79 18.37
C TYR K 166 -19.10 30.94 18.50
N GLY K 167 -20.33 30.59 18.85
CA GLY K 167 -21.31 31.57 19.27
C GLY K 167 -21.89 32.43 18.19
N ARG K 168 -21.82 32.01 16.94
CA ARG K 168 -22.40 32.76 15.86
C ARG K 168 -22.70 31.79 14.74
N PRO K 169 -23.72 32.07 13.92
CA PRO K 169 -23.94 31.23 12.75
C PRO K 169 -22.93 31.57 11.68
N LEU K 170 -22.38 30.54 11.05
CA LEU K 170 -21.30 30.65 10.10
C LEU K 170 -21.78 31.27 8.80
N LEU K 171 -20.88 31.42 7.83
CA LEU K 171 -21.23 32.13 6.61
C LEU K 171 -20.93 31.30 5.37
N GLY K 172 -21.34 31.84 4.23
CA GLY K 172 -21.01 31.24 2.96
C GLY K 172 -21.35 32.08 1.75
N CYS K 173 -20.42 32.20 0.81
CA CYS K 173 -20.76 32.57 -0.56
C CYS K 173 -21.14 31.31 -1.29
N THR K 174 -21.78 31.50 -2.42
CA THR K 174 -21.82 30.54 -3.50
C THR K 174 -21.25 31.26 -4.70
N ILE K 175 -20.23 30.69 -5.32
CA ILE K 175 -19.43 31.44 -6.29
C ILE K 175 -20.25 31.64 -7.56
N LYS K 176 -20.74 32.86 -7.74
CA LYS K 176 -21.41 33.14 -8.99
C LYS K 176 -20.48 33.83 -9.97
N PRO K 177 -20.47 33.45 -11.26
CA PRO K 177 -21.34 32.51 -11.97
C PRO K 177 -20.99 31.09 -11.66
N LYS K 178 -21.95 30.18 -11.87
CA LYS K 178 -21.66 28.77 -11.64
C LYS K 178 -20.60 28.28 -12.60
N LEU K 179 -20.93 28.25 -13.87
CA LEU K 179 -20.14 27.59 -14.88
C LEU K 179 -19.14 28.57 -15.47
N GLY K 180 -18.20 28.03 -16.21
CA GLY K 180 -17.34 28.84 -17.02
C GLY K 180 -16.04 29.20 -16.37
N LEU K 181 -16.05 29.47 -15.07
CA LEU K 181 -14.86 29.96 -14.38
C LEU K 181 -13.80 28.89 -14.35
N SER K 182 -12.65 29.20 -14.93
CA SER K 182 -11.48 28.36 -14.89
C SER K 182 -11.03 28.20 -13.46
N ALA K 183 -10.21 27.18 -13.24
CA ALA K 183 -9.91 26.70 -11.89
C ALA K 183 -9.22 27.74 -11.04
N LYS K 184 -8.48 28.66 -11.65
CA LYS K 184 -7.84 29.72 -10.89
C LYS K 184 -8.75 30.92 -10.73
N ASN K 185 -9.47 31.29 -11.78
CA ASN K 185 -10.41 32.40 -11.66
C ASN K 185 -11.57 32.03 -10.76
N TYR K 186 -11.86 30.74 -10.65
CA TYR K 186 -12.76 30.27 -9.61
C TYR K 186 -12.11 30.40 -8.25
N GLY K 187 -10.82 30.06 -8.15
CA GLY K 187 -10.13 30.21 -6.89
C GLY K 187 -9.92 31.65 -6.49
N ARG K 188 -9.82 32.54 -7.46
CA ARG K 188 -9.68 33.96 -7.15
C ARG K 188 -10.99 34.53 -6.62
N ALA K 189 -12.12 34.02 -7.09
CA ALA K 189 -13.39 34.41 -6.50
C ALA K 189 -13.62 33.76 -5.15
N VAL K 190 -12.94 32.66 -4.86
CA VAL K 190 -13.00 32.07 -3.53
C VAL K 190 -12.15 32.85 -2.56
N TYR K 191 -10.96 33.25 -3.01
CA TYR K 191 -10.10 34.09 -2.20
C TYR K 191 -10.73 35.43 -1.91
N GLU K 192 -11.53 35.94 -2.83
CA GLU K 192 -12.11 37.25 -2.64
C GLU K 192 -13.27 37.20 -1.67
N CYS K 193 -14.11 36.16 -1.73
CA CYS K 193 -15.15 35.99 -0.72
C CYS K 193 -14.54 35.70 0.65
N LEU K 194 -13.57 34.80 0.73
CA LEU K 194 -13.05 34.40 2.03
C LEU K 194 -12.17 35.45 2.68
N ARG K 195 -11.70 36.47 1.95
CA ARG K 195 -11.03 37.57 2.62
C ARG K 195 -11.99 38.36 3.48
N GLY K 196 -13.20 38.56 3.02
CA GLY K 196 -14.11 39.45 3.71
C GLY K 196 -14.81 38.82 4.88
N GLY K 197 -14.11 38.01 5.66
CA GLY K 197 -14.70 37.47 6.85
C GLY K 197 -15.71 36.40 6.63
N LEU K 198 -15.71 35.79 5.47
CA LEU K 198 -16.65 34.75 5.19
C LEU K 198 -16.04 33.44 5.65
N ASP K 199 -16.83 32.62 6.33
CA ASP K 199 -16.25 31.41 6.88
C ASP K 199 -16.02 30.38 5.79
N PHE K 200 -17.06 30.00 5.09
CA PHE K 200 -16.96 28.97 4.08
C PHE K 200 -17.36 29.52 2.74
N THR K 201 -17.07 28.75 1.70
CA THR K 201 -17.42 29.14 0.35
C THR K 201 -17.79 27.89 -0.42
N LYS K 202 -18.99 27.85 -0.94
CA LYS K 202 -19.55 26.61 -1.44
C LYS K 202 -19.12 26.37 -2.87
N ASP K 203 -18.81 25.14 -3.20
CA ASP K 203 -18.69 24.73 -4.57
C ASP K 203 -20.08 24.35 -5.06
N ASP K 204 -20.33 24.53 -6.35
CA ASP K 204 -21.70 24.40 -6.83
C ASP K 204 -22.14 22.94 -6.88
N GLU K 205 -23.40 22.75 -7.25
CA GLU K 205 -23.91 21.41 -7.51
C GLU K 205 -23.25 20.81 -8.74
N ASN K 206 -23.43 21.46 -9.87
CA ASN K 206 -23.00 20.96 -11.16
C ASN K 206 -21.53 21.19 -11.43
N ILE K 207 -20.76 21.59 -10.44
CA ILE K 207 -19.32 21.65 -10.58
C ILE K 207 -18.78 20.42 -9.86
N ASN K 208 -18.53 19.35 -10.62
CA ASN K 208 -17.77 18.23 -10.12
C ASN K 208 -16.43 18.17 -10.83
N SER K 209 -16.44 17.97 -12.13
CA SER K 209 -15.33 18.27 -13.01
C SER K 209 -15.94 18.36 -14.39
N ALA K 210 -15.39 19.23 -15.20
CA ALA K 210 -15.97 19.55 -16.49
C ALA K 210 -14.87 20.18 -17.32
N PRO K 211 -14.92 20.09 -18.66
CA PRO K 211 -13.73 20.42 -19.46
C PRO K 211 -13.19 21.84 -19.33
N PHE K 212 -13.94 22.74 -18.72
CA PHE K 212 -13.41 24.06 -18.37
C PHE K 212 -12.76 24.11 -17.00
N GLN K 213 -13.04 23.14 -16.14
CA GLN K 213 -12.58 23.17 -14.76
C GLN K 213 -12.55 21.76 -14.21
N ARG K 214 -11.36 21.18 -14.14
CA ARG K 214 -11.22 19.85 -13.59
C ARG K 214 -11.10 19.92 -12.09
N TRP K 215 -11.47 18.84 -11.41
CA TRP K 215 -11.49 18.85 -9.97
C TRP K 215 -10.10 18.91 -9.40
N ARG K 216 -9.13 18.30 -10.06
CA ARG K 216 -7.76 18.26 -9.55
C ARG K 216 -7.16 19.64 -9.52
N ASP K 217 -7.59 20.48 -10.44
CA ASP K 217 -7.13 21.85 -10.56
C ASP K 217 -8.08 22.82 -9.92
N ARG K 218 -9.36 22.50 -9.83
CA ARG K 218 -10.22 23.29 -8.95
C ARG K 218 -9.80 23.14 -7.51
N PHE K 219 -9.45 21.92 -7.08
CA PHE K 219 -9.12 21.72 -5.68
C PHE K 219 -7.78 22.32 -5.33
N LEU K 220 -6.89 22.38 -6.30
CA LEU K 220 -5.57 22.94 -6.07
C LEU K 220 -5.64 24.44 -5.90
N PHE K 221 -6.30 25.12 -6.83
CA PHE K 221 -6.35 26.56 -6.82
C PHE K 221 -7.36 27.11 -5.85
N VAL K 222 -8.14 26.26 -5.21
CA VAL K 222 -8.98 26.67 -4.09
C VAL K 222 -8.24 26.50 -2.76
N ALA K 223 -7.52 25.40 -2.60
CA ALA K 223 -6.70 25.23 -1.41
C ALA K 223 -5.51 26.18 -1.40
N ASP K 224 -5.14 26.75 -2.55
CA ASP K 224 -4.18 27.84 -2.57
C ASP K 224 -4.82 29.19 -2.36
N ALA K 225 -6.15 29.27 -2.43
CA ALA K 225 -6.87 30.47 -2.07
C ALA K 225 -7.39 30.44 -0.65
N ILE K 226 -7.32 29.30 0.01
CA ILE K 226 -7.70 29.22 1.41
C ILE K 226 -6.50 29.50 2.28
N THR K 227 -5.33 28.93 1.94
CA THR K 227 -4.14 29.23 2.71
C THR K 227 -3.67 30.67 2.54
N LYS K 228 -4.18 31.41 1.57
CA LYS K 228 -3.92 32.84 1.58
C LYS K 228 -4.98 33.58 2.38
N ALA K 229 -6.24 33.18 2.26
CA ALA K 229 -7.30 33.83 3.01
C ALA K 229 -7.36 33.42 4.47
N GLN K 230 -6.70 32.34 4.85
CA GLN K 230 -6.53 32.00 6.25
C GLN K 230 -5.27 32.61 6.84
N ALA K 231 -4.28 32.89 6.01
CA ALA K 231 -3.10 33.59 6.51
C ALA K 231 -3.35 35.09 6.62
N GLU K 232 -4.11 35.65 5.70
CA GLU K 232 -4.51 37.06 5.77
C GLU K 232 -5.34 37.35 7.01
N THR K 233 -6.54 36.77 7.08
CA THR K 233 -7.36 36.81 8.28
C THR K 233 -7.24 35.46 8.95
N GLY K 234 -6.77 35.44 10.20
CA GLY K 234 -6.31 34.23 10.86
C GLY K 234 -7.35 33.15 11.10
N GLU K 235 -8.61 33.41 10.80
CA GLU K 235 -9.70 32.50 11.05
C GLU K 235 -9.58 31.26 10.17
N ILE K 236 -10.16 30.14 10.59
CA ILE K 236 -10.03 28.90 9.82
C ILE K 236 -11.00 28.99 8.64
N LYS K 237 -10.47 29.30 7.47
CA LYS K 237 -11.32 29.42 6.30
C LYS K 237 -11.41 28.07 5.62
N GLY K 238 -12.54 27.81 5.00
CA GLY K 238 -12.77 26.53 4.36
C GLY K 238 -13.58 26.71 3.09
N HIS K 239 -13.65 25.65 2.31
CA HIS K 239 -14.38 25.66 1.06
C HIS K 239 -14.97 24.27 0.91
N TYR K 240 -16.23 24.21 0.52
CA TYR K 240 -16.95 22.96 0.46
C TYR K 240 -16.58 22.29 -0.87
N LEU K 241 -15.42 21.65 -0.92
CA LEU K 241 -14.94 21.09 -2.17
C LEU K 241 -15.81 19.93 -2.62
N ASN K 242 -16.40 20.05 -3.80
CA ASN K 242 -17.41 19.10 -4.26
C ASN K 242 -16.73 17.82 -4.70
N VAL K 243 -16.95 16.75 -3.94
CA VAL K 243 -16.36 15.46 -4.25
C VAL K 243 -17.35 14.51 -4.90
N THR K 244 -18.51 15.02 -5.32
CA THR K 244 -19.48 14.17 -6.00
C THR K 244 -18.90 13.70 -7.32
N ALA K 245 -18.93 12.41 -7.56
CA ALA K 245 -18.18 11.84 -8.66
C ALA K 245 -19.01 10.75 -9.31
N PRO K 246 -18.65 10.32 -10.53
CA PRO K 246 -19.35 9.17 -11.11
C PRO K 246 -19.24 7.87 -10.35
N THR K 247 -18.05 7.50 -9.88
CA THR K 247 -17.90 6.25 -9.16
C THR K 247 -17.48 6.52 -7.72
N CYS K 248 -17.63 5.52 -6.85
CA CYS K 248 -17.12 5.63 -5.49
C CYS K 248 -15.60 5.53 -5.42
N GLU K 249 -14.94 5.08 -6.48
CA GLU K 249 -13.49 5.14 -6.51
C GLU K 249 -13.01 6.52 -6.91
N GLU K 250 -13.76 7.18 -7.77
CA GLU K 250 -13.45 8.53 -8.19
C GLU K 250 -13.96 9.55 -7.20
N MET K 251 -14.74 9.12 -6.21
CA MET K 251 -15.21 10.02 -5.17
C MET K 251 -14.25 10.05 -4.01
N LEU K 252 -13.66 8.91 -3.69
CA LEU K 252 -12.74 8.87 -2.58
C LEU K 252 -11.37 9.34 -3.01
N LYS K 253 -10.98 9.15 -4.27
CA LYS K 253 -9.75 9.76 -4.72
C LYS K 253 -9.90 11.24 -4.99
N ARG K 254 -11.13 11.73 -4.98
CA ARG K 254 -11.42 13.14 -5.00
C ARG K 254 -11.54 13.69 -3.60
N ALA K 255 -11.76 12.83 -2.62
CA ALA K 255 -11.77 13.25 -1.23
C ALA K 255 -10.43 12.99 -0.56
N GLU K 256 -9.72 11.93 -0.93
CA GLU K 256 -8.35 11.75 -0.46
C GLU K 256 -7.41 12.81 -0.99
N TYR K 257 -7.79 13.53 -2.05
CA TYR K 257 -6.98 14.65 -2.46
C TYR K 257 -7.33 15.91 -1.70
N ALA K 258 -8.59 16.10 -1.36
CA ALA K 258 -8.91 17.20 -0.47
C ALA K 258 -8.44 16.95 0.95
N LYS K 259 -8.23 15.70 1.33
CA LYS K 259 -7.55 15.45 2.59
C LYS K 259 -6.10 15.89 2.54
N GLU K 260 -5.40 15.59 1.45
CA GLU K 260 -3.98 15.89 1.37
C GLU K 260 -3.68 17.28 0.87
N LEU K 261 -4.70 18.12 0.71
CA LEU K 261 -4.50 19.56 0.69
C LEU K 261 -4.75 20.17 2.05
N LYS K 262 -4.98 19.33 3.06
CA LYS K 262 -5.25 19.70 4.45
C LYS K 262 -6.51 20.57 4.54
N GLN K 263 -7.52 20.22 3.77
CA GLN K 263 -8.77 20.96 3.70
C GLN K 263 -9.68 20.59 4.86
N PRO K 264 -10.40 21.55 5.42
CA PRO K 264 -11.23 21.25 6.57
C PRO K 264 -12.52 20.56 6.21
N ILE K 265 -13.03 20.77 5.01
CA ILE K 265 -14.39 20.37 4.69
C ILE K 265 -14.48 20.00 3.22
N ILE K 266 -15.34 19.03 2.90
CA ILE K 266 -15.76 18.72 1.55
C ILE K 266 -17.28 18.77 1.52
N MET K 267 -17.84 18.53 0.35
CA MET K 267 -19.29 18.48 0.21
C MET K 267 -19.68 17.38 -0.74
N HIS K 268 -20.95 17.02 -0.72
CA HIS K 268 -21.40 15.86 -1.47
C HIS K 268 -22.89 15.99 -1.74
N ASP K 269 -23.26 16.07 -3.01
CA ASP K 269 -24.65 16.10 -3.43
C ASP K 269 -25.24 14.73 -3.16
N TYR K 270 -26.08 14.63 -2.14
CA TYR K 270 -26.26 13.36 -1.49
C TYR K 270 -27.44 12.57 -2.02
N LEU K 271 -28.26 13.14 -2.89
CA LEU K 271 -29.38 12.42 -3.46
C LEU K 271 -29.19 12.06 -4.92
N THR K 272 -28.35 12.78 -5.64
CA THR K 272 -27.96 12.31 -6.95
C THR K 272 -26.94 11.18 -6.85
N ALA K 273 -26.03 11.26 -5.87
CA ALA K 273 -25.02 10.24 -5.65
C ALA K 273 -25.49 9.13 -4.73
N GLY K 274 -26.54 9.34 -3.97
CA GLY K 274 -27.18 8.26 -3.25
C GLY K 274 -26.67 8.08 -1.85
N PHE K 275 -27.33 7.16 -1.15
CA PHE K 275 -27.02 6.85 0.23
C PHE K 275 -26.02 5.74 0.40
N THR K 276 -25.58 5.11 -0.68
CA THR K 276 -24.46 4.22 -0.57
C THR K 276 -23.17 5.00 -0.73
N ALA K 277 -23.19 6.09 -1.47
CA ALA K 277 -21.99 6.89 -1.64
C ALA K 277 -21.79 7.84 -0.48
N ASN K 278 -22.86 8.30 0.16
CA ASN K 278 -22.69 9.12 1.36
C ASN K 278 -22.17 8.33 2.51
N THR K 279 -22.78 7.18 2.77
CA THR K 279 -22.35 6.32 3.84
C THR K 279 -20.94 5.79 3.59
N THR K 280 -20.53 5.71 2.34
CA THR K 280 -19.13 5.47 2.03
C THR K 280 -18.27 6.66 2.41
N LEU K 281 -18.80 7.86 2.19
CA LEU K 281 -18.05 9.08 2.43
C LEU K 281 -18.20 9.59 3.85
N ALA K 282 -19.32 9.31 4.50
CA ALA K 282 -19.45 9.50 5.94
C ALA K 282 -18.41 8.71 6.71
N ARG K 283 -18.30 7.41 6.40
CA ARG K 283 -17.34 6.55 7.07
C ARG K 283 -15.92 6.97 6.75
N TRP K 284 -15.73 7.63 5.62
CA TRP K 284 -14.43 8.17 5.28
C TRP K 284 -14.16 9.46 6.02
N CYS K 285 -15.11 10.40 6.00
CA CYS K 285 -14.90 11.71 6.61
C CYS K 285 -14.79 11.63 8.12
N ARG K 286 -15.40 10.64 8.74
CA ARG K 286 -15.13 10.42 10.15
C ARG K 286 -13.75 9.84 10.35
N ASP K 287 -13.30 9.02 9.42
CA ASP K 287 -12.01 8.36 9.56
C ASP K 287 -10.91 9.12 8.85
N ASN K 288 -11.14 10.35 8.43
CA ASN K 288 -10.09 11.23 7.96
C ASN K 288 -10.25 12.67 8.41
N GLY K 289 -11.15 12.94 9.34
CA GLY K 289 -11.23 14.26 9.96
C GLY K 289 -11.70 15.37 9.07
N VAL K 290 -12.29 15.06 7.93
CA VAL K 290 -12.80 16.04 6.99
C VAL K 290 -14.25 16.29 7.33
N LEU K 291 -14.66 17.55 7.38
CA LEU K 291 -16.07 17.80 7.60
C LEU K 291 -16.82 17.56 6.30
N LEU K 292 -18.12 17.27 6.40
CA LEU K 292 -18.90 16.93 5.22
C LEU K 292 -20.08 17.88 5.12
N HIS K 293 -20.21 18.56 3.99
CA HIS K 293 -21.31 19.47 3.73
C HIS K 293 -22.29 18.78 2.82
N ILE K 294 -23.29 18.13 3.37
CA ILE K 294 -24.26 17.44 2.53
C ILE K 294 -25.16 18.44 1.84
N HIS K 295 -25.21 18.39 0.53
CA HIS K 295 -26.03 19.28 -0.27
C HIS K 295 -27.27 18.53 -0.72
N ARG K 296 -28.42 19.19 -0.67
CA ARG K 296 -29.66 18.50 -1.00
C ARG K 296 -30.01 18.68 -2.48
N ALA K 297 -29.06 18.36 -3.34
CA ALA K 297 -29.32 18.37 -4.76
C ALA K 297 -30.30 17.28 -5.10
N MET K 298 -31.20 17.56 -6.03
CA MET K 298 -32.30 16.69 -6.47
C MET K 298 -33.21 16.34 -5.31
N HIS K 299 -33.33 17.21 -4.32
CA HIS K 299 -34.22 16.88 -3.21
C HIS K 299 -35.66 17.14 -3.59
N ALA K 300 -35.87 18.04 -4.52
CA ALA K 300 -37.18 18.56 -4.79
C ALA K 300 -37.88 17.82 -5.90
N VAL K 301 -37.23 16.82 -6.47
CA VAL K 301 -37.98 15.85 -7.24
C VAL K 301 -38.91 15.10 -6.31
N ILE K 302 -38.43 14.81 -5.11
CA ILE K 302 -39.10 13.86 -4.23
C ILE K 302 -39.76 14.50 -3.02
N ASP K 303 -39.77 15.83 -2.88
CA ASP K 303 -40.62 16.42 -1.86
C ASP K 303 -41.32 17.73 -2.18
N ARG K 304 -41.23 18.24 -3.41
CA ARG K 304 -41.85 19.53 -3.71
C ARG K 304 -43.36 19.43 -3.66
N GLN K 305 -43.91 18.30 -4.09
CA GLN K 305 -45.36 18.12 -4.11
C GLN K 305 -45.86 17.74 -2.75
N LYS K 306 -46.89 18.45 -2.29
CA LYS K 306 -47.39 18.27 -0.93
C LYS K 306 -48.24 17.03 -0.76
N ASN K 307 -48.42 16.21 -1.79
CA ASN K 307 -49.21 14.99 -1.67
C ASN K 307 -48.48 13.72 -2.06
N HIS K 308 -47.34 13.82 -2.73
CA HIS K 308 -46.64 12.63 -3.19
C HIS K 308 -45.14 12.87 -3.15
N GLY K 309 -44.41 11.87 -2.69
CA GLY K 309 -42.97 11.98 -2.60
C GLY K 309 -42.43 11.53 -1.27
N ILE K 310 -41.27 12.02 -0.86
CA ILE K 310 -40.71 11.74 0.46
C ILE K 310 -40.36 13.07 1.06
N HIS K 311 -41.05 13.47 2.12
CA HIS K 311 -40.83 14.79 2.71
C HIS K 311 -39.42 14.89 3.24
N PHE K 312 -38.87 16.11 3.25
CA PHE K 312 -37.46 16.27 3.52
C PHE K 312 -37.11 15.95 4.95
N ARG K 313 -38.06 15.96 5.87
CA ARG K 313 -37.73 15.56 7.23
C ARG K 313 -37.46 14.06 7.34
N VAL K 314 -37.87 13.27 6.35
CA VAL K 314 -37.37 11.90 6.25
C VAL K 314 -35.96 11.92 5.71
N LEU K 315 -35.74 12.69 4.65
CA LEU K 315 -34.45 12.76 4.02
C LEU K 315 -33.44 13.51 4.87
N ALA K 316 -33.89 14.31 5.82
CA ALA K 316 -32.97 14.94 6.76
C ALA K 316 -32.60 13.98 7.88
N LYS K 317 -33.53 13.13 8.30
CA LYS K 317 -33.20 12.02 9.16
C LYS K 317 -32.33 11.01 8.44
N ALA K 318 -32.53 10.83 7.15
CA ALA K 318 -31.77 9.83 6.42
C ALA K 318 -30.32 10.20 6.26
N LEU K 319 -29.98 11.48 6.19
CA LEU K 319 -28.58 11.85 6.12
C LEU K 319 -28.02 12.22 7.47
N ARG K 320 -28.83 12.35 8.50
CA ARG K 320 -28.22 12.39 9.80
C ARG K 320 -27.76 11.00 10.19
N LEU K 321 -28.40 9.96 9.64
CA LEU K 321 -28.00 8.60 9.93
C LEU K 321 -26.94 8.10 8.96
N SER K 322 -26.91 8.61 7.75
CA SER K 322 -25.65 8.61 7.02
C SER K 322 -24.92 9.86 7.48
N GLY K 323 -23.90 10.31 6.82
CA GLY K 323 -23.15 11.40 7.37
C GLY K 323 -23.61 12.74 6.88
N GLY K 324 -23.27 13.75 7.65
CA GLY K 324 -23.19 15.08 7.13
C GLY K 324 -23.03 16.01 8.30
N ASP K 325 -22.08 16.94 8.23
CA ASP K 325 -21.99 17.92 9.28
C ASP K 325 -22.77 19.16 8.94
N HIS K 326 -23.24 19.25 7.70
CA HIS K 326 -24.10 20.32 7.26
C HIS K 326 -25.17 19.69 6.40
N ILE K 327 -26.29 20.38 6.26
CA ILE K 327 -27.28 20.05 5.26
C ILE K 327 -28.00 21.35 4.93
N HIS K 328 -28.26 21.56 3.65
CA HIS K 328 -29.12 22.66 3.29
C HIS K 328 -30.51 22.41 3.80
N THR K 329 -31.03 23.35 4.60
CA THR K 329 -32.43 23.37 4.93
C THR K 329 -33.13 24.53 4.27
N GLY K 330 -32.62 24.96 3.12
CA GLY K 330 -33.27 25.96 2.31
C GLY K 330 -33.24 27.34 2.89
N THR K 331 -34.41 27.87 3.22
CA THR K 331 -34.49 29.19 3.81
C THR K 331 -35.77 29.30 4.59
N VAL K 332 -35.82 30.32 5.44
CA VAL K 332 -36.99 30.60 6.24
C VAL K 332 -37.67 31.90 5.80
N VAL K 333 -36.95 32.80 5.11
CA VAL K 333 -37.42 34.15 4.88
C VAL K 333 -38.55 34.24 3.86
N GLY K 334 -38.67 33.28 2.96
CA GLY K 334 -39.69 33.38 1.94
C GLY K 334 -40.86 32.47 2.20
N LYS K 335 -41.14 32.21 3.47
CA LYS K 335 -42.08 31.16 3.86
C LYS K 335 -43.02 31.68 4.93
N LEU K 336 -44.24 31.16 4.94
CA LEU K 336 -45.26 31.59 5.89
C LEU K 336 -45.03 30.93 7.24
N GLU K 337 -46.00 31.03 8.15
CA GLU K 337 -45.81 30.48 9.49
C GLU K 337 -45.81 28.96 9.47
N GLY K 338 -46.67 28.36 8.66
CA GLY K 338 -46.69 26.92 8.56
C GLY K 338 -45.53 26.37 7.77
N GLU K 339 -45.15 27.05 6.68
CA GLU K 339 -44.04 26.59 5.87
C GLU K 339 -42.68 26.83 6.52
N ARG K 340 -42.59 27.70 7.53
CA ARG K 340 -41.37 27.75 8.32
C ARG K 340 -41.51 27.05 9.64
N GLY K 341 -42.73 26.69 10.05
CA GLY K 341 -42.85 25.73 11.12
C GLY K 341 -42.34 24.38 10.69
N ILE K 342 -42.71 23.95 9.48
CA ILE K 342 -42.19 22.71 8.92
C ILE K 342 -40.70 22.81 8.67
N THR K 343 -40.24 23.97 8.20
CA THR K 343 -38.81 24.17 7.97
C THR K 343 -38.03 24.17 9.27
N MET K 344 -38.55 24.82 10.31
CA MET K 344 -37.95 24.65 11.62
C MET K 344 -38.28 23.30 12.25
N GLY K 345 -39.17 22.53 11.64
CA GLY K 345 -39.49 21.21 12.13
C GLY K 345 -38.34 20.28 11.88
N PHE K 346 -37.89 20.19 10.63
CA PHE K 346 -36.78 19.29 10.40
C PHE K 346 -35.45 19.88 10.75
N VAL K 347 -35.36 21.20 10.94
CA VAL K 347 -34.11 21.77 11.46
C VAL K 347 -33.87 21.29 12.88
N ASP K 348 -34.91 21.14 13.69
CA ASP K 348 -34.71 20.53 15.00
C ASP K 348 -34.46 19.04 14.91
N LEU K 349 -34.99 18.38 13.88
CA LEU K 349 -34.78 16.93 13.74
C LEU K 349 -33.36 16.60 13.38
N LEU K 350 -32.71 17.46 12.61
CA LEU K 350 -31.33 17.22 12.23
C LEU K 350 -30.35 17.94 13.12
N ARG K 351 -30.79 18.56 14.18
CA ARG K 351 -29.83 19.28 14.99
C ARG K 351 -29.98 19.05 16.49
N GLU K 352 -31.18 18.74 16.97
CA GLU K 352 -31.42 18.55 18.39
C GLU K 352 -31.49 17.06 18.70
N ASN K 353 -31.07 16.70 19.91
CA ASN K 353 -31.02 15.30 20.31
C ASN K 353 -32.41 14.69 20.45
N TYR K 354 -33.29 15.34 21.17
CA TYR K 354 -34.63 14.82 21.38
C TYR K 354 -35.62 15.84 20.88
N VAL K 355 -36.56 15.40 20.08
CA VAL K 355 -37.59 16.25 19.50
C VAL K 355 -38.95 15.62 19.73
N GLU K 356 -39.82 16.37 20.38
CA GLU K 356 -41.12 15.84 20.77
C GLU K 356 -42.04 15.81 19.56
N GLN K 357 -42.96 14.86 19.56
CA GLN K 357 -43.98 14.69 18.54
C GLN K 357 -44.88 15.89 18.48
N ASP K 358 -44.71 16.74 17.46
CA ASP K 358 -45.42 18.01 17.36
C ASP K 358 -45.92 18.13 15.92
N LYS K 359 -47.13 17.65 15.65
CA LYS K 359 -47.59 17.46 14.29
C LYS K 359 -47.91 18.78 13.59
N SER K 360 -48.19 19.84 14.34
CA SER K 360 -48.41 21.14 13.72
C SER K 360 -47.12 21.72 13.17
N ARG K 361 -46.00 21.42 13.82
CA ARG K 361 -44.69 21.80 13.33
C ARG K 361 -44.17 20.79 12.31
N GLY K 362 -44.90 19.70 12.07
CA GLY K 362 -44.59 18.76 11.03
C GLY K 362 -44.00 17.46 11.52
N ILE K 363 -43.36 17.46 12.69
CA ILE K 363 -42.73 16.25 13.22
C ILE K 363 -43.81 15.29 13.68
N TYR K 364 -43.94 14.14 13.01
CA TYR K 364 -45.00 13.20 13.34
C TYR K 364 -44.64 12.21 14.43
N PHE K 365 -43.38 11.97 14.70
CA PHE K 365 -42.97 11.04 15.74
C PHE K 365 -41.95 11.67 16.66
N THR K 366 -42.07 11.39 17.94
CA THR K 366 -41.05 11.77 18.90
C THR K 366 -39.75 11.02 18.62
N GLN K 367 -38.73 11.75 18.23
CA GLN K 367 -37.50 11.16 17.74
C GLN K 367 -36.43 11.34 18.80
N ASP K 368 -35.95 10.23 19.33
CA ASP K 368 -34.82 10.24 20.24
C ASP K 368 -33.59 9.89 19.42
N TRP K 369 -32.66 10.82 19.29
CA TRP K 369 -31.51 10.54 18.46
C TRP K 369 -30.41 9.81 19.18
N ALA K 370 -30.54 9.55 20.47
CA ALA K 370 -29.63 8.69 21.23
C ALA K 370 -28.20 9.21 21.23
N SER K 371 -28.05 10.50 21.55
CA SER K 371 -26.76 11.21 21.60
C SER K 371 -26.01 11.13 20.28
N LEU K 372 -26.72 11.05 19.20
CA LEU K 372 -26.05 11.10 17.92
C LEU K 372 -25.65 12.55 17.68
N PRO K 373 -24.54 12.77 17.00
CA PRO K 373 -24.13 14.14 16.68
C PRO K 373 -25.14 14.87 15.83
N GLY K 374 -25.17 16.18 15.96
CA GLY K 374 -26.11 16.98 15.19
C GLY K 374 -25.60 17.24 13.79
N VAL K 375 -26.46 17.86 12.99
CA VAL K 375 -26.08 18.33 11.67
C VAL K 375 -26.37 19.83 11.65
N MET K 376 -25.52 20.62 10.99
CA MET K 376 -25.82 22.03 10.81
C MET K 376 -27.04 22.21 9.93
N ALA K 377 -27.67 23.35 10.04
CA ALA K 377 -28.78 23.69 9.19
C ALA K 377 -28.37 24.90 8.38
N VAL K 378 -28.13 24.70 7.10
CA VAL K 378 -27.52 25.71 6.25
C VAL K 378 -28.60 26.48 5.51
N ALA K 379 -28.76 27.75 5.84
CA ALA K 379 -29.74 28.61 5.20
C ALA K 379 -29.18 29.17 3.91
N SER K 380 -29.86 28.95 2.80
CA SER K 380 -29.22 29.23 1.52
C SER K 380 -30.13 29.83 0.48
N GLY K 381 -31.24 30.42 0.90
CA GLY K 381 -32.17 30.97 -0.06
C GLY K 381 -31.74 32.31 -0.60
N GLY K 382 -32.73 33.11 -0.95
CA GLY K 382 -32.48 34.50 -1.25
C GLY K 382 -32.44 35.29 0.04
N ILE K 383 -31.37 35.09 0.81
CA ILE K 383 -31.16 35.85 2.02
C ILE K 383 -30.03 36.84 1.77
N HIS K 384 -30.06 37.92 2.52
CA HIS K 384 -29.13 39.02 2.30
C HIS K 384 -28.86 39.67 3.65
N VAL K 385 -28.39 40.91 3.61
CA VAL K 385 -27.91 41.63 4.79
C VAL K 385 -29.02 41.79 5.83
N TRP K 386 -30.21 42.19 5.38
CA TRP K 386 -31.28 42.53 6.30
C TRP K 386 -31.96 41.34 6.93
N HIS K 387 -31.67 40.12 6.50
CA HIS K 387 -32.25 38.93 7.09
C HIS K 387 -31.37 38.37 8.18
N MET K 388 -30.23 38.99 8.44
CA MET K 388 -29.43 38.63 9.60
C MET K 388 -30.12 38.77 10.96
N PRO K 389 -30.98 39.76 11.25
CA PRO K 389 -31.64 39.72 12.55
C PRO K 389 -32.62 38.57 12.69
N ALA K 390 -33.28 38.19 11.60
CA ALA K 390 -34.20 37.06 11.68
C ALA K 390 -33.44 35.75 11.80
N LEU K 391 -32.46 35.54 10.93
CA LEU K 391 -31.80 34.25 10.83
C LEU K 391 -30.71 34.04 11.88
N VAL K 392 -30.62 34.89 12.89
CA VAL K 392 -29.79 34.60 14.04
C VAL K 392 -30.77 34.27 15.16
N GLU K 393 -32.01 34.73 14.99
CA GLU K 393 -33.03 34.40 15.97
C GLU K 393 -33.72 33.09 15.63
N ILE K 394 -34.01 32.86 14.35
CA ILE K 394 -34.71 31.67 13.90
C ILE K 394 -33.76 30.49 13.91
N PHE K 395 -32.74 30.55 13.06
CA PHE K 395 -31.62 29.63 13.14
C PHE K 395 -30.67 30.15 14.20
N GLY K 396 -30.31 29.32 15.14
CA GLY K 396 -29.55 29.78 16.29
C GLY K 396 -28.08 30.00 16.02
N ASP K 397 -27.26 29.62 16.99
CA ASP K 397 -25.83 29.57 16.74
C ASP K 397 -25.50 28.47 15.76
N ASP K 398 -26.20 27.35 15.84
CA ASP K 398 -25.80 26.13 15.15
C ASP K 398 -26.32 26.17 13.72
N SER K 399 -25.74 27.05 12.93
CA SER K 399 -26.24 27.27 11.59
C SER K 399 -25.13 27.81 10.71
N VAL K 400 -25.34 27.69 9.41
CA VAL K 400 -24.48 28.27 8.39
C VAL K 400 -25.39 29.07 7.49
N LEU K 401 -24.95 30.24 7.05
CA LEU K 401 -25.80 31.11 6.25
C LEU K 401 -25.13 31.30 4.90
N GLN K 402 -25.72 30.75 3.84
CA GLN K 402 -25.17 30.94 2.51
C GLN K 402 -25.69 32.21 1.88
N PHE K 403 -24.98 32.70 0.87
CA PHE K 403 -25.38 33.93 0.21
C PHE K 403 -25.11 33.84 -1.28
N GLY K 404 -25.70 34.78 -2.00
CA GLY K 404 -25.66 34.80 -3.44
C GLY K 404 -26.74 33.96 -4.10
N GLY K 405 -27.75 33.54 -3.36
CA GLY K 405 -28.69 32.56 -3.88
C GLY K 405 -29.62 33.12 -4.93
N GLY K 406 -30.33 34.19 -4.58
CA GLY K 406 -31.21 34.82 -5.54
C GLY K 406 -30.90 36.29 -5.73
N THR K 407 -30.19 36.85 -4.75
CA THR K 407 -29.92 38.28 -4.70
C THR K 407 -28.95 38.69 -5.80
N LEU K 408 -29.00 39.97 -6.16
CA LEU K 408 -28.21 40.47 -7.28
C LEU K 408 -26.82 40.92 -6.86
N GLY K 409 -26.11 40.06 -6.13
CA GLY K 409 -24.76 40.35 -5.72
C GLY K 409 -24.66 41.54 -4.78
N HIS K 410 -23.49 42.17 -4.80
CA HIS K 410 -23.15 43.34 -4.02
C HIS K 410 -22.52 44.31 -4.99
N PRO K 411 -22.83 45.61 -4.92
CA PRO K 411 -22.34 46.53 -5.94
C PRO K 411 -20.85 46.79 -5.91
N TRP K 412 -20.14 46.39 -4.86
CA TRP K 412 -18.71 46.61 -4.77
C TRP K 412 -17.91 45.32 -4.93
N GLY K 413 -18.57 44.20 -5.20
CA GLY K 413 -17.84 42.98 -5.46
C GLY K 413 -18.11 41.84 -4.49
N ASN K 414 -17.05 41.12 -4.14
CA ASN K 414 -17.15 39.97 -3.26
C ASN K 414 -16.60 40.24 -1.87
N ALA K 415 -15.37 40.71 -1.78
CA ALA K 415 -14.75 41.07 -0.51
C ALA K 415 -15.40 42.24 0.21
N PRO K 416 -16.07 43.19 -0.46
CA PRO K 416 -17.02 44.01 0.29
C PRO K 416 -18.34 43.30 0.53
N GLY K 417 -18.75 42.44 -0.40
CA GLY K 417 -20.01 41.76 -0.23
C GLY K 417 -19.97 40.69 0.83
N ALA K 418 -18.79 40.21 1.15
CA ALA K 418 -18.68 39.28 2.25
C ALA K 418 -18.46 40.01 3.57
N THR K 419 -17.85 41.19 3.53
CA THR K 419 -17.68 41.96 4.76
C THR K 419 -19.00 42.58 5.17
N ALA K 420 -19.86 42.89 4.20
CA ALA K 420 -21.23 43.28 4.52
C ALA K 420 -21.97 42.17 5.22
N ASN K 421 -21.84 40.94 4.76
CA ASN K 421 -22.56 39.82 5.33
C ASN K 421 -21.91 39.29 6.58
N ARG K 422 -20.72 39.77 6.92
CA ARG K 422 -20.04 39.41 8.16
C ARG K 422 -20.17 40.47 9.22
N VAL K 423 -20.15 41.75 8.86
CA VAL K 423 -20.46 42.78 9.83
C VAL K 423 -21.93 42.69 10.23
N ALA K 424 -22.82 42.49 9.26
CA ALA K 424 -24.23 42.36 9.58
C ALA K 424 -24.54 41.08 10.31
N LEU K 425 -23.70 40.05 10.13
CA LEU K 425 -23.80 38.88 11.01
C LEU K 425 -23.47 39.27 12.43
N GLU K 426 -22.25 39.76 12.65
CA GLU K 426 -21.78 39.98 14.00
C GLU K 426 -22.37 41.21 14.64
N ALA K 427 -23.00 42.11 13.89
CA ALA K 427 -23.81 43.12 14.53
C ALA K 427 -25.06 42.50 15.13
N CYS K 428 -25.58 41.45 14.50
CA CYS K 428 -26.72 40.74 15.06
C CYS K 428 -26.34 39.76 16.16
N VAL K 429 -25.10 39.28 16.16
CA VAL K 429 -24.65 38.45 17.26
C VAL K 429 -24.24 39.31 18.43
N GLN K 430 -23.75 40.53 18.16
CA GLN K 430 -23.45 41.47 19.25
C GLN K 430 -24.71 41.90 19.96
N ALA K 431 -25.76 42.18 19.21
CA ALA K 431 -27.02 42.54 19.82
C ALA K 431 -27.68 41.35 20.51
N ARG K 432 -27.48 40.15 19.98
CA ARG K 432 -28.02 38.97 20.63
C ARG K 432 -27.26 38.66 21.90
N ASN K 433 -25.97 38.97 21.95
CA ASN K 433 -25.19 38.79 23.15
C ASN K 433 -25.30 39.97 24.11
N GLU K 434 -26.31 40.84 23.91
CA GLU K 434 -26.60 41.94 24.81
C GLU K 434 -28.10 42.01 25.11
N GLY K 435 -28.83 40.97 24.74
CA GLY K 435 -30.24 40.85 25.08
C GLY K 435 -31.21 41.57 24.18
N ARG K 436 -30.73 42.19 23.11
CA ARG K 436 -31.61 43.01 22.28
C ARG K 436 -32.52 42.12 21.44
N ASN K 437 -33.82 42.39 21.51
CA ASN K 437 -34.82 41.57 20.82
C ASN K 437 -34.69 41.76 19.32
N LEU K 438 -34.12 40.77 18.63
CA LEU K 438 -33.81 40.90 17.23
C LEU K 438 -35.01 40.74 16.30
N ALA K 439 -36.21 40.63 16.85
CA ALA K 439 -37.39 40.71 16.00
C ALA K 439 -37.82 42.16 15.81
N ARG K 440 -37.52 43.01 16.78
CA ARG K 440 -37.90 44.41 16.73
C ARG K 440 -36.72 45.36 16.74
N GLU K 441 -35.70 45.09 17.56
CA GLU K 441 -34.47 45.88 17.52
C GLU K 441 -33.45 45.31 16.57
N GLY K 442 -33.90 44.63 15.52
CA GLY K 442 -32.98 44.00 14.61
C GLY K 442 -32.60 44.89 13.45
N ASN K 443 -33.58 45.60 12.89
CA ASN K 443 -33.26 46.54 11.83
C ASN K 443 -32.51 47.76 12.34
N ASP K 444 -32.59 48.02 13.64
CA ASP K 444 -31.80 49.09 14.24
C ASP K 444 -30.33 48.72 14.31
N VAL K 445 -30.02 47.45 14.57
CA VAL K 445 -28.63 47.09 14.77
C VAL K 445 -27.91 46.87 13.46
N ILE K 446 -28.65 46.72 12.36
CA ILE K 446 -28.00 46.83 11.05
C ILE K 446 -27.68 48.28 10.75
N ARG K 447 -28.64 49.18 11.00
CA ARG K 447 -28.45 50.58 10.63
C ARG K 447 -27.45 51.28 11.53
N GLU K 448 -27.29 50.82 12.76
CA GLU K 448 -26.22 51.38 13.59
C GLU K 448 -24.93 50.61 13.44
N ALA K 449 -24.88 49.64 12.52
CA ALA K 449 -23.62 49.06 12.10
C ALA K 449 -23.21 49.52 10.71
N ALA K 450 -24.14 50.09 9.95
CA ALA K 450 -23.78 50.72 8.69
C ALA K 450 -22.98 51.99 8.89
N LYS K 451 -23.01 52.58 10.09
CA LYS K 451 -22.20 53.75 10.35
C LYS K 451 -20.73 53.37 10.54
N TRP K 452 -20.47 52.34 11.36
CA TRP K 452 -19.12 51.87 11.60
C TRP K 452 -18.69 50.78 10.62
N SER K 453 -19.30 50.73 9.43
CA SER K 453 -18.83 49.85 8.36
C SER K 453 -19.22 50.41 6.99
N PRO K 454 -18.25 50.73 6.14
CA PRO K 454 -18.61 51.26 4.82
C PRO K 454 -19.01 50.20 3.82
N GLU K 455 -18.52 48.97 3.94
CA GLU K 455 -18.94 47.94 3.01
C GLU K 455 -20.36 47.49 3.30
N LEU K 456 -20.80 47.60 4.55
CA LEU K 456 -22.16 47.27 4.92
C LEU K 456 -23.14 48.33 4.48
N ALA K 457 -22.74 49.60 4.55
CA ALA K 457 -23.67 50.70 4.31
C ALA K 457 -24.06 50.83 2.85
N VAL K 458 -23.30 50.20 1.94
CA VAL K 458 -23.68 50.19 0.54
C VAL K 458 -24.48 48.94 0.18
N ALA K 459 -24.36 47.86 0.95
CA ALA K 459 -25.31 46.76 0.89
C ALA K 459 -26.53 46.99 1.76
N CYS K 460 -26.59 48.13 2.43
CA CYS K 460 -27.69 48.45 3.34
C CYS K 460 -28.98 48.66 2.58
N GLU K 461 -28.91 49.04 1.30
CA GLU K 461 -30.09 49.26 0.49
C GLU K 461 -30.24 48.25 -0.65
N LEU K 462 -29.15 47.89 -1.33
CA LEU K 462 -29.21 46.94 -2.42
C LEU K 462 -28.03 45.99 -2.38
N ARG L 22 -35.88 38.21 -17.48
CA ARG L 22 -34.80 37.34 -17.96
C ARG L 22 -34.89 37.23 -19.48
N LEU L 23 -35.42 36.10 -19.99
CA LEU L 23 -35.63 35.82 -21.41
C LEU L 23 -34.37 35.96 -22.26
N THR L 24 -33.20 35.75 -21.66
CA THR L 24 -31.98 35.52 -22.40
C THR L 24 -31.69 34.04 -22.53
N TYR L 25 -32.39 33.21 -21.77
CA TYR L 25 -32.26 31.78 -21.79
C TYR L 25 -33.35 31.12 -22.61
N TYR L 26 -34.25 31.89 -23.17
CA TYR L 26 -35.25 31.38 -24.08
C TYR L 26 -34.88 31.89 -25.46
N THR L 27 -34.18 31.05 -26.21
CA THR L 27 -33.78 31.31 -27.58
C THR L 27 -34.62 30.42 -28.48
N PRO L 28 -35.75 30.89 -29.00
CA PRO L 28 -36.68 29.99 -29.70
C PRO L 28 -36.23 29.65 -31.10
N ASP L 29 -35.25 30.35 -31.65
CA ASP L 29 -34.70 30.05 -32.95
C ASP L 29 -33.50 29.13 -32.90
N TYR L 30 -33.08 28.73 -31.71
CA TYR L 30 -31.85 27.97 -31.51
C TYR L 30 -32.06 26.54 -31.95
N THR L 31 -31.59 26.22 -33.14
CA THR L 31 -31.51 24.84 -33.57
C THR L 31 -30.43 24.15 -32.73
N PRO L 32 -30.78 23.16 -31.93
CA PRO L 32 -29.79 22.60 -31.01
C PRO L 32 -28.77 21.73 -31.74
N LYS L 33 -27.55 21.77 -31.27
CA LYS L 33 -26.48 21.05 -31.92
C LYS L 33 -26.61 19.56 -31.67
N ASP L 34 -25.87 18.77 -32.44
CA ASP L 34 -25.86 17.33 -32.27
C ASP L 34 -25.04 16.88 -31.08
N THR L 35 -24.42 17.82 -30.38
CA THR L 35 -23.65 17.52 -29.18
C THR L 35 -24.23 18.18 -27.95
N ASP L 36 -25.38 18.84 -28.02
CA ASP L 36 -26.05 19.33 -26.82
C ASP L 36 -26.68 18.18 -26.06
N ILE L 37 -26.97 18.43 -24.79
CA ILE L 37 -27.67 17.46 -23.97
C ILE L 37 -29.06 17.99 -23.75
N LEU L 38 -29.98 17.58 -24.58
CA LEU L 38 -31.33 18.13 -24.56
C LEU L 38 -32.07 17.62 -23.35
N ALA L 39 -33.11 18.34 -22.94
CA ALA L 39 -33.94 17.91 -21.84
C ALA L 39 -35.32 18.49 -22.04
N ALA L 40 -36.35 17.66 -21.90
CA ALA L 40 -37.73 18.06 -22.15
C ALA L 40 -38.47 18.03 -20.84
N PHE L 41 -38.60 19.17 -20.20
CA PHE L 41 -39.32 19.22 -18.94
C PHE L 41 -40.81 19.20 -19.22
N ARG L 42 -41.63 19.07 -18.18
CA ARG L 42 -43.08 19.22 -18.32
C ARG L 42 -43.46 20.25 -17.28
N VAL L 43 -43.32 21.51 -17.64
CA VAL L 43 -43.41 22.60 -16.68
C VAL L 43 -44.87 22.88 -16.41
N THR L 44 -45.25 22.97 -15.14
CA THR L 44 -46.57 23.40 -14.73
C THR L 44 -46.38 24.67 -13.91
N PRO L 45 -46.35 25.83 -14.56
CA PRO L 45 -45.96 27.05 -13.86
C PRO L 45 -47.06 27.58 -12.97
N GLN L 46 -46.65 28.33 -11.96
CA GLN L 46 -47.57 29.07 -11.12
C GLN L 46 -48.27 30.12 -11.97
N PRO L 47 -49.50 30.49 -11.62
CA PRO L 47 -50.28 31.36 -12.51
C PRO L 47 -49.77 32.77 -12.52
N GLY L 48 -49.81 33.38 -13.70
CA GLY L 48 -49.20 34.66 -13.91
C GLY L 48 -47.78 34.60 -14.41
N VAL L 49 -47.11 33.47 -14.20
CA VAL L 49 -45.81 33.24 -14.81
C VAL L 49 -46.10 32.82 -16.24
N PRO L 50 -45.65 33.55 -17.24
CA PRO L 50 -45.86 33.14 -18.62
C PRO L 50 -45.00 31.95 -18.97
N PHE L 51 -45.30 31.34 -20.12
CA PHE L 51 -44.63 30.09 -20.45
C PHE L 51 -43.17 30.27 -20.84
N GLU L 52 -42.83 31.35 -21.52
CA GLU L 52 -41.45 31.55 -21.91
C GLU L 52 -40.58 31.87 -20.71
N GLU L 53 -41.13 32.57 -19.72
CA GLU L 53 -40.32 33.06 -18.62
C GLU L 53 -40.10 31.97 -17.58
N ALA L 54 -40.97 30.97 -17.52
CA ALA L 54 -40.69 29.80 -16.70
C ALA L 54 -39.79 28.81 -17.42
N ALA L 55 -39.92 28.70 -18.73
CA ALA L 55 -39.03 27.84 -19.49
C ALA L 55 -37.64 28.42 -19.61
N ALA L 56 -37.52 29.75 -19.58
CA ALA L 56 -36.20 30.33 -19.45
C ALA L 56 -35.67 30.15 -18.05
N ALA L 57 -36.56 30.00 -17.07
CA ALA L 57 -36.14 29.81 -15.70
C ALA L 57 -35.70 28.38 -15.41
N VAL L 58 -36.33 27.39 -16.05
CA VAL L 58 -35.84 26.03 -15.87
C VAL L 58 -34.56 25.81 -16.67
N ALA L 59 -34.29 26.65 -17.65
CA ALA L 59 -32.98 26.73 -18.25
C ALA L 59 -32.04 27.61 -17.46
N ALA L 60 -32.56 28.41 -16.53
CA ALA L 60 -31.70 29.27 -15.73
C ALA L 60 -31.08 28.49 -14.61
N GLU L 61 -31.87 28.01 -13.66
CA GLU L 61 -31.31 27.46 -12.44
C GLU L 61 -30.81 26.04 -12.59
N SER L 62 -30.84 25.47 -13.79
CA SER L 62 -30.07 24.29 -14.08
C SER L 62 -28.75 24.61 -14.78
N SER L 63 -28.39 25.89 -14.87
CA SER L 63 -27.08 26.35 -15.31
C SER L 63 -26.79 27.63 -14.55
N THR L 64 -25.71 28.33 -14.95
CA THR L 64 -25.65 29.78 -15.14
C THR L 64 -26.75 30.56 -14.42
N GLY L 65 -26.85 30.44 -13.09
CA GLY L 65 -27.97 30.97 -12.35
C GLY L 65 -28.19 32.46 -12.40
N THR L 66 -29.30 32.93 -11.87
CA THR L 66 -29.66 34.33 -11.98
C THR L 66 -28.78 35.22 -11.10
N LEU L 74 -19.94 39.19 -16.31
CA LEU L 74 -19.01 39.27 -17.43
C LEU L 74 -17.72 38.61 -16.97
N LEU L 75 -17.83 37.82 -15.90
CA LEU L 75 -16.69 37.08 -15.39
C LEU L 75 -16.32 35.89 -16.27
N THR L 76 -17.16 35.53 -17.23
CA THR L 76 -16.94 34.44 -18.17
C THR L 76 -17.79 34.72 -19.39
N ASP L 77 -17.97 33.70 -20.23
CA ASP L 77 -18.93 33.80 -21.32
C ASP L 77 -20.23 33.08 -20.95
N LEU L 78 -21.31 33.83 -20.93
CA LEU L 78 -22.61 33.26 -20.64
C LEU L 78 -23.09 32.38 -21.78
N ASP L 79 -22.94 32.86 -23.01
CA ASP L 79 -23.57 32.24 -24.17
C ASP L 79 -22.95 30.91 -24.58
N ARG L 80 -21.92 30.43 -23.88
CA ARG L 80 -21.30 29.15 -24.18
C ARG L 80 -21.70 28.06 -23.22
N TYR L 81 -22.03 28.40 -21.98
CA TYR L 81 -22.36 27.42 -20.96
C TYR L 81 -23.79 27.54 -20.47
N LYS L 82 -24.64 28.31 -21.13
CA LYS L 82 -25.97 28.50 -20.62
C LYS L 82 -26.90 27.43 -21.18
N GLY L 83 -27.88 27.04 -20.38
CA GLY L 83 -28.96 26.23 -20.89
C GLY L 83 -29.93 27.11 -21.64
N ARG L 84 -30.35 26.67 -22.80
CA ARG L 84 -31.24 27.45 -23.65
C ARG L 84 -32.51 26.68 -23.88
N CYS L 85 -33.64 27.22 -23.44
CA CYS L 85 -34.89 26.72 -23.94
C CYS L 85 -35.02 27.06 -25.42
N TYR L 86 -35.47 26.11 -26.20
CA TYR L 86 -35.54 26.38 -27.64
C TYR L 86 -36.88 26.05 -28.26
N ASP L 87 -37.83 25.50 -27.52
CA ASP L 87 -39.15 25.22 -28.03
C ASP L 87 -40.07 25.07 -26.83
N ILE L 88 -41.34 25.40 -27.00
CA ILE L 88 -42.31 25.36 -25.90
C ILE L 88 -43.27 24.19 -26.04
N GLU L 89 -44.01 24.12 -27.15
CA GLU L 89 -44.94 23.02 -27.48
C GLU L 89 -45.94 22.72 -26.37
N PRO L 90 -47.00 23.50 -26.23
CA PRO L 90 -47.96 23.26 -25.14
C PRO L 90 -48.60 21.89 -25.25
N VAL L 91 -48.75 21.24 -24.11
CA VAL L 91 -49.33 19.91 -23.98
C VAL L 91 -50.77 19.99 -24.46
N PRO L 92 -51.19 19.10 -25.36
CA PRO L 92 -52.56 19.16 -25.84
C PRO L 92 -53.53 18.69 -24.77
N GLY L 93 -54.65 19.39 -24.68
CA GLY L 93 -55.70 18.98 -23.78
C GLY L 93 -55.55 19.44 -22.34
N GLU L 94 -54.48 20.15 -22.01
CA GLU L 94 -54.32 20.59 -20.63
C GLU L 94 -53.55 21.90 -20.59
N ASP L 95 -54.24 22.98 -20.23
CA ASP L 95 -53.62 24.28 -20.07
C ASP L 95 -52.74 24.29 -18.83
N ASN L 96 -52.00 25.39 -18.67
CA ASN L 96 -51.01 25.60 -17.61
C ASN L 96 -49.95 24.50 -17.59
N GLN L 97 -49.61 23.97 -18.77
CA GLN L 97 -48.61 22.91 -18.83
C GLN L 97 -48.02 22.91 -20.22
N PHE L 98 -46.70 22.75 -20.30
CA PHE L 98 -46.03 22.74 -21.58
C PHE L 98 -44.78 21.90 -21.45
N ILE L 99 -44.04 21.75 -22.56
CA ILE L 99 -42.90 20.86 -22.60
C ILE L 99 -41.70 21.70 -22.99
N ALA L 100 -41.03 22.27 -22.01
CA ALA L 100 -39.90 23.15 -22.25
C ALA L 100 -38.70 22.32 -22.65
N TYR L 101 -38.35 22.35 -23.92
CA TYR L 101 -37.17 21.63 -24.38
C TYR L 101 -35.95 22.47 -24.08
N ILE L 102 -35.11 22.03 -23.17
CA ILE L 102 -33.93 22.77 -22.77
C ILE L 102 -32.74 22.14 -23.46
N ALA L 103 -31.78 22.95 -23.90
CA ALA L 103 -30.62 22.47 -24.64
C ALA L 103 -29.34 22.79 -23.88
N TYR L 104 -28.94 21.90 -23.01
CA TYR L 104 -27.70 22.13 -22.28
C TYR L 104 -26.52 21.77 -23.17
N PRO L 105 -25.42 22.49 -23.09
CA PRO L 105 -24.27 22.17 -23.94
C PRO L 105 -23.55 20.95 -23.41
N LEU L 106 -22.57 20.49 -24.18
CA LEU L 106 -21.89 19.27 -23.80
C LEU L 106 -20.94 19.53 -22.65
N ASP L 107 -20.09 20.54 -22.77
CA ASP L 107 -18.97 20.77 -21.87
C ASP L 107 -19.36 21.42 -20.58
N LEU L 108 -20.63 21.34 -20.22
CA LEU L 108 -21.09 21.71 -18.90
C LEU L 108 -20.98 20.54 -17.93
N PHE L 109 -21.05 19.31 -18.45
CA PHE L 109 -21.25 18.13 -17.61
C PHE L 109 -19.98 17.31 -17.59
N GLU L 110 -19.92 16.34 -16.68
CA GLU L 110 -18.73 15.52 -16.51
C GLU L 110 -18.76 14.33 -17.45
N GLU L 111 -17.60 14.03 -18.03
CA GLU L 111 -17.39 12.78 -18.76
C GLU L 111 -17.66 11.58 -17.86
N GLY L 112 -18.71 10.85 -18.16
CA GLY L 112 -18.92 9.58 -17.51
C GLY L 112 -19.74 9.62 -16.27
N SER L 113 -20.31 10.76 -15.92
CA SER L 113 -21.01 10.93 -14.66
C SER L 113 -22.49 11.17 -14.92
N ILE L 114 -23.29 10.15 -14.65
CA ILE L 114 -24.74 10.26 -14.76
C ILE L 114 -25.33 10.83 -13.47
N THR L 115 -24.52 10.93 -12.43
CA THR L 115 -24.89 11.70 -11.26
C THR L 115 -24.49 13.16 -11.37
N ASN L 116 -23.91 13.58 -12.50
CA ASN L 116 -23.73 15.00 -12.77
C ASN L 116 -24.68 15.50 -13.83
N VAL L 117 -25.28 14.61 -14.60
CA VAL L 117 -26.45 14.97 -15.38
C VAL L 117 -27.58 15.36 -14.46
N LEU L 118 -27.88 14.53 -13.46
CA LEU L 118 -28.98 14.81 -12.57
C LEU L 118 -28.68 15.95 -11.62
N THR L 119 -27.43 16.14 -11.23
CA THR L 119 -27.11 17.26 -10.37
C THR L 119 -27.21 18.56 -11.14
N SER L 120 -26.94 18.53 -12.44
CA SER L 120 -27.07 19.73 -13.25
C SER L 120 -28.53 19.98 -13.62
N ILE L 121 -29.20 18.95 -14.13
CA ILE L 121 -30.49 19.15 -14.79
C ILE L 121 -31.63 19.16 -13.81
N VAL L 122 -31.77 18.12 -12.99
CA VAL L 122 -32.83 18.08 -11.99
C VAL L 122 -32.32 18.45 -10.61
N GLY L 123 -31.21 19.16 -10.53
CA GLY L 123 -30.67 19.50 -9.24
C GLY L 123 -31.44 20.59 -8.53
N ASN L 124 -31.40 21.79 -9.06
CA ASN L 124 -31.79 22.98 -8.30
C ASN L 124 -33.04 23.61 -8.88
N VAL L 125 -33.81 22.85 -9.64
CA VAL L 125 -34.78 23.44 -10.54
C VAL L 125 -36.20 22.96 -10.29
N PHE L 126 -36.41 21.88 -9.53
CA PHE L 126 -37.79 21.47 -9.31
C PHE L 126 -38.41 22.21 -8.14
N GLY L 127 -37.61 22.61 -7.17
CA GLY L 127 -38.03 23.37 -6.00
C GLY L 127 -38.13 24.85 -6.27
N PHE L 128 -37.97 25.22 -7.53
CA PHE L 128 -38.15 26.56 -8.01
C PHE L 128 -39.59 27.00 -7.80
N LYS L 129 -39.79 28.19 -7.26
CA LYS L 129 -41.08 28.51 -6.66
C LYS L 129 -42.07 29.17 -7.61
N ALA L 130 -41.65 29.51 -8.83
CA ALA L 130 -42.57 30.00 -9.84
C ALA L 130 -43.25 28.88 -10.59
N LEU L 131 -43.09 27.65 -10.11
CA LEU L 131 -43.52 26.45 -10.79
C LEU L 131 -44.31 25.61 -9.80
N ARG L 132 -45.48 25.15 -10.21
CA ARG L 132 -46.24 24.34 -9.29
C ARG L 132 -45.81 22.88 -9.38
N ALA L 133 -45.36 22.46 -10.56
CA ALA L 133 -44.85 21.12 -10.75
C ALA L 133 -43.94 21.13 -11.97
N LEU L 134 -42.90 20.32 -11.94
CA LEU L 134 -41.94 20.26 -13.03
C LEU L 134 -41.53 18.81 -13.19
N ARG L 135 -41.69 18.27 -14.39
CA ARG L 135 -41.44 16.87 -14.63
C ARG L 135 -40.46 16.70 -15.77
N LEU L 136 -39.28 16.15 -15.47
CA LEU L 136 -38.31 15.87 -16.52
C LEU L 136 -38.82 14.68 -17.31
N GLU L 137 -39.44 14.94 -18.46
CA GLU L 137 -39.99 13.84 -19.25
C GLU L 137 -38.89 13.04 -19.91
N ASP L 138 -38.10 13.65 -20.77
CA ASP L 138 -37.13 12.93 -21.58
C ASP L 138 -35.84 13.73 -21.61
N ILE L 139 -34.76 13.09 -22.04
CA ILE L 139 -33.45 13.70 -22.07
C ILE L 139 -32.65 13.04 -23.19
N ARG L 140 -31.91 13.83 -23.95
CA ARG L 140 -31.17 13.28 -25.08
C ARG L 140 -29.70 13.39 -24.79
N PHE L 141 -29.11 12.32 -24.35
CA PHE L 141 -27.68 12.24 -24.25
C PHE L 141 -27.15 12.08 -25.66
N PRO L 142 -26.29 12.98 -26.14
CA PRO L 142 -25.81 12.87 -27.51
C PRO L 142 -24.83 11.72 -27.66
N VAL L 143 -24.48 11.44 -28.91
CA VAL L 143 -23.46 10.45 -29.21
C VAL L 143 -22.13 10.86 -28.62
N ALA L 144 -21.88 12.17 -28.52
CA ALA L 144 -20.65 12.66 -27.92
C ALA L 144 -20.56 12.37 -26.44
N TYR L 145 -21.68 12.22 -25.75
CA TYR L 145 -21.69 12.07 -24.32
C TYR L 145 -22.02 10.66 -23.88
N ILE L 146 -22.67 9.89 -24.72
CA ILE L 146 -22.85 8.46 -24.47
C ILE L 146 -21.51 7.73 -24.47
N LYS L 147 -20.59 8.17 -25.32
CA LYS L 147 -19.31 7.50 -25.45
C LYS L 147 -18.40 7.68 -24.23
N THR L 148 -18.66 8.67 -23.37
CA THR L 148 -17.89 8.75 -22.15
C THR L 148 -18.33 7.72 -21.12
N PHE L 149 -19.55 7.23 -21.23
CA PHE L 149 -20.06 6.24 -20.29
C PHE L 149 -19.59 4.86 -20.67
N GLN L 150 -20.03 3.88 -19.93
CA GLN L 150 -19.65 2.51 -20.21
C GLN L 150 -20.76 1.75 -20.88
N GLY L 151 -21.98 2.14 -20.62
CA GLY L 151 -23.10 1.37 -21.03
C GLY L 151 -23.36 0.31 -19.98
N PRO L 152 -24.13 -0.69 -20.34
CA PRO L 152 -24.22 -1.87 -19.54
C PRO L 152 -22.90 -2.61 -19.52
N PRO L 153 -22.65 -3.40 -18.48
CA PRO L 153 -21.53 -4.33 -18.55
C PRO L 153 -21.63 -5.28 -19.73
N HIS L 154 -22.80 -5.86 -19.93
CA HIS L 154 -23.04 -6.81 -21.00
C HIS L 154 -24.40 -6.45 -21.58
N GLY L 155 -24.54 -6.51 -22.87
CA GLY L 155 -25.75 -6.05 -23.51
C GLY L 155 -26.94 -6.97 -23.41
N ILE L 156 -27.76 -6.95 -24.46
CA ILE L 156 -28.64 -8.06 -24.71
C ILE L 156 -27.83 -9.22 -25.24
N GLN L 157 -26.95 -8.92 -26.19
CA GLN L 157 -26.22 -9.94 -26.93
C GLN L 157 -25.22 -10.65 -26.04
N VAL L 158 -24.44 -9.90 -25.28
CA VAL L 158 -23.38 -10.53 -24.50
C VAL L 158 -23.96 -11.19 -23.26
N GLU L 159 -25.09 -10.71 -22.78
CA GLU L 159 -25.78 -11.42 -21.72
C GLU L 159 -26.32 -12.76 -22.21
N ARG L 160 -26.91 -12.78 -23.41
CA ARG L 160 -27.35 -14.07 -23.95
C ARG L 160 -26.18 -14.97 -24.32
N ASP L 161 -25.04 -14.40 -24.69
CA ASP L 161 -23.90 -15.24 -25.02
C ASP L 161 -23.26 -15.83 -23.77
N LYS L 162 -23.31 -15.13 -22.65
CA LYS L 162 -22.79 -15.68 -21.42
C LYS L 162 -23.69 -16.73 -20.84
N LEU L 163 -25.00 -16.61 -21.05
CA LEU L 163 -25.96 -17.52 -20.47
C LEU L 163 -26.37 -18.63 -21.41
N ASN L 164 -26.07 -18.49 -22.71
CA ASN L 164 -26.36 -19.46 -23.75
C ASN L 164 -27.86 -19.73 -23.84
N LYS L 165 -28.64 -18.65 -23.85
CA LYS L 165 -30.11 -18.71 -23.81
C LYS L 165 -30.62 -17.82 -24.92
N TYR L 166 -30.93 -18.41 -26.08
CA TYR L 166 -31.22 -17.65 -27.28
C TYR L 166 -32.66 -17.80 -27.71
N GLY L 167 -33.26 -16.68 -28.11
CA GLY L 167 -34.53 -16.70 -28.79
C GLY L 167 -35.73 -16.93 -27.91
N ARG L 168 -35.67 -16.50 -26.66
CA ARG L 168 -36.83 -16.57 -25.78
C ARG L 168 -36.67 -15.51 -24.73
N PRO L 169 -37.75 -14.95 -24.21
CA PRO L 169 -37.61 -14.10 -23.04
C PRO L 169 -37.32 -14.96 -21.83
N LEU L 170 -36.35 -14.54 -21.04
CA LEU L 170 -35.87 -15.34 -19.94
C LEU L 170 -36.86 -15.27 -18.78
N LEU L 171 -36.58 -15.98 -17.70
CA LEU L 171 -37.60 -16.11 -16.66
C LEU L 171 -37.09 -15.70 -15.30
N GLY L 172 -38.00 -15.74 -14.32
CA GLY L 172 -37.63 -15.56 -12.94
C GLY L 172 -38.79 -15.75 -11.98
N CYS L 173 -38.57 -16.46 -10.89
CA CYS L 173 -39.46 -16.40 -9.74
C CYS L 173 -39.13 -15.14 -8.95
N THR L 174 -39.86 -14.97 -7.87
CA THR L 174 -39.44 -14.08 -6.79
C THR L 174 -39.79 -14.80 -5.51
N ILE L 175 -38.81 -14.96 -4.64
CA ILE L 175 -38.90 -15.95 -3.56
C ILE L 175 -39.86 -15.44 -2.49
N LYS L 176 -41.02 -16.06 -2.44
CA LYS L 176 -41.95 -15.71 -1.39
C LYS L 176 -41.90 -16.77 -0.29
N PRO L 177 -41.96 -16.39 1.00
CA PRO L 177 -42.09 -15.03 1.53
C PRO L 177 -40.81 -14.24 1.44
N LYS L 178 -40.93 -12.92 1.40
CA LYS L 178 -39.75 -12.08 1.40
C LYS L 178 -38.99 -12.22 2.70
N LEU L 179 -39.65 -11.97 3.81
CA LEU L 179 -38.99 -11.86 5.09
C LEU L 179 -39.14 -13.15 5.86
N GLY L 180 -38.17 -13.41 6.72
CA GLY L 180 -38.27 -14.48 7.65
C GLY L 180 -37.47 -15.71 7.30
N LEU L 181 -37.30 -16.01 6.01
CA LEU L 181 -36.63 -17.23 5.60
C LEU L 181 -35.14 -17.17 5.93
N SER L 182 -34.66 -18.21 6.59
CA SER L 182 -33.23 -18.35 6.78
C SER L 182 -32.58 -18.64 5.45
N ALA L 183 -31.26 -18.48 5.40
CA ALA L 183 -30.52 -18.47 4.15
C ALA L 183 -30.55 -19.80 3.43
N LYS L 184 -30.68 -20.92 4.15
CA LYS L 184 -30.77 -22.21 3.48
C LYS L 184 -32.18 -22.51 3.02
N ASN L 185 -33.18 -22.19 3.84
CA ASN L 185 -34.57 -22.31 3.39
C ASN L 185 -34.85 -21.38 2.23
N TYR L 186 -34.15 -20.25 2.19
CA TYR L 186 -34.20 -19.37 1.05
C TYR L 186 -33.58 -20.01 -0.17
N GLY L 187 -32.47 -20.72 0.00
CA GLY L 187 -31.85 -21.36 -1.13
C GLY L 187 -32.56 -22.62 -1.57
N ARG L 188 -33.38 -23.21 -0.71
CA ARG L 188 -34.19 -24.33 -1.14
C ARG L 188 -35.33 -23.87 -2.02
N ALA L 189 -35.90 -22.72 -1.71
CA ALA L 189 -36.91 -22.13 -2.57
C ALA L 189 -36.31 -21.60 -3.86
N VAL L 190 -35.01 -21.32 -3.87
CA VAL L 190 -34.32 -20.99 -5.11
C VAL L 190 -34.07 -22.23 -5.94
N TYR L 191 -33.54 -23.28 -5.31
CA TYR L 191 -33.29 -24.54 -6.01
C TYR L 191 -34.58 -25.16 -6.52
N GLU L 192 -35.69 -24.94 -5.83
CA GLU L 192 -36.93 -25.53 -6.30
C GLU L 192 -37.44 -24.80 -7.54
N CYS L 193 -37.38 -23.46 -7.54
CA CYS L 193 -37.75 -22.71 -8.74
C CYS L 193 -36.76 -22.97 -9.88
N LEU L 194 -35.46 -23.05 -9.59
CA LEU L 194 -34.49 -23.18 -10.66
C LEU L 194 -34.44 -24.58 -11.27
N ARG L 195 -35.06 -25.59 -10.66
CA ARG L 195 -35.18 -26.86 -11.36
C ARG L 195 -36.09 -26.74 -12.56
N GLY L 196 -37.34 -26.37 -12.33
CA GLY L 196 -38.34 -26.40 -13.36
C GLY L 196 -38.21 -25.32 -14.40
N GLY L 197 -37.08 -25.27 -15.09
CA GLY L 197 -37.00 -24.48 -16.31
C GLY L 197 -36.86 -23.00 -16.12
N LEU L 198 -36.84 -22.52 -14.90
CA LEU L 198 -36.71 -21.10 -14.69
C LEU L 198 -35.27 -20.70 -14.91
N ASP L 199 -35.06 -19.54 -15.50
CA ASP L 199 -33.68 -19.14 -15.75
C ASP L 199 -33.08 -18.48 -14.53
N PHE L 200 -33.67 -17.39 -14.09
CA PHE L 200 -33.15 -16.63 -12.97
C PHE L 200 -34.10 -16.75 -11.80
N THR L 201 -33.70 -16.16 -10.69
CA THR L 201 -34.53 -16.12 -9.50
C THR L 201 -34.13 -14.87 -8.73
N LYS L 202 -35.09 -14.03 -8.39
CA LYS L 202 -34.77 -12.69 -7.91
C LYS L 202 -34.68 -12.69 -6.40
N ASP L 203 -33.66 -12.00 -5.90
CA ASP L 203 -33.60 -11.66 -4.50
C ASP L 203 -34.33 -10.34 -4.29
N ASP L 204 -34.91 -10.18 -3.11
CA ASP L 204 -35.96 -9.21 -2.95
C ASP L 204 -35.39 -7.81 -2.82
N GLU L 205 -36.30 -6.84 -2.73
CA GLU L 205 -35.88 -5.46 -2.49
C GLU L 205 -35.33 -5.32 -1.08
N ASN L 206 -36.16 -5.64 -0.11
CA ASN L 206 -35.90 -5.49 1.31
C ASN L 206 -35.08 -6.63 1.89
N ILE L 207 -34.36 -7.36 1.06
CA ILE L 207 -33.38 -8.33 1.51
C ILE L 207 -32.03 -7.86 0.98
N ASN L 208 -31.24 -7.22 1.85
CA ASN L 208 -29.82 -7.08 1.62
C ASN L 208 -29.06 -7.93 2.64
N SER L 209 -29.26 -7.64 3.92
CA SER L 209 -28.89 -8.50 5.02
C SER L 209 -29.70 -8.02 6.21
N ALA L 210 -30.04 -8.94 7.07
CA ALA L 210 -30.95 -8.69 8.17
C ALA L 210 -30.74 -9.81 9.17
N PRO L 211 -31.02 -9.60 10.46
CA PRO L 211 -30.53 -10.54 11.49
C PRO L 211 -31.01 -11.98 11.37
N PHE L 212 -32.05 -12.24 10.59
CA PHE L 212 -32.41 -13.61 10.24
C PHE L 212 -31.63 -14.14 9.04
N GLN L 213 -31.09 -13.28 8.19
CA GLN L 213 -30.51 -13.73 6.93
C GLN L 213 -29.40 -12.79 6.52
N ARG L 214 -28.18 -13.18 6.78
CA ARG L 214 -27.05 -12.36 6.39
C ARG L 214 -26.71 -12.64 4.95
N TRP L 215 -25.99 -11.72 4.33
CA TRP L 215 -25.73 -11.85 2.91
C TRP L 215 -24.67 -12.90 2.64
N ARG L 216 -23.70 -13.05 3.54
CA ARG L 216 -22.60 -13.98 3.32
C ARG L 216 -23.11 -15.40 3.30
N ASP L 217 -24.18 -15.65 4.04
CA ASP L 217 -24.84 -16.93 4.11
C ASP L 217 -25.95 -17.05 3.10
N ARG L 218 -26.62 -15.96 2.77
CA ARG L 218 -27.60 -16.03 1.68
C ARG L 218 -26.91 -16.28 0.36
N PHE L 219 -25.73 -15.70 0.14
CA PHE L 219 -25.06 -15.91 -1.14
C PHE L 219 -24.46 -17.28 -1.20
N LEU L 220 -24.11 -17.84 -0.05
CA LEU L 220 -23.48 -19.14 0.00
C LEU L 220 -24.49 -20.24 -0.25
N PHE L 221 -25.66 -20.13 0.36
CA PHE L 221 -26.68 -21.15 0.19
C PHE L 221 -27.52 -20.94 -1.04
N VAL L 222 -27.19 -19.95 -1.87
CA VAL L 222 -27.76 -19.81 -3.19
C VAL L 222 -26.78 -20.28 -4.26
N ALA L 223 -25.49 -20.07 -4.05
CA ALA L 223 -24.50 -20.69 -4.91
C ALA L 223 -24.49 -22.20 -4.79
N ASP L 224 -24.81 -22.73 -3.61
CA ASP L 224 -24.92 -24.17 -3.47
C ASP L 224 -26.22 -24.68 -4.06
N ALA L 225 -27.16 -23.80 -4.37
CA ALA L 225 -28.43 -24.17 -4.97
C ALA L 225 -28.52 -23.81 -6.43
N ILE L 226 -27.63 -22.96 -6.94
CA ILE L 226 -27.52 -22.81 -8.38
C ILE L 226 -26.76 -23.97 -8.97
N THR L 227 -25.57 -24.25 -8.44
CA THR L 227 -24.74 -25.33 -8.96
C THR L 227 -25.34 -26.71 -8.71
N LYS L 228 -26.40 -26.80 -7.93
CA LYS L 228 -27.18 -28.03 -7.92
C LYS L 228 -28.21 -28.03 -9.02
N ALA L 229 -28.86 -26.90 -9.28
CA ALA L 229 -29.86 -26.83 -10.34
C ALA L 229 -29.27 -26.61 -11.71
N GLN L 230 -28.07 -26.05 -11.79
CA GLN L 230 -27.36 -25.96 -13.05
C GLN L 230 -26.75 -27.30 -13.46
N ALA L 231 -26.29 -28.08 -12.50
CA ALA L 231 -25.71 -29.38 -12.82
C ALA L 231 -26.79 -30.42 -13.11
N GLU L 232 -27.93 -30.31 -12.44
CA GLU L 232 -29.08 -31.16 -12.72
C GLU L 232 -29.61 -30.98 -14.14
N THR L 233 -30.11 -29.78 -14.46
CA THR L 233 -30.58 -29.45 -15.79
C THR L 233 -29.58 -28.50 -16.42
N GLY L 234 -29.05 -28.88 -17.58
CA GLY L 234 -27.80 -28.32 -18.07
C GLY L 234 -27.82 -26.89 -18.55
N GLU L 235 -28.74 -26.06 -18.09
CA GLU L 235 -28.76 -24.66 -18.50
C GLU L 235 -28.03 -23.81 -17.47
N ILE L 236 -27.53 -22.66 -17.90
CA ILE L 236 -26.78 -21.79 -16.99
C ILE L 236 -27.80 -21.03 -16.16
N LYS L 237 -28.15 -21.59 -15.01
CA LYS L 237 -29.08 -20.93 -14.12
C LYS L 237 -28.35 -19.87 -13.32
N GLY L 238 -29.09 -18.84 -12.93
CA GLY L 238 -28.50 -17.75 -12.17
C GLY L 238 -29.47 -17.27 -11.10
N HIS L 239 -28.99 -16.33 -10.30
CA HIS L 239 -29.80 -15.76 -9.24
C HIS L 239 -29.32 -14.35 -9.02
N TYR L 240 -30.26 -13.42 -8.95
CA TYR L 240 -29.95 -12.00 -8.83
C TYR L 240 -29.56 -11.73 -7.39
N LEU L 241 -28.32 -12.01 -7.04
CA LEU L 241 -27.88 -11.79 -5.67
C LEU L 241 -27.81 -10.31 -5.36
N ASN L 242 -28.40 -9.91 -4.25
CA ASN L 242 -28.60 -8.50 -3.94
C ASN L 242 -27.35 -7.96 -3.29
N VAL L 243 -26.61 -7.13 -4.03
CA VAL L 243 -25.41 -6.55 -3.52
C VAL L 243 -25.62 -5.11 -3.09
N THR L 244 -26.87 -4.67 -2.98
CA THR L 244 -27.15 -3.35 -2.44
C THR L 244 -26.75 -3.32 -0.99
N ALA L 245 -26.00 -2.31 -0.59
CA ALA L 245 -25.31 -2.36 0.69
C ALA L 245 -25.23 -0.95 1.27
N PRO L 246 -24.94 -0.82 2.57
CA PRO L 246 -24.77 0.52 3.14
C PRO L 246 -23.65 1.34 2.55
N THR L 247 -22.46 0.82 2.40
CA THR L 247 -21.35 1.58 1.85
C THR L 247 -20.90 0.97 0.54
N CYS L 248 -20.18 1.75 -0.29
CA CYS L 248 -19.60 1.19 -1.51
C CYS L 248 -18.47 0.21 -1.24
N GLU L 249 -17.89 0.20 -0.04
CA GLU L 249 -16.94 -0.86 0.27
C GLU L 249 -17.68 -2.15 0.56
N GLU L 250 -18.73 -2.07 1.36
CA GLU L 250 -19.57 -3.21 1.67
C GLU L 250 -20.34 -3.68 0.45
N MET L 251 -20.54 -2.83 -0.56
CA MET L 251 -21.18 -3.31 -1.78
C MET L 251 -20.22 -4.12 -2.62
N LEU L 252 -18.98 -3.68 -2.73
CA LEU L 252 -18.05 -4.40 -3.59
C LEU L 252 -17.50 -5.62 -2.92
N LYS L 253 -17.50 -5.68 -1.58
CA LYS L 253 -17.12 -6.95 -0.97
C LYS L 253 -18.27 -7.92 -0.98
N ARG L 254 -19.46 -7.43 -1.27
CA ARG L 254 -20.65 -8.24 -1.47
C ARG L 254 -20.75 -8.67 -2.92
N ALA L 255 -20.14 -7.96 -3.83
CA ALA L 255 -20.14 -8.39 -5.21
C ALA L 255 -18.92 -9.23 -5.53
N GLU L 256 -17.76 -8.92 -4.95
CA GLU L 256 -16.57 -9.76 -5.11
C GLU L 256 -16.72 -11.12 -4.47
N TYR L 257 -17.67 -11.28 -3.55
CA TYR L 257 -17.97 -12.61 -3.07
C TYR L 257 -18.87 -13.34 -4.03
N ALA L 258 -19.83 -12.67 -4.65
CA ALA L 258 -20.59 -13.33 -5.70
C ALA L 258 -19.76 -13.55 -6.95
N LYS L 259 -18.66 -12.83 -7.13
CA LYS L 259 -17.72 -13.23 -8.17
C LYS L 259 -17.01 -14.53 -7.78
N GLU L 260 -16.64 -14.69 -6.52
CA GLU L 260 -15.83 -15.83 -6.16
C GLU L 260 -16.64 -17.08 -5.87
N LEU L 261 -17.97 -16.97 -5.90
CA LEU L 261 -18.84 -18.12 -5.99
C LEU L 261 -19.16 -18.45 -7.44
N LYS L 262 -18.52 -17.75 -8.37
CA LYS L 262 -18.67 -17.92 -9.81
C LYS L 262 -20.10 -17.66 -10.27
N GLN L 263 -20.80 -16.75 -9.58
CA GLN L 263 -22.18 -16.42 -9.89
C GLN L 263 -22.25 -15.65 -11.20
N PRO L 264 -23.25 -15.91 -12.01
CA PRO L 264 -23.35 -15.20 -13.27
C PRO L 264 -23.86 -13.80 -13.11
N ILE L 265 -24.64 -13.53 -12.06
CA ILE L 265 -25.42 -12.30 -12.03
C ILE L 265 -25.59 -11.84 -10.59
N ILE L 266 -25.52 -10.53 -10.40
CA ILE L 266 -25.87 -9.85 -9.16
C ILE L 266 -27.00 -8.89 -9.47
N MET L 267 -27.49 -8.20 -8.45
CA MET L 267 -28.49 -7.17 -8.67
C MET L 267 -28.26 -6.01 -7.74
N HIS L 268 -28.92 -4.90 -8.01
CA HIS L 268 -28.62 -3.66 -7.31
C HIS L 268 -29.80 -2.71 -7.43
N ASP L 269 -30.23 -2.15 -6.31
CA ASP L 269 -31.37 -1.22 -6.27
C ASP L 269 -30.84 0.18 -6.52
N TYR L 270 -30.87 0.62 -7.77
CA TYR L 270 -30.02 1.71 -8.20
C TYR L 270 -30.52 3.09 -7.83
N LEU L 271 -31.78 3.24 -7.42
CA LEU L 271 -32.27 4.54 -7.01
C LEU L 271 -32.26 4.76 -5.51
N THR L 272 -32.29 3.70 -4.71
CA THR L 272 -31.97 3.87 -3.31
C THR L 272 -30.47 4.01 -3.11
N ALA L 273 -29.67 3.17 -3.76
CA ALA L 273 -28.23 3.20 -3.64
C ALA L 273 -27.58 4.26 -4.51
N GLY L 274 -28.31 4.85 -5.44
CA GLY L 274 -27.81 6.01 -6.15
C GLY L 274 -27.07 5.66 -7.40
N PHE L 275 -26.62 6.69 -8.09
CA PHE L 275 -25.89 6.53 -9.33
C PHE L 275 -24.39 6.59 -9.16
N THR L 276 -23.89 6.94 -7.99
CA THR L 276 -22.47 6.79 -7.77
C THR L 276 -22.15 5.36 -7.42
N ALA L 277 -23.02 4.71 -6.66
CA ALA L 277 -22.80 3.32 -6.33
C ALA L 277 -23.14 2.41 -7.48
N ASN L 278 -24.09 2.80 -8.31
CA ASN L 278 -24.41 1.99 -9.47
C ASN L 278 -23.31 2.05 -10.51
N THR L 279 -22.78 3.25 -10.76
CA THR L 279 -21.72 3.37 -11.76
C THR L 279 -20.42 2.76 -11.25
N THR L 280 -20.25 2.69 -9.93
CA THR L 280 -19.13 1.92 -9.38
C THR L 280 -19.29 0.45 -9.68
N LEU L 281 -20.49 -0.07 -9.56
CA LEU L 281 -20.77 -1.46 -9.78
C LEU L 281 -20.93 -1.79 -11.26
N ALA L 282 -21.33 -0.82 -12.07
CA ALA L 282 -21.21 -0.91 -13.51
C ALA L 282 -19.80 -1.22 -13.94
N ARG L 283 -18.86 -0.38 -13.49
CA ARG L 283 -17.47 -0.54 -13.84
C ARG L 283 -16.90 -1.80 -13.23
N TRP L 284 -17.46 -2.26 -12.14
CA TRP L 284 -16.97 -3.48 -11.52
C TRP L 284 -17.41 -4.70 -12.31
N CYS L 285 -18.69 -4.75 -12.66
CA CYS L 285 -19.25 -5.90 -13.35
C CYS L 285 -18.70 -6.05 -14.75
N ARG L 286 -18.39 -4.95 -15.42
CA ARG L 286 -17.69 -5.05 -16.69
C ARG L 286 -16.29 -5.58 -16.50
N ASP L 287 -15.63 -5.16 -15.42
CA ASP L 287 -14.28 -5.61 -15.14
C ASP L 287 -14.25 -6.93 -14.39
N ASN L 288 -15.39 -7.59 -14.17
CA ASN L 288 -15.41 -8.89 -13.52
C ASN L 288 -16.40 -9.86 -14.14
N GLY L 289 -17.05 -9.50 -15.24
CA GLY L 289 -17.86 -10.44 -15.97
C GLY L 289 -19.11 -10.91 -15.27
N VAL L 290 -19.59 -10.16 -14.33
CA VAL L 290 -20.82 -10.48 -13.63
C VAL L 290 -21.93 -9.69 -14.31
N LEU L 291 -23.07 -10.31 -14.51
CA LEU L 291 -24.19 -9.57 -15.06
C LEU L 291 -24.78 -8.71 -13.97
N LEU L 292 -25.34 -7.57 -14.33
CA LEU L 292 -25.91 -6.66 -13.35
C LEU L 292 -27.40 -6.51 -13.60
N HIS L 293 -28.21 -6.88 -12.63
CA HIS L 293 -29.66 -6.73 -12.71
C HIS L 293 -30.06 -5.47 -11.98
N ILE L 294 -30.33 -4.40 -12.70
CA ILE L 294 -30.70 -3.18 -11.99
C ILE L 294 -32.17 -3.23 -11.62
N HIS L 295 -32.46 -3.04 -10.34
CA HIS L 295 -33.81 -3.03 -9.83
C HIS L 295 -34.24 -1.61 -9.54
N ARG L 296 -35.46 -1.27 -9.93
CA ARG L 296 -35.90 0.12 -9.83
C ARG L 296 -36.63 0.38 -8.51
N ALA L 297 -35.97 0.06 -7.40
CA ALA L 297 -36.57 0.35 -6.11
C ALA L 297 -36.54 1.84 -5.88
N MET L 298 -37.57 2.36 -5.23
CA MET L 298 -37.79 3.79 -4.97
C MET L 298 -37.93 4.57 -6.28
N HIS L 299 -38.40 3.93 -7.34
CA HIS L 299 -38.61 4.66 -8.59
C HIS L 299 -39.91 5.40 -8.57
N ALA L 300 -40.90 4.93 -7.83
CA ALA L 300 -42.23 5.47 -7.93
C ALA L 300 -42.40 6.72 -7.12
N VAL L 301 -41.39 7.12 -6.36
CA VAL L 301 -41.40 8.43 -5.74
C VAL L 301 -41.37 9.49 -6.81
N ILE L 302 -40.68 9.21 -7.90
CA ILE L 302 -40.29 10.22 -8.88
C ILE L 302 -40.85 9.98 -10.27
N ASP L 303 -41.38 8.82 -10.59
CA ASP L 303 -41.96 8.67 -11.91
C ASP L 303 -43.45 8.37 -11.92
N ARG L 304 -44.13 8.43 -10.78
CA ARG L 304 -45.49 7.92 -10.75
C ARG L 304 -46.53 9.00 -10.93
N GLN L 305 -46.29 10.21 -10.45
CA GLN L 305 -47.21 11.30 -10.69
C GLN L 305 -47.00 11.83 -12.09
N LYS L 306 -48.09 12.16 -12.76
CA LYS L 306 -48.02 12.58 -14.15
C LYS L 306 -47.63 14.04 -14.31
N ASN L 307 -47.48 14.80 -13.23
CA ASN L 307 -47.18 16.22 -13.34
C ASN L 307 -45.82 16.62 -12.80
N HIS L 308 -45.19 15.81 -11.95
CA HIS L 308 -44.00 16.22 -11.24
C HIS L 308 -43.13 15.02 -10.96
N GLY L 309 -41.82 15.22 -11.07
CA GLY L 309 -40.88 14.15 -10.80
C GLY L 309 -39.98 13.90 -11.97
N ILE L 310 -39.44 12.70 -12.11
CA ILE L 310 -38.56 12.36 -13.21
C ILE L 310 -39.16 11.13 -13.85
N HIS L 311 -39.63 11.26 -15.10
CA HIS L 311 -40.22 10.14 -15.81
C HIS L 311 -39.19 9.04 -15.96
N PHE L 312 -39.66 7.79 -15.96
CA PHE L 312 -38.74 6.67 -15.90
C PHE L 312 -37.92 6.52 -17.16
N ARG L 313 -38.35 7.08 -18.28
CA ARG L 313 -37.50 7.04 -19.47
C ARG L 313 -36.29 7.95 -19.34
N VAL L 314 -36.25 8.84 -18.36
CA VAL L 314 -34.99 9.46 -18.01
C VAL L 314 -34.17 8.49 -17.20
N LEU L 315 -34.79 7.87 -16.22
CA LEU L 315 -34.10 6.94 -15.34
C LEU L 315 -33.82 5.62 -16.03
N ALA L 316 -34.46 5.37 -17.18
CA ALA L 316 -34.09 4.22 -17.98
C ALA L 316 -32.85 4.52 -18.79
N LYS L 317 -32.80 5.70 -19.41
CA LYS L 317 -31.62 6.15 -20.11
C LYS L 317 -30.48 6.40 -19.15
N ALA L 318 -30.77 6.75 -17.91
CA ALA L 318 -29.71 7.04 -16.96
C ALA L 318 -29.01 5.79 -16.49
N LEU L 319 -29.67 4.64 -16.48
CA LEU L 319 -28.94 3.43 -16.14
C LEU L 319 -28.54 2.63 -17.35
N ARG L 320 -29.00 2.98 -18.54
CA ARG L 320 -28.32 2.38 -19.66
C ARG L 320 -26.96 2.99 -19.83
N LEU L 321 -26.78 4.26 -19.43
CA LEU L 321 -25.49 4.89 -19.50
C LEU L 321 -24.58 4.46 -18.37
N SER L 322 -25.10 4.35 -17.15
CA SER L 322 -24.41 3.59 -16.13
C SER L 322 -24.75 2.11 -16.32
N GLY L 323 -24.60 1.28 -15.31
CA GLY L 323 -24.70 -0.14 -15.56
C GLY L 323 -26.11 -0.66 -15.55
N GLY L 324 -26.25 -1.78 -16.22
CA GLY L 324 -27.30 -2.70 -15.90
C GLY L 324 -27.59 -3.53 -17.12
N ASP L 325 -27.68 -4.83 -16.96
CA ASP L 325 -28.05 -5.64 -18.09
C ASP L 325 -29.53 -5.90 -18.11
N HIS L 326 -30.19 -5.71 -16.97
CA HIS L 326 -31.62 -5.83 -16.87
C HIS L 326 -32.11 -4.62 -16.09
N ILE L 327 -33.31 -4.16 -16.41
CA ILE L 327 -33.97 -3.19 -15.57
C ILE L 327 -35.44 -3.55 -15.57
N HIS L 328 -36.06 -3.48 -14.39
CA HIS L 328 -37.50 -3.67 -14.33
C HIS L 328 -38.20 -2.56 -15.09
N THR L 329 -38.94 -2.93 -16.12
CA THR L 329 -39.86 -2.00 -16.74
C THR L 329 -41.29 -2.30 -16.37
N GLY L 330 -41.50 -3.00 -15.27
CA GLY L 330 -42.82 -3.15 -14.71
C GLY L 330 -43.66 -4.17 -15.42
N THR L 331 -44.77 -3.73 -16.01
CA THR L 331 -45.66 -4.63 -16.71
C THR L 331 -46.47 -3.85 -17.71
N VAL L 332 -47.20 -4.59 -18.53
CA VAL L 332 -48.06 -4.00 -19.54
C VAL L 332 -49.52 -4.36 -19.33
N VAL L 333 -49.80 -5.52 -18.73
CA VAL L 333 -51.13 -6.15 -18.79
C VAL L 333 -52.19 -5.40 -18.02
N GLY L 334 -51.83 -4.51 -17.11
CA GLY L 334 -52.83 -3.81 -16.32
C GLY L 334 -53.06 -2.39 -16.80
N LYS L 335 -52.59 -2.07 -17.99
CA LYS L 335 -52.52 -0.70 -18.47
C LYS L 335 -53.23 -0.55 -19.80
N LEU L 336 -53.61 0.69 -20.10
CA LEU L 336 -54.44 1.04 -21.26
C LEU L 336 -53.58 1.00 -22.52
N GLU L 337 -54.11 1.50 -23.64
CA GLU L 337 -53.27 1.62 -24.83
C GLU L 337 -52.25 2.74 -24.67
N GLY L 338 -52.67 3.87 -24.14
CA GLY L 338 -51.76 4.99 -24.00
C GLY L 338 -50.74 4.80 -22.90
N GLU L 339 -51.08 4.01 -21.88
CA GLU L 339 -50.17 3.77 -20.78
C GLU L 339 -49.22 2.61 -21.05
N ARG L 340 -49.42 1.87 -22.14
CA ARG L 340 -48.43 0.88 -22.55
C ARG L 340 -47.65 1.29 -23.78
N GLY L 341 -48.15 2.25 -24.55
CA GLY L 341 -47.30 2.86 -25.56
C GLY L 341 -46.17 3.65 -24.92
N ILE L 342 -46.46 4.29 -23.79
CA ILE L 342 -45.41 4.98 -23.04
C ILE L 342 -44.48 3.98 -22.39
N THR L 343 -45.00 2.83 -21.97
CA THR L 343 -44.15 1.81 -21.37
C THR L 343 -43.36 1.07 -22.44
N MET L 344 -43.94 0.85 -23.62
CA MET L 344 -43.12 0.37 -24.73
C MET L 344 -42.30 1.47 -25.38
N GLY L 345 -42.43 2.70 -24.91
CA GLY L 345 -41.53 3.74 -25.34
C GLY L 345 -40.21 3.56 -24.65
N PHE L 346 -40.20 3.50 -23.32
CA PHE L 346 -38.90 3.40 -22.68
C PHE L 346 -38.37 1.99 -22.65
N VAL L 347 -39.15 0.99 -23.04
CA VAL L 347 -38.54 -0.31 -23.28
C VAL L 347 -37.66 -0.23 -24.51
N ASP L 348 -38.06 0.52 -25.53
CA ASP L 348 -37.22 0.67 -26.70
C ASP L 348 -36.03 1.57 -26.44
N LEU L 349 -36.13 2.52 -25.52
CA LEU L 349 -35.01 3.42 -25.24
C LEU L 349 -33.85 2.69 -24.60
N LEU L 350 -34.14 1.68 -23.82
CA LEU L 350 -33.10 0.94 -23.14
C LEU L 350 -32.75 -0.36 -23.84
N ARG L 351 -33.24 -0.58 -25.02
CA ARG L 351 -32.99 -1.87 -25.62
C ARG L 351 -32.62 -1.82 -27.09
N GLU L 352 -32.90 -0.72 -27.77
CA GLU L 352 -32.70 -0.56 -29.19
C GLU L 352 -31.62 0.50 -29.43
N ASN L 353 -30.93 0.40 -30.56
CA ASN L 353 -29.81 1.30 -30.83
C ASN L 353 -30.28 2.70 -31.18
N TYR L 354 -31.22 2.82 -32.09
CA TYR L 354 -31.73 4.10 -32.51
C TYR L 354 -33.23 4.09 -32.32
N VAL L 355 -33.75 5.12 -31.67
CA VAL L 355 -35.17 5.25 -31.39
C VAL L 355 -35.66 6.60 -31.85
N GLU L 356 -36.66 6.59 -32.72
CA GLU L 356 -37.15 7.80 -33.35
C GLU L 356 -38.00 8.57 -32.36
N GLN L 357 -38.03 9.89 -32.54
CA GLN L 357 -38.90 10.77 -31.79
C GLN L 357 -40.37 10.46 -32.06
N ASP L 358 -41.05 9.86 -31.09
CA ASP L 358 -42.48 9.57 -31.20
C ASP L 358 -43.08 9.93 -29.85
N LYS L 359 -43.85 11.01 -29.80
CA LYS L 359 -44.33 11.49 -28.52
C LYS L 359 -45.61 10.80 -28.06
N SER L 360 -46.40 10.24 -28.97
CA SER L 360 -47.53 9.43 -28.56
C SER L 360 -47.05 8.16 -27.87
N ARG L 361 -45.92 7.63 -28.30
CA ARG L 361 -45.24 6.52 -27.66
C ARG L 361 -44.29 7.02 -26.57
N GLY L 362 -44.30 8.32 -26.30
CA GLY L 362 -43.71 8.87 -25.10
C GLY L 362 -42.35 9.51 -25.29
N ILE L 363 -41.61 9.08 -26.32
CA ILE L 363 -40.24 9.53 -26.52
C ILE L 363 -40.26 10.95 -27.08
N TYR L 364 -39.54 11.87 -26.44
CA TYR L 364 -39.52 13.24 -26.92
C TYR L 364 -38.34 13.57 -27.81
N PHE L 365 -37.22 12.90 -27.64
CA PHE L 365 -36.05 13.17 -28.45
C PHE L 365 -35.61 11.92 -29.15
N THR L 366 -35.22 12.05 -30.42
CA THR L 366 -34.60 10.94 -31.11
C THR L 366 -33.24 10.65 -30.50
N GLN L 367 -33.00 9.39 -30.21
CA GLN L 367 -31.90 9.00 -29.34
C GLN L 367 -31.04 7.97 -30.07
N ASP L 368 -29.89 8.40 -30.58
CA ASP L 368 -28.89 7.46 -31.07
C ASP L 368 -28.08 7.01 -29.88
N TRP L 369 -28.02 5.71 -29.65
CA TRP L 369 -27.23 5.21 -28.55
C TRP L 369 -25.79 4.92 -28.89
N ALA L 370 -25.39 5.08 -30.15
CA ALA L 370 -24.00 4.99 -30.60
C ALA L 370 -23.40 3.62 -30.31
N SER L 371 -24.17 2.59 -30.67
CA SER L 371 -23.82 1.17 -30.47
C SER L 371 -23.54 0.85 -29.02
N LEU L 372 -24.18 1.56 -28.10
CA LEU L 372 -24.08 1.19 -26.71
C LEU L 372 -24.89 -0.08 -26.52
N PRO L 373 -24.45 -0.98 -25.66
CA PRO L 373 -25.16 -2.24 -25.48
C PRO L 373 -26.53 -2.04 -24.88
N GLY L 374 -27.43 -2.96 -25.18
CA GLY L 374 -28.80 -2.83 -24.71
C GLY L 374 -28.95 -3.24 -23.29
N VAL L 375 -30.12 -2.98 -22.74
CA VAL L 375 -30.49 -3.46 -21.42
C VAL L 375 -31.73 -4.32 -21.60
N MET L 376 -31.79 -5.47 -20.93
CA MET L 376 -33.03 -6.25 -20.92
C MET L 376 -34.14 -5.45 -20.26
N ALA L 377 -35.35 -5.70 -20.69
CA ALA L 377 -36.52 -5.10 -20.10
C ALA L 377 -37.25 -6.21 -19.37
N VAL L 378 -37.34 -6.08 -18.06
CA VAL L 378 -37.84 -7.13 -17.19
C VAL L 378 -39.31 -6.88 -16.91
N ALA L 379 -40.14 -7.90 -17.07
CA ALA L 379 -41.57 -7.79 -16.81
C ALA L 379 -41.87 -8.40 -15.45
N SER L 380 -42.36 -7.59 -14.51
CA SER L 380 -42.51 -8.07 -13.15
C SER L 380 -43.80 -7.60 -12.51
N GLY L 381 -44.90 -7.66 -13.22
CA GLY L 381 -46.18 -7.31 -12.64
C GLY L 381 -46.75 -8.46 -11.84
N GLY L 382 -48.04 -8.35 -11.55
CA GLY L 382 -48.77 -9.45 -10.96
C GLY L 382 -49.18 -10.41 -12.05
N ILE L 383 -48.24 -11.20 -12.54
CA ILE L 383 -48.39 -11.95 -13.76
C ILE L 383 -48.21 -13.44 -13.49
N HIS L 384 -48.80 -14.25 -14.36
CA HIS L 384 -48.95 -15.68 -14.15
C HIS L 384 -48.94 -16.38 -15.51
N VAL L 385 -49.52 -17.58 -15.55
CA VAL L 385 -49.49 -18.44 -16.73
C VAL L 385 -50.14 -17.76 -17.94
N TRP L 386 -51.34 -17.21 -17.75
CA TRP L 386 -52.16 -16.71 -18.86
C TRP L 386 -51.63 -15.44 -19.49
N HIS L 387 -50.52 -14.89 -19.01
CA HIS L 387 -49.93 -13.68 -19.55
C HIS L 387 -48.72 -13.97 -20.44
N MET L 388 -48.31 -15.22 -20.54
CA MET L 388 -47.31 -15.60 -21.54
C MET L 388 -47.67 -15.33 -22.99
N PRO L 389 -48.91 -15.37 -23.46
CA PRO L 389 -49.16 -14.79 -24.79
C PRO L 389 -48.91 -13.30 -24.85
N ALA L 390 -49.24 -12.58 -23.78
CA ALA L 390 -49.18 -11.13 -23.83
C ALA L 390 -47.75 -10.63 -23.73
N LEU L 391 -46.97 -11.17 -22.80
CA LEU L 391 -45.64 -10.62 -22.56
C LEU L 391 -44.57 -11.22 -23.44
N VAL L 392 -44.90 -12.07 -24.39
CA VAL L 392 -43.93 -12.48 -25.39
C VAL L 392 -44.29 -11.71 -26.65
N GLU L 393 -45.56 -11.35 -26.77
CA GLU L 393 -45.96 -10.51 -27.89
C GLU L 393 -45.52 -9.06 -27.70
N ILE L 394 -45.74 -8.50 -26.51
CA ILE L 394 -45.39 -7.11 -26.24
C ILE L 394 -43.89 -6.98 -26.05
N PHE L 395 -43.36 -7.60 -25.00
CA PHE L 395 -41.92 -7.65 -24.81
C PHE L 395 -41.39 -8.79 -25.65
N GLY L 396 -40.42 -8.50 -26.50
CA GLY L 396 -39.98 -9.48 -27.48
C GLY L 396 -39.08 -10.56 -26.90
N ASP L 397 -38.10 -10.95 -27.71
CA ASP L 397 -37.12 -11.91 -27.25
C ASP L 397 -36.23 -11.32 -26.18
N ASP L 398 -35.93 -10.03 -26.31
CA ASP L 398 -34.89 -9.40 -25.49
C ASP L 398 -35.49 -8.96 -24.16
N SER L 399 -35.92 -9.93 -23.36
CA SER L 399 -36.63 -9.60 -22.15
C SER L 399 -36.45 -10.68 -21.11
N VAL L 400 -36.88 -10.37 -19.90
CA VAL L 400 -36.92 -11.29 -18.78
C VAL L 400 -38.30 -11.17 -18.19
N LEU L 401 -38.90 -12.29 -17.80
CA LEU L 401 -40.25 -12.25 -17.27
C LEU L 401 -40.19 -12.72 -15.82
N GLN L 402 -40.36 -11.82 -14.88
CA GLN L 402 -40.41 -12.25 -13.49
C GLN L 402 -41.78 -12.83 -13.20
N PHE L 403 -41.91 -13.48 -12.05
CA PHE L 403 -43.18 -14.01 -11.61
C PHE L 403 -43.25 -13.99 -10.09
N GLY L 404 -44.39 -14.40 -9.56
CA GLY L 404 -44.56 -14.54 -8.12
C GLY L 404 -44.74 -13.24 -7.36
N GLY L 405 -44.79 -12.10 -8.04
CA GLY L 405 -44.89 -10.84 -7.35
C GLY L 405 -46.26 -10.60 -6.73
N GLY L 406 -47.30 -10.74 -7.53
CA GLY L 406 -48.65 -10.56 -7.04
C GLY L 406 -49.47 -11.85 -7.04
N THR L 407 -49.24 -12.70 -8.02
CA THR L 407 -50.02 -13.91 -8.16
C THR L 407 -49.61 -14.93 -7.09
N LEU L 408 -50.56 -15.76 -6.70
CA LEU L 408 -50.44 -16.56 -5.48
C LEU L 408 -49.83 -17.92 -5.74
N GLY L 409 -48.68 -17.94 -6.42
CA GLY L 409 -47.89 -19.17 -6.49
C GLY L 409 -48.51 -20.25 -7.35
N HIS L 410 -48.60 -21.44 -6.78
CA HIS L 410 -48.98 -22.65 -7.49
C HIS L 410 -49.34 -23.69 -6.45
N PRO L 411 -50.34 -24.54 -6.70
CA PRO L 411 -50.74 -25.51 -5.68
C PRO L 411 -49.76 -26.63 -5.45
N TRP L 412 -48.91 -26.96 -6.42
CA TRP L 412 -48.01 -28.09 -6.29
C TRP L 412 -46.62 -27.69 -5.84
N GLY L 413 -46.41 -26.43 -5.48
CA GLY L 413 -45.10 -26.01 -5.04
C GLY L 413 -44.43 -25.06 -6.01
N ASN L 414 -43.09 -25.06 -6.02
CA ASN L 414 -42.34 -24.14 -6.85
C ASN L 414 -41.81 -24.78 -8.12
N ALA L 415 -41.33 -26.01 -8.03
CA ALA L 415 -40.82 -26.69 -9.21
C ALA L 415 -41.91 -27.10 -10.19
N PRO L 416 -43.13 -27.49 -9.77
CA PRO L 416 -44.19 -27.53 -10.78
C PRO L 416 -44.72 -26.14 -11.08
N GLY L 417 -44.51 -25.21 -10.16
CA GLY L 417 -44.92 -23.84 -10.43
C GLY L 417 -44.02 -23.14 -11.42
N ALA L 418 -42.74 -23.51 -11.45
CA ALA L 418 -41.84 -22.94 -12.43
C ALA L 418 -41.92 -23.63 -13.77
N THR L 419 -42.25 -24.93 -13.80
CA THR L 419 -42.41 -25.62 -15.07
C THR L 419 -43.70 -25.16 -15.76
N ALA L 420 -44.70 -24.77 -14.98
CA ALA L 420 -45.86 -24.11 -15.54
C ALA L 420 -45.51 -22.78 -16.15
N ASN L 421 -44.54 -22.07 -15.58
CA ASN L 421 -44.12 -20.78 -16.09
C ASN L 421 -43.08 -20.90 -17.18
N ARG L 422 -42.66 -22.11 -17.51
CA ARG L 422 -41.67 -22.34 -18.55
C ARG L 422 -42.24 -23.08 -19.75
N VAL L 423 -43.15 -24.03 -19.54
CA VAL L 423 -43.87 -24.62 -20.66
C VAL L 423 -44.78 -23.60 -21.30
N ALA L 424 -45.34 -22.69 -20.50
CA ALA L 424 -46.16 -21.63 -21.07
C ALA L 424 -45.32 -20.60 -21.80
N LEU L 425 -44.03 -20.50 -21.47
CA LEU L 425 -43.12 -19.66 -22.24
C LEU L 425 -42.88 -20.25 -23.61
N GLU L 426 -42.36 -21.47 -23.65
CA GLU L 426 -41.95 -22.09 -24.89
C GLU L 426 -43.11 -22.57 -25.74
N ALA L 427 -44.32 -22.63 -25.19
CA ALA L 427 -45.49 -22.73 -26.05
C ALA L 427 -45.72 -21.42 -26.78
N CYS L 428 -45.59 -20.30 -26.08
CA CYS L 428 -45.77 -19.00 -26.68
C CYS L 428 -44.56 -18.54 -27.49
N VAL L 429 -43.40 -19.13 -27.24
CA VAL L 429 -42.26 -18.90 -28.12
C VAL L 429 -42.41 -19.72 -29.40
N GLN L 430 -42.85 -20.97 -29.28
CA GLN L 430 -43.10 -21.79 -30.46
C GLN L 430 -44.24 -21.24 -31.30
N ALA L 431 -45.30 -20.73 -30.65
CA ALA L 431 -46.43 -20.18 -31.39
C ALA L 431 -46.07 -18.91 -32.12
N ARG L 432 -45.26 -18.05 -31.50
CA ARG L 432 -44.84 -16.80 -32.15
C ARG L 432 -43.93 -17.09 -33.32
N ASN L 433 -43.18 -18.19 -33.26
CA ASN L 433 -42.28 -18.57 -34.34
C ASN L 433 -42.94 -19.46 -35.37
N GLU L 434 -44.25 -19.43 -35.48
CA GLU L 434 -44.97 -20.19 -36.49
C GLU L 434 -46.06 -19.36 -37.13
N GLY L 435 -46.00 -18.04 -36.97
CA GLY L 435 -46.98 -17.16 -37.52
C GLY L 435 -48.23 -16.99 -36.69
N ARG L 436 -48.38 -17.75 -35.60
CA ARG L 436 -49.61 -17.70 -34.83
C ARG L 436 -49.69 -16.41 -34.05
N ASN L 437 -50.66 -15.58 -34.40
CA ASN L 437 -50.84 -14.27 -33.79
C ASN L 437 -51.27 -14.46 -32.35
N LEU L 438 -50.32 -14.31 -31.41
CA LEU L 438 -50.57 -14.48 -29.98
C LEU L 438 -51.51 -13.45 -29.40
N ALA L 439 -51.77 -12.35 -30.11
CA ALA L 439 -52.81 -11.42 -29.69
C ALA L 439 -54.19 -12.07 -29.80
N ARG L 440 -54.40 -12.88 -30.83
CA ARG L 440 -55.68 -13.53 -31.08
C ARG L 440 -55.64 -15.03 -30.85
N GLU L 441 -54.56 -15.70 -31.26
CA GLU L 441 -54.41 -17.14 -31.06
C GLU L 441 -53.55 -17.47 -29.85
N GLY L 442 -53.59 -16.63 -28.81
CA GLY L 442 -52.71 -16.80 -27.68
C GLY L 442 -53.27 -17.70 -26.61
N ASN L 443 -54.55 -17.58 -26.33
CA ASN L 443 -55.16 -18.43 -25.32
C ASN L 443 -55.35 -19.86 -25.81
N ASP L 444 -55.27 -20.09 -27.12
CA ASP L 444 -55.27 -21.46 -27.63
C ASP L 444 -53.97 -22.19 -27.30
N VAL L 445 -52.83 -21.49 -27.36
CA VAL L 445 -51.56 -22.19 -27.18
C VAL L 445 -51.23 -22.37 -25.70
N ILE L 446 -51.88 -21.64 -24.81
CA ILE L 446 -51.83 -22.01 -23.40
C ILE L 446 -52.65 -23.25 -23.14
N ARG L 447 -53.84 -23.33 -23.74
CA ARG L 447 -54.71 -24.48 -23.47
C ARG L 447 -54.22 -25.74 -24.17
N GLU L 448 -53.57 -25.61 -25.32
CA GLU L 448 -53.05 -26.82 -25.96
C GLU L 448 -51.65 -27.17 -25.49
N ALA L 449 -51.08 -26.39 -24.57
CA ALA L 449 -49.86 -26.82 -23.89
C ALA L 449 -50.14 -27.35 -22.50
N ALA L 450 -51.32 -27.04 -21.94
CA ALA L 450 -51.72 -27.60 -20.67
C ALA L 450 -52.09 -29.07 -20.80
N LYS L 451 -52.36 -29.56 -22.01
CA LYS L 451 -52.60 -30.98 -22.21
C LYS L 451 -51.31 -31.77 -22.02
N TRP L 452 -50.25 -31.39 -22.71
CA TRP L 452 -48.98 -32.11 -22.66
C TRP L 452 -48.14 -31.78 -21.43
N SER L 453 -48.68 -31.05 -20.47
CA SER L 453 -47.95 -30.77 -19.25
C SER L 453 -48.87 -30.85 -18.06
N PRO L 454 -48.66 -31.81 -17.16
CA PRO L 454 -49.52 -31.89 -15.97
C PRO L 454 -49.24 -30.76 -14.99
N GLU L 455 -48.03 -30.23 -14.97
CA GLU L 455 -47.69 -29.13 -14.08
C GLU L 455 -48.35 -27.83 -14.51
N LEU L 456 -48.65 -27.70 -15.80
CA LEU L 456 -49.28 -26.49 -16.33
C LEU L 456 -50.80 -26.59 -16.29
N ALA L 457 -51.35 -27.80 -16.36
CA ALA L 457 -52.79 -27.98 -16.37
C ALA L 457 -53.41 -27.61 -15.03
N VAL L 458 -52.71 -27.87 -13.92
CA VAL L 458 -53.25 -27.45 -12.63
C VAL L 458 -53.03 -25.97 -12.41
N ALA L 459 -52.08 -25.35 -13.10
CA ALA L 459 -51.94 -23.90 -13.09
C ALA L 459 -52.81 -23.23 -14.15
N CYS L 460 -53.57 -24.01 -14.93
CA CYS L 460 -54.34 -23.44 -16.02
C CYS L 460 -55.61 -22.74 -15.51
N GLU L 461 -56.07 -23.07 -14.30
CA GLU L 461 -57.30 -22.46 -13.79
C GLU L 461 -57.05 -21.23 -12.92
N LEU L 462 -56.01 -21.23 -12.08
CA LEU L 462 -55.65 -20.00 -11.37
C LEU L 462 -54.14 -19.77 -11.45
N ALA M 4 22.71 -21.74 67.41
CA ALA M 4 21.61 -21.55 66.48
C ALA M 4 20.56 -20.57 67.02
N PRO M 5 20.71 -19.29 66.70
CA PRO M 5 19.64 -18.32 67.02
C PRO M 5 18.53 -18.38 65.97
N ILE M 6 17.29 -18.50 66.44
CA ILE M 6 16.15 -18.65 65.53
C ILE M 6 14.89 -18.04 66.13
N PRO M 7 14.53 -16.81 65.77
CA PRO M 7 13.30 -16.20 66.29
C PRO M 7 12.14 -16.39 65.33
N PRO M 8 10.91 -16.23 65.82
CA PRO M 8 9.76 -16.04 64.92
C PRO M 8 9.45 -14.57 64.67
N PHE M 9 9.10 -14.24 63.43
CA PHE M 9 8.67 -12.89 63.08
C PHE M 9 7.47 -12.97 62.12
N PHE M 10 6.27 -13.01 62.69
CA PHE M 10 5.04 -12.87 61.92
C PHE M 10 4.44 -11.52 62.28
N ARG M 11 4.63 -10.56 61.40
CA ARG M 11 4.29 -9.17 61.62
C ARG M 11 2.89 -8.94 61.07
N PHE M 12 2.21 -7.90 61.55
CA PHE M 12 0.91 -7.59 61.01
C PHE M 12 1.09 -6.88 59.68
N ASP M 13 0.57 -7.50 58.60
CA ASP M 13 1.05 -7.23 57.26
C ASP M 13 -0.04 -7.09 56.21
N THR M 14 -1.32 -7.11 56.58
CA THR M 14 -2.40 -6.84 55.64
C THR M 14 -3.32 -5.75 56.21
N GLU M 15 -4.47 -5.57 55.57
CA GLU M 15 -5.34 -4.44 55.87
C GLU M 15 -6.03 -4.58 57.23
N ASP M 16 -6.64 -5.73 57.50
CA ASP M 16 -7.44 -5.93 58.71
C ASP M 16 -6.56 -6.41 59.86
N GLU M 17 -5.50 -5.66 60.13
CA GLU M 17 -4.47 -6.05 61.07
C GLU M 17 -4.25 -5.00 62.15
N LEU M 18 -5.19 -4.07 62.31
CA LEU M 18 -5.13 -3.07 63.37
C LEU M 18 -6.36 -3.26 64.25
N PRO M 19 -6.32 -4.21 65.17
CA PRO M 19 -7.51 -4.50 65.97
C PRO M 19 -7.75 -3.47 67.07
N ARG M 20 -8.47 -2.40 66.74
CA ARG M 20 -8.67 -1.30 67.69
C ARG M 20 -9.46 -1.73 68.91
N ILE M 21 -8.86 -1.50 70.09
CA ILE M 21 -9.60 -1.59 71.35
C ILE M 21 -10.70 -0.54 71.33
N VAL M 22 -11.94 -0.99 71.44
CA VAL M 22 -13.09 -0.10 71.45
C VAL M 22 -13.90 -0.38 72.71
N PRO M 23 -14.28 0.65 73.47
CA PRO M 23 -14.97 0.42 74.75
C PRO M 23 -16.34 -0.19 74.57
N VAL M 24 -16.76 -0.93 75.58
CA VAL M 24 -18.07 -1.55 75.60
C VAL M 24 -18.76 -1.07 76.86
N VAL M 25 -20.09 -1.03 76.81
CA VAL M 25 -20.89 -0.67 77.96
C VAL M 25 -21.74 -1.88 78.31
N GLY M 26 -22.57 -1.76 79.34
CA GLY M 26 -23.44 -2.84 79.74
C GLY M 26 -24.55 -3.08 78.73
N GLN M 27 -25.24 -4.20 78.93
CA GLN M 27 -26.32 -4.60 78.04
C GLN M 27 -27.54 -3.68 78.23
N LEU M 28 -28.16 -3.33 77.11
CA LEU M 28 -29.23 -2.35 77.11
C LEU M 28 -30.50 -2.93 77.78
N PRO M 29 -31.36 -2.05 78.35
CA PRO M 29 -31.38 -0.59 78.46
C PRO M 29 -30.41 0.00 79.46
N LEU M 30 -30.13 1.28 79.28
CA LEU M 30 -29.17 2.02 80.10
C LEU M 30 -29.68 3.45 80.19
N LYS M 31 -28.81 4.36 80.59
CA LYS M 31 -29.13 5.77 80.66
C LYS M 31 -28.25 6.53 79.67
N ALA M 32 -28.46 7.84 79.60
CA ALA M 32 -27.62 8.72 78.79
C ALA M 32 -26.28 9.01 79.46
N GLU M 33 -26.08 8.56 80.69
CA GLU M 33 -24.82 8.80 81.37
C GLU M 33 -23.71 7.94 80.78
N GLU M 34 -23.92 6.62 80.70
CA GLU M 34 -22.84 5.67 80.46
C GLU M 34 -22.33 5.62 79.03
N LEU M 35 -22.68 6.58 78.17
CA LEU M 35 -21.89 6.73 76.96
C LEU M 35 -20.89 7.86 77.12
N LYS M 36 -21.29 8.95 77.77
CA LYS M 36 -20.36 10.02 78.09
C LYS M 36 -19.55 9.67 79.34
N ALA M 37 -20.06 8.78 80.20
CA ALA M 37 -19.33 8.37 81.39
C ALA M 37 -18.13 7.49 81.07
N VAL M 38 -18.15 6.78 79.95
CA VAL M 38 -16.99 5.97 79.57
C VAL M 38 -15.89 6.88 79.02
N PRO M 39 -14.69 6.83 79.59
CA PRO M 39 -13.63 7.75 79.14
C PRO M 39 -13.11 7.40 77.76
N LEU M 40 -12.45 8.37 77.15
CA LEU M 40 -11.95 8.24 75.80
C LEU M 40 -10.71 7.35 75.78
N VAL M 41 -10.42 6.80 74.61
CA VAL M 41 -9.27 5.92 74.42
C VAL M 41 -8.08 6.74 73.95
N GLU M 42 -6.97 6.64 74.65
CA GLU M 42 -5.73 7.34 74.31
C GLU M 42 -4.69 6.28 73.96
N GLU M 43 -4.61 5.91 72.68
CA GLU M 43 -3.72 4.86 72.22
C GLU M 43 -2.29 5.38 72.20
N ILE M 44 -1.42 4.79 73.01
CA ILE M 44 -0.01 5.15 73.00
C ILE M 44 0.58 4.57 71.71
N GLU M 45 0.94 5.46 70.77
CA GLU M 45 1.19 5.20 69.35
C GLU M 45 2.18 4.08 68.99
N PRO M 46 3.22 3.78 69.77
CA PRO M 46 3.87 2.48 69.57
C PRO M 46 3.03 1.35 70.15
N PHE M 47 2.59 0.46 69.27
CA PHE M 47 1.87 -0.80 69.53
C PHE M 47 0.47 -0.60 70.08
N ARG M 48 -0.06 0.63 70.10
CA ARG M 48 -1.43 0.96 70.47
C ARG M 48 -1.76 0.48 71.89
N LEU M 49 -1.07 1.05 72.86
CA LEU M 49 -1.29 0.72 74.27
C LEU M 49 -2.53 1.45 74.79
N VAL M 50 -3.46 0.70 75.36
CA VAL M 50 -4.70 1.26 75.90
C VAL M 50 -4.84 0.78 77.34
N LYS M 51 -4.98 1.72 78.28
CA LYS M 51 -4.98 1.40 79.70
C LYS M 51 -5.94 2.29 80.47
N PHE M 52 -6.51 1.74 81.54
CA PHE M 52 -7.26 2.50 82.54
C PHE M 52 -7.01 1.88 83.90
N SER M 53 -7.38 2.61 84.95
CA SER M 53 -7.21 2.13 86.32
C SER M 53 -8.52 1.77 87.00
N GLY M 54 -9.65 2.29 86.53
CA GLY M 54 -10.93 1.99 87.14
C GLY M 54 -11.49 0.67 86.64
N GLU M 55 -12.77 0.47 86.92
CA GLU M 55 -13.48 -0.70 86.42
C GLU M 55 -13.71 -0.53 84.92
N GLN M 56 -12.92 -1.23 84.12
CA GLN M 56 -12.84 -1.03 82.69
C GLN M 56 -13.50 -2.18 81.95
N ALA M 57 -13.92 -1.89 80.72
CA ALA M 57 -14.63 -2.87 79.88
C ALA M 57 -14.49 -2.43 78.43
N TRP M 58 -13.96 -3.30 77.59
CA TRP M 58 -13.91 -3.04 76.16
C TRP M 58 -14.02 -4.36 75.41
N VAL M 59 -13.77 -4.30 74.11
CA VAL M 59 -13.98 -5.44 73.23
C VAL M 59 -13.02 -5.30 72.06
N ALA M 60 -12.71 -6.42 71.41
CA ALA M 60 -11.81 -6.44 70.27
C ALA M 60 -12.62 -6.57 68.99
N LEU M 61 -12.36 -5.69 68.04
CA LEU M 61 -12.84 -5.87 66.70
C LEU M 61 -11.65 -6.06 65.79
N PRO M 62 -11.82 -6.67 64.62
CA PRO M 62 -10.66 -6.83 63.71
C PRO M 62 -10.10 -5.54 63.19
N GLY M 63 -10.89 -4.48 63.14
CA GLY M 63 -10.37 -3.20 62.72
C GLY M 63 -10.51 -3.07 61.23
N TRP M 64 -11.39 -2.18 60.78
CA TRP M 64 -11.62 -1.99 59.37
C TRP M 64 -11.53 -0.51 59.05
N GLN M 65 -11.81 -0.17 57.80
CA GLN M 65 -11.63 1.19 57.33
C GLN M 65 -12.64 2.16 57.90
N VAL M 66 -13.70 1.68 58.54
CA VAL M 66 -14.68 2.54 59.18
C VAL M 66 -14.43 2.61 60.68
N LEU M 67 -13.99 1.50 61.27
CA LEU M 67 -13.67 1.48 62.70
C LEU M 67 -12.41 2.31 62.98
N LEU M 68 -11.33 2.06 62.24
CA LEU M 68 -10.08 2.77 62.42
C LEU M 68 -10.19 4.24 62.08
N ALA M 69 -11.06 4.60 61.14
CA ALA M 69 -11.26 6.00 60.81
C ALA M 69 -12.03 6.76 61.87
N ALA M 70 -12.84 6.05 62.66
CA ALA M 70 -13.62 6.69 63.70
C ALA M 70 -12.70 7.23 64.80
N GLU M 71 -13.00 8.46 65.23
CA GLU M 71 -12.16 9.09 66.23
C GLU M 71 -12.44 8.53 67.62
N ASP M 72 -13.70 8.43 68.02
CA ASP M 72 -14.09 7.87 69.30
C ASP M 72 -15.21 6.85 69.13
N PRO M 73 -14.86 5.60 68.78
CA PRO M 73 -15.89 4.55 68.72
C PRO M 73 -16.04 3.84 70.05
N VAL M 74 -17.29 3.52 70.39
CA VAL M 74 -17.64 2.79 71.60
C VAL M 74 -18.71 1.77 71.28
N THR M 75 -18.42 0.50 71.50
CA THR M 75 -19.39 -0.55 71.23
C THR M 75 -20.46 -0.62 72.32
N ILE M 76 -21.64 -1.10 71.95
CA ILE M 76 -22.78 -1.23 72.85
C ILE M 76 -23.44 -2.57 72.58
N LEU M 77 -23.60 -3.38 73.62
CA LEU M 77 -24.33 -4.63 73.46
C LEU M 77 -25.82 -4.37 73.34
N ALA M 78 -26.43 -4.97 72.33
CA ALA M 78 -27.87 -4.86 72.11
C ALA M 78 -28.33 -6.09 71.37
N THR M 79 -29.60 -6.10 71.01
CA THR M 79 -30.18 -7.15 70.18
C THR M 79 -30.74 -6.52 68.91
N SER M 80 -30.98 -7.38 67.92
CA SER M 80 -31.34 -6.91 66.59
C SER M 80 -32.78 -6.42 66.48
N ASP M 81 -33.56 -6.51 67.56
CA ASP M 81 -34.96 -6.09 67.55
C ASP M 81 -35.09 -4.59 67.35
N ARG M 82 -34.05 -3.82 67.63
CA ARG M 82 -34.12 -2.37 67.60
C ARG M 82 -34.18 -1.84 66.17
N PHE M 83 -33.69 -2.62 65.21
CA PHE M 83 -33.54 -2.13 63.85
C PHE M 83 -34.48 -2.86 62.88
N PRO M 84 -35.08 -2.14 61.93
CA PRO M 84 -36.05 -2.78 61.03
C PRO M 84 -35.40 -3.69 59.99
N LYS M 85 -35.03 -4.90 60.39
CA LYS M 85 -34.43 -5.85 59.48
C LYS M 85 -35.52 -6.65 58.80
N GLN M 86 -35.34 -6.91 57.50
CA GLN M 86 -36.31 -7.67 56.73
C GLN M 86 -35.84 -9.08 56.42
N ASN M 87 -34.61 -9.44 56.79
CA ASN M 87 -34.15 -10.80 56.59
C ASN M 87 -34.85 -11.74 57.57
N GLN M 88 -34.89 -13.02 57.20
CA GLN M 88 -35.53 -14.05 58.01
C GLN M 88 -34.58 -14.64 59.04
N THR M 89 -33.42 -14.00 59.27
CA THR M 89 -32.49 -14.48 60.28
C THR M 89 -33.03 -14.21 61.68
N GLU M 90 -32.55 -15.01 62.62
CA GLU M 90 -33.06 -14.98 63.97
C GLU M 90 -32.54 -13.74 64.72
N PRO M 91 -33.31 -13.23 65.66
CA PRO M 91 -32.83 -12.14 66.52
C PRO M 91 -31.76 -12.64 67.49
N GLY M 92 -30.56 -12.10 67.37
CA GLY M 92 -29.48 -12.46 68.26
C GLY M 92 -28.81 -11.24 68.85
N PRO M 93 -27.67 -11.45 69.51
CA PRO M 93 -26.94 -10.31 70.09
C PRO M 93 -26.26 -9.48 69.00
N VAL M 94 -26.31 -8.16 69.17
CA VAL M 94 -25.75 -7.21 68.23
C VAL M 94 -24.87 -6.25 69.02
N LEU M 95 -23.61 -6.15 68.63
CA LEU M 95 -22.64 -5.27 69.29
C LEU M 95 -22.59 -3.96 68.52
N VAL M 96 -23.25 -2.94 69.04
CA VAL M 96 -23.52 -1.71 68.31
C VAL M 96 -22.32 -0.79 68.42
N VAL M 97 -21.50 -0.74 67.37
CA VAL M 97 -20.27 0.07 67.37
C VAL M 97 -20.68 1.51 67.15
N VAL M 98 -20.72 2.27 68.23
CA VAL M 98 -21.18 3.65 68.19
C VAL M 98 -19.98 4.58 68.13
N ASP M 99 -19.90 5.35 67.07
CA ASP M 99 -18.95 6.46 66.98
C ASP M 99 -19.63 7.66 67.61
N ARG M 100 -19.13 8.10 68.76
CA ARG M 100 -19.64 9.31 69.37
C ARG M 100 -18.97 10.56 68.85
N SER M 101 -18.01 10.43 67.94
CA SER M 101 -17.31 11.60 67.43
C SER M 101 -18.18 12.38 66.46
N GLN M 102 -18.62 11.74 65.39
CA GLN M 102 -19.44 12.40 64.39
C GLN M 102 -20.90 12.41 64.88
N ARG M 103 -21.20 13.41 65.69
CA ARG M 103 -22.53 13.65 66.23
C ARG M 103 -23.44 14.38 65.25
N GLU M 104 -22.94 14.72 64.06
CA GLU M 104 -23.70 15.52 63.11
C GLU M 104 -24.77 14.68 62.44
N TRP M 105 -25.98 15.24 62.35
CA TRP M 105 -27.13 14.51 61.84
C TRP M 105 -27.07 14.35 60.32
N ASN M 106 -27.43 13.15 59.86
CA ASN M 106 -27.58 12.82 58.46
C ASN M 106 -28.89 12.08 58.29
N ASP M 107 -29.55 12.28 57.15
CA ASP M 107 -30.82 11.61 56.95
C ASP M 107 -30.69 10.18 56.46
N PHE M 108 -29.47 9.69 56.26
CA PHE M 108 -29.24 8.39 55.65
C PHE M 108 -28.47 7.43 56.53
N SER M 109 -28.22 7.76 57.79
CA SER M 109 -27.46 6.90 58.68
C SER M 109 -28.15 6.80 60.02
N TYR M 110 -27.84 5.74 60.76
CA TYR M 110 -28.45 5.51 62.06
C TYR M 110 -27.65 6.17 63.17
N PHE M 111 -28.38 6.73 64.13
CA PHE M 111 -27.77 7.52 65.19
C PHE M 111 -28.15 6.97 66.54
N VAL M 112 -27.54 7.55 67.57
CA VAL M 112 -27.73 7.19 68.96
C VAL M 112 -28.35 8.39 69.64
N VAL M 113 -29.65 8.35 69.82
CA VAL M 113 -30.39 9.46 70.39
C VAL M 113 -30.93 9.00 71.72
N ASP M 114 -30.49 9.64 72.80
CA ASP M 114 -30.96 9.31 74.13
C ASP M 114 -32.41 9.74 74.31
N HIS M 115 -33.31 8.76 74.30
CA HIS M 115 -34.74 9.01 74.43
C HIS M 115 -35.00 9.31 75.91
N ASP M 116 -35.22 10.61 76.20
CA ASP M 116 -35.48 11.28 77.49
C ASP M 116 -34.77 10.66 78.69
N GLY M 117 -33.49 10.36 78.51
CA GLY M 117 -32.70 9.69 79.53
C GLY M 117 -32.48 8.21 79.30
N GLU M 118 -32.91 7.67 78.16
CA GLU M 118 -32.64 6.29 77.80
C GLU M 118 -31.96 6.28 76.44
N LEU M 119 -30.74 5.75 76.40
CA LEU M 119 -29.97 5.65 75.17
C LEU M 119 -30.67 4.66 74.22
N ASP M 120 -30.90 5.10 72.98
CA ASP M 120 -31.77 4.37 72.07
C ASP M 120 -31.32 4.63 70.63
N PHE M 121 -31.66 3.70 69.75
CA PHE M 121 -31.13 3.64 68.38
C PHE M 121 -32.30 3.74 67.41
N GLN M 122 -32.49 4.91 66.79
CA GLN M 122 -33.61 5.10 65.86
C GLN M 122 -33.18 5.91 64.66
N TRP M 123 -33.92 5.75 63.57
CA TRP M 123 -33.74 6.51 62.34
C TRP M 123 -34.57 7.78 62.38
N PHE M 124 -34.03 8.85 61.81
CA PHE M 124 -34.72 10.13 61.80
C PHE M 124 -34.62 10.76 60.43
N GLU M 125 -35.76 10.87 59.75
CA GLU M 125 -35.83 11.46 58.42
C GLU M 125 -35.62 12.97 58.46
N THR M 126 -35.93 13.60 59.58
CA THR M 126 -35.68 15.01 59.82
C THR M 126 -34.94 15.13 61.13
N LYS M 127 -34.20 16.22 61.29
CA LYS M 127 -33.39 16.40 62.48
C LYS M 127 -34.30 16.72 63.66
N PRO M 128 -34.35 15.87 64.68
CA PRO M 128 -35.31 16.07 65.77
C PRO M 128 -34.84 17.17 66.70
N GLU M 129 -35.66 17.44 67.72
CA GLU M 129 -35.17 18.28 68.80
C GLU M 129 -34.25 17.49 69.73
N PHE M 130 -34.46 16.18 69.81
CA PHE M 130 -33.70 15.34 70.74
C PHE M 130 -32.25 15.23 70.27
N PRO M 131 -31.28 15.54 71.11
CA PRO M 131 -29.90 15.67 70.64
C PRO M 131 -29.23 14.32 70.39
N ILE M 132 -28.48 14.25 69.30
CA ILE M 132 -27.79 13.02 68.90
C ILE M 132 -26.54 12.84 69.75
N LEU M 133 -26.44 11.69 70.42
CA LEU M 133 -25.32 11.40 71.29
C LEU M 133 -24.17 10.72 70.56
N GLY M 134 -24.44 10.07 69.43
CA GLY M 134 -23.41 9.39 68.69
C GLY M 134 -23.97 8.81 67.41
N LYS M 135 -23.07 8.26 66.61
CA LYS M 135 -23.41 7.72 65.30
C LYS M 135 -23.07 6.24 65.27
N VAL M 136 -23.96 5.42 64.75
CA VAL M 136 -23.73 3.99 64.66
C VAL M 136 -22.99 3.72 63.36
N ILE M 137 -21.70 3.37 63.46
CA ILE M 137 -20.93 3.06 62.27
C ILE M 137 -21.06 1.60 61.89
N ILE M 138 -20.95 0.67 62.85
CA ILE M 138 -21.00 -0.76 62.54
C ILE M 138 -22.06 -1.37 63.45
N LEU M 139 -22.63 -2.50 63.02
CA LEU M 139 -23.51 -3.34 63.84
C LEU M 139 -23.08 -4.78 63.61
N VAL M 140 -22.10 -5.28 64.37
CA VAL M 140 -21.57 -6.60 64.08
C VAL M 140 -22.47 -7.68 64.67
N ARG M 141 -22.31 -8.89 64.15
CA ARG M 141 -22.99 -10.12 64.52
C ARG M 141 -21.97 -11.23 64.63
N PRO M 142 -22.20 -12.21 65.51
CA PRO M 142 -21.18 -13.24 65.72
C PRO M 142 -21.17 -14.29 64.61
N ARG M 143 -20.17 -15.15 64.69
CA ARG M 143 -20.02 -16.27 63.77
C ARG M 143 -21.14 -17.28 64.00
N ARG M 144 -21.58 -17.90 62.90
CA ARG M 144 -22.75 -18.79 62.89
C ARG M 144 -22.59 -20.01 63.78
N PRO N 3 -37.83 5.84 52.04
CA PRO N 3 -37.17 4.55 52.29
C PRO N 3 -36.26 4.59 53.52
N ALA N 4 -36.29 3.53 54.31
CA ALA N 4 -35.42 3.45 55.47
C ALA N 4 -34.04 2.97 55.04
N PRO N 5 -32.97 3.46 55.64
CA PRO N 5 -31.63 2.97 55.29
C PRO N 5 -31.34 1.62 55.92
N ILE N 6 -30.58 0.81 55.20
CA ILE N 6 -30.23 -0.52 55.70
C ILE N 6 -29.21 -0.37 56.82
N PRO N 7 -29.42 -0.98 57.99
CA PRO N 7 -28.44 -0.94 59.07
C PRO N 7 -27.18 -1.69 58.66
N PRO N 8 -26.02 -1.32 59.20
CA PRO N 8 -24.77 -2.01 58.85
C PRO N 8 -24.59 -3.34 59.57
N PHE N 9 -25.51 -4.26 59.34
CA PHE N 9 -25.50 -5.58 59.96
C PHE N 9 -24.41 -6.43 59.34
N PHE N 10 -23.21 -6.33 59.88
CA PHE N 10 -22.12 -7.19 59.49
C PHE N 10 -22.13 -8.45 60.34
N ARG N 11 -21.83 -9.59 59.73
CA ARG N 11 -21.79 -10.86 60.43
C ARG N 11 -20.45 -11.52 60.16
N PHE N 12 -19.82 -12.04 61.22
CA PHE N 12 -18.48 -12.63 61.13
C PHE N 12 -18.46 -13.88 60.26
N ASP N 13 -17.55 -13.89 59.28
CA ASP N 13 -17.40 -15.05 58.41
C ASP N 13 -16.39 -16.03 58.99
N THR N 14 -16.52 -17.29 58.56
CA THR N 14 -15.70 -18.38 59.08
C THR N 14 -14.36 -18.52 58.37
N GLU N 15 -14.17 -17.88 57.21
CA GLU N 15 -12.87 -17.83 56.58
C GLU N 15 -11.92 -16.90 57.34
N ASP N 16 -12.45 -15.79 57.84
CA ASP N 16 -11.66 -14.72 58.45
C ASP N 16 -11.67 -14.87 59.96
N GLU N 17 -10.48 -14.89 60.56
CA GLU N 17 -10.38 -15.02 62.00
C GLU N 17 -10.36 -13.66 62.68
N LEU N 18 -10.97 -13.61 63.86
CA LEU N 18 -11.19 -12.44 64.69
C LEU N 18 -10.16 -12.40 65.82
N PRO N 19 -9.72 -11.20 66.24
CA PRO N 19 -8.56 -11.12 67.14
C PRO N 19 -8.93 -11.40 68.58
N ARG N 20 -7.94 -11.32 69.46
CA ARG N 20 -8.20 -11.39 70.89
C ARG N 20 -7.35 -10.33 71.56
N ILE N 21 -7.72 -9.97 72.78
CA ILE N 21 -7.02 -8.95 73.53
C ILE N 21 -5.96 -9.60 74.39
N VAL N 22 -4.72 -9.16 74.23
CA VAL N 22 -3.58 -9.71 74.96
C VAL N 22 -3.16 -8.69 76.00
N PRO N 23 -3.21 -9.01 77.30
CA PRO N 23 -2.78 -8.06 78.34
C PRO N 23 -1.29 -7.83 78.31
N VAL N 24 -0.87 -6.57 78.48
CA VAL N 24 0.55 -6.24 78.37
C VAL N 24 1.06 -5.83 79.74
N VAL N 25 2.36 -5.99 79.93
CA VAL N 25 3.07 -5.47 81.09
C VAL N 25 4.15 -4.55 80.51
N GLY N 26 4.73 -3.70 81.37
CA GLY N 26 5.59 -2.60 80.97
C GLY N 26 6.90 -2.92 80.25
N GLN N 27 7.68 -1.87 79.99
CA GLN N 27 8.93 -2.03 79.25
C GLN N 27 10.01 -2.68 80.11
N LEU N 28 10.89 -3.41 79.43
CA LEU N 28 11.96 -4.13 80.11
C LEU N 28 13.01 -3.14 80.63
N PRO N 29 13.49 -3.32 81.87
CA PRO N 29 13.27 -4.43 82.80
C PRO N 29 11.97 -4.38 83.61
N LEU N 30 11.51 -5.56 84.02
CA LEU N 30 10.35 -5.72 84.88
C LEU N 30 10.73 -6.62 86.05
N LYS N 31 9.73 -7.04 86.82
CA LYS N 31 9.95 -7.98 87.92
C LYS N 31 9.33 -9.33 87.58
N ALA N 32 9.80 -10.36 88.29
CA ALA N 32 9.18 -11.68 88.17
C ALA N 32 7.83 -11.73 88.85
N GLU N 33 7.64 -10.96 89.91
CA GLU N 33 6.32 -10.87 90.55
C GLU N 33 5.32 -10.14 89.67
N GLU N 34 5.80 -9.24 88.79
CA GLU N 34 4.91 -8.49 87.93
C GLU N 34 4.29 -9.35 86.84
N LEU N 35 4.99 -10.38 86.38
CA LEU N 35 4.39 -11.30 85.42
C LEU N 35 3.41 -12.24 86.11
N LYS N 36 3.62 -12.49 87.40
CA LYS N 36 2.78 -13.44 88.13
C LYS N 36 1.44 -12.84 88.54
N ALA N 37 1.38 -11.52 88.68
CA ALA N 37 0.15 -10.86 89.12
C ALA N 37 -0.89 -10.72 88.01
N VAL N 38 -0.54 -11.06 86.77
CA VAL N 38 -1.47 -10.93 85.64
C VAL N 38 -2.44 -12.10 85.68
N PRO N 39 -3.74 -11.86 85.71
CA PRO N 39 -4.70 -12.96 85.83
C PRO N 39 -4.98 -13.63 84.50
N LEU N 40 -5.66 -14.77 84.58
CA LEU N 40 -6.17 -15.43 83.39
C LEU N 40 -7.35 -14.64 82.85
N VAL N 41 -7.46 -14.61 81.53
CA VAL N 41 -8.48 -13.83 80.84
C VAL N 41 -9.45 -14.80 80.17
N GLU N 42 -10.70 -14.76 80.61
CA GLU N 42 -11.74 -15.57 80.01
C GLU N 42 -12.45 -14.80 78.90
N GLU N 43 -13.16 -15.54 78.06
CA GLU N 43 -13.95 -14.94 77.01
C GLU N 43 -15.34 -14.59 77.52
N ILE N 44 -15.89 -13.48 77.01
CA ILE N 44 -17.26 -13.09 77.28
C ILE N 44 -18.00 -13.16 75.97
N GLU N 45 -18.73 -14.25 75.78
CA GLU N 45 -19.30 -14.60 74.49
C GLU N 45 -20.48 -13.67 74.14
N PRO N 46 -20.72 -13.41 72.84
CA PRO N 46 -19.99 -13.91 71.67
C PRO N 46 -19.01 -12.95 71.01
N PHE N 47 -18.38 -12.05 71.77
CA PHE N 47 -17.54 -11.03 71.14
C PHE N 47 -16.16 -10.88 71.77
N ARG N 48 -15.75 -11.79 72.65
CA ARG N 48 -14.52 -11.67 73.47
C ARG N 48 -14.52 -10.36 74.25
N LEU N 49 -15.59 -10.14 75.01
CA LEU N 49 -15.93 -8.82 75.51
C LEU N 49 -15.41 -8.68 76.94
N VAL N 50 -14.12 -8.60 77.05
CA VAL N 50 -13.44 -8.82 78.32
C VAL N 50 -13.46 -7.57 79.17
N LYS N 51 -13.38 -7.78 80.49
CA LYS N 51 -13.53 -6.72 81.48
C LYS N 51 -12.42 -6.83 82.51
N PHE N 52 -12.19 -5.72 83.24
CA PHE N 52 -11.21 -5.74 84.32
C PHE N 52 -11.57 -4.61 85.29
N SER N 53 -11.11 -4.76 86.53
CA SER N 53 -11.45 -3.83 87.60
C SER N 53 -10.29 -2.92 88.01
N GLY N 54 -9.06 -3.42 87.98
CA GLY N 54 -7.91 -2.66 88.44
C GLY N 54 -7.23 -1.91 87.32
N GLU N 55 -5.89 -1.87 87.38
CA GLU N 55 -5.05 -1.08 86.48
C GLU N 55 -4.25 -2.02 85.61
N GLN N 56 -4.67 -2.20 84.36
CA GLN N 56 -3.90 -2.97 83.39
C GLN N 56 -3.96 -2.34 82.01
N ALA N 57 -2.91 -2.58 81.24
CA ALA N 57 -2.76 -2.06 79.89
C ALA N 57 -2.91 -3.23 78.92
N TRP N 58 -3.85 -3.10 77.99
CA TRP N 58 -4.22 -4.20 77.13
C TRP N 58 -4.08 -3.78 75.67
N VAL N 59 -3.59 -4.70 74.84
CA VAL N 59 -3.42 -4.49 73.41
C VAL N 59 -4.04 -5.66 72.68
N ALA N 60 -4.99 -5.39 71.80
CA ALA N 60 -5.49 -6.43 70.91
C ALA N 60 -4.49 -6.66 69.80
N LEU N 61 -4.28 -7.93 69.46
CA LEU N 61 -3.31 -8.31 68.47
C LEU N 61 -4.05 -9.30 67.58
N PRO N 62 -3.85 -9.24 66.25
CA PRO N 62 -4.77 -9.92 65.33
C PRO N 62 -4.77 -11.43 65.45
N GLY N 63 -5.84 -12.03 64.93
CA GLY N 63 -6.06 -13.45 65.06
C GLY N 63 -5.19 -14.28 64.15
N TRP N 64 -4.21 -14.95 64.73
CA TRP N 64 -3.30 -15.82 64.02
C TRP N 64 -3.54 -17.26 64.48
N GLN N 65 -2.87 -18.20 63.81
CA GLN N 65 -3.13 -19.61 64.07
C GLN N 65 -2.60 -20.02 65.44
N VAL N 66 -1.37 -19.62 65.76
CA VAL N 66 -0.82 -19.91 67.08
C VAL N 66 -1.46 -19.01 68.12
N LEU N 67 -1.75 -17.77 67.75
CA LEU N 67 -2.15 -16.75 68.73
C LEU N 67 -3.57 -17.00 69.25
N LEU N 68 -4.50 -17.37 68.38
CA LEU N 68 -5.84 -17.69 68.86
C LEU N 68 -5.90 -19.01 69.60
N ALA N 69 -4.97 -19.93 69.30
CA ALA N 69 -4.85 -21.18 70.04
C ALA N 69 -3.83 -21.03 71.16
N ALA N 70 -4.13 -20.09 72.06
CA ALA N 70 -3.28 -19.79 73.20
C ALA N 70 -4.16 -19.58 74.42
N GLU N 71 -3.63 -19.94 75.58
CA GLU N 71 -4.41 -19.95 76.81
C GLU N 71 -4.20 -18.71 77.67
N ASP N 72 -2.96 -18.36 77.99
CA ASP N 72 -2.67 -17.22 78.85
C ASP N 72 -1.72 -16.22 78.17
N PRO N 73 -2.13 -15.58 77.06
CA PRO N 73 -1.19 -14.73 76.33
C PRO N 73 -0.91 -13.43 77.08
N VAL N 74 0.38 -13.18 77.35
CA VAL N 74 0.83 -11.98 78.03
C VAL N 74 1.87 -11.33 77.12
N THR N 75 1.94 -10.01 77.15
CA THR N 75 2.84 -9.22 76.31
C THR N 75 3.79 -8.42 77.19
N ILE N 76 5.09 -8.42 76.82
CA ILE N 76 6.11 -7.67 77.53
C ILE N 76 6.83 -6.78 76.53
N LEU N 77 6.79 -5.47 76.78
CA LEU N 77 7.46 -4.53 75.88
C LEU N 77 8.96 -4.60 76.04
N ALA N 78 9.66 -4.72 74.90
CA ALA N 78 11.12 -4.74 74.89
C ALA N 78 11.59 -4.17 73.55
N THR N 79 12.88 -4.27 73.30
CA THR N 79 13.50 -3.75 72.09
C THR N 79 13.93 -4.90 71.19
N SER N 80 14.57 -4.56 70.07
CA SER N 80 14.94 -5.58 69.09
C SER N 80 16.16 -6.38 69.51
N ASP N 81 17.07 -5.74 70.27
CA ASP N 81 18.32 -6.39 70.64
C ASP N 81 18.15 -7.48 71.68
N ARG N 82 17.03 -7.47 72.41
CA ARG N 82 16.74 -8.49 73.42
C ARG N 82 16.48 -9.85 72.81
N PHE N 83 16.23 -9.91 71.51
CA PHE N 83 16.22 -11.07 70.64
C PHE N 83 17.42 -10.98 69.69
N PRO N 84 17.89 -12.10 69.13
CA PRO N 84 19.13 -12.06 68.35
C PRO N 84 19.02 -11.22 67.08
N LYS N 85 20.19 -10.95 66.50
CA LYS N 85 20.26 -10.20 65.26
C LYS N 85 19.76 -11.08 64.11
N GLN N 86 18.95 -10.48 63.23
CA GLN N 86 18.35 -11.20 62.12
C GLN N 86 18.58 -10.55 60.76
N ASN N 87 18.96 -9.28 60.71
CA ASN N 87 19.10 -8.56 59.44
C ASN N 87 20.02 -7.36 59.66
N GLN N 88 20.03 -6.42 58.72
CA GLN N 88 20.87 -5.24 58.81
C GLN N 88 20.21 -4.09 59.58
N THR N 89 18.97 -4.26 60.03
CA THR N 89 18.22 -3.16 60.60
C THR N 89 18.65 -2.88 62.04
N GLU N 90 18.35 -1.67 62.48
CA GLU N 90 18.73 -1.16 63.79
C GLU N 90 17.91 -1.81 64.90
N PRO N 91 18.38 -1.74 66.14
CA PRO N 91 17.51 -2.12 67.28
C PRO N 91 16.39 -1.11 67.47
N GLY N 92 15.15 -1.60 67.30
CA GLY N 92 13.97 -0.79 67.51
C GLY N 92 12.97 -1.50 68.42
N PRO N 93 11.75 -0.96 68.50
CA PRO N 93 10.75 -1.51 69.44
C PRO N 93 10.11 -2.78 68.91
N VAL N 94 10.05 -3.80 69.77
CA VAL N 94 9.49 -5.12 69.44
C VAL N 94 8.52 -5.53 70.54
N LEU N 95 7.29 -5.86 70.16
CA LEU N 95 6.30 -6.40 71.07
C LEU N 95 6.55 -7.90 71.20
N VAL N 96 6.58 -8.40 72.39
CA VAL N 96 6.67 -9.85 72.53
C VAL N 96 5.30 -10.35 72.94
N VAL N 97 5.00 -11.60 72.62
CA VAL N 97 3.83 -12.28 73.16
C VAL N 97 4.31 -13.63 73.66
N VAL N 98 4.14 -13.88 74.95
CA VAL N 98 4.51 -15.14 75.56
C VAL N 98 3.35 -15.61 76.43
N ASP N 99 2.85 -16.80 76.15
CA ASP N 99 1.81 -17.29 77.04
C ASP N 99 2.42 -17.93 78.27
N ARG N 100 1.64 -17.93 79.35
CA ARG N 100 2.16 -18.33 80.64
C ARG N 100 2.18 -19.84 80.81
N SER N 101 1.41 -20.58 80.02
CA SER N 101 1.26 -22.01 80.21
C SER N 101 1.80 -22.84 79.05
N GLN N 102 2.99 -22.50 78.53
CA GLN N 102 3.74 -23.37 77.65
C GLN N 102 5.15 -23.61 78.17
N ARG N 103 5.24 -23.92 79.46
CA ARG N 103 6.50 -24.22 80.12
C ARG N 103 7.04 -25.55 79.60
N GLU N 104 8.13 -25.50 78.84
CA GLU N 104 8.58 -26.65 78.08
C GLU N 104 10.06 -26.46 77.76
N TRP N 105 10.69 -27.51 77.27
CA TRP N 105 12.07 -27.45 76.80
C TRP N 105 12.06 -27.60 75.28
N ASN N 106 12.46 -26.54 74.57
CA ASN N 106 12.68 -26.60 73.14
C ASN N 106 13.98 -25.89 72.81
N ASP N 107 14.68 -26.40 71.80
CA ASP N 107 15.95 -25.81 71.39
C ASP N 107 15.78 -24.70 70.36
N PHE N 108 14.73 -24.76 69.54
CA PHE N 108 14.48 -23.73 68.53
C PHE N 108 13.55 -22.63 69.02
N SER N 109 12.74 -22.89 70.03
CA SER N 109 11.81 -21.92 70.55
C SER N 109 12.44 -21.13 71.70
N TYR N 110 11.86 -19.97 71.98
CA TYR N 110 12.37 -19.09 73.03
C TYR N 110 11.50 -19.21 74.27
N PHE N 111 12.08 -18.89 75.41
CA PHE N 111 11.42 -19.12 76.69
C PHE N 111 11.77 -17.99 77.66
N VAL N 112 10.75 -17.35 78.21
CA VAL N 112 10.97 -16.36 79.26
C VAL N 112 11.14 -17.11 80.58
N VAL N 113 11.99 -16.59 81.46
CA VAL N 113 12.27 -17.19 82.76
C VAL N 113 12.23 -16.12 83.83
N ASP N 114 12.52 -16.55 85.06
CA ASP N 114 12.88 -15.65 86.13
C ASP N 114 14.38 -15.40 86.07
N HIS N 115 14.79 -14.14 86.11
CA HIS N 115 16.21 -13.76 86.13
C HIS N 115 16.42 -12.90 87.37
N ASP N 116 16.55 -13.56 88.52
CA ASP N 116 16.71 -12.98 89.85
C ASP N 116 15.68 -11.88 90.11
N GLY N 117 14.41 -12.25 89.95
CA GLY N 117 13.35 -11.28 90.11
C GLY N 117 13.25 -10.27 89.00
N GLU N 118 13.77 -10.58 87.82
CA GLU N 118 13.62 -9.78 86.61
C GLU N 118 13.22 -10.69 85.45
N LEU N 119 13.26 -10.13 84.24
CA LEU N 119 12.59 -10.75 83.10
C LEU N 119 13.45 -10.56 81.86
N ASP N 120 13.69 -11.64 81.10
CA ASP N 120 14.61 -11.58 79.96
C ASP N 120 14.14 -12.53 78.86
N PHE N 121 15.04 -12.84 77.93
CA PHE N 121 14.80 -13.80 76.86
C PHE N 121 16.10 -14.53 76.55
N GLN N 122 16.04 -15.86 76.50
CA GLN N 122 17.22 -16.66 76.22
C GLN N 122 16.81 -18.04 75.77
N TRP N 123 17.34 -18.49 74.64
CA TRP N 123 17.01 -19.81 74.13
C TRP N 123 17.79 -20.88 74.89
N PHE N 124 17.25 -22.10 74.88
CA PHE N 124 17.70 -23.16 75.78
C PHE N 124 18.17 -24.38 74.99
N GLU N 125 19.45 -24.71 75.14
CA GLU N 125 20.03 -25.91 74.58
C GLU N 125 19.99 -27.08 75.55
N THR N 126 20.04 -26.80 76.85
CA THR N 126 19.87 -27.81 77.90
C THR N 126 18.72 -27.40 78.81
N LYS N 127 18.08 -28.40 79.43
CA LYS N 127 16.98 -28.15 80.35
C LYS N 127 17.49 -27.51 81.64
N PRO N 128 17.05 -26.31 82.00
CA PRO N 128 17.60 -25.63 83.17
C PRO N 128 16.83 -25.95 84.44
N GLU N 129 17.42 -25.53 85.56
CA GLU N 129 16.73 -25.48 86.84
C GLU N 129 15.96 -24.18 87.03
N PHE N 130 16.03 -23.27 86.06
CA PHE N 130 15.35 -22.00 86.14
C PHE N 130 13.86 -22.18 85.89
N PRO N 131 13.01 -21.41 86.57
CA PRO N 131 11.57 -21.47 86.27
C PRO N 131 11.26 -20.76 84.95
N ILE N 132 11.00 -21.56 83.91
CA ILE N 132 10.52 -21.01 82.65
C ILE N 132 9.11 -20.50 82.83
N LEU N 133 8.89 -19.23 82.55
CA LEU N 133 7.56 -18.63 82.65
C LEU N 133 6.82 -18.60 81.33
N GLY N 134 7.21 -19.44 80.38
CA GLY N 134 6.42 -19.66 79.18
C GLY N 134 7.21 -19.53 77.90
N LYS N 135 6.68 -20.14 76.85
CA LYS N 135 7.22 -20.06 75.50
C LYS N 135 6.63 -18.83 74.81
N VAL N 136 7.45 -18.12 74.06
CA VAL N 136 6.96 -16.96 73.33
C VAL N 136 6.04 -17.43 72.21
N ILE N 137 5.06 -16.59 71.88
CA ILE N 137 4.13 -16.90 70.80
C ILE N 137 4.59 -16.17 69.56
N ILE N 138 4.57 -14.84 69.61
CA ILE N 138 4.81 -14.08 68.39
C ILE N 138 5.61 -12.82 68.74
N LEU N 139 6.41 -12.38 67.78
CA LEU N 139 7.27 -11.21 67.95
C LEU N 139 6.93 -10.23 66.85
N VAL N 140 6.43 -9.07 67.22
CA VAL N 140 5.99 -8.09 66.24
C VAL N 140 6.53 -6.70 66.61
N ARG N 141 6.87 -5.94 65.58
CA ARG N 141 7.33 -4.57 65.63
C ARG N 141 6.23 -3.70 65.02
N PRO N 142 6.20 -2.36 65.30
CA PRO N 142 5.01 -1.60 64.91
C PRO N 142 4.88 -1.36 63.41
N ARG N 143 3.86 -0.60 63.04
CA ARG N 143 3.61 -0.30 61.64
C ARG N 143 4.53 0.80 61.13
N ARG N 144 4.80 0.77 59.83
CA ARG N 144 5.48 1.86 59.12
C ARG N 144 4.66 2.12 57.87
N ILE N 145 3.63 2.96 58.01
CA ILE N 145 2.65 3.23 56.97
C ILE N 145 2.57 4.73 56.75
N LEU N 146 1.65 5.18 55.89
CA LEU N 146 1.28 6.59 55.79
C LEU N 146 -0.17 6.73 56.25
N ASP N 147 -0.35 7.30 57.46
CA ASP N 147 -1.47 6.98 58.34
C ASP N 147 -2.82 7.39 57.79
N GLU N 148 -2.90 8.53 57.09
CA GLU N 148 -4.17 9.20 56.83
C GLU N 148 -5.01 8.48 55.77
N ASN N 149 -4.41 7.56 55.00
CA ASN N 149 -5.14 6.82 53.98
C ASN N 149 -5.24 5.34 54.25
N VAL N 150 -4.35 4.79 55.08
CA VAL N 150 -4.40 3.37 55.42
C VAL N 150 -5.62 3.08 56.27
N THR N 151 -5.76 3.82 57.36
CA THR N 151 -6.76 3.56 58.37
C THR N 151 -7.89 4.56 58.39
N LYS N 152 -7.82 5.62 57.58
CA LYS N 152 -8.77 6.70 57.70
C LYS N 152 -9.52 7.01 56.41
N ASP N 153 -9.38 6.20 55.37
CA ASP N 153 -10.11 6.42 54.12
C ASP N 153 -10.41 5.10 53.46
N SER N 154 -11.68 4.88 53.15
CA SER N 154 -12.17 3.64 52.56
C SER N 154 -12.41 3.75 51.07
N TRP N 155 -12.39 4.93 50.48
CA TRP N 155 -12.83 5.10 49.11
C TRP N 155 -11.70 4.92 48.11
N GLN N 156 -10.56 4.43 48.57
CA GLN N 156 -9.43 4.22 47.69
C GLN N 156 -9.61 2.97 46.88
N ILE N 157 -8.95 2.93 45.73
CA ILE N 157 -8.90 1.76 44.88
C ILE N 157 -7.48 1.20 45.00
N ASP N 158 -7.26 -0.01 44.46
CA ASP N 158 -5.90 -0.49 44.27
C ASP N 158 -5.10 0.48 43.41
N GLU N 159 -5.53 0.70 42.18
CA GLU N 159 -4.91 1.71 41.34
C GLU N 159 -5.58 3.06 41.54
N MET O 1 -5.19 33.44 45.24
CA MET O 1 -5.85 32.85 44.08
C MET O 1 -5.26 33.44 42.81
N GLN O 2 -4.58 32.60 42.03
CA GLN O 2 -3.69 33.07 40.97
C GLN O 2 -3.38 31.90 40.03
N THR O 3 -2.93 32.21 38.80
CA THR O 3 -2.41 31.19 37.90
C THR O 3 -0.88 31.25 37.86
N LEU O 4 -0.30 30.30 37.10
CA LEU O 4 1.13 30.20 36.79
C LEU O 4 1.44 30.95 35.50
N PRO O 5 2.40 31.87 35.50
CA PRO O 5 2.78 32.54 34.24
C PRO O 5 3.49 31.64 33.24
N LYS O 6 3.78 32.17 32.06
CA LYS O 6 4.33 31.39 30.95
C LYS O 6 5.84 31.63 30.85
N GLU O 7 6.62 30.73 31.41
CA GLU O 7 8.08 30.75 31.29
C GLU O 7 8.53 29.55 30.47
N ARG O 8 9.84 29.46 30.25
CA ARG O 8 10.37 28.36 29.46
C ARG O 8 10.43 27.08 30.27
N ARG O 9 10.77 27.20 31.56
CA ARG O 9 10.57 26.14 32.56
C ARG O 9 11.32 24.86 32.23
N TYR O 10 12.64 24.88 32.36
CA TYR O 10 13.53 23.90 31.75
C TYR O 10 13.45 22.55 32.46
N GLU O 11 14.40 21.68 32.11
CA GLU O 11 14.27 20.22 32.24
C GLU O 11 13.98 19.69 33.63
N THR O 12 14.94 19.83 34.54
CA THR O 12 14.83 19.30 35.89
C THR O 12 15.54 20.31 36.78
N LEU O 13 15.09 20.40 38.04
CA LEU O 13 15.58 21.36 39.03
C LEU O 13 15.32 22.79 38.57
N SER O 14 14.19 23.00 37.89
CA SER O 14 13.90 24.28 37.28
C SER O 14 12.56 24.90 37.70
N TYR O 15 11.78 24.24 38.54
CA TYR O 15 10.58 24.89 39.05
C TYR O 15 10.79 25.47 40.42
N LEU O 16 11.70 24.92 41.16
CA LEU O 16 12.32 25.46 42.35
C LEU O 16 13.14 26.69 41.98
N PRO O 17 13.43 27.58 42.94
CA PRO O 17 14.22 28.77 42.62
C PRO O 17 15.63 28.37 42.24
N PRO O 18 16.29 29.18 41.38
CA PRO O 18 17.52 28.71 40.70
C PRO O 18 18.66 28.47 41.67
N LEU O 19 19.27 27.30 41.54
CA LEU O 19 20.16 26.76 42.56
C LEU O 19 21.47 27.53 42.63
N THR O 20 21.82 27.92 43.84
CA THR O 20 22.94 28.82 44.07
C THR O 20 24.22 28.01 44.22
N ASP O 21 25.31 28.68 44.59
CA ASP O 21 26.63 28.07 44.56
C ASP O 21 26.77 26.98 45.63
N VAL O 22 26.00 27.08 46.71
CA VAL O 22 26.00 26.02 47.70
C VAL O 22 25.28 24.80 47.17
N GLN O 23 24.15 25.01 46.50
CA GLN O 23 23.36 23.91 45.96
C GLN O 23 23.94 23.34 44.68
N ILE O 24 24.82 24.07 44.00
CA ILE O 24 25.57 23.47 42.90
C ILE O 24 26.58 22.46 43.43
N GLU O 25 27.37 22.87 44.42
CA GLU O 25 28.41 21.98 44.92
C GLU O 25 27.86 20.86 45.77
N LYS O 26 26.72 21.06 46.44
CA LYS O 26 26.13 19.96 47.20
C LYS O 26 25.60 18.88 46.29
N GLN O 27 25.16 19.24 45.09
CA GLN O 27 24.76 18.22 44.14
C GLN O 27 25.96 17.62 43.43
N VAL O 28 27.02 18.41 43.20
CA VAL O 28 28.26 17.87 42.68
C VAL O 28 28.88 16.91 43.69
N GLN O 29 28.80 17.26 44.99
CA GLN O 29 29.27 16.34 46.03
C GLN O 29 28.37 15.11 46.09
N TYR O 30 27.10 15.23 45.70
CA TYR O 30 26.28 14.04 45.58
C TYR O 30 26.68 13.19 44.38
N ILE O 31 27.29 13.77 43.36
CA ILE O 31 27.70 12.98 42.21
C ILE O 31 28.88 12.10 42.54
N LEU O 32 29.92 12.70 43.14
CA LEU O 32 31.13 11.93 43.38
C LEU O 32 31.01 11.01 44.59
N SER O 33 30.32 11.44 45.65
CA SER O 33 30.23 10.61 46.84
C SER O 33 29.20 9.49 46.69
N GLN O 34 28.44 9.47 45.61
CA GLN O 34 27.63 8.32 45.25
C GLN O 34 28.23 7.54 44.09
N GLY O 35 29.43 7.91 43.65
CA GLY O 35 30.13 7.15 42.63
C GLY O 35 29.64 7.35 41.22
N TYR O 36 29.04 8.51 40.91
CA TYR O 36 28.67 8.81 39.55
C TYR O 36 29.77 9.67 38.93
N ILE O 37 29.69 9.83 37.61
CA ILE O 37 30.75 10.46 36.84
C ILE O 37 30.29 11.87 36.46
N PRO O 38 30.84 12.92 37.08
CA PRO O 38 30.32 14.27 36.84
C PRO O 38 30.79 14.83 35.50
N ALA O 39 29.89 14.86 34.53
CA ALA O 39 30.20 15.43 33.23
C ALA O 39 29.57 16.81 33.12
N VAL O 40 30.25 17.70 32.41
CA VAL O 40 29.76 19.05 32.18
C VAL O 40 29.29 19.13 30.73
N GLU O 41 28.09 19.65 30.53
CA GLU O 41 27.54 19.80 29.19
C GLU O 41 27.12 21.24 28.99
N PHE O 42 27.14 21.70 27.75
CA PHE O 42 26.65 23.02 27.42
C PHE O 42 25.86 22.96 26.12
N ASN O 43 25.03 23.97 25.89
CA ASN O 43 24.25 24.04 24.67
C ASN O 43 23.87 25.49 24.44
N GLU O 44 23.54 25.81 23.19
CA GLU O 44 23.14 27.18 22.85
C GLU O 44 21.80 27.51 23.47
N VAL O 45 20.76 26.77 23.13
CA VAL O 45 19.43 26.97 23.66
C VAL O 45 19.07 25.74 24.47
N SER O 46 18.44 25.95 25.62
CA SER O 46 18.08 24.88 26.52
C SER O 46 16.65 24.44 26.38
N GLU O 47 16.11 24.39 25.17
CA GLU O 47 14.81 23.76 25.15
C GLU O 47 15.00 22.26 25.36
N PRO O 48 14.14 21.63 26.15
CA PRO O 48 14.29 20.19 26.38
C PRO O 48 13.70 19.33 25.28
N THR O 49 13.87 19.75 24.02
CA THR O 49 13.66 18.91 22.86
C THR O 49 14.88 18.87 21.94
N GLU O 50 15.83 19.78 22.12
CA GLU O 50 17.16 19.62 21.55
C GLU O 50 17.84 18.58 22.42
N LEU O 51 18.14 17.43 21.85
CA LEU O 51 18.29 16.23 22.64
C LEU O 51 19.71 16.04 23.16
N TYR O 52 20.71 16.51 22.42
CA TYR O 52 22.09 16.36 22.83
C TYR O 52 22.67 17.68 23.28
N TRP O 53 23.30 17.67 24.44
CA TRP O 53 24.06 18.82 24.84
C TRP O 53 25.53 18.54 24.62
N THR O 54 26.24 19.56 24.19
CA THR O 54 27.60 19.41 23.76
C THR O 54 28.49 19.25 24.98
N LEU O 55 29.30 18.20 24.99
CA LEU O 55 30.06 17.88 26.18
C LEU O 55 31.25 18.81 26.28
N TRP O 56 31.40 19.44 27.42
CA TRP O 56 32.62 20.14 27.78
C TRP O 56 33.73 19.12 28.02
N LYS O 57 34.96 19.61 28.15
CA LYS O 57 36.26 18.99 27.85
C LYS O 57 36.34 17.48 28.04
N LEU O 58 35.97 17.01 29.21
CA LEU O 58 35.85 15.59 29.50
C LEU O 58 34.62 15.34 30.35
N PRO O 59 34.20 14.10 30.53
CA PRO O 59 33.22 13.79 31.58
C PRO O 59 33.81 13.56 32.97
N LEU O 60 35.10 13.83 33.19
CA LEU O 60 35.74 13.86 34.50
C LEU O 60 35.64 12.52 35.22
N PHE O 61 36.32 11.52 34.65
CA PHE O 61 36.24 10.16 35.18
C PHE O 61 36.86 10.05 36.57
N GLY O 62 37.98 10.75 36.79
CA GLY O 62 38.66 10.66 38.06
C GLY O 62 38.47 11.90 38.90
N ALA O 63 37.25 12.43 38.88
CA ALA O 63 36.94 13.64 39.65
C ALA O 63 36.56 13.25 41.07
N LYS O 64 37.24 13.82 42.06
CA LYS O 64 37.09 13.41 43.44
C LYS O 64 36.66 14.54 44.37
N THR O 65 36.82 15.79 44.00
CA THR O 65 36.34 16.88 44.83
C THR O 65 35.42 17.80 44.05
N SER O 66 34.51 18.46 44.77
CA SER O 66 33.65 19.45 44.14
C SER O 66 34.38 20.74 43.85
N ARG O 67 35.52 20.97 44.49
CA ARG O 67 36.32 22.16 44.27
C ARG O 67 37.05 22.14 42.94
N GLU O 68 37.06 21.01 42.23
CA GLU O 68 37.67 20.89 40.92
C GLU O 68 36.68 20.58 39.82
N VAL O 69 35.54 19.98 40.13
CA VAL O 69 34.46 19.85 39.15
C VAL O 69 33.87 21.21 38.87
N LEU O 70 33.66 22.00 39.92
CA LEU O 70 33.20 23.36 39.73
C LEU O 70 34.31 24.22 39.10
N ALA O 71 35.57 23.89 39.37
CA ALA O 71 36.68 24.64 38.79
C ALA O 71 36.87 24.32 37.32
N GLU O 72 36.28 23.24 36.83
CA GLU O 72 36.21 23.05 35.40
C GLU O 72 35.08 23.87 34.79
N VAL O 73 34.01 24.07 35.55
CA VAL O 73 32.98 25.02 35.11
C VAL O 73 33.48 26.46 35.29
N GLN O 74 34.41 26.69 36.22
CA GLN O 74 35.06 28.00 36.30
C GLN O 74 35.87 28.28 35.04
N SER O 75 36.42 27.24 34.41
CA SER O 75 37.03 27.38 33.10
C SER O 75 35.98 27.47 31.99
N CYS O 76 34.71 27.23 32.31
CA CYS O 76 33.63 27.26 31.35
C CYS O 76 32.68 28.43 31.59
N ARG O 77 32.87 29.18 32.67
CA ARG O 77 32.17 30.46 32.82
C ARG O 77 32.57 31.43 31.73
N SER O 78 33.86 31.80 31.69
CA SER O 78 34.36 32.81 30.77
C SER O 78 34.41 32.34 29.34
N GLN O 79 34.46 31.03 29.12
CA GLN O 79 34.47 30.50 27.77
C GLN O 79 33.14 30.72 27.09
N TYR O 80 32.05 30.41 27.78
CA TYR O 80 30.70 30.41 27.22
C TYR O 80 29.77 31.21 28.13
N PRO O 81 29.71 32.53 27.95
CA PRO O 81 28.74 33.32 28.71
C PRO O 81 27.32 33.14 28.24
N GLY O 82 27.12 32.63 27.02
CA GLY O 82 25.81 32.57 26.44
C GLY O 82 25.25 31.17 26.30
N HIS O 83 25.98 30.19 26.80
CA HIS O 83 25.54 28.80 26.72
C HIS O 83 25.05 28.34 28.07
N TYR O 84 23.95 27.59 28.04
CA TYR O 84 23.39 26.98 29.24
C TYR O 84 24.35 25.88 29.68
N ILE O 85 25.23 26.18 30.63
CA ILE O 85 26.16 25.16 31.11
C ILE O 85 25.39 24.24 32.03
N ARG O 86 25.79 22.96 32.08
CA ARG O 86 25.07 21.98 32.88
C ARG O 86 26.02 20.88 33.33
N VAL O 87 26.02 20.57 34.63
CA VAL O 87 26.76 19.43 35.14
C VAL O 87 25.81 18.24 35.20
N VAL O 88 25.98 17.28 34.30
CA VAL O 88 25.20 16.07 34.33
C VAL O 88 25.96 15.01 35.11
N GLY O 89 25.26 13.98 35.53
CA GLY O 89 25.89 12.91 36.26
C GLY O 89 25.58 11.58 35.63
N PHE O 90 26.58 10.93 35.07
CA PHE O 90 26.37 9.64 34.45
C PHE O 90 26.60 8.54 35.45
N ASP O 91 25.85 7.45 35.29
CA ASP O 91 26.05 6.28 36.11
C ASP O 91 27.38 5.65 35.73
N ASN O 92 28.06 5.11 36.74
CA ASN O 92 29.39 4.56 36.53
C ASN O 92 29.34 3.31 35.67
N ILE O 93 28.30 2.50 35.87
CA ILE O 93 28.23 1.17 35.28
C ILE O 93 27.00 1.03 34.40
N LYS O 94 25.82 1.14 35.00
CA LYS O 94 24.63 0.46 34.52
C LYS O 94 23.90 1.20 33.40
N GLN O 95 24.57 2.11 32.69
CA GLN O 95 24.06 2.82 31.51
C GLN O 95 22.80 3.64 31.80
N CYS O 96 22.93 4.64 32.66
CA CYS O 96 21.89 5.65 32.83
C CYS O 96 22.53 6.97 33.23
N GLN O 97 21.69 8.00 33.29
CA GLN O 97 22.08 9.36 33.63
C GLN O 97 21.14 9.87 34.71
N ILE O 98 21.69 10.52 35.74
CA ILE O 98 20.86 10.85 36.88
C ILE O 98 20.79 12.36 37.14
N LEU O 99 21.89 12.99 37.49
CA LEU O 99 21.81 14.38 37.87
C LEU O 99 21.82 15.25 36.62
N SER O 100 21.13 16.38 36.68
CA SER O 100 21.05 17.32 35.57
C SER O 100 20.65 18.67 36.16
N PHE O 101 21.55 19.64 36.14
CA PHE O 101 21.24 20.93 36.72
C PHE O 101 22.04 22.04 36.04
N ILE O 102 21.32 23.07 35.59
CA ILE O 102 21.94 24.15 34.84
C ILE O 102 22.68 25.07 35.79
N VAL O 103 23.98 25.24 35.57
CA VAL O 103 24.78 26.02 36.50
C VAL O 103 25.00 27.44 36.00
N HIS O 104 24.83 27.68 34.70
CA HIS O 104 25.00 29.01 34.14
C HIS O 104 24.02 29.20 33.00
N LYS O 105 23.58 30.43 32.84
CA LYS O 105 22.57 30.80 31.85
C LYS O 105 23.08 32.05 31.14
N PRO O 106 22.78 32.20 29.83
CA PRO O 106 23.07 33.44 29.12
C PRO O 106 22.44 34.69 29.73
N GLN P 2 -11.35 -55.50 18.65
CA GLN P 2 -12.07 -55.42 17.40
C GLN P 2 -12.23 -53.94 17.02
N THR P 3 -12.27 -53.64 15.72
CA THR P 3 -12.31 -52.27 15.22
C THR P 3 -13.71 -51.91 14.73
N LEU P 4 -13.80 -50.72 14.12
CA LEU P 4 -14.97 -50.14 13.48
C LEU P 4 -14.83 -50.29 11.97
N PRO P 5 -15.79 -50.89 11.29
CA PRO P 5 -15.66 -51.11 9.85
C PRO P 5 -15.79 -49.82 9.07
N LYS P 6 -15.16 -49.77 7.90
CA LYS P 6 -15.35 -48.62 7.00
C LYS P 6 -16.75 -48.68 6.42
N GLU P 7 -17.68 -48.01 7.08
CA GLU P 7 -19.08 -47.97 6.69
C GLU P 7 -19.49 -46.52 6.50
N ARG P 8 -19.98 -46.21 5.32
CA ARG P 8 -20.48 -44.86 5.04
C ARG P 8 -21.80 -44.65 5.74
N ARG P 9 -21.88 -43.60 6.52
CA ARG P 9 -23.10 -43.25 7.22
C ARG P 9 -23.57 -41.88 6.78
N TYR P 10 -24.84 -41.61 7.03
CA TYR P 10 -25.57 -40.68 6.18
C TYR P 10 -26.01 -39.41 6.90
N GLU P 11 -26.84 -39.52 7.93
CA GLU P 11 -27.45 -38.33 8.54
C GLU P 11 -27.72 -38.60 10.01
N THR P 12 -28.61 -37.79 10.59
CA THR P 12 -28.79 -37.61 12.02
C THR P 12 -29.48 -38.77 12.72
N LEU P 13 -29.90 -39.82 12.00
CA LEU P 13 -30.33 -41.06 12.63
C LEU P 13 -29.71 -42.27 11.98
N SER P 14 -28.56 -42.12 11.33
CA SER P 14 -27.97 -43.21 10.56
C SER P 14 -27.29 -44.25 11.43
N TYR P 15 -26.86 -43.88 12.64
CA TYR P 15 -26.16 -44.81 13.53
C TYR P 15 -27.15 -45.56 14.41
N LEU P 16 -28.03 -46.28 13.73
CA LEU P 16 -29.15 -46.99 14.33
C LEU P 16 -29.42 -48.22 13.47
N PRO P 17 -30.31 -49.11 13.91
CA PRO P 17 -30.90 -50.07 12.97
C PRO P 17 -31.73 -49.36 11.92
N PRO P 18 -31.98 -50.00 10.76
CA PRO P 18 -32.82 -49.35 9.74
C PRO P 18 -34.25 -49.15 10.22
N LEU P 19 -34.69 -47.90 10.16
CA LEU P 19 -35.91 -47.48 10.85
C LEU P 19 -37.13 -48.05 10.17
N THR P 20 -37.90 -48.85 10.90
CA THR P 20 -39.10 -49.45 10.36
C THR P 20 -40.23 -48.42 10.32
N ASP P 21 -41.41 -48.91 9.94
CA ASP P 21 -42.52 -48.04 9.61
C ASP P 21 -43.26 -47.56 10.86
N VAL P 22 -43.27 -48.37 11.92
CA VAL P 22 -43.83 -47.94 13.20
C VAL P 22 -43.02 -46.79 13.77
N GLN P 23 -41.70 -46.86 13.63
CA GLN P 23 -40.81 -45.89 14.26
C GLN P 23 -40.88 -44.54 13.58
N ILE P 24 -40.95 -44.53 12.24
CA ILE P 24 -40.99 -43.29 11.47
C ILE P 24 -42.31 -42.55 11.68
N GLU P 25 -43.43 -43.28 11.72
CA GLU P 25 -44.71 -42.66 12.07
C GLU P 25 -44.70 -42.16 13.50
N LYS P 26 -43.98 -42.85 14.39
CA LYS P 26 -43.79 -42.37 15.76
C LYS P 26 -42.76 -41.26 15.82
N GLN P 27 -41.90 -41.15 14.82
CA GLN P 27 -40.91 -40.07 14.71
C GLN P 27 -41.57 -38.78 14.25
N VAL P 28 -42.43 -38.87 13.22
CA VAL P 28 -43.17 -37.71 12.73
C VAL P 28 -44.22 -37.26 13.74
N GLN P 29 -44.68 -38.17 14.61
CA GLN P 29 -45.57 -37.79 15.69
C GLN P 29 -44.86 -36.97 16.76
N TYR P 30 -43.53 -36.87 16.72
CA TYR P 30 -42.84 -35.78 17.42
C TYR P 30 -42.86 -34.50 16.60
N ILE P 31 -42.76 -34.61 15.27
CA ILE P 31 -42.63 -33.43 14.42
C ILE P 31 -43.94 -32.65 14.41
N LEU P 32 -45.05 -33.30 14.06
CA LEU P 32 -46.30 -32.57 13.96
C LEU P 32 -46.91 -32.20 15.31
N SER P 33 -46.50 -32.85 16.41
CA SER P 33 -47.16 -32.58 17.70
C SER P 33 -46.72 -31.25 18.29
N GLN P 34 -45.46 -30.87 18.15
CA GLN P 34 -44.99 -29.58 18.62
C GLN P 34 -45.21 -28.47 17.61
N GLY P 35 -46.00 -28.74 16.57
CA GLY P 35 -46.43 -27.71 15.64
C GLY P 35 -45.49 -27.45 14.49
N TYR P 36 -44.63 -28.39 14.15
CA TYR P 36 -43.68 -28.16 13.07
C TYR P 36 -44.36 -28.43 11.73
N ILE P 37 -43.56 -28.45 10.67
CA ILE P 37 -44.02 -28.70 9.31
C ILE P 37 -43.19 -29.84 8.77
N PRO P 38 -43.70 -31.08 8.74
CA PRO P 38 -42.90 -32.19 8.23
C PRO P 38 -42.87 -32.19 6.72
N ALA P 39 -41.78 -32.73 6.16
CA ALA P 39 -41.62 -32.69 4.71
C ALA P 39 -40.73 -33.84 4.26
N VAL P 40 -40.91 -34.24 3.02
CA VAL P 40 -40.16 -35.35 2.42
C VAL P 40 -39.19 -34.78 1.40
N GLU P 41 -37.93 -35.21 1.47
CA GLU P 41 -36.91 -34.71 0.56
C GLU P 41 -36.12 -35.87 -0.01
N PHE P 42 -35.97 -35.91 -1.33
CA PHE P 42 -35.34 -37.03 -2.03
C PHE P 42 -34.09 -36.54 -2.75
N ASN P 43 -33.13 -37.44 -2.91
CA ASN P 43 -31.89 -37.07 -3.58
C ASN P 43 -31.23 -38.34 -4.11
N GLU P 44 -30.38 -38.16 -5.12
CA GLU P 44 -29.67 -39.28 -5.73
C GLU P 44 -28.53 -39.77 -4.84
N VAL P 45 -27.70 -38.86 -4.34
CA VAL P 45 -26.59 -39.21 -3.46
C VAL P 45 -26.65 -38.35 -2.21
N SER P 46 -26.02 -38.84 -1.14
CA SER P 46 -25.90 -38.14 0.13
C SER P 46 -24.45 -37.68 0.26
N GLU P 47 -24.16 -36.55 -0.30
CA GLU P 47 -22.83 -36.01 -0.42
C GLU P 47 -22.65 -34.93 0.64
N PRO P 48 -21.45 -34.76 1.21
CA PRO P 48 -21.24 -33.63 2.12
C PRO P 48 -21.26 -32.29 1.42
N THR P 49 -20.74 -32.23 0.20
CA THR P 49 -20.83 -31.03 -0.62
C THR P 49 -22.27 -30.69 -0.93
N GLU P 50 -23.01 -31.66 -1.47
CA GLU P 50 -24.40 -31.46 -1.89
C GLU P 50 -25.27 -31.30 -0.66
N LEU P 51 -25.74 -30.08 -0.43
CA LEU P 51 -26.34 -29.71 0.83
C LEU P 51 -27.83 -29.39 0.70
N TYR P 52 -28.38 -29.47 -0.50
CA TYR P 52 -29.82 -29.42 -0.73
C TYR P 52 -30.30 -30.78 -1.17
N TRP P 53 -31.48 -31.19 -0.69
CA TRP P 53 -32.19 -32.33 -1.24
C TRP P 53 -33.56 -31.86 -1.70
N THR P 54 -34.09 -32.53 -2.72
CA THR P 54 -35.23 -32.00 -3.44
C THR P 54 -36.52 -32.29 -2.70
N LEU P 55 -37.29 -31.24 -2.43
CA LEU P 55 -38.54 -31.33 -1.69
C LEU P 55 -39.56 -32.08 -2.53
N TRP P 56 -40.16 -33.13 -1.95
CA TRP P 56 -40.98 -34.07 -2.71
C TRP P 56 -42.25 -33.47 -3.32
N LYS P 57 -43.27 -33.10 -2.55
CA LYS P 57 -44.42 -32.49 -3.21
C LYS P 57 -44.68 -31.05 -2.78
N LEU P 58 -44.95 -30.86 -1.50
CA LEU P 58 -45.45 -29.61 -0.93
C LEU P 58 -44.70 -29.37 0.37
N PRO P 59 -44.92 -28.24 1.06
CA PRO P 59 -44.55 -28.17 2.49
C PRO P 59 -45.18 -29.26 3.38
N LEU P 60 -46.32 -29.87 3.00
CA LEU P 60 -46.89 -31.07 3.62
C LEU P 60 -47.28 -30.89 5.09
N PHE P 61 -48.36 -30.17 5.37
CA PHE P 61 -48.93 -30.15 6.73
C PHE P 61 -49.23 -31.55 7.23
N GLY P 62 -48.91 -31.81 8.50
CA GLY P 62 -49.27 -33.07 9.11
C GLY P 62 -50.66 -33.01 9.72
N ALA P 63 -51.07 -34.06 10.43
CA ALA P 63 -52.41 -34.06 11.01
C ALA P 63 -52.35 -34.85 12.32
N LYS P 64 -53.52 -35.23 12.84
CA LYS P 64 -53.63 -35.88 14.13
C LYS P 64 -53.09 -37.31 14.15
N THR P 65 -52.80 -37.91 13.00
CA THR P 65 -51.96 -39.09 12.93
C THR P 65 -50.87 -38.83 11.92
N SER P 66 -49.75 -39.54 12.07
CA SER P 66 -48.66 -39.46 11.11
C SER P 66 -48.77 -40.54 10.04
N ARG P 67 -49.94 -41.18 9.94
CA ARG P 67 -50.20 -42.10 8.84
C ARG P 67 -50.13 -41.39 7.50
N GLU P 68 -50.63 -40.15 7.45
CA GLU P 68 -50.65 -39.33 6.25
C GLU P 68 -49.35 -38.59 5.97
N VAL P 69 -48.27 -38.95 6.66
CA VAL P 69 -46.94 -38.49 6.26
C VAL P 69 -46.09 -39.65 5.73
N LEU P 70 -46.18 -40.83 6.35
CA LEU P 70 -45.50 -42.00 5.80
C LEU P 70 -46.20 -42.53 4.55
N ALA P 71 -47.52 -42.32 4.42
CA ALA P 71 -48.21 -42.76 3.22
C ALA P 71 -47.76 -41.99 1.99
N GLU P 72 -47.26 -40.78 2.18
CA GLU P 72 -46.62 -40.07 1.09
C GLU P 72 -45.16 -40.51 0.94
N VAL P 73 -44.53 -40.99 2.01
CA VAL P 73 -43.21 -41.61 1.89
C VAL P 73 -43.31 -42.95 1.16
N GLN P 74 -44.30 -43.78 1.53
CA GLN P 74 -44.49 -45.07 0.86
C GLN P 74 -44.89 -44.90 -0.60
N SER P 75 -45.57 -43.80 -0.93
CA SER P 75 -45.85 -43.49 -2.32
C SER P 75 -44.59 -43.10 -3.05
N CYS P 76 -43.63 -42.52 -2.32
CA CYS P 76 -42.34 -42.15 -2.90
C CYS P 76 -41.40 -43.34 -2.95
N ARG P 77 -41.57 -44.32 -2.06
CA ARG P 77 -40.84 -45.59 -2.20
C ARG P 77 -41.30 -46.35 -3.43
N SER P 78 -42.57 -46.22 -3.81
CA SER P 78 -43.05 -46.83 -5.04
C SER P 78 -42.75 -45.96 -6.25
N GLN P 79 -42.56 -44.65 -6.04
CA GLN P 79 -42.21 -43.76 -7.14
C GLN P 79 -40.72 -43.77 -7.41
N TYR P 80 -39.91 -43.54 -6.39
CA TYR P 80 -38.45 -43.52 -6.47
C TYR P 80 -37.88 -44.61 -5.57
N PRO P 81 -37.74 -45.85 -6.06
CA PRO P 81 -37.04 -46.88 -5.29
C PRO P 81 -35.53 -46.85 -5.42
N GLY P 82 -34.95 -45.77 -5.95
CA GLY P 82 -33.52 -45.66 -6.07
C GLY P 82 -32.97 -44.31 -5.65
N HIS P 83 -33.68 -43.62 -4.76
CA HIS P 83 -33.25 -42.33 -4.25
C HIS P 83 -33.20 -42.35 -2.73
N TYR P 84 -32.27 -41.59 -2.18
CA TYR P 84 -32.20 -41.39 -0.73
C TYR P 84 -33.38 -40.53 -0.32
N ILE P 85 -34.36 -41.13 0.34
CA ILE P 85 -35.56 -40.39 0.75
C ILE P 85 -35.34 -39.89 2.17
N ARG P 86 -35.79 -38.67 2.45
CA ARG P 86 -35.77 -38.16 3.82
C ARG P 86 -37.16 -37.90 4.34
N VAL P 87 -37.19 -37.57 5.64
CA VAL P 87 -38.28 -36.87 6.28
C VAL P 87 -37.66 -35.75 7.10
N VAL P 88 -38.01 -34.51 6.76
CA VAL P 88 -37.49 -33.33 7.46
C VAL P 88 -38.65 -32.57 8.09
N GLY P 89 -38.41 -32.00 9.26
CA GLY P 89 -39.41 -31.17 9.89
C GLY P 89 -39.02 -29.71 9.95
N PHE P 90 -39.95 -28.83 9.59
CA PHE P 90 -39.65 -27.41 9.42
C PHE P 90 -40.20 -26.67 10.64
N ASP P 91 -39.36 -25.87 11.29
CA ASP P 91 -39.80 -24.95 12.32
C ASP P 91 -40.03 -23.59 11.67
N ASN P 92 -41.07 -22.90 12.13
CA ASN P 92 -41.30 -21.52 11.75
C ASN P 92 -41.07 -20.58 12.92
N ILE P 93 -41.15 -21.08 14.16
CA ILE P 93 -40.80 -20.31 15.35
C ILE P 93 -39.32 -19.93 15.34
N LYS P 94 -38.44 -20.89 15.10
CA LYS P 94 -37.00 -20.65 15.09
C LYS P 94 -36.41 -20.52 13.70
N GLN P 95 -37.15 -20.90 12.65
CA GLN P 95 -36.76 -20.87 11.24
C GLN P 95 -35.47 -21.69 11.00
N CYS P 96 -35.63 -22.99 11.18
CA CYS P 96 -34.60 -23.98 10.92
C CYS P 96 -35.32 -25.31 10.81
N GLN P 97 -34.59 -26.33 10.36
CA GLN P 97 -35.17 -27.67 10.40
C GLN P 97 -34.98 -28.29 11.78
N ILE P 98 -36.00 -29.01 12.25
CA ILE P 98 -35.97 -29.60 13.57
C ILE P 98 -35.67 -31.09 13.46
N LEU P 99 -35.83 -31.65 12.26
CA LEU P 99 -35.30 -32.98 11.97
C LEU P 99 -34.83 -33.04 10.53
N SER P 100 -33.91 -33.97 10.29
CA SER P 100 -33.47 -34.34 8.95
C SER P 100 -32.88 -35.74 9.04
N PHE P 101 -33.61 -36.74 8.56
CA PHE P 101 -33.16 -38.11 8.69
C PHE P 101 -33.67 -38.91 7.50
N ILE P 102 -32.92 -39.94 7.12
CA ILE P 102 -33.21 -40.75 5.96
C ILE P 102 -34.12 -41.91 6.34
N VAL P 103 -35.25 -42.02 5.64
CA VAL P 103 -36.15 -43.16 5.81
C VAL P 103 -35.86 -44.28 4.82
N HIS P 104 -35.15 -44.01 3.73
CA HIS P 104 -35.01 -44.96 2.64
C HIS P 104 -33.75 -44.67 1.86
N LYS P 105 -33.00 -45.74 1.57
CA LYS P 105 -31.73 -45.71 0.86
C LYS P 105 -31.82 -46.61 -0.37
N PRO P 106 -31.05 -46.31 -1.43
CA PRO P 106 -31.03 -47.22 -2.58
C PRO P 106 -30.08 -48.41 -2.37
N ARG Q 22 -3.48 -41.42 40.00
CA ARG Q 22 -2.56 -40.36 39.59
C ARG Q 22 -1.31 -40.45 40.50
N LEU Q 23 -0.96 -39.34 41.17
CA LEU Q 23 0.23 -39.20 42.04
C LEU Q 23 1.53 -39.58 41.34
N THR Q 24 1.57 -39.38 40.03
CA THR Q 24 2.80 -39.34 39.26
C THR Q 24 3.13 -37.92 38.83
N TYR Q 25 2.31 -36.96 39.20
CA TYR Q 25 2.50 -35.55 38.91
C TYR Q 25 3.05 -34.78 40.11
N TYR Q 26 3.23 -35.43 41.23
CA TYR Q 26 3.91 -34.85 42.37
C TYR Q 26 5.24 -35.57 42.52
N THR Q 27 6.30 -34.97 41.98
CA THR Q 27 7.64 -35.51 42.02
C THR Q 27 8.48 -34.61 42.92
N PRO Q 28 8.58 -34.88 44.21
CA PRO Q 28 9.19 -33.90 45.12
C PRO Q 28 10.70 -33.86 45.05
N ASP Q 29 11.35 -34.80 44.38
CA ASP Q 29 12.79 -34.78 44.20
C ASP Q 29 13.20 -34.16 42.88
N TYR Q 30 12.26 -33.63 42.13
CA TYR Q 30 12.54 -32.99 40.85
C TYR Q 30 13.13 -31.64 41.11
N THR Q 31 14.45 -31.54 41.09
CA THR Q 31 15.07 -30.23 41.12
C THR Q 31 14.84 -29.61 39.75
N PRO Q 32 14.17 -28.47 39.66
CA PRO Q 32 13.64 -28.03 38.38
C PRO Q 32 14.72 -27.46 37.50
N LYS Q 33 14.58 -27.69 36.21
CA LYS Q 33 15.62 -27.29 35.28
C LYS Q 33 15.61 -25.78 35.11
N ASP Q 34 16.72 -25.26 34.62
CA ASP Q 34 16.83 -23.82 34.38
C ASP Q 34 16.08 -23.38 33.13
N THR Q 35 15.47 -24.32 32.42
CA THR Q 35 14.66 -24.04 31.27
C THR Q 35 13.18 -24.31 31.50
N ASP Q 36 12.81 -24.81 32.67
CA ASP Q 36 11.40 -25.01 32.98
C ASP Q 36 10.70 -23.68 33.21
N ILE Q 37 9.38 -23.73 33.21
CA ILE Q 37 8.58 -22.54 33.51
C ILE Q 37 7.83 -22.79 34.79
N LEU Q 38 8.41 -22.37 35.89
CA LEU Q 38 7.88 -22.70 37.20
C LEU Q 38 6.66 -21.84 37.48
N ALA Q 39 5.75 -22.39 38.28
CA ALA Q 39 4.56 -21.66 38.67
C ALA Q 39 4.27 -22.01 40.11
N ALA Q 40 4.06 -21.02 40.94
CA ALA Q 40 3.82 -21.21 42.36
C ALA Q 40 2.38 -20.88 42.65
N PHE Q 41 1.52 -21.89 42.66
CA PHE Q 41 0.13 -21.68 42.97
C PHE Q 41 -0.03 -21.44 44.46
N ARG Q 42 -1.24 -21.08 44.89
CA ARG Q 42 -1.54 -20.97 46.31
C ARG Q 42 -2.82 -21.77 46.50
N VAL Q 43 -2.68 -23.07 46.67
CA VAL Q 43 -3.84 -23.96 46.65
C VAL Q 43 -4.53 -23.88 48.00
N THR Q 44 -5.85 -23.79 48.01
CA THR Q 44 -6.67 -23.95 49.20
C THR Q 44 -7.58 -25.12 48.92
N PRO Q 45 -7.20 -26.34 49.25
CA PRO Q 45 -7.97 -27.50 48.82
C PRO Q 45 -9.24 -27.66 49.64
N GLN Q 46 -10.15 -28.45 49.09
CA GLN Q 46 -11.39 -28.80 49.77
C GLN Q 46 -11.08 -29.56 51.06
N PRO Q 47 -11.97 -29.54 52.05
CA PRO Q 47 -11.73 -30.32 53.26
C PRO Q 47 -11.72 -31.81 52.97
N GLY Q 48 -10.68 -32.47 53.49
CA GLY Q 48 -10.46 -33.87 53.23
C GLY Q 48 -9.47 -34.16 52.13
N VAL Q 49 -9.21 -33.21 51.25
CA VAL Q 49 -8.22 -33.39 50.19
C VAL Q 49 -6.83 -33.22 50.79
N PRO Q 50 -5.96 -34.23 50.70
CA PRO Q 50 -4.61 -34.08 51.23
C PRO Q 50 -3.76 -33.20 50.34
N PHE Q 51 -2.68 -32.68 50.90
CA PHE Q 51 -1.89 -31.69 50.19
C PHE Q 51 -1.06 -32.28 49.07
N GLU Q 52 -0.67 -33.54 49.16
CA GLU Q 52 0.05 -34.13 48.04
C GLU Q 52 -0.88 -34.37 46.86
N GLU Q 53 -2.15 -34.64 47.12
CA GLU Q 53 -3.04 -35.03 46.04
C GLU Q 53 -3.57 -33.83 45.27
N ALA Q 54 -3.80 -32.70 45.95
CA ALA Q 54 -4.20 -31.50 45.23
C ALA Q 54 -3.04 -30.86 44.50
N ALA Q 55 -1.84 -30.96 45.04
CA ALA Q 55 -0.68 -30.41 44.36
C ALA Q 55 -0.30 -31.24 43.15
N ALA Q 56 -0.60 -32.53 43.16
CA ALA Q 56 -0.50 -33.31 41.95
C ALA Q 56 -1.67 -33.06 41.03
N ALA Q 57 -2.71 -32.40 41.53
CA ALA Q 57 -3.88 -32.13 40.70
C ALA Q 57 -3.88 -30.72 40.15
N VAL Q 58 -3.19 -29.77 40.81
CA VAL Q 58 -2.98 -28.49 40.16
C VAL Q 58 -1.90 -28.57 39.11
N ALA Q 59 -1.09 -29.63 39.15
CA ALA Q 59 -0.18 -29.95 38.08
C ALA Q 59 -0.80 -30.89 37.07
N ALA Q 60 -1.96 -31.47 37.37
CA ALA Q 60 -2.57 -32.41 36.46
C ALA Q 60 -3.33 -31.72 35.36
N GLU Q 61 -4.43 -31.04 35.72
CA GLU Q 61 -5.28 -30.47 34.69
C GLU Q 61 -4.75 -29.19 34.12
N SER Q 62 -3.66 -28.67 34.64
CA SER Q 62 -3.00 -27.57 33.97
C SER Q 62 -2.12 -28.07 32.83
N SER Q 63 -1.63 -29.30 32.90
CA SER Q 63 -0.84 -29.74 31.76
C SER Q 63 -1.45 -30.90 30.99
N THR Q 64 -1.61 -32.07 31.62
CA THR Q 64 -2.18 -33.25 30.98
C THR Q 64 -3.06 -33.95 31.98
N GLY Q 65 -4.39 -33.89 31.79
CA GLY Q 65 -5.33 -34.55 32.65
C GLY Q 65 -5.19 -36.07 32.57
N THR Q 66 -5.71 -36.71 33.61
CA THR Q 66 -5.54 -38.16 33.78
C THR Q 66 -6.34 -38.99 32.79
N THR Q 76 2.31 -40.85 23.54
CA THR Q 76 3.35 -39.88 23.84
C THR Q 76 4.04 -40.17 25.16
N ASP Q 77 5.31 -39.81 25.23
CA ASP Q 77 5.99 -39.78 26.52
C ASP Q 77 5.41 -38.67 27.39
N LEU Q 78 4.87 -39.05 28.54
CA LEU Q 78 4.47 -38.06 29.52
C LEU Q 78 5.54 -37.81 30.57
N ASP Q 79 6.71 -38.40 30.42
CA ASP Q 79 7.86 -38.09 31.26
C ASP Q 79 8.58 -36.85 30.75
N ARG Q 80 8.11 -36.28 29.67
CA ARG Q 80 8.76 -35.14 29.04
C ARG Q 80 7.85 -33.92 28.90
N TYR Q 81 6.52 -34.09 28.92
CA TYR Q 81 5.59 -33.00 28.69
C TYR Q 81 4.58 -32.85 29.82
N LYS Q 82 4.88 -33.32 31.01
CA LYS Q 82 3.94 -33.13 32.11
C LYS Q 82 4.40 -31.96 32.96
N GLY Q 83 3.44 -31.17 33.41
CA GLY Q 83 3.70 -30.21 34.45
C GLY Q 83 3.66 -30.96 35.75
N ARG Q 84 4.71 -30.84 36.54
CA ARG Q 84 4.86 -31.68 37.72
C ARG Q 84 5.13 -30.80 38.92
N CYS Q 85 4.54 -31.17 40.05
CA CYS Q 85 4.79 -30.47 41.28
C CYS Q 85 6.05 -30.98 41.93
N TYR Q 86 6.82 -30.08 42.51
CA TYR Q 86 8.07 -30.52 43.11
C TYR Q 86 8.30 -30.00 44.51
N ASP Q 87 7.39 -29.21 45.07
CA ASP Q 87 7.53 -28.77 46.45
C ASP Q 87 6.15 -28.39 46.96
N ILE Q 88 5.94 -28.51 48.26
CA ILE Q 88 4.65 -28.22 48.88
C ILE Q 88 4.66 -26.85 49.56
N GLU Q 89 5.52 -26.68 50.59
CA GLU Q 89 5.69 -25.45 51.38
C GLU Q 89 4.38 -24.89 51.90
N PRO Q 90 3.83 -25.44 52.99
CA PRO Q 90 2.58 -24.91 53.53
C PRO Q 90 2.72 -23.47 53.96
N VAL Q 91 1.63 -22.71 53.80
CA VAL Q 91 1.61 -21.29 54.14
C VAL Q 91 1.78 -21.14 55.64
N PRO Q 92 2.80 -20.42 56.08
CA PRO Q 92 3.00 -20.25 57.52
C PRO Q 92 1.95 -19.33 58.11
N GLY Q 93 1.42 -19.72 59.26
CA GLY Q 93 0.38 -18.98 59.91
C GLY Q 93 -1.02 -19.34 59.48
N GLU Q 94 -1.19 -20.41 58.71
CA GLU Q 94 -2.51 -20.75 58.21
C GLU Q 94 -2.53 -22.22 57.81
N ASP Q 95 -3.57 -22.92 58.23
CA ASP Q 95 -3.79 -24.31 57.83
C ASP Q 95 -4.62 -24.33 56.56
N ASN Q 96 -4.73 -25.52 55.96
CA ASN Q 96 -5.59 -25.81 54.81
C ASN Q 96 -5.23 -24.94 53.60
N GLN Q 97 -3.94 -24.64 53.46
CA GLN Q 97 -3.49 -23.81 52.35
C GLN Q 97 -1.99 -24.00 52.18
N PHE Q 98 -1.53 -24.10 50.94
CA PHE Q 98 -0.12 -24.35 50.67
C PHE Q 98 0.24 -23.74 49.32
N ILE Q 99 1.51 -23.81 48.96
CA ILE Q 99 2.05 -23.09 47.81
C ILE Q 99 2.69 -24.11 46.89
N ALA Q 100 1.91 -24.66 45.96
CA ALA Q 100 2.33 -25.79 45.15
C ALA Q 100 3.19 -25.33 44.00
N TYR Q 101 4.49 -25.62 44.04
CA TYR Q 101 5.41 -25.18 42.99
C TYR Q 101 5.33 -26.15 41.83
N ILE Q 102 4.78 -25.72 40.72
CA ILE Q 102 4.62 -26.58 39.56
C ILE Q 102 5.73 -26.25 38.58
N ALA Q 103 6.23 -27.24 37.86
CA ALA Q 103 7.40 -27.09 37.00
C ALA Q 103 7.05 -27.51 35.59
N TYR Q 104 6.53 -26.63 34.84
CA TYR Q 104 6.15 -26.94 33.47
C TYR Q 104 7.38 -26.95 32.58
N PRO Q 105 7.45 -27.85 31.60
CA PRO Q 105 8.59 -27.86 30.71
C PRO Q 105 8.52 -26.69 29.75
N LEU Q 106 9.64 -26.42 29.08
CA LEU Q 106 9.67 -25.30 28.17
C LEU Q 106 8.91 -25.59 26.90
N ASP Q 107 9.14 -26.76 26.33
CA ASP Q 107 8.60 -27.09 25.01
C ASP Q 107 7.14 -27.42 25.03
N LEU Q 108 6.43 -27.16 26.11
CA LEU Q 108 4.99 -27.23 26.13
C LEU Q 108 4.37 -25.95 25.59
N PHE Q 109 5.12 -24.85 25.63
CA PHE Q 109 4.60 -23.50 25.48
C PHE Q 109 5.09 -22.87 24.18
N GLU Q 110 4.32 -21.91 23.69
CA GLU Q 110 4.59 -21.27 22.42
C GLU Q 110 5.64 -20.19 22.56
N GLU Q 111 6.60 -20.19 21.63
CA GLU Q 111 7.63 -19.16 21.59
C GLU Q 111 7.01 -17.81 21.33
N GLY Q 112 6.99 -16.95 22.32
CA GLY Q 112 6.56 -15.60 22.11
C GLY Q 112 5.11 -15.34 22.42
N SER Q 113 4.43 -16.27 23.10
CA SER Q 113 3.00 -16.15 23.37
C SER Q 113 2.73 -16.23 24.85
N ILE Q 114 2.24 -15.12 25.42
CA ILE Q 114 1.82 -15.10 26.81
C ILE Q 114 0.35 -15.41 26.94
N THR Q 115 -0.38 -15.42 25.83
CA THR Q 115 -1.71 -15.99 25.87
C THR Q 115 -1.70 -17.50 25.76
N ASN Q 116 -0.54 -18.14 25.56
CA ASN Q 116 -0.44 -19.58 25.66
C ASN Q 116 0.11 -20.00 27.01
N VAL Q 117 0.76 -19.11 27.74
CA VAL Q 117 1.11 -19.44 29.11
C VAL Q 117 -0.13 -19.43 29.98
N LEU Q 118 -0.98 -18.43 29.81
CA LEU Q 118 -2.19 -18.38 30.60
C LEU Q 118 -3.27 -19.33 30.09
N THR Q 119 -3.19 -19.78 28.85
CA THR Q 119 -4.11 -20.82 28.43
C THR Q 119 -3.67 -22.15 28.98
N SER Q 120 -2.37 -22.36 29.08
CA SER Q 120 -1.86 -23.63 29.54
C SER Q 120 -1.91 -23.72 31.04
N ILE Q 121 -1.27 -22.78 31.72
CA ILE Q 121 -1.11 -22.86 33.17
C ILE Q 121 -2.44 -22.64 33.88
N VAL Q 122 -3.03 -21.47 33.71
CA VAL Q 122 -4.24 -21.12 34.43
C VAL Q 122 -5.48 -21.32 33.58
N GLY Q 123 -5.39 -22.15 32.55
CA GLY Q 123 -6.58 -22.41 31.76
C GLY Q 123 -7.64 -23.23 32.45
N ASN Q 124 -7.38 -24.50 32.71
CA ASN Q 124 -8.39 -25.41 33.20
C ASN Q 124 -8.00 -25.97 34.57
N VAL Q 125 -7.32 -25.16 35.38
CA VAL Q 125 -6.86 -25.61 36.69
C VAL Q 125 -7.57 -24.92 37.83
N PHE Q 126 -8.14 -23.73 37.63
CA PHE Q 126 -8.77 -23.06 38.75
C PHE Q 126 -10.16 -23.60 39.00
N GLY Q 127 -10.75 -24.22 38.00
CA GLY Q 127 -12.07 -24.80 38.11
C GLY Q 127 -12.07 -26.24 38.55
N PHE Q 128 -10.92 -26.77 38.93
CA PHE Q 128 -10.85 -28.15 39.38
C PHE Q 128 -11.57 -28.29 40.71
N LYS Q 129 -12.38 -29.33 40.84
CA LYS Q 129 -13.41 -29.36 41.86
C LYS Q 129 -12.91 -29.73 43.24
N ALA Q 130 -11.70 -30.28 43.36
CA ALA Q 130 -11.15 -30.65 44.66
C ALA Q 130 -10.32 -29.54 45.27
N LEU Q 131 -10.62 -28.30 44.92
CA LEU Q 131 -9.86 -27.11 45.29
C LEU Q 131 -10.85 -26.02 45.61
N ARG Q 132 -10.81 -25.51 46.84
CA ARG Q 132 -11.77 -24.49 47.21
C ARG Q 132 -11.39 -23.15 46.62
N ALA Q 133 -10.10 -22.86 46.54
CA ALA Q 133 -9.63 -21.62 45.95
C ALA Q 133 -8.20 -21.82 45.51
N LEU Q 134 -7.91 -21.54 44.26
CA LEU Q 134 -6.56 -21.70 43.72
C LEU Q 134 -6.09 -20.36 43.20
N ARG Q 135 -4.93 -19.91 43.67
CA ARG Q 135 -4.39 -18.61 43.31
C ARG Q 135 -2.99 -18.75 42.76
N LEU Q 136 -2.75 -18.25 41.56
CA LEU Q 136 -1.42 -18.26 41.00
C LEU Q 136 -0.64 -17.10 41.60
N GLU Q 137 0.27 -17.40 42.52
CA GLU Q 137 1.02 -16.33 43.16
C GLU Q 137 2.10 -15.79 42.25
N ASP Q 138 3.06 -16.62 41.86
CA ASP Q 138 4.19 -16.17 41.08
C ASP Q 138 4.50 -17.21 40.02
N ILE Q 139 5.33 -16.82 39.08
CA ILE Q 139 5.67 -17.65 37.92
C ILE Q 139 7.09 -17.30 37.51
N ARG Q 140 7.85 -18.26 37.03
CA ARG Q 140 9.22 -17.99 36.64
C ARG Q 140 9.38 -18.29 35.16
N PHE Q 141 9.31 -17.27 34.36
CA PHE Q 141 9.71 -17.40 32.98
C PHE Q 141 11.22 -17.47 32.96
N PRO Q 142 11.82 -18.48 32.36
CA PRO Q 142 13.27 -18.62 32.39
C PRO Q 142 13.92 -17.68 31.39
N VAL Q 143 15.25 -17.67 31.40
CA VAL Q 143 16.01 -16.97 30.39
C VAL Q 143 15.75 -17.55 29.01
N ALA Q 144 15.41 -18.85 28.94
CA ALA Q 144 15.15 -19.52 27.68
C ALA Q 144 13.88 -19.06 27.02
N TYR Q 145 12.91 -18.58 27.79
CA TYR Q 145 11.60 -18.24 27.26
C TYR Q 145 11.35 -16.76 27.26
N ILE Q 146 12.10 -15.99 28.04
CA ILE Q 146 12.03 -14.54 27.96
C ILE Q 146 12.63 -14.06 26.64
N LYS Q 147 13.61 -14.77 26.10
CA LYS Q 147 14.22 -14.34 24.85
C LYS Q 147 13.31 -14.52 23.66
N THR Q 148 12.29 -15.37 23.74
CA THR Q 148 11.33 -15.47 22.65
C THR Q 148 10.42 -14.27 22.57
N PHE Q 149 10.18 -13.58 23.69
CA PHE Q 149 9.29 -12.45 23.73
C PHE Q 149 9.98 -11.19 23.27
N GLN Q 150 9.22 -10.12 23.19
CA GLN Q 150 9.78 -8.84 22.82
C GLN Q 150 10.26 -8.05 24.01
N GLY Q 151 9.59 -8.18 25.12
CA GLY Q 151 9.80 -7.31 26.23
C GLY Q 151 8.99 -6.07 26.00
N PRO Q 152 9.28 -5.02 26.74
CA PRO Q 152 8.69 -3.74 26.46
C PRO Q 152 9.18 -3.20 25.14
N PRO Q 153 8.42 -2.34 24.49
CA PRO Q 153 8.97 -1.59 23.36
C PRO Q 153 10.20 -0.81 23.74
N HIS Q 154 10.14 -0.06 24.82
CA HIS Q 154 11.23 0.77 25.27
C HIS Q 154 11.30 0.57 26.78
N GLY Q 155 12.48 0.46 27.31
CA GLY Q 155 12.61 0.16 28.72
C GLY Q 155 12.35 1.31 29.65
N ILE Q 156 13.13 1.34 30.72
CA ILE Q 156 13.28 2.55 31.49
C ILE Q 156 14.29 3.45 30.82
N GLN Q 157 15.41 2.86 30.40
CA GLN Q 157 16.50 3.67 29.88
C GLN Q 157 16.15 4.21 28.51
N VAL Q 158 15.43 3.44 27.70
CA VAL Q 158 15.18 3.90 26.35
C VAL Q 158 14.06 4.90 26.34
N GLU Q 159 13.08 4.70 27.20
CA GLU Q 159 11.99 5.67 27.34
C GLU Q 159 12.48 7.01 27.82
N ARG Q 160 13.30 7.03 28.88
CA ARG Q 160 13.82 8.30 29.38
C ARG Q 160 14.75 8.97 28.40
N ASP Q 161 15.42 8.21 27.54
CA ASP Q 161 16.21 8.86 26.50
C ASP Q 161 15.33 9.52 25.46
N LYS Q 162 14.20 8.92 25.13
CA LYS Q 162 13.29 9.49 24.15
C LYS Q 162 12.59 10.72 24.70
N LEU Q 163 12.30 10.74 25.99
CA LEU Q 163 11.59 11.85 26.60
C LEU Q 163 12.53 12.92 27.13
N ASN Q 164 13.82 12.60 27.27
CA ASN Q 164 14.85 13.48 27.82
C ASN Q 164 14.46 13.95 29.22
N LYS Q 165 13.91 13.03 30.02
CA LYS Q 165 13.48 13.32 31.38
C LYS Q 165 14.28 12.45 32.34
N TYR Q 166 15.27 13.02 33.01
CA TYR Q 166 16.23 12.22 33.75
C TYR Q 166 16.24 12.55 35.23
N GLY Q 167 16.46 11.53 36.04
CA GLY Q 167 16.78 11.71 37.44
C GLY Q 167 15.63 12.13 38.32
N ARG Q 168 14.40 11.93 37.89
CA ARG Q 168 13.25 12.25 38.71
C ARG Q 168 12.12 11.35 38.29
N PRO Q 169 11.20 11.01 39.19
CA PRO Q 169 10.02 10.28 38.77
C PRO Q 169 9.06 11.21 38.06
N LEU Q 170 8.49 10.74 36.97
CA LEU Q 170 7.67 11.53 36.08
C LEU Q 170 6.31 11.84 36.72
N LEU Q 171 5.44 12.52 36.00
CA LEU Q 171 4.19 12.96 36.59
C LEU Q 171 3.00 12.56 35.74
N GLY Q 172 1.81 12.81 36.29
CA GLY Q 172 0.60 12.61 35.54
C GLY Q 172 -0.64 13.16 36.22
N CYS Q 173 -1.49 13.85 35.47
CA CYS Q 173 -2.88 14.02 35.83
C CYS Q 173 -3.65 12.83 35.32
N THR Q 174 -4.84 12.66 35.86
CA THR Q 174 -5.90 11.94 35.22
C THR Q 174 -7.04 12.94 35.10
N ILE Q 175 -7.56 13.12 33.88
CA ILE Q 175 -8.44 14.25 33.61
C ILE Q 175 -9.78 14.01 34.29
N LYS Q 176 -10.01 14.72 35.39
CA LYS Q 176 -11.31 14.66 36.00
C LYS Q 176 -12.15 15.87 35.60
N PRO Q 177 -13.43 15.70 35.23
CA PRO Q 177 -14.28 14.51 35.26
C PRO Q 177 -13.93 13.54 34.18
N LYS Q 178 -14.22 12.25 34.41
CA LYS Q 178 -13.93 11.27 33.39
C LYS Q 178 -14.79 11.49 32.16
N LEU Q 179 -16.08 11.35 32.35
CA LEU Q 179 -17.04 11.24 31.27
C LEU Q 179 -17.65 12.60 30.97
N GLY Q 180 -18.04 12.77 29.73
CA GLY Q 180 -18.83 13.90 29.35
C GLY Q 180 -18.08 14.99 28.63
N LEU Q 181 -16.79 15.15 28.94
CA LEU Q 181 -15.99 16.23 28.35
C LEU Q 181 -15.85 16.01 26.87
N SER Q 182 -16.31 16.98 26.09
CA SER Q 182 -16.14 17.00 24.66
C SER Q 182 -14.67 17.05 24.34
N ALA Q 183 -14.35 16.68 23.09
CA ALA Q 183 -12.98 16.39 22.70
C ALA Q 183 -12.06 17.58 22.83
N LYS Q 184 -12.59 18.79 22.71
CA LYS Q 184 -11.76 19.98 22.89
C LYS Q 184 -11.72 20.41 24.35
N ASN Q 185 -12.84 20.34 25.06
CA ASN Q 185 -12.83 20.67 26.48
C ASN Q 185 -12.05 19.63 27.26
N TYR Q 186 -11.98 18.41 26.75
CA TYR Q 186 -11.03 17.44 27.27
C TYR Q 186 -9.61 17.84 26.94
N GLY Q 187 -9.38 18.33 25.73
CA GLY Q 187 -8.05 18.78 25.37
C GLY Q 187 -7.63 20.04 26.10
N ARG Q 188 -8.59 20.88 26.46
CA ARG Q 188 -8.27 22.08 27.22
C ARG Q 188 -7.88 21.73 28.65
N ALA Q 189 -8.46 20.69 29.21
CA ALA Q 189 -8.02 20.22 30.51
C ALA Q 189 -6.69 19.48 30.43
N VAL Q 190 -6.33 18.98 29.26
CA VAL Q 190 -5.02 18.37 29.07
C VAL Q 190 -3.96 19.46 28.95
N TYR Q 191 -4.29 20.50 28.19
CA TYR Q 191 -3.39 21.64 28.07
C TYR Q 191 -3.18 22.32 29.40
N GLU Q 192 -4.18 22.31 30.25
CA GLU Q 192 -4.06 23.02 31.51
C GLU Q 192 -3.21 22.24 32.50
N CYS Q 193 -3.36 20.92 32.55
CA CYS Q 193 -2.45 20.11 33.37
C CYS Q 193 -1.04 20.15 32.83
N LEU Q 194 -0.85 19.99 31.52
CA LEU Q 194 0.50 19.90 30.98
C LEU Q 194 1.23 21.24 30.95
N ARG Q 195 0.55 22.37 31.11
CA ARG Q 195 1.27 23.63 31.30
C ARG Q 195 2.03 23.65 32.61
N GLY Q 196 1.43 23.12 33.65
CA GLY Q 196 2.02 23.25 34.97
C GLY Q 196 3.13 22.27 35.25
N GLY Q 197 3.97 21.99 34.28
CA GLY Q 197 5.11 21.14 34.53
C GLY Q 197 4.79 19.70 34.68
N LEU Q 198 3.64 19.27 34.24
CA LEU Q 198 3.28 17.89 34.36
C LEU Q 198 3.79 17.17 33.14
N ASP Q 199 4.39 15.99 33.34
CA ASP Q 199 4.99 15.32 32.22
C ASP Q 199 3.94 14.70 31.32
N PHE Q 200 3.14 13.81 31.86
CA PHE Q 200 2.15 13.10 31.07
C PHE Q 200 0.76 13.40 31.60
N THR Q 201 -0.24 12.99 30.83
CA THR Q 201 -1.62 13.17 31.22
C THR Q 201 -2.42 12.00 30.71
N LYS Q 202 -3.07 11.29 31.60
CA LYS Q 202 -3.62 10.00 31.27
C LYS Q 202 -5.01 10.15 30.67
N ASP Q 203 -5.27 9.39 29.63
CA ASP Q 203 -6.64 9.20 29.18
C ASP Q 203 -7.26 8.10 30.02
N ASP Q 204 -8.57 8.16 30.22
CA ASP Q 204 -9.18 7.27 31.20
C ASP Q 204 -9.26 5.84 30.68
N GLU Q 205 -9.71 4.96 31.56
CA GLU Q 205 -10.03 3.59 31.16
C GLU Q 205 -11.18 3.58 30.17
N ASN Q 206 -12.32 4.07 30.59
CA ASN Q 206 -13.55 3.97 29.86
C ASN Q 206 -13.71 5.05 28.81
N ILE Q 207 -12.65 5.74 28.46
CA ILE Q 207 -12.68 6.67 27.36
C ILE Q 207 -11.91 6.01 26.23
N ASN Q 208 -12.63 5.32 25.34
CA ASN Q 208 -12.03 4.85 24.10
C ASN Q 208 -12.60 5.63 22.93
N SER Q 209 -13.90 5.53 22.70
CA SER Q 209 -14.64 6.47 21.90
C SER Q 209 -16.09 6.28 22.31
N ALA Q 210 -16.82 7.37 22.37
CA ALA Q 210 -18.17 7.35 22.89
C ALA Q 210 -18.88 8.55 22.31
N PRO Q 211 -20.21 8.52 22.17
CA PRO Q 211 -20.88 9.51 21.28
C PRO Q 211 -20.73 10.98 21.69
N PHE Q 212 -20.20 11.27 22.87
CA PHE Q 212 -19.82 12.62 23.24
C PHE Q 212 -18.38 12.96 22.89
N GLN Q 213 -17.54 11.96 22.64
CA GLN Q 213 -16.12 12.17 22.44
C GLN Q 213 -15.54 11.02 21.64
N ARG Q 214 -15.34 11.22 20.35
CA ARG Q 214 -14.78 10.19 19.50
C ARG Q 214 -13.27 10.23 19.59
N TRP Q 215 -12.64 9.09 19.32
CA TRP Q 215 -11.20 9.01 19.47
C TRP Q 215 -10.47 9.84 18.44
N ARG Q 216 -11.04 9.97 17.23
CA ARG Q 216 -10.39 10.71 16.16
C ARG Q 216 -10.30 12.17 16.51
N ASP Q 217 -11.27 12.66 17.27
CA ASP Q 217 -11.35 14.04 17.70
C ASP Q 217 -10.80 14.22 19.09
N ARG Q 218 -10.86 13.21 19.94
CA ARG Q 218 -10.07 13.29 21.17
C ARG Q 218 -8.59 13.31 20.87
N PHE Q 219 -8.12 12.51 19.91
CA PHE Q 219 -6.69 12.46 19.65
C PHE Q 219 -6.22 13.71 18.95
N LEU Q 220 -7.09 14.35 18.20
CA LEU Q 220 -6.71 15.57 17.49
C LEU Q 220 -6.56 16.72 18.45
N PHE Q 221 -7.55 16.93 19.30
CA PHE Q 221 -7.55 18.06 20.20
C PHE Q 221 -6.69 17.86 21.41
N VAL Q 222 -6.14 16.67 21.61
CA VAL Q 222 -5.12 16.43 22.60
C VAL Q 222 -3.74 16.66 22.04
N ALA Q 223 -3.49 16.19 20.82
CA ALA Q 223 -2.22 16.47 20.17
C ALA Q 223 -2.08 17.93 19.77
N ASP Q 224 -3.18 18.67 19.72
CA ASP Q 224 -3.10 20.12 19.59
C ASP Q 224 -2.97 20.81 20.93
N ALA Q 225 -3.17 20.10 22.03
CA ALA Q 225 -2.91 20.62 23.36
C ALA Q 225 -1.55 20.21 23.87
N ILE Q 226 -0.88 19.29 23.21
CA ILE Q 226 0.48 18.92 23.57
C ILE Q 226 1.47 19.80 22.86
N THR Q 227 1.25 20.05 21.57
CA THR Q 227 2.15 20.95 20.85
C THR Q 227 2.02 22.39 21.31
N LYS Q 228 1.00 22.75 22.07
CA LYS Q 228 1.04 24.05 22.70
C LYS Q 228 1.71 23.97 24.08
N ALA Q 229 1.45 22.92 24.83
CA ALA Q 229 2.07 22.77 26.13
C ALA Q 229 3.52 22.32 26.07
N GLN Q 230 3.98 21.82 24.93
CA GLN Q 230 5.39 21.56 24.73
C GLN Q 230 6.10 22.76 24.13
N ALA Q 231 5.39 23.63 23.43
CA ALA Q 231 6.01 24.85 22.96
C ALA Q 231 6.09 25.90 24.05
N GLU Q 232 5.09 25.97 24.92
CA GLU Q 232 5.11 26.86 26.06
C GLU Q 232 6.23 26.52 27.03
N THR Q 233 6.18 25.36 27.65
CA THR Q 233 7.27 24.83 28.44
C THR Q 233 7.95 23.77 27.60
N GLY Q 234 9.24 23.96 27.33
CA GLY Q 234 9.93 23.22 26.29
C GLY Q 234 10.09 21.73 26.51
N GLU Q 235 9.65 21.21 27.66
CA GLU Q 235 9.80 19.80 28.00
C GLU Q 235 8.96 18.94 27.08
N ILE Q 236 9.34 17.67 26.93
CA ILE Q 236 8.61 16.79 26.00
C ILE Q 236 7.33 16.33 26.70
N LYS Q 237 6.23 16.99 26.38
CA LYS Q 237 4.97 16.65 27.02
C LYS Q 237 4.30 15.55 26.23
N GLY Q 238 3.53 14.71 26.93
CA GLY Q 238 2.88 13.59 26.29
C GLY Q 238 1.54 13.33 26.95
N HIS Q 239 0.76 12.47 26.31
CA HIS Q 239 -0.56 12.13 26.78
C HIS Q 239 -0.78 10.68 26.42
N TYR Q 240 -1.30 9.91 27.36
CA TYR Q 240 -1.45 8.47 27.19
C TYR Q 240 -2.71 8.24 26.38
N LEU Q 241 -2.63 8.41 25.08
CA LEU Q 241 -3.83 8.32 24.24
C LEU Q 241 -4.37 6.90 24.21
N ASN Q 242 -5.59 6.71 24.66
CA ASN Q 242 -6.18 5.39 24.86
C ASN Q 242 -6.52 4.78 23.52
N VAL Q 243 -5.80 3.74 23.13
CA VAL Q 243 -6.04 3.08 21.86
C VAL Q 243 -6.78 1.76 22.05
N THR Q 244 -7.32 1.50 23.22
CA THR Q 244 -8.08 0.29 23.45
C THR Q 244 -9.34 0.32 22.59
N ALA Q 245 -9.57 -0.72 21.82
CA ALA Q 245 -10.59 -0.66 20.78
C ALA Q 245 -11.32 -1.99 20.74
N PRO Q 246 -12.48 -2.05 20.08
CA PRO Q 246 -13.14 -3.34 19.91
C PRO Q 246 -12.37 -4.37 19.12
N THR Q 247 -11.77 -4.01 17.99
CA THR Q 247 -11.03 -4.96 17.19
C THR Q 247 -9.57 -4.57 17.13
N CYS Q 248 -8.72 -5.52 16.75
CA CYS Q 248 -7.31 -5.21 16.54
C CYS Q 248 -7.07 -4.42 15.26
N GLU Q 249 -8.05 -4.32 14.37
CA GLU Q 249 -7.92 -3.41 13.24
C GLU Q 249 -8.27 -2.00 13.64
N GLU Q 250 -9.21 -1.86 14.57
CA GLU Q 250 -9.60 -0.56 15.08
C GLU Q 250 -8.68 -0.10 16.18
N MET Q 251 -7.77 -0.97 16.64
CA MET Q 251 -6.79 -0.58 17.64
C MET Q 251 -5.53 -0.06 16.98
N LEU Q 252 -5.15 -0.65 15.87
CA LEU Q 252 -3.95 -0.21 15.20
C LEU Q 252 -4.23 1.01 14.35
N LYS Q 253 -5.44 1.14 13.81
CA LYS Q 253 -5.76 2.41 13.15
C LYS Q 253 -6.05 3.51 14.12
N ARG Q 254 -6.17 3.19 15.40
CA ARG Q 254 -6.23 4.15 16.47
C ARG Q 254 -4.85 4.44 17.01
N ALA Q 255 -3.90 3.56 16.77
CA ALA Q 255 -2.52 3.82 17.14
C ALA Q 255 -1.70 4.35 15.98
N GLU Q 256 -2.00 3.93 14.74
CA GLU Q 256 -1.39 4.57 13.58
C GLU Q 256 -1.82 6.01 13.41
N TYR Q 257 -2.90 6.43 14.05
CA TYR Q 257 -3.24 7.84 14.02
C TYR Q 257 -2.53 8.60 15.12
N ALA Q 258 -2.32 7.99 16.28
CA ALA Q 258 -1.48 8.64 17.27
C ALA Q 258 -0.02 8.63 16.85
N LYS Q 259 0.40 7.72 15.98
CA LYS Q 259 1.72 7.84 15.40
C LYS Q 259 1.82 9.05 14.50
N GLU Q 260 0.81 9.29 13.67
CA GLU Q 260 0.88 10.38 12.70
C GLU Q 260 0.41 11.71 13.24
N LEU Q 261 0.14 11.79 14.54
CA LEU Q 261 0.13 13.06 15.24
C LEU Q 261 1.46 13.33 15.91
N LYS Q 262 2.44 12.45 15.69
CA LYS Q 262 3.79 12.51 16.25
C LYS Q 262 3.75 12.47 17.78
N GLN Q 263 2.87 11.63 18.31
CA GLN Q 263 2.67 11.50 19.75
C GLN Q 263 3.72 10.59 20.36
N PRO Q 264 4.20 10.91 21.55
CA PRO Q 264 5.27 10.12 22.14
C PRO Q 264 4.78 8.81 22.73
N ILE Q 265 3.52 8.75 23.15
CA ILE Q 265 3.05 7.64 23.98
C ILE Q 265 1.59 7.39 23.69
N ILE Q 266 1.19 6.12 23.79
CA ILE Q 266 -0.21 5.70 23.82
C ILE Q 266 -0.40 4.85 25.05
N MET Q 267 -1.63 4.37 25.26
CA MET Q 267 -1.91 3.51 26.38
C MET Q 267 -2.90 2.45 25.97
N HIS Q 268 -3.00 1.41 26.79
CA HIS Q 268 -3.77 0.24 26.40
C HIS Q 268 -4.19 -0.50 27.65
N ASP Q 269 -5.48 -0.77 27.79
CA ASP Q 269 -6.02 -1.52 28.92
C ASP Q 269 -5.81 -2.99 28.61
N TYR Q 270 -4.78 -3.60 29.17
CA TYR Q 270 -4.26 -4.83 28.62
C TYR Q 270 -4.98 -6.07 29.10
N LEU Q 271 -5.87 -5.96 30.07
CA LEU Q 271 -6.59 -7.13 30.55
C LEU Q 271 -8.03 -7.18 30.09
N THR Q 272 -8.62 -6.06 29.70
CA THR Q 272 -9.88 -6.14 29.00
C THR Q 272 -9.67 -6.42 27.51
N ALA Q 273 -8.61 -5.86 26.93
CA ALA Q 273 -8.27 -6.12 25.55
C ALA Q 273 -7.43 -7.37 25.36
N GLY Q 274 -6.81 -7.86 26.41
CA GLY Q 274 -6.19 -9.16 26.36
C GLY Q 274 -4.73 -9.13 25.96
N PHE Q 275 -4.12 -10.29 26.01
CA PHE Q 275 -2.71 -10.45 25.70
C PHE Q 275 -2.44 -10.78 24.25
N THR Q 276 -3.46 -10.88 23.42
CA THR Q 276 -3.20 -10.98 21.99
C THR Q 276 -3.26 -9.60 21.37
N ALA Q 277 -4.12 -8.73 21.87
CA ALA Q 277 -4.14 -7.37 21.37
C ALA Q 277 -3.01 -6.55 21.94
N ASN Q 278 -2.62 -6.81 23.18
CA ASN Q 278 -1.51 -6.09 23.77
C ASN Q 278 -0.20 -6.49 23.12
N THR Q 279 -0.01 -7.78 22.86
CA THR Q 279 1.20 -8.23 22.19
C THR Q 279 1.23 -7.79 20.74
N THR Q 280 0.06 -7.58 20.13
CA THR Q 280 -0.01 -6.99 18.82
C THR Q 280 0.45 -5.55 18.84
N LEU Q 281 0.08 -4.83 19.88
CA LEU Q 281 0.41 -3.43 20.04
C LEU Q 281 1.80 -3.22 20.58
N ALA Q 282 2.28 -4.15 21.40
CA ALA Q 282 3.69 -4.22 21.77
C ALA Q 282 4.59 -4.27 20.56
N ARG Q 283 4.32 -5.20 19.66
CA ARG Q 283 5.14 -5.36 18.46
C ARG Q 283 5.00 -4.18 17.54
N TRP Q 284 3.89 -3.46 17.65
CA TRP Q 284 3.70 -2.26 16.86
C TRP Q 284 4.45 -1.09 17.47
N CYS Q 285 4.33 -0.89 18.77
CA CYS Q 285 4.95 0.24 19.44
C CYS Q 285 6.46 0.17 19.42
N ARG Q 286 7.03 -1.02 19.40
CA ARG Q 286 8.45 -1.14 19.17
C ARG Q 286 8.80 -0.80 17.73
N ASP Q 287 7.92 -1.15 16.80
CA ASP Q 287 8.19 -0.94 15.40
C ASP Q 287 7.61 0.36 14.89
N ASN Q 288 7.17 1.25 15.77
CA ASN Q 288 6.81 2.60 15.40
C ASN Q 288 7.22 3.65 16.42
N GLY Q 289 8.05 3.28 17.39
CA GLY Q 289 8.65 4.26 18.28
C GLY Q 289 7.71 4.94 19.24
N VAL Q 290 6.53 4.41 19.42
CA VAL Q 290 5.53 4.96 20.33
C VAL Q 290 5.72 4.28 21.67
N LEU Q 291 5.71 5.05 22.75
CA LEU Q 291 5.79 4.42 24.05
C LEU Q 291 4.42 3.85 24.39
N LEU Q 292 4.38 2.87 25.27
CA LEU Q 292 3.13 2.20 25.60
C LEU Q 292 2.90 2.26 27.09
N HIS Q 293 1.75 2.79 27.50
CA HIS Q 293 1.38 2.90 28.92
C HIS Q 293 0.35 1.82 29.21
N ILE Q 294 0.79 0.68 29.69
CA ILE Q 294 -0.16 -0.38 29.98
C ILE Q 294 -0.95 -0.08 31.23
N HIS Q 295 -2.25 -0.04 31.12
CA HIS Q 295 -3.14 0.21 32.24
C HIS Q 295 -3.68 -1.11 32.75
N ARG Q 296 -3.77 -1.25 34.06
CA ARG Q 296 -4.23 -2.52 34.60
C ARG Q 296 -5.74 -2.49 34.87
N ALA Q 297 -6.49 -2.13 33.84
CA ALA Q 297 -7.93 -2.20 33.93
C ALA Q 297 -8.35 -3.64 34.04
N MET Q 298 -9.38 -3.90 34.86
CA MET Q 298 -9.91 -5.22 35.17
C MET Q 298 -8.86 -6.11 35.80
N HIS Q 299 -7.87 -5.54 36.49
CA HIS Q 299 -6.86 -6.38 37.11
C HIS Q 299 -7.37 -6.95 38.40
N ALA Q 300 -8.38 -6.33 38.98
CA ALA Q 300 -8.79 -6.65 40.32
C ALA Q 300 -9.92 -7.64 40.35
N VAL Q 301 -10.44 -8.02 39.20
CA VAL Q 301 -11.28 -9.20 39.15
C VAL Q 301 -10.45 -10.41 39.49
N ILE Q 302 -9.21 -10.43 39.01
CA ILE Q 302 -8.42 -11.65 39.01
C ILE Q 302 -7.28 -11.63 40.02
N ASP Q 303 -7.15 -10.63 40.87
CA ASP Q 303 -6.17 -10.76 41.94
C ASP Q 303 -6.61 -10.29 43.33
N ARG Q 304 -7.68 -9.52 43.45
CA ARG Q 304 -7.92 -8.76 44.67
C ARG Q 304 -8.32 -9.64 45.84
N GLN Q 305 -8.74 -10.87 45.58
CA GLN Q 305 -8.97 -11.84 46.64
C GLN Q 305 -7.67 -12.55 46.96
N LYS Q 306 -7.36 -12.62 48.25
CA LYS Q 306 -6.07 -13.13 48.68
C LYS Q 306 -5.97 -14.65 48.63
N ASN Q 307 -7.01 -15.36 48.19
CA ASN Q 307 -6.95 -16.80 48.11
C ASN Q 307 -7.26 -17.38 46.74
N HIS Q 308 -7.80 -16.59 45.82
CA HIS Q 308 -8.17 -17.11 44.53
C HIS Q 308 -7.97 -16.05 43.46
N GLY Q 309 -7.42 -16.46 42.33
CA GLY Q 309 -7.18 -15.52 41.25
C GLY Q 309 -5.80 -15.66 40.67
N ILE Q 310 -5.27 -14.62 40.06
CA ILE Q 310 -3.91 -14.59 39.54
C ILE Q 310 -3.28 -13.34 40.10
N HIS Q 311 -2.32 -13.49 41.02
CA HIS Q 311 -1.71 -12.33 41.68
C HIS Q 311 -1.03 -11.45 40.67
N PHE Q 312 -0.99 -10.15 40.95
CA PHE Q 312 -0.58 -9.19 39.93
C PHE Q 312 0.89 -9.30 39.59
N ARG Q 313 1.71 -9.92 40.43
CA ARG Q 313 3.09 -10.12 40.04
C ARG Q 313 3.24 -11.16 38.95
N VAL Q 314 2.22 -11.98 38.70
CA VAL Q 314 2.19 -12.78 37.49
C VAL Q 314 1.79 -11.91 36.31
N LEU Q 315 0.76 -11.10 36.50
CA LEU Q 315 0.29 -10.22 35.44
C LEU Q 315 1.26 -9.09 35.17
N ALA Q 316 2.14 -8.77 36.12
CA ALA Q 316 3.19 -7.80 35.86
C ALA Q 316 4.31 -8.43 35.06
N LYS Q 317 4.62 -9.69 35.34
CA LYS Q 317 5.53 -10.43 34.49
C LYS Q 317 4.92 -10.69 33.13
N ALA Q 318 3.61 -10.88 33.07
CA ALA Q 318 2.97 -11.20 31.81
C ALA Q 318 2.97 -10.03 30.84
N LEU Q 319 2.94 -8.79 31.34
CA LEU Q 319 3.02 -7.66 30.43
C LEU Q 319 4.42 -7.11 30.31
N ARG Q 320 5.34 -7.55 31.14
CA ARG Q 320 6.71 -7.23 30.78
C ARG Q 320 7.14 -8.11 29.63
N LEU Q 321 6.53 -9.29 29.47
CA LEU Q 321 6.88 -10.16 28.36
C LEU Q 321 6.03 -9.89 27.13
N SER Q 322 4.81 -9.40 27.31
CA SER Q 322 4.22 -8.61 26.24
C SER Q 322 4.76 -7.19 26.44
N GLY Q 323 4.18 -6.19 25.85
CA GLY Q 323 4.82 -4.90 25.93
C GLY Q 323 4.26 -4.05 27.03
N GLY Q 324 5.07 -3.09 27.42
CA GLY Q 324 4.55 -1.94 28.12
C GLY Q 324 5.73 -1.17 28.63
N ASP Q 325 5.77 0.13 28.42
CA ASP Q 325 6.82 0.92 29.02
C ASP Q 325 6.40 1.47 30.35
N HIS Q 326 5.12 1.35 30.67
CA HIS Q 326 4.59 1.73 31.95
C HIS Q 326 3.62 0.64 32.36
N ILE Q 327 3.35 0.55 33.65
CA ILE Q 327 2.24 -0.24 34.17
C ILE Q 327 1.84 0.40 35.48
N HIS Q 328 0.55 0.50 35.70
CA HIS Q 328 0.09 0.90 37.01
C HIS Q 328 0.45 -0.16 38.03
N THR Q 329 1.18 0.25 39.06
CA THR Q 329 1.37 -0.58 40.23
C THR Q 329 0.64 -0.01 41.42
N GLY Q 330 -0.46 0.69 41.17
CA GLY Q 330 -1.33 1.16 42.21
C GLY Q 330 -0.77 2.26 43.05
N THR Q 331 -0.57 1.97 44.33
CA THR Q 331 0.00 2.96 45.23
C THR Q 331 0.65 2.24 46.39
N VAL Q 332 1.48 2.98 47.11
CA VAL Q 332 2.15 2.47 48.29
C VAL Q 332 1.64 3.14 49.56
N VAL Q 333 1.04 4.33 49.45
CA VAL Q 333 0.75 5.15 50.61
C VAL Q 333 -0.38 4.61 51.48
N GLY Q 334 -1.31 3.85 50.92
CA GLY Q 334 -2.44 3.40 51.72
C GLY Q 334 -2.29 1.95 52.13
N LYS Q 335 -1.05 1.49 52.29
CA LYS Q 335 -0.76 0.08 52.45
C LYS Q 335 0.19 -0.11 53.61
N LEU Q 336 0.07 -1.27 54.27
CA LEU Q 336 0.89 -1.57 55.43
C LEU Q 336 2.27 -2.06 54.98
N GLU Q 337 3.05 -2.62 55.90
CA GLU Q 337 4.42 -3.00 55.56
C GLU Q 337 4.42 -4.23 54.67
N GLY Q 338 3.53 -5.17 54.93
CA GLY Q 338 3.45 -6.34 54.07
C GLY Q 338 2.79 -6.05 52.74
N GLU Q 339 1.75 -5.22 52.74
CA GLU Q 339 1.06 -4.89 51.51
C GLU Q 339 1.84 -3.94 50.63
N ARG Q 340 2.85 -3.24 51.15
CA ARG Q 340 3.77 -2.53 50.27
C ARG Q 340 5.07 -3.25 50.09
N GLY Q 341 5.34 -4.28 50.89
CA GLY Q 341 6.40 -5.20 50.52
C GLY Q 341 6.03 -5.96 49.26
N ILE Q 342 4.79 -6.44 49.20
CA ILE Q 342 4.29 -7.11 48.00
C ILE Q 342 4.20 -6.13 46.84
N THR Q 343 3.78 -4.90 47.12
CA THR Q 343 3.70 -3.88 46.07
C THR Q 343 5.09 -3.50 45.57
N MET Q 344 6.06 -3.35 46.47
CA MET Q 344 7.43 -3.21 45.99
C MET Q 344 8.01 -4.52 45.52
N GLY Q 345 7.33 -5.64 45.73
CA GLY Q 345 7.79 -6.91 45.25
C GLY Q 345 7.65 -6.97 43.75
N PHE Q 346 6.46 -6.71 43.21
CA PHE Q 346 6.36 -6.77 41.78
C PHE Q 346 6.84 -5.52 41.08
N VAL Q 347 7.04 -4.42 41.81
CA VAL Q 347 7.68 -3.27 41.19
C VAL Q 347 9.13 -3.58 40.83
N ASP Q 348 9.82 -4.36 41.66
CA ASP Q 348 11.15 -4.81 41.25
C ASP Q 348 11.09 -5.87 40.16
N LEU Q 349 10.00 -6.64 40.09
CA LEU Q 349 9.90 -7.69 39.08
C LEU Q 349 9.70 -7.09 37.70
N LEU Q 350 9.00 -5.97 37.62
CA LEU Q 350 8.77 -5.33 36.33
C LEU Q 350 9.75 -4.22 36.07
N ARG Q 351 10.76 -4.05 36.88
CA ARG Q 351 11.66 -2.95 36.60
C ARG Q 351 13.14 -3.31 36.72
N GLU Q 352 13.50 -4.29 37.53
CA GLU Q 352 14.88 -4.67 37.74
C GLU Q 352 15.18 -5.93 36.94
N ASN Q 353 16.43 -6.05 36.50
CA ASN Q 353 16.85 -7.17 35.66
C ASN Q 353 16.84 -8.49 36.43
N TYR Q 354 17.45 -8.53 37.59
CA TYR Q 354 17.52 -9.75 38.37
C TYR Q 354 16.92 -9.48 39.72
N VAL Q 355 16.01 -10.34 40.14
CA VAL Q 355 15.33 -10.23 41.42
C VAL Q 355 15.42 -11.55 42.15
N GLU Q 356 15.98 -11.51 43.35
CA GLU Q 356 16.22 -12.71 44.11
C GLU Q 356 14.92 -13.21 44.72
N GLN Q 357 14.83 -14.52 44.89
CA GLN Q 357 13.70 -15.20 45.52
C GLN Q 357 13.55 -14.75 46.96
N ASP Q 358 12.55 -13.91 47.23
CA ASP Q 358 12.36 -13.30 48.55
C ASP Q 358 10.88 -13.41 48.89
N LYS Q 359 10.50 -14.50 49.54
CA LYS Q 359 9.08 -14.84 49.69
C LYS Q 359 8.35 -13.92 50.65
N SER Q 360 9.06 -13.28 51.58
CA SER Q 360 8.42 -12.33 52.47
C SER Q 360 8.00 -11.07 51.73
N ARG Q 361 8.77 -10.69 50.72
CA ARG Q 361 8.42 -9.58 49.85
C ARG Q 361 7.46 -10.03 48.74
N GLY Q 362 7.15 -11.32 48.67
CA GLY Q 362 6.16 -11.83 47.77
C GLY Q 362 6.71 -12.55 46.56
N ILE Q 363 7.94 -12.25 46.15
CA ILE Q 363 8.54 -12.89 44.99
C ILE Q 363 8.89 -14.33 45.32
N TYR Q 364 8.21 -15.29 44.69
CA TYR Q 364 8.42 -16.69 45.01
C TYR Q 364 9.56 -17.34 44.24
N PHE Q 365 9.97 -16.80 43.10
CA PHE Q 365 11.04 -17.39 42.31
C PHE Q 365 12.06 -16.33 41.95
N THR Q 366 13.33 -16.70 42.00
CA THR Q 366 14.38 -15.85 41.48
C THR Q 366 14.24 -15.68 39.97
N GLN Q 367 13.98 -14.46 39.56
CA GLN Q 367 13.61 -14.17 38.17
C GLN Q 367 14.78 -13.46 37.51
N ASP Q 368 15.38 -14.10 36.53
CA ASP Q 368 16.39 -13.47 35.70
C ASP Q 368 15.71 -12.99 34.44
N TRP Q 369 15.67 -11.68 34.24
CA TRP Q 369 14.97 -11.18 33.08
C TRP Q 369 15.80 -11.16 31.82
N ALA Q 370 17.07 -11.53 31.89
CA ALA Q 370 17.93 -11.74 30.71
C ALA Q 370 18.08 -10.47 29.87
N SER Q 371 18.40 -9.37 30.56
CA SER Q 371 18.60 -8.04 29.96
C SER Q 371 17.38 -7.58 29.18
N LEU Q 372 16.20 -8.01 29.59
CA LEU Q 372 15.00 -7.49 28.99
C LEU Q 372 14.81 -6.08 29.51
N PRO Q 373 14.25 -5.19 28.69
CA PRO Q 373 13.97 -3.84 29.14
C PRO Q 373 13.01 -3.79 30.31
N GLY Q 374 13.14 -2.75 31.12
CA GLY Q 374 12.27 -2.62 32.27
C GLY Q 374 10.94 -2.03 31.91
N VAL Q 375 10.04 -1.99 32.89
CA VAL Q 375 8.77 -1.30 32.75
C VAL Q 375 8.70 -0.27 33.87
N MET Q 376 8.15 0.90 33.60
CA MET Q 376 7.92 1.88 34.66
C MET Q 376 6.92 1.36 35.66
N ALA Q 377 6.96 1.91 36.85
CA ALA Q 377 5.99 1.57 37.87
C ALA Q 377 5.22 2.84 38.19
N VAL Q 378 3.98 2.89 37.77
CA VAL Q 378 3.19 4.11 37.79
C VAL Q 378 2.34 4.14 39.05
N ALA Q 379 2.65 5.05 39.96
CA ALA Q 379 1.90 5.20 41.21
C ALA Q 379 0.68 6.07 40.95
N SER Q 380 -0.50 5.56 41.29
CA SER Q 380 -1.70 6.23 40.81
C SER Q 380 -2.83 6.25 41.82
N GLY Q 381 -2.55 6.03 43.08
CA GLY Q 381 -3.61 5.98 44.06
C GLY Q 381 -4.08 7.36 44.48
N GLY Q 382 -4.54 7.44 45.72
CA GLY Q 382 -4.82 8.71 46.31
C GLY Q 382 -3.55 9.30 46.86
N ILE Q 383 -2.67 9.73 45.97
CA ILE Q 383 -1.44 10.40 46.36
C ILE Q 383 -1.58 11.87 46.01
N HIS Q 384 -0.84 12.68 46.73
CA HIS Q 384 -0.96 14.12 46.62
C HIS Q 384 0.40 14.73 46.91
N VAL Q 385 0.41 16.01 47.26
CA VAL Q 385 1.64 16.79 47.42
C VAL Q 385 2.55 16.20 48.49
N TRP Q 386 1.97 15.85 49.63
CA TRP Q 386 2.77 15.45 50.78
C TRP Q 386 3.34 14.04 50.67
N HIS Q 387 2.95 13.26 49.68
CA HIS Q 387 3.48 11.93 49.49
C HIS Q 387 4.66 11.92 48.55
N MET Q 388 5.04 13.08 48.03
CA MET Q 388 6.27 13.19 47.27
C MET Q 388 7.54 12.82 48.03
N PRO Q 389 7.74 13.10 49.33
CA PRO Q 389 8.95 12.58 49.96
C PRO Q 389 9.00 11.08 50.08
N ALA Q 390 7.85 10.45 50.28
CA ALA Q 390 7.83 9.00 50.35
C ALA Q 390 8.03 8.38 48.98
N LEU Q 391 7.28 8.84 47.99
CA LEU Q 391 7.26 8.20 46.68
C LEU Q 391 8.41 8.61 45.79
N VAL Q 392 9.43 9.28 46.31
CA VAL Q 392 10.66 9.47 45.57
C VAL Q 392 11.67 8.56 46.26
N GLU Q 393 11.37 8.22 47.50
CA GLU Q 393 12.23 7.30 48.22
C GLU Q 393 11.83 5.85 47.96
N ILE Q 394 10.53 5.58 47.95
CA ILE Q 394 10.01 4.23 47.76
C ILE Q 394 10.12 3.83 46.30
N PHE Q 395 9.39 4.53 45.44
CA PHE Q 395 9.60 4.46 44.00
C PHE Q 395 10.75 5.37 43.65
N GLY Q 396 11.72 4.86 42.94
CA GLY Q 396 12.95 5.60 42.72
C GLY Q 396 12.83 6.66 41.65
N ASP Q 397 13.88 6.77 40.85
CA ASP Q 397 13.79 7.59 39.65
C ASP Q 397 12.85 6.96 38.66
N ASP Q 398 12.87 5.64 38.56
CA ASP Q 398 12.23 4.93 37.46
C ASP Q 398 10.74 4.74 37.77
N SER Q 399 10.01 5.85 37.76
CA SER Q 399 8.63 5.81 38.16
C SER Q 399 7.87 6.95 37.52
N VAL Q 400 6.56 6.81 37.50
CA VAL Q 400 5.63 7.85 37.07
C VAL Q 400 4.63 8.00 38.19
N LEU Q 401 4.24 9.23 38.49
CA LEU Q 401 3.36 9.48 39.61
C LEU Q 401 2.08 10.10 39.06
N GLN Q 402 0.97 9.39 39.12
CA GLN Q 402 -0.30 9.93 38.67
C GLN Q 402 -0.99 10.70 39.80
N PHE Q 403 -1.92 11.56 39.43
CA PHE Q 403 -2.62 12.37 40.41
C PHE Q 403 -4.07 12.54 40.02
N GLY Q 404 -4.86 12.99 40.99
CA GLY Q 404 -6.29 13.12 40.84
C GLY Q 404 -7.06 11.85 41.14
N GLY Q 405 -6.43 10.86 41.77
CA GLY Q 405 -7.05 9.55 41.90
C GLY Q 405 -8.20 9.54 42.88
N GLY Q 406 -7.92 9.94 44.12
CA GLY Q 406 -8.98 9.99 45.12
C GLY Q 406 -9.12 11.37 45.73
N THR Q 407 -8.08 12.18 45.56
CA THR Q 407 -7.99 13.48 46.21
C THR Q 407 -9.01 14.46 45.64
N LEU Q 408 -9.33 15.49 46.41
CA LEU Q 408 -10.39 16.43 46.03
C LEU Q 408 -9.86 17.57 45.17
N GLY Q 409 -9.09 17.25 44.14
CA GLY Q 409 -8.55 18.25 43.24
C GLY Q 409 -7.59 19.19 43.93
N HIS Q 410 -7.45 20.39 43.35
CA HIS Q 410 -6.65 21.48 43.84
C HIS Q 410 -7.53 22.70 43.82
N PRO Q 411 -7.49 23.56 44.83
CA PRO Q 411 -8.47 24.66 44.90
C PRO Q 411 -8.27 25.75 43.86
N TRP Q 412 -7.14 25.78 43.17
CA TRP Q 412 -6.90 26.80 42.15
C TRP Q 412 -7.00 26.25 40.75
N GLY Q 413 -7.32 24.97 40.58
CA GLY Q 413 -7.49 24.43 39.25
C GLY Q 413 -6.57 23.29 38.88
N ASN Q 414 -6.09 23.31 37.64
CA ASN Q 414 -5.21 22.28 37.10
C ASN Q 414 -3.78 22.75 36.95
N ALA Q 415 -3.57 23.85 36.26
CA ALA Q 415 -2.24 24.43 36.08
C ALA Q 415 -1.59 24.94 37.37
N PRO Q 416 -2.34 25.33 38.40
CA PRO Q 416 -1.69 25.40 39.72
C PRO Q 416 -1.60 24.03 40.37
N GLY Q 417 -2.57 23.17 40.11
CA GLY Q 417 -2.53 21.85 40.72
C GLY Q 417 -1.47 20.95 40.15
N ALA Q 418 -1.02 21.24 38.94
CA ALA Q 418 0.09 20.50 38.40
C ALA Q 418 1.42 21.13 38.76
N THR Q 419 1.44 22.44 38.98
CA THR Q 419 2.68 23.08 39.41
C THR Q 419 2.95 22.78 40.87
N ALA Q 420 1.89 22.58 41.67
CA ALA Q 420 2.07 22.08 43.02
C ALA Q 420 2.69 20.71 43.02
N ASN Q 421 2.24 19.82 42.15
CA ASN Q 421 2.72 18.45 42.12
C ASN Q 421 4.05 18.33 41.39
N ARG Q 422 4.51 19.39 40.75
CA ARG Q 422 5.80 19.41 40.10
C ARG Q 422 6.86 20.14 40.92
N VAL Q 423 6.49 21.22 41.62
CA VAL Q 423 7.43 21.80 42.57
C VAL Q 423 7.67 20.85 43.72
N ALA Q 424 6.61 20.22 44.23
CA ALA Q 424 6.78 19.27 45.33
C ALA Q 424 7.49 18.01 44.87
N LEU Q 425 7.41 17.68 43.59
CA LEU Q 425 8.26 16.64 43.04
C LEU Q 425 9.71 17.06 43.13
N GLU Q 426 10.06 18.16 42.47
CA GLU Q 426 11.44 18.53 42.33
C GLU Q 426 12.02 19.14 43.59
N ALA Q 427 11.20 19.53 44.56
CA ALA Q 427 11.74 19.83 45.88
C ALA Q 427 12.21 18.56 46.56
N CYS Q 428 11.54 17.45 46.30
CA CYS Q 428 11.97 16.16 46.83
C CYS Q 428 13.11 15.54 46.05
N VAL Q 429 13.24 15.88 44.77
CA VAL Q 429 14.40 15.41 44.02
C VAL Q 429 15.60 16.29 44.30
N GLN Q 430 15.37 17.58 44.61
CA GLN Q 430 16.48 18.43 45.03
C GLN Q 430 17.04 18.00 46.35
N ALA Q 431 16.18 17.64 47.30
CA ALA Q 431 16.68 17.15 48.58
C ALA Q 431 17.28 15.77 48.45
N ARG Q 432 16.78 14.95 47.53
CA ARG Q 432 17.38 13.65 47.32
C ARG Q 432 18.73 13.76 46.64
N ASN Q 433 18.91 14.78 45.80
CA ASN Q 433 20.19 15.02 45.17
C ASN Q 433 21.12 15.84 46.04
N GLU Q 434 20.82 15.97 47.34
CA GLU Q 434 21.68 16.63 48.31
C GLU Q 434 21.81 15.78 49.57
N GLY Q 435 21.37 14.53 49.52
CA GLY Q 435 21.57 13.59 50.59
C GLY Q 435 20.58 13.66 51.72
N ARG Q 436 19.55 14.50 51.62
CA ARG Q 436 18.63 14.69 52.72
C ARG Q 436 17.70 13.48 52.86
N ASN Q 437 17.63 12.93 54.07
CA ASN Q 437 16.85 11.73 54.32
C ASN Q 437 15.36 12.05 54.20
N LEU Q 438 14.76 11.62 53.09
CA LEU Q 438 13.38 11.99 52.79
C LEU Q 438 12.34 11.21 53.59
N ALA Q 439 12.76 10.36 54.52
CA ALA Q 439 11.80 9.78 55.45
C ALA Q 439 11.54 10.72 56.61
N ARG Q 440 12.53 11.52 56.98
CA ARG Q 440 12.43 12.43 58.11
C ARG Q 440 12.57 13.90 57.72
N GLU Q 441 13.49 14.24 56.82
CA GLU Q 441 13.58 15.59 56.30
C GLU Q 441 12.74 15.79 55.06
N GLY Q 442 11.65 15.04 54.92
CA GLY Q 442 10.85 15.14 53.73
C GLY Q 442 9.74 16.14 53.87
N ASN Q 443 9.07 16.17 55.02
CA ASN Q 443 8.04 17.18 55.22
C ASN Q 443 8.64 18.57 55.39
N ASP Q 444 9.91 18.66 55.73
CA ASP Q 444 10.58 19.95 55.78
C ASP Q 444 10.82 20.52 54.40
N VAL Q 445 11.11 19.66 53.42
CA VAL Q 445 11.47 20.17 52.10
C VAL Q 445 10.23 20.50 51.28
N ILE Q 446 9.06 20.02 51.69
CA ILE Q 446 7.83 20.55 51.11
C ILE Q 446 7.56 21.93 51.70
N ARG Q 447 7.70 22.08 53.01
CA ARG Q 447 7.34 23.33 53.66
C ARG Q 447 8.34 24.44 53.36
N GLU Q 448 9.59 24.09 53.06
CA GLU Q 448 10.52 25.12 52.62
C GLU Q 448 10.50 25.28 51.11
N ALA Q 449 9.62 24.57 50.41
CA ALA Q 449 9.33 24.89 49.03
C ALA Q 449 7.99 25.57 48.85
N ALA Q 450 7.14 25.53 49.86
CA ALA Q 450 5.92 26.32 49.83
C ALA Q 450 6.20 27.81 49.97
N LYS Q 451 7.38 28.19 50.45
CA LYS Q 451 7.72 29.60 50.50
C LYS Q 451 8.06 30.13 49.11
N TRP Q 452 8.91 29.42 48.38
CA TRP Q 452 9.29 29.82 47.04
C TRP Q 452 8.37 29.26 45.97
N SER Q 453 7.13 28.93 46.31
CA SER Q 453 6.11 28.56 45.33
C SER Q 453 4.71 28.86 45.85
N PRO Q 454 3.96 29.75 45.19
CA PRO Q 454 2.62 30.04 45.67
C PRO Q 454 1.58 29.01 45.28
N GLU Q 455 1.77 28.31 44.17
CA GLU Q 455 0.81 27.27 43.81
C GLU Q 455 0.94 26.06 44.70
N LEU Q 456 2.14 25.82 45.23
CA LEU Q 456 2.36 24.73 46.16
C LEU Q 456 1.82 25.02 47.54
N ALA Q 457 1.91 26.29 47.97
CA ALA Q 457 1.57 26.63 49.34
C ALA Q 457 0.07 26.60 49.61
N VAL Q 458 -0.73 26.58 48.55
CA VAL Q 458 -2.17 26.43 48.72
C VAL Q 458 -2.61 24.97 48.61
N ALA Q 459 -1.83 24.13 47.92
CA ALA Q 459 -1.99 22.68 48.03
C ALA Q 459 -1.25 22.11 49.21
N CYS Q 460 -0.58 22.95 50.00
CA CYS Q 460 0.18 22.51 51.14
C CYS Q 460 -0.71 21.96 52.24
N GLU Q 461 -1.97 22.40 52.30
CA GLU Q 461 -2.90 21.91 53.30
C GLU Q 461 -4.05 21.09 52.72
N LEU Q 462 -4.60 21.48 51.57
CA LEU Q 462 -5.69 20.74 50.97
C LEU Q 462 -5.51 20.67 49.46
N ARG R 22 -21.32 10.65 49.80
CA ARG R 22 -21.67 10.64 48.39
C ARG R 22 -23.20 10.58 48.25
N LEU R 23 -23.75 9.39 47.96
CA LEU R 23 -25.19 9.12 47.84
C LEU R 23 -25.90 10.04 46.83
N THR R 24 -25.17 10.54 45.84
CA THR R 24 -25.80 11.11 44.66
C THR R 24 -25.89 10.08 43.55
N TYR R 25 -25.23 8.95 43.71
CA TYR R 25 -25.24 7.86 42.75
C TYR R 25 -26.13 6.73 43.19
N TYR R 26 -26.83 6.87 44.29
CA TYR R 26 -27.84 5.92 44.71
C TYR R 26 -29.17 6.65 44.64
N THR R 27 -29.86 6.46 43.54
CA THR R 27 -31.21 6.99 43.33
C THR R 27 -32.16 5.81 43.31
N PRO R 28 -32.82 5.49 44.42
CA PRO R 28 -33.61 4.27 44.49
C PRO R 28 -34.93 4.36 43.78
N ASP R 29 -35.36 5.55 43.39
CA ASP R 29 -36.60 5.74 42.65
C ASP R 29 -36.40 5.69 41.14
N TYR R 30 -35.16 5.53 40.68
CA TYR R 30 -34.84 5.63 39.26
C TYR R 30 -35.30 4.37 38.55
N THR R 31 -36.43 4.47 37.87
CA THR R 31 -36.83 3.43 36.95
C THR R 31 -35.89 3.47 35.76
N PRO R 32 -35.11 2.42 35.51
CA PRO R 32 -34.09 2.50 34.46
C PRO R 32 -34.71 2.46 33.08
N LYS R 33 -34.10 3.19 32.16
CA LYS R 33 -34.64 3.27 30.82
C LYS R 33 -34.39 1.97 30.07
N ASP R 34 -35.07 1.81 28.95
CA ASP R 34 -34.90 0.64 28.10
C ASP R 34 -33.62 0.70 27.28
N THR R 35 -32.87 1.78 27.40
CA THR R 35 -31.60 1.92 26.73
C THR R 35 -30.42 2.03 27.69
N ASP R 36 -30.64 1.88 28.99
CA ASP R 36 -29.53 1.82 29.92
C ASP R 36 -28.82 0.48 29.82
N ILE R 37 -27.59 0.44 30.31
CA ILE R 37 -26.84 -0.81 30.36
C ILE R 37 -26.77 -1.22 31.82
N LEU R 38 -27.70 -2.04 32.24
CA LEU R 38 -27.82 -2.38 33.64
C LEU R 38 -26.69 -3.31 34.04
N ALA R 39 -26.40 -3.37 35.33
CA ALA R 39 -25.39 -4.27 35.84
C ALA R 39 -25.74 -4.61 37.27
N ALA R 40 -25.71 -5.89 37.62
CA ALA R 40 -26.10 -6.37 38.94
C ALA R 40 -24.88 -6.90 39.62
N PHE R 41 -24.27 -6.11 40.47
CA PHE R 41 -23.10 -6.57 41.19
C PHE R 41 -23.52 -7.45 42.35
N ARG R 42 -22.57 -8.10 43.01
CA ARG R 42 -22.86 -8.82 44.24
C ARG R 42 -21.87 -8.28 45.26
N VAL R 43 -22.23 -7.15 45.86
CA VAL R 43 -21.28 -6.39 46.65
C VAL R 43 -21.17 -7.02 48.02
N THR R 44 -19.95 -7.27 48.48
CA THR R 44 -19.68 -7.72 49.85
C THR R 44 -18.86 -6.64 50.51
N PRO R 45 -19.50 -5.65 51.11
CA PRO R 45 -18.77 -4.48 51.59
C PRO R 45 -18.00 -4.76 52.87
N GLN R 46 -16.95 -3.96 53.06
CA GLN R 46 -16.23 -3.96 54.31
C GLN R 46 -17.14 -3.46 55.42
N PRO R 47 -16.94 -3.91 56.66
CA PRO R 47 -17.92 -3.62 57.70
C PRO R 47 -17.87 -2.18 58.15
N GLY R 48 -19.06 -1.65 58.42
CA GLY R 48 -19.21 -0.24 58.68
C GLY R 48 -19.55 0.57 57.47
N VAL R 49 -19.27 0.05 56.28
CA VAL R 49 -19.74 0.66 55.04
C VAL R 49 -21.18 0.23 54.89
N PRO R 50 -22.13 1.15 54.89
CA PRO R 50 -23.53 0.77 54.68
C PRO R 50 -23.77 0.35 53.24
N PHE R 51 -24.94 -0.26 53.02
CA PHE R 51 -25.20 -0.84 51.72
C PHE R 51 -25.43 0.20 50.64
N GLU R 52 -26.09 1.30 50.94
CA GLU R 52 -26.32 2.31 49.92
C GLU R 52 -25.04 3.01 49.54
N GLU R 53 -24.12 3.17 50.48
CA GLU R 53 -22.94 3.98 50.22
C GLU R 53 -21.87 3.17 49.49
N ALA R 54 -21.94 1.85 49.56
CA ALA R 54 -21.09 1.02 48.72
C ALA R 54 -21.70 0.79 47.34
N ALA R 55 -23.02 0.70 47.26
CA ALA R 55 -23.67 0.60 45.96
C ALA R 55 -23.61 1.91 45.21
N ALA R 56 -23.55 3.03 45.90
CA ALA R 56 -23.26 4.28 45.21
C ALA R 56 -21.80 4.37 44.83
N ALA R 57 -20.94 3.63 45.52
CA ALA R 57 -19.52 3.64 45.20
C ALA R 57 -19.20 2.74 44.02
N VAL R 58 -19.87 1.59 43.90
CA VAL R 58 -19.65 0.77 42.71
C VAL R 58 -20.31 1.39 41.49
N ALA R 59 -21.24 2.31 41.70
CA ALA R 59 -21.76 3.16 40.67
C ALA R 59 -20.89 4.38 40.45
N ALA R 60 -19.98 4.68 41.38
CA ALA R 60 -19.11 5.84 41.23
C ALA R 60 -17.90 5.51 40.37
N GLU R 61 -17.03 4.64 40.87
CA GLU R 61 -15.75 4.44 40.21
C GLU R 61 -15.84 3.57 38.98
N SER R 62 -17.02 3.06 38.65
CA SER R 62 -17.20 2.50 37.32
C SER R 62 -17.62 3.57 36.32
N SER R 63 -18.33 4.60 36.79
CA SER R 63 -18.65 5.71 35.88
C SER R 63 -17.81 6.96 36.08
N THR R 64 -17.96 7.66 37.20
CA THR R 64 -17.35 8.97 37.41
C THR R 64 -16.86 9.06 38.86
N GLY R 65 -15.61 9.46 39.05
CA GLY R 65 -15.03 9.47 40.37
C GLY R 65 -15.45 10.68 41.19
N THR R 66 -14.44 11.33 41.76
CA THR R 66 -14.63 12.58 42.51
C THR R 66 -15.09 13.73 41.59
N LEU R 74 -18.60 20.68 37.69
CA LEU R 74 -19.55 21.42 36.87
C LEU R 74 -18.92 21.61 35.50
N LEU R 75 -17.84 20.86 35.27
CA LEU R 75 -17.22 20.82 33.96
C LEU R 75 -18.10 20.14 32.93
N THR R 76 -19.01 19.26 33.36
CA THR R 76 -19.91 18.50 32.50
C THR R 76 -21.31 18.56 33.09
N ASP R 77 -22.17 17.71 32.59
CA ASP R 77 -23.38 17.35 33.32
C ASP R 77 -23.19 15.98 33.97
N LEU R 78 -23.28 15.96 35.29
CA LEU R 78 -23.11 14.71 36.02
C LEU R 78 -24.29 13.79 35.78
N ASP R 79 -25.50 14.33 35.82
CA ASP R 79 -26.72 13.54 35.84
C ASP R 79 -27.04 12.85 34.50
N ARG R 80 -26.20 12.99 33.48
CA ARG R 80 -26.43 12.37 32.19
C ARG R 80 -25.49 11.22 31.92
N TYR R 81 -24.25 11.29 32.41
CA TYR R 81 -23.26 10.24 32.20
C TYR R 81 -22.94 9.49 33.48
N LYS R 82 -23.71 9.68 34.53
CA LYS R 82 -23.41 8.94 35.75
C LYS R 82 -24.10 7.61 35.67
N GLY R 83 -23.42 6.57 36.16
CA GLY R 83 -24.09 5.32 36.41
C GLY R 83 -24.60 5.39 37.80
N ARG R 84 -25.89 5.14 37.97
CA ARG R 84 -26.49 5.35 39.26
C ARG R 84 -27.17 4.06 39.69
N CYS R 85 -26.97 3.70 40.95
CA CYS R 85 -27.62 2.54 41.52
C CYS R 85 -29.12 2.81 41.64
N TYR R 86 -29.92 1.77 41.53
CA TYR R 86 -31.36 1.99 41.63
C TYR R 86 -32.11 0.96 42.45
N ASP R 87 -31.44 -0.06 42.97
CA ASP R 87 -32.09 -1.06 43.80
C ASP R 87 -31.00 -1.79 44.55
N ILE R 88 -31.32 -2.29 45.75
CA ILE R 88 -30.35 -2.95 46.60
C ILE R 88 -30.58 -4.46 46.66
N GLU R 89 -31.76 -4.89 47.12
CA GLU R 89 -32.20 -6.29 47.17
C GLU R 89 -31.19 -7.19 47.89
N PRO R 90 -31.16 -7.20 49.22
CA PRO R 90 -30.19 -8.03 49.94
C PRO R 90 -30.37 -9.50 49.63
N VAL R 91 -29.23 -10.18 49.47
CA VAL R 91 -29.17 -11.60 49.16
C VAL R 91 -29.80 -12.35 50.31
N PRO R 92 -30.73 -13.27 50.04
CA PRO R 92 -31.37 -14.01 51.14
C PRO R 92 -30.39 -15.01 51.72
N GLY R 93 -30.42 -15.12 53.04
CA GLY R 93 -29.64 -16.12 53.72
C GLY R 93 -28.21 -15.74 54.00
N GLU R 94 -27.75 -14.56 53.59
CA GLU R 94 -26.36 -14.19 53.84
C GLU R 94 -26.26 -12.69 54.01
N ASP R 95 -25.98 -12.25 55.24
CA ASP R 95 -25.75 -10.85 55.52
C ASP R 95 -24.42 -10.39 54.93
N ASN R 96 -24.19 -9.08 55.01
CA ASN R 96 -23.03 -8.40 54.44
C ASN R 96 -22.90 -8.67 52.93
N GLN R 97 -24.03 -8.80 52.25
CA GLN R 97 -23.98 -9.07 50.82
C GLN R 97 -25.29 -8.64 50.21
N PHE R 98 -25.24 -7.99 49.05
CA PHE R 98 -26.45 -7.52 48.39
C PHE R 98 -26.18 -7.47 46.90
N ILE R 99 -27.20 -7.10 46.14
CA ILE R 99 -27.11 -7.13 44.68
C ILE R 99 -27.38 -5.72 44.18
N ALA R 100 -26.32 -4.93 44.08
CA ALA R 100 -26.45 -3.54 43.68
C ALA R 100 -26.72 -3.47 42.19
N TYR R 101 -27.94 -3.16 41.81
CA TYR R 101 -28.27 -3.02 40.40
C TYR R 101 -27.84 -1.64 39.94
N ILE R 102 -26.84 -1.56 39.11
CA ILE R 102 -26.32 -0.28 38.65
C ILE R 102 -26.87 -0.06 37.24
N ALA R 103 -27.20 1.19 36.92
CA ALA R 103 -27.83 1.53 35.64
C ALA R 103 -26.94 2.49 34.86
N TYR R 104 -26.04 1.96 34.10
CA TYR R 104 -25.18 2.83 33.30
C TYR R 104 -25.94 3.29 32.07
N PRO R 105 -25.77 4.53 31.62
CA PRO R 105 -26.48 4.98 30.44
C PRO R 105 -25.85 4.40 29.19
N LEU R 106 -26.52 4.65 28.05
CA LEU R 106 -26.05 4.05 26.82
C LEU R 106 -24.81 4.74 26.31
N ASP R 107 -24.84 6.06 26.23
CA ASP R 107 -23.83 6.86 25.55
C ASP R 107 -22.59 7.07 26.38
N LEU R 108 -22.38 6.23 27.38
CA LEU R 108 -21.13 6.19 28.09
C LEU R 108 -20.14 5.25 27.40
N PHE R 109 -20.65 4.26 26.66
CA PHE R 109 -19.84 3.14 26.19
C PHE R 109 -19.69 3.24 24.69
N GLU R 110 -18.78 2.43 24.15
CA GLU R 110 -18.47 2.45 22.73
C GLU R 110 -19.39 1.54 21.96
N GLU R 111 -19.84 2.01 20.79
CA GLU R 111 -20.53 1.16 19.82
C GLU R 111 -19.68 -0.01 19.40
N GLY R 112 -20.09 -1.21 19.78
CA GLY R 112 -19.45 -2.38 19.25
C GLY R 112 -18.30 -2.92 20.05
N SER R 113 -18.04 -2.35 21.21
CA SER R 113 -16.84 -2.70 21.99
C SER R 113 -17.26 -3.36 23.28
N ILE R 114 -17.08 -4.68 23.35
CA ILE R 114 -17.34 -5.43 24.57
C ILE R 114 -16.13 -5.40 25.49
N THR R 115 -15.00 -4.89 24.99
CA THR R 115 -13.88 -4.56 25.85
C THR R 115 -13.96 -3.15 26.38
N ASN R 116 -15.01 -2.39 26.06
CA ASN R 116 -15.27 -1.13 26.73
C ASN R 116 -16.44 -1.24 27.70
N VAL R 117 -17.26 -2.27 27.58
CA VAL R 117 -18.16 -2.62 28.67
C VAL R 117 -17.37 -3.02 29.89
N LEU R 118 -16.41 -3.92 29.73
CA LEU R 118 -15.64 -4.40 30.86
C LEU R 118 -14.67 -3.36 31.38
N THR R 119 -14.15 -2.49 30.53
CA THR R 119 -13.27 -1.46 31.02
C THR R 119 -14.07 -0.41 31.80
N SER R 120 -15.32 -0.20 31.43
CA SER R 120 -16.15 0.74 32.17
C SER R 120 -16.68 0.11 33.44
N ILE R 121 -17.22 -1.10 33.35
CA ILE R 121 -18.02 -1.66 34.44
C ILE R 121 -17.15 -2.39 35.45
N VAL R 122 -16.36 -3.36 35.01
CA VAL R 122 -15.48 -4.08 35.92
C VAL R 122 -14.05 -3.56 35.85
N GLY R 123 -13.86 -2.34 35.38
CA GLY R 123 -12.51 -1.82 35.26
C GLY R 123 -11.90 -1.43 36.58
N ASN R 124 -12.42 -0.39 37.20
CA ASN R 124 -11.71 0.27 38.29
C ASN R 124 -12.42 0.06 39.62
N VAL R 125 -13.25 -0.97 39.73
CA VAL R 125 -14.26 -0.99 40.78
C VAL R 125 -14.16 -2.23 41.66
N PHE R 126 -13.43 -3.27 41.26
CA PHE R 126 -13.36 -4.41 42.15
C PHE R 126 -12.27 -4.25 43.18
N GLY R 127 -11.21 -3.50 42.86
CA GLY R 127 -10.11 -3.21 43.76
C GLY R 127 -10.39 -2.07 44.69
N PHE R 128 -11.64 -1.63 44.71
CA PHE R 128 -12.14 -0.62 45.60
C PHE R 128 -12.06 -1.13 47.03
N LYS R 129 -11.53 -0.32 47.94
CA LYS R 129 -11.07 -0.85 49.21
C LYS R 129 -12.13 -0.86 50.29
N ALA R 130 -13.30 -0.26 50.06
CA ALA R 130 -14.41 -0.35 50.99
C ALA R 130 -15.23 -1.60 50.78
N LEU R 131 -14.74 -2.53 49.99
CA LEU R 131 -15.45 -3.71 49.55
C LEU R 131 -14.55 -4.91 49.77
N ARG R 132 -15.08 -5.93 50.42
CA ARG R 132 -14.25 -7.10 50.63
C ARG R 132 -14.29 -8.01 49.41
N ALA R 133 -15.40 -8.02 48.68
CA ALA R 133 -15.53 -8.79 47.46
C ALA R 133 -16.64 -8.16 46.64
N LEU R 134 -16.51 -8.21 45.32
CA LEU R 134 -17.48 -7.63 44.42
C LEU R 134 -17.60 -8.55 43.22
N ARG R 135 -18.81 -8.97 42.90
CA ARG R 135 -19.02 -9.96 41.85
C ARG R 135 -20.05 -9.45 40.87
N LEU R 136 -19.63 -9.21 39.63
CA LEU R 136 -20.57 -8.81 38.59
C LEU R 136 -21.41 -10.02 38.23
N GLU R 137 -22.60 -10.11 38.77
CA GLU R 137 -23.44 -11.26 38.50
C GLU R 137 -23.98 -11.23 37.09
N ASP R 138 -24.75 -10.22 36.74
CA ASP R 138 -25.45 -10.18 35.46
C ASP R 138 -25.35 -8.77 34.91
N ILE R 139 -25.66 -8.62 33.63
CA ILE R 139 -25.55 -7.36 32.93
C ILE R 139 -26.57 -7.35 31.80
N ARG R 140 -27.26 -6.24 31.61
CA ARG R 140 -28.30 -6.17 30.59
C ARG R 140 -27.85 -5.23 29.49
N PHE R 141 -27.35 -5.78 28.43
CA PHE R 141 -27.10 -5.00 27.26
C PHE R 141 -28.44 -4.73 26.61
N PRO R 142 -28.83 -3.48 26.42
CA PRO R 142 -30.14 -3.20 25.85
C PRO R 142 -30.18 -3.54 24.36
N VAL R 143 -31.39 -3.48 23.81
CA VAL R 143 -31.57 -3.67 22.38
C VAL R 143 -30.84 -2.58 21.61
N ALA R 144 -30.73 -1.38 22.19
CA ALA R 144 -30.00 -0.30 21.56
C ALA R 144 -28.52 -0.57 21.44
N TYR R 145 -27.96 -1.39 22.30
CA TYR R 145 -26.53 -1.61 22.35
C TYR R 145 -26.12 -2.96 21.82
N ILE R 146 -27.03 -3.93 21.80
CA ILE R 146 -26.78 -5.19 21.13
C ILE R 146 -26.65 -4.98 19.63
N LYS R 147 -27.39 -4.04 19.07
CA LYS R 147 -27.38 -3.81 17.64
C LYS R 147 -26.08 -3.20 17.13
N THR R 148 -25.26 -2.61 17.99
CA THR R 148 -23.95 -2.17 17.53
C THR R 148 -22.98 -3.32 17.37
N PHE R 149 -23.21 -4.43 18.04
CA PHE R 149 -22.32 -5.58 17.95
C PHE R 149 -22.65 -6.39 16.72
N GLN R 150 -21.96 -7.49 16.55
CA GLN R 150 -22.19 -8.35 15.41
C GLN R 150 -22.97 -9.58 15.79
N GLY R 151 -22.83 -10.00 17.02
CA GLY R 151 -23.36 -11.26 17.43
C GLY R 151 -22.35 -12.32 17.10
N PRO R 152 -22.78 -13.56 17.10
CA PRO R 152 -21.99 -14.61 16.54
C PRO R 152 -21.82 -14.43 15.05
N PRO R 153 -20.78 -14.99 14.46
CA PRO R 153 -20.71 -15.07 13.01
C PRO R 153 -21.89 -15.82 12.42
N HIS R 154 -22.21 -16.96 13.00
CA HIS R 154 -23.30 -17.81 12.55
C HIS R 154 -24.02 -18.28 13.80
N GLY R 155 -25.31 -18.36 13.76
CA GLY R 155 -26.08 -18.65 14.95
C GLY R 155 -26.11 -20.10 15.36
N ILE R 156 -27.24 -20.50 15.92
CA ILE R 156 -27.60 -21.90 15.94
C ILE R 156 -28.06 -22.30 14.56
N GLN R 157 -28.90 -21.46 13.97
CA GLN R 157 -29.57 -21.77 12.71
C GLN R 157 -28.58 -21.83 11.56
N VAL R 158 -27.68 -20.85 11.47
CA VAL R 158 -26.81 -20.80 10.31
C VAL R 158 -25.65 -21.75 10.48
N GLU R 159 -25.28 -22.06 11.72
CA GLU R 159 -24.30 -23.11 11.94
C GLU R 159 -24.82 -24.46 11.53
N ARG R 160 -26.07 -24.77 11.89
CA ARG R 160 -26.65 -26.03 11.44
C ARG R 160 -26.89 -26.05 9.94
N ASP R 161 -27.12 -24.89 9.32
CA ASP R 161 -27.35 -24.89 7.88
C ASP R 161 -26.04 -25.03 7.12
N LYS R 162 -24.94 -24.57 7.68
CA LYS R 162 -23.65 -24.78 7.05
C LYS R 162 -23.17 -26.20 7.19
N LEU R 163 -23.52 -26.86 8.28
CA LEU R 163 -23.04 -28.20 8.57
C LEU R 163 -24.02 -29.28 8.16
N ASN R 164 -25.27 -28.90 7.89
CA ASN R 164 -26.34 -29.81 7.46
C ASN R 164 -26.59 -30.90 8.50
N LYS R 165 -26.68 -30.49 9.75
CA LYS R 165 -26.80 -31.40 10.89
C LYS R 165 -27.96 -30.93 11.75
N TYR R 166 -29.14 -31.51 11.55
CA TYR R 166 -30.37 -30.99 12.14
C TYR R 166 -30.95 -31.93 13.18
N GLY R 167 -31.43 -31.35 14.26
CA GLY R 167 -32.24 -32.07 15.20
C GLY R 167 -31.50 -33.02 16.10
N ARG R 168 -30.24 -32.72 16.42
CA ARG R 168 -29.50 -33.51 17.37
C ARG R 168 -28.43 -32.62 17.97
N PRO R 169 -28.02 -32.86 19.20
CA PRO R 169 -26.85 -32.15 19.71
C PRO R 169 -25.61 -32.74 19.07
N LEU R 170 -24.72 -31.88 18.61
CA LEU R 170 -23.57 -32.30 17.84
C LEU R 170 -22.53 -32.89 18.78
N LEU R 171 -21.42 -33.39 18.24
CA LEU R 171 -20.50 -34.15 19.07
C LEU R 171 -19.10 -33.60 19.02
N GLY R 172 -18.22 -34.21 19.80
CA GLY R 172 -16.81 -33.94 19.75
C GLY R 172 -15.98 -34.83 20.64
N CYS R 173 -14.88 -35.36 20.14
CA CYS R 173 -13.82 -35.88 20.98
C CYS R 173 -13.02 -34.71 21.53
N THR R 174 -12.04 -35.04 22.34
CA THR R 174 -10.93 -34.15 22.63
C THR R 174 -9.69 -35.02 22.58
N ILE R 175 -8.71 -34.61 21.79
CA ILE R 175 -7.65 -35.53 21.38
C ILE R 175 -6.71 -35.76 22.54
N LYS R 176 -6.86 -36.89 23.19
CA LYS R 176 -5.92 -37.28 24.19
C LYS R 176 -4.88 -38.23 23.60
N PRO R 177 -3.60 -38.10 23.92
CA PRO R 177 -2.99 -37.14 24.85
C PRO R 177 -2.88 -35.75 24.26
N LYS R 178 -2.89 -34.75 25.14
CA LYS R 178 -2.77 -33.38 24.67
C LYS R 178 -1.38 -33.13 24.09
N LEU R 179 -0.36 -33.30 24.91
CA LEU R 179 0.97 -32.83 24.58
C LEU R 179 1.78 -33.98 24.02
N GLY R 180 2.67 -33.65 23.11
CA GLY R 180 3.63 -34.59 22.62
C GLY R 180 3.34 -35.14 21.24
N LEU R 181 2.07 -35.19 20.84
CA LEU R 181 1.71 -35.75 19.54
C LEU R 181 2.19 -34.87 18.42
N SER R 182 2.93 -35.46 17.49
CA SER R 182 3.27 -34.76 16.28
C SER R 182 2.01 -34.54 15.45
N ALA R 183 2.11 -33.63 14.50
CA ALA R 183 0.93 -33.12 13.80
C ALA R 183 0.23 -34.18 12.97
N LYS R 184 0.96 -35.18 12.47
CA LYS R 184 0.31 -36.25 11.72
C LYS R 184 -0.30 -37.28 12.64
N ASN R 185 0.40 -37.66 13.72
CA ASN R 185 -0.18 -38.54 14.72
C ASN R 185 -1.38 -37.89 15.38
N TYR R 186 -1.35 -36.57 15.49
CA TYR R 186 -2.50 -35.82 15.96
C TYR R 186 -3.65 -35.89 14.97
N GLY R 187 -3.35 -35.84 13.68
CA GLY R 187 -4.41 -35.92 12.69
C GLY R 187 -4.92 -37.33 12.49
N ARG R 188 -4.15 -38.33 12.89
CA ARG R 188 -4.65 -39.69 12.83
C ARG R 188 -5.65 -39.94 13.94
N ALA R 189 -5.41 -39.35 15.11
CA ALA R 189 -6.38 -39.42 16.18
C ALA R 189 -7.60 -38.56 15.91
N VAL R 190 -7.48 -37.59 15.02
CA VAL R 190 -8.64 -36.83 14.56
C VAL R 190 -9.43 -37.63 13.55
N TYR R 191 -8.75 -38.20 12.56
CA TYR R 191 -9.41 -39.03 11.56
C TYR R 191 -10.05 -40.26 12.18
N GLU R 192 -9.49 -40.78 13.26
CA GLU R 192 -10.08 -41.95 13.86
C GLU R 192 -11.37 -41.59 14.59
N CYS R 193 -11.37 -40.48 15.34
CA CYS R 193 -12.60 -40.03 15.97
C CYS R 193 -13.63 -39.58 14.93
N LEU R 194 -13.20 -38.90 13.87
CA LEU R 194 -14.17 -38.36 12.91
C LEU R 194 -14.76 -39.42 11.99
N ARG R 195 -14.22 -40.64 11.94
CA ARG R 195 -14.92 -41.69 11.21
C ARG R 195 -16.21 -42.06 11.92
N GLY R 196 -16.13 -42.52 13.15
CA GLY R 196 -17.26 -43.06 13.85
C GLY R 196 -18.27 -42.05 14.30
N GLY R 197 -18.85 -41.31 13.36
CA GLY R 197 -20.04 -40.55 13.66
C GLY R 197 -19.86 -39.28 14.44
N LEU R 198 -18.65 -38.96 14.82
CA LEU R 198 -18.42 -37.76 15.57
C LEU R 198 -18.50 -36.57 14.64
N ASP R 199 -19.05 -35.47 15.10
CA ASP R 199 -19.17 -34.33 14.21
C ASP R 199 -17.90 -33.51 14.23
N PHE R 200 -17.52 -33.01 15.38
CA PHE R 200 -16.37 -32.16 15.52
C PHE R 200 -15.29 -32.88 16.30
N THR R 201 -14.15 -32.24 16.44
CA THR R 201 -13.05 -32.75 17.23
C THR R 201 -12.24 -31.57 17.72
N LYS R 202 -12.02 -31.48 19.02
CA LYS R 202 -11.51 -30.25 19.60
C LYS R 202 -9.99 -30.28 19.65
N ASP R 203 -9.39 -29.15 19.30
CA ASP R 203 -7.99 -28.93 19.57
C ASP R 203 -7.86 -28.32 20.96
N ASP R 204 -6.76 -28.60 21.61
CA ASP R 204 -6.72 -28.44 23.05
C ASP R 204 -6.53 -26.98 23.43
N GLU R 205 -6.54 -26.73 24.74
CA GLU R 205 -6.26 -25.39 25.25
C GLU R 205 -4.81 -25.04 25.01
N ASN R 206 -3.92 -25.84 25.58
CA ASN R 206 -2.49 -25.64 25.56
C ASN R 206 -1.81 -26.12 24.29
N ILE R 207 -2.56 -26.25 23.20
CA ILE R 207 -2.02 -26.48 21.88
C ILE R 207 -2.39 -25.26 21.04
N ASN R 208 -1.44 -24.34 20.88
CA ASN R 208 -1.52 -23.37 19.80
C ASN R 208 -0.42 -23.67 18.78
N SER R 209 0.82 -23.64 19.23
CA SER R 209 1.97 -24.17 18.52
C SER R 209 3.05 -24.33 19.55
N ALA R 210 3.89 -25.33 19.36
CA ALA R 210 4.88 -25.74 20.33
C ALA R 210 5.90 -26.58 19.58
N PRO R 211 7.16 -26.66 20.05
CA PRO R 211 8.23 -27.16 19.18
C PRO R 211 8.07 -28.60 18.69
N PHE R 212 7.19 -29.38 19.27
CA PHE R 212 6.81 -30.67 18.72
C PHE R 212 5.70 -30.57 17.68
N GLN R 213 4.90 -29.52 17.71
CA GLN R 213 3.71 -29.46 16.87
C GLN R 213 3.41 -28.02 16.51
N ARG R 214 3.79 -27.62 15.31
CA ARG R 214 3.54 -26.28 14.87
C ARG R 214 2.14 -26.22 14.30
N TRP R 215 1.60 -25.02 14.23
CA TRP R 215 0.22 -24.89 13.81
C TRP R 215 0.06 -25.09 12.32
N ARG R 216 1.06 -24.69 11.53
CA ARG R 216 0.96 -24.77 10.08
C ARG R 216 0.89 -26.22 9.64
N ASP R 217 1.51 -27.09 10.41
CA ASP R 217 1.52 -28.52 10.18
C ASP R 217 0.39 -29.20 10.92
N ARG R 218 -0.01 -28.71 12.07
CA ARG R 218 -1.20 -29.27 12.71
C ARG R 218 -2.44 -28.99 11.90
N PHE R 219 -2.53 -27.81 11.29
CA PHE R 219 -3.74 -27.52 10.51
C PHE R 219 -3.72 -28.26 9.21
N LEU R 220 -2.53 -28.56 8.70
CA LEU R 220 -2.40 -29.25 7.42
C LEU R 220 -2.76 -30.71 7.56
N PHE R 221 -2.29 -31.35 8.62
CA PHE R 221 -2.55 -32.76 8.81
C PHE R 221 -3.86 -33.02 9.50
N VAL R 222 -4.66 -31.98 9.76
CA VAL R 222 -6.04 -32.12 10.18
C VAL R 222 -6.99 -31.86 9.03
N ALA R 223 -6.64 -30.95 8.14
CA ALA R 223 -7.41 -30.81 6.91
C ALA R 223 -7.27 -32.03 6.02
N ASP R 224 -6.13 -32.71 6.06
CA ASP R 224 -6.00 -33.95 5.32
C ASP R 224 -6.72 -35.09 5.99
N ALA R 225 -7.13 -34.92 7.25
CA ALA R 225 -7.87 -35.92 7.98
C ALA R 225 -9.33 -35.60 8.14
N ILE R 226 -9.74 -34.37 7.89
CA ILE R 226 -11.16 -34.09 7.76
C ILE R 226 -11.66 -34.54 6.41
N THR R 227 -11.00 -34.09 5.34
CA THR R 227 -11.42 -34.45 3.99
C THR R 227 -11.23 -35.92 3.67
N LYS R 228 -10.57 -36.68 4.54
CA LYS R 228 -10.64 -38.12 4.43
C LYS R 228 -11.86 -38.66 5.16
N ALA R 229 -12.18 -38.12 6.33
CA ALA R 229 -13.34 -38.60 7.07
C ALA R 229 -14.64 -37.99 6.61
N GLN R 230 -14.60 -36.82 5.97
CA GLN R 230 -15.78 -36.25 5.35
C GLN R 230 -16.11 -36.94 4.04
N ALA R 231 -15.11 -37.36 3.28
CA ALA R 231 -15.36 -38.05 2.03
C ALA R 231 -15.75 -39.50 2.25
N GLU R 232 -15.21 -40.13 3.28
CA GLU R 232 -15.61 -41.48 3.68
C GLU R 232 -17.07 -41.56 4.09
N THR R 233 -17.45 -40.87 5.16
CA THR R 233 -18.82 -40.79 5.62
C THR R 233 -19.34 -39.41 5.32
N GLY R 234 -20.44 -39.32 4.58
CA GLY R 234 -20.80 -38.12 3.86
C GLY R 234 -21.28 -36.93 4.68
N GLU R 235 -20.93 -36.84 5.95
CA GLU R 235 -21.34 -35.71 6.76
C GLU R 235 -20.25 -34.65 6.77
N ILE R 236 -20.62 -33.40 7.02
CA ILE R 236 -19.64 -32.32 7.01
C ILE R 236 -18.92 -32.35 8.35
N LYS R 237 -17.82 -33.07 8.40
CA LYS R 237 -17.04 -33.16 9.63
C LYS R 237 -16.17 -31.92 9.74
N GLY R 238 -15.86 -31.54 10.96
CA GLY R 238 -15.05 -30.37 11.21
C GLY R 238 -14.10 -30.60 12.36
N HIS R 239 -13.25 -29.64 12.60
CA HIS R 239 -12.28 -29.71 13.68
C HIS R 239 -12.02 -28.30 14.15
N TYR R 240 -12.05 -28.11 15.47
CA TYR R 240 -11.91 -26.80 16.06
C TYR R 240 -10.44 -26.43 16.04
N LEU R 241 -9.95 -25.95 14.91
CA LEU R 241 -8.55 -25.59 14.81
C LEU R 241 -8.24 -24.38 15.66
N ASN R 242 -7.20 -24.47 16.47
CA ASN R 242 -6.92 -23.47 17.49
C ASN R 242 -6.14 -22.33 16.87
N VAL R 243 -6.80 -21.19 16.70
CA VAL R 243 -6.17 -20.04 16.13
C VAL R 243 -5.77 -19.03 17.19
N THR R 244 -5.80 -19.42 18.46
CA THR R 244 -5.29 -18.55 19.53
C THR R 244 -3.80 -18.37 19.35
N ALA R 245 -3.33 -17.15 19.37
CA ALA R 245 -1.99 -16.85 18.91
C ALA R 245 -1.42 -15.70 19.73
N PRO R 246 -0.08 -15.51 19.69
CA PRO R 246 0.49 -14.36 20.39
C PRO R 246 0.02 -13.01 19.94
N THR R 247 0.00 -12.73 18.65
CA THR R 247 -0.44 -11.42 18.17
C THR R 247 -1.70 -11.56 17.33
N CYS R 248 -2.43 -10.47 17.15
CA CYS R 248 -3.59 -10.48 16.24
C CYS R 248 -3.20 -10.62 14.79
N GLU R 249 -1.95 -10.37 14.41
CA GLU R 249 -1.54 -10.70 13.06
C GLU R 249 -1.33 -12.18 12.90
N GLU R 250 -0.63 -12.79 13.86
CA GLU R 250 -0.41 -14.22 13.89
C GLU R 250 -1.71 -14.99 14.11
N MET R 251 -2.72 -14.36 14.69
CA MET R 251 -4.01 -15.04 14.81
C MET R 251 -4.74 -15.08 13.50
N LEU R 252 -4.72 -13.99 12.75
CA LEU R 252 -5.47 -13.96 11.51
C LEU R 252 -4.73 -14.67 10.38
N LYS R 253 -3.41 -14.79 10.47
CA LYS R 253 -2.75 -15.62 9.48
C LYS R 253 -2.87 -17.09 9.82
N ARG R 254 -3.30 -17.38 11.04
CA ARG R 254 -3.62 -18.72 11.49
C ARG R 254 -5.07 -19.04 11.20
N ALA R 255 -5.91 -18.05 11.04
CA ALA R 255 -7.28 -18.32 10.67
C ALA R 255 -7.46 -18.25 9.16
N GLU R 256 -6.76 -17.36 8.47
CA GLU R 256 -6.80 -17.32 7.01
C GLU R 256 -6.17 -18.54 6.39
N TYR R 257 -5.36 -19.28 7.13
CA TYR R 257 -4.90 -20.56 6.62
C TYR R 257 -5.95 -21.63 6.83
N ALA R 258 -6.67 -21.61 7.94
CA ALA R 258 -7.80 -22.53 8.06
C ALA R 258 -8.95 -22.14 7.15
N LYS R 259 -9.02 -20.90 6.68
CA LYS R 259 -9.95 -20.62 5.60
C LYS R 259 -9.48 -21.25 4.30
N GLU R 260 -8.19 -21.25 4.02
CA GLU R 260 -7.73 -21.71 2.73
C GLU R 260 -7.53 -23.21 2.67
N LEU R 261 -7.70 -23.90 3.79
CA LEU R 261 -7.88 -25.34 3.79
C LEU R 261 -9.35 -25.71 3.73
N LYS R 262 -10.21 -24.71 3.54
CA LYS R 262 -11.66 -24.85 3.44
C LYS R 262 -12.27 -25.45 4.70
N GLN R 263 -11.66 -25.18 5.86
CA GLN R 263 -12.12 -25.70 7.12
C GLN R 263 -13.43 -25.05 7.53
N PRO R 264 -14.34 -25.80 8.10
CA PRO R 264 -15.61 -25.21 8.49
C PRO R 264 -15.50 -24.40 9.75
N ILE R 265 -14.55 -24.70 10.63
CA ILE R 265 -14.60 -24.17 11.97
C ILE R 265 -13.20 -23.99 12.52
N ILE R 266 -13.00 -22.90 13.26
CA ILE R 266 -11.82 -22.63 14.04
C ILE R 266 -12.24 -22.51 15.49
N MET R 267 -11.29 -22.31 16.38
CA MET R 267 -11.62 -22.05 17.77
C MET R 267 -10.67 -21.03 18.36
N HIS R 268 -11.03 -20.51 19.52
CA HIS R 268 -10.30 -19.38 20.08
C HIS R 268 -10.55 -19.31 21.57
N ASP R 269 -9.48 -19.17 22.35
CA ASP R 269 -9.55 -19.09 23.81
C ASP R 269 -9.76 -17.64 24.20
N TYR R 270 -11.01 -17.23 24.38
CA TYR R 270 -11.36 -15.82 24.31
C TYR R 270 -11.03 -15.03 25.56
N LEU R 271 -10.77 -15.67 26.69
CA LEU R 271 -10.42 -14.94 27.89
C LEU R 271 -8.93 -14.84 28.14
N THR R 272 -8.13 -15.75 27.60
CA THR R 272 -6.70 -15.50 27.57
C THR R 272 -6.34 -14.52 26.46
N ALA R 273 -6.90 -14.71 25.27
CA ALA R 273 -6.63 -13.83 24.15
C ALA R 273 -7.43 -12.54 24.18
N GLY R 274 -8.44 -12.45 25.02
CA GLY R 274 -9.10 -11.18 25.25
C GLY R 274 -10.26 -10.95 24.35
N PHE R 275 -10.92 -9.82 24.55
CA PHE R 275 -12.08 -9.45 23.78
C PHE R 275 -11.77 -8.52 22.63
N THR R 276 -10.54 -8.05 22.50
CA THR R 276 -10.19 -7.33 21.30
C THR R 276 -9.75 -8.29 20.22
N ALA R 277 -9.10 -9.38 20.61
CA ALA R 277 -8.73 -10.38 19.63
C ALA R 277 -9.90 -11.26 19.27
N ASN R 278 -10.83 -11.45 20.19
CA ASN R 278 -12.01 -12.23 19.86
C ASN R 278 -12.92 -11.46 18.93
N THR R 279 -13.13 -10.17 19.19
CA THR R 279 -14.01 -9.38 18.34
C THR R 279 -13.36 -9.14 16.98
N THR R 280 -12.04 -9.18 16.90
CA THR R 280 -11.36 -9.16 15.61
C THR R 280 -11.67 -10.42 14.83
N LEU R 281 -11.67 -11.56 15.50
CA LEU R 281 -11.92 -12.83 14.88
C LEU R 281 -13.40 -13.11 14.68
N ALA R 282 -14.25 -12.51 15.51
CA ALA R 282 -15.68 -12.43 15.23
C ALA R 282 -15.95 -11.82 13.88
N ARG R 283 -15.41 -10.62 13.66
CA ARG R 283 -15.60 -9.90 12.42
C ARG R 283 -14.94 -10.61 11.27
N TRP R 284 -13.91 -11.38 11.54
CA TRP R 284 -13.23 -12.12 10.49
C TRP R 284 -14.07 -13.31 10.05
N CYS R 285 -14.56 -14.08 11.01
CA CYS R 285 -15.29 -15.30 10.71
C CYS R 285 -16.63 -15.01 10.07
N ARG R 286 -17.26 -13.90 10.41
CA ARG R 286 -18.44 -13.50 9.68
C ARG R 286 -18.10 -13.11 8.25
N ASP R 287 -16.96 -12.45 8.07
CA ASP R 287 -16.54 -12.03 6.74
C ASP R 287 -15.78 -13.12 6.01
N ASN R 288 -15.70 -14.33 6.55
CA ASN R 288 -15.04 -15.43 5.86
C ASN R 288 -15.76 -16.76 6.02
N GLY R 289 -16.91 -16.79 6.67
CA GLY R 289 -17.73 -17.98 6.68
C GLY R 289 -17.16 -19.14 7.46
N VAL R 290 -16.26 -18.88 8.37
CA VAL R 290 -15.71 -19.90 9.24
C VAL R 290 -16.51 -19.87 10.52
N LEU R 291 -16.82 -21.04 11.05
CA LEU R 291 -17.50 -21.06 12.34
C LEU R 291 -16.47 -20.79 13.42
N LEU R 292 -16.91 -20.18 14.52
CA LEU R 292 -15.99 -19.84 15.60
C LEU R 292 -16.40 -20.58 16.85
N HIS R 293 -15.53 -21.42 17.38
CA HIS R 293 -15.76 -22.14 18.62
C HIS R 293 -15.08 -21.40 19.74
N ILE R 294 -15.82 -20.66 20.53
CA ILE R 294 -15.17 -19.94 21.61
C ILE R 294 -14.96 -20.86 22.80
N HIS R 295 -13.72 -20.96 23.25
CA HIS R 295 -13.36 -21.79 24.38
C HIS R 295 -13.12 -20.91 25.59
N ARG R 296 -13.63 -21.33 26.74
CA ARG R 296 -13.58 -20.47 27.92
C ARG R 296 -12.35 -20.77 28.78
N ALA R 297 -11.19 -20.71 28.16
CA ALA R 297 -9.96 -20.91 28.92
C ALA R 297 -9.74 -19.70 29.81
N MET R 298 -9.20 -19.94 31.01
CA MET R 298 -8.97 -18.92 32.05
C MET R 298 -10.29 -18.30 32.51
N HIS R 299 -11.39 -19.03 32.41
CA HIS R 299 -12.66 -18.49 32.90
C HIS R 299 -12.78 -18.66 34.39
N ALA R 300 -12.15 -19.67 34.96
CA ALA R 300 -12.39 -20.01 36.33
C ALA R 300 -11.61 -19.15 37.29
N VAL R 301 -10.75 -18.28 36.78
CA VAL R 301 -10.14 -17.27 37.61
C VAL R 301 -11.20 -16.34 38.14
N ILE R 302 -12.23 -16.10 37.32
CA ILE R 302 -13.15 -14.99 37.53
C ILE R 302 -14.60 -15.42 37.70
N ASP R 303 -14.98 -16.66 37.40
CA ASP R 303 -16.35 -17.04 37.67
C ASP R 303 -16.52 -18.16 38.68
N ARG R 304 -15.46 -18.58 39.36
CA ARG R 304 -15.56 -19.80 40.14
C ARG R 304 -15.86 -19.53 41.60
N GLN R 305 -15.35 -18.45 42.16
CA GLN R 305 -15.69 -18.08 43.53
C GLN R 305 -17.07 -17.45 43.56
N LYS R 306 -17.85 -17.79 44.57
CA LYS R 306 -19.22 -17.32 44.63
C LYS R 306 -19.35 -15.90 45.17
N ASN R 307 -18.26 -15.27 45.59
CA ASN R 307 -18.34 -13.94 46.19
C ASN R 307 -17.66 -12.86 45.38
N HIS R 308 -16.75 -13.20 44.48
CA HIS R 308 -15.92 -12.21 43.83
C HIS R 308 -15.54 -12.66 42.44
N GLY R 309 -15.52 -11.75 41.50
CA GLY R 309 -15.15 -12.06 40.14
C GLY R 309 -16.21 -11.65 39.17
N ILE R 310 -16.28 -12.29 38.02
CA ILE R 310 -17.28 -12.00 37.01
C ILE R 310 -17.99 -13.29 36.71
N HIS R 311 -19.27 -13.38 37.05
CA HIS R 311 -20.04 -14.60 36.79
C HIS R 311 -20.07 -14.87 35.31
N PHE R 312 -20.11 -16.15 34.94
CA PHE R 312 -19.95 -16.51 33.54
C PHE R 312 -21.12 -16.07 32.68
N ARG R 313 -22.28 -15.80 33.27
CA ARG R 313 -23.37 -15.27 32.46
C ARG R 313 -23.11 -13.83 32.04
N VAL R 314 -22.13 -13.15 32.63
CA VAL R 314 -21.66 -11.93 32.02
C VAL R 314 -20.75 -12.26 30.85
N LEU R 315 -19.84 -13.19 31.07
CA LEU R 315 -18.88 -13.59 30.05
C LEU R 315 -19.54 -14.45 28.98
N ALA R 316 -20.74 -14.95 29.23
CA ALA R 316 -21.49 -15.61 28.17
C ALA R 316 -22.19 -14.60 27.29
N LYS R 317 -22.80 -13.59 27.91
CA LYS R 317 -23.36 -12.47 27.17
C LYS R 317 -22.30 -11.66 26.49
N ALA R 318 -21.09 -11.61 27.04
CA ALA R 318 -20.04 -10.82 26.44
C ALA R 318 -19.50 -11.44 25.18
N LEU R 319 -19.55 -12.76 25.03
CA LEU R 319 -19.13 -13.33 23.76
C LEU R 319 -20.30 -13.66 22.85
N ARG R 320 -21.52 -13.58 23.33
CA ARG R 320 -22.57 -13.60 22.33
C ARG R 320 -22.59 -12.29 21.59
N LEU R 321 -22.18 -11.20 22.23
CA LEU R 321 -22.11 -9.91 21.57
C LEU R 321 -20.89 -9.80 20.68
N SER R 322 -19.73 -10.27 21.14
CA SER R 322 -18.64 -10.53 20.22
C SER R 322 -18.86 -11.91 19.61
N GLY R 323 -17.85 -12.55 19.08
CA GLY R 323 -18.10 -13.74 18.30
C GLY R 323 -18.23 -14.99 19.12
N GLY R 324 -18.90 -15.94 18.51
CA GLY R 324 -18.70 -17.31 18.83
C GLY R 324 -19.93 -18.08 18.47
N ASP R 325 -19.78 -19.19 17.78
CA ASP R 325 -20.94 -20.00 17.50
C ASP R 325 -21.12 -21.07 18.53
N HIS R 326 -20.06 -21.38 19.27
CA HIS R 326 -20.10 -22.32 20.35
C HIS R 326 -19.39 -21.69 21.53
N ILE R 327 -19.84 -22.00 22.72
CA ILE R 327 -19.07 -21.67 23.91
C ILE R 327 -19.22 -22.82 24.88
N HIS R 328 -18.13 -23.20 25.52
CA HIS R 328 -18.21 -24.20 26.56
C HIS R 328 -19.04 -23.68 27.70
N THR R 329 -20.15 -24.35 28.00
CA THR R 329 -20.86 -24.10 29.23
C THR R 329 -20.65 -25.21 30.24
N GLY R 330 -19.57 -25.96 30.08
CA GLY R 330 -19.16 -26.90 31.10
C GLY R 330 -19.96 -28.17 31.10
N THR R 331 -20.65 -28.43 32.19
CA THR R 331 -21.43 -29.65 32.31
C THR R 331 -22.53 -29.43 33.34
N VAL R 332 -23.42 -30.40 33.41
CA VAL R 332 -24.52 -30.38 34.35
C VAL R 332 -24.46 -31.54 35.33
N VAL R 333 -23.90 -32.69 34.92
CA VAL R 333 -24.10 -33.96 35.60
C VAL R 333 -23.44 -34.03 36.97
N GLY R 334 -22.50 -33.16 37.29
CA GLY R 334 -21.83 -33.23 38.57
C GLY R 334 -22.33 -32.21 39.55
N LYS R 335 -23.47 -31.59 39.26
CA LYS R 335 -23.93 -30.42 39.98
C LYS R 335 -25.34 -30.64 40.52
N LEU R 336 -25.68 -29.85 41.53
CA LEU R 336 -26.92 -29.99 42.30
C LEU R 336 -28.08 -29.44 41.48
N GLU R 337 -29.26 -29.28 42.09
CA GLU R 337 -30.36 -28.61 41.39
C GLU R 337 -30.08 -27.12 41.25
N GLY R 338 -29.60 -26.49 42.32
CA GLY R 338 -29.38 -25.06 42.27
C GLY R 338 -28.17 -24.68 41.44
N GLU R 339 -27.20 -25.58 41.32
CA GLU R 339 -26.00 -25.29 40.55
C GLU R 339 -26.17 -25.65 39.08
N ARG R 340 -27.27 -26.30 38.71
CA ARG R 340 -27.57 -26.49 37.29
C ARG R 340 -28.71 -25.62 36.80
N GLY R 341 -29.53 -25.10 37.70
CA GLY R 341 -30.45 -24.05 37.29
C GLY R 341 -29.69 -22.78 36.91
N ILE R 342 -28.61 -22.50 37.62
CA ILE R 342 -27.76 -21.37 37.26
C ILE R 342 -26.99 -21.67 35.98
N THR R 343 -26.64 -22.93 35.75
CA THR R 343 -25.95 -23.29 34.52
C THR R 343 -26.92 -23.35 33.34
N MET R 344 -28.15 -23.80 33.58
CA MET R 344 -29.17 -23.65 32.54
C MET R 344 -29.73 -22.23 32.48
N GLY R 345 -29.29 -21.34 33.36
CA GLY R 345 -29.62 -19.95 33.21
C GLY R 345 -28.80 -19.36 32.11
N PHE R 346 -27.47 -19.48 32.18
CA PHE R 346 -26.70 -18.84 31.14
C PHE R 346 -26.61 -19.66 29.88
N VAL R 347 -27.07 -20.90 29.88
CA VAL R 347 -27.24 -21.57 28.60
C VAL R 347 -28.37 -20.92 27.83
N ASP R 348 -29.43 -20.49 28.51
CA ASP R 348 -30.50 -19.80 27.83
C ASP R 348 -30.12 -18.39 27.42
N LEU R 349 -29.22 -17.74 28.15
CA LEU R 349 -28.82 -16.37 27.81
C LEU R 349 -28.07 -16.31 26.51
N LEU R 350 -27.31 -17.36 26.20
CA LEU R 350 -26.52 -17.38 24.99
C LEU R 350 -27.18 -18.16 23.89
N ARG R 351 -28.40 -18.56 24.05
CA ARG R 351 -28.97 -19.42 23.03
C ARG R 351 -30.39 -19.07 22.63
N GLU R 352 -31.10 -18.31 23.45
CA GLU R 352 -32.50 -17.97 23.26
C GLU R 352 -32.61 -16.48 23.00
N ASN R 353 -33.67 -16.08 22.29
CA ASN R 353 -33.82 -14.68 21.90
C ASN R 353 -34.22 -13.81 23.08
N TYR R 354 -35.24 -14.21 23.81
CA TYR R 354 -35.72 -13.45 24.95
C TYR R 354 -35.69 -14.35 26.16
N VAL R 355 -35.09 -13.87 27.24
CA VAL R 355 -34.97 -14.63 28.48
C VAL R 355 -35.48 -13.80 29.64
N GLU R 356 -36.46 -14.34 30.34
CA GLU R 356 -37.15 -13.62 31.39
C GLU R 356 -36.26 -13.56 32.62
N GLN R 357 -36.43 -12.51 33.41
CA GLN R 357 -35.79 -12.36 34.69
C GLN R 357 -36.21 -13.46 35.66
N ASP R 358 -35.32 -14.40 35.94
CA ASP R 358 -35.58 -15.46 36.91
C ASP R 358 -34.30 -15.61 37.73
N LYS R 359 -34.34 -15.21 38.98
CA LYS R 359 -33.11 -15.18 39.77
C LYS R 359 -32.79 -16.51 40.42
N SER R 360 -33.78 -17.38 40.65
CA SER R 360 -33.48 -18.73 41.10
C SER R 360 -32.74 -19.51 40.03
N ARG R 361 -33.05 -19.23 38.77
CA ARG R 361 -32.33 -19.76 37.62
C ARG R 361 -31.16 -18.87 37.26
N GLY R 362 -30.89 -17.84 38.06
CA GLY R 362 -29.65 -17.12 38.02
C GLY R 362 -29.70 -15.79 37.30
N ILE R 363 -30.63 -15.63 36.36
CA ILE R 363 -30.69 -14.44 35.52
C ILE R 363 -31.25 -13.28 36.31
N TYR R 364 -30.54 -12.16 36.34
CA TYR R 364 -31.01 -11.01 37.10
C TYR R 364 -31.77 -10.01 36.27
N PHE R 365 -31.49 -9.90 34.99
CA PHE R 365 -32.17 -8.92 34.14
C PHE R 365 -32.82 -9.65 32.98
N THR R 366 -34.03 -9.23 32.64
CA THR R 366 -34.65 -9.72 31.42
C THR R 366 -33.90 -9.19 30.22
N GLN R 367 -33.58 -10.08 29.30
CA GLN R 367 -32.60 -9.80 28.25
C GLN R 367 -33.22 -10.07 26.90
N ASP R 368 -33.61 -9.02 26.19
CA ASP R 368 -34.00 -9.16 24.80
C ASP R 368 -32.73 -9.10 23.97
N TRP R 369 -32.47 -10.15 23.20
CA TRP R 369 -31.29 -10.15 22.37
C TRP R 369 -31.48 -9.52 21.01
N ALA R 370 -32.68 -9.07 20.68
CA ALA R 370 -32.96 -8.29 19.47
C ALA R 370 -32.63 -9.05 18.20
N SER R 371 -33.07 -10.33 18.17
CA SER R 371 -32.83 -11.26 17.07
C SER R 371 -31.35 -11.45 16.77
N LEU R 372 -30.50 -11.32 17.79
CA LEU R 372 -29.11 -11.64 17.61
C LEU R 372 -29.01 -13.15 17.53
N PRO R 373 -28.10 -13.66 16.71
CA PRO R 373 -28.00 -15.11 16.54
C PRO R 373 -27.55 -15.80 17.82
N GLY R 374 -27.94 -17.05 17.98
CA GLY R 374 -27.63 -17.78 19.18
C GLY R 374 -26.21 -18.28 19.19
N VAL R 375 -25.79 -18.81 20.33
CA VAL R 375 -24.52 -19.48 20.45
C VAL R 375 -24.83 -20.89 20.93
N MET R 376 -24.16 -21.89 20.35
CA MET R 376 -24.27 -23.24 20.88
C MET R 376 -23.74 -23.30 22.29
N ALA R 377 -24.30 -24.19 23.08
CA ALA R 377 -23.84 -24.43 24.44
C ALA R 377 -23.18 -25.80 24.41
N VAL R 378 -21.90 -25.83 24.68
CA VAL R 378 -21.08 -27.02 24.53
C VAL R 378 -20.95 -27.70 25.88
N ALA R 379 -21.20 -29.00 25.93
CA ALA R 379 -21.09 -29.77 27.16
C ALA R 379 -19.77 -30.52 27.17
N SER R 380 -18.90 -30.22 28.12
CA SER R 380 -17.55 -30.77 28.07
C SER R 380 -17.06 -31.19 29.44
N GLY R 381 -17.89 -31.85 30.22
CA GLY R 381 -17.44 -32.36 31.50
C GLY R 381 -16.70 -33.67 31.35
N GLY R 382 -16.55 -34.35 32.48
CA GLY R 382 -16.04 -35.70 32.46
C GLY R 382 -17.16 -36.66 32.12
N ILE R 383 -17.54 -36.70 30.85
CA ILE R 383 -18.78 -37.33 30.43
C ILE R 383 -18.47 -38.43 29.42
N HIS R 384 -19.41 -39.38 29.34
CA HIS R 384 -19.21 -40.64 28.63
C HIS R 384 -20.56 -41.12 28.09
N VAL R 385 -20.65 -42.42 27.83
CA VAL R 385 -21.82 -43.03 27.21
C VAL R 385 -23.09 -42.79 28.02
N TRP R 386 -23.03 -43.06 29.32
CA TRP R 386 -24.22 -43.08 30.17
C TRP R 386 -24.80 -41.70 30.45
N HIS R 387 -24.21 -40.64 29.93
CA HIS R 387 -24.69 -39.28 30.12
C HIS R 387 -25.44 -38.75 28.91
N MET R 388 -25.50 -39.51 27.83
CA MET R 388 -26.38 -39.17 26.72
C MET R 388 -27.86 -39.07 27.03
N PRO R 389 -28.46 -39.81 27.97
CA PRO R 389 -29.82 -39.42 28.39
C PRO R 389 -29.85 -38.07 29.06
N ALA R 390 -28.83 -37.73 29.85
CA ALA R 390 -28.88 -36.52 30.66
C ALA R 390 -28.63 -35.29 29.81
N LEU R 391 -27.63 -35.32 28.96
CA LEU R 391 -27.23 -34.13 28.24
C LEU R 391 -28.00 -33.90 26.95
N VAL R 392 -28.97 -34.74 26.61
CA VAL R 392 -29.85 -34.43 25.50
C VAL R 392 -31.15 -33.95 26.13
N GLU R 393 -31.40 -34.39 27.35
CA GLU R 393 -32.57 -33.88 28.07
C GLU R 393 -32.33 -32.47 28.59
N ILE R 394 -31.18 -32.22 29.22
CA ILE R 394 -30.89 -30.92 29.79
C ILE R 394 -30.53 -29.93 28.68
N PHE R 395 -29.43 -30.17 27.99
CA PHE R 395 -29.08 -29.37 26.82
C PHE R 395 -29.86 -29.93 25.65
N GLY R 396 -30.61 -29.09 24.97
CA GLY R 396 -31.53 -29.55 23.95
C GLY R 396 -30.86 -29.93 22.64
N ASP R 397 -31.55 -29.62 21.56
CA ASP R 397 -30.99 -29.85 20.24
C ASP R 397 -29.84 -28.91 19.97
N ASP R 398 -29.93 -27.68 20.48
CA ASP R 398 -29.01 -26.61 20.10
C ASP R 398 -27.76 -26.69 20.95
N SER R 399 -27.00 -27.78 20.79
CA SER R 399 -25.88 -28.00 21.67
C SER R 399 -24.82 -28.82 20.97
N VAL R 400 -23.67 -28.90 21.61
CA VAL R 400 -22.55 -29.73 21.19
C VAL R 400 -22.11 -30.49 22.42
N LEU R 401 -21.79 -31.76 22.28
CA LEU R 401 -21.40 -32.56 23.43
C LEU R 401 -19.96 -32.98 23.22
N GLN R 402 -19.04 -32.42 23.98
CA GLN R 402 -17.66 -32.88 23.89
C GLN R 402 -17.51 -34.17 24.67
N PHE R 403 -16.39 -34.84 24.49
CA PHE R 403 -16.08 -36.06 25.22
C PHE R 403 -14.57 -36.15 25.41
N GLY R 404 -14.16 -37.19 26.13
CA GLY R 404 -12.76 -37.49 26.32
C GLY R 404 -12.02 -36.58 27.28
N GLY R 405 -12.72 -35.67 27.96
CA GLY R 405 -12.04 -34.75 28.85
C GLY R 405 -11.55 -35.40 30.13
N GLY R 406 -12.46 -36.08 30.83
CA GLY R 406 -12.10 -36.78 32.05
C GLY R 406 -12.18 -38.28 31.94
N THR R 407 -13.14 -38.77 31.17
CA THR R 407 -13.35 -40.20 31.05
C THR R 407 -12.25 -40.84 30.22
N LEU R 408 -11.97 -42.10 30.52
CA LEU R 408 -10.73 -42.73 30.07
C LEU R 408 -10.91 -43.46 28.74
N GLY R 409 -11.48 -42.77 27.76
CA GLY R 409 -11.45 -43.28 26.39
C GLY R 409 -12.38 -44.47 26.17
N HIS R 410 -11.82 -45.51 25.59
CA HIS R 410 -12.56 -46.67 25.11
C HIS R 410 -11.57 -47.78 24.88
N PRO R 411 -11.91 -49.04 25.15
CA PRO R 411 -10.93 -50.12 24.99
C PRO R 411 -10.61 -50.45 23.55
N TRP R 412 -11.48 -50.16 22.60
CA TRP R 412 -11.25 -50.55 21.21
C TRP R 412 -10.67 -49.42 20.37
N GLY R 413 -10.28 -48.31 20.99
CA GLY R 413 -9.69 -47.23 20.24
C GLY R 413 -10.58 -46.01 20.17
N ASN R 414 -10.46 -45.22 19.11
CA ASN R 414 -11.21 -43.99 18.97
C ASN R 414 -12.40 -44.12 18.05
N ALA R 415 -12.27 -44.83 16.94
CA ALA R 415 -13.38 -45.01 16.03
C ALA R 415 -14.47 -45.92 16.56
N PRO R 416 -14.18 -46.97 17.37
CA PRO R 416 -15.30 -47.57 18.09
C PRO R 416 -15.66 -46.75 19.31
N GLY R 417 -14.73 -45.93 19.78
CA GLY R 417 -15.04 -45.05 20.89
C GLY R 417 -15.94 -43.91 20.50
N ALA R 418 -15.83 -43.44 19.25
CA ALA R 418 -16.70 -42.38 18.79
C ALA R 418 -18.05 -42.92 18.33
N THR R 419 -18.10 -44.15 17.82
CA THR R 419 -19.38 -44.73 17.43
C THR R 419 -20.20 -45.07 18.67
N ALA R 420 -19.54 -45.41 19.77
CA ALA R 420 -20.22 -45.53 21.05
C ALA R 420 -20.80 -44.20 21.50
N ASN R 421 -20.13 -43.10 21.19
CA ASN R 421 -20.60 -41.78 21.57
C ASN R 421 -21.57 -41.20 20.56
N ARG R 422 -21.85 -41.91 19.49
CA ARG R 422 -22.78 -41.46 18.46
C ARG R 422 -24.03 -42.31 18.38
N VAL R 423 -23.92 -43.62 18.57
CA VAL R 423 -25.11 -44.45 18.69
C VAL R 423 -25.84 -44.13 19.98
N ALA R 424 -25.11 -43.78 21.03
CA ALA R 424 -25.77 -43.37 22.27
C ALA R 424 -26.40 -42.00 22.13
N LEU R 425 -25.94 -41.18 21.19
CA LEU R 425 -26.61 -39.92 20.90
C LEU R 425 -27.96 -40.18 20.24
N GLU R 426 -27.94 -40.85 19.09
CA GLU R 426 -29.12 -41.03 18.28
C GLU R 426 -30.08 -42.06 18.86
N ALA R 427 -29.66 -42.85 19.84
CA ALA R 427 -30.64 -43.56 20.63
C ALA R 427 -31.40 -42.61 21.53
N CYS R 428 -30.69 -41.66 22.16
CA CYS R 428 -31.32 -40.68 23.02
C CYS R 428 -31.99 -39.56 22.24
N VAL R 429 -31.63 -39.35 20.98
CA VAL R 429 -32.38 -38.45 20.13
C VAL R 429 -33.67 -39.12 19.66
N GLN R 430 -33.59 -40.40 19.28
CA GLN R 430 -34.78 -41.14 18.90
C GLN R 430 -35.74 -41.31 20.07
N ALA R 431 -35.20 -41.56 21.27
CA ALA R 431 -36.05 -41.75 22.44
C ALA R 431 -36.74 -40.46 22.84
N ARG R 432 -36.05 -39.33 22.77
CA ARG R 432 -36.65 -38.05 23.12
C ARG R 432 -37.73 -37.67 22.14
N ASN R 433 -37.60 -38.10 20.88
CA ASN R 433 -38.57 -37.79 19.84
C ASN R 433 -39.66 -38.83 19.75
N GLU R 434 -39.90 -39.61 20.80
CA GLU R 434 -40.98 -40.58 20.82
C GLU R 434 -41.74 -40.53 22.13
N GLY R 435 -41.59 -39.44 22.88
CA GLY R 435 -42.24 -39.27 24.14
C GLY R 435 -41.54 -39.93 25.31
N ARG R 436 -40.48 -40.69 25.08
CA ARG R 436 -39.84 -41.42 26.15
C ARG R 436 -39.07 -40.46 27.05
N ASN R 437 -39.51 -40.35 28.29
CA ASN R 437 -38.93 -39.44 29.26
C ASN R 437 -37.54 -39.94 29.62
N LEU R 438 -36.51 -39.31 29.02
CA LEU R 438 -35.12 -39.68 29.24
C LEU R 438 -34.64 -39.44 30.66
N ALA R 439 -35.38 -38.66 31.46
CA ALA R 439 -35.08 -38.56 32.89
C ALA R 439 -35.33 -39.88 33.59
N ARG R 440 -36.38 -40.60 33.18
CA ARG R 440 -36.75 -41.86 33.79
C ARG R 440 -36.51 -43.07 32.89
N GLU R 441 -36.82 -42.96 31.60
CA GLU R 441 -36.60 -44.03 30.65
C GLU R 441 -35.31 -43.86 29.87
N GLY R 442 -34.29 -43.26 30.48
CA GLY R 442 -33.06 -42.94 29.78
C GLY R 442 -32.05 -44.06 29.78
N ASN R 443 -31.91 -44.74 30.92
CA ASN R 443 -30.96 -45.85 30.99
C ASN R 443 -31.47 -47.08 30.25
N ASP R 444 -32.76 -47.14 29.93
CA ASP R 444 -33.27 -48.21 29.08
C ASP R 444 -32.80 -48.06 27.64
N VAL R 445 -32.73 -46.82 27.13
CA VAL R 445 -32.42 -46.64 25.72
C VAL R 445 -30.90 -46.67 25.48
N ILE R 446 -30.08 -46.53 26.51
CA ILE R 446 -28.68 -46.88 26.37
C ILE R 446 -28.49 -48.38 26.32
N ARG R 447 -29.23 -49.12 27.16
CA ARG R 447 -29.06 -50.56 27.20
C ARG R 447 -29.68 -51.25 26.01
N GLU R 448 -30.77 -50.70 25.45
CA GLU R 448 -31.34 -51.32 24.28
C GLU R 448 -30.73 -50.81 22.99
N ALA R 449 -29.75 -49.90 23.06
CA ALA R 449 -28.94 -49.58 21.90
C ALA R 449 -27.59 -50.25 21.94
N ALA R 450 -27.16 -50.72 23.11
CA ALA R 450 -25.94 -51.48 23.21
C ALA R 450 -26.10 -52.88 22.63
N LYS R 451 -27.33 -53.35 22.44
CA LYS R 451 -27.54 -54.62 21.77
C LYS R 451 -27.20 -54.52 20.28
N TRP R 452 -27.78 -53.54 19.59
CA TRP R 452 -27.60 -53.38 18.16
C TRP R 452 -26.28 -52.71 17.79
N SER R 453 -25.40 -52.47 18.75
CA SER R 453 -24.10 -51.87 18.44
C SER R 453 -23.02 -52.58 19.23
N PRO R 454 -22.10 -53.28 18.57
CA PRO R 454 -21.00 -53.91 19.32
C PRO R 454 -20.01 -52.91 19.86
N GLU R 455 -19.87 -51.76 19.19
CA GLU R 455 -18.95 -50.73 19.65
C GLU R 455 -19.46 -50.06 20.92
N LEU R 456 -20.76 -50.03 21.11
CA LEU R 456 -21.36 -49.41 22.28
C LEU R 456 -21.48 -50.38 23.44
N ALA R 457 -21.60 -51.68 23.15
CA ALA R 457 -21.76 -52.68 24.21
C ALA R 457 -20.50 -52.82 25.04
N VAL R 458 -19.32 -52.70 24.43
CA VAL R 458 -18.10 -52.76 25.22
C VAL R 458 -17.87 -51.45 25.95
N ALA R 459 -18.46 -50.34 25.49
CA ALA R 459 -18.45 -49.10 26.24
C ALA R 459 -19.59 -49.00 27.25
N CYS R 460 -20.44 -50.02 27.31
CA CYS R 460 -21.61 -49.97 28.19
C CYS R 460 -21.24 -50.16 29.65
N GLU R 461 -20.10 -50.78 29.93
CA GLU R 461 -19.72 -51.03 31.32
C GLU R 461 -18.82 -49.95 31.92
N LEU R 462 -17.88 -49.40 31.17
CA LEU R 462 -17.14 -48.24 31.66
C LEU R 462 -17.06 -47.16 30.58
N ALA S 4 69.55 -8.18 -25.13
CA ALA S 4 68.49 -8.61 -24.21
C ALA S 4 68.92 -8.48 -22.75
N PRO S 5 68.62 -7.32 -22.14
CA PRO S 5 68.82 -7.19 -20.68
C PRO S 5 67.66 -7.83 -19.93
N ILE S 6 67.98 -8.68 -18.96
CA ILE S 6 66.96 -9.42 -18.22
C ILE S 6 67.43 -9.72 -16.79
N PRO S 7 67.03 -8.91 -15.81
CA PRO S 7 67.41 -9.18 -14.42
C PRO S 7 66.34 -9.95 -13.69
N PRO S 8 66.68 -10.60 -12.56
CA PRO S 8 65.66 -11.07 -11.61
C PRO S 8 65.38 -10.04 -10.51
N PHE S 9 64.09 -9.92 -10.15
CA PHE S 9 63.69 -9.07 -9.02
C PHE S 9 62.62 -9.79 -8.21
N PHE S 10 63.05 -10.56 -7.22
CA PHE S 10 62.15 -11.12 -6.21
C PHE S 10 62.45 -10.40 -4.91
N ARG S 11 61.59 -9.45 -4.58
CA ARG S 11 61.76 -8.54 -3.46
C ARG S 11 61.07 -9.15 -2.26
N PHE S 12 61.47 -8.73 -1.06
CA PHE S 12 60.79 -9.22 0.14
C PHE S 12 59.48 -8.46 0.28
N ASP S 13 58.37 -9.21 0.24
CA ASP S 13 57.08 -8.63 -0.11
C ASP S 13 55.92 -9.09 0.77
N THR S 14 56.14 -9.89 1.80
CA THR S 14 55.09 -10.25 2.76
C THR S 14 55.56 -9.95 4.17
N GLU S 15 54.80 -10.45 5.14
CA GLU S 15 55.01 -10.08 6.55
C GLU S 15 56.28 -10.67 7.13
N ASP S 16 56.50 -11.97 6.96
CA ASP S 16 57.61 -12.67 7.60
C ASP S 16 58.86 -12.62 6.70
N GLU S 17 59.23 -11.40 6.33
CA GLU S 17 60.28 -11.15 5.35
C GLU S 17 61.36 -10.24 5.89
N LEU S 18 61.43 -10.06 7.21
CA LEU S 18 62.48 -9.28 7.85
C LEU S 18 63.23 -10.21 8.79
N PRO S 19 64.15 -11.01 8.29
CA PRO S 19 64.82 -11.99 9.14
C PRO S 19 65.88 -11.37 10.03
N ARG S 20 65.48 -10.92 11.22
CA ARG S 20 66.39 -10.20 12.11
C ARG S 20 67.53 -11.09 12.59
N ILE S 21 68.76 -10.62 12.36
CA ILE S 21 69.93 -11.20 13.00
C ILE S 21 69.80 -11.00 14.51
N VAL S 22 69.79 -12.11 15.24
CA VAL S 22 69.67 -12.06 16.69
C VAL S 22 70.83 -12.84 17.29
N PRO S 23 71.54 -12.28 18.26
CA PRO S 23 72.74 -12.95 18.79
C PRO S 23 72.41 -14.24 19.53
N VAL S 24 73.38 -15.14 19.50
CA VAL S 24 73.27 -16.41 20.19
C VAL S 24 74.44 -16.52 21.14
N VAL S 25 74.24 -17.25 22.23
CA VAL S 25 75.30 -17.50 23.18
C VAL S 25 75.56 -19.00 23.19
N GLY S 26 76.50 -19.45 24.01
CA GLY S 26 76.80 -20.86 24.10
C GLY S 26 75.69 -21.65 24.77
N GLN S 27 75.82 -22.97 24.68
CA GLN S 27 74.81 -23.87 25.24
C GLN S 27 74.87 -23.84 26.76
N LEU S 28 73.69 -23.87 27.38
CA LEU S 28 73.57 -23.71 28.82
C LEU S 28 74.10 -24.95 29.55
N PRO S 29 74.58 -24.80 30.81
CA PRO S 29 74.68 -23.64 31.70
C PRO S 29 75.77 -22.65 31.35
N LEU S 30 75.62 -21.44 31.87
CA LEU S 30 76.52 -20.32 31.61
C LEU S 30 76.56 -19.49 32.88
N LYS S 31 77.03 -18.26 32.75
CA LYS S 31 77.05 -17.30 33.85
C LYS S 31 76.16 -16.11 33.50
N ALA S 32 76.06 -15.17 34.43
CA ALA S 32 75.34 -13.93 34.19
C ALA S 32 76.15 -12.95 33.36
N GLU S 33 77.40 -13.26 33.04
CA GLU S 33 78.22 -12.38 32.23
C GLU S 33 77.75 -12.39 30.78
N GLU S 34 77.65 -13.56 30.18
CA GLU S 34 77.55 -13.68 28.73
C GLU S 34 76.18 -13.34 28.16
N LEU S 35 75.27 -12.73 28.93
CA LEU S 35 74.14 -12.08 28.27
C LEU S 35 74.41 -10.59 28.15
N LYS S 36 74.99 -9.99 29.18
CA LYS S 36 75.40 -8.59 29.09
C LYS S 36 76.73 -8.46 28.35
N ALA S 37 77.53 -9.52 28.32
CA ALA S 37 78.81 -9.49 27.60
C ALA S 37 78.64 -9.47 26.10
N VAL S 38 77.53 -10.00 25.59
CA VAL S 38 77.29 -9.95 24.14
C VAL S 38 76.86 -8.54 23.75
N PRO S 39 77.54 -7.90 22.81
CA PRO S 39 77.21 -6.51 22.47
C PRO S 39 75.89 -6.41 21.71
N LEU S 40 75.35 -5.20 21.70
CA LEU S 40 74.06 -4.94 21.10
C LEU S 40 74.17 -4.93 19.58
N VAL S 41 73.04 -5.11 18.92
CA VAL S 41 72.99 -5.13 17.46
C VAL S 41 72.63 -3.74 16.95
N GLU S 42 73.46 -3.21 16.05
CA GLU S 42 73.24 -1.91 15.45
C GLU S 42 73.01 -2.11 13.96
N GLU S 43 71.75 -2.29 13.58
CA GLU S 43 71.39 -2.58 12.19
C GLU S 43 71.53 -1.30 11.36
N ILE S 44 72.43 -1.32 10.38
CA ILE S 44 72.59 -0.19 9.47
C ILE S 44 71.38 -0.18 8.55
N GLU S 45 70.58 0.90 8.62
CA GLU S 45 69.21 1.06 8.10
C GLU S 45 68.99 0.62 6.64
N PRO S 46 69.92 0.81 5.68
CA PRO S 46 69.75 0.09 4.42
C PRO S 46 70.16 -1.37 4.53
N PHE S 47 69.19 -2.26 4.29
CA PHE S 47 69.37 -3.71 4.12
C PHE S 47 69.77 -4.43 5.41
N ARG S 48 69.71 -3.72 6.55
CA ARG S 48 69.92 -4.29 7.88
C ARG S 48 71.30 -4.95 8.01
N LEU S 49 72.34 -4.12 7.89
CA LEU S 49 73.72 -4.61 7.99
C LEU S 49 74.11 -4.79 9.45
N VAL S 50 74.57 -5.98 9.81
CA VAL S 50 74.98 -6.29 11.18
C VAL S 50 76.39 -6.84 11.14
N LYS S 51 77.31 -6.22 11.89
CA LYS S 51 78.72 -6.58 11.82
C LYS S 51 79.38 -6.47 13.19
N PHE S 52 80.39 -7.31 13.41
CA PHE S 52 81.29 -7.20 14.54
C PHE S 52 82.68 -7.63 14.09
N SER S 53 83.68 -7.32 14.92
CA SER S 53 85.06 -7.69 14.62
C SER S 53 85.60 -8.79 15.51
N GLY S 54 85.02 -9.02 16.69
CA GLY S 54 85.48 -10.05 17.59
C GLY S 54 84.93 -11.41 17.21
N GLU S 55 85.07 -12.35 18.14
CA GLU S 55 84.50 -13.68 17.97
C GLU S 55 82.99 -13.58 18.12
N GLN S 56 82.28 -13.63 17.00
CA GLN S 56 80.86 -13.34 16.94
C GLN S 56 80.05 -14.61 16.73
N ALA S 57 78.79 -14.56 17.12
CA ALA S 57 77.89 -15.71 17.02
C ALA S 57 76.46 -15.19 17.05
N TRP S 58 75.69 -15.52 16.02
CA TRP S 58 74.27 -15.20 16.02
C TRP S 58 73.51 -16.29 15.27
N VAL S 59 72.25 -16.01 14.98
CA VAL S 59 71.35 -17.01 14.40
C VAL S 59 70.29 -16.26 13.61
N ALA S 60 69.69 -16.93 12.64
CA ALA S 60 68.64 -16.35 11.81
C ALA S 60 67.30 -16.86 12.27
N LEU S 61 66.38 -15.94 12.49
CA LEU S 61 64.99 -16.29 12.67
C LEU S 61 64.21 -15.68 11.52
N PRO S 62 63.03 -16.21 11.18
CA PRO S 62 62.26 -15.61 10.08
C PRO S 62 61.80 -14.19 10.35
N GLY S 63 61.65 -13.81 11.60
CA GLY S 63 61.29 -12.45 11.90
C GLY S 63 59.79 -12.33 11.96
N TRP S 64 59.25 -12.11 13.15
CA TRP S 64 57.82 -12.01 13.33
C TRP S 64 57.51 -10.73 14.10
N GLN S 65 56.23 -10.56 14.41
CA GLN S 65 55.77 -9.33 15.03
C GLN S 65 56.24 -9.17 16.47
N VAL S 66 56.75 -10.23 17.08
CA VAL S 66 57.28 -10.13 18.44
C VAL S 66 58.80 -10.03 18.42
N LEU S 67 59.44 -10.71 17.46
CA LEU S 67 60.89 -10.61 17.32
C LEU S 67 61.30 -9.23 16.83
N LEU S 68 60.68 -8.75 15.75
CA LEU S 68 60.99 -7.44 15.19
C LEU S 68 60.63 -6.30 16.12
N ALA S 69 59.60 -6.47 16.93
CA ALA S 69 59.24 -5.43 17.89
C ALA S 69 60.21 -5.34 19.06
N ALA S 70 60.91 -6.43 19.36
CA ALA S 70 61.87 -6.45 20.45
C ALA S 70 63.05 -5.53 20.14
N GLU S 71 63.45 -4.75 21.14
CA GLU S 71 64.53 -3.80 20.94
C GLU S 71 65.89 -4.50 20.95
N ASP S 72 66.14 -5.35 21.93
CA ASP S 72 67.38 -6.12 22.04
C ASP S 72 67.08 -7.58 22.29
N PRO S 73 66.79 -8.36 21.25
CA PRO S 73 66.63 -9.80 21.44
C PRO S 73 67.94 -10.55 21.26
N VAL S 74 68.14 -11.56 22.11
CA VAL S 74 69.32 -12.43 22.06
C VAL S 74 68.87 -13.86 22.29
N THR S 75 69.15 -14.74 21.33
CA THR S 75 68.77 -16.13 21.46
C THR S 75 69.75 -16.88 22.36
N ILE S 76 69.25 -17.94 23.00
CA ILE S 76 70.03 -18.77 23.91
C ILE S 76 69.70 -20.23 23.62
N LEU S 77 70.72 -21.03 23.36
CA LEU S 77 70.49 -22.46 23.20
C LEU S 77 70.21 -23.12 24.54
N ALA S 78 69.14 -23.90 24.58
CA ALA S 78 68.76 -24.65 25.77
C ALA S 78 67.97 -25.87 25.34
N THR S 79 67.49 -26.61 26.33
CA THR S 79 66.61 -27.74 26.10
C THR S 79 65.28 -27.49 26.79
N SER S 80 64.27 -28.25 26.40
CA SER S 80 62.90 -28.02 26.85
C SER S 80 62.65 -28.46 28.28
N ASP S 81 63.64 -29.07 28.95
CA ASP S 81 63.48 -29.54 30.31
C ASP S 81 63.26 -28.40 31.30
N ARG S 82 63.65 -27.19 30.93
CA ARG S 82 63.59 -26.06 31.86
C ARG S 82 62.16 -25.58 32.08
N PHE S 83 61.26 -25.88 31.14
CA PHE S 83 59.92 -25.31 31.19
C PHE S 83 58.87 -26.38 31.43
N PRO S 84 57.86 -26.11 32.25
CA PRO S 84 56.86 -27.14 32.56
C PRO S 84 55.91 -27.43 31.42
N LYS S 85 56.35 -28.22 30.44
CA LYS S 85 55.51 -28.56 29.32
C LYS S 85 54.72 -29.82 29.65
N GLN S 86 53.44 -29.83 29.26
CA GLN S 86 52.57 -30.97 29.51
C GLN S 86 52.33 -31.82 28.27
N ASN S 87 52.83 -31.42 27.10
CA ASN S 87 52.69 -32.23 25.91
C ASN S 87 53.60 -33.46 26.00
N GLN S 88 53.24 -34.49 25.26
CA GLN S 88 53.99 -35.74 25.23
C GLN S 88 55.11 -35.72 24.20
N THR S 89 55.46 -34.54 23.68
CA THR S 89 56.56 -34.43 22.74
C THR S 89 57.89 -34.62 23.47
N GLU S 90 58.89 -35.03 22.70
CA GLU S 90 60.18 -35.37 23.25
C GLU S 90 60.98 -34.13 23.62
N PRO S 91 61.84 -34.22 24.63
CA PRO S 91 62.74 -33.10 24.94
C PRO S 91 63.80 -32.94 23.87
N GLY S 92 63.81 -31.78 23.22
CA GLY S 92 64.79 -31.48 22.21
C GLY S 92 65.44 -30.14 22.45
N PRO S 93 66.23 -29.68 21.47
CA PRO S 93 66.86 -28.37 21.61
C PRO S 93 65.86 -27.24 21.46
N VAL S 94 66.02 -26.22 22.31
CA VAL S 94 65.14 -25.06 22.35
C VAL S 94 66.02 -23.81 22.27
N LEU S 95 65.76 -22.97 21.28
CA LEU S 95 66.52 -21.73 21.09
C LEU S 95 65.75 -20.60 21.75
N VAL S 96 66.19 -20.20 22.93
CA VAL S 96 65.44 -19.32 23.82
C VAL S 96 65.66 -17.87 23.41
N VAL S 97 64.71 -17.29 22.69
CA VAL S 97 64.83 -15.93 22.18
C VAL S 97 64.57 -14.99 23.35
N VAL S 98 65.64 -14.46 23.93
CA VAL S 98 65.54 -13.61 25.09
C VAL S 98 65.60 -12.16 24.68
N ASP S 99 64.55 -11.42 24.98
CA ASP S 99 64.56 -9.97 24.87
C ASP S 99 65.11 -9.45 26.19
N ARG S 100 66.30 -8.85 26.14
CA ARG S 100 66.85 -8.22 27.33
C ARG S 100 66.39 -6.78 27.49
N SER S 101 65.58 -6.27 26.56
CA SER S 101 65.16 -4.88 26.66
C SER S 101 64.10 -4.71 27.73
N GLN S 102 62.98 -5.42 27.60
CA GLN S 102 61.90 -5.32 28.58
C GLN S 102 62.23 -6.19 29.79
N ARG S 103 63.01 -5.62 30.69
CA ARG S 103 63.40 -6.24 31.94
C ARG S 103 62.32 -6.14 33.02
N GLU S 104 61.19 -5.49 32.72
CA GLU S 104 60.18 -5.24 33.72
C GLU S 104 59.38 -6.51 34.02
N TRP S 105 59.17 -6.77 35.30
CA TRP S 105 58.55 -8.01 35.75
C TRP S 105 57.05 -8.01 35.47
N ASN S 106 56.56 -9.16 35.01
CA ASN S 106 55.14 -9.43 34.80
C ASN S 106 54.84 -10.79 35.41
N ASP S 107 53.64 -10.95 35.94
CA ASP S 107 53.29 -12.23 36.56
C ASP S 107 52.83 -13.28 35.56
N PHE S 108 52.77 -12.94 34.28
CA PHE S 108 52.19 -13.81 33.27
C PHE S 108 53.16 -14.20 32.16
N SER S 109 54.43 -13.82 32.26
CA SER S 109 55.39 -14.13 31.22
C SER S 109 56.66 -14.71 31.84
N TYR S 110 57.43 -15.42 31.02
CA TYR S 110 58.65 -16.05 31.48
C TYR S 110 59.83 -15.11 31.34
N PHE S 111 60.72 -15.13 32.34
CA PHE S 111 61.83 -14.21 32.40
C PHE S 111 63.14 -14.96 32.50
N VAL S 112 64.22 -14.18 32.45
CA VAL S 112 65.59 -14.67 32.51
C VAL S 112 66.18 -14.11 33.78
N VAL S 113 66.22 -14.92 34.82
CA VAL S 113 66.70 -14.49 36.12
C VAL S 113 67.97 -15.26 36.40
N ASP S 114 69.08 -14.53 36.54
CA ASP S 114 70.36 -15.16 36.83
C ASP S 114 70.38 -15.68 38.27
N HIS S 115 70.27 -16.99 38.41
CA HIS S 115 70.27 -17.64 39.73
C HIS S 115 71.69 -17.64 40.23
N ASP S 116 71.96 -16.76 41.21
CA ASP S 116 73.20 -16.45 41.94
C ASP S 116 74.47 -16.59 41.10
N GLY S 117 74.43 -16.04 39.88
CA GLY S 117 75.53 -16.17 38.95
C GLY S 117 75.33 -17.20 37.87
N GLU S 118 74.17 -17.83 37.78
CA GLU S 118 73.85 -18.78 36.71
C GLU S 118 72.57 -18.32 36.05
N LEU S 119 72.66 -18.02 34.75
CA LEU S 119 71.52 -17.60 33.96
C LEU S 119 70.51 -18.75 33.85
N ASP S 120 69.25 -18.46 34.18
CA ASP S 120 68.26 -19.51 34.36
C ASP S 120 66.88 -18.95 34.03
N PHE S 121 65.96 -19.85 33.67
CA PHE S 121 64.66 -19.51 33.09
C PHE S 121 63.57 -20.05 34.01
N GLN S 122 62.92 -19.18 34.79
CA GLN S 122 61.89 -19.64 35.71
C GLN S 122 60.73 -18.65 35.75
N TRP S 123 59.57 -19.16 36.15
CA TRP S 123 58.37 -18.37 36.35
C TRP S 123 58.31 -17.84 37.78
N PHE S 124 57.80 -16.62 37.92
CA PHE S 124 57.71 -16.00 39.22
C PHE S 124 56.34 -15.36 39.41
N GLU S 125 55.55 -15.91 40.33
CA GLU S 125 54.23 -15.38 40.63
C GLU S 125 54.27 -14.06 41.36
N THR S 126 55.36 -13.80 42.07
CA THR S 126 55.60 -12.52 42.72
C THR S 126 56.99 -12.07 42.32
N LYS S 127 57.22 -10.76 42.37
CA LYS S 127 58.49 -10.20 41.94
C LYS S 127 59.57 -10.55 42.96
N PRO S 128 60.58 -11.32 42.59
CA PRO S 128 61.56 -11.79 43.57
C PRO S 128 62.53 -10.68 43.93
N GLU S 129 63.46 -11.00 44.83
CA GLU S 129 64.58 -10.10 45.02
C GLU S 129 65.60 -10.26 43.90
N PHE S 130 65.68 -11.44 43.30
CA PHE S 130 66.68 -11.73 42.28
C PHE S 130 66.36 -10.94 41.01
N PRO S 131 67.31 -10.16 40.49
CA PRO S 131 66.98 -9.22 39.42
C PRO S 131 66.82 -9.90 38.07
N ILE S 132 65.81 -9.44 37.32
CA ILE S 132 65.48 -10.00 36.02
C ILE S 132 66.46 -9.46 34.99
N LEU S 133 67.15 -10.37 34.29
CA LEU S 133 68.13 -10.00 33.29
C LEU S 133 67.54 -9.82 31.90
N GLY S 134 66.39 -10.44 31.63
CA GLY S 134 65.76 -10.33 30.33
C GLY S 134 64.43 -11.06 30.32
N LYS S 135 63.73 -10.91 29.21
CA LYS S 135 62.40 -11.48 29.05
C LYS S 135 62.42 -12.47 27.89
N VAL S 136 61.82 -13.63 28.08
CA VAL S 136 61.76 -14.64 27.03
C VAL S 136 60.55 -14.34 26.16
N ILE S 137 60.78 -13.87 24.94
CA ILE S 137 59.69 -13.59 24.02
C ILE S 137 59.30 -14.84 23.23
N ILE S 138 60.26 -15.56 22.68
CA ILE S 138 59.96 -16.73 21.85
C ILE S 138 60.76 -17.89 22.42
N LEU S 139 60.28 -19.12 22.17
CA LEU S 139 61.00 -20.36 22.44
C LEU S 139 60.82 -21.25 21.22
N VAL S 140 61.68 -21.13 20.22
CA VAL S 140 61.45 -21.87 18.98
C VAL S 140 61.95 -23.30 19.13
N ARG S 141 61.45 -24.14 18.22
CA ARG S 141 61.76 -25.56 18.09
C ARG S 141 61.97 -25.88 16.61
N PRO S 142 62.83 -26.84 16.29
CA PRO S 142 63.16 -27.08 14.88
C PRO S 142 62.06 -27.85 14.16
N ARG S 143 62.25 -27.97 12.84
CA ARG S 143 61.35 -28.72 11.99
C ARG S 143 61.46 -30.21 12.31
N ARG S 144 60.34 -30.91 12.20
CA ARG S 144 60.21 -32.31 12.60
C ARG S 144 61.13 -33.26 11.83
N PRO T 3 47.71 -20.69 38.29
CA PRO T 3 48.04 -21.36 37.04
C PRO T 3 49.36 -20.88 36.42
N ALA T 4 50.15 -21.79 35.92
CA ALA T 4 51.39 -21.41 35.26
C ALA T 4 51.10 -20.96 33.84
N PRO T 5 51.81 -19.96 33.32
CA PRO T 5 51.60 -19.55 31.94
C PRO T 5 52.28 -20.50 30.95
N ILE T 6 51.64 -20.67 29.80
CA ILE T 6 52.18 -21.56 28.78
C ILE T 6 53.41 -20.91 28.15
N PRO T 7 54.54 -21.60 28.06
CA PRO T 7 55.72 -21.05 27.38
C PRO T 7 55.46 -20.89 25.90
N PRO T 8 56.12 -19.94 25.25
CA PRO T 8 55.89 -19.74 23.80
C PRO T 8 56.64 -20.75 22.93
N PHE T 9 56.31 -22.02 23.10
CA PHE T 9 56.94 -23.11 22.37
C PHE T 9 56.44 -23.11 20.94
N PHE T 10 57.10 -22.36 20.08
CA PHE T 10 56.84 -22.39 18.66
C PHE T 10 57.68 -23.46 18.00
N ARG T 11 57.11 -24.17 17.04
CA ARG T 11 57.82 -25.20 16.31
C ARG T 11 57.70 -24.93 14.81
N PHE T 12 58.82 -25.04 14.09
CA PHE T 12 58.88 -24.72 12.67
C PHE T 12 58.02 -25.66 11.84
N ASP T 13 57.14 -25.08 11.01
CA ASP T 13 56.29 -25.87 10.13
C ASP T 13 56.99 -26.10 8.79
N THR T 14 56.55 -27.15 8.10
CA THR T 14 57.16 -27.58 6.84
C THR T 14 56.60 -26.86 5.63
N GLU T 15 55.47 -26.17 5.75
CA GLU T 15 54.98 -25.33 4.68
C GLU T 15 55.83 -24.06 4.54
N ASP T 16 56.25 -23.50 5.67
CA ASP T 16 56.94 -22.22 5.72
C ASP T 16 58.44 -22.42 5.78
N GLU T 17 59.17 -21.79 4.87
CA GLU T 17 60.61 -21.93 4.84
C GLU T 17 61.28 -20.85 5.67
N LEU T 18 62.39 -21.23 6.30
CA LEU T 18 63.19 -20.49 7.25
C LEU T 18 64.42 -19.91 6.56
N PRO T 19 64.88 -18.70 6.95
CA PRO T 19 65.90 -18.02 6.15
C PRO T 19 67.30 -18.54 6.41
N ARG T 20 68.28 -17.95 5.74
CA ARG T 20 69.68 -18.24 6.04
C ARG T 20 70.43 -16.93 6.03
N ILE T 21 71.60 -16.93 6.65
CA ILE T 21 72.41 -15.73 6.78
C ILE T 21 73.39 -15.69 5.61
N VAL T 22 73.36 -14.60 4.87
CA VAL T 22 74.21 -14.42 3.70
C VAL T 22 75.29 -13.39 4.05
N PRO T 23 76.57 -13.75 4.01
CA PRO T 23 77.63 -12.79 4.32
C PRO T 23 77.76 -11.72 3.26
N VAL T 24 77.98 -10.48 3.68
CA VAL T 24 78.02 -9.37 2.74
C VAL T 24 79.43 -8.82 2.69
N VAL T 25 79.75 -8.18 1.56
CA VAL T 25 80.97 -7.42 1.41
C VAL T 25 80.53 -6.01 1.03
N GLY T 26 81.44 -5.04 1.14
CA GLY T 26 81.13 -3.62 1.06
C GLY T 26 80.56 -3.06 -0.22
N GLN T 27 80.39 -1.74 -0.26
CA GLN T 27 79.78 -1.09 -1.42
C GLN T 27 80.74 -1.02 -2.60
N LEU T 28 80.17 -1.06 -3.80
CA LEU T 28 80.96 -1.05 -5.02
C LEU T 28 81.57 0.32 -5.23
N PRO T 29 82.86 0.39 -5.62
CA PRO T 29 83.77 -0.69 -6.02
C PRO T 29 84.42 -1.45 -4.87
N LEU T 30 84.80 -2.70 -5.17
CA LEU T 30 85.53 -3.56 -4.25
C LEU T 30 86.75 -4.13 -4.97
N LYS T 31 87.41 -5.11 -4.36
CA LYS T 31 88.52 -5.81 -4.99
C LYS T 31 88.13 -7.24 -5.31
N ALA T 32 88.86 -7.83 -6.24
CA ALA T 32 88.69 -9.24 -6.54
C ALA T 32 89.24 -10.14 -5.44
N GLU T 33 90.26 -9.68 -4.73
CA GLU T 33 90.76 -10.43 -3.58
C GLU T 33 89.77 -10.37 -2.42
N GLU T 34 88.94 -9.33 -2.36
CA GLU T 34 87.98 -9.20 -1.26
C GLU T 34 86.85 -10.19 -1.37
N LEU T 35 86.47 -10.59 -2.59
CA LEU T 35 85.46 -11.62 -2.73
C LEU T 35 86.06 -13.00 -2.46
N LYS T 36 87.36 -13.15 -2.65
CA LYS T 36 88.00 -14.45 -2.49
C LYS T 36 88.26 -14.78 -1.03
N ALA T 37 88.39 -13.77 -0.17
CA ALA T 37 88.68 -13.99 1.24
C ALA T 37 87.46 -14.43 2.04
N VAL T 38 86.27 -14.43 1.45
CA VAL T 38 85.05 -14.79 2.15
C VAL T 38 84.99 -16.31 2.26
N PRO T 39 84.86 -16.87 3.46
CA PRO T 39 84.89 -18.32 3.62
C PRO T 39 83.54 -18.95 3.31
N LEU T 40 83.56 -20.28 3.20
CA LEU T 40 82.32 -21.04 3.11
C LEU T 40 81.65 -21.07 4.48
N VAL T 41 80.33 -21.03 4.47
CA VAL T 41 79.54 -20.96 5.68
C VAL T 41 78.77 -22.27 5.83
N GLU T 42 79.08 -23.00 6.90
CA GLU T 42 78.38 -24.23 7.19
C GLU T 42 77.20 -23.98 8.12
N GLU T 43 76.28 -24.94 8.15
CA GLU T 43 75.14 -24.88 9.05
C GLU T 43 75.52 -25.42 10.43
N ILE T 44 74.94 -24.82 11.46
CA ILE T 44 75.06 -25.31 12.83
C ILE T 44 73.68 -25.74 13.27
N GLU T 45 73.43 -27.03 13.19
CA GLU T 45 72.08 -27.57 13.33
C GLU T 45 71.62 -27.51 14.79
N PRO T 46 70.30 -27.36 15.03
CA PRO T 46 69.20 -27.27 14.05
C PRO T 46 68.65 -25.87 13.78
N PHE T 47 69.47 -24.82 13.86
CA PHE T 47 68.93 -23.47 13.73
C PHE T 47 69.70 -22.57 12.77
N ARG T 48 70.65 -23.11 11.99
CA ARG T 48 71.59 -22.35 11.15
C ARG T 48 72.35 -21.32 12.00
N LEU T 49 72.98 -21.83 13.06
CA LEU T 49 73.44 -21.00 14.17
C LEU T 49 74.91 -20.67 13.97
N VAL T 50 75.16 -19.84 12.98
CA VAL T 50 76.49 -19.70 12.41
C VAL T 50 77.34 -18.76 13.24
N LYS T 51 78.66 -18.96 13.18
CA LYS T 51 79.62 -18.26 14.01
C LYS T 51 80.77 -17.74 13.15
N PHE T 52 81.50 -16.77 13.68
CA PHE T 52 82.69 -16.25 12.99
C PHE T 52 83.61 -15.62 14.02
N SER T 53 84.88 -15.52 13.67
CA SER T 53 85.90 -15.03 14.59
C SER T 53 86.44 -13.66 14.23
N GLY T 54 86.54 -13.33 12.95
CA GLY T 54 87.12 -12.07 12.50
C GLY T 54 86.07 -10.99 12.31
N GLU T 55 86.27 -10.19 11.26
CA GLU T 55 85.46 -9.00 10.99
C GLU T 55 84.68 -9.22 9.71
N GLN T 56 83.40 -9.54 9.84
CA GLN T 56 82.52 -9.67 8.68
C GLN T 56 81.14 -9.11 8.99
N ALA T 57 80.48 -8.63 7.94
CA ALA T 57 79.15 -8.05 8.00
C ALA T 57 78.18 -9.01 7.35
N TRP T 58 77.16 -9.42 8.09
CA TRP T 58 76.27 -10.48 7.66
C TRP T 58 74.83 -9.97 7.67
N VAL T 59 74.06 -10.39 6.66
CA VAL T 59 72.65 -10.03 6.52
C VAL T 59 71.87 -11.30 6.25
N ALA T 60 70.89 -11.58 7.11
CA ALA T 60 69.96 -12.65 6.80
C ALA T 60 68.96 -12.19 5.77
N LEU T 61 68.66 -13.06 4.81
CA LEU T 61 67.78 -12.74 3.72
C LEU T 61 66.81 -13.90 3.67
N PRO T 62 65.51 -13.66 3.42
CA PRO T 62 64.50 -14.71 3.67
C PRO T 62 64.62 -15.92 2.78
N GLY T 63 64.00 -17.01 3.24
CA GLY T 63 64.11 -18.29 2.58
C GLY T 63 63.30 -18.38 1.31
N TRP T 64 63.99 -18.38 0.19
CA TRP T 64 63.38 -18.52 -1.13
C TRP T 64 63.81 -19.84 -1.74
N GLN T 65 63.23 -20.16 -2.90
CA GLN T 65 63.46 -21.47 -3.50
C GLN T 65 64.89 -21.56 -4.05
N VAL T 66 65.33 -20.53 -4.77
CA VAL T 66 66.69 -20.52 -5.27
C VAL T 66 67.66 -20.23 -4.14
N LEU T 67 67.26 -19.39 -3.19
CA LEU T 67 68.19 -18.87 -2.18
C LEU T 67 68.56 -19.93 -1.16
N LEU T 68 67.60 -20.73 -0.70
CA LEU T 68 67.93 -21.80 0.23
C LEU T 68 68.67 -22.94 -0.45
N ALA T 69 68.47 -23.12 -1.76
CA ALA T 69 69.22 -24.10 -2.54
C ALA T 69 70.45 -23.44 -3.16
N ALA T 70 71.30 -22.92 -2.29
CA ALA T 70 72.52 -22.24 -2.70
C ALA T 70 73.64 -22.66 -1.76
N GLU T 71 74.86 -22.71 -2.29
CA GLU T 71 75.99 -23.26 -1.56
C GLU T 71 76.87 -22.19 -0.92
N ASP T 72 77.31 -21.20 -1.68
CA ASP T 72 78.19 -20.14 -1.16
C ASP T 72 77.61 -18.75 -1.39
N PRO T 73 76.47 -18.41 -0.78
CA PRO T 73 75.84 -17.12 -1.09
C PRO T 73 76.61 -15.95 -0.48
N VAL T 74 77.01 -15.01 -1.33
CA VAL T 74 77.73 -13.82 -0.93
C VAL T 74 76.93 -12.64 -1.45
N THR T 75 76.97 -11.53 -0.71
CA THR T 75 76.24 -10.32 -1.04
C THR T 75 77.20 -9.15 -1.26
N ILE T 76 76.96 -8.37 -2.31
CA ILE T 76 77.78 -7.21 -2.63
C ILE T 76 76.86 -6.00 -2.77
N LEU T 77 77.08 -4.98 -1.95
CA LEU T 77 76.28 -3.77 -1.99
C LEU T 77 76.59 -2.96 -3.24
N ALA T 78 75.54 -2.57 -3.96
CA ALA T 78 75.68 -1.72 -5.14
C ALA T 78 74.41 -0.91 -5.29
N THR T 79 74.27 -0.23 -6.42
CA THR T 79 73.14 0.63 -6.71
C THR T 79 72.29 0.00 -7.82
N SER T 80 71.25 0.73 -8.23
CA SER T 80 70.32 0.19 -9.21
C SER T 80 70.88 0.24 -10.63
N ASP T 81 71.72 1.25 -10.91
CA ASP T 81 72.23 1.44 -12.27
C ASP T 81 73.24 0.39 -12.69
N ARG T 82 73.85 -0.30 -11.72
CA ARG T 82 74.84 -1.35 -12.00
C ARG T 82 74.21 -2.57 -12.65
N PHE T 83 72.88 -2.69 -12.60
CA PHE T 83 72.02 -3.56 -13.36
C PHE T 83 71.20 -2.73 -14.34
N PRO T 84 70.70 -3.32 -15.44
CA PRO T 84 70.06 -2.51 -16.47
C PRO T 84 68.79 -1.81 -16.01
N LYS T 85 68.33 -0.89 -16.84
CA LYS T 85 67.09 -0.17 -16.56
C LYS T 85 65.90 -1.10 -16.77
N GLN T 86 64.94 -1.04 -15.85
CA GLN T 86 63.77 -1.91 -15.89
C GLN T 86 62.44 -1.18 -15.80
N ASN T 87 62.42 0.08 -15.37
CA ASN T 87 61.18 0.82 -15.15
C ASN T 87 61.48 2.32 -15.17
N GLN T 88 60.54 3.13 -14.70
CA GLN T 88 60.73 4.57 -14.66
C GLN T 88 61.42 5.06 -13.39
N THR T 89 61.73 4.17 -12.46
CA THR T 89 62.22 4.59 -11.16
C THR T 89 63.69 4.97 -11.20
N GLU T 90 64.10 5.76 -10.22
CA GLU T 90 65.44 6.31 -10.11
C GLU T 90 66.45 5.23 -9.73
N PRO T 91 67.74 5.49 -9.96
CA PRO T 91 68.77 4.61 -9.40
C PRO T 91 68.86 4.74 -7.88
N GLY T 92 68.55 3.64 -7.19
CA GLY T 92 68.63 3.58 -5.75
C GLY T 92 69.41 2.36 -5.29
N PRO T 93 69.37 2.08 -3.98
CA PRO T 93 70.20 1.00 -3.43
C PRO T 93 69.61 -0.38 -3.71
N VAL T 94 70.46 -1.29 -4.18
CA VAL T 94 70.08 -2.66 -4.54
C VAL T 94 71.07 -3.62 -3.91
N LEU T 95 70.56 -4.61 -3.16
CA LEU T 95 71.37 -5.67 -2.61
C LEU T 95 71.52 -6.75 -3.68
N VAL T 96 72.72 -7.21 -3.90
CA VAL T 96 72.87 -8.33 -4.83
C VAL T 96 73.14 -9.55 -3.98
N VAL T 97 72.80 -10.72 -4.51
CA VAL T 97 73.21 -12.00 -3.94
C VAL T 97 73.76 -12.83 -5.07
N VAL T 98 75.03 -13.21 -4.96
CA VAL T 98 75.68 -14.05 -5.95
C VAL T 98 76.43 -15.16 -5.23
N ASP T 99 76.10 -16.40 -5.56
CA ASP T 99 76.86 -17.46 -4.94
C ASP T 99 78.16 -17.68 -5.70
N ARG T 100 79.14 -18.22 -4.99
CA ARG T 100 80.49 -18.31 -5.53
C ARG T 100 80.67 -19.52 -6.44
N SER T 101 79.80 -20.52 -6.32
CA SER T 101 79.98 -21.78 -7.03
C SER T 101 78.88 -22.06 -8.06
N GLN T 102 78.49 -21.05 -8.85
CA GLN T 102 77.69 -21.25 -10.05
C GLN T 102 78.37 -20.65 -11.28
N ARG T 103 79.66 -20.92 -11.42
CA ARG T 103 80.45 -20.46 -12.54
C ARG T 103 80.00 -21.17 -13.81
N GLU T 104 79.37 -20.44 -14.73
CA GLU T 104 78.65 -21.06 -15.83
C GLU T 104 78.50 -20.02 -16.93
N TRP T 105 78.08 -20.47 -18.11
CA TRP T 105 77.75 -19.59 -19.21
C TRP T 105 76.25 -19.61 -19.44
N ASN T 106 75.59 -18.49 -19.18
CA ASN T 106 74.18 -18.31 -19.51
C ASN T 106 73.99 -16.96 -20.16
N ASP T 107 73.06 -16.90 -21.11
CA ASP T 107 72.78 -15.65 -21.81
C ASP T 107 71.74 -14.79 -21.11
N PHE T 108 70.82 -15.40 -20.38
CA PHE T 108 69.79 -14.67 -19.65
C PHE T 108 70.16 -14.36 -18.22
N SER T 109 71.07 -15.12 -17.62
CA SER T 109 71.50 -14.92 -16.25
C SER T 109 72.70 -13.97 -16.20
N TYR T 110 72.91 -13.38 -15.03
CA TYR T 110 74.01 -12.44 -14.83
C TYR T 110 75.15 -13.13 -14.09
N PHE T 111 76.35 -12.60 -14.27
CA PHE T 111 77.55 -13.24 -13.75
C PHE T 111 78.54 -12.19 -13.29
N VAL T 112 78.98 -12.30 -12.03
CA VAL T 112 80.04 -11.44 -11.54
C VAL T 112 81.38 -12.03 -12.01
N VAL T 113 82.34 -11.16 -12.30
CA VAL T 113 83.66 -11.56 -12.77
C VAL T 113 84.73 -10.79 -12.01
N ASP T 114 85.97 -11.02 -12.40
CA ASP T 114 87.08 -10.15 -12.05
C ASP T 114 87.19 -9.07 -13.12
N HIS T 115 87.25 -7.80 -12.68
CA HIS T 115 87.43 -6.68 -13.59
C HIS T 115 88.68 -5.92 -13.14
N ASP T 116 89.84 -6.46 -13.54
CA ASP T 116 91.18 -5.96 -13.20
C ASP T 116 91.31 -5.71 -11.69
N GLY T 117 91.02 -6.75 -10.91
CA GLY T 117 91.06 -6.60 -9.47
C GLY T 117 89.94 -5.78 -8.89
N GLU T 118 88.82 -5.65 -9.60
CA GLU T 118 87.60 -5.02 -9.10
C GLU T 118 86.42 -5.93 -9.42
N LEU T 119 85.22 -5.39 -9.23
CA LEU T 119 84.01 -6.20 -9.17
C LEU T 119 82.88 -5.47 -9.85
N ASP T 120 82.15 -6.14 -10.75
CA ASP T 120 81.12 -5.49 -11.57
C ASP T 120 79.97 -6.47 -11.85
N PHE T 121 79.14 -6.12 -12.83
CA PHE T 121 78.06 -6.99 -13.31
C PHE T 121 77.89 -6.79 -14.80
N GLN T 122 77.86 -7.89 -15.56
CA GLN T 122 77.70 -7.81 -17.00
C GLN T 122 77.21 -9.15 -17.52
N TRP T 123 76.15 -9.13 -18.31
CA TRP T 123 75.60 -10.35 -18.88
C TRP T 123 76.45 -10.80 -20.06
N PHE T 124 76.38 -12.09 -20.36
CA PHE T 124 77.32 -12.74 -21.28
C PHE T 124 76.60 -13.41 -22.43
N GLU T 125 76.88 -12.92 -23.64
CA GLU T 125 76.38 -13.51 -24.87
C GLU T 125 77.35 -14.53 -25.46
N THR T 126 78.65 -14.35 -25.21
CA THR T 126 79.67 -15.32 -25.58
C THR T 126 80.47 -15.73 -24.34
N LYS T 127 81.01 -16.94 -24.36
CA LYS T 127 81.82 -17.44 -23.25
C LYS T 127 83.15 -16.70 -23.18
N PRO T 128 83.45 -16.02 -22.08
CA PRO T 128 84.66 -15.20 -22.00
C PRO T 128 85.85 -16.00 -21.46
N GLU T 129 87.02 -15.39 -21.58
CA GLU T 129 88.23 -15.83 -20.89
C GLU T 129 88.33 -15.26 -19.49
N PHE T 130 87.36 -14.43 -19.09
CA PHE T 130 87.37 -13.82 -17.78
C PHE T 130 86.96 -14.82 -16.71
N PRO T 131 87.54 -14.75 -15.52
CA PRO T 131 87.09 -15.63 -14.43
C PRO T 131 85.75 -15.16 -13.88
N ILE T 132 84.69 -15.90 -14.23
CA ILE T 132 83.38 -15.66 -13.64
C ILE T 132 83.41 -16.11 -12.19
N LEU T 133 83.10 -15.18 -11.28
CA LEU T 133 83.07 -15.48 -9.87
C LEU T 133 81.67 -15.82 -9.37
N GLY T 134 80.77 -16.22 -10.25
CA GLY T 134 79.49 -16.77 -9.85
C GLY T 134 78.30 -16.13 -10.52
N LYS T 135 77.21 -16.87 -10.55
CA LYS T 135 75.92 -16.40 -11.05
C LYS T 135 75.18 -15.73 -9.91
N VAL T 136 74.50 -14.61 -10.22
CA VAL T 136 73.73 -13.92 -9.20
C VAL T 136 72.52 -14.78 -8.83
N ILE T 137 72.09 -14.67 -7.58
CA ILE T 137 70.92 -15.40 -7.12
C ILE T 137 69.73 -14.46 -7.15
N ILE T 138 69.77 -13.41 -6.35
CA ILE T 138 68.59 -12.58 -6.20
C ILE T 138 69.01 -11.12 -6.06
N LEU T 139 68.15 -10.23 -6.53
CA LEU T 139 68.39 -8.79 -6.51
C LEU T 139 67.26 -8.14 -5.76
N VAL T 140 67.57 -7.53 -4.62
CA VAL T 140 66.54 -6.95 -3.77
C VAL T 140 66.96 -5.54 -3.37
N ARG T 141 65.97 -4.66 -3.27
CA ARG T 141 66.06 -3.28 -2.83
C ARG T 141 65.34 -3.19 -1.49
N PRO T 142 65.61 -2.15 -0.64
CA PRO T 142 65.08 -2.21 0.72
C PRO T 142 63.59 -2.00 0.83
N ARG T 143 63.09 -1.96 2.06
CA ARG T 143 61.67 -1.79 2.33
C ARG T 143 61.27 -0.33 2.19
N ARG T 144 60.00 -0.12 1.83
CA ARG T 144 59.37 1.20 1.88
C ARG T 144 58.04 1.02 2.59
N ILE T 145 58.06 1.08 3.92
CA ILE T 145 56.92 0.78 4.77
C ILE T 145 56.68 1.96 5.70
N LEU T 146 55.73 1.82 6.63
CA LEU T 146 55.57 2.74 7.75
C LEU T 146 55.89 1.97 9.04
N ASP T 147 57.06 2.26 9.61
CA ASP T 147 57.83 1.29 10.40
C ASP T 147 57.13 0.84 11.69
N GLU T 148 56.44 1.76 12.36
CA GLU T 148 56.04 1.56 13.75
C GLU T 148 54.91 0.56 13.91
N ASN T 149 54.21 0.21 12.83
CA ASN T 149 53.11 -0.75 12.88
C ASN T 149 53.39 -2.02 12.11
N VAL T 150 54.30 -1.99 11.14
CA VAL T 150 54.64 -3.19 10.37
C VAL T 150 55.36 -4.19 11.24
N THR T 151 56.42 -3.75 11.89
CA THR T 151 57.33 -4.61 12.63
C THR T 151 57.20 -4.47 14.13
N LYS T 152 56.44 -3.51 14.62
CA LYS T 152 56.43 -3.20 16.04
C LYS T 152 55.07 -3.33 16.71
N ASP T 153 54.06 -3.84 16.02
CA ASP T 153 52.75 -4.02 16.62
C ASP T 153 52.05 -5.24 16.02
N SER T 154 51.67 -6.17 16.89
CA SER T 154 51.00 -7.40 16.50
C SER T 154 49.49 -7.35 16.65
N TRP T 155 48.95 -6.27 17.20
CA TRP T 155 47.54 -6.26 17.58
C TRP T 155 46.66 -5.71 16.47
N GLN T 156 47.20 -5.55 15.28
CA GLN T 156 46.44 -5.00 14.17
C GLN T 156 45.61 -6.08 13.53
N ILE T 157 44.51 -5.66 12.91
CA ILE T 157 43.67 -6.52 12.12
C ILE T 157 43.93 -6.14 10.67
N ASP T 158 43.41 -6.96 9.73
CA ASP T 158 43.40 -6.55 8.32
C ASP T 158 42.64 -5.24 8.15
N GLU T 159 41.38 -5.23 8.54
CA GLU T 159 40.61 -3.99 8.57
C GLU T 159 40.73 -3.31 9.93
N GLN U 2 17.57 -52.55 -22.32
CA GLN U 2 16.31 -52.86 -21.69
C GLN U 2 15.92 -51.71 -20.77
N THR U 3 14.62 -51.46 -20.59
CA THR U 3 14.11 -50.35 -19.81
C THR U 3 13.44 -50.84 -18.53
N LEU U 4 12.82 -49.91 -17.81
CA LEU U 4 12.05 -50.07 -16.58
C LEU U 4 10.57 -50.01 -16.93
N PRO U 5 9.77 -51.02 -16.54
CA PRO U 5 8.35 -51.02 -16.90
C PRO U 5 7.57 -49.99 -16.09
N LYS U 6 6.48 -49.50 -16.66
CA LYS U 6 5.57 -48.64 -15.90
C LYS U 6 4.84 -49.49 -14.87
N GLU U 7 5.39 -49.53 -13.66
CA GLU U 7 4.85 -50.29 -12.56
C GLU U 7 4.60 -49.34 -11.39
N ARG U 8 3.37 -49.33 -10.90
CA ARG U 8 3.05 -48.52 -9.74
C ARG U 8 3.60 -49.16 -8.48
N ARG U 9 4.35 -48.39 -7.71
CA ARG U 9 4.92 -48.87 -6.48
C ARG U 9 4.42 -48.02 -5.33
N TYR U 10 4.53 -48.57 -4.12
CA TYR U 10 3.60 -48.21 -3.07
C TYR U 10 4.26 -47.50 -1.90
N GLU U 11 5.20 -48.14 -1.20
CA GLU U 11 5.74 -47.59 0.05
C GLU U 11 7.18 -48.06 0.23
N THR U 12 7.65 -47.99 1.46
CA THR U 12 9.06 -48.01 1.82
C THR U 12 9.70 -49.38 1.75
N LEU U 13 8.96 -50.44 1.41
CA LEU U 13 9.54 -51.73 1.08
C LEU U 13 8.96 -52.31 -0.19
N SER U 14 8.42 -51.47 -1.08
CA SER U 14 7.73 -51.96 -2.26
C SER U 14 8.67 -52.46 -3.34
N TYR U 15 9.91 -51.98 -3.37
CA TYR U 15 10.88 -52.36 -4.41
C TYR U 15 11.65 -53.61 -3.98
N LEU U 16 10.87 -54.68 -3.78
CA LEU U 16 11.35 -55.94 -3.25
C LEU U 16 10.47 -57.04 -3.82
N PRO U 17 10.80 -58.32 -3.59
CA PRO U 17 9.81 -59.37 -3.76
C PRO U 17 8.69 -59.22 -2.74
N PRO U 18 7.53 -59.83 -2.98
CA PRO U 18 6.42 -59.75 -2.01
C PRO U 18 6.77 -60.44 -0.71
N LEU U 19 6.64 -59.70 0.38
CA LEU U 19 7.20 -60.12 1.66
C LEU U 19 6.37 -61.25 2.24
N THR U 20 7.02 -62.40 2.45
CA THR U 20 6.34 -63.54 3.04
C THR U 20 6.21 -63.37 4.55
N ASP U 21 5.70 -64.41 5.19
CA ASP U 21 5.31 -64.32 6.59
C ASP U 21 6.50 -64.46 7.52
N VAL U 22 7.53 -65.21 7.10
CA VAL U 22 8.78 -65.29 7.87
C VAL U 22 9.44 -63.92 7.96
N GLN U 23 9.39 -63.17 6.86
CA GLN U 23 10.10 -61.90 6.78
C GLN U 23 9.39 -60.81 7.59
N ILE U 24 8.06 -60.79 7.55
CA ILE U 24 7.29 -59.74 8.23
C ILE U 24 7.35 -59.92 9.75
N GLU U 25 7.26 -61.17 10.22
CA GLU U 25 7.46 -61.45 11.65
C GLU U 25 8.88 -61.11 12.09
N LYS U 26 9.84 -61.25 11.18
CA LYS U 26 11.22 -60.84 11.41
C LYS U 26 11.41 -59.34 11.23
N GLN U 27 10.52 -58.70 10.47
CA GLN U 27 10.53 -57.26 10.29
C GLN U 27 10.02 -56.55 11.55
N VAL U 28 8.92 -57.05 12.12
CA VAL U 28 8.38 -56.54 13.38
C VAL U 28 9.30 -56.86 14.54
N GLN U 29 10.13 -57.89 14.41
CA GLN U 29 11.16 -58.19 15.40
C GLN U 29 12.28 -57.15 15.39
N TYR U 30 12.32 -56.25 14.40
CA TYR U 30 13.06 -55.00 14.56
C TYR U 30 12.21 -53.93 15.24
N ILE U 31 10.91 -53.91 14.94
CA ILE U 31 10.05 -52.85 15.45
C ILE U 31 9.91 -52.95 16.96
N LEU U 32 9.39 -54.07 17.45
CA LEU U 32 9.14 -54.19 18.89
C LEU U 32 10.40 -54.40 19.72
N SER U 33 11.55 -54.72 19.11
CA SER U 33 12.76 -54.92 19.91
C SER U 33 13.43 -53.60 20.27
N GLN U 34 13.15 -52.53 19.52
CA GLN U 34 13.61 -51.20 19.89
C GLN U 34 12.68 -50.51 20.89
N GLY U 35 11.73 -51.24 21.45
CA GLY U 35 10.72 -50.67 22.31
C GLY U 35 9.59 -50.00 21.59
N TYR U 36 9.59 -50.04 20.27
CA TYR U 36 8.61 -49.32 19.46
C TYR U 36 7.35 -50.15 19.35
N ILE U 37 6.20 -49.48 19.50
CA ILE U 37 4.91 -50.14 19.38
C ILE U 37 4.50 -50.15 17.92
N PRO U 38 4.23 -51.32 17.33
CA PRO U 38 3.75 -51.36 15.95
C PRO U 38 2.23 -51.27 15.86
N ALA U 39 1.74 -51.38 14.63
CA ALA U 39 0.31 -51.23 14.36
C ALA U 39 -0.01 -51.85 13.01
N VAL U 40 -1.31 -51.91 12.70
CA VAL U 40 -1.80 -52.35 11.40
C VAL U 40 -2.70 -51.26 10.85
N GLU U 41 -2.47 -50.85 9.61
CA GLU U 41 -3.28 -49.80 8.99
C GLU U 41 -3.74 -50.25 7.62
N PHE U 42 -5.04 -50.18 7.39
CA PHE U 42 -5.66 -50.65 6.17
C PHE U 42 -6.23 -49.47 5.38
N ASN U 43 -6.28 -49.63 4.06
CA ASN U 43 -6.78 -48.56 3.23
C ASN U 43 -7.24 -49.13 1.89
N GLU U 44 -8.14 -48.40 1.23
CA GLU U 44 -8.68 -48.82 -0.06
C GLU U 44 -7.68 -48.59 -1.19
N VAL U 45 -7.10 -47.39 -1.26
CA VAL U 45 -6.12 -47.06 -2.28
C VAL U 45 -4.88 -46.46 -1.62
N SER U 46 -3.76 -46.56 -2.31
CA SER U 46 -2.48 -46.00 -1.87
C SER U 46 -2.19 -44.80 -2.76
N GLU U 47 -2.72 -43.67 -2.38
CA GLU U 47 -2.69 -42.44 -3.14
C GLU U 47 -1.62 -41.54 -2.56
N PRO U 48 -0.93 -40.73 -3.38
CA PRO U 48 0.01 -39.76 -2.78
C PRO U 48 -0.68 -38.64 -2.02
N THR U 49 -1.84 -38.19 -2.51
CA THR U 49 -2.65 -37.22 -1.80
C THR U 49 -3.11 -37.78 -0.46
N GLU U 50 -3.67 -38.99 -0.47
CA GLU U 50 -4.22 -39.62 0.72
C GLU U 50 -3.08 -40.04 1.62
N LEU U 51 -3.01 -39.43 2.81
CA LEU U 51 -1.84 -39.56 3.65
C LEU U 51 -2.17 -40.15 5.02
N TYR U 52 -3.42 -40.51 5.25
CA TYR U 52 -3.81 -41.29 6.41
C TYR U 52 -4.31 -42.65 5.95
N TRP U 53 -3.95 -43.69 6.69
CA TRP U 53 -4.55 -45.00 6.49
C TRP U 53 -5.17 -45.44 7.80
N THR U 54 -6.28 -46.18 7.71
CA THR U 54 -7.13 -46.40 8.86
C THR U 54 -6.59 -47.49 9.75
N LEU U 55 -6.49 -47.20 11.04
CA LEU U 55 -5.84 -48.08 11.99
C LEU U 55 -6.71 -49.29 12.29
N TRP U 56 -6.07 -50.45 12.43
CA TRP U 56 -6.76 -51.71 12.67
C TRP U 56 -6.71 -52.08 14.14
N LYS U 57 -7.84 -51.83 14.82
CA LYS U 57 -8.23 -52.20 16.19
C LYS U 57 -7.48 -51.38 17.24
N LEU U 58 -6.23 -51.02 17.03
CA LEU U 58 -5.32 -50.48 18.03
C LEU U 58 -3.94 -50.28 17.42
N PRO U 59 -3.08 -49.47 18.05
CA PRO U 59 -1.64 -49.70 17.92
C PRO U 59 -1.19 -50.89 18.77
N LEU U 60 -0.93 -52.01 18.10
CA LEU U 60 -0.80 -53.32 18.73
C LEU U 60 0.63 -53.59 19.17
N PHE U 61 0.82 -54.01 20.42
CA PHE U 61 2.16 -54.35 20.87
C PHE U 61 2.21 -55.72 21.50
N GLY U 62 3.04 -56.60 20.94
CA GLY U 62 3.46 -57.78 21.66
C GLY U 62 4.62 -57.47 22.59
N ALA U 63 4.56 -58.04 23.80
CA ALA U 63 5.42 -57.68 24.93
C ALA U 63 6.91 -57.89 24.65
N LYS U 64 7.27 -59.06 24.15
CA LYS U 64 8.61 -59.34 23.65
C LYS U 64 8.63 -60.04 22.31
N THR U 65 7.52 -60.65 21.90
CA THR U 65 7.54 -61.49 20.71
C THR U 65 6.67 -60.90 19.59
N SER U 66 6.97 -61.35 18.36
CA SER U 66 6.39 -60.80 17.14
C SER U 66 5.34 -61.68 16.51
N ARG U 67 5.04 -62.84 17.11
CA ARG U 67 4.11 -63.80 16.52
C ARG U 67 2.69 -63.26 16.56
N GLU U 68 2.37 -62.46 17.58
CA GLU U 68 1.02 -61.95 17.78
C GLU U 68 0.81 -60.59 17.11
N VAL U 69 1.75 -60.16 16.26
CA VAL U 69 1.51 -58.96 15.48
C VAL U 69 1.10 -59.32 14.05
N LEU U 70 1.74 -60.31 13.43
CA LEU U 70 1.21 -60.86 12.18
C LEU U 70 -0.07 -61.64 12.40
N ALA U 71 -0.28 -62.17 13.62
CA ALA U 71 -1.51 -62.90 13.93
C ALA U 71 -2.74 -62.00 13.81
N GLU U 72 -2.58 -60.71 14.08
CA GLU U 72 -3.66 -59.77 13.83
C GLU U 72 -3.66 -59.29 12.37
N VAL U 73 -2.52 -59.38 11.68
CA VAL U 73 -2.48 -59.09 10.25
C VAL U 73 -3.22 -60.16 9.45
N GLN U 74 -2.99 -61.44 9.78
CA GLN U 74 -3.67 -62.52 9.07
C GLN U 74 -5.17 -62.53 9.36
N SER U 75 -5.58 -62.03 10.52
CA SER U 75 -6.99 -61.86 10.81
C SER U 75 -7.58 -60.73 9.97
N CYS U 76 -6.74 -59.77 9.60
CA CYS U 76 -7.18 -58.68 8.74
C CYS U 76 -7.13 -59.07 7.27
N ARG U 77 -6.27 -60.01 6.89
CA ARG U 77 -6.32 -60.58 5.55
C ARG U 77 -7.58 -61.41 5.35
N SER U 78 -8.07 -62.06 6.39
CA SER U 78 -9.34 -62.77 6.29
C SER U 78 -10.53 -61.83 6.44
N GLN U 79 -10.34 -60.67 7.06
CA GLN U 79 -11.41 -59.69 7.19
C GLN U 79 -11.51 -58.81 5.96
N TYR U 80 -10.39 -58.21 5.56
CA TYR U 80 -10.31 -57.32 4.39
C TYR U 80 -9.35 -57.94 3.37
N PRO U 81 -9.83 -58.82 2.49
CA PRO U 81 -8.98 -59.30 1.39
C PRO U 81 -8.93 -58.37 0.18
N GLY U 82 -9.43 -57.14 0.30
CA GLY U 82 -9.38 -56.18 -0.79
C GLY U 82 -8.90 -54.81 -0.38
N HIS U 83 -8.12 -54.73 0.71
CA HIS U 83 -7.56 -53.47 1.18
C HIS U 83 -6.05 -53.57 1.28
N TYR U 84 -5.40 -52.43 1.07
CA TYR U 84 -3.96 -52.31 1.26
C TYR U 84 -3.66 -52.35 2.75
N ILE U 85 -3.13 -53.48 3.23
CA ILE U 85 -2.87 -53.65 4.65
C ILE U 85 -1.43 -53.23 4.93
N ARG U 86 -1.21 -52.52 6.03
CA ARG U 86 0.15 -52.15 6.44
C ARG U 86 0.54 -52.78 7.76
N VAL U 87 1.83 -52.61 8.06
CA VAL U 87 2.39 -52.72 9.39
C VAL U 87 3.23 -51.47 9.62
N VAL U 88 2.86 -50.69 10.64
CA VAL U 88 3.47 -49.40 10.92
C VAL U 88 3.95 -49.34 12.36
N GLY U 89 5.24 -49.11 12.53
CA GLY U 89 5.77 -48.90 13.85
C GLY U 89 5.48 -47.51 14.36
N PHE U 90 5.58 -47.32 15.67
CA PHE U 90 5.46 -46.00 16.26
C PHE U 90 6.55 -45.80 17.29
N ASP U 91 7.09 -44.59 17.31
CA ASP U 91 7.94 -44.14 18.39
C ASP U 91 7.18 -43.13 19.22
N ASN U 92 7.41 -43.15 20.53
CA ASN U 92 6.84 -42.15 21.42
C ASN U 92 7.82 -41.04 21.74
N ILE U 93 9.11 -41.33 21.77
CA ILE U 93 10.11 -40.31 22.10
C ILE U 93 10.31 -39.37 20.91
N LYS U 94 10.80 -39.91 19.78
CA LYS U 94 11.00 -39.09 18.60
C LYS U 94 9.69 -38.63 17.97
N GLN U 95 8.61 -39.38 18.20
CA GLN U 95 7.24 -39.09 17.78
C GLN U 95 7.14 -38.96 16.25
N CYS U 96 7.43 -40.09 15.62
CA CYS U 96 7.06 -40.37 14.24
C CYS U 96 7.00 -41.88 14.10
N GLN U 97 6.64 -42.35 12.92
CA GLN U 97 6.64 -43.78 12.65
C GLN U 97 8.04 -44.25 12.30
N ILE U 98 8.38 -45.46 12.74
CA ILE U 98 9.71 -46.01 12.51
C ILE U 98 9.66 -46.94 11.31
N LEU U 99 8.48 -47.44 10.96
CA LEU U 99 8.30 -48.15 9.70
C LEU U 99 6.92 -47.86 9.15
N SER U 100 6.79 -48.02 7.84
CA SER U 100 5.51 -47.95 7.15
C SER U 100 5.66 -48.74 5.86
N PHE U 101 5.10 -49.95 5.83
CA PHE U 101 5.27 -50.80 4.67
C PHE U 101 4.04 -51.68 4.53
N ILE U 102 3.74 -52.06 3.28
CA ILE U 102 2.53 -52.81 2.96
C ILE U 102 2.83 -54.29 3.02
N VAL U 103 2.02 -55.01 3.80
CA VAL U 103 2.11 -56.46 3.86
C VAL U 103 1.16 -57.15 2.88
N HIS U 104 0.15 -56.44 2.38
CA HIS U 104 -0.92 -57.06 1.60
C HIS U 104 -1.55 -56.03 0.68
N LYS U 105 -1.71 -56.41 -0.58
CA LYS U 105 -2.27 -55.59 -1.63
C LYS U 105 -3.49 -56.28 -2.22
N PRO U 106 -4.48 -55.52 -2.75
CA PRO U 106 -5.62 -56.18 -3.39
C PRO U 106 -5.32 -56.60 -4.83
N MET V 1 44.32 21.29 27.92
CA MET V 1 43.10 20.50 28.00
C MET V 1 41.89 21.41 27.78
N GLN V 2 41.20 21.19 26.66
CA GLN V 2 40.23 22.16 26.15
C GLN V 2 39.34 21.46 25.11
N THR V 3 38.17 22.03 24.84
CA THR V 3 37.33 21.56 23.74
C THR V 3 37.43 22.51 22.56
N LEU V 4 36.76 22.13 21.45
CA LEU V 4 36.58 22.90 20.23
C LEU V 4 35.31 23.74 20.30
N PRO V 5 35.40 25.06 20.09
CA PRO V 5 34.17 25.88 20.10
C PRO V 5 33.26 25.64 18.90
N LYS V 6 32.10 26.30 18.88
CA LYS V 6 31.06 26.05 17.88
C LYS V 6 31.12 27.13 16.80
N GLU V 7 31.84 26.85 15.72
CA GLU V 7 31.89 27.71 14.55
C GLU V 7 31.28 26.98 13.36
N ARG V 8 31.15 27.68 12.24
CA ARG V 8 30.62 27.06 11.05
C ARG V 8 31.66 26.19 10.38
N ARG V 9 32.81 26.78 10.02
CA ARG V 9 33.99 26.08 9.51
C ARG V 9 33.67 25.33 8.22
N TYR V 10 33.49 26.12 7.16
CA TYR V 10 32.53 25.90 6.09
C TYR V 10 32.53 24.55 5.37
N GLU V 11 33.52 24.23 4.54
CA GLU V 11 33.44 22.99 3.78
C GLU V 11 34.67 22.09 3.90
N THR V 12 35.81 22.65 3.52
CA THR V 12 37.04 21.99 3.15
C THR V 12 38.06 23.11 3.04
N LEU V 13 39.29 22.86 3.53
CA LEU V 13 40.32 23.88 3.74
C LEU V 13 39.82 24.94 4.72
N SER V 14 38.99 24.51 5.69
CA SER V 14 38.32 25.42 6.60
C SER V 14 38.58 25.14 8.06
N TYR V 15 39.33 24.10 8.41
CA TYR V 15 39.70 23.92 9.80
C TYR V 15 41.10 24.45 10.09
N LEU V 16 41.93 24.52 9.09
CA LEU V 16 43.20 25.22 9.01
C LEU V 16 42.95 26.73 9.03
N PRO V 17 43.95 27.54 9.39
CA PRO V 17 43.75 28.99 9.41
C PRO V 17 43.51 29.52 8.02
N PRO V 18 42.74 30.61 7.87
CA PRO V 18 42.22 31.00 6.56
C PRO V 18 43.32 31.41 5.59
N LEU V 19 43.25 30.85 4.40
CA LEU V 19 44.36 30.90 3.45
C LEU V 19 44.57 32.29 2.87
N THR V 20 45.81 32.74 2.92
CA THR V 20 46.15 34.11 2.58
C THR V 20 46.43 34.19 1.09
N ASP V 21 46.92 35.34 0.64
CA ASP V 21 47.04 35.62 -0.80
C ASP V 21 48.10 34.76 -1.45
N VAL V 22 49.10 34.33 -0.69
CA VAL V 22 50.10 33.41 -1.23
C VAL V 22 49.49 32.03 -1.42
N GLN V 23 48.72 31.58 -0.44
CA GLN V 23 48.10 30.27 -0.50
C GLN V 23 46.89 30.23 -1.41
N ILE V 24 46.30 31.38 -1.74
CA ILE V 24 45.29 31.41 -2.80
C ILE V 24 45.94 31.15 -4.14
N GLU V 25 47.00 31.90 -4.47
CA GLU V 25 47.60 31.76 -5.79
C GLU V 25 48.39 30.46 -5.94
N LYS V 26 48.93 29.92 -4.85
CA LYS V 26 49.62 28.64 -4.97
C LYS V 26 48.64 27.51 -5.26
N GLN V 27 47.42 27.61 -4.75
CA GLN V 27 46.42 26.61 -5.10
C GLN V 27 45.84 26.88 -6.48
N VAL V 28 45.75 28.15 -6.88
CA VAL V 28 45.34 28.47 -8.25
C VAL V 28 46.42 27.99 -9.23
N GLN V 29 47.69 28.13 -8.86
CA GLN V 29 48.75 27.60 -9.70
C GLN V 29 48.74 26.08 -9.71
N TYR V 30 48.22 25.45 -8.66
CA TYR V 30 48.00 24.01 -8.72
C TYR V 30 46.86 23.64 -9.65
N ILE V 31 45.91 24.54 -9.89
CA ILE V 31 44.80 24.21 -10.77
C ILE V 31 45.25 24.19 -12.23
N LEU V 32 45.97 25.23 -12.65
CA LEU V 32 46.34 25.30 -14.05
C LEU V 32 47.52 24.39 -14.39
N SER V 33 48.51 24.28 -13.49
CA SER V 33 49.68 23.46 -13.79
C SER V 33 49.43 21.98 -13.63
N GLN V 34 48.27 21.58 -13.15
CA GLN V 34 47.83 20.20 -13.22
C GLN V 34 46.74 20.00 -14.25
N GLY V 35 46.45 21.01 -15.05
CA GLY V 35 45.51 20.87 -16.14
C GLY V 35 44.05 20.86 -15.76
N TYR V 36 43.70 21.43 -14.62
CA TYR V 36 42.30 21.57 -14.24
C TYR V 36 41.82 22.95 -14.65
N ILE V 37 40.51 23.13 -14.66
CA ILE V 37 39.89 24.32 -15.20
C ILE V 37 39.47 25.21 -14.03
N PRO V 38 40.13 26.35 -13.80
CA PRO V 38 39.83 27.15 -12.60
C PRO V 38 38.55 27.96 -12.77
N ALA V 39 37.48 27.51 -12.14
CA ALA V 39 36.23 28.23 -12.17
C ALA V 39 36.04 28.99 -10.87
N VAL V 40 35.38 30.14 -10.95
CA VAL V 40 35.10 30.96 -9.78
C VAL V 40 33.63 30.85 -9.48
N GLU V 41 33.30 30.59 -8.23
CA GLU V 41 31.92 30.47 -7.80
C GLU V 41 31.67 31.40 -6.64
N PHE V 42 30.43 31.83 -6.48
CA PHE V 42 30.03 32.63 -5.33
C PHE V 42 28.67 32.20 -4.84
N ASN V 43 28.36 32.51 -3.59
CA ASN V 43 27.06 32.18 -3.03
C ASN V 43 26.80 33.12 -1.86
N GLU V 44 25.53 33.25 -1.50
CA GLU V 44 25.16 34.11 -0.37
C GLU V 44 25.64 33.52 0.94
N VAL V 45 25.23 32.29 1.23
CA VAL V 45 25.59 31.62 2.47
C VAL V 45 26.41 30.40 2.10
N SER V 46 27.36 30.05 2.95
CA SER V 46 28.30 28.97 2.66
C SER V 46 28.05 27.72 3.46
N GLU V 47 26.80 27.35 3.69
CA GLU V 47 26.69 26.02 4.25
C GLU V 47 26.82 25.00 3.13
N PRO V 48 27.36 23.82 3.40
CA PRO V 48 27.32 22.74 2.40
C PRO V 48 26.04 21.94 2.42
N THR V 49 24.88 22.58 2.61
CA THR V 49 23.62 21.97 2.25
C THR V 49 22.89 22.79 1.21
N GLU V 50 23.37 23.99 0.90
CA GLU V 50 22.99 24.69 -0.32
C GLU V 50 24.00 24.22 -1.36
N LEU V 51 23.50 23.47 -2.34
CA LEU V 51 24.36 22.54 -3.05
C LEU V 51 25.05 23.19 -4.24
N TYR V 52 24.44 24.21 -4.83
CA TYR V 52 25.02 24.88 -5.99
C TYR V 52 25.53 26.26 -5.63
N TRP V 53 26.77 26.53 -5.98
CA TRP V 53 27.26 27.87 -5.88
C TRP V 53 27.19 28.51 -7.26
N THR V 54 26.80 29.76 -7.27
CA THR V 54 26.51 30.46 -8.51
C THR V 54 27.81 30.79 -9.21
N LEU V 55 27.91 30.42 -10.46
CA LEU V 55 29.17 30.55 -11.18
C LEU V 55 29.38 31.99 -11.57
N TRP V 56 30.55 32.52 -11.23
CA TRP V 56 31.02 33.79 -11.76
C TRP V 56 31.37 33.60 -13.24
N LYS V 57 31.63 34.73 -13.92
CA LYS V 57 31.46 35.01 -15.35
C LYS V 57 31.65 33.82 -16.30
N LEU V 58 32.78 33.16 -16.18
CA LEU V 58 33.06 31.94 -16.92
C LEU V 58 33.79 30.96 -16.00
N PRO V 59 33.92 29.70 -16.39
CA PRO V 59 34.86 28.81 -15.70
C PRO V 59 36.31 28.88 -16.17
N LEU V 60 36.66 29.84 -17.03
CA LEU V 60 38.03 30.17 -17.42
C LEU V 60 38.74 28.96 -18.06
N PHE V 61 38.24 28.59 -19.24
CA PHE V 61 38.76 27.40 -19.92
C PHE V 61 40.20 27.58 -20.38
N GLY V 62 40.56 28.79 -20.79
CA GLY V 62 41.91 29.00 -21.29
C GLY V 62 42.76 29.81 -20.34
N ALA V 63 42.55 29.62 -19.05
CA ALA V 63 43.29 30.37 -18.04
C ALA V 63 44.64 29.72 -17.84
N LYS V 64 45.70 30.52 -17.98
CA LYS V 64 47.07 30.00 -17.98
C LYS V 64 47.94 30.58 -16.88
N THR V 65 47.61 31.73 -16.31
CA THR V 65 48.38 32.26 -15.21
C THR V 65 47.50 32.50 -13.99
N SER V 66 48.12 32.47 -12.82
CA SER V 66 47.40 32.78 -11.59
C SER V 66 47.19 34.28 -11.43
N ARG V 67 47.96 35.09 -12.16
CA ARG V 67 47.81 36.53 -12.10
C ARG V 67 46.56 37.04 -12.79
N GLU V 68 45.87 36.18 -13.56
CA GLU V 68 44.63 36.53 -14.23
C GLU V 68 43.41 35.78 -13.70
N VAL V 69 43.61 34.59 -13.12
CA VAL V 69 42.52 33.92 -12.41
C VAL V 69 42.17 34.70 -11.16
N LEU V 70 43.20 35.17 -10.45
CA LEU V 70 42.97 36.02 -9.30
C LEU V 70 42.45 37.39 -9.75
N ALA V 71 42.86 37.86 -10.93
CA ALA V 71 42.40 39.14 -11.43
C ALA V 71 40.95 39.09 -11.90
N GLU V 72 40.41 37.90 -12.10
CA GLU V 72 38.97 37.79 -12.30
C GLU V 72 38.25 37.83 -10.96
N VAL V 73 38.89 37.33 -9.90
CA VAL V 73 38.33 37.52 -8.57
C VAL V 73 38.56 38.96 -8.10
N GLN V 74 39.58 39.64 -8.63
CA GLN V 74 39.71 41.07 -8.36
C GLN V 74 38.56 41.85 -8.96
N SER V 75 37.99 41.38 -10.06
CA SER V 75 36.74 41.92 -10.57
C SER V 75 35.53 41.43 -9.79
N CYS V 76 35.73 40.48 -8.87
CA CYS V 76 34.65 39.93 -8.08
C CYS V 76 34.78 40.30 -6.60
N ARG V 77 35.89 40.94 -6.21
CA ARG V 77 35.97 41.55 -4.89
C ARG V 77 34.92 42.63 -4.72
N SER V 78 35.02 43.69 -5.53
CA SER V 78 34.16 44.86 -5.42
C SER V 78 32.72 44.59 -5.86
N GLN V 79 32.52 43.56 -6.69
CA GLN V 79 31.17 43.24 -7.13
C GLN V 79 30.34 42.67 -5.98
N TYR V 80 30.92 41.73 -5.23
CA TYR V 80 30.22 40.97 -4.20
C TYR V 80 31.01 41.03 -2.91
N PRO V 81 30.83 42.06 -2.09
CA PRO V 81 31.49 42.08 -0.78
C PRO V 81 30.85 41.13 0.22
N GLY V 82 29.64 40.66 -0.05
CA GLY V 82 28.90 39.88 0.93
C GLY V 82 28.72 38.44 0.56
N HIS V 83 29.27 38.03 -0.56
CA HIS V 83 29.15 36.66 -1.03
C HIS V 83 30.45 35.89 -0.79
N TYR V 84 30.32 34.65 -0.39
CA TYR V 84 31.46 33.77 -0.22
C TYR V 84 32.00 33.44 -1.60
N ILE V 85 33.00 34.18 -2.05
CA ILE V 85 33.61 33.91 -3.34
C ILE V 85 34.47 32.65 -3.19
N ARG V 86 34.68 31.92 -4.29
CA ARG V 86 35.35 30.63 -4.24
C ARG V 86 35.91 30.28 -5.60
N VAL V 87 37.18 29.86 -5.65
CA VAL V 87 37.76 29.33 -6.86
C VAL V 87 37.69 27.81 -6.78
N VAL V 88 36.86 27.18 -7.61
CA VAL V 88 36.80 25.75 -7.68
C VAL V 88 37.68 25.28 -8.83
N GLY V 89 37.99 24.00 -8.86
CA GLY V 89 38.78 23.47 -9.94
C GLY V 89 38.10 22.26 -10.53
N PHE V 90 37.69 22.37 -11.77
CA PHE V 90 37.03 21.26 -12.42
C PHE V 90 38.04 20.43 -13.20
N ASP V 91 37.78 19.13 -13.25
CA ASP V 91 38.62 18.27 -14.04
C ASP V 91 38.35 18.55 -15.52
N ASN V 92 39.42 18.50 -16.31
CA ASN V 92 39.31 18.88 -17.71
C ASN V 92 38.50 17.85 -18.49
N ILE V 93 38.57 16.59 -18.08
CA ILE V 93 38.00 15.48 -18.84
C ILE V 93 37.00 14.71 -17.99
N LYS V 94 37.49 14.09 -16.92
CA LYS V 94 36.89 12.86 -16.39
C LYS V 94 35.68 13.10 -15.47
N GLN V 95 35.04 14.27 -15.55
CA GLN V 95 33.83 14.62 -14.80
C GLN V 95 34.00 14.51 -13.29
N CYS V 96 34.88 15.35 -12.74
CA CYS V 96 34.94 15.53 -11.30
C CYS V 96 35.43 16.93 -10.99
N GLN V 97 35.36 17.28 -9.70
CA GLN V 97 35.73 18.59 -9.18
C GLN V 97 36.70 18.38 -8.03
N ILE V 98 37.76 19.18 -7.99
CA ILE V 98 38.80 18.89 -7.01
C ILE V 98 39.02 20.03 -6.02
N LEU V 99 39.47 21.19 -6.49
CA LEU V 99 39.84 22.23 -5.56
C LEU V 99 38.59 23.00 -5.16
N SER V 100 38.59 23.51 -3.93
CA SER V 100 37.47 24.27 -3.39
C SER V 100 38.01 25.08 -2.22
N PHE V 101 38.04 26.40 -2.36
CA PHE V 101 38.59 27.24 -1.31
C PHE V 101 38.01 28.65 -1.40
N ILE V 102 37.51 29.15 -0.28
CA ILE V 102 36.92 30.48 -0.26
C ILE V 102 38.02 31.53 -0.27
N VAL V 103 37.94 32.45 -1.23
CA VAL V 103 38.93 33.50 -1.36
C VAL V 103 38.46 34.79 -0.71
N HIS V 104 37.15 34.95 -0.56
CA HIS V 104 36.58 36.17 -0.01
C HIS V 104 35.31 35.83 0.75
N LYS V 105 35.15 36.50 1.89
CA LYS V 105 34.07 36.23 2.82
C LYS V 105 33.43 37.56 3.17
N PRO V 106 32.09 37.60 3.40
CA PRO V 106 31.44 38.82 3.88
C PRO V 106 31.97 39.37 5.20
N ARG W 22 39.57 -37.76 -18.25
CA ARG W 22 39.28 -36.34 -18.38
C ARG W 22 40.30 -35.73 -19.36
N LEU W 23 41.02 -34.67 -18.94
CA LEU W 23 42.00 -33.92 -19.73
C LEU W 23 41.43 -33.43 -21.06
N THR W 24 40.13 -33.16 -21.09
CA THR W 24 39.50 -32.36 -22.13
C THR W 24 39.09 -31.01 -21.58
N TYR W 25 39.36 -30.75 -20.31
CA TYR W 25 39.09 -29.49 -19.66
C TYR W 25 40.33 -28.62 -19.54
N TYR W 26 41.48 -29.10 -19.98
CA TYR W 26 42.69 -28.30 -20.07
C TYR W 26 42.98 -28.11 -21.55
N THR W 27 42.55 -27.00 -22.10
CA THR W 27 42.76 -26.65 -23.50
C THR W 27 43.71 -25.47 -23.57
N PRO W 28 45.02 -25.69 -23.67
CA PRO W 28 45.96 -24.59 -23.49
C PRO W 28 46.06 -23.65 -24.68
N ASP W 29 45.44 -23.98 -25.81
CA ASP W 29 45.41 -23.10 -26.96
C ASP W 29 44.14 -22.28 -27.04
N TYR W 30 43.28 -22.38 -26.04
CA TYR W 30 42.04 -21.63 -26.00
C TYR W 30 42.37 -20.20 -25.64
N THR W 31 42.51 -19.35 -26.65
CA THR W 31 42.61 -17.93 -26.36
C THR W 31 41.22 -17.48 -25.95
N PRO W 32 41.06 -16.94 -24.75
CA PRO W 32 39.72 -16.83 -24.18
C PRO W 32 38.97 -15.67 -24.78
N LYS W 33 37.67 -15.86 -24.93
CA LYS W 33 36.86 -14.88 -25.60
C LYS W 33 36.68 -13.66 -24.71
N ASP W 34 36.32 -12.55 -25.32
CA ASP W 34 36.07 -11.32 -24.58
C ASP W 34 34.76 -11.33 -23.83
N THR W 35 33.99 -12.40 -23.97
CA THR W 35 32.75 -12.58 -23.25
C THR W 35 32.83 -13.69 -22.21
N ASP W 36 33.96 -14.38 -22.10
CA ASP W 36 34.12 -15.39 -21.07
C ASP W 36 34.26 -14.75 -19.70
N ILE W 37 34.13 -15.57 -18.66
CA ILE W 37 34.33 -15.10 -17.30
C ILE W 37 35.53 -15.83 -16.72
N LEU W 38 36.68 -15.20 -16.84
CA LEU W 38 37.92 -15.86 -16.50
C LEU W 38 38.07 -15.91 -15.00
N ALA W 39 38.77 -16.93 -14.53
CA ALA W 39 39.04 -17.06 -13.10
C ALA W 39 40.43 -17.61 -12.95
N ALA W 40 41.23 -16.98 -12.11
CA ALA W 40 42.63 -17.36 -11.92
C ALA W 40 42.76 -17.97 -10.55
N PHE W 41 42.68 -19.28 -10.45
CA PHE W 41 42.84 -19.95 -9.18
C PHE W 41 44.30 -19.95 -8.78
N ARG W 42 44.60 -20.39 -7.57
CA ARG W 42 45.98 -20.57 -7.14
C ARG W 42 46.03 -21.98 -6.57
N VAL W 43 46.22 -22.95 -7.44
CA VAL W 43 46.08 -24.35 -7.03
C VAL W 43 47.35 -24.77 -6.32
N THR W 44 47.21 -25.48 -5.21
CA THR W 44 48.33 -26.16 -4.55
C THR W 44 47.94 -27.63 -4.52
N PRO W 45 48.32 -28.40 -5.53
CA PRO W 45 47.82 -29.76 -5.64
C PRO W 45 48.48 -30.69 -4.64
N GLN W 46 47.85 -31.83 -4.43
CA GLN W 46 48.40 -32.89 -3.59
C GLN W 46 49.71 -33.39 -4.18
N PRO W 47 50.60 -33.95 -3.37
CA PRO W 47 51.84 -34.51 -3.91
C PRO W 47 51.57 -35.69 -4.83
N GLY W 48 52.18 -35.64 -6.00
CA GLY W 48 51.96 -36.62 -7.03
C GLY W 48 50.96 -36.21 -8.10
N VAL W 49 50.11 -35.23 -7.83
CA VAL W 49 49.17 -34.72 -8.81
C VAL W 49 49.91 -33.82 -9.77
N PRO W 50 49.92 -34.11 -11.07
CA PRO W 50 50.60 -33.22 -12.01
C PRO W 50 49.78 -31.97 -12.25
N PHE W 51 50.46 -30.94 -12.77
CA PHE W 51 49.83 -29.63 -12.87
C PHE W 51 48.81 -29.55 -13.98
N GLU W 52 48.95 -30.34 -15.04
CA GLU W 52 47.92 -30.32 -16.07
C GLU W 52 46.65 -30.99 -15.57
N GLU W 53 46.78 -31.98 -14.69
CA GLU W 53 45.60 -32.76 -14.30
C GLU W 53 44.79 -32.05 -13.23
N ALA W 54 45.43 -31.31 -12.33
CA ALA W 54 44.67 -30.53 -11.35
C ALA W 54 44.07 -29.29 -11.97
N ALA W 55 44.73 -28.69 -12.94
CA ALA W 55 44.16 -27.53 -13.62
C ALA W 55 43.00 -27.91 -14.50
N ALA W 56 43.01 -29.13 -15.02
CA ALA W 56 41.81 -29.64 -15.68
C ALA W 56 40.77 -30.06 -14.67
N ALA W 57 41.14 -30.17 -13.40
CA ALA W 57 40.21 -30.60 -12.37
C ALA W 57 39.65 -29.42 -11.58
N VAL W 58 40.39 -28.30 -11.50
CA VAL W 58 39.76 -27.09 -10.96
C VAL W 58 38.84 -26.46 -11.98
N ALA W 59 38.97 -26.83 -13.24
CA ALA W 59 38.02 -26.50 -14.26
C ALA W 59 36.92 -27.53 -14.39
N ALA W 60 37.10 -28.70 -13.78
CA ALA W 60 36.13 -29.78 -13.94
C ALA W 60 34.95 -29.60 -13.02
N GLU W 61 35.18 -29.73 -11.71
CA GLU W 61 34.06 -29.74 -10.80
C GLU W 61 33.54 -28.36 -10.50
N SER W 62 34.18 -27.32 -11.00
CA SER W 62 33.57 -26.00 -10.96
C SER W 62 32.52 -25.86 -12.05
N SER W 63 32.68 -26.55 -13.17
CA SER W 63 31.63 -26.41 -14.18
C SER W 63 30.81 -27.68 -14.40
N THR W 64 31.44 -28.76 -14.85
CA THR W 64 30.76 -30.03 -15.13
C THR W 64 31.70 -31.19 -14.79
N GLY W 65 31.43 -31.84 -13.66
CA GLY W 65 32.32 -32.86 -13.13
C GLY W 65 32.51 -34.12 -13.95
N ASP W 77 25.20 -30.61 -24.61
CA ASP W 77 26.60 -30.53 -25.01
C ASP W 77 27.53 -30.12 -23.88
N LEU W 78 28.81 -30.35 -24.10
CA LEU W 78 29.84 -29.87 -23.21
C LEU W 78 30.95 -29.14 -23.95
N ASP W 79 30.80 -28.90 -25.24
CA ASP W 79 31.77 -28.12 -26.00
C ASP W 79 31.48 -26.62 -25.88
N ARG W 80 30.31 -26.26 -25.38
CA ARG W 80 29.95 -24.86 -25.25
C ARG W 80 29.71 -24.42 -23.83
N TYR W 81 29.55 -25.34 -22.89
CA TYR W 81 29.19 -24.98 -21.52
C TYR W 81 30.18 -25.54 -20.51
N LYS W 82 31.39 -25.87 -20.92
CA LYS W 82 32.39 -26.30 -19.97
C LYS W 82 33.27 -25.11 -19.62
N GLY W 83 33.63 -25.02 -18.34
CA GLY W 83 34.66 -24.10 -17.95
C GLY W 83 35.97 -24.82 -18.14
N ARG W 84 36.82 -24.28 -19.01
CA ARG W 84 38.02 -24.98 -19.40
C ARG W 84 39.24 -24.15 -19.04
N CYS W 85 40.32 -24.84 -18.69
CA CYS W 85 41.56 -24.19 -18.34
C CYS W 85 42.37 -23.90 -19.58
N TYR W 86 43.08 -22.78 -19.57
CA TYR W 86 43.82 -22.43 -20.77
C TYR W 86 45.24 -21.96 -20.52
N ASP W 87 45.70 -21.90 -19.27
CA ASP W 87 47.08 -21.53 -19.00
C ASP W 87 47.45 -22.07 -17.63
N ILE W 88 48.73 -22.37 -17.43
CA ILE W 88 49.22 -22.91 -16.16
C ILE W 88 49.89 -21.84 -15.32
N GLU W 89 50.99 -21.27 -15.82
CA GLU W 89 51.77 -20.24 -15.13
C GLU W 89 52.16 -20.59 -13.69
N PRO W 90 53.20 -21.40 -13.49
CA PRO W 90 53.62 -21.76 -12.14
C PRO W 90 54.05 -20.52 -11.36
N VAL W 91 53.78 -20.55 -10.05
CA VAL W 91 54.09 -19.44 -9.16
C VAL W 91 55.60 -19.29 -9.08
N PRO W 92 56.14 -18.13 -9.44
CA PRO W 92 57.59 -17.96 -9.39
C PRO W 92 58.07 -17.85 -7.96
N GLY W 93 59.13 -18.57 -7.66
CA GLY W 93 59.67 -18.61 -6.32
C GLY W 93 59.12 -19.71 -5.46
N GLU W 94 58.33 -20.63 -6.03
CA GLU W 94 57.70 -21.66 -5.22
C GLU W 94 57.32 -22.84 -6.09
N ASP W 95 57.62 -24.04 -5.63
CA ASP W 95 57.21 -25.26 -6.30
C ASP W 95 55.86 -25.69 -5.76
N ASN W 96 55.25 -26.67 -6.44
CA ASN W 96 54.02 -27.34 -6.02
C ASN W 96 52.85 -26.36 -5.89
N GLN W 97 52.84 -25.36 -6.76
CA GLN W 97 51.78 -24.36 -6.74
C GLN W 97 51.78 -23.62 -8.06
N PHE W 98 50.59 -23.35 -8.60
CA PHE W 98 50.47 -22.71 -9.89
C PHE W 98 49.17 -21.93 -9.93
N ILE W 99 48.95 -21.21 -11.03
CA ILE W 99 47.85 -20.25 -11.14
C ILE W 99 47.01 -20.63 -12.34
N ALA W 100 46.01 -21.47 -12.11
CA ALA W 100 45.26 -22.10 -13.20
C ALA W 100 44.19 -21.14 -13.71
N TYR W 101 44.37 -20.62 -14.92
CA TYR W 101 43.42 -19.66 -15.48
C TYR W 101 42.27 -20.43 -16.10
N ILE W 102 41.10 -20.33 -15.51
CA ILE W 102 39.93 -21.05 -15.99
C ILE W 102 39.08 -20.06 -16.78
N ALA W 103 38.42 -20.53 -17.83
CA ALA W 103 37.70 -19.67 -18.76
C ALA W 103 36.25 -20.12 -18.85
N TYR W 104 35.45 -19.68 -17.96
CA TYR W 104 34.05 -20.07 -17.96
C TYR W 104 33.29 -19.30 -19.02
N PRO W 105 32.33 -19.93 -19.71
CA PRO W 105 31.57 -19.21 -20.71
C PRO W 105 30.59 -18.25 -20.05
N LEU W 106 30.06 -17.34 -20.84
CA LEU W 106 29.15 -16.35 -20.28
C LEU W 106 27.81 -16.96 -19.96
N ASP W 107 27.27 -17.73 -20.88
CA ASP W 107 25.91 -18.25 -20.76
C ASP W 107 25.77 -19.37 -19.78
N LEU W 108 26.77 -19.64 -18.97
CA LEU W 108 26.63 -20.55 -17.85
C LEU W 108 26.02 -19.85 -16.65
N PHE W 109 26.14 -18.53 -16.60
CA PHE W 109 25.93 -17.74 -15.38
C PHE W 109 24.69 -16.86 -15.52
N GLU W 110 24.11 -16.52 -14.37
CA GLU W 110 22.86 -15.76 -14.33
C GLU W 110 23.11 -14.28 -14.52
N GLU W 111 22.30 -13.66 -15.37
CA GLU W 111 22.36 -12.23 -15.59
C GLU W 111 22.03 -11.49 -14.32
N GLY W 112 23.02 -10.86 -13.70
CA GLY W 112 22.76 -10.02 -12.57
C GLY W 112 22.91 -10.68 -11.24
N SER W 113 23.51 -11.87 -11.17
CA SER W 113 23.62 -12.63 -9.94
C SER W 113 25.07 -12.94 -9.64
N ILE W 114 25.58 -12.37 -8.55
CA ILE W 114 26.92 -12.69 -8.07
C ILE W 114 26.89 -13.81 -7.06
N THR W 115 25.72 -14.19 -6.58
CA THR W 115 25.61 -15.43 -5.85
C THR W 115 25.51 -16.64 -6.76
N ASN W 116 25.43 -16.45 -8.08
CA ASN W 116 25.56 -17.56 -9.02
C ASN W 116 26.96 -17.66 -9.59
N VAL W 117 27.75 -16.60 -9.52
CA VAL W 117 29.15 -16.73 -9.88
C VAL W 117 29.88 -17.51 -8.79
N LEU W 118 29.61 -17.20 -7.54
CA LEU W 118 30.28 -17.92 -6.46
C LEU W 118 29.66 -19.29 -6.22
N THR W 119 28.43 -19.53 -6.64
CA THR W 119 27.92 -20.89 -6.56
C THR W 119 28.53 -21.74 -7.66
N SER W 120 28.78 -21.13 -8.82
CA SER W 120 29.28 -21.89 -9.94
C SER W 120 30.77 -22.08 -9.85
N ILE W 121 31.51 -20.99 -9.70
CA ILE W 121 32.96 -21.05 -9.76
C ILE W 121 33.52 -21.69 -8.50
N VAL W 122 33.30 -21.08 -7.35
CA VAL W 122 33.88 -21.57 -6.12
C VAL W 122 32.90 -22.41 -5.31
N GLY W 123 31.90 -22.97 -5.96
CA GLY W 123 30.98 -23.83 -5.25
C GLY W 123 31.56 -25.15 -4.81
N ASN W 124 31.85 -26.04 -5.75
CA ASN W 124 32.24 -27.40 -5.44
C ASN W 124 33.63 -27.70 -5.97
N VAL W 125 34.51 -26.69 -5.95
CA VAL W 125 35.86 -26.87 -6.48
C VAL W 125 36.92 -26.80 -5.40
N PHE W 126 36.65 -26.16 -4.25
CA PHE W 126 37.71 -26.06 -3.25
C PHE W 126 37.81 -27.33 -2.44
N GLY W 127 36.75 -28.12 -2.42
CA GLY W 127 36.72 -29.37 -1.70
C GLY W 127 37.16 -30.56 -2.51
N PHE W 128 37.66 -30.33 -3.71
CA PHE W 128 38.12 -31.43 -4.55
C PHE W 128 39.37 -32.04 -3.94
N LYS W 129 39.42 -33.35 -3.89
CA LYS W 129 40.33 -34.05 -3.00
C LYS W 129 41.76 -34.13 -3.50
N ALA W 130 42.01 -33.88 -4.78
CA ALA W 130 43.36 -33.93 -5.33
C ALA W 130 44.04 -32.58 -5.28
N LEU W 131 43.66 -31.74 -4.33
CA LEU W 131 44.10 -30.36 -4.21
C LEU W 131 44.31 -30.08 -2.74
N ARG W 132 45.54 -29.72 -2.36
CA ARG W 132 45.80 -29.49 -0.95
C ARG W 132 45.25 -28.15 -0.52
N ALA W 133 45.30 -27.15 -1.38
CA ALA W 133 44.76 -25.84 -1.07
C ALA W 133 44.48 -25.13 -2.38
N LEU W 134 43.26 -24.66 -2.56
CA LEU W 134 42.87 -23.96 -3.77
C LEU W 134 42.41 -22.56 -3.41
N ARG W 135 42.99 -21.55 -4.04
CA ARG W 135 42.68 -20.16 -3.72
C ARG W 135 42.28 -19.42 -4.97
N LEU W 136 41.12 -18.80 -4.97
CA LEU W 136 40.70 -17.99 -6.10
C LEU W 136 41.37 -16.63 -5.98
N GLU W 137 42.38 -16.39 -6.80
CA GLU W 137 43.10 -15.13 -6.72
C GLU W 137 42.31 -14.00 -7.34
N ASP W 138 42.02 -14.09 -8.63
CA ASP W 138 41.37 -13.00 -9.34
C ASP W 138 40.34 -13.60 -10.29
N ILE W 139 39.50 -12.74 -10.82
CA ILE W 139 38.39 -13.14 -11.68
C ILE W 139 38.13 -11.99 -12.65
N ARG W 140 37.74 -12.29 -13.87
CA ARG W 140 37.49 -11.24 -14.84
C ARG W 140 36.04 -11.30 -15.28
N PHE W 141 35.23 -10.47 -14.69
CA PHE W 141 33.91 -10.26 -15.20
C PHE W 141 34.05 -9.42 -16.47
N PRO W 142 33.52 -9.85 -17.59
CA PRO W 142 33.70 -9.11 -18.83
C PRO W 142 32.78 -7.91 -18.88
N VAL W 143 32.92 -7.12 -19.94
CA VAL W 143 31.99 -6.04 -20.22
C VAL W 143 30.60 -6.59 -20.48
N ALA W 144 30.50 -7.82 -20.98
CA ALA W 144 29.22 -8.44 -21.28
C ALA W 144 28.43 -8.78 -20.05
N TYR W 145 29.09 -9.01 -18.93
CA TYR W 145 28.42 -9.48 -17.72
C TYR W 145 28.39 -8.43 -16.64
N ILE W 146 29.24 -7.42 -16.72
CA ILE W 146 29.14 -6.28 -15.81
C ILE W 146 27.90 -5.46 -16.12
N LYS W 147 27.47 -5.42 -17.37
CA LYS W 147 26.29 -4.65 -17.72
C LYS W 147 25.00 -5.26 -17.19
N THR W 148 24.99 -6.55 -16.88
CA THR W 148 23.80 -7.13 -16.27
C THR W 148 23.62 -6.70 -14.83
N PHE W 149 24.70 -6.35 -14.13
CA PHE W 149 24.65 -5.96 -12.74
C PHE W 149 24.26 -4.51 -12.60
N GLN W 150 24.09 -4.09 -11.36
CA GLN W 150 23.77 -2.71 -11.08
C GLN W 150 25.00 -1.86 -10.89
N GLY W 151 26.04 -2.43 -10.34
CA GLY W 151 27.17 -1.67 -9.90
C GLY W 151 26.85 -1.14 -8.53
N PRO W 152 27.61 -0.17 -8.07
CA PRO W 152 27.26 0.53 -6.86
C PRO W 152 25.99 1.34 -7.06
N PRO W 153 25.26 1.62 -5.99
CA PRO W 153 24.20 2.61 -6.09
C PRO W 153 24.70 3.94 -6.58
N HIS W 154 25.77 4.45 -5.99
CA HIS W 154 26.33 5.73 -6.34
C HIS W 154 27.83 5.52 -6.38
N GLY W 155 28.49 6.10 -7.34
CA GLY W 155 29.90 5.85 -7.50
C GLY W 155 30.80 6.56 -6.53
N ILE W 156 31.95 6.99 -7.04
CA ILE W 156 32.73 8.01 -6.37
C ILE W 156 32.16 9.36 -6.72
N GLN W 157 31.87 9.58 -7.99
CA GLN W 157 31.45 10.89 -8.44
C GLN W 157 30.06 11.22 -7.95
N VAL W 158 29.18 10.22 -7.90
CA VAL W 158 27.81 10.52 -7.54
C VAL W 158 27.67 10.66 -6.05
N GLU W 159 28.43 9.88 -5.31
CA GLU W 159 28.45 10.00 -3.86
C GLU W 159 28.97 11.35 -3.41
N ARG W 160 30.10 11.79 -3.96
CA ARG W 160 30.66 13.09 -3.58
C ARG W 160 29.77 14.23 -4.02
N ASP W 161 29.00 14.06 -5.09
CA ASP W 161 28.04 15.11 -5.44
C ASP W 161 26.92 15.19 -4.41
N LYS W 162 26.47 14.04 -3.90
CA LYS W 162 25.40 14.04 -2.91
C LYS W 162 25.86 14.58 -1.58
N LEU W 163 27.11 14.36 -1.23
CA LEU W 163 27.64 14.80 0.05
C LEU W 163 28.26 16.19 -0.01
N ASN W 164 28.54 16.68 -1.22
CA ASN W 164 29.20 17.96 -1.47
C ASN W 164 30.56 18.02 -0.77
N LYS W 165 31.29 16.92 -0.80
CA LYS W 165 32.60 16.80 -0.16
C LYS W 165 33.63 16.52 -1.24
N TYR W 166 34.40 17.52 -1.63
CA TYR W 166 35.25 17.40 -2.80
C TYR W 166 36.72 17.59 -2.48
N GLY W 167 37.55 16.84 -3.19
CA GLY W 167 38.97 17.09 -3.21
C GLY W 167 39.73 16.70 -1.98
N ARG W 168 39.17 15.83 -1.15
CA ARG W 168 39.87 15.36 0.03
C ARG W 168 39.32 14.00 0.38
N PRO W 169 40.13 13.14 0.99
CA PRO W 169 39.58 11.87 1.46
C PRO W 169 38.78 12.10 2.73
N LEU W 170 37.63 11.46 2.80
CA LEU W 170 36.65 11.66 3.85
C LEU W 170 37.15 11.06 5.17
N LEU W 171 36.33 11.15 6.22
CA LEU W 171 36.79 10.73 7.53
C LEU W 171 35.82 9.75 8.18
N GLY W 172 36.25 9.23 9.32
CA GLY W 172 35.39 8.38 10.11
C GLY W 172 35.93 8.05 11.49
N CYS W 173 35.07 8.16 12.50
CA CYS W 173 35.28 7.45 13.76
C CYS W 173 34.70 6.07 13.62
N THR W 174 35.11 5.22 14.54
CA THR W 174 34.36 4.03 14.90
C THR W 174 34.12 4.16 16.39
N ILE W 175 32.85 4.09 16.80
CA ILE W 175 32.47 4.50 18.15
C ILE W 175 32.99 3.46 19.14
N LYS W 176 34.05 3.83 19.86
CA LYS W 176 34.51 2.95 20.91
C LYS W 176 34.00 3.41 22.26
N PRO W 177 33.51 2.50 23.13
CA PRO W 177 33.49 1.04 23.06
C PRO W 177 32.44 0.55 22.10
N LYS W 178 32.61 -0.67 21.61
CA LYS W 178 31.62 -1.23 20.72
C LYS W 178 30.30 -1.41 21.44
N LEU W 179 30.29 -2.30 22.42
CA LEU W 179 29.08 -2.79 23.04
C LEU W 179 28.75 -1.94 24.25
N GLY W 180 27.55 -2.14 24.77
CA GLY W 180 27.16 -1.59 26.01
C GLY W 180 26.49 -0.24 25.93
N LEU W 181 26.93 0.60 25.00
CA LEU W 181 26.43 1.97 24.92
C LEU W 181 24.96 1.96 24.53
N SER W 182 24.14 2.52 25.40
CA SER W 182 22.73 2.71 25.14
C SER W 182 22.57 3.64 23.96
N ALA W 183 21.37 3.60 23.38
CA ALA W 183 21.13 4.19 22.08
C ALA W 183 21.35 5.69 22.06
N LYS W 184 21.17 6.37 23.19
CA LYS W 184 21.44 7.80 23.25
C LYS W 184 22.89 8.07 23.59
N ASN W 185 23.48 7.32 24.51
CA ASN W 185 24.89 7.50 24.82
C ASN W 185 25.75 7.09 23.66
N TYR W 186 25.26 6.18 22.83
CA TYR W 186 25.89 5.92 21.55
C TYR W 186 25.71 7.09 20.62
N GLY W 187 24.53 7.70 20.61
CA GLY W 187 24.31 8.87 19.78
C GLY W 187 25.07 10.08 20.26
N ARG W 188 25.33 10.17 21.56
CA ARG W 188 26.12 11.29 22.07
C ARG W 188 27.57 11.16 21.68
N ALA W 189 28.08 9.93 21.59
CA ALA W 189 29.42 9.74 21.06
C ALA W 189 29.48 9.93 19.56
N VAL W 190 28.36 9.81 18.86
CA VAL W 190 28.30 10.12 17.44
C VAL W 190 28.28 11.62 17.23
N TYR W 191 27.49 12.32 18.04
CA TYR W 191 27.47 13.77 17.99
C TYR W 191 28.81 14.38 18.34
N GLU W 192 29.56 13.71 19.21
CA GLU W 192 30.81 14.28 19.65
C GLU W 192 31.89 14.10 18.60
N CYS W 193 31.92 12.93 17.93
CA CYS W 193 32.84 12.76 16.81
C CYS W 193 32.46 13.66 15.64
N LEU W 194 31.18 13.71 15.28
CA LEU W 194 30.79 14.47 14.09
C LEU W 194 30.84 15.98 14.29
N ARG W 195 30.92 16.49 15.52
CA ARG W 195 31.17 17.91 15.70
C ARG W 195 32.56 18.29 15.21
N GLY W 196 33.54 17.45 15.47
CA GLY W 196 34.91 17.83 15.20
C GLY W 196 35.32 17.67 13.76
N GLY W 197 34.45 17.99 12.82
CA GLY W 197 34.84 17.95 11.44
C GLY W 197 34.94 16.58 10.85
N LEU W 198 34.39 15.60 11.50
CA LEU W 198 34.46 14.27 10.98
C LEU W 198 33.30 14.07 10.04
N ASP W 199 33.56 13.48 8.89
CA ASP W 199 32.51 13.36 7.90
C ASP W 199 31.51 12.29 8.29
N PHE W 200 31.96 11.07 8.45
CA PHE W 200 31.08 9.97 8.76
C PHE W 200 31.46 9.35 10.08
N THR W 201 30.59 8.49 10.58
CA THR W 201 30.83 7.80 11.83
C THR W 201 30.24 6.42 11.73
N LYS W 202 31.06 5.41 11.90
CA LYS W 202 30.68 4.06 11.55
C LYS W 202 29.93 3.41 12.70
N ASP W 203 28.88 2.68 12.36
CA ASP W 203 28.29 1.75 13.31
C ASP W 203 29.06 0.44 13.22
N ASP W 204 29.13 -0.28 14.33
CA ASP W 204 30.02 -1.42 14.38
C ASP W 204 29.52 -2.59 13.56
N GLU W 205 30.34 -3.62 13.49
CA GLU W 205 29.92 -4.89 12.90
C GLU W 205 28.81 -5.51 13.72
N ASN W 206 29.11 -5.82 14.97
CA ASN W 206 28.23 -6.57 15.84
C ASN W 206 27.16 -5.74 16.48
N ILE W 207 26.94 -4.52 16.02
CA ILE W 207 25.83 -3.71 16.47
C ILE W 207 24.80 -3.76 15.35
N ASN W 208 23.85 -4.67 15.45
CA ASN W 208 22.68 -4.64 14.59
C ASN W 208 21.45 -4.27 15.40
N SER W 209 21.10 -5.10 16.37
CA SER W 209 20.23 -4.74 17.46
C SER W 209 20.49 -5.77 18.54
N ALA W 210 20.42 -5.33 19.79
CA ALA W 210 20.80 -6.17 20.90
C ALA W 210 20.15 -5.58 22.13
N PRO W 211 19.86 -6.38 23.17
CA PRO W 211 18.92 -5.91 24.22
C PRO W 211 19.34 -4.67 24.99
N PHE W 212 20.57 -4.20 24.84
CA PHE W 212 20.98 -2.91 25.36
C PHE W 212 20.79 -1.77 24.38
N GLN W 213 20.62 -2.07 23.09
CA GLN W 213 20.57 -1.04 22.06
C GLN W 213 19.83 -1.59 20.85
N ARG W 214 18.57 -1.22 20.70
CA ARG W 214 17.79 -1.67 19.56
C ARG W 214 18.04 -0.75 18.39
N TRP W 215 17.83 -1.28 17.19
CA TRP W 215 18.14 -0.51 16.00
C TRP W 215 17.19 0.66 15.82
N ARG W 216 15.94 0.49 16.23
CA ARG W 216 14.94 1.54 16.06
C ARG W 216 15.28 2.75 16.89
N ASP W 217 15.93 2.53 18.02
CA ASP W 217 16.34 3.57 18.93
C ASP W 217 17.79 3.94 18.72
N ARG W 218 18.64 3.04 18.24
CA ARG W 218 19.93 3.50 17.77
C ARG W 218 19.79 4.42 16.58
N PHE W 219 18.89 4.11 15.65
CA PHE W 219 18.78 4.92 14.45
C PHE W 219 18.14 6.25 14.75
N LEU W 220 17.29 6.29 15.75
CA LEU W 220 16.62 7.53 16.10
C LEU W 220 17.58 8.50 16.76
N PHE W 221 18.33 8.04 17.76
CA PHE W 221 19.21 8.89 18.52
C PHE W 221 20.52 9.16 17.81
N VAL W 222 20.77 8.52 16.68
CA VAL W 222 21.87 8.88 15.80
C VAL W 222 21.45 9.91 14.78
N ALA W 223 20.28 9.75 14.19
CA ALA W 223 19.76 10.76 13.28
C ALA W 223 19.38 12.04 14.01
N ASP W 224 19.19 11.99 15.32
CA ASP W 224 19.07 13.20 16.10
C ASP W 224 20.41 13.77 16.54
N ALA W 225 21.49 13.01 16.36
CA ALA W 225 22.84 13.51 16.57
C ALA W 225 23.49 13.96 15.30
N ILE W 226 22.91 13.62 14.15
CA ILE W 226 23.42 14.11 12.88
C ILE W 226 22.81 15.44 12.54
N THR W 227 21.51 15.60 12.75
CA THR W 227 20.89 16.90 12.51
C THR W 227 21.32 17.96 13.51
N LYS W 228 21.98 17.59 14.60
CA LYS W 228 22.61 18.63 15.40
C LYS W 228 24.03 18.88 14.94
N ALA W 229 24.75 17.84 14.56
CA ALA W 229 26.12 18.01 14.10
C ALA W 229 26.21 18.51 12.67
N GLN W 230 25.13 18.44 11.91
CA GLN W 230 25.08 19.07 10.60
C GLN W 230 24.56 20.50 10.69
N ALA W 231 23.78 20.81 11.71
CA ALA W 231 23.35 22.19 11.90
C ALA W 231 24.44 23.02 12.56
N GLU W 232 25.20 22.43 13.47
CA GLU W 232 26.35 23.10 14.07
C GLU W 232 27.42 23.44 13.06
N THR W 233 28.03 22.43 12.46
CA THR W 233 28.93 22.61 11.33
C THR W 233 28.18 22.21 10.08
N GLY W 234 28.04 23.14 9.14
CA GLY W 234 27.10 23.02 8.04
C GLY W 234 27.33 21.88 7.07
N GLU W 235 28.42 21.14 7.21
CA GLU W 235 28.78 20.07 6.30
C GLU W 235 27.80 18.92 6.40
N ILE W 236 27.68 18.13 5.34
CA ILE W 236 26.71 17.03 5.34
C ILE W 236 27.29 15.89 6.16
N LYS W 237 26.84 15.78 7.40
CA LYS W 237 27.34 14.73 8.26
C LYS W 237 26.49 13.48 8.08
N GLY W 238 27.11 12.33 8.24
CA GLY W 238 26.42 11.07 8.04
C GLY W 238 26.91 10.04 9.01
N HIS W 239 26.20 8.93 9.08
CA HIS W 239 26.53 7.84 9.98
C HIS W 239 26.15 6.57 9.25
N TYR W 240 27.03 5.59 9.30
CA TYR W 240 26.85 4.35 8.55
C TYR W 240 25.93 3.46 9.35
N LEU W 241 24.63 3.73 9.28
CA LEU W 241 23.68 3.00 10.10
C LEU W 241 23.59 1.54 9.69
N ASN W 242 23.91 0.64 10.60
CA ASN W 242 24.05 -0.78 10.30
C ASN W 242 22.68 -1.40 10.10
N VAL W 243 22.37 -1.78 8.87
CA VAL W 243 21.09 -2.38 8.56
C VAL W 243 21.19 -3.89 8.38
N THR W 244 22.31 -4.48 8.78
CA THR W 244 22.46 -5.93 8.68
C THR W 244 21.48 -6.59 9.63
N ALA W 245 20.69 -7.52 9.14
CA ALA W 245 19.55 -8.01 9.89
C ALA W 245 19.44 -9.51 9.69
N PRO W 246 18.66 -10.20 10.53
CA PRO W 246 18.43 -11.63 10.27
C PRO W 246 17.72 -11.95 8.98
N THR W 247 16.66 -11.24 8.62
CA THR W 247 15.95 -11.52 7.39
C THR W 247 16.04 -10.34 6.44
N CYS W 248 15.76 -10.59 5.16
CA CYS W 248 15.70 -9.49 4.20
C CYS W 248 14.45 -8.63 4.36
N GLU W 249 13.46 -9.08 5.12
CA GLU W 249 12.34 -8.21 5.46
C GLU W 249 12.70 -7.29 6.61
N GLU W 250 13.52 -7.79 7.53
CA GLU W 250 13.98 -7.01 8.67
C GLU W 250 15.18 -6.16 8.29
N MET W 251 15.73 -6.36 7.09
CA MET W 251 16.83 -5.52 6.63
C MET W 251 16.30 -4.32 5.87
N LEU W 252 15.24 -4.52 5.11
CA LEU W 252 14.71 -3.41 4.35
C LEU W 252 13.82 -2.55 5.22
N LYS W 253 13.16 -3.11 6.23
CA LYS W 253 12.46 -2.25 7.17
C LYS W 253 13.39 -1.58 8.15
N ARG W 254 14.64 -1.98 8.15
CA ARG W 254 15.70 -1.31 8.87
C ARG W 254 16.39 -0.29 7.98
N ALA W 255 16.25 -0.43 6.68
CA ALA W 255 16.77 0.57 5.76
C ALA W 255 15.70 1.55 5.33
N GLU W 256 14.44 1.12 5.21
CA GLU W 256 13.34 2.06 4.98
C GLU W 256 13.12 2.97 6.17
N TYR W 257 13.64 2.63 7.34
CA TYR W 257 13.58 3.57 8.45
C TYR W 257 14.74 4.54 8.43
N ALA W 258 15.91 4.10 8.00
CA ALA W 258 16.98 5.06 7.80
C ALA W 258 16.73 5.94 6.59
N LYS W 259 15.91 5.50 5.64
CA LYS W 259 15.48 6.42 4.60
C LYS W 259 14.58 7.50 5.16
N GLU W 260 13.64 7.15 6.04
CA GLU W 260 12.68 8.12 6.53
C GLU W 260 13.17 8.89 7.75
N LEU W 261 14.43 8.71 8.13
CA LEU W 261 15.12 9.70 8.94
C LEU W 261 15.94 10.65 8.10
N LYS W 262 15.82 10.54 6.78
CA LYS W 262 16.51 11.35 5.78
C LYS W 262 18.03 11.20 5.93
N GLN W 263 18.48 9.97 6.18
CA GLN W 263 19.88 9.66 6.39
C GLN W 263 20.60 9.51 5.06
N PRO W 264 21.84 9.98 4.97
CA PRO W 264 22.54 9.94 3.71
C PRO W 264 23.08 8.56 3.37
N ILE W 265 23.37 7.74 4.38
CA ILE W 265 24.14 6.53 4.17
C ILE W 265 23.71 5.48 5.17
N ILE W 266 23.77 4.21 4.75
CA ILE W 266 23.65 3.05 5.62
C ILE W 266 24.86 2.18 5.38
N MET W 267 24.93 1.06 6.09
CA MET W 267 26.02 0.12 5.91
C MET W 267 25.51 -1.28 6.03
N HIS W 268 26.32 -2.23 5.58
CA HIS W 268 25.86 -3.61 5.47
C HIS W 268 27.06 -4.52 5.47
N ASP W 269 27.06 -5.50 6.35
CA ASP W 269 28.13 -6.50 6.44
C ASP W 269 27.84 -7.55 5.37
N TYR W 270 28.52 -7.46 4.24
CA TYR W 270 28.03 -8.11 3.05
C TYR W 270 28.44 -9.55 2.93
N LEU W 271 29.32 -10.06 3.80
CA LEU W 271 29.72 -11.45 3.72
C LEU W 271 29.10 -12.31 4.80
N THR W 272 28.65 -11.73 5.90
CA THR W 272 27.82 -12.50 6.80
C THR W 272 26.37 -12.52 6.34
N ALA W 273 25.89 -11.42 5.78
CA ALA W 273 24.55 -11.33 5.23
C ALA W 273 24.46 -11.83 3.80
N GLY W 274 25.57 -11.92 3.10
CA GLY W 274 25.58 -12.59 1.82
C GLY W 274 25.35 -11.68 0.64
N PHE W 275 25.47 -12.26 -0.53
CA PHE W 275 25.31 -11.55 -1.79
C PHE W 275 23.90 -11.57 -2.32
N THR W 276 22.97 -12.20 -1.64
CA THR W 276 21.58 -12.05 -2.03
C THR W 276 20.94 -10.94 -1.23
N ALA W 277 21.35 -10.76 0.02
CA ALA W 277 20.85 -9.65 0.81
C ALA W 277 21.53 -8.36 0.44
N ASN W 278 22.81 -8.41 0.08
CA ASN W 278 23.51 -7.20 -0.34
C ASN W 278 23.00 -6.72 -1.68
N THR W 279 22.77 -7.63 -2.62
CA THR W 279 22.24 -7.24 -3.91
C THR W 279 20.79 -6.79 -3.80
N THR W 280 20.07 -7.27 -2.80
CA THR W 280 18.73 -6.75 -2.50
C THR W 280 18.81 -5.32 -2.01
N LEU W 281 19.81 -5.03 -1.20
CA LEU W 281 19.99 -3.72 -0.62
C LEU W 281 20.68 -2.76 -1.56
N ALA W 282 21.55 -3.27 -2.43
CA ALA W 282 22.07 -2.52 -3.56
C ALA W 282 20.96 -1.95 -4.42
N ARG W 283 20.03 -2.82 -4.83
CA ARG W 283 18.93 -2.40 -5.69
C ARG W 283 18.00 -1.46 -4.96
N TRP W 284 17.98 -1.54 -3.63
CA TRP W 284 17.17 -0.64 -2.84
C TRP W 284 17.86 0.71 -2.70
N CYS W 285 19.14 0.72 -2.37
CA CYS W 285 19.87 1.96 -2.13
C CYS W 285 20.01 2.78 -3.39
N ARG W 286 20.05 2.16 -4.55
CA ARG W 286 19.98 2.92 -5.78
C ARG W 286 18.58 3.49 -5.98
N ASP W 287 17.56 2.75 -5.56
CA ASP W 287 16.20 3.16 -5.78
C ASP W 287 15.62 3.89 -4.60
N ASN W 288 16.45 4.30 -3.64
CA ASN W 288 16.03 5.20 -2.58
C ASN W 288 17.08 6.22 -2.21
N GLY W 289 18.15 6.35 -2.99
CA GLY W 289 19.08 7.44 -2.81
C GLY W 289 19.94 7.38 -1.57
N VAL W 290 20.00 6.24 -0.92
CA VAL W 290 20.79 6.05 0.28
C VAL W 290 22.16 5.52 -0.15
N LEU W 291 23.22 6.08 0.40
CA LEU W 291 24.52 5.54 0.08
C LEU W 291 24.72 4.26 0.87
N LEU W 292 25.60 3.38 0.39
CA LEU W 292 25.78 2.09 1.03
C LEU W 292 27.25 1.91 1.38
N HIS W 293 27.53 1.64 2.65
CA HIS W 293 28.90 1.42 3.13
C HIS W 293 29.08 -0.06 3.35
N ILE W 294 29.61 -0.76 2.37
CA ILE W 294 29.79 -2.19 2.51
C ILE W 294 30.96 -2.48 3.44
N HIS W 295 30.71 -3.22 4.50
CA HIS W 295 31.73 -3.61 5.45
C HIS W 295 32.18 -5.02 5.15
N ARG W 296 33.48 -5.27 5.25
CA ARG W 296 33.98 -6.59 4.92
C ARG W 296 34.09 -7.47 6.16
N ALA W 297 32.97 -7.56 6.88
CA ALA W 297 32.92 -8.47 8.01
C ALA W 297 32.99 -9.89 7.50
N MET W 298 33.69 -10.75 8.26
CA MET W 298 33.95 -12.15 7.93
C MET W 298 34.70 -12.29 6.61
N HIS W 299 35.49 -11.29 6.22
CA HIS W 299 36.21 -11.42 4.98
C HIS W 299 37.44 -12.25 5.17
N ALA W 300 37.91 -12.35 6.40
CA ALA W 300 39.20 -12.94 6.66
C ALA W 300 39.11 -14.41 6.96
N VAL W 301 37.91 -14.96 7.03
CA VAL W 301 37.77 -16.39 7.01
C VAL W 301 38.20 -16.90 5.66
N ILE W 302 37.87 -16.16 4.60
CA ILE W 302 37.95 -16.68 3.24
C ILE W 302 39.08 -16.05 2.44
N ASP W 303 39.94 -15.21 3.01
CA ASP W 303 41.11 -14.80 2.24
C ASP W 303 42.44 -14.77 2.98
N ARG W 304 42.43 -14.78 4.31
CA ARG W 304 43.62 -14.38 5.07
C ARG W 304 44.74 -15.41 4.98
N GLN W 305 44.45 -16.63 4.55
CA GLN W 305 45.48 -17.60 4.25
C GLN W 305 45.94 -17.44 2.82
N LYS W 306 47.25 -17.38 2.64
CA LYS W 306 47.80 -17.07 1.33
C LYS W 306 47.80 -18.22 0.36
N ASN W 307 47.24 -19.38 0.72
CA ASN W 307 47.17 -20.51 -0.18
C ASN W 307 45.78 -21.08 -0.39
N HIS W 308 44.82 -20.71 0.43
CA HIS W 308 43.48 -21.27 0.30
C HIS W 308 42.44 -20.22 0.67
N GLY W 309 41.37 -20.16 -0.11
CA GLY W 309 40.32 -19.20 0.17
C GLY W 309 39.89 -18.47 -1.08
N ILE W 310 39.34 -17.27 -0.94
CA ILE W 310 38.98 -16.42 -2.06
C ILE W 310 39.59 -15.07 -1.78
N HIS W 311 40.60 -14.68 -2.55
CA HIS W 311 41.32 -13.43 -2.29
C HIS W 311 40.38 -12.25 -2.40
N PHE W 312 40.66 -11.20 -1.64
CA PHE W 312 39.69 -10.13 -1.49
C PHE W 312 39.50 -9.33 -2.76
N ARG W 313 40.44 -9.40 -3.71
CA ARG W 313 40.20 -8.72 -4.97
C ARG W 313 39.12 -9.40 -5.80
N VAL W 314 38.78 -10.65 -5.49
CA VAL W 314 37.56 -11.23 -6.05
C VAL W 314 36.35 -10.71 -5.31
N LEU W 315 36.42 -10.67 -3.99
CA LEU W 315 35.32 -10.18 -3.19
C LEU W 315 35.15 -8.68 -3.33
N ALA W 316 36.19 -7.96 -3.75
CA ALA W 316 36.03 -6.54 -4.04
C ALA W 316 35.36 -6.34 -5.38
N LYS W 317 35.67 -7.19 -6.35
CA LYS W 317 34.93 -7.20 -7.59
C LYS W 317 33.52 -7.69 -7.38
N ALA W 318 33.32 -8.61 -6.45
CA ALA W 318 32.00 -9.16 -6.24
C ALA W 318 31.03 -8.17 -5.63
N LEU W 319 31.51 -7.22 -4.83
CA LEU W 319 30.62 -6.21 -4.30
C LEU W 319 30.65 -4.93 -5.10
N ARG W 320 31.57 -4.79 -6.03
CA ARG W 320 31.36 -3.71 -6.97
C ARG W 320 30.26 -4.09 -7.94
N LEU W 321 30.05 -5.39 -8.16
CA LEU W 321 28.99 -5.82 -9.05
C LEU W 321 27.67 -6.03 -8.32
N SER W 322 27.72 -6.36 -7.04
CA SER W 322 26.58 -6.01 -6.20
C SER W 322 26.83 -4.57 -5.77
N GLY W 323 26.18 -4.06 -4.76
CA GLY W 323 26.32 -2.65 -4.50
C GLY W 323 27.36 -2.36 -3.46
N GLY W 324 27.83 -1.14 -3.48
CA GLY W 324 28.46 -0.55 -2.34
C GLY W 324 29.09 0.73 -2.79
N ASP W 325 28.87 1.81 -2.06
CA ASP W 325 29.59 3.03 -2.39
C ASP W 325 30.86 3.14 -1.60
N HIS W 326 31.04 2.27 -0.62
CA HIS W 326 32.26 2.19 0.15
C HIS W 326 32.57 0.72 0.31
N ILE W 327 33.82 0.41 0.59
CA ILE W 327 34.22 -0.90 1.04
C ILE W 327 35.48 -0.71 1.86
N HIS W 328 35.57 -1.41 2.98
CA HIS W 328 36.82 -1.43 3.70
C HIS W 328 37.87 -2.13 2.87
N THR W 329 38.97 -1.43 2.62
CA THR W 329 40.15 -2.06 2.08
C THR W 329 41.27 -2.11 3.11
N GLY W 330 40.90 -2.16 4.38
CA GLY W 330 41.83 -2.37 5.45
C GLY W 330 42.73 -1.19 5.71
N THR W 331 44.02 -1.38 5.50
CA THR W 331 44.97 -0.32 5.72
C THR W 331 46.20 -0.58 4.87
N VAL W 332 47.00 0.46 4.71
CA VAL W 332 48.24 0.39 3.97
C VAL W 332 49.45 0.54 4.88
N VAL W 333 49.27 1.15 6.07
CA VAL W 333 50.39 1.57 6.88
C VAL W 333 51.14 0.42 7.54
N GLY W 334 50.50 -0.71 7.79
CA GLY W 334 51.18 -1.78 8.49
C GLY W 334 51.60 -2.89 7.56
N LYS W 335 51.88 -2.53 6.30
CA LYS W 335 52.09 -3.52 5.26
C LYS W 335 53.34 -3.18 4.46
N LEU W 336 53.99 -4.21 3.94
CA LEU W 336 55.24 -4.05 3.20
C LEU W 336 54.94 -3.61 1.79
N GLU W 337 55.93 -3.64 0.91
CA GLU W 337 55.74 -3.13 -0.44
C GLU W 337 54.86 -4.06 -1.27
N GLY W 338 55.02 -5.37 -1.08
CA GLY W 338 54.17 -6.30 -1.78
C GLY W 338 52.77 -6.38 -1.20
N GLU W 339 52.67 -6.32 0.13
CA GLU W 339 51.36 -6.39 0.77
C GLU W 339 50.56 -5.11 0.63
N ARG W 340 51.19 -3.99 0.28
CA ARG W 340 50.41 -2.82 -0.11
C ARG W 340 50.37 -2.62 -1.60
N GLY W 341 51.19 -3.34 -2.36
CA GLY W 341 50.94 -3.43 -3.78
C GLY W 341 49.66 -4.19 -4.06
N ILE W 342 49.46 -5.30 -3.35
CA ILE W 342 48.22 -6.06 -3.44
C ILE W 342 47.05 -5.26 -2.90
N THR W 343 47.28 -4.53 -1.80
CA THR W 343 46.22 -3.69 -1.23
C THR W 343 45.87 -2.54 -2.16
N MET W 344 46.86 -1.90 -2.77
CA MET W 344 46.55 -0.95 -3.83
C MET W 344 46.14 -1.64 -5.12
N GLY W 345 46.28 -2.95 -5.20
CA GLY W 345 45.84 -3.67 -6.37
C GLY W 345 44.35 -3.72 -6.43
N PHE W 346 43.70 -4.18 -5.37
CA PHE W 346 42.25 -4.20 -5.44
C PHE W 346 41.62 -2.87 -5.15
N VAL W 347 42.35 -1.90 -4.60
CA VAL W 347 41.80 -0.55 -4.48
C VAL W 347 41.59 0.06 -5.85
N ASP W 348 42.49 -0.21 -6.81
CA ASP W 348 42.23 0.24 -8.17
C ASP W 348 41.15 -0.59 -8.84
N LEU W 349 40.97 -1.85 -8.44
CA LEU W 349 39.95 -2.69 -9.06
C LEU W 349 38.56 -2.24 -8.67
N LEU W 350 38.39 -1.75 -7.45
CA LEU W 350 37.10 -1.29 -7.01
C LEU W 350 36.92 0.20 -7.16
N ARG W 351 37.84 0.88 -7.78
CA ARG W 351 37.65 2.32 -7.89
C ARG W 351 37.93 2.89 -9.27
N GLU W 352 38.78 2.26 -10.06
CA GLU W 352 39.14 2.75 -11.38
C GLU W 352 38.38 1.97 -12.44
N ASN W 353 38.08 2.63 -13.55
CA ASN W 353 37.29 2.03 -14.63
C ASN W 353 38.05 0.91 -15.33
N TYR W 354 39.28 1.17 -15.74
CA TYR W 354 40.06 0.19 -16.45
C TYR W 354 41.34 -0.04 -15.69
N VAL W 355 41.67 -1.29 -15.44
CA VAL W 355 42.87 -1.68 -14.71
C VAL W 355 43.61 -2.73 -15.50
N GLU W 356 44.86 -2.44 -15.81
CA GLU W 356 45.65 -3.31 -16.66
C GLU W 356 46.11 -4.52 -15.85
N GLN W 357 46.28 -5.63 -16.55
CA GLN W 357 46.79 -6.88 -15.99
C GLN W 357 48.20 -6.69 -15.48
N ASP W 358 48.36 -6.63 -14.16
CA ASP W 358 49.65 -6.33 -13.53
C ASP W 358 49.82 -7.30 -12.38
N LYS W 359 50.44 -8.45 -12.66
CA LYS W 359 50.44 -9.57 -11.71
C LYS W 359 51.32 -9.32 -10.50
N SER W 360 52.31 -8.44 -10.61
CA SER W 360 53.13 -8.10 -9.45
C SER W 360 52.34 -7.29 -8.43
N ARG W 361 51.41 -6.47 -8.91
CA ARG W 361 50.51 -5.73 -8.05
C ARG W 361 49.31 -6.59 -7.65
N GLY W 362 49.20 -7.80 -8.17
CA GLY W 362 48.20 -8.74 -7.75
C GLY W 362 47.07 -8.93 -8.74
N ILE W 363 46.79 -7.94 -9.58
CA ILE W 363 45.70 -8.03 -10.54
C ILE W 363 46.08 -9.01 -11.64
N TYR W 364 45.38 -10.14 -11.72
CA TYR W 364 45.72 -11.16 -12.69
C TYR W 364 45.07 -10.97 -14.06
N PHE W 365 43.99 -10.23 -14.16
CA PHE W 365 43.32 -10.01 -15.44
C PHE W 365 43.07 -8.55 -15.66
N THR W 366 43.25 -8.10 -16.89
CA THR W 366 42.85 -6.76 -17.28
C THR W 366 41.34 -6.61 -17.19
N GLN W 367 40.88 -5.77 -16.29
CA GLN W 367 39.48 -5.67 -15.96
C GLN W 367 38.94 -4.37 -16.52
N ASP W 368 38.02 -4.48 -17.47
CA ASP W 368 37.31 -3.33 -17.99
C ASP W 368 35.98 -3.26 -17.27
N TRP W 369 35.77 -2.22 -16.48
CA TRP W 369 34.54 -2.16 -15.72
C TRP W 369 33.37 -1.57 -16.49
N ALA W 370 33.58 -1.13 -17.72
CA ALA W 370 32.50 -0.71 -18.63
C ALA W 370 31.69 0.44 -18.07
N SER W 371 32.38 1.48 -17.62
CA SER W 371 31.80 2.70 -17.04
C SER W 371 30.91 2.41 -15.87
N LEU W 372 31.19 1.34 -15.13
CA LEU W 372 30.46 1.08 -13.92
C LEU W 372 30.95 2.07 -12.88
N PRO W 373 30.08 2.50 -11.98
CA PRO W 373 30.49 3.41 -10.92
C PRO W 373 31.55 2.81 -10.02
N GLY W 374 32.36 3.67 -9.43
CA GLY W 374 33.41 3.20 -8.55
C GLY W 374 32.90 2.91 -7.18
N VAL W 375 33.78 2.36 -6.34
CA VAL W 375 33.51 2.17 -4.93
C VAL W 375 34.61 2.90 -4.17
N MET W 376 34.28 3.53 -3.05
CA MET W 376 35.31 4.12 -2.20
C MET W 376 36.20 3.05 -1.63
N ALA W 377 37.38 3.43 -1.22
CA ALA W 377 38.29 2.53 -0.55
C ALA W 377 38.53 3.08 0.84
N VAL W 378 37.95 2.43 1.82
CA VAL W 378 37.91 2.94 3.18
C VAL W 378 39.07 2.39 3.99
N ALA W 379 40.00 3.25 4.37
CA ALA W 379 41.16 2.85 5.17
C ALA W 379 40.77 2.83 6.63
N SER W 380 40.98 1.71 7.31
CA SER W 380 40.38 1.58 8.62
C SER W 380 41.26 0.88 9.64
N GLY W 381 42.55 0.79 9.39
CA GLY W 381 43.41 0.06 10.30
C GLY W 381 43.77 0.86 11.52
N GLY W 382 44.95 0.57 12.04
CA GLY W 382 45.51 1.41 13.08
C GLY W 382 46.19 2.61 12.46
N ILE W 383 45.39 3.52 11.92
CA ILE W 383 45.89 4.76 11.37
C ILE W 383 45.54 5.88 12.33
N HIS W 384 46.34 6.93 12.28
CA HIS W 384 46.21 8.03 13.22
C HIS W 384 46.64 9.30 12.51
N VAL W 385 46.98 10.32 13.30
CA VAL W 385 47.26 11.67 12.79
C VAL W 385 48.43 11.66 11.81
N TRP W 386 49.51 10.97 12.16
CA TRP W 386 50.73 11.05 11.39
C TRP W 386 50.69 10.25 10.10
N HIS W 387 49.66 9.45 9.86
CA HIS W 387 49.54 8.71 8.62
C HIS W 387 48.73 9.45 7.59
N MET W 388 48.24 10.64 7.94
CA MET W 388 47.62 11.50 6.93
C MET W 388 48.52 11.91 5.76
N PRO W 389 49.83 12.17 5.89
CA PRO W 389 50.58 12.45 4.66
C PRO W 389 50.71 11.24 3.75
N ALA W 390 50.79 10.04 4.31
CA ALA W 390 50.87 8.86 3.48
C ALA W 390 49.53 8.57 2.82
N LEU W 391 48.47 8.54 3.62
CA LEU W 391 47.17 8.10 3.13
C LEU W 391 46.40 9.16 2.38
N VAL W 392 47.02 10.27 2.01
CA VAL W 392 46.41 11.19 1.06
C VAL W 392 47.21 11.02 -0.22
N GLU W 393 48.42 10.49 -0.08
CA GLU W 393 49.23 10.21 -1.25
C GLU W 393 48.93 8.82 -1.81
N ILE W 394 48.78 7.84 -0.93
CA ILE W 394 48.54 6.46 -1.34
C ILE W 394 47.10 6.29 -1.78
N PHE W 395 46.17 6.47 -0.85
CA PHE W 395 44.76 6.62 -1.19
C PHE W 395 44.53 8.06 -1.60
N GLY W 396 43.93 8.26 -2.75
CA GLY W 396 43.84 9.60 -3.31
C GLY W 396 42.76 10.44 -2.69
N ASP W 397 42.08 11.20 -3.53
CA ASP W 397 40.87 11.88 -3.07
C ASP W 397 39.78 10.88 -2.78
N ASP W 398 39.68 9.83 -3.59
CA ASP W 398 38.53 8.95 -3.59
C ASP W 398 38.68 7.90 -2.49
N SER W 399 38.59 8.36 -1.26
CA SER W 399 38.85 7.49 -0.13
C SER W 399 38.13 8.00 1.10
N VAL W 400 37.97 7.12 2.07
CA VAL W 400 37.44 7.43 3.38
C VAL W 400 38.45 6.90 4.37
N LEU W 401 38.70 7.64 5.44
CA LEU W 401 39.71 7.25 6.40
C LEU W 401 39.03 7.03 7.74
N GLN W 402 38.98 5.79 8.21
CA GLN W 402 38.40 5.52 9.51
C GLN W 402 39.43 5.66 10.61
N PHE W 403 38.97 5.84 11.84
CA PHE W 403 39.87 6.01 12.96
C PHE W 403 39.32 5.31 14.19
N GLY W 404 40.20 5.15 15.18
CA GLY W 404 39.90 4.42 16.37
C GLY W 404 40.12 2.93 16.27
N GLY W 405 40.82 2.47 15.23
CA GLY W 405 40.88 1.05 14.95
C GLY W 405 41.74 0.28 15.94
N GLY W 406 42.99 0.71 16.09
CA GLY W 406 43.87 0.07 17.04
C GLY W 406 44.45 1.06 18.04
N THR W 407 44.40 2.33 17.68
CA THR W 407 45.04 3.38 18.44
C THR W 407 44.31 3.62 19.76
N LEU W 408 45.02 4.18 20.73
CA LEU W 408 44.48 4.36 22.07
C LEU W 408 43.72 5.68 22.22
N GLY W 409 42.81 5.95 21.30
CA GLY W 409 41.98 7.14 21.37
C GLY W 409 42.79 8.42 21.26
N HIS W 410 42.24 9.48 21.85
CA HIS W 410 42.81 10.81 21.90
C HIS W 410 42.68 11.26 23.33
N PRO W 411 43.70 11.91 23.90
CA PRO W 411 43.66 12.21 25.33
C PRO W 411 42.64 13.27 25.73
N TRP W 412 42.07 14.00 24.78
CA TRP W 412 41.07 15.01 25.10
C TRP W 412 39.67 14.60 24.72
N GLY W 413 39.48 13.39 24.20
CA GLY W 413 38.14 12.93 23.91
C GLY W 413 37.88 12.58 22.46
N ASN W 414 36.70 12.96 21.98
CA ASN W 414 36.25 12.66 20.62
C ASN W 414 36.25 13.89 19.73
N ALA W 415 35.58 14.95 20.15
CA ALA W 415 35.55 16.21 19.42
C ALA W 415 36.88 16.92 19.32
N PRO W 416 37.83 16.74 20.25
CA PRO W 416 39.21 17.10 19.87
C PRO W 416 39.88 16.02 19.06
N GLY W 417 39.52 14.76 19.28
CA GLY W 417 40.14 13.69 18.53
C GLY W 417 39.69 13.63 17.10
N ALA W 418 38.54 14.20 16.81
CA ALA W 418 38.12 14.28 15.43
C ALA W 418 38.63 15.55 14.77
N THR W 419 38.83 16.61 15.55
CA THR W 419 39.39 17.83 14.97
C THR W 419 40.87 17.66 14.72
N ALA W 420 41.54 16.82 15.51
CA ALA W 420 42.91 16.44 15.20
C ALA W 420 42.98 15.70 13.88
N ASN W 421 42.07 14.78 13.63
CA ASN W 421 42.09 13.98 12.42
C ASN W 421 41.51 14.72 11.23
N ARG W 422 40.91 15.87 11.44
CA ARG W 422 40.41 16.71 10.37
C ARG W 422 41.34 17.84 10.02
N VAL W 423 42.00 18.45 11.01
CA VAL W 423 43.04 19.41 10.69
C VAL W 423 44.21 18.71 10.03
N ALA W 424 44.61 17.55 10.55
CA ALA W 424 45.73 16.82 9.95
C ALA W 424 45.35 16.23 8.61
N LEU W 425 44.06 16.00 8.37
CA LEU W 425 43.62 15.70 7.01
C LEU W 425 43.86 16.89 6.11
N GLU W 426 43.23 18.02 6.42
CA GLU W 426 43.24 19.15 5.53
C GLU W 426 44.56 19.90 5.53
N ALA W 427 45.43 19.67 6.51
CA ALA W 427 46.80 20.15 6.37
C ALA W 427 47.52 19.37 5.30
N CYS W 428 47.20 18.09 5.14
CA CYS W 428 47.79 17.29 4.09
C CYS W 428 47.12 17.51 2.75
N VAL W 429 45.86 17.92 2.72
CA VAL W 429 45.24 18.26 1.46
C VAL W 429 45.65 19.67 1.04
N GLN W 430 45.93 20.54 2.00
CA GLN W 430 46.45 21.87 1.66
C GLN W 430 47.83 21.78 1.07
N ALA W 431 48.68 20.93 1.62
CA ALA W 431 50.01 20.75 1.07
C ALA W 431 49.96 20.00 -0.25
N ARG W 432 48.99 19.10 -0.42
CA ARG W 432 48.86 18.41 -1.69
C ARG W 432 48.31 19.34 -2.76
N ASN W 433 47.49 20.32 -2.38
CA ASN W 433 47.00 21.31 -3.32
C ASN W 433 47.97 22.48 -3.50
N GLU W 434 49.23 22.31 -3.07
CA GLU W 434 50.28 23.29 -3.28
C GLU W 434 51.55 22.61 -3.76
N GLY W 435 51.46 21.36 -4.18
CA GLY W 435 52.54 20.64 -4.80
C GLY W 435 53.56 20.05 -3.86
N ARG W 436 53.35 20.13 -2.55
CA ARG W 436 54.35 19.68 -1.60
C ARG W 436 54.39 18.15 -1.56
N ASN W 437 55.59 17.59 -1.72
CA ASN W 437 55.76 16.15 -1.78
C ASN W 437 55.47 15.53 -0.42
N LEU W 438 54.31 14.90 -0.29
CA LEU W 438 53.86 14.41 1.01
C LEU W 438 54.56 13.12 1.45
N ALA W 439 55.53 12.63 0.69
CA ALA W 439 56.35 11.54 1.19
C ALA W 439 57.49 12.07 2.06
N ARG W 440 57.95 13.28 1.77
CA ARG W 440 59.06 13.88 2.50
C ARG W 440 58.68 15.16 3.22
N GLU W 441 57.88 16.03 2.61
CA GLU W 441 57.37 17.20 3.29
C GLU W 441 56.05 16.94 3.98
N GLY W 442 55.80 15.71 4.39
CA GLY W 442 54.54 15.38 4.99
C GLY W 442 54.54 15.53 6.49
N ASN W 443 55.61 15.09 7.14
CA ASN W 443 55.70 15.28 8.58
C ASN W 443 55.93 16.74 8.94
N ASP W 444 56.39 17.55 7.99
CA ASP W 444 56.52 18.98 8.23
C ASP W 444 55.16 19.65 8.27
N VAL W 445 54.22 19.19 7.44
CA VAL W 445 52.95 19.90 7.34
C VAL W 445 52.00 19.48 8.45
N ILE W 446 52.28 18.38 9.13
CA ILE W 446 51.58 18.12 10.39
C ILE W 446 52.13 19.03 11.47
N ARG W 447 53.45 19.16 11.56
CA ARG W 447 54.05 19.92 12.65
C ARG W 447 53.85 21.42 12.47
N GLU W 448 53.69 21.89 11.25
CA GLU W 448 53.34 23.30 11.07
C GLU W 448 51.84 23.51 11.04
N ALA W 449 51.05 22.45 11.28
CA ALA W 449 49.64 22.62 11.57
C ALA W 449 49.33 22.39 13.03
N ALA W 450 50.24 21.80 13.79
CA ALA W 450 50.08 21.71 15.23
C ALA W 450 50.24 23.07 15.89
N LYS W 451 50.84 24.05 15.21
CA LYS W 451 50.93 25.39 15.78
C LYS W 451 49.58 26.10 15.70
N TRP W 452 48.94 26.06 14.54
CA TRP W 452 47.64 26.69 14.34
C TRP W 452 46.49 25.76 14.66
N SER W 453 46.70 24.74 15.49
CA SER W 453 45.61 23.91 16.00
C SER W 453 45.98 23.29 17.34
N PRO W 454 45.24 23.60 18.41
CA PRO W 454 45.58 23.01 19.70
C PRO W 454 45.09 21.60 19.89
N GLU W 455 44.00 21.21 19.23
CA GLU W 455 43.54 19.83 19.35
C GLU W 455 44.45 18.87 18.61
N LEU W 456 45.10 19.35 17.55
CA LEU W 456 46.06 18.55 16.81
C LEU W 456 47.37 18.39 17.55
N ALA W 457 47.81 19.43 18.25
CA ALA W 457 49.14 19.43 18.85
C ALA W 457 49.24 18.51 20.05
N VAL W 458 48.10 18.08 20.60
CA VAL W 458 48.11 17.11 21.68
C VAL W 458 47.96 15.69 21.14
N ALA W 459 47.37 15.50 19.96
CA ALA W 459 47.46 14.24 19.25
C ALA W 459 48.72 14.13 18.41
N CYS W 460 49.56 15.16 18.46
CA CYS W 460 50.78 15.19 17.67
C CYS W 460 51.79 14.15 18.15
N GLU W 461 51.71 13.75 19.42
CA GLU W 461 52.61 12.76 19.98
C GLU W 461 51.92 11.45 20.36
N LEU W 462 50.71 11.51 20.93
CA LEU W 462 49.99 10.30 21.31
C LEU W 462 48.52 10.45 20.99
N ARG X 22 47.25 -6.95 27.75
CA ARG X 22 45.81 -7.05 27.90
C ARG X 22 45.49 -8.00 29.08
N LEU X 23 45.14 -9.25 28.77
CA LEU X 23 44.87 -10.32 29.75
C LEU X 23 43.80 -9.96 30.78
N THR X 24 42.89 -9.05 30.42
CA THR X 24 41.65 -8.90 31.16
C THR X 24 40.53 -9.71 30.55
N TYR X 25 40.74 -10.25 29.36
CA TYR X 25 39.79 -11.07 28.64
C TYR X 25 40.09 -12.54 28.74
N TYR X 26 41.16 -12.91 29.41
CA TYR X 26 41.46 -14.30 29.71
C TYR X 26 41.19 -14.50 31.19
N THR X 27 40.01 -14.99 31.49
CA THR X 27 39.58 -15.34 32.84
C THR X 27 39.53 -16.85 32.93
N PRO X 28 40.60 -17.50 33.39
CA PRO X 28 40.66 -18.96 33.31
C PRO X 28 39.84 -19.65 34.37
N ASP X 29 39.38 -18.94 35.39
CA ASP X 29 38.52 -19.50 36.41
C ASP X 29 37.04 -19.33 36.11
N TYR X 30 36.71 -18.69 34.99
CA TYR X 30 35.34 -18.33 34.66
C TYR X 30 34.57 -19.56 34.22
N THR X 31 33.79 -20.12 35.13
CA THR X 31 32.83 -21.14 34.75
C THR X 31 31.74 -20.49 33.91
N PRO X 32 31.59 -20.85 32.65
CA PRO X 32 30.66 -20.14 31.78
C PRO X 32 29.22 -20.46 32.12
N LYS X 33 28.36 -19.46 31.99
CA LYS X 33 26.98 -19.63 32.35
C LYS X 33 26.25 -20.48 31.33
N ASP X 34 25.06 -20.94 31.68
CA ASP X 34 24.24 -21.73 30.78
C ASP X 34 23.57 -20.88 29.72
N THR X 35 23.77 -19.58 29.76
CA THR X 35 23.23 -18.67 28.77
C THR X 35 24.31 -17.94 27.98
N ASP X 36 25.58 -18.26 28.18
CA ASP X 36 26.61 -17.70 27.33
C ASP X 36 26.59 -18.37 25.96
N ILE X 37 27.21 -17.71 24.98
CA ILE X 37 27.35 -18.27 23.65
C ILE X 37 28.80 -18.66 23.48
N LEU X 38 29.13 -19.90 23.78
CA LEU X 38 30.51 -20.32 23.79
C LEU X 38 31.03 -20.43 22.37
N ALA X 39 32.35 -20.39 22.22
CA ALA X 39 32.96 -20.57 20.92
C ALA X 39 34.34 -21.13 21.13
N ALA X 40 34.69 -22.16 20.38
CA ALA X 40 35.97 -22.85 20.54
C ALA X 40 36.80 -22.60 19.29
N PHE X 41 37.68 -21.64 19.35
CA PHE X 41 38.52 -21.36 18.20
C PHE X 41 39.64 -22.38 18.13
N ARG X 42 40.41 -22.39 17.04
CA ARG X 42 41.60 -23.22 16.96
C ARG X 42 42.71 -22.26 16.57
N VAL X 43 43.27 -21.60 17.58
CA VAL X 43 44.16 -20.48 17.34
C VAL X 43 45.53 -21.01 16.99
N THR X 44 46.12 -20.51 15.92
CA THR X 44 47.50 -20.80 15.55
C THR X 44 48.25 -19.48 15.59
N PRO X 45 48.78 -19.10 16.75
CA PRO X 45 49.32 -17.75 16.90
C PRO X 45 50.67 -17.60 16.23
N GLN X 46 50.98 -16.36 15.88
CA GLN X 46 52.30 -16.00 15.41
C GLN X 46 53.30 -16.21 16.53
N PRO X 47 54.56 -16.52 16.21
CA PRO X 47 55.49 -16.92 17.25
C PRO X 47 55.93 -15.77 18.12
N GLY X 48 56.08 -16.05 19.40
CA GLY X 48 56.32 -15.02 20.37
C GLY X 48 55.07 -14.50 21.03
N VAL X 49 53.92 -14.68 20.39
CA VAL X 49 52.64 -14.38 21.01
C VAL X 49 52.35 -15.57 21.90
N PRO X 50 52.24 -15.40 23.22
CA PRO X 50 51.89 -16.51 24.08
C PRO X 50 50.44 -16.91 23.91
N PHE X 51 50.09 -18.06 24.47
CA PHE X 51 48.77 -18.62 24.20
C PHE X 51 47.66 -17.86 24.90
N GLU X 52 47.90 -17.36 26.12
CA GLU X 52 46.84 -16.62 26.80
C GLU X 52 46.59 -15.28 26.14
N GLU X 53 47.63 -14.66 25.60
CA GLU X 53 47.50 -13.30 25.12
C GLU X 53 46.88 -13.27 23.73
N ALA X 54 47.01 -14.36 22.97
CA ALA X 54 46.27 -14.48 21.73
C ALA X 54 44.83 -14.89 21.96
N ALA X 55 44.60 -15.76 22.94
CA ALA X 55 43.24 -16.16 23.26
C ALA X 55 42.47 -15.06 23.95
N ALA X 56 43.15 -14.18 24.67
CA ALA X 56 42.47 -12.99 25.17
C ALA X 56 42.19 -12.02 24.05
N ALA X 57 42.99 -12.06 23.00
CA ALA X 57 42.80 -11.14 21.89
C ALA X 57 41.72 -11.62 20.93
N VAL X 58 41.52 -12.93 20.80
CA VAL X 58 40.37 -13.40 20.03
C VAL X 58 39.10 -13.36 20.85
N ALA X 59 39.21 -13.09 22.14
CA ALA X 59 38.07 -12.67 22.94
C ALA X 59 37.92 -11.17 22.95
N ALA X 60 38.96 -10.45 22.57
CA ALA X 60 38.90 -8.98 22.53
C ALA X 60 38.17 -8.52 21.28
N GLU X 61 38.78 -8.76 20.13
CA GLU X 61 38.34 -8.11 18.92
C GLU X 61 37.17 -8.83 18.31
N SER X 62 36.80 -9.96 18.90
CA SER X 62 35.51 -10.57 18.62
C SER X 62 34.40 -9.79 19.31
N SER X 63 34.50 -9.58 20.62
CA SER X 63 33.44 -8.83 21.29
C SER X 63 33.74 -7.35 21.47
N THR X 64 34.62 -6.94 22.38
CA THR X 64 34.83 -5.53 22.64
C THR X 64 36.29 -5.19 22.42
N GLY X 65 36.56 -4.35 21.44
CA GLY X 65 37.90 -4.12 20.94
C GLY X 65 38.80 -3.42 21.92
N THR X 66 40.05 -3.27 21.53
CA THR X 66 41.06 -2.70 22.40
C THR X 66 41.00 -1.17 22.43
N LEU X 74 35.88 4.98 31.00
CA LEU X 74 34.99 3.94 31.50
C LEU X 74 33.56 4.32 31.12
N LEU X 75 33.22 4.10 29.85
CA LEU X 75 31.94 4.56 29.34
C LEU X 75 30.83 3.54 29.54
N THR X 76 31.17 2.27 29.62
CA THR X 76 30.20 1.19 29.82
C THR X 76 30.65 0.35 30.99
N ASP X 77 30.02 -0.79 31.14
CA ASP X 77 30.55 -1.87 31.96
C ASP X 77 31.22 -2.89 31.04
N LEU X 78 32.53 -3.01 31.17
CA LEU X 78 33.28 -3.95 30.36
C LEU X 78 32.94 -5.38 30.75
N ASP X 79 32.83 -5.66 32.04
CA ASP X 79 32.71 -7.01 32.56
C ASP X 79 31.36 -7.67 32.28
N ARG X 80 30.45 -7.00 31.59
CA ARG X 80 29.16 -7.58 31.27
C ARG X 80 29.00 -7.93 29.81
N TYR X 81 29.69 -7.22 28.91
CA TYR X 81 29.59 -7.46 27.48
C TYR X 81 30.88 -7.93 26.87
N LYS X 82 31.83 -8.42 27.65
CA LYS X 82 33.10 -8.81 27.09
C LYS X 82 33.11 -10.29 26.81
N GLY X 83 33.84 -10.69 25.76
CA GLY X 83 34.13 -12.08 25.54
C GLY X 83 35.26 -12.49 26.46
N ARG X 84 35.10 -13.64 27.08
CA ARG X 84 36.09 -14.13 28.03
C ARG X 84 36.60 -15.48 27.58
N CYS X 85 37.88 -15.56 27.27
CA CYS X 85 38.49 -16.87 27.15
C CYS X 85 38.53 -17.52 28.52
N TYR X 86 38.11 -18.76 28.61
CA TYR X 86 38.05 -19.39 29.91
C TYR X 86 38.79 -20.72 30.00
N ASP X 87 39.36 -21.21 28.91
CA ASP X 87 40.14 -22.44 28.92
C ASP X 87 40.98 -22.44 27.66
N ILE X 88 42.17 -23.03 27.74
CA ILE X 88 43.12 -23.03 26.64
C ILE X 88 43.17 -24.38 25.94
N GLU X 89 43.50 -25.45 26.67
CA GLU X 89 43.53 -26.84 26.19
C GLU X 89 44.35 -27.02 24.92
N PRO X 90 45.67 -27.09 25.00
CA PRO X 90 46.49 -27.24 23.80
C PRO X 90 46.17 -28.51 23.04
N VAL X 91 46.12 -28.39 21.72
CA VAL X 91 45.83 -29.46 20.79
C VAL X 91 46.91 -30.53 20.95
N PRO X 92 46.55 -31.79 21.13
CA PRO X 92 47.58 -32.82 21.29
C PRO X 92 48.26 -33.10 19.96
N GLY X 93 49.57 -33.28 20.03
CA GLY X 93 50.33 -33.66 18.87
C GLY X 93 50.77 -32.53 17.98
N GLU X 94 50.38 -31.28 18.27
CA GLU X 94 50.80 -30.19 17.41
C GLU X 94 50.97 -28.92 18.24
N ASP X 95 52.22 -28.48 18.37
CA ASP X 95 52.52 -27.24 19.06
C ASP X 95 52.07 -26.05 18.21
N ASN X 96 52.17 -24.86 18.81
CA ASN X 96 51.71 -23.59 18.23
C ASN X 96 50.24 -23.64 17.84
N GLN X 97 49.44 -24.38 18.60
CA GLN X 97 48.03 -24.48 18.28
C GLN X 97 47.28 -24.87 19.53
N PHE X 98 46.13 -24.25 19.77
CA PHE X 98 45.35 -24.55 20.95
C PHE X 98 43.89 -24.26 20.64
N ILE X 99 43.02 -24.52 21.61
CA ILE X 99 41.59 -24.40 21.39
C ILE X 99 41.06 -23.40 22.40
N ALA X 100 41.06 -22.14 22.02
CA ALA X 100 40.64 -21.06 22.90
C ALA X 100 39.14 -21.08 23.02
N TYR X 101 38.62 -21.51 24.15
CA TYR X 101 37.19 -21.52 24.38
C TYR X 101 36.77 -20.12 24.81
N ILE X 102 36.06 -19.42 23.97
CA ILE X 102 35.65 -18.06 24.29
C ILE X 102 34.20 -18.12 24.75
N ALA X 103 33.81 -17.27 25.69
CA ALA X 103 32.47 -17.29 26.27
C ALA X 103 31.78 -15.95 26.08
N TYR X 104 31.14 -15.76 24.97
CA TYR X 104 30.44 -14.50 24.76
C TYR X 104 29.12 -14.53 25.51
N PRO X 105 28.69 -13.41 26.07
CA PRO X 105 27.43 -13.41 26.81
C PRO X 105 26.25 -13.43 25.87
N LEU X 106 25.06 -13.56 26.44
CA LEU X 106 23.88 -13.70 25.60
C LEU X 106 23.51 -12.38 24.97
N ASP X 107 23.42 -11.33 25.78
CA ASP X 107 22.84 -10.05 25.38
C ASP X 107 23.80 -9.19 24.59
N LEU X 108 24.81 -9.80 24.00
CA LEU X 108 25.65 -9.14 23.03
C LEU X 108 25.07 -9.28 21.64
N PHE X 109 24.30 -10.33 21.38
CA PHE X 109 23.93 -10.73 20.03
C PHE X 109 22.44 -10.47 19.82
N GLU X 110 22.01 -10.55 18.57
CA GLU X 110 20.63 -10.27 18.22
C GLU X 110 19.77 -11.50 18.35
N GLU X 111 18.57 -11.32 18.89
CA GLU X 111 17.53 -12.34 18.86
C GLU X 111 17.21 -12.76 17.44
N GLY X 112 17.55 -14.00 17.09
CA GLY X 112 17.10 -14.55 15.84
C GLY X 112 18.01 -14.34 14.67
N SER X 113 19.20 -13.79 14.89
CA SER X 113 20.09 -13.41 13.80
C SER X 113 21.34 -14.27 13.86
N ILE X 114 21.42 -15.23 12.94
CA ILE X 114 22.61 -16.06 12.80
C ILE X 114 23.66 -15.37 11.94
N THR X 115 23.28 -14.28 11.29
CA THR X 115 24.25 -13.40 10.67
C THR X 115 24.78 -12.34 11.62
N ASN X 116 24.35 -12.33 12.87
CA ASN X 116 24.97 -11.50 13.89
C ASN X 116 25.81 -12.33 14.85
N VAL X 117 25.61 -13.64 14.88
CA VAL X 117 26.60 -14.52 15.49
C VAL X 117 27.90 -14.45 14.73
N LEU X 118 27.84 -14.61 13.41
CA LEU X 118 29.05 -14.60 12.61
C LEU X 118 29.67 -13.23 12.50
N THR X 119 28.87 -12.17 12.52
CA THR X 119 29.44 -10.84 12.47
C THR X 119 30.13 -10.52 13.79
N SER X 120 29.64 -11.07 14.89
CA SER X 120 30.29 -10.86 16.17
C SER X 120 31.50 -11.76 16.33
N ILE X 121 31.34 -13.05 16.04
CA ILE X 121 32.33 -14.04 16.45
C ILE X 121 33.43 -14.18 15.41
N VAL X 122 33.09 -14.47 14.16
CA VAL X 122 34.09 -14.58 13.11
C VAL X 122 34.17 -13.30 12.28
N GLY X 123 33.72 -12.18 12.81
CA GLY X 123 33.74 -10.96 12.04
C GLY X 123 35.11 -10.36 11.88
N ASN X 124 35.68 -9.88 12.98
CA ASN X 124 36.85 -9.00 12.91
C ASN X 124 38.08 -9.65 13.48
N VAL X 125 38.11 -10.98 13.56
CA VAL X 125 39.05 -11.66 14.43
C VAL X 125 39.96 -12.62 13.69
N PHE X 126 39.63 -13.03 12.47
CA PHE X 126 40.53 -13.95 11.80
C PHE X 126 41.67 -13.24 11.12
N GLY X 127 41.47 -11.99 10.71
CA GLY X 127 42.46 -11.16 10.06
C GLY X 127 43.38 -10.46 11.03
N PHE X 128 43.21 -10.77 12.31
CA PHE X 128 44.05 -10.26 13.36
C PHE X 128 45.46 -10.81 13.22
N LYS X 129 46.45 -9.91 13.27
CA LYS X 129 47.76 -10.19 12.70
C LYS X 129 48.73 -10.86 13.65
N ALA X 130 48.36 -11.06 14.92
CA ALA X 130 49.18 -11.85 15.82
C ALA X 130 48.90 -13.33 15.71
N LEU X 131 48.15 -13.72 14.69
CA LEU X 131 47.65 -15.06 14.49
C LEU X 131 47.98 -15.51 13.08
N ARG X 132 48.56 -16.69 12.95
CA ARG X 132 48.85 -17.16 11.62
C ARG X 132 47.64 -17.84 11.01
N ALA X 133 46.80 -18.44 11.84
CA ALA X 133 45.57 -19.07 11.39
C ALA X 133 44.64 -19.17 12.58
N LEU X 134 43.34 -19.05 12.33
CA LEU X 134 42.34 -19.10 13.38
C LEU X 134 41.13 -19.83 12.83
N ARG X 135 40.71 -20.88 13.50
CA ARG X 135 39.65 -21.73 12.99
C ARG X 135 38.55 -21.87 14.03
N LEU X 136 37.37 -21.36 13.73
CA LEU X 136 36.23 -21.52 14.63
C LEU X 136 35.78 -22.97 14.54
N GLU X 137 36.20 -23.78 15.50
CA GLU X 137 35.84 -25.19 15.46
C GLU X 137 34.38 -25.40 15.79
N ASP X 138 33.96 -25.02 16.99
CA ASP X 138 32.60 -25.32 17.44
C ASP X 138 32.07 -24.10 18.15
N ILE X 139 30.76 -24.09 18.36
CA ILE X 139 30.06 -22.96 18.98
C ILE X 139 28.83 -23.50 19.69
N ARG X 140 28.56 -22.98 20.88
CA ARG X 140 27.44 -23.48 21.67
C ARG X 140 26.39 -22.40 21.78
N PHE X 141 25.39 -22.48 20.96
CA PHE X 141 24.25 -21.63 21.11
C PHE X 141 23.46 -22.17 22.29
N PRO X 142 23.22 -21.38 23.33
CA PRO X 142 22.51 -21.89 24.49
C PRO X 142 21.04 -22.09 24.19
N VAL X 143 20.36 -22.73 25.14
CA VAL X 143 18.91 -22.90 25.05
C VAL X 143 18.22 -21.55 25.05
N ALA X 144 18.81 -20.55 25.71
CA ALA X 144 18.25 -19.21 25.71
C ALA X 144 18.30 -18.55 24.36
N TYR X 145 19.22 -18.93 23.50
CA TYR X 145 19.43 -18.27 22.23
C TYR X 145 18.94 -19.08 21.05
N ILE X 146 18.83 -20.40 21.21
CA ILE X 146 18.19 -21.23 20.21
C ILE X 146 16.71 -20.89 20.09
N LYS X 147 16.07 -20.54 21.19
CA LYS X 147 14.65 -20.26 21.19
C LYS X 147 14.28 -18.98 20.47
N THR X 148 15.22 -18.06 20.24
CA THR X 148 14.89 -16.90 19.42
C THR X 148 14.84 -17.23 17.94
N PHE X 149 15.47 -18.31 17.52
CA PHE X 149 15.48 -18.70 16.12
C PHE X 149 14.22 -19.46 15.79
N GLN X 150 14.15 -19.97 14.57
CA GLN X 150 13.01 -20.73 14.15
C GLN X 150 13.30 -22.20 14.08
N GLY X 151 14.55 -22.54 13.84
CA GLY X 151 14.90 -23.89 13.54
C GLY X 151 14.69 -24.12 12.09
N PRO X 152 14.64 -25.37 11.69
CA PRO X 152 14.18 -25.72 10.38
C PRO X 152 12.71 -25.38 10.23
N PRO X 153 12.24 -25.18 8.99
CA PRO X 153 10.81 -25.12 8.77
C PRO X 153 10.10 -26.38 9.22
N HIS X 154 10.64 -27.53 8.86
CA HIS X 154 10.08 -28.83 9.18
C HIS X 154 11.25 -29.71 9.59
N GLY X 155 11.06 -30.52 10.59
CA GLY X 155 12.16 -31.28 11.13
C GLY X 155 12.58 -32.49 10.33
N ILE X 156 13.04 -33.51 11.04
CA ILE X 156 13.02 -34.85 10.49
C ILE X 156 11.61 -35.36 10.47
N GLN X 157 10.91 -35.16 11.58
CA GLN X 157 9.59 -35.75 11.78
C GLN X 157 8.56 -35.13 10.87
N VAL X 158 8.54 -33.80 10.79
CA VAL X 158 7.48 -33.16 10.02
C VAL X 158 7.78 -33.24 8.53
N GLU X 159 9.05 -33.35 8.17
CA GLU X 159 9.39 -33.63 6.78
C GLU X 159 8.92 -35.02 6.37
N ARG X 160 9.14 -36.02 7.23
CA ARG X 160 8.63 -37.35 6.91
C ARG X 160 7.12 -37.41 6.96
N ASP X 161 6.48 -36.59 7.79
CA ASP X 161 5.02 -36.61 7.83
C ASP X 161 4.42 -35.95 6.62
N LYS X 162 5.09 -34.95 6.06
CA LYS X 162 4.60 -34.32 4.85
C LYS X 162 4.80 -35.19 3.62
N LEU X 163 5.86 -35.99 3.63
CA LEU X 163 6.19 -36.79 2.47
C LEU X 163 5.69 -38.22 2.58
N ASN X 164 5.28 -38.64 3.78
CA ASN X 164 4.74 -39.97 4.06
C ASN X 164 5.76 -41.06 3.71
N LYS X 165 7.00 -40.85 4.12
CA LYS X 165 8.12 -41.73 3.79
C LYS X 165 8.84 -42.08 5.08
N TYR X 166 8.52 -43.24 5.65
CA TYR X 166 8.96 -43.59 6.98
C TYR X 166 9.93 -44.75 7.00
N GLY X 167 10.96 -44.63 7.82
CA GLY X 167 11.83 -45.74 8.11
C GLY X 167 12.80 -46.12 7.04
N ARG X 168 13.24 -45.16 6.24
CA ARG X 168 14.28 -45.41 5.26
C ARG X 168 14.98 -44.11 4.99
N PRO X 169 16.26 -44.12 4.64
CA PRO X 169 16.88 -42.89 4.15
C PRO X 169 16.38 -42.61 2.76
N LEU X 170 16.02 -41.36 2.52
CA LEU X 170 15.38 -40.99 1.28
C LEU X 170 16.43 -40.90 0.17
N LEU X 171 16.01 -40.61 -1.05
CA LEU X 171 16.93 -40.72 -2.17
C LEU X 171 17.04 -39.45 -2.97
N GLY X 172 17.90 -39.48 -3.98
CA GLY X 172 18.00 -38.42 -4.95
C GLY X 172 18.98 -38.71 -6.06
N CYS X 173 18.60 -38.44 -7.31
CA CYS X 173 19.56 -38.30 -8.38
C CYS X 173 20.19 -36.92 -8.30
N THR X 174 21.07 -36.65 -9.25
CA THR X 174 21.47 -35.30 -9.57
C THR X 174 21.58 -35.26 -11.09
N ILE X 175 20.88 -34.31 -11.70
CA ILE X 175 20.59 -34.40 -13.13
C ILE X 175 21.85 -34.10 -13.93
N LYS X 176 22.42 -35.13 -14.51
CA LYS X 176 23.54 -34.91 -15.38
C LYS X 176 23.08 -34.98 -16.84
N PRO X 177 23.58 -34.11 -17.73
CA PRO X 177 24.57 -33.06 -17.50
C PRO X 177 23.99 -31.86 -16.78
N LYS X 178 24.85 -31.13 -16.07
CA LYS X 178 24.39 -29.93 -15.39
C LYS X 178 23.96 -28.88 -16.39
N LEU X 179 24.87 -28.49 -17.26
CA LEU X 179 24.69 -27.33 -18.11
C LEU X 179 24.25 -27.77 -19.49
N GLY X 180 23.43 -26.93 -20.10
CA GLY X 180 23.06 -27.14 -21.48
C GLY X 180 21.67 -27.68 -21.69
N LEU X 181 21.12 -28.41 -20.74
CA LEU X 181 19.80 -28.99 -20.91
C LEU X 181 18.72 -27.92 -20.85
N SER X 182 17.86 -27.90 -21.85
CA SER X 182 16.70 -27.05 -21.80
C SER X 182 15.75 -27.55 -20.74
N ALA X 183 14.79 -26.71 -20.37
CA ALA X 183 13.98 -26.93 -19.18
C ALA X 183 13.08 -28.15 -19.32
N LYS X 184 12.66 -28.51 -20.54
CA LYS X 184 11.86 -29.71 -20.72
C LYS X 184 12.70 -30.96 -20.76
N ASN X 185 13.85 -30.91 -21.44
CA ASN X 185 14.79 -32.03 -21.41
C ASN X 185 15.32 -32.25 -20.00
N TYR X 186 15.43 -31.18 -19.24
CA TYR X 186 15.76 -31.28 -17.84
C TYR X 186 14.66 -31.95 -17.05
N GLY X 187 13.41 -31.67 -17.38
CA GLY X 187 12.31 -32.30 -16.67
C GLY X 187 12.05 -33.71 -17.12
N ARG X 188 12.53 -34.09 -18.29
CA ARG X 188 12.43 -35.49 -18.69
C ARG X 188 13.43 -36.34 -17.94
N ALA X 189 14.61 -35.80 -17.68
CA ALA X 189 15.58 -36.49 -16.85
C ALA X 189 15.18 -36.49 -15.39
N VAL X 190 14.30 -35.58 -14.99
CA VAL X 190 13.72 -35.62 -13.66
C VAL X 190 12.64 -36.68 -13.58
N TYR X 191 11.72 -36.67 -14.56
CA TYR X 191 10.66 -37.68 -14.60
C TYR X 191 11.21 -39.08 -14.76
N GLU X 192 12.35 -39.23 -15.42
CA GLU X 192 12.88 -40.56 -15.59
C GLU X 192 13.47 -41.07 -14.28
N CYS X 193 14.22 -40.23 -13.55
CA CYS X 193 14.70 -40.62 -12.25
C CYS X 193 13.56 -40.81 -11.25
N LEU X 194 12.55 -39.94 -11.27
CA LEU X 194 11.50 -40.02 -10.27
C LEU X 194 10.52 -41.17 -10.50
N ARG X 195 10.53 -41.83 -11.67
CA ARG X 195 9.74 -43.05 -11.79
C ARG X 195 10.31 -44.15 -10.90
N GLY X 196 11.55 -44.53 -11.15
CA GLY X 196 12.12 -45.69 -10.50
C GLY X 196 12.46 -45.50 -9.05
N GLY X 197 11.46 -45.20 -8.23
CA GLY X 197 11.62 -45.29 -6.80
C GLY X 197 12.42 -44.21 -6.13
N LEU X 198 12.92 -43.26 -6.87
CA LEU X 198 13.69 -42.20 -6.28
C LEU X 198 12.73 -41.24 -5.60
N ASP X 199 13.14 -40.70 -4.46
CA ASP X 199 12.24 -39.79 -3.78
C ASP X 199 12.39 -38.39 -4.31
N PHE X 200 13.58 -37.83 -4.21
CA PHE X 200 13.83 -36.47 -4.63
C PHE X 200 14.73 -36.47 -5.84
N THR X 201 14.97 -35.29 -6.37
CA THR X 201 15.89 -35.11 -7.48
C THR X 201 16.46 -33.70 -7.37
N LYS X 202 17.77 -33.58 -7.37
CA LYS X 202 18.40 -32.32 -7.01
C LYS X 202 18.62 -31.45 -8.23
N ASP X 203 18.32 -30.17 -8.08
CA ASP X 203 18.75 -29.18 -9.04
C ASP X 203 20.13 -28.69 -8.65
N ASP X 204 20.90 -28.30 -9.65
CA ASP X 204 22.33 -28.24 -9.46
C ASP X 204 22.73 -26.97 -8.72
N GLU X 205 24.02 -26.86 -8.45
CA GLU X 205 24.55 -25.65 -7.84
C GLU X 205 24.46 -24.49 -8.81
N ASN X 206 25.13 -24.65 -9.95
CA ASN X 206 25.27 -23.64 -10.99
C ASN X 206 24.07 -23.56 -11.91
N ILE X 207 22.91 -24.04 -11.48
CA ILE X 207 21.66 -23.82 -12.17
C ILE X 207 20.78 -23.01 -11.22
N ASN X 208 20.71 -21.70 -11.44
CA ASN X 208 19.63 -20.90 -10.91
C ASN X 208 18.74 -20.44 -12.06
N SER X 209 19.31 -19.69 -12.99
CA SER X 209 18.73 -19.41 -14.29
C SER X 209 19.87 -18.96 -15.16
N ALA X 210 19.78 -19.28 -16.44
CA ALA X 210 20.85 -19.08 -17.39
C ALA X 210 20.21 -19.09 -18.77
N PRO X 211 20.82 -18.44 -19.77
CA PRO X 211 20.09 -18.16 -21.03
C PRO X 211 19.59 -19.38 -21.78
N PHE X 212 20.08 -20.57 -21.49
CA PHE X 212 19.48 -21.80 -22.00
C PHE X 212 18.33 -22.31 -21.15
N GLN X 213 18.27 -21.94 -19.88
CA GLN X 213 17.32 -22.54 -18.96
C GLN X 213 16.92 -21.55 -17.90
N ARG X 214 15.77 -20.94 -18.07
CA ARG X 214 15.28 -19.97 -17.12
C ARG X 214 14.56 -20.72 -16.02
N TRP X 215 14.43 -20.06 -14.87
CA TRP X 215 13.87 -20.74 -13.73
C TRP X 215 12.37 -20.90 -13.85
N ARG X 216 11.69 -19.95 -14.48
CA ARG X 216 10.24 -19.99 -14.59
C ARG X 216 9.80 -21.17 -15.42
N ASP X 217 10.64 -21.55 -16.38
CA ASP X 217 10.41 -22.68 -17.25
C ASP X 217 11.03 -23.94 -16.68
N ARG X 218 12.13 -23.85 -15.96
CA ARG X 218 12.64 -25.04 -15.29
C ARG X 218 11.71 -25.50 -14.20
N PHE X 219 11.07 -24.57 -13.49
CA PHE X 219 10.17 -25.00 -12.41
C PHE X 219 8.88 -25.51 -12.98
N LEU X 220 8.51 -25.03 -14.17
CA LEU X 220 7.26 -25.42 -14.78
C LEU X 220 7.36 -26.81 -15.35
N PHE X 221 8.46 -27.11 -16.02
CA PHE X 221 8.63 -28.42 -16.62
C PHE X 221 9.19 -29.45 -15.66
N VAL X 222 9.35 -29.09 -14.39
CA VAL X 222 9.62 -30.04 -13.33
C VAL X 222 8.37 -30.32 -12.51
N ALA X 223 7.52 -29.33 -12.33
CA ALA X 223 6.21 -29.59 -11.75
C ALA X 223 5.35 -30.45 -12.65
N ASP X 224 5.51 -30.33 -13.97
CA ASP X 224 4.79 -31.21 -14.87
C ASP X 224 5.40 -32.58 -14.91
N ALA X 225 6.60 -32.75 -14.38
CA ALA X 225 7.27 -34.04 -14.30
C ALA X 225 7.25 -34.66 -12.93
N ILE X 226 6.96 -33.89 -11.89
CA ILE X 226 6.68 -34.51 -10.61
C ILE X 226 5.28 -35.07 -10.60
N THR X 227 4.28 -34.26 -10.95
CA THR X 227 2.90 -34.71 -10.94
C THR X 227 2.61 -35.77 -11.99
N LYS X 228 3.55 -36.05 -12.89
CA LYS X 228 3.44 -37.24 -13.70
C LYS X 228 4.03 -38.44 -12.98
N ALA X 229 5.16 -38.27 -12.31
CA ALA X 229 5.78 -39.38 -11.60
C ALA X 229 5.17 -39.62 -10.23
N GLN X 230 4.55 -38.62 -9.63
CA GLN X 230 3.79 -38.82 -8.41
C GLN X 230 2.45 -39.49 -8.67
N ALA X 231 1.81 -39.19 -9.78
CA ALA X 231 0.55 -39.82 -10.11
C ALA X 231 0.73 -41.23 -10.63
N GLU X 232 1.82 -41.49 -11.34
CA GLU X 232 2.17 -42.83 -11.78
C GLU X 232 2.42 -43.78 -10.62
N THR X 233 3.45 -43.51 -9.82
CA THR X 233 3.76 -44.28 -8.63
C THR X 233 3.40 -43.46 -7.42
N GLY X 234 2.54 -44.00 -6.56
CA GLY X 234 1.79 -43.20 -5.62
C GLY X 234 2.55 -42.58 -4.46
N GLU X 235 3.85 -42.36 -4.57
CA GLU X 235 4.60 -41.73 -3.50
C GLU X 235 4.72 -40.24 -3.75
N ILE X 236 4.93 -39.48 -2.68
CA ILE X 236 5.01 -38.02 -2.82
C ILE X 236 6.42 -37.70 -3.29
N LYS X 237 6.59 -37.64 -4.60
CA LYS X 237 7.89 -37.32 -5.17
C LYS X 237 8.09 -35.82 -5.12
N GLY X 238 9.35 -35.41 -5.05
CA GLY X 238 9.67 -34.00 -4.98
C GLY X 238 10.92 -33.71 -5.78
N HIS X 239 11.25 -32.42 -5.86
CA HIS X 239 12.43 -31.99 -6.58
C HIS X 239 12.91 -30.72 -5.92
N TYR X 240 14.22 -30.67 -5.67
CA TYR X 240 14.83 -29.56 -4.95
C TYR X 240 14.96 -28.40 -5.92
N LEU X 241 13.88 -27.66 -6.12
CA LEU X 241 13.93 -26.53 -7.04
C LEU X 241 14.81 -25.43 -6.49
N ASN X 242 15.72 -24.93 -7.31
CA ASN X 242 16.76 -24.03 -6.85
C ASN X 242 16.22 -22.61 -6.85
N VAL X 243 15.98 -22.07 -5.66
CA VAL X 243 15.47 -20.74 -5.54
C VAL X 243 16.56 -19.75 -5.16
N THR X 244 17.83 -20.16 -5.26
CA THR X 244 18.94 -19.23 -5.05
C THR X 244 18.91 -18.19 -6.16
N ALA X 245 18.98 -16.93 -5.81
CA ALA X 245 18.66 -15.87 -6.75
C ALA X 245 19.53 -14.66 -6.46
N PRO X 246 19.64 -13.71 -7.41
CA PRO X 246 20.41 -12.50 -7.14
C PRO X 246 19.90 -11.64 -5.99
N THR X 247 18.60 -11.37 -5.91
CA THR X 247 18.08 -10.54 -4.84
C THR X 247 17.11 -11.35 -3.99
N CYS X 248 16.84 -10.89 -2.77
CA CYS X 248 15.82 -11.53 -1.93
C CYS X 248 14.42 -11.32 -2.46
N GLU X 249 14.18 -10.37 -3.34
CA GLU X 249 12.87 -10.30 -3.97
C GLU X 249 12.74 -11.36 -5.04
N GLU X 250 13.78 -11.50 -5.87
CA GLU X 250 13.83 -12.53 -6.90
C GLU X 250 13.92 -13.91 -6.29
N MET X 251 14.39 -14.05 -5.06
CA MET X 251 14.37 -15.36 -4.42
C MET X 251 12.99 -15.74 -3.98
N LEU X 252 12.24 -14.81 -3.41
CA LEU X 252 10.93 -15.16 -2.90
C LEU X 252 9.89 -15.22 -4.01
N LYS X 253 10.12 -14.55 -5.13
CA LYS X 253 9.21 -14.77 -6.24
C LYS X 253 9.54 -16.04 -6.98
N ARG X 254 10.71 -16.60 -6.71
CA ARG X 254 11.13 -17.89 -7.20
C ARG X 254 10.68 -19.00 -6.27
N ALA X 255 10.43 -18.68 -5.02
CA ALA X 255 9.91 -19.68 -4.11
C ALA X 255 8.40 -19.65 -4.06
N GLU X 256 7.78 -18.47 -4.15
CA GLU X 256 6.33 -18.37 -4.22
C GLU X 256 5.78 -18.95 -5.51
N TYR X 257 6.60 -19.11 -6.53
CA TYR X 257 6.15 -19.84 -7.70
C TYR X 257 6.25 -21.34 -7.48
N ALA X 258 7.28 -21.81 -6.79
CA ALA X 258 7.29 -23.22 -6.42
C ALA X 258 6.26 -23.54 -5.35
N LYS X 259 5.78 -22.55 -4.60
CA LYS X 259 4.61 -22.79 -3.78
C LYS X 259 3.37 -22.96 -4.65
N GLU X 260 3.22 -22.18 -5.71
CA GLU X 260 1.98 -22.21 -6.46
C GLU X 260 1.95 -23.29 -7.51
N LEU X 261 3.05 -24.01 -7.69
CA LEU X 261 3.04 -25.28 -8.39
C LEU X 261 2.82 -26.44 -7.44
N LYS X 262 2.55 -26.13 -6.18
CA LYS X 262 2.29 -27.10 -5.11
C LYS X 262 3.48 -28.01 -4.87
N GLN X 263 4.70 -27.50 -5.09
CA GLN X 263 5.91 -28.27 -4.93
C GLN X 263 6.16 -28.54 -3.45
N PRO X 264 6.64 -29.72 -3.11
CA PRO X 264 6.89 -30.02 -1.71
C PRO X 264 8.16 -29.37 -1.21
N ILE X 265 9.13 -29.10 -2.07
CA ILE X 265 10.47 -28.79 -1.60
C ILE X 265 11.15 -27.85 -2.57
N ILE X 266 11.90 -26.90 -2.01
CA ILE X 266 12.81 -26.03 -2.75
C ILE X 266 14.20 -26.27 -2.19
N MET X 267 15.18 -25.59 -2.76
CA MET X 267 16.54 -25.66 -2.23
C MET X 267 17.21 -24.33 -2.33
N HIS X 268 18.33 -24.18 -1.63
CA HIS X 268 18.96 -22.87 -1.50
C HIS X 268 20.42 -23.05 -1.12
N ASP X 269 21.30 -22.37 -1.83
CA ASP X 269 22.75 -22.43 -1.60
C ASP X 269 23.11 -21.40 -0.53
N TYR X 270 23.15 -21.82 0.72
CA TYR X 270 23.03 -20.89 1.84
C TYR X 270 24.31 -20.14 2.16
N LEU X 271 25.46 -20.56 1.65
CA LEU X 271 26.69 -19.84 1.92
C LEU X 271 27.10 -18.89 0.80
N THR X 272 26.66 -19.13 -0.42
CA THR X 272 26.77 -18.08 -1.42
C THR X 272 25.71 -17.01 -1.23
N ALA X 273 24.47 -17.42 -1.00
CA ALA X 273 23.37 -16.49 -0.79
C ALA X 273 23.31 -15.93 0.62
N GLY X 274 24.04 -16.50 1.56
CA GLY X 274 24.20 -15.88 2.85
C GLY X 274 23.17 -16.33 3.85
N PHE X 275 23.30 -15.81 5.05
CA PHE X 275 22.40 -16.15 6.14
C PHE X 275 21.30 -15.16 6.33
N THR X 276 21.31 -14.04 5.63
CA THR X 276 20.13 -13.18 5.68
C THR X 276 19.12 -13.64 4.66
N ALA X 277 19.58 -14.14 3.52
CA ALA X 277 18.65 -14.68 2.54
C ALA X 277 18.17 -16.05 2.94
N ASN X 278 18.99 -16.82 3.64
CA ASN X 278 18.53 -18.11 4.09
C ASN X 278 17.50 -17.97 5.20
N THR X 279 17.73 -17.08 6.15
CA THR X 279 16.79 -16.91 7.25
C THR X 279 15.51 -16.25 6.75
N THR X 280 15.57 -15.50 5.66
CA THR X 280 14.35 -15.01 5.02
C THR X 280 13.56 -16.16 4.45
N LEU X 281 14.22 -17.11 3.84
CA LEU X 281 13.58 -18.25 3.23
C LEU X 281 13.23 -19.33 4.23
N ALA X 282 13.96 -19.41 5.34
CA ALA X 282 13.53 -20.16 6.50
C ALA X 282 12.16 -19.75 6.97
N ARG X 283 12.00 -18.45 7.23
CA ARG X 283 10.74 -17.91 7.70
C ARG X 283 9.67 -18.02 6.64
N TRP X 284 10.05 -18.06 5.38
CA TRP X 284 9.08 -18.18 4.31
C TRP X 284 8.56 -19.61 4.23
N CYS X 285 9.47 -20.58 4.25
CA CYS X 285 9.10 -21.98 4.10
C CYS X 285 8.30 -22.49 5.28
N ARG X 286 8.58 -21.99 6.48
CA ARG X 286 7.72 -22.32 7.61
C ARG X 286 6.35 -21.72 7.43
N ASP X 287 6.28 -20.50 6.90
CA ASP X 287 5.01 -19.84 6.69
C ASP X 287 4.36 -20.23 5.37
N ASN X 288 4.91 -21.18 4.63
CA ASN X 288 4.30 -21.65 3.39
C ASN X 288 4.38 -23.15 3.19
N GLY X 289 4.90 -23.89 4.16
CA GLY X 289 4.84 -25.33 4.11
C GLY X 289 5.68 -25.97 3.04
N VAL X 290 6.69 -25.29 2.57
CA VAL X 290 7.60 -25.84 1.59
C VAL X 290 8.80 -26.37 2.35
N LEU X 291 9.30 -27.53 1.96
CA LEU X 291 10.51 -28.02 2.59
C LEU X 291 11.69 -27.26 2.04
N LEU X 292 12.73 -27.09 2.83
CA LEU X 292 13.90 -26.33 2.40
C LEU X 292 15.11 -27.25 2.40
N HIS X 293 15.72 -27.44 1.25
CA HIS X 293 16.93 -28.24 1.12
C HIS X 293 18.12 -27.31 1.11
N ILE X 294 18.83 -27.19 2.21
CA ILE X 294 19.96 -26.30 2.21
C ILE X 294 21.17 -26.98 1.60
N HIS X 295 21.75 -26.36 0.58
CA HIS X 295 22.91 -26.88 -0.10
C HIS X 295 24.14 -26.10 0.34
N ARG X 296 25.24 -26.81 0.61
CA ARG X 296 26.41 -26.16 1.18
C ARG X 296 27.40 -25.73 0.10
N ALA X 297 26.91 -24.96 -0.86
CA ALA X 297 27.79 -24.44 -1.89
C ALA X 297 28.69 -23.39 -1.27
N MET X 298 29.93 -23.33 -1.74
CA MET X 298 31.00 -22.44 -1.23
C MET X 298 31.32 -22.74 0.23
N HIS X 299 31.10 -23.98 0.67
CA HIS X 299 31.44 -24.32 2.05
C HIS X 299 32.92 -24.62 2.18
N ALA X 300 33.55 -25.09 1.13
CA ALA X 300 34.90 -25.59 1.24
C ALA X 300 35.93 -24.50 1.21
N VAL X 301 35.51 -23.26 0.99
CA VAL X 301 36.40 -22.13 1.17
C VAL X 301 36.80 -22.04 2.63
N ILE X 302 35.88 -22.40 3.52
CA ILE X 302 35.98 -22.07 4.93
C ILE X 302 36.01 -23.27 5.85
N ASP X 303 35.67 -24.48 5.39
CA ASP X 303 35.78 -25.61 6.28
C ASP X 303 36.78 -26.67 5.85
N ARG X 304 37.57 -26.43 4.81
CA ARG X 304 38.35 -27.52 4.24
C ARG X 304 39.77 -27.57 4.76
N GLN X 305 40.37 -26.43 5.05
CA GLN X 305 41.69 -26.42 5.66
C GLN X 305 41.57 -26.71 7.14
N LYS X 306 42.49 -27.51 7.65
CA LYS X 306 42.41 -27.95 9.03
C LYS X 306 42.93 -26.92 10.02
N ASN X 307 43.46 -25.80 9.56
CA ASN X 307 44.03 -24.81 10.46
C ASN X 307 43.30 -23.49 10.50
N HIS X 308 42.51 -23.16 9.48
CA HIS X 308 41.94 -21.84 9.36
C HIS X 308 40.61 -21.90 8.65
N GLY X 309 39.67 -21.08 9.11
CA GLY X 309 38.36 -21.03 8.50
C GLY X 309 37.28 -21.28 9.50
N ILE X 310 36.14 -21.77 9.07
CA ILE X 310 35.02 -22.06 9.96
C ILE X 310 34.64 -23.51 9.73
N HIS X 311 34.85 -24.35 10.74
CA HIS X 311 34.52 -25.77 10.61
C HIS X 311 33.04 -25.91 10.35
N PHE X 312 32.68 -26.95 9.59
CA PHE X 312 31.31 -27.06 9.12
C PHE X 312 30.32 -27.34 10.24
N ARG X 313 30.78 -27.85 11.38
CA ARG X 313 29.86 -28.01 12.50
C ARG X 313 29.47 -26.67 13.10
N VAL X 314 30.15 -25.59 12.79
CA VAL X 314 29.58 -24.28 13.07
C VAL X 314 28.53 -23.95 12.04
N LEU X 315 28.84 -24.17 10.78
CA LEU X 315 27.93 -23.87 9.69
C LEU X 315 26.80 -24.89 9.62
N ALA X 316 26.93 -26.02 10.30
CA ALA X 316 25.79 -26.92 10.42
C ALA X 316 24.84 -26.47 11.49
N LYS X 317 25.39 -26.05 12.64
CA LYS X 317 24.59 -25.45 13.68
C LYS X 317 24.02 -24.12 13.26
N ALA X 318 24.70 -23.41 12.36
CA ALA X 318 24.21 -22.12 11.94
C ALA X 318 23.02 -22.22 11.03
N LEU X 319 22.86 -23.29 10.27
CA LEU X 319 21.65 -23.43 9.49
C LEU X 319 20.63 -24.33 10.15
N ARG X 320 20.96 -25.02 11.21
CA ARG X 320 19.87 -25.59 11.95
C ARG X 320 19.12 -24.50 12.68
N LEU X 321 19.80 -23.41 13.06
CA LEU X 321 19.14 -22.31 13.71
C LEU X 321 18.38 -21.44 12.72
N SER X 322 18.97 -21.17 11.56
CA SER X 322 18.17 -20.67 10.44
C SER X 322 17.54 -21.88 9.75
N GLY X 323 17.13 -21.77 8.51
CA GLY X 323 16.34 -22.82 7.94
C GLY X 323 17.14 -23.96 7.37
N GLY X 324 16.46 -25.09 7.30
CA GLY X 324 16.80 -26.09 6.34
C GLY X 324 16.33 -27.41 6.85
N ASP X 325 15.66 -28.18 6.01
CA ASP X 325 15.26 -29.49 6.43
C ASP X 325 16.29 -30.52 6.03
N HIS X 326 17.11 -30.20 5.05
CA HIS X 326 18.19 -31.05 4.64
C HIS X 326 19.43 -30.19 4.54
N ILE X 327 20.58 -30.77 4.82
CA ILE X 327 21.84 -30.13 4.51
C ILE X 327 22.78 -31.21 4.03
N HIS X 328 23.55 -30.89 2.99
CA HIS X 328 24.58 -31.81 2.56
C HIS X 328 25.62 -31.96 3.64
N THR X 329 25.80 -33.17 4.15
CA THR X 329 26.95 -33.46 4.98
C THR X 329 27.98 -34.29 4.23
N GLY X 330 27.94 -34.25 2.92
CA GLY X 330 29.00 -34.82 2.12
C GLY X 330 28.92 -36.31 2.00
N THR X 331 29.95 -37.00 2.49
CA THR X 331 29.97 -38.44 2.42
C THR X 331 30.88 -38.98 3.51
N VAL X 332 30.86 -40.29 3.65
CA VAL X 332 31.67 -40.97 4.63
C VAL X 332 32.67 -41.93 3.98
N VAL X 333 32.32 -42.50 2.82
CA VAL X 333 32.98 -43.68 2.29
C VAL X 333 34.41 -43.44 1.84
N GLY X 334 34.81 -42.19 1.62
CA GLY X 334 36.15 -41.93 1.16
C GLY X 334 37.09 -41.46 2.24
N LYS X 335 36.67 -41.61 3.50
CA LYS X 335 37.34 -40.98 4.63
C LYS X 335 37.73 -42.03 5.67
N LEU X 336 38.70 -41.65 6.51
CA LEU X 336 39.32 -42.54 7.47
C LEU X 336 38.37 -42.74 8.66
N GLU X 337 38.86 -43.34 9.75
CA GLU X 337 38.04 -43.41 10.96
C GLU X 337 37.93 -42.04 11.63
N GLY X 338 39.04 -41.31 11.70
CA GLY X 338 39.02 -40.03 12.36
C GLY X 338 38.32 -38.96 11.55
N GLU X 339 38.31 -39.10 10.23
CA GLU X 339 37.66 -38.11 9.38
C GLU X 339 36.19 -38.41 9.17
N ARG X 340 35.70 -39.56 9.64
CA ARG X 340 34.26 -39.82 9.64
C ARG X 340 33.65 -39.76 11.02
N GLY X 341 34.45 -39.88 12.07
CA GLY X 341 33.95 -39.55 13.39
C GLY X 341 33.64 -38.06 13.50
N ILE X 342 34.46 -37.24 12.86
CA ILE X 342 34.19 -35.80 12.82
C ILE X 342 33.00 -35.52 11.93
N THR X 343 32.81 -36.31 10.86
CA THR X 343 31.66 -36.11 10.00
C THR X 343 30.40 -36.67 10.63
N MET X 344 30.50 -37.77 11.37
CA MET X 344 29.36 -38.19 12.19
C MET X 344 29.24 -37.37 13.47
N GLY X 345 30.15 -36.45 13.72
CA GLY X 345 29.96 -35.51 14.79
C GLY X 345 28.95 -34.49 14.39
N PHE X 346 29.17 -33.80 13.27
CA PHE X 346 28.21 -32.77 12.94
C PHE X 346 26.97 -33.30 12.26
N VAL X 347 26.92 -34.58 11.90
CA VAL X 347 25.63 -35.14 11.52
C VAL X 347 24.74 -35.23 12.75
N ASP X 348 25.31 -35.56 13.91
CA ASP X 348 24.51 -35.59 15.12
C ASP X 348 24.14 -34.20 15.61
N LEU X 349 24.96 -33.20 15.34
CA LEU X 349 24.66 -31.84 15.81
C LEU X 349 23.45 -31.27 15.12
N LEU X 350 23.23 -31.64 13.87
CA LEU X 350 22.11 -31.12 13.11
C LEU X 350 20.94 -32.08 13.08
N ARG X 351 20.97 -33.13 13.84
CA ARG X 351 19.90 -34.10 13.69
C ARG X 351 19.36 -34.63 15.00
N GLU X 352 20.09 -34.48 16.09
CA GLU X 352 19.75 -35.02 17.39
C GLU X 352 19.48 -33.87 18.35
N ASN X 353 18.64 -34.13 19.37
CA ASN X 353 18.24 -33.07 20.28
C ASN X 353 19.37 -32.67 21.22
N TYR X 354 19.99 -33.64 21.87
CA TYR X 354 21.07 -33.37 22.80
C TYR X 354 22.29 -34.15 22.35
N VAL X 355 23.42 -33.49 22.26
CA VAL X 355 24.66 -34.09 21.81
C VAL X 355 25.76 -33.80 22.82
N GLU X 356 26.36 -34.86 23.34
CA GLU X 356 27.33 -34.74 24.41
C GLU X 356 28.65 -34.24 23.84
N GLN X 357 29.41 -33.54 24.67
CA GLN X 357 30.76 -33.12 24.37
C GLN X 357 31.67 -34.31 24.14
N ASP X 358 32.05 -34.57 22.89
CA ASP X 358 32.99 -35.63 22.55
C ASP X 358 33.93 -35.04 21.51
N LYS X 359 35.19 -34.82 21.89
CA LYS X 359 36.10 -34.12 21.00
C LYS X 359 36.78 -35.04 20.00
N SER X 360 36.90 -36.33 20.31
CA SER X 360 37.39 -37.27 19.30
C SER X 360 36.40 -37.41 18.16
N ARG X 361 35.12 -37.29 18.46
CA ARG X 361 34.06 -37.22 17.47
C ARG X 361 33.82 -35.79 17.02
N GLY X 362 34.63 -34.85 17.49
CA GLY X 362 34.73 -33.54 16.92
C GLY X 362 33.99 -32.45 17.68
N ILE X 363 32.96 -32.81 18.43
CA ILE X 363 32.12 -31.84 19.12
C ILE X 363 32.85 -31.28 20.32
N TYR X 364 32.94 -29.97 20.43
CA TYR X 364 33.64 -29.37 21.55
C TYR X 364 32.73 -28.96 22.68
N PHE X 365 31.49 -28.62 22.41
CA PHE X 365 30.57 -28.20 23.45
C PHE X 365 29.34 -29.08 23.44
N THR X 366 28.88 -29.45 24.63
CA THR X 366 27.60 -30.13 24.73
C THR X 366 26.48 -29.19 24.33
N GLN X 367 25.61 -29.66 23.47
CA GLN X 367 24.68 -28.80 22.76
C GLN X 367 23.27 -29.30 22.98
N ASP X 368 22.51 -28.64 23.84
CA ASP X 368 21.08 -28.90 23.96
C ASP X 368 20.40 -28.05 22.90
N TRP X 369 19.66 -28.70 22.01
CA TRP X 369 18.96 -27.95 20.98
C TRP X 369 17.58 -27.48 21.40
N ALA X 370 17.13 -27.82 22.60
CA ALA X 370 15.89 -27.29 23.19
C ALA X 370 14.67 -27.63 22.34
N SER X 371 14.59 -28.90 21.93
CA SER X 371 13.52 -29.45 21.09
C SER X 371 13.39 -28.71 19.77
N LEU X 372 14.49 -28.16 19.26
CA LEU X 372 14.47 -27.58 17.95
C LEU X 372 14.40 -28.73 16.95
N PRO X 373 13.69 -28.57 15.86
CA PRO X 373 13.54 -29.66 14.90
C PRO X 373 14.86 -30.02 14.24
N GLY X 374 14.97 -31.27 13.82
CA GLY X 374 16.21 -31.74 13.25
C GLY X 374 16.37 -31.32 11.82
N VAL X 375 17.55 -31.56 11.28
CA VAL X 375 17.82 -31.36 9.87
C VAL X 375 18.25 -32.71 9.32
N MET X 376 17.76 -33.09 8.14
CA MET X 376 18.28 -34.27 7.48
C MET X 376 19.74 -34.10 7.15
N ALA X 377 20.47 -35.19 7.13
CA ALA X 377 21.86 -35.19 6.74
C ALA X 377 21.92 -35.90 5.40
N VAL X 378 22.32 -35.19 4.38
CA VAL X 378 22.27 -35.66 3.01
C VAL X 378 23.62 -36.21 2.63
N ALA X 379 23.65 -37.41 2.05
CA ALA X 379 24.90 -38.04 1.62
C ALA X 379 25.04 -37.86 0.11
N SER X 380 26.07 -37.16 -0.31
CA SER X 380 26.18 -36.81 -1.73
C SER X 380 27.60 -36.94 -2.25
N GLY X 381 28.29 -38.00 -1.91
CA GLY X 381 29.61 -38.23 -2.46
C GLY X 381 29.55 -38.83 -3.84
N GLY X 382 30.68 -39.36 -4.27
CA GLY X 382 30.72 -40.15 -5.48
C GLY X 382 30.27 -41.55 -5.18
N ILE X 383 28.97 -41.74 -5.02
CA ILE X 383 28.42 -42.95 -4.44
C ILE X 383 27.45 -43.60 -5.41
N HIS X 384 27.28 -44.90 -5.24
CA HIS X 384 26.60 -45.76 -6.21
C HIS X 384 25.93 -46.90 -5.46
N VAL X 385 25.67 -48.00 -6.18
CA VAL X 385 24.91 -49.14 -5.65
C VAL X 385 25.59 -49.75 -4.43
N TRP X 386 26.89 -50.02 -4.52
CA TRP X 386 27.61 -50.78 -3.50
C TRP X 386 27.82 -50.03 -2.19
N HIS X 387 27.36 -48.79 -2.09
CA HIS X 387 27.49 -47.99 -0.88
C HIS X 387 26.20 -47.94 -0.07
N MET X 388 25.12 -48.53 -0.57
CA MET X 388 23.92 -48.69 0.24
C MET X 388 24.08 -49.51 1.52
N PRO X 389 24.95 -50.52 1.65
CA PRO X 389 25.22 -51.02 3.00
C PRO X 389 25.90 -49.99 3.88
N ALA X 390 26.78 -49.17 3.33
CA ALA X 390 27.57 -48.27 4.15
C ALA X 390 26.76 -47.08 4.61
N LEU X 391 26.00 -46.47 3.72
CA LEU X 391 25.33 -45.22 4.06
C LEU X 391 23.96 -45.42 4.67
N VAL X 392 23.54 -46.64 4.93
CA VAL X 392 22.34 -46.86 5.72
C VAL X 392 22.81 -47.27 7.10
N GLU X 393 24.02 -47.84 7.15
CA GLU X 393 24.59 -48.16 8.45
C GLU X 393 25.13 -46.92 9.15
N ILE X 394 25.87 -46.08 8.43
CA ILE X 394 26.47 -44.89 9.01
C ILE X 394 25.40 -43.82 9.22
N PHE X 395 24.83 -43.33 8.12
CA PHE X 395 23.69 -42.41 8.22
C PHE X 395 22.45 -43.25 8.41
N GLY X 396 21.69 -42.97 9.44
CA GLY X 396 20.59 -43.82 9.82
C GLY X 396 19.36 -43.65 8.94
N ASP X 397 18.21 -43.75 9.59
CA ASP X 397 16.96 -43.52 8.88
C ASP X 397 16.81 -42.06 8.50
N ASP X 398 17.30 -41.16 9.34
CA ASP X 398 17.02 -39.74 9.21
C ASP X 398 18.00 -39.11 8.23
N SER X 399 17.92 -39.53 6.97
CA SER X 399 18.91 -39.10 6.01
C SER X 399 18.34 -39.10 4.61
N VAL X 400 19.10 -38.51 3.70
CA VAL X 400 18.80 -38.50 2.28
C VAL X 400 20.08 -38.93 1.59
N LEU X 401 19.97 -39.76 0.57
CA LEU X 401 21.16 -40.24 -0.12
C LEU X 401 21.11 -39.72 -1.54
N GLN X 402 21.96 -38.77 -1.88
CA GLN X 402 22.02 -38.32 -3.27
C GLN X 402 22.81 -39.32 -4.08
N PHE X 403 22.75 -39.20 -5.39
CA PHE X 403 23.52 -40.03 -6.30
C PHE X 403 23.87 -39.23 -7.54
N GLY X 404 24.63 -39.87 -8.44
CA GLY X 404 24.97 -39.29 -9.71
C GLY X 404 26.00 -38.18 -9.68
N GLY X 405 26.60 -37.90 -8.53
CA GLY X 405 27.54 -36.80 -8.44
C GLY X 405 28.86 -37.12 -9.11
N GLY X 406 29.48 -38.24 -8.73
CA GLY X 406 30.74 -38.65 -9.32
C GLY X 406 30.62 -39.91 -10.16
N THR X 407 29.75 -40.83 -9.74
CA THR X 407 29.63 -42.11 -10.42
C THR X 407 28.92 -41.92 -11.76
N LEU X 408 29.25 -42.78 -12.71
CA LEU X 408 28.94 -42.55 -14.11
C LEU X 408 27.60 -43.16 -14.51
N GLY X 409 26.56 -42.88 -13.73
CA GLY X 409 25.21 -43.19 -14.17
C GLY X 409 24.90 -44.68 -14.15
N HIS X 410 24.38 -45.16 -15.29
CA HIS X 410 23.83 -46.49 -15.41
C HIS X 410 23.71 -46.80 -16.89
N PRO X 411 23.95 -48.03 -17.33
CA PRO X 411 23.90 -48.31 -18.77
C PRO X 411 22.51 -48.29 -19.36
N TRP X 412 21.46 -48.52 -18.57
CA TRP X 412 20.11 -48.61 -19.11
C TRP X 412 19.34 -47.31 -19.00
N GLY X 413 19.98 -46.23 -18.57
CA GLY X 413 19.30 -44.96 -18.46
C GLY X 413 19.11 -44.51 -17.03
N ASN X 414 18.08 -43.72 -16.77
CA ASN X 414 17.86 -43.16 -15.45
C ASN X 414 16.82 -43.93 -14.65
N ALA X 415 15.74 -44.34 -15.28
CA ALA X 415 14.70 -45.09 -14.57
C ALA X 415 15.12 -46.51 -14.19
N PRO X 416 15.96 -47.23 -14.97
CA PRO X 416 16.56 -48.42 -14.37
C PRO X 416 17.74 -48.05 -13.49
N GLY X 417 18.31 -46.87 -13.71
CA GLY X 417 19.37 -46.40 -12.84
C GLY X 417 18.87 -45.99 -11.47
N ALA X 418 17.65 -45.48 -11.39
CA ALA X 418 17.09 -45.11 -10.11
C ALA X 418 16.49 -46.30 -9.40
N THR X 419 15.98 -47.30 -10.12
CA THR X 419 15.46 -48.49 -9.47
C THR X 419 16.61 -49.33 -8.91
N ALA X 420 17.77 -49.27 -9.54
CA ALA X 420 18.98 -49.85 -8.95
C ALA X 420 19.35 -49.14 -7.67
N ASN X 421 19.11 -47.85 -7.58
CA ASN X 421 19.44 -47.09 -6.39
C ASN X 421 18.33 -47.13 -5.36
N ARG X 422 17.23 -47.80 -5.65
CA ARG X 422 16.11 -47.92 -4.73
C ARG X 422 15.90 -49.34 -4.24
N VAL X 423 16.11 -50.34 -5.09
CA VAL X 423 16.10 -51.72 -4.62
C VAL X 423 17.30 -51.97 -3.72
N ALA X 424 18.42 -51.32 -4.01
CA ALA X 424 19.58 -51.46 -3.13
C ALA X 424 19.38 -50.72 -1.82
N LEU X 425 18.48 -49.73 -1.80
CA LEU X 425 18.13 -49.10 -0.53
C LEU X 425 17.33 -50.05 0.34
N GLU X 426 16.19 -50.51 -0.18
CA GLU X 426 15.26 -51.31 0.59
C GLU X 426 15.73 -52.73 0.80
N ALA X 427 16.75 -53.19 0.08
CA ALA X 427 17.45 -54.39 0.51
C ALA X 427 18.25 -54.11 1.77
N CYS X 428 18.94 -52.97 1.81
CA CYS X 428 19.73 -52.61 2.98
C CYS X 428 18.87 -52.05 4.11
N VAL X 429 17.66 -51.60 3.82
CA VAL X 429 16.73 -51.27 4.89
C VAL X 429 16.12 -52.54 5.48
N GLN X 430 15.75 -53.49 4.63
CA GLN X 430 15.25 -54.78 5.11
C GLN X 430 16.32 -55.55 5.87
N ALA X 431 17.56 -55.50 5.41
CA ALA X 431 18.64 -56.22 6.09
C ALA X 431 18.96 -55.62 7.44
N ARG X 432 18.95 -54.29 7.54
CA ARG X 432 19.22 -53.63 8.81
C ARG X 432 18.13 -53.90 9.82
N ASN X 433 16.90 -54.10 9.35
CA ASN X 433 15.77 -54.37 10.22
C ASN X 433 15.56 -55.85 10.45
N GLU X 434 16.58 -56.66 10.29
CA GLU X 434 16.49 -58.09 10.58
C GLU X 434 17.72 -58.56 11.34
N GLY X 435 18.48 -57.64 11.91
CA GLY X 435 19.67 -57.98 12.65
C GLY X 435 20.91 -58.16 11.80
N ARG X 436 20.79 -58.13 10.48
CA ARG X 436 21.93 -58.41 9.63
C ARG X 436 22.90 -57.24 9.66
N ASN X 437 24.09 -57.50 10.20
CA ASN X 437 25.11 -56.47 10.36
C ASN X 437 25.62 -56.07 8.98
N LEU X 438 25.14 -54.92 8.48
CA LEU X 438 25.51 -54.41 7.17
C LEU X 438 26.97 -54.03 7.05
N ALA X 439 27.68 -53.88 8.18
CA ALA X 439 29.12 -53.70 8.12
C ALA X 439 29.80 -54.95 7.59
N ARG X 440 29.30 -56.13 7.96
CA ARG X 440 29.87 -57.40 7.57
C ARG X 440 29.00 -58.18 6.58
N GLU X 441 27.68 -58.20 6.79
CA GLU X 441 26.77 -58.87 5.90
C GLU X 441 26.13 -57.93 4.89
N GLY X 442 26.85 -56.89 4.48
CA GLY X 442 26.28 -55.86 3.63
C GLY X 442 26.39 -56.16 2.15
N ASN X 443 27.54 -56.70 1.73
CA ASN X 443 27.71 -57.03 0.33
C ASN X 443 26.93 -58.28 -0.06
N ASP X 444 26.47 -59.06 0.91
CA ASP X 444 25.58 -60.18 0.60
C ASP X 444 24.19 -59.70 0.20
N VAL X 445 23.69 -58.63 0.83
CA VAL X 445 22.32 -58.21 0.56
C VAL X 445 22.23 -57.33 -0.68
N ILE X 446 23.35 -56.80 -1.17
CA ILE X 446 23.37 -56.24 -2.51
C ILE X 446 23.34 -57.35 -3.55
N ARG X 447 24.11 -58.41 -3.33
CA ARG X 447 24.18 -59.48 -4.33
C ARG X 447 22.92 -60.33 -4.33
N GLU X 448 22.26 -60.49 -3.19
CA GLU X 448 21.02 -61.26 -3.20
C GLU X 448 19.80 -60.41 -3.51
N ALA X 449 19.97 -59.11 -3.74
CA ALA X 449 18.90 -58.30 -4.30
C ALA X 449 19.09 -58.05 -5.78
N ALA X 450 20.30 -58.24 -6.29
CA ALA X 450 20.53 -58.14 -7.72
C ALA X 450 19.94 -59.33 -8.47
N LYS X 451 19.63 -60.42 -7.78
CA LYS X 451 18.95 -61.54 -8.42
C LYS X 451 17.50 -61.17 -8.76
N TRP X 452 16.75 -60.67 -7.78
CA TRP X 452 15.35 -60.35 -7.96
C TRP X 452 15.11 -59.01 -8.65
N SER X 453 16.16 -58.36 -9.12
CA SER X 453 15.98 -57.09 -9.84
C SER X 453 16.90 -57.07 -11.06
N PRO X 454 16.34 -57.06 -12.26
CA PRO X 454 17.21 -56.96 -13.45
C PRO X 454 17.84 -55.60 -13.61
N GLU X 455 17.20 -54.55 -13.10
CA GLU X 455 17.74 -53.20 -13.19
C GLU X 455 18.94 -53.04 -12.28
N LEU X 456 18.99 -53.80 -11.18
CA LEU X 456 20.09 -53.72 -10.24
C LEU X 456 21.24 -54.65 -10.61
N ALA X 457 20.95 -55.74 -11.30
CA ALA X 457 21.98 -56.69 -11.67
C ALA X 457 22.95 -56.13 -12.70
N VAL X 458 22.46 -55.30 -13.63
CA VAL X 458 23.37 -54.67 -14.57
C VAL X 458 24.12 -53.52 -13.92
N ALA X 459 23.60 -52.95 -12.83
CA ALA X 459 24.34 -51.99 -12.04
C ALA X 459 25.22 -52.64 -10.98
N CYS X 460 25.20 -53.98 -10.89
CA CYS X 460 25.95 -54.66 -9.85
C CYS X 460 27.44 -54.71 -10.14
N GLU X 461 27.84 -54.53 -11.40
CA GLU X 461 29.26 -54.59 -11.73
C GLU X 461 29.96 -53.23 -11.76
N LEU X 462 29.30 -52.18 -12.24
CA LEU X 462 29.86 -50.83 -12.10
C LEU X 462 28.79 -49.86 -11.63
#